data_8ZIR
#
_entry.id   8ZIR
#
_cell.length_a   1.00
_cell.length_b   1.00
_cell.length_c   1.00
_cell.angle_alpha   90.00
_cell.angle_beta   90.00
_cell.angle_gamma   90.00
#
_symmetry.space_group_name_H-M   'P 1'
#
loop_
_entity.id
_entity.type
_entity.pdbx_description
1 polymer DUF4297
2 polymer HerA
3 non-polymer "ADENOSINE-5'-TRIPHOSPHATE"
4 non-polymer 'MAGNESIUM ION'
#
loop_
_entity_poly.entity_id
_entity_poly.type
_entity_poly.pdbx_seq_one_letter_code
_entity_poly.pdbx_strand_id
1 'polypeptide(L)'
;MARTAEYSIKGYLYQFLKYLSEILAAGDGARITIEGAIEDVDVIAAGLTTAVQCKYHEQAEKYTLGKIYKPILLMLEHFS
KNSGTDLHVSYRLFCHFPGESGTKALTKDDLETVLSTKGEVLRAIVARIDTSVDYEAFLDRFAIEFGPSAEDLQVAVLAS
LKDKGFDPDDIDAVIFPNAIQRIVDLATRSDVNDRTVEPKTFLAGLREVRRVTFTRWTRELATKGRMFSSLRKSLRSCLA
HNSRWRVFVINPLTIENFDDDIVRFIKAFVQRYSSKYLHSNPPLFMLTGDYDLSVLQKRLYDAGLRCETGKVGGTDVIIK
ELFRRPILIRNPFRMEFSLRLAKRDEVIGGPQRRPDELFLINVADDEWKHEDVNVHGFKIERLSDLEYILQLRSDYA
;
A,B,C,D,E,F,G,H,I,J,K,L
2 'polypeptide(L)'
;MPDLGTPIGSVTDSSPSLIRIEISSAEDFEKYKSMLGVGQYLLVASGNNLYLLASITGVRATHVERRSLGPSSEVHSEEG
SDGISGNFRFQIDTQPIGTLSEDGEFSRGSHSLPVPTEYAYVTPPAVLEGIFSHQIKSPFALGTLGISPDIKLKIDGDRF
FSKHVAVVGSTGSGKSCAVAKILQTAVGIESKANAHKAAQKNSHIVIFDIHAEYAAAFNLEAGEAFTLNLLGVDNLRLPY
WLMNAQELEQIFIESNEHNSHNQISQFRHAVVRNKCKHNPTLTNLSFDTPVYFSIDEVVTYLENMNNEVIGKLAGEGKPK
LANETLVSDRDELYFDAVQSFIVASQAAATKASNGPFNGEFDRMILRLHTRLADPRLQFLFYPKKEDGEDLATGDFADVV
RQFVGYMTKSNVSIIDLSGIPFEVLSIVVSLISRMIFDFGFHYSKNRHVGGAVSDVPILVVCEEAHNYLPRSGGAAYDAS
RKSIERIAKEGRKYGVTLMVVSQRPSEVSETIFSQCSNFISLRLTNAVDQTYVKSLLPDLSAGLGDLLPNLAQGEFLIVG
DAPLMPTVGHFALPVPEPHSRSVNYLQEWNSGWRHVDFDSVIDRWRGKVLTKSEKGV
;
M,N,O,P,Q,R
#
# COMPACT_ATOMS: atom_id res chain seq x y z
N ALA A 5 17.38 78.36 38.67
CA ALA A 5 16.90 76.99 38.87
C ALA A 5 15.59 76.78 38.13
N GLU A 6 14.82 77.85 37.95
CA GLU A 6 13.53 77.73 37.28
C GLU A 6 13.70 77.42 35.79
N TYR A 7 14.32 78.34 35.05
CA TYR A 7 14.65 78.18 33.63
C TYR A 7 13.43 78.26 32.72
N SER A 8 12.22 78.25 33.29
CA SER A 8 10.99 78.52 32.56
C SER A 8 11.03 78.02 31.12
N ILE A 9 11.22 76.71 30.94
CA ILE A 9 11.42 76.16 29.60
C ILE A 9 10.18 76.39 28.73
N LYS A 10 9.00 76.09 29.27
CA LYS A 10 7.81 76.12 28.43
C LYS A 10 7.48 77.53 27.98
N GLY A 11 7.65 78.51 28.86
CA GLY A 11 7.49 79.88 28.43
C GLY A 11 8.51 80.24 27.36
N TYR A 12 9.76 79.86 27.58
CA TYR A 12 10.80 80.11 26.59
C TYR A 12 10.41 79.53 25.23
N LEU A 13 9.60 78.47 25.23
CA LEU A 13 9.11 77.86 24.00
C LEU A 13 7.93 78.62 23.42
N TYR A 14 7.15 79.24 24.29
CA TYR A 14 5.91 79.85 23.85
C TYR A 14 6.18 80.94 22.82
N GLN A 15 7.16 81.80 23.08
CA GLN A 15 7.39 82.86 22.12
C GLN A 15 8.10 82.38 20.88
N PHE A 16 8.74 81.22 20.90
CA PHE A 16 9.22 80.63 19.65
C PHE A 16 8.05 80.24 18.77
N LEU A 17 7.03 79.62 19.36
CA LEU A 17 5.84 79.31 18.57
C LEU A 17 5.12 80.59 18.13
N LYS A 18 5.14 81.62 18.98
CA LYS A 18 4.65 82.93 18.57
C LYS A 18 5.38 83.42 17.34
N TYR A 19 6.71 83.28 17.33
CA TYR A 19 7.49 83.76 16.20
C TYR A 19 7.09 83.02 14.93
N LEU A 20 6.96 81.70 15.02
CA LEU A 20 6.62 80.95 13.81
C LEU A 20 5.18 81.24 13.38
N SER A 21 4.29 81.55 14.32
CA SER A 21 2.95 82.01 13.97
C SER A 21 2.99 83.38 13.30
N GLU A 22 3.95 84.22 13.68
CA GLU A 22 4.12 85.50 13.02
C GLU A 22 4.59 85.29 11.59
N ILE A 23 5.54 84.37 11.40
CA ILE A 23 6.02 84.07 10.07
C ILE A 23 4.94 83.35 9.27
N LEU A 24 3.98 82.75 9.96
CA LEU A 24 2.89 82.01 9.34
C LEU A 24 2.03 82.91 8.45
N ALA A 25 1.33 83.85 9.08
CA ALA A 25 0.46 84.78 8.36
C ALA A 25 1.28 86.02 8.03
N ALA A 26 2.14 85.87 7.01
CA ALA A 26 3.04 86.94 6.60
C ALA A 26 3.08 87.02 5.09
N GLY A 27 3.10 88.24 4.57
CA GLY A 27 3.25 88.45 3.15
C GLY A 27 4.70 88.52 2.73
N ASP A 28 4.92 88.50 1.42
CA ASP A 28 6.27 88.56 0.88
C ASP A 28 6.93 89.88 1.25
N GLY A 29 8.25 89.86 1.36
CA GLY A 29 8.98 91.05 1.74
C GLY A 29 8.81 91.47 3.18
N ALA A 30 8.54 90.52 4.07
CA ALA A 30 8.42 90.77 5.50
C ALA A 30 9.54 90.03 6.24
N ARG A 31 10.14 90.72 7.20
CA ARG A 31 11.29 90.20 7.94
C ARG A 31 11.05 90.35 9.43
N ILE A 32 11.59 89.41 10.21
CA ILE A 32 11.49 89.43 11.66
C ILE A 32 12.79 88.90 12.25
N THR A 33 13.19 89.48 13.37
CA THR A 33 14.45 89.15 14.05
C THR A 33 14.15 88.75 15.49
N ILE A 34 14.76 87.66 15.93
CA ILE A 34 14.62 87.18 17.29
C ILE A 34 15.77 87.72 18.14
N GLU A 35 15.57 87.70 19.46
CA GLU A 35 16.60 88.11 20.40
C GLU A 35 16.69 87.07 21.51
N GLY A 36 17.90 86.66 21.83
CA GLY A 36 18.14 85.53 22.71
C GLY A 36 17.66 85.81 24.12
N ALA A 37 18.03 84.90 25.02
CA ALA A 37 17.65 84.99 26.42
C ALA A 37 18.90 84.86 27.28
N ILE A 38 18.80 85.42 28.49
CA ILE A 38 19.96 85.56 29.35
C ILE A 38 20.43 84.24 29.95
N GLU A 39 19.60 83.20 29.91
CA GLU A 39 20.03 81.89 30.40
C GLU A 39 21.36 81.46 29.79
N ASP A 40 21.63 81.85 28.55
CA ASP A 40 22.96 81.65 27.99
C ASP A 40 23.95 82.61 28.62
N VAL A 41 25.18 82.13 28.84
CA VAL A 41 26.23 82.92 29.46
C VAL A 41 27.29 83.19 28.40
N ASP A 42 27.31 84.44 27.91
CA ASP A 42 28.27 84.86 26.88
C ASP A 42 28.67 86.30 27.18
N VAL A 43 29.94 86.50 27.54
CA VAL A 43 30.42 87.85 27.81
C VAL A 43 30.33 88.71 26.57
N ILE A 44 30.43 88.08 25.39
CA ILE A 44 30.35 88.82 24.13
C ILE A 44 29.08 89.65 24.08
N ALA A 45 28.02 89.17 24.71
CA ALA A 45 26.74 89.89 24.76
C ALA A 45 26.26 90.23 23.35
N ALA A 46 26.45 89.27 22.44
CA ALA A 46 25.97 89.45 21.08
C ALA A 46 24.45 89.40 21.04
N GLY A 47 23.87 90.06 20.05
CA GLY A 47 22.45 90.19 19.93
C GLY A 47 21.89 91.55 20.31
N LEU A 48 22.71 92.59 20.31
CA LEU A 48 22.30 93.95 20.63
C LEU A 48 21.92 94.12 22.10
N THR A 49 22.28 93.17 22.94
CA THR A 49 21.87 93.16 24.35
C THR A 49 20.36 93.31 24.45
N THR A 50 19.64 92.65 23.55
CA THR A 50 18.18 92.70 23.47
C THR A 50 17.55 91.42 23.99
N ALA A 51 18.11 90.84 25.05
CA ALA A 51 17.60 89.57 25.54
C ALA A 51 16.19 89.74 26.10
N VAL A 52 15.47 88.62 26.15
CA VAL A 52 14.10 88.57 26.63
C VAL A 52 13.96 87.40 27.59
N GLN A 53 13.11 87.58 28.60
CA GLN A 53 12.89 86.57 29.63
C GLN A 53 11.39 86.45 29.88
N CYS A 54 10.91 85.22 30.03
CA CYS A 54 9.48 84.97 30.14
C CYS A 54 9.20 83.83 31.11
N LYS A 55 7.93 83.72 31.49
CA LYS A 55 7.43 82.69 32.37
C LYS A 55 5.95 82.48 32.08
N TYR A 56 5.44 81.31 32.41
CA TYR A 56 4.12 80.87 31.94
C TYR A 56 3.39 80.13 33.05
N HIS A 57 2.13 80.52 33.29
CA HIS A 57 1.29 79.86 34.29
C HIS A 57 -0.15 79.88 33.80
N GLU A 58 -0.94 78.89 34.23
CA GLU A 58 -2.29 78.70 33.75
C GLU A 58 -3.21 78.27 34.89
N GLN A 59 -4.47 78.01 34.51
CA GLN A 59 -5.54 77.54 35.39
C GLN A 59 -5.97 78.63 36.36
N ALA A 60 -6.42 79.75 35.81
CA ALA A 60 -6.98 80.85 36.58
C ALA A 60 -8.15 81.40 35.79
N GLU A 61 -9.34 81.37 36.37
CA GLU A 61 -10.53 81.72 35.61
C GLU A 61 -10.61 83.21 35.30
N LYS A 62 -10.37 84.07 36.30
CA LYS A 62 -10.42 85.52 36.10
C LYS A 62 -9.24 86.20 36.75
N TYR A 63 -8.74 87.24 36.07
CA TYR A 63 -7.50 87.90 36.47
C TYR A 63 -7.59 88.50 37.86
N THR A 64 -6.57 88.25 38.67
CA THR A 64 -6.44 88.89 39.97
C THR A 64 -4.97 89.05 40.30
N LEU A 65 -4.70 89.96 41.24
CA LEU A 65 -3.35 90.11 41.76
C LEU A 65 -2.93 88.88 42.55
N GLY A 66 -3.87 88.28 43.29
CA GLY A 66 -3.54 87.16 44.14
C GLY A 66 -3.11 85.93 43.35
N LYS A 67 -3.74 85.70 42.21
CA LYS A 67 -3.42 84.52 41.42
C LYS A 67 -2.01 84.60 40.86
N ILE A 68 -1.50 85.79 40.60
CA ILE A 68 -0.29 86.00 39.84
C ILE A 68 0.82 86.48 40.77
N TYR A 69 0.78 86.03 42.03
CA TYR A 69 1.73 86.49 43.04
C TYR A 69 3.18 86.34 42.63
N LYS A 70 3.61 85.10 42.52
CA LYS A 70 5.03 84.76 42.58
C LYS A 70 5.79 85.18 41.32
N PRO A 71 5.19 85.04 40.12
CA PRO A 71 5.97 85.31 38.89
C PRO A 71 6.64 86.68 38.86
N ILE A 72 5.84 87.76 38.86
CA ILE A 72 6.41 89.10 38.76
C ILE A 72 7.44 89.29 39.85
N LEU A 73 7.09 88.89 41.07
CA LEU A 73 8.03 89.01 42.19
C LEU A 73 9.37 88.42 41.81
N LEU A 74 9.38 87.16 41.35
CA LEU A 74 10.63 86.46 41.17
C LEU A 74 11.50 87.12 40.11
N MET A 75 10.90 87.99 39.29
CA MET A 75 11.69 88.67 38.26
C MET A 75 12.72 89.60 38.90
N LEU A 76 12.32 90.28 39.98
CA LEU A 76 13.08 91.44 40.45
C LEU A 76 14.49 91.07 40.88
N GLU A 77 14.69 89.88 41.45
CA GLU A 77 16.03 89.46 41.82
C GLU A 77 17.00 89.75 40.67
N HIS A 78 16.58 89.43 39.45
CA HIS A 78 17.45 89.63 38.30
C HIS A 78 17.90 91.08 38.22
N PHE A 79 16.94 92.01 38.31
CA PHE A 79 17.27 93.43 38.32
C PHE A 79 18.28 93.73 39.40
N SER A 80 18.05 93.22 40.61
CA SER A 80 18.96 93.53 41.69
C SER A 80 20.33 92.96 41.42
N LYS A 81 20.39 91.82 40.73
CA LYS A 81 21.68 91.24 40.40
C LYS A 81 22.45 92.15 39.46
N ASN A 82 21.75 92.74 38.50
CA ASN A 82 22.35 93.65 37.53
C ASN A 82 21.26 94.26 36.64
N HIS A 88 18.97 95.94 27.69
CA HIS A 88 17.61 95.89 27.16
C HIS A 88 16.93 94.55 27.41
N VAL A 89 16.85 94.17 28.69
CA VAL A 89 16.36 92.86 29.10
C VAL A 89 14.90 93.07 29.48
N SER A 90 14.01 92.91 28.51
CA SER A 90 12.59 93.20 28.68
C SER A 90 11.85 91.99 29.23
N TYR A 91 11.46 92.08 30.50
CA TYR A 91 10.70 91.03 31.13
C TYR A 91 9.26 91.03 30.64
N ARG A 92 8.72 89.84 30.42
CA ARG A 92 7.36 89.71 29.89
C ARG A 92 6.75 88.45 30.47
N LEU A 93 5.42 88.36 30.40
CA LEU A 93 4.68 87.22 30.93
C LEU A 93 3.62 86.77 29.94
N PHE A 94 3.45 85.45 29.82
CA PHE A 94 2.48 84.84 28.93
C PHE A 94 1.49 84.02 29.73
N CYS A 95 0.20 84.17 29.43
CA CYS A 95 -0.84 83.39 30.09
C CYS A 95 -2.14 83.55 29.34
N HIS A 96 -3.03 82.56 29.50
CA HIS A 96 -4.36 82.58 28.88
C HIS A 96 -5.38 82.23 29.95
N PHE A 97 -6.39 83.09 30.10
CA PHE A 97 -7.45 82.84 31.05
C PHE A 97 -8.79 83.22 30.46
N PRO A 98 -9.86 82.48 30.79
CA PRO A 98 -11.13 82.64 30.06
C PRO A 98 -11.74 84.00 30.31
N GLY A 99 -12.00 84.74 29.23
CA GLY A 99 -12.56 86.07 29.32
C GLY A 99 -11.55 87.18 29.42
N GLU A 100 -10.26 86.86 29.37
CA GLU A 100 -9.18 87.84 29.51
C GLU A 100 -8.36 87.81 28.23
N SER A 101 -8.63 88.77 27.32
CA SER A 101 -7.88 88.86 26.07
C SER A 101 -7.45 90.33 25.93
N GLY A 102 -6.31 90.66 26.50
CA GLY A 102 -5.78 92.00 26.41
C GLY A 102 -4.41 92.15 27.05
N THR A 103 -3.62 93.10 26.56
CA THR A 103 -2.28 93.35 27.06
C THR A 103 -2.30 94.67 27.83
N LYS A 104 -1.67 94.67 29.00
CA LYS A 104 -1.78 95.80 29.92
C LYS A 104 -0.40 96.18 30.44
N ALA A 105 -0.32 97.37 31.02
CA ALA A 105 0.88 97.83 31.71
C ALA A 105 0.44 98.47 33.02
N LEU A 106 0.76 97.82 34.14
CA LEU A 106 0.36 98.32 35.44
C LEU A 106 1.21 99.54 35.79
N THR A 107 0.56 100.62 36.22
CA THR A 107 1.23 101.85 36.55
C THR A 107 1.72 101.86 38.00
N LYS A 108 2.12 103.03 38.48
CA LYS A 108 2.96 103.12 39.68
C LYS A 108 2.27 102.50 40.89
N ASP A 109 1.02 102.89 41.13
CA ASP A 109 0.35 102.46 42.36
C ASP A 109 0.22 100.96 42.43
N ASP A 110 0.21 100.27 41.30
CA ASP A 110 0.15 98.81 41.33
C ASP A 110 1.47 98.21 41.79
N LEU A 111 2.58 98.77 41.33
CA LEU A 111 3.88 98.32 41.81
C LEU A 111 4.00 98.55 43.30
N GLU A 112 3.66 99.75 43.78
CA GLU A 112 3.73 100.00 45.21
C GLU A 112 2.75 99.13 45.97
N THR A 113 1.64 98.74 45.33
CA THR A 113 0.70 97.81 45.93
C THR A 113 1.36 96.47 46.17
N VAL A 114 2.05 95.96 45.15
CA VAL A 114 2.61 94.61 45.23
C VAL A 114 3.89 94.58 46.06
N LEU A 115 4.61 95.70 46.15
CA LEU A 115 5.91 95.68 46.83
C LEU A 115 5.82 94.94 48.16
N SER A 116 4.87 95.34 49.00
CA SER A 116 4.71 94.68 50.29
C SER A 116 4.01 93.34 50.12
N THR A 117 4.53 92.32 50.80
CA THR A 117 4.01 90.97 50.75
C THR A 117 3.78 90.46 52.16
N LYS A 118 2.58 89.95 52.42
CA LYS A 118 2.23 89.43 53.74
C LYS A 118 2.79 88.04 53.97
N GLY A 119 2.77 87.19 52.94
CA GLY A 119 3.44 85.90 53.04
C GLY A 119 4.87 86.10 53.48
N GLU A 120 5.26 85.45 54.58
CA GLU A 120 6.55 85.73 55.19
C GLU A 120 7.70 85.08 54.44
N VAL A 121 7.65 83.75 54.28
CA VAL A 121 8.71 83.07 53.55
C VAL A 121 8.87 83.68 52.16
N LEU A 122 7.81 84.27 51.63
CA LEU A 122 7.91 85.02 50.37
C LEU A 122 8.90 86.18 50.49
N ARG A 123 8.73 87.02 51.52
CA ARG A 123 9.63 88.16 51.70
C ARG A 123 10.99 87.74 52.24
N ALA A 124 11.09 86.50 52.74
CA ALA A 124 12.35 86.00 53.26
C ALA A 124 13.46 86.12 52.23
N ILE A 125 13.13 85.86 50.96
CA ILE A 125 14.11 86.01 49.89
C ILE A 125 14.10 87.43 49.32
N VAL A 126 12.94 88.08 49.26
CA VAL A 126 12.89 89.48 48.83
C VAL A 126 13.91 90.30 49.59
N ALA A 127 14.17 89.93 50.85
CA ALA A 127 15.28 90.54 51.58
C ALA A 127 16.55 90.53 50.75
N ARG A 128 16.70 89.54 49.85
CA ARG A 128 17.84 89.52 48.95
C ARG A 128 17.85 90.74 48.03
N ILE A 129 16.70 91.39 47.83
CA ILE A 129 16.63 92.53 46.94
C ILE A 129 17.47 93.68 47.50
N ASP A 130 18.11 94.42 46.60
CA ASP A 130 18.84 95.62 46.97
C ASP A 130 17.91 96.83 46.98
N THR A 131 18.34 97.88 47.70
CA THR A 131 17.48 99.03 47.91
C THR A 131 17.39 99.90 46.66
N SER A 132 18.49 100.03 45.92
CA SER A 132 18.56 100.96 44.80
C SER A 132 17.79 100.44 43.61
N VAL A 133 16.49 100.72 43.56
CA VAL A 133 15.61 100.26 42.50
C VAL A 133 14.88 101.45 41.91
N ASP A 134 15.09 101.67 40.62
CA ASP A 134 14.28 102.64 39.87
C ASP A 134 12.94 101.97 39.59
N TYR A 135 11.96 102.24 40.46
CA TYR A 135 10.77 101.39 40.52
C TYR A 135 10.02 101.37 39.19
N GLU A 136 9.91 102.52 38.53
CA GLU A 136 9.03 102.61 37.38
C GLU A 136 9.64 102.00 36.12
N ALA A 137 10.94 101.76 36.11
CA ALA A 137 11.58 101.12 34.96
C ALA A 137 11.03 99.72 34.75
N PHE A 138 10.94 98.94 35.82
CA PHE A 138 10.35 97.60 35.74
C PHE A 138 8.95 97.69 35.14
N LEU A 139 8.16 98.67 35.59
CA LEU A 139 6.77 98.75 35.16
C LEU A 139 6.67 99.08 33.68
N ASP A 140 7.32 100.17 33.26
CA ASP A 140 7.23 100.55 31.85
C ASP A 140 7.84 99.50 30.94
N ARG A 141 8.86 98.79 31.42
CA ARG A 141 9.48 97.73 30.62
C ARG A 141 8.63 96.46 30.61
N PHE A 142 8.12 96.05 31.77
CA PHE A 142 7.33 94.83 31.83
C PHE A 142 6.01 94.99 31.09
N ALA A 143 5.58 93.90 30.44
CA ALA A 143 4.30 93.87 29.75
C ALA A 143 3.66 92.49 29.97
N ILE A 144 2.35 92.49 30.15
CA ILE A 144 1.58 91.26 30.36
C ILE A 144 0.82 90.95 29.08
N GLU A 145 0.85 89.68 28.68
CA GLU A 145 0.27 89.24 27.42
C GLU A 145 -0.76 88.16 27.68
N PHE A 146 -1.95 88.33 27.11
CA PHE A 146 -3.00 87.31 27.14
C PHE A 146 -3.14 86.75 25.72
N GLY A 147 -2.58 85.56 25.52
CA GLY A 147 -2.70 84.85 24.25
C GLY A 147 -3.10 83.41 24.48
N PRO A 148 -3.44 82.70 23.41
CA PRO A 148 -3.99 81.35 23.58
C PRO A 148 -2.98 80.38 24.20
N SER A 149 -3.50 79.43 24.97
CA SER A 149 -2.65 78.45 25.62
C SER A 149 -1.97 77.55 24.59
N ALA A 150 -0.97 76.80 25.07
CA ALA A 150 -0.16 75.97 24.18
C ALA A 150 -1.02 75.03 23.35
N GLU A 151 -2.07 74.47 23.95
CA GLU A 151 -2.82 73.40 23.29
C GLU A 151 -3.37 73.87 21.95
N ASP A 152 -4.25 74.87 21.99
CA ASP A 152 -4.91 75.31 20.77
C ASP A 152 -3.92 76.00 19.84
N LEU A 153 -2.90 76.64 20.40
CA LEU A 153 -1.95 77.33 19.55
C LEU A 153 -1.16 76.36 18.70
N GLN A 154 -0.70 75.24 19.28
CA GLN A 154 -0.04 74.22 18.50
C GLN A 154 -1.01 73.52 17.55
N VAL A 155 -2.22 73.24 18.03
CA VAL A 155 -3.24 72.64 17.16
C VAL A 155 -3.38 73.47 15.89
N ALA A 156 -3.61 74.77 16.04
CA ALA A 156 -3.77 75.64 14.89
C ALA A 156 -2.47 75.78 14.12
N VAL A 157 -1.34 75.73 14.81
CA VAL A 157 -0.04 75.80 14.15
C VAL A 157 0.02 74.76 13.05
N LEU A 158 -0.18 73.49 13.42
CA LEU A 158 -0.05 72.44 12.40
C LEU A 158 -1.27 72.41 11.48
N ALA A 159 -2.45 72.73 11.99
CA ALA A 159 -3.64 72.72 11.15
C ALA A 159 -3.48 73.67 9.98
N SER A 160 -2.84 74.81 10.22
CA SER A 160 -2.58 75.77 9.17
C SER A 160 -1.31 75.45 8.40
N LEU A 161 -0.29 74.88 9.06
CA LEU A 161 0.90 74.48 8.33
C LEU A 161 0.55 73.52 7.21
N LYS A 162 -0.54 72.76 7.38
CA LYS A 162 -0.99 71.94 6.27
C LYS A 162 -1.47 72.79 5.10
N ASP A 163 -1.85 74.05 5.36
CA ASP A 163 -2.44 74.87 4.32
C ASP A 163 -1.52 75.03 3.12
N LYS A 164 -0.22 75.16 3.36
CA LYS A 164 0.71 75.35 2.25
C LYS A 164 0.60 74.21 1.26
N GLY A 165 0.50 72.98 1.75
CA GLY A 165 0.56 71.81 0.91
C GLY A 165 1.73 70.93 1.26
N PHE A 166 1.47 69.90 2.05
CA PHE A 166 2.46 68.91 2.43
C PHE A 166 1.76 67.57 2.62
N ASP A 167 2.56 66.54 2.83
CA ASP A 167 2.01 65.25 3.19
C ASP A 167 1.44 65.33 4.60
N PRO A 168 0.24 64.82 4.86
CA PRO A 168 -0.38 65.04 6.17
C PRO A 168 0.44 64.48 7.32
N ASP A 169 1.02 63.29 7.15
CA ASP A 169 1.74 62.64 8.23
C ASP A 169 3.19 63.08 8.35
N ASP A 170 3.85 63.38 7.23
CA ASP A 170 5.28 63.68 7.26
C ASP A 170 5.59 64.86 8.18
N ILE A 171 4.66 65.82 8.27
CA ILE A 171 4.92 67.06 9.01
C ILE A 171 5.12 66.78 10.49
N ASP A 172 4.43 65.78 11.02
CA ASP A 172 4.48 65.53 12.45
C ASP A 172 5.89 65.12 12.91
N ALA A 173 6.55 64.23 12.18
CA ALA A 173 7.75 63.57 12.67
C ALA A 173 9.05 64.13 12.12
N VAL A 174 9.01 64.88 11.03
CA VAL A 174 10.23 65.31 10.34
C VAL A 174 10.30 66.81 10.12
N ILE A 175 9.20 67.55 10.10
CA ILE A 175 9.20 68.97 9.75
C ILE A 175 8.98 69.86 10.97
N PHE A 176 7.83 69.72 11.62
CA PHE A 176 7.52 70.57 12.76
C PHE A 176 8.59 70.53 13.85
N PRO A 177 9.17 69.38 14.19
CA PRO A 177 10.31 69.41 15.13
C PRO A 177 11.55 70.08 14.59
N ASN A 178 11.69 70.18 13.26
CA ASN A 178 12.93 70.69 12.67
C ASN A 178 12.97 72.21 12.70
N ALA A 179 11.85 72.86 12.41
CA ALA A 179 11.84 74.31 12.30
C ALA A 179 12.09 74.94 13.66
N ILE A 180 11.36 74.48 14.69
CA ILE A 180 11.56 75.03 16.02
C ILE A 180 13.02 74.90 16.41
N GLN A 181 13.69 73.87 15.90
CA GLN A 181 15.09 73.65 16.22
C GLN A 181 15.96 74.73 15.59
N ARG A 182 15.74 75.00 14.30
CA ARG A 182 16.49 76.10 13.67
C ARG A 182 16.22 77.42 14.38
N ILE A 183 14.97 77.66 14.76
CA ILE A 183 14.60 78.89 15.43
C ILE A 183 15.40 79.05 16.71
N VAL A 184 15.25 78.10 17.64
CA VAL A 184 15.92 78.24 18.92
C VAL A 184 17.42 78.14 18.78
N ASP A 185 17.90 77.52 17.70
CA ASP A 185 19.33 77.48 17.44
C ASP A 185 19.85 78.89 17.21
N LEU A 186 19.36 79.53 16.14
CA LEU A 186 19.79 80.91 15.88
C LEU A 186 19.45 81.84 17.02
N ALA A 187 18.52 81.47 17.89
CA ALA A 187 18.22 82.29 19.06
C ALA A 187 19.39 82.39 20.01
N THR A 188 19.97 81.24 20.40
CA THR A 188 20.95 81.19 21.48
C THR A 188 22.32 80.74 21.01
N ARG A 189 22.60 80.79 19.71
CA ARG A 189 23.90 80.38 19.22
C ARG A 189 24.97 81.36 19.69
N SER A 190 26.05 80.82 20.26
CA SER A 190 27.05 81.68 20.90
C SER A 190 27.70 82.62 19.88
N ASP A 191 28.20 82.07 18.78
CA ASP A 191 28.85 82.88 17.77
C ASP A 191 27.82 83.61 16.92
N VAL A 192 28.21 84.78 16.42
CA VAL A 192 27.26 85.74 15.88
C VAL A 192 26.83 85.33 14.48
N ASN A 193 25.65 85.81 14.08
CA ASN A 193 25.20 85.80 12.70
C ASN A 193 23.92 86.62 12.64
N ASP A 194 23.36 86.74 11.44
CA ASP A 194 22.23 87.63 11.22
C ASP A 194 20.94 86.97 11.69
N ARG A 195 20.20 87.69 12.52
CA ARG A 195 18.90 87.20 12.97
C ARG A 195 17.86 87.26 11.88
N THR A 196 18.04 88.13 10.88
CA THR A 196 17.03 88.33 9.86
C THR A 196 16.68 87.01 9.19
N VAL A 197 15.39 86.81 8.97
CA VAL A 197 14.86 85.57 8.42
C VAL A 197 14.05 85.90 7.17
N GLU A 198 14.29 85.18 6.09
CA GLU A 198 13.53 85.36 4.87
C GLU A 198 12.48 84.27 4.78
N PRO A 199 11.20 84.62 4.64
CA PRO A 199 10.15 83.60 4.73
C PRO A 199 10.20 82.56 3.63
N LYS A 200 10.26 83.00 2.37
CA LYS A 200 10.14 82.08 1.25
C LYS A 200 11.28 81.09 1.20
N THR A 201 12.48 81.47 1.65
CA THR A 201 13.61 80.56 1.56
C THR A 201 13.48 79.38 2.53
N PHE A 202 12.83 79.57 3.68
CA PHE A 202 12.55 78.44 4.54
C PHE A 202 11.80 77.35 3.78
N LEU A 203 10.77 77.74 3.02
CA LEU A 203 10.03 76.76 2.23
C LEU A 203 10.97 75.98 1.32
N ALA A 204 12.01 76.63 0.81
CA ALA A 204 12.99 75.93 -0.02
C ALA A 204 13.84 74.97 0.81
N GLY A 205 14.24 75.41 2.00
CA GLY A 205 15.12 74.58 2.82
C GLY A 205 14.41 73.40 3.44
N LEU A 206 13.26 73.66 4.09
CA LEU A 206 12.55 72.61 4.80
C LEU A 206 12.08 71.51 3.85
N ARG A 207 11.78 71.85 2.60
CA ARG A 207 11.37 70.84 1.63
C ARG A 207 12.47 69.82 1.40
N GLU A 208 13.69 70.29 1.15
CA GLU A 208 14.77 69.40 0.79
C GLU A 208 15.39 68.73 2.02
N VAL A 209 15.36 69.38 3.18
CA VAL A 209 15.97 68.80 4.36
C VAL A 209 15.30 67.48 4.71
N ARG A 210 16.12 66.48 5.05
CA ARG A 210 15.64 65.13 5.39
C ARG A 210 16.42 64.64 6.61
N ARG A 211 15.88 64.89 7.79
CA ARG A 211 16.52 64.45 9.02
C ARG A 211 15.47 64.47 10.13
N VAL A 212 15.78 63.79 11.22
CA VAL A 212 14.93 63.78 12.41
C VAL A 212 15.76 64.25 13.60
N THR A 213 15.13 65.01 14.49
CA THR A 213 15.84 65.68 15.57
C THR A 213 15.31 65.18 16.91
N PHE A 214 16.21 64.66 17.73
CA PHE A 214 15.94 64.29 19.11
C PHE A 214 16.80 65.20 19.97
N THR A 215 16.18 66.15 20.66
CA THR A 215 16.94 67.12 21.44
C THR A 215 16.13 67.52 22.66
N ARG A 216 16.73 68.39 23.47
CA ARG A 216 16.11 68.77 24.74
C ARG A 216 14.82 69.56 24.51
N TRP A 217 14.83 70.52 23.59
CA TRP A 217 13.64 71.35 23.37
C TRP A 217 12.52 70.56 22.71
N THR A 218 12.85 69.76 21.70
CA THR A 218 11.81 69.05 20.93
C THR A 218 11.00 68.09 21.80
N ARG A 219 11.63 67.42 22.77
CA ARG A 219 10.83 66.54 23.62
C ARG A 219 9.73 67.31 24.33
N GLU A 220 10.06 68.46 24.91
CA GLU A 220 9.04 69.23 25.62
C GLU A 220 7.84 69.54 24.72
N LEU A 221 8.06 69.58 23.42
CA LEU A 221 6.95 69.81 22.50
C LEU A 221 5.87 68.76 22.74
N ALA A 222 4.61 69.15 22.51
CA ALA A 222 3.50 68.26 22.84
C ALA A 222 3.42 67.09 21.89
N THR A 223 3.64 67.31 20.60
CA THR A 223 3.55 66.23 19.62
C THR A 223 4.55 65.11 19.91
N LYS A 224 5.62 65.40 20.63
CA LYS A 224 6.58 64.34 20.97
C LYS A 224 5.87 63.22 21.70
N GLY A 225 6.27 62.00 21.41
CA GLY A 225 5.52 60.81 21.75
C GLY A 225 4.90 60.12 20.55
N ARG A 226 4.67 60.85 19.46
CA ARG A 226 4.28 60.27 18.19
C ARG A 226 5.39 60.28 17.15
N MET A 227 6.48 61.01 17.39
CA MET A 227 7.61 60.95 16.47
C MET A 227 8.46 59.71 16.67
N PHE A 228 8.51 59.20 17.90
CA PHE A 228 9.26 57.98 18.17
C PHE A 228 8.75 56.82 17.32
N SER A 229 7.44 56.56 17.41
CA SER A 229 6.88 55.32 16.89
C SER A 229 6.97 55.23 15.38
N SER A 230 6.88 56.36 14.68
CA SER A 230 7.00 56.34 13.23
C SER A 230 8.38 55.84 12.82
N LEU A 231 9.42 56.35 13.48
CA LEU A 231 10.77 55.89 13.19
C LEU A 231 10.95 54.43 13.57
N ARG A 232 10.33 54.01 14.67
CA ARG A 232 10.42 52.62 15.07
C ARG A 232 9.81 51.71 14.02
N LYS A 233 8.67 52.10 13.45
CA LYS A 233 7.99 51.30 12.45
C LYS A 233 8.56 51.46 11.05
N SER A 234 9.43 52.44 10.82
CA SER A 234 10.02 52.57 9.50
C SER A 234 11.19 51.62 9.29
N LEU A 235 11.91 51.30 10.35
CA LEU A 235 13.13 50.52 10.28
C LEU A 235 12.91 49.03 10.44
N ARG A 236 11.65 48.61 10.66
CA ARG A 236 11.38 47.22 10.98
C ARG A 236 11.71 46.29 9.82
N SER A 237 11.45 46.73 8.59
CA SER A 237 11.76 45.92 7.43
C SER A 237 13.25 45.81 7.18
N CYS A 238 14.02 46.80 7.61
CA CYS A 238 15.46 46.74 7.41
C CYS A 238 16.12 45.79 8.41
N LEU A 239 15.67 45.81 9.66
CA LEU A 239 16.27 45.06 10.74
C LEU A 239 15.61 43.72 10.98
N ALA A 240 15.00 43.13 9.96
CA ALA A 240 14.46 41.79 10.04
C ALA A 240 15.15 40.88 9.04
N HIS A 241 16.43 41.11 8.84
CA HIS A 241 17.26 40.31 7.96
C HIS A 241 18.46 39.78 8.74
N ASN A 242 18.88 38.59 8.39
CA ASN A 242 20.00 37.98 9.07
C ASN A 242 21.33 38.42 8.50
N SER A 243 21.42 38.56 7.17
CA SER A 243 22.66 38.91 6.49
C SER A 243 22.49 40.25 5.81
N ARG A 244 23.10 41.28 6.38
CA ARG A 244 23.14 42.59 5.76
C ARG A 244 24.40 43.31 6.19
N TRP A 245 24.79 44.28 5.38
CA TRP A 245 25.99 45.08 5.59
C TRP A 245 25.53 46.47 6.02
N ARG A 246 25.81 46.82 7.26
CA ARG A 246 25.40 48.09 7.84
C ARG A 246 26.59 48.85 8.35
N VAL A 247 26.55 50.18 8.20
CA VAL A 247 27.65 51.04 8.62
C VAL A 247 27.12 52.14 9.53
N PHE A 248 27.99 52.61 10.42
CA PHE A 248 27.69 53.64 11.41
C PHE A 248 28.76 54.71 11.40
N VAL A 249 28.35 55.98 11.55
CA VAL A 249 29.27 57.07 11.85
C VAL A 249 28.70 57.89 13.00
N ILE A 250 29.58 58.33 13.90
CA ILE A 250 29.18 59.03 15.12
C ILE A 250 30.13 60.18 15.39
N ASN A 251 29.58 61.25 15.96
CA ASN A 251 30.37 62.40 16.42
C ASN A 251 30.14 62.61 17.91
N PRO A 252 31.14 62.40 18.76
CA PRO A 252 30.91 62.34 20.20
C PRO A 252 30.97 63.66 20.96
N LEU A 253 31.01 64.80 20.29
CA LEU A 253 31.10 66.07 21.02
C LEU A 253 29.78 66.39 21.72
N THR A 254 28.67 66.37 20.98
CA THR A 254 27.40 66.81 21.54
C THR A 254 26.81 65.80 22.52
N ILE A 255 27.09 64.51 22.33
CA ILE A 255 26.48 63.49 23.15
C ILE A 255 26.89 63.65 24.60
N GLU A 256 25.98 63.28 25.50
CA GLU A 256 26.16 63.43 26.94
C GLU A 256 26.44 62.10 27.59
N ASN A 257 27.41 62.10 28.51
CA ASN A 257 27.77 60.91 29.27
C ASN A 257 28.21 59.79 28.33
N PHE A 258 29.13 60.13 27.43
CA PHE A 258 29.44 59.25 26.30
C PHE A 258 30.35 58.10 26.69
N ASP A 259 31.38 58.37 27.48
CA ASP A 259 32.37 57.35 27.77
C ASP A 259 31.79 56.22 28.60
N ASP A 260 30.69 56.46 29.31
CA ASP A 260 30.07 55.46 30.16
C ASP A 260 28.93 54.72 29.48
N ASP A 261 28.43 55.21 28.35
CA ASP A 261 27.27 54.60 27.71
C ASP A 261 27.57 53.99 26.34
N ILE A 262 28.74 54.23 25.77
CA ILE A 262 29.05 53.70 24.46
C ILE A 262 29.15 52.19 24.49
N VAL A 263 29.63 51.64 25.59
CA VAL A 263 29.92 50.22 25.67
C VAL A 263 28.64 49.41 25.77
N ARG A 264 27.75 49.83 26.67
CA ARG A 264 26.50 49.10 26.86
C ARG A 264 25.70 49.03 25.56
N PHE A 265 25.72 50.12 24.81
CA PHE A 265 25.05 50.17 23.51
C PHE A 265 25.58 49.11 22.57
N ILE A 266 26.91 49.02 22.46
CA ILE A 266 27.52 48.05 21.56
C ILE A 266 27.20 46.63 22.00
N LYS A 267 27.26 46.36 23.29
CA LYS A 267 26.95 45.02 23.77
C LYS A 267 25.52 44.65 23.44
N ALA A 268 24.57 45.55 23.73
CA ALA A 268 23.18 45.27 23.44
C ALA A 268 22.94 45.04 21.96
N PHE A 269 23.64 45.77 21.10
CA PHE A 269 23.43 45.63 19.67
C PHE A 269 23.98 44.29 19.17
N VAL A 270 25.20 43.95 19.54
CA VAL A 270 25.78 42.70 19.07
C VAL A 270 25.13 41.48 19.71
N GLN A 271 24.52 41.63 20.88
CA GLN A 271 23.84 40.49 21.48
C GLN A 271 22.67 40.02 20.64
N ARG A 272 21.96 40.95 20.02
CA ARG A 272 20.77 40.62 19.25
C ARG A 272 21.03 40.49 17.77
N TYR A 273 22.00 41.21 17.22
CA TYR A 273 22.19 41.28 15.79
C TYR A 273 23.49 40.71 15.27
N SER A 274 24.39 40.21 16.13
CA SER A 274 25.61 39.58 15.65
C SER A 274 26.00 38.38 16.50
N SER A 275 25.05 37.48 16.77
CA SER A 275 25.33 36.40 17.72
C SER A 275 24.93 35.02 17.21
N LYS A 276 24.92 34.78 15.90
CA LYS A 276 24.63 33.42 15.48
C LYS A 276 25.13 33.13 14.07
N TYR A 277 24.99 31.86 13.71
CA TYR A 277 25.61 31.27 12.52
C TYR A 277 25.03 31.85 11.24
N LEU A 278 23.78 32.24 11.28
CA LEU A 278 23.14 32.82 10.11
C LEU A 278 23.44 34.31 9.98
N HIS A 279 24.19 34.88 10.91
CA HIS A 279 24.61 36.28 10.88
C HIS A 279 26.06 36.34 10.41
N SER A 280 26.25 36.64 9.13
CA SER A 280 27.51 36.41 8.44
C SER A 280 28.20 37.68 7.96
N ASN A 281 27.89 38.83 8.55
CA ASN A 281 28.49 40.08 8.08
C ASN A 281 28.53 41.07 9.23
N PRO A 282 29.59 41.03 10.03
CA PRO A 282 29.63 41.83 11.24
C PRO A 282 29.54 43.30 10.91
N PRO A 283 29.06 44.11 11.85
CA PRO A 283 28.90 45.54 11.62
C PRO A 283 30.20 46.32 11.79
N LEU A 284 30.16 47.56 11.30
CA LEU A 284 31.30 48.46 11.33
C LEU A 284 30.92 49.76 12.02
N PHE A 285 31.78 50.20 12.93
CA PHE A 285 31.60 51.43 13.69
C PHE A 285 32.76 52.36 13.38
N MET A 286 32.45 53.61 13.07
CA MET A 286 33.46 54.62 12.80
C MET A 286 33.19 55.87 13.62
N LEU A 287 34.27 56.48 14.10
CA LEU A 287 34.21 57.68 14.92
C LEU A 287 35.07 58.78 14.32
N THR A 288 34.60 60.02 14.48
CA THR A 288 35.24 61.19 13.93
C THR A 288 35.73 62.08 15.06
N GLY A 289 36.96 62.55 14.95
CA GLY A 289 37.55 63.36 15.99
C GLY A 289 38.97 62.95 16.36
N ASP A 290 39.29 63.04 17.64
CA ASP A 290 40.60 62.68 18.16
C ASP A 290 40.48 61.62 19.25
N TYR A 291 39.45 60.81 19.19
CA TYR A 291 39.17 59.83 20.22
C TYR A 291 40.26 58.76 20.26
N ASP A 292 40.50 58.23 21.45
CA ASP A 292 41.46 57.16 21.66
C ASP A 292 40.72 55.83 21.72
N LEU A 293 41.03 54.92 20.80
CA LEU A 293 40.30 53.67 20.71
C LEU A 293 40.78 52.63 21.72
N SER A 294 42.10 52.56 21.95
CA SER A 294 42.67 51.45 22.69
C SER A 294 41.92 51.15 23.97
N VAL A 295 41.51 52.20 24.69
CA VAL A 295 40.78 52.01 25.93
C VAL A 295 39.47 51.27 25.67
N LEU A 296 38.75 51.67 24.64
CA LEU A 296 37.51 50.99 24.28
C LEU A 296 37.75 49.54 23.91
N GLN A 297 38.82 49.29 23.16
CA GLN A 297 39.16 47.93 22.77
C GLN A 297 39.39 47.05 23.99
N LYS A 298 40.14 47.55 24.97
CA LYS A 298 40.39 46.78 26.18
C LYS A 298 39.12 46.58 26.99
N ARG A 299 38.30 47.62 27.10
CA ARG A 299 37.08 47.51 27.89
C ARG A 299 36.11 46.52 27.28
N LEU A 300 36.10 46.40 25.95
CA LEU A 300 35.26 45.40 25.32
C LEU A 300 35.84 44.01 25.44
N TYR A 301 37.16 43.87 25.33
CA TYR A 301 37.75 42.56 25.56
C TYR A 301 37.39 42.05 26.94
N ASP A 302 37.42 42.93 27.93
CA ASP A 302 37.03 42.53 29.28
C ASP A 302 35.64 41.93 29.30
N ALA A 303 34.76 42.36 28.40
CA ALA A 303 33.41 41.83 28.35
C ALA A 303 33.31 40.54 27.56
N GLY A 304 34.27 40.25 26.70
CA GLY A 304 34.32 38.96 26.03
C GLY A 304 34.15 39.02 24.53
N LEU A 305 34.59 40.10 23.91
CA LEU A 305 34.44 40.29 22.48
C LEU A 305 35.75 40.74 21.85
N ARG A 306 35.87 40.42 20.57
CA ARG A 306 37.05 40.70 19.79
C ARG A 306 36.69 41.59 18.61
N CYS A 307 37.70 42.26 18.08
CA CYS A 307 37.49 43.26 17.05
C CYS A 307 38.51 43.10 15.94
N GLU A 308 38.15 43.59 14.77
CA GLU A 308 39.05 43.69 13.61
C GLU A 308 39.31 45.16 13.32
N THR A 309 40.57 45.57 13.47
CA THR A 309 40.97 46.95 13.26
C THR A 309 41.75 47.15 11.98
N GLY A 310 42.10 46.09 11.27
CA GLY A 310 42.79 46.20 9.99
C GLY A 310 44.19 46.74 10.09
N LYS A 311 44.94 46.32 11.09
CA LYS A 311 46.29 46.82 11.34
C LYS A 311 47.23 45.64 11.50
N VAL A 312 48.12 45.47 10.52
CA VAL A 312 49.17 44.47 10.59
C VAL A 312 50.45 45.22 10.90
N GLY A 313 50.73 45.38 12.19
CA GLY A 313 51.84 46.19 12.65
C GLY A 313 51.46 47.53 13.23
N GLY A 314 50.18 47.88 13.22
CA GLY A 314 49.69 48.99 14.02
C GLY A 314 50.30 50.33 13.70
N THR A 315 50.61 50.60 12.44
CA THR A 315 50.87 51.95 11.98
C THR A 315 49.74 52.50 11.12
N ASP A 316 49.29 51.77 10.11
CA ASP A 316 48.27 52.27 9.19
C ASP A 316 47.34 51.12 8.83
N VAL A 317 46.35 51.42 7.99
CA VAL A 317 45.24 50.52 7.73
C VAL A 317 45.42 49.83 6.40
N ILE A 318 45.00 48.58 6.35
CA ILE A 318 44.87 47.81 5.12
C ILE A 318 43.38 47.53 4.93
N ILE A 319 42.84 47.93 3.78
CA ILE A 319 41.40 47.86 3.56
C ILE A 319 40.97 46.41 3.38
N LYS A 320 41.75 45.63 2.67
CA LYS A 320 41.31 44.28 2.31
C LYS A 320 41.11 43.40 3.54
N GLU A 321 41.92 43.60 4.58
CA GLU A 321 41.76 42.82 5.79
C GLU A 321 40.59 43.31 6.63
N LEU A 322 40.25 44.58 6.52
CA LEU A 322 39.17 45.14 7.31
C LEU A 322 37.79 44.71 6.83
N PHE A 323 37.68 44.20 5.61
CA PHE A 323 36.42 43.84 5.02
C PHE A 323 36.35 42.36 4.67
N ARG A 324 37.06 41.53 5.41
CA ARG A 324 37.07 40.10 5.19
C ARG A 324 35.98 39.41 6.01
N ARG A 325 35.73 38.16 5.69
CA ARG A 325 34.70 37.33 6.26
C ARG A 325 35.25 36.40 7.34
N PRO A 326 34.51 36.18 8.42
CA PRO A 326 35.02 35.40 9.54
C PRO A 326 34.67 33.93 9.50
N ILE A 327 35.38 33.18 10.32
CA ILE A 327 35.15 31.76 10.49
C ILE A 327 33.99 31.52 11.44
N LEU A 328 33.26 30.45 11.17
CA LEU A 328 32.12 30.05 11.97
C LEU A 328 32.16 28.54 12.19
N ILE A 329 31.62 28.11 13.32
CA ILE A 329 31.51 26.71 13.68
C ILE A 329 30.17 26.51 14.38
N ARG A 330 29.48 25.44 14.02
CA ARG A 330 28.12 25.24 14.49
C ARG A 330 28.08 24.67 15.88
N ASN A 331 28.75 23.54 16.10
CA ASN A 331 28.62 22.77 17.33
C ASN A 331 29.97 22.50 17.95
N PRO A 332 30.33 23.17 19.06
CA PRO A 332 29.70 24.32 19.71
C PRO A 332 30.04 25.61 19.01
N PHE A 333 29.20 26.63 19.18
CA PHE A 333 29.36 27.83 18.39
C PHE A 333 30.63 28.57 18.77
N ARG A 334 31.38 28.97 17.77
CA ARG A 334 32.59 29.77 17.93
C ARG A 334 32.62 30.81 16.83
N MET A 335 32.95 32.03 17.21
CA MET A 335 32.94 33.17 16.32
C MET A 335 34.28 33.87 16.38
N GLU A 336 34.94 34.00 15.23
CA GLU A 336 36.26 34.61 15.20
C GLU A 336 36.21 36.07 15.66
N PHE A 337 35.34 36.86 15.06
CA PHE A 337 35.13 38.21 15.54
C PHE A 337 33.72 38.66 15.25
N SER A 338 33.29 39.67 16.01
CA SER A 338 31.92 40.14 16.03
C SER A 338 31.72 41.56 15.58
N LEU A 339 32.75 42.39 15.55
CA LEU A 339 32.53 43.78 15.17
C LEU A 339 33.80 44.40 14.62
N ARG A 340 33.61 45.51 13.92
CA ARG A 340 34.68 46.22 13.23
C ARG A 340 34.79 47.65 13.73
N LEU A 341 36.02 48.14 13.87
CA LEU A 341 36.31 49.40 14.50
C LEU A 341 37.45 50.12 13.78
N ALA A 342 37.34 51.43 13.64
CA ALA A 342 38.39 52.23 13.04
C ALA A 342 38.04 53.71 13.22
N LYS A 343 38.90 54.58 12.69
CA LYS A 343 38.65 56.00 12.67
C LYS A 343 38.56 56.44 11.21
N ARG A 344 37.65 57.37 10.95
CA ARG A 344 37.28 57.65 9.57
C ARG A 344 38.45 58.26 8.80
N ASP A 345 39.23 59.09 9.47
CA ASP A 345 40.35 59.74 8.81
C ASP A 345 41.33 58.72 8.23
N GLU A 346 41.58 57.64 8.97
CA GLU A 346 42.57 56.67 8.53
C GLU A 346 42.08 55.86 7.33
N VAL A 347 40.79 55.56 7.28
CA VAL A 347 40.25 54.78 6.18
C VAL A 347 40.27 55.63 4.91
N ILE A 348 41.10 55.23 3.95
CA ILE A 348 41.20 55.90 2.66
C ILE A 348 40.76 54.91 1.60
N GLY A 349 39.76 55.29 0.83
CA GLY A 349 39.21 54.43 -0.18
C GLY A 349 37.80 53.99 0.17
N GLY A 350 37.36 52.95 -0.52
CA GLY A 350 36.03 52.44 -0.33
C GLY A 350 35.95 50.94 -0.43
N PRO A 351 34.83 50.38 0.02
CA PRO A 351 34.65 48.94 -0.06
C PRO A 351 34.29 48.47 -1.44
N GLN A 352 34.63 47.21 -1.71
CA GLN A 352 34.31 46.63 -3.01
C GLN A 352 32.80 46.56 -3.23
N ARG A 353 32.03 46.34 -2.18
CA ARG A 353 30.58 46.32 -2.25
C ARG A 353 30.01 47.39 -1.35
N ARG A 354 29.01 48.08 -1.84
CA ARG A 354 28.52 49.26 -1.19
C ARG A 354 27.58 48.92 -0.04
N PRO A 355 27.44 49.83 0.92
CA PRO A 355 26.50 49.62 2.01
C PRO A 355 25.06 49.47 1.55
N ASP A 356 24.34 48.61 2.25
CA ASP A 356 22.90 48.53 2.14
C ASP A 356 22.22 49.55 3.04
N GLU A 357 22.79 49.83 4.20
CA GLU A 357 22.27 50.86 5.09
C GLU A 357 23.40 51.56 5.80
N LEU A 358 23.41 52.88 5.69
CA LEU A 358 24.35 53.76 6.36
C LEU A 358 23.63 54.63 7.37
N PHE A 359 24.16 54.69 8.58
CA PHE A 359 23.63 55.50 9.66
C PHE A 359 24.64 56.58 10.00
N LEU A 360 24.14 57.80 10.18
CA LEU A 360 24.99 58.94 10.50
C LEU A 360 24.39 59.69 11.68
N ILE A 361 25.15 59.75 12.77
CA ILE A 361 24.71 60.37 14.01
C ILE A 361 25.51 61.65 14.18
N ASN A 362 24.83 62.78 13.98
CA ASN A 362 25.44 64.09 14.15
C ASN A 362 26.63 64.25 13.22
N VAL A 363 26.46 63.82 11.99
CA VAL A 363 27.40 64.05 10.91
C VAL A 363 26.63 64.68 9.77
N ALA A 364 27.22 65.71 9.16
CA ALA A 364 26.51 66.43 8.10
C ALA A 364 26.55 65.69 6.78
N ASP A 365 27.73 65.25 6.36
CA ASP A 365 27.87 64.59 5.07
C ASP A 365 29.06 63.64 5.12
N ASP A 366 29.06 62.69 4.18
CA ASP A 366 30.14 61.74 4.04
C ASP A 366 30.27 61.37 2.57
N GLU A 367 31.44 60.85 2.22
CA GLU A 367 31.80 60.57 0.84
C GLU A 367 31.16 59.31 0.30
N TRP A 368 30.61 58.45 1.15
CA TRP A 368 30.05 57.19 0.71
C TRP A 368 28.59 57.29 0.29
N LYS A 369 27.95 58.44 0.49
CA LYS A 369 26.59 58.63 0.02
C LYS A 369 26.53 58.42 -1.50
N HIS A 370 25.37 57.97 -1.96
CA HIS A 370 25.21 57.47 -3.33
C HIS A 370 23.74 57.09 -3.45
N GLU A 371 23.30 56.81 -4.67
CA GLU A 371 21.87 56.69 -4.91
C GLU A 371 21.32 55.39 -4.35
N ASP A 372 22.03 54.28 -4.53
CA ASP A 372 21.51 52.98 -4.13
C ASP A 372 21.40 52.85 -2.61
N VAL A 373 22.30 53.49 -1.87
CA VAL A 373 22.35 53.34 -0.43
C VAL A 373 21.22 54.10 0.24
N ASN A 374 20.69 53.53 1.32
CA ASN A 374 19.78 54.23 2.21
C ASN A 374 20.59 54.97 3.27
N VAL A 375 20.18 56.20 3.55
CA VAL A 375 20.93 57.11 4.40
C VAL A 375 19.97 57.65 5.46
N HIS A 376 19.91 56.98 6.59
CA HIS A 376 19.18 57.49 7.73
C HIS A 376 20.02 58.51 8.48
N GLY A 377 19.36 59.54 8.98
CA GLY A 377 20.03 60.61 9.69
C GLY A 377 19.28 61.05 10.92
N PHE A 378 20.01 61.37 11.99
CA PHE A 378 19.38 61.76 13.23
C PHE A 378 20.25 62.79 13.92
N LYS A 379 19.65 63.51 14.86
CA LYS A 379 20.36 64.42 15.75
C LYS A 379 19.98 64.07 17.17
N ILE A 380 20.96 63.62 17.94
CA ILE A 380 20.73 62.99 19.23
C ILE A 380 21.56 63.71 20.29
N GLU A 381 21.03 63.75 21.50
CA GLU A 381 21.74 64.23 22.66
C GLU A 381 21.98 63.17 23.71
N ARG A 382 21.07 62.21 23.86
CA ARG A 382 21.27 61.04 24.70
C ARG A 382 21.14 59.78 23.86
N LEU A 383 22.03 58.81 24.09
CA LEU A 383 22.03 57.59 23.29
C LEU A 383 20.89 56.65 23.64
N SER A 384 20.32 56.76 24.83
CA SER A 384 19.21 55.90 25.20
C SER A 384 18.05 56.04 24.24
N ASP A 385 17.94 57.16 23.54
CA ASP A 385 16.85 57.36 22.61
C ASP A 385 16.99 56.47 21.38
N LEU A 386 18.22 56.23 20.94
CA LEU A 386 18.44 55.48 19.71
C LEU A 386 18.16 53.99 19.91
N GLU A 387 18.36 53.47 21.12
CA GLU A 387 18.07 52.07 21.38
C GLU A 387 16.60 51.76 21.12
N TYR A 388 15.70 52.57 21.66
CA TYR A 388 14.28 52.36 21.45
C TYR A 388 13.93 52.34 19.98
N ILE A 389 14.65 53.11 19.17
CA ILE A 389 14.43 53.10 17.74
C ILE A 389 14.80 51.75 17.14
N LEU A 390 15.82 51.11 17.67
CA LEU A 390 16.33 49.85 17.16
C LEU A 390 15.84 48.65 17.95
N GLN A 391 14.89 48.85 18.86
CA GLN A 391 14.18 47.77 19.53
C GLN A 391 15.04 47.01 20.53
N LEU A 392 15.77 47.75 21.35
CA LEU A 392 16.53 47.18 22.44
C LEU A 392 15.98 47.57 23.81
N ARG A 393 14.91 48.35 23.87
CA ARG A 393 14.24 48.61 25.12
C ARG A 393 12.79 48.98 24.86
N SER A 394 11.98 48.84 25.91
CA SER A 394 10.53 48.94 25.80
C SER A 394 10.01 50.37 25.89
N ASP A 395 10.53 51.19 26.82
CA ASP A 395 9.99 52.50 27.09
C ASP A 395 11.03 53.58 26.91
N TYR A 396 10.59 54.75 26.44
CA TYR A 396 11.49 55.88 26.24
C TYR A 396 11.69 56.63 27.55
N ALA A 397 12.58 57.62 27.50
CA ALA A 397 12.95 58.39 28.67
C ALA A 397 11.79 59.25 29.15
N PHE B 228 78.24 18.96 14.46
CA PHE B 228 76.91 19.30 13.96
C PHE B 228 76.18 18.06 13.46
N SER B 229 76.83 17.28 12.60
CA SER B 229 76.26 15.98 12.24
C SER B 229 76.05 15.10 13.48
N SER B 230 76.79 15.36 14.55
CA SER B 230 76.55 14.64 15.79
C SER B 230 75.23 15.05 16.41
N LEU B 231 74.89 16.33 16.29
CA LEU B 231 73.66 16.87 16.87
C LEU B 231 72.45 16.53 16.03
N ARG B 232 72.61 16.49 14.71
CA ARG B 232 71.47 16.41 13.81
C ARG B 232 70.60 15.20 14.15
N LYS B 233 71.20 14.02 14.19
CA LYS B 233 70.42 12.80 14.36
C LYS B 233 69.94 12.64 15.79
N SER B 234 70.55 13.35 16.74
CA SER B 234 70.06 13.33 18.12
C SER B 234 68.64 13.85 18.21
N LEU B 235 68.25 14.76 17.33
CA LEU B 235 66.97 15.46 17.43
C LEU B 235 65.84 14.76 16.70
N ARG B 236 66.10 13.63 16.07
CA ARG B 236 65.09 13.02 15.22
C ARG B 236 63.88 12.58 16.04
N SER B 237 64.10 12.11 17.26
CA SER B 237 62.99 11.68 18.09
C SER B 237 62.12 12.85 18.52
N CYS B 238 62.74 14.00 18.79
CA CYS B 238 61.98 15.16 19.24
C CYS B 238 61.04 15.67 18.15
N LEU B 239 61.49 15.66 16.91
CA LEU B 239 60.76 16.29 15.81
C LEU B 239 59.85 15.33 15.07
N ALA B 240 59.67 14.11 15.57
CA ALA B 240 58.76 13.17 14.92
C ALA B 240 57.32 13.41 15.32
N HIS B 241 57.09 13.82 16.56
CA HIS B 241 55.75 13.96 17.08
C HIS B 241 54.98 15.04 16.33
N ASN B 242 53.71 14.77 16.07
CA ASN B 242 52.87 15.70 15.34
C ASN B 242 52.38 16.83 16.22
N SER B 243 52.07 16.53 17.47
CA SER B 243 51.53 17.50 18.42
C SER B 243 52.55 17.73 19.53
N ARG B 244 53.03 18.96 19.63
CA ARG B 244 54.08 19.25 20.60
C ARG B 244 54.24 20.75 20.70
N TRP B 245 54.84 21.19 21.81
CA TRP B 245 54.99 22.59 22.17
C TRP B 245 56.47 22.95 22.14
N ARG B 246 56.83 23.91 21.29
CA ARG B 246 58.22 24.25 21.04
C ARG B 246 58.48 25.73 21.19
N VAL B 247 59.53 26.07 21.94
CA VAL B 247 59.96 27.43 22.16
C VAL B 247 61.34 27.64 21.57
N PHE B 248 61.54 28.80 20.95
CA PHE B 248 62.83 29.26 20.44
C PHE B 248 63.20 30.58 21.08
N VAL B 249 64.44 30.70 21.56
CA VAL B 249 64.99 31.98 22.00
C VAL B 249 66.23 32.29 21.17
N ILE B 250 66.28 33.51 20.63
CA ILE B 250 67.35 33.90 19.72
C ILE B 250 67.88 35.28 20.05
N ASN B 251 69.16 35.49 19.73
CA ASN B 251 69.84 36.76 19.86
C ASN B 251 70.34 37.20 18.49
N PRO B 252 69.92 38.36 17.97
CA PRO B 252 70.26 38.69 16.58
C PRO B 252 71.71 39.07 16.38
N LEU B 253 72.34 39.70 17.35
CA LEU B 253 73.57 40.45 17.08
C LEU B 253 74.69 39.54 16.58
N THR B 254 74.86 38.39 17.19
CA THR B 254 75.99 37.53 16.87
C THR B 254 75.77 36.64 15.67
N ILE B 255 74.73 36.85 14.89
CA ILE B 255 74.50 36.12 13.65
C ILE B 255 74.72 37.06 12.48
N GLU B 256 75.46 36.60 11.49
CA GLU B 256 75.73 37.38 10.30
C GLU B 256 74.61 37.18 9.28
N ASN B 257 74.20 38.27 8.65
CA ASN B 257 73.15 38.25 7.63
C ASN B 257 71.86 37.64 8.17
N PHE B 258 71.36 38.25 9.23
CA PHE B 258 70.16 37.80 9.93
C PHE B 258 68.87 38.33 9.31
N ASP B 259 68.86 39.63 9.05
CA ASP B 259 67.72 40.35 8.52
C ASP B 259 67.42 39.99 7.09
N ASP B 260 68.25 39.16 6.46
CA ASP B 260 68.02 38.72 5.11
C ASP B 260 67.51 37.29 5.03
N ASP B 261 67.72 36.47 6.06
CA ASP B 261 67.38 35.07 6.03
C ASP B 261 66.33 34.63 7.05
N ILE B 262 65.97 35.49 8.00
CA ILE B 262 65.03 35.07 9.04
C ILE B 262 63.70 34.66 8.44
N VAL B 263 63.19 35.46 7.51
CA VAL B 263 61.86 35.22 6.95
C VAL B 263 61.82 33.90 6.22
N ARG B 264 62.82 33.63 5.39
CA ARG B 264 62.87 32.36 4.68
C ARG B 264 63.03 31.19 5.62
N PHE B 265 63.77 31.37 6.71
CA PHE B 265 63.89 30.33 7.71
C PHE B 265 62.54 29.95 8.28
N ILE B 266 61.76 30.95 8.69
CA ILE B 266 60.45 30.65 9.27
C ILE B 266 59.53 30.04 8.24
N LYS B 267 59.54 30.58 7.03
CA LYS B 267 58.69 30.05 5.98
C LYS B 267 59.01 28.59 5.70
N ALA B 268 60.26 28.20 5.88
CA ALA B 268 60.64 26.80 5.65
C ALA B 268 60.22 25.91 6.82
N PHE B 269 60.39 26.39 8.05
CA PHE B 269 60.00 25.58 9.19
C PHE B 269 58.52 25.29 9.19
N VAL B 270 57.71 26.32 8.90
CA VAL B 270 56.28 26.20 9.05
C VAL B 270 55.71 25.13 8.11
N GLN B 271 56.08 25.18 6.84
CA GLN B 271 55.49 24.27 5.87
C GLN B 271 55.74 22.82 6.24
N ARG B 272 56.90 22.52 6.79
CA ARG B 272 57.19 21.14 7.17
C ARG B 272 56.49 20.76 8.46
N TYR B 273 56.45 21.66 9.44
CA TYR B 273 56.03 21.30 10.78
C TYR B 273 54.69 21.88 11.21
N SER B 274 54.04 22.73 10.42
CA SER B 274 52.78 23.32 10.83
C SER B 274 51.80 23.49 9.65
N SER B 275 51.62 22.46 8.84
CA SER B 275 50.82 22.57 7.64
C SER B 275 49.68 21.55 7.56
N LYS B 276 49.30 20.93 8.66
CA LYS B 276 48.32 19.86 8.61
C LYS B 276 47.41 19.91 9.83
N TYR B 277 46.33 19.13 9.76
CA TYR B 277 45.33 19.10 10.81
C TYR B 277 45.92 18.61 12.12
N LEU B 278 46.72 17.55 12.07
CA LEU B 278 47.26 16.93 13.26
C LEU B 278 48.30 17.78 13.95
N HIS B 279 48.80 18.83 13.31
CA HIS B 279 49.74 19.75 13.91
C HIS B 279 48.96 20.77 14.73
N SER B 280 48.74 20.41 16.00
CA SER B 280 47.75 21.10 16.81
C SER B 280 48.22 22.50 17.22
N ASN B 281 49.46 22.61 17.68
CA ASN B 281 49.92 23.82 18.33
C ASN B 281 51.03 24.49 17.55
N PRO B 282 50.90 25.77 17.21
CA PRO B 282 51.95 26.48 16.53
C PRO B 282 53.11 26.82 17.45
N PRO B 283 54.28 27.11 16.89
CA PRO B 283 55.48 27.36 17.68
C PRO B 283 55.66 28.80 18.11
N LEU B 284 56.51 28.97 19.12
CA LEU B 284 56.76 30.26 19.74
C LEU B 284 58.18 30.72 19.45
N PHE B 285 58.29 31.95 18.96
CA PHE B 285 59.56 32.59 18.66
C PHE B 285 59.74 33.80 19.56
N MET B 286 60.85 33.85 20.27
CA MET B 286 61.17 34.98 21.12
C MET B 286 62.52 35.55 20.73
N LEU B 287 62.52 36.85 20.47
CA LEU B 287 63.72 37.58 20.12
C LEU B 287 64.08 38.55 21.24
N THR B 288 65.35 38.54 21.63
CA THR B 288 65.88 39.40 22.66
C THR B 288 66.67 40.55 22.05
N GLY B 289 66.88 41.56 22.85
CA GLY B 289 67.48 42.78 22.38
C GLY B 289 66.44 43.82 22.00
N ASP B 290 66.94 44.94 21.50
CA ASP B 290 66.09 46.01 21.02
C ASP B 290 65.92 45.84 19.52
N TYR B 291 64.71 45.46 19.11
CA TYR B 291 64.43 45.08 17.74
C TYR B 291 63.04 45.53 17.38
N ASP B 292 62.79 45.68 16.08
CA ASP B 292 61.53 46.19 15.55
C ASP B 292 60.73 45.04 14.96
N LEU B 293 59.60 44.74 15.59
CA LEU B 293 58.78 43.60 15.19
C LEU B 293 57.83 43.94 14.06
N SER B 294 57.39 45.19 13.97
CA SER B 294 56.39 45.58 12.99
C SER B 294 56.85 45.27 11.57
N VAL B 295 58.10 45.57 11.26
CA VAL B 295 58.59 45.38 9.91
C VAL B 295 58.56 43.91 9.53
N LEU B 296 59.04 43.06 10.42
CA LEU B 296 59.03 41.63 10.15
C LEU B 296 57.61 41.12 9.99
N GLN B 297 56.70 41.63 10.81
CA GLN B 297 55.32 41.16 10.74
C GLN B 297 54.69 41.53 9.40
N LYS B 298 54.98 42.73 8.92
CA LYS B 298 54.48 43.14 7.62
C LYS B 298 55.08 42.31 6.50
N ARG B 299 56.37 42.02 6.59
CA ARG B 299 57.00 41.23 5.55
C ARG B 299 56.45 39.82 5.52
N LEU B 300 56.16 39.26 6.68
CA LEU B 300 55.59 37.92 6.72
C LEU B 300 54.16 37.93 6.20
N TYR B 301 53.40 39.00 6.46
CA TYR B 301 52.06 39.09 5.89
C TYR B 301 52.11 39.15 4.37
N ASP B 302 53.05 39.90 3.81
CA ASP B 302 53.22 39.90 2.36
C ASP B 302 53.64 38.52 1.85
N ALA B 303 54.52 37.85 2.57
CA ALA B 303 54.90 36.49 2.18
C ALA B 303 53.72 35.55 2.16
N GLY B 304 52.77 35.73 3.06
CA GLY B 304 51.57 34.91 3.05
C GLY B 304 51.07 34.44 4.39
N LEU B 305 51.87 34.62 5.42
CA LEU B 305 51.61 34.03 6.73
C LEU B 305 50.94 35.02 7.66
N ARG B 306 50.25 34.47 8.65
CA ARG B 306 49.60 35.24 9.69
C ARG B 306 50.18 34.87 11.05
N CYS B 307 50.17 35.82 11.97
CA CYS B 307 50.91 35.71 13.21
C CYS B 307 50.04 36.09 14.39
N GLU B 308 50.41 35.58 15.56
CA GLU B 308 49.78 35.95 16.82
C GLU B 308 50.81 36.63 17.71
N THR B 309 50.49 37.82 18.18
CA THR B 309 51.39 38.63 18.97
C THR B 309 50.98 38.82 20.42
N GLY B 310 49.69 38.81 20.72
CA GLY B 310 49.23 38.81 22.08
C GLY B 310 48.60 40.09 22.55
N LYS B 311 48.68 41.15 21.77
CA LYS B 311 48.17 42.43 22.21
C LYS B 311 46.70 42.58 21.87
N VAL B 312 46.01 43.34 22.71
CA VAL B 312 44.57 43.56 22.59
C VAL B 312 44.32 45.04 22.33
N GLY B 313 45.21 45.66 21.57
CA GLY B 313 45.06 47.03 21.14
C GLY B 313 46.07 47.99 21.70
N GLY B 314 46.66 47.70 22.84
CA GLY B 314 47.54 48.59 23.54
C GLY B 314 49.00 48.33 23.28
N THR B 315 49.81 48.61 24.30
CA THR B 315 51.25 48.44 24.26
C THR B 315 51.75 47.33 25.18
N ASP B 316 50.86 46.52 25.72
CA ASP B 316 51.22 45.47 26.65
C ASP B 316 50.72 44.12 26.16
N VAL B 317 51.38 43.07 26.62
CA VAL B 317 51.20 41.72 26.13
C VAL B 317 50.45 40.90 27.17
N ILE B 318 49.56 40.02 26.70
CA ILE B 318 48.72 39.22 27.58
C ILE B 318 48.99 37.75 27.32
N ILE B 319 49.18 37.01 28.40
CA ILE B 319 49.66 35.64 28.33
C ILE B 319 48.57 34.72 27.82
N LYS B 320 47.34 34.90 28.30
CA LYS B 320 46.27 33.99 27.91
C LYS B 320 45.94 34.13 26.44
N GLU B 321 46.00 35.35 25.92
CA GLU B 321 45.78 35.55 24.49
C GLU B 321 46.98 35.09 23.67
N LEU B 322 48.18 35.16 24.22
CA LEU B 322 49.33 34.69 23.47
C LEU B 322 49.33 33.18 23.33
N PHE B 323 49.05 32.47 24.42
CA PHE B 323 48.96 31.01 24.39
C PHE B 323 47.51 30.61 24.31
N ARG B 324 47.04 30.31 23.10
CA ARG B 324 45.69 29.78 22.96
C ARG B 324 45.57 28.97 21.69
N ARG B 325 44.57 28.13 21.68
CA ARG B 325 44.32 27.19 20.61
C ARG B 325 43.63 27.87 19.44
N PRO B 326 43.99 27.52 18.21
CA PRO B 326 43.35 28.10 17.04
C PRO B 326 42.17 27.30 16.52
N ILE B 327 41.35 27.97 15.73
CA ILE B 327 40.28 27.31 15.01
C ILE B 327 40.85 26.53 13.84
N LEU B 328 40.24 25.40 13.56
CA LEU B 328 40.65 24.53 12.46
C LEU B 328 39.42 23.99 11.76
N ILE B 329 39.55 23.82 10.46
CA ILE B 329 38.51 23.23 9.61
C ILE B 329 39.19 22.18 8.75
N ARG B 330 38.72 20.94 8.85
CA ARG B 330 39.37 19.85 8.14
C ARG B 330 39.17 19.97 6.65
N ASN B 331 37.97 20.33 6.21
CA ASN B 331 37.66 20.36 4.80
C ASN B 331 36.72 21.51 4.46
N PRO B 332 37.13 22.47 3.62
CA PRO B 332 38.48 22.70 3.12
C PRO B 332 39.40 23.22 4.20
N PHE B 333 40.68 22.92 4.10
CA PHE B 333 41.62 23.27 5.15
C PHE B 333 41.69 24.78 5.34
N ARG B 334 41.45 25.22 6.56
CA ARG B 334 41.58 26.62 6.95
C ARG B 334 42.24 26.66 8.31
N MET B 335 43.04 27.70 8.52
CA MET B 335 43.74 27.88 9.77
C MET B 335 43.76 29.35 10.14
N GLU B 336 43.69 29.61 11.43
CA GLU B 336 43.61 30.96 11.94
C GLU B 336 44.97 31.64 11.97
N PHE B 337 45.96 31.00 12.58
CA PHE B 337 47.31 31.52 12.58
C PHE B 337 48.29 30.37 12.64
N SER B 338 49.50 30.63 12.13
CA SER B 338 50.52 29.61 11.99
C SER B 338 51.73 29.78 12.89
N LEU B 339 51.96 30.95 13.47
CA LEU B 339 53.08 31.13 14.38
C LEU B 339 52.75 32.17 15.44
N ARG B 340 53.48 32.12 16.55
CA ARG B 340 53.32 33.11 17.61
C ARG B 340 54.66 33.76 17.91
N LEU B 341 54.68 35.09 17.81
CA LEU B 341 55.88 35.91 17.78
C LEU B 341 55.93 36.85 18.97
N ALA B 342 57.12 37.08 19.52
CA ALA B 342 57.22 38.10 20.55
C ALA B 342 58.66 38.41 20.94
N LYS B 343 58.76 39.33 21.89
CA LYS B 343 59.97 39.76 22.55
C LYS B 343 59.97 39.25 23.98
N ARG B 344 61.15 39.01 24.52
CA ARG B 344 61.26 38.35 25.82
C ARG B 344 60.93 39.30 26.96
N ASP B 345 61.41 40.53 26.88
CA ASP B 345 61.24 41.46 27.98
C ASP B 345 59.78 41.69 28.31
N GLU B 346 58.92 41.68 27.30
CA GLU B 346 57.51 42.00 27.50
C GLU B 346 56.74 40.86 28.16
N VAL B 347 57.16 39.62 27.95
CA VAL B 347 56.42 38.48 28.49
C VAL B 347 56.78 38.35 29.96
N ILE B 348 55.92 38.88 30.82
CA ILE B 348 56.15 38.89 32.25
C ILE B 348 55.30 37.76 32.82
N GLY B 349 55.93 36.64 33.09
CA GLY B 349 55.26 35.53 33.75
C GLY B 349 55.66 34.22 33.13
N GLY B 350 54.80 33.23 33.33
CA GLY B 350 55.01 31.91 32.83
C GLY B 350 53.73 31.27 32.36
N PRO B 351 53.85 30.18 31.60
CA PRO B 351 52.67 29.52 31.06
C PRO B 351 52.06 28.54 32.05
N GLN B 352 50.85 28.09 31.71
CA GLN B 352 50.17 27.11 32.53
C GLN B 352 50.82 25.74 32.41
N ARG B 353 51.17 25.33 31.19
CA ARG B 353 51.78 24.04 30.94
C ARG B 353 53.21 24.25 30.47
N ARG B 354 54.15 23.70 31.21
CA ARG B 354 55.54 23.87 30.89
C ARG B 354 55.84 23.33 29.50
N PRO B 355 56.86 23.84 28.85
CA PRO B 355 57.18 23.39 27.51
C PRO B 355 57.91 22.07 27.47
N ASP B 356 57.70 21.36 26.37
CA ASP B 356 58.39 20.11 26.14
C ASP B 356 59.82 20.33 25.63
N GLU B 357 60.02 21.34 24.78
CA GLU B 357 61.34 21.62 24.24
C GLU B 357 61.62 23.11 24.21
N LEU B 358 62.75 23.48 24.79
CA LEU B 358 63.24 24.85 24.79
C LEU B 358 64.56 24.89 24.04
N PHE B 359 64.57 25.61 22.92
CA PHE B 359 65.77 25.78 22.11
C PHE B 359 66.37 27.15 22.40
N LEU B 360 67.69 27.17 22.53
CA LEU B 360 68.42 28.41 22.79
C LEU B 360 69.57 28.56 21.81
N ILE B 361 69.61 29.71 21.14
CA ILE B 361 70.61 30.00 20.12
C ILE B 361 71.39 31.22 20.61
N ASN B 362 72.55 30.98 21.20
CA ASN B 362 73.47 32.01 21.66
C ASN B 362 72.96 32.76 22.87
N VAL B 363 72.10 32.14 23.66
CA VAL B 363 71.66 32.69 24.93
C VAL B 363 72.14 31.74 26.03
N ALA B 364 72.54 32.31 27.16
CA ALA B 364 73.15 31.54 28.23
C ALA B 364 72.11 30.82 29.07
N ASP B 365 71.25 31.57 29.76
CA ASP B 365 70.25 30.97 30.62
C ASP B 365 68.98 31.80 30.61
N ASP B 366 67.85 31.12 30.83
CA ASP B 366 66.54 31.73 30.85
C ASP B 366 65.78 31.23 32.07
N GLU B 367 64.81 32.03 32.50
CA GLU B 367 64.02 31.70 33.67
C GLU B 367 63.19 30.44 33.48
N TRP B 368 62.88 30.07 32.25
CA TRP B 368 62.05 28.91 31.95
C TRP B 368 62.81 27.61 31.91
N LYS B 369 64.03 27.59 32.40
CA LYS B 369 64.79 26.36 32.53
C LYS B 369 64.34 25.59 33.77
N HIS B 370 64.22 24.28 33.62
CA HIS B 370 63.79 23.42 34.70
C HIS B 370 64.38 22.04 34.50
N GLU B 371 64.31 21.24 35.56
CA GLU B 371 64.92 19.94 35.54
C GLU B 371 64.12 18.97 34.70
N ASP B 372 62.80 19.14 34.67
CA ASP B 372 61.88 18.29 33.95
C ASP B 372 61.60 18.78 32.54
N VAL B 373 62.43 19.69 32.02
CA VAL B 373 62.23 20.25 30.69
C VAL B 373 63.50 20.04 29.89
N ASN B 374 63.33 19.73 28.61
CA ASN B 374 64.46 19.45 27.73
C ASN B 374 64.97 20.73 27.09
N VAL B 375 66.20 21.08 27.42
CA VAL B 375 66.86 22.28 26.96
C VAL B 375 67.93 21.90 25.95
N HIS B 376 67.81 22.43 24.74
CA HIS B 376 68.82 22.26 23.70
C HIS B 376 69.50 23.60 23.45
N GLY B 377 70.82 23.65 23.64
CA GLY B 377 71.58 24.88 23.52
C GLY B 377 72.70 24.85 22.52
N PHE B 378 72.78 25.85 21.65
CA PHE B 378 73.74 25.86 20.55
C PHE B 378 74.49 27.18 20.45
N LYS B 379 75.52 27.17 19.61
CA LYS B 379 76.24 28.38 19.21
C LYS B 379 76.54 28.28 17.72
N ILE B 380 76.03 29.23 16.94
CA ILE B 380 76.14 29.19 15.50
C ILE B 380 76.61 30.55 14.98
N GLU B 381 77.19 30.54 13.78
CA GLU B 381 77.63 31.75 13.12
C GLU B 381 76.75 32.17 11.95
N ARG B 382 75.96 31.26 11.40
CA ARG B 382 75.03 31.57 10.32
C ARG B 382 73.77 30.74 10.51
N LEU B 383 72.66 31.26 10.00
CA LEU B 383 71.38 30.58 10.18
C LEU B 383 71.25 29.37 9.26
N SER B 384 72.00 29.33 8.17
CA SER B 384 71.94 28.19 7.27
C SER B 384 72.45 26.93 7.95
N ASP B 385 73.22 27.06 9.02
CA ASP B 385 73.72 25.90 9.73
C ASP B 385 72.63 25.18 10.49
N LEU B 386 71.65 25.93 11.01
CA LEU B 386 70.63 25.35 11.84
C LEU B 386 69.60 24.57 11.05
N GLU B 387 69.35 24.98 9.81
CA GLU B 387 68.41 24.27 8.97
C GLU B 387 68.87 22.83 8.77
N TYR B 388 70.17 22.63 8.59
CA TYR B 388 70.71 21.29 8.48
C TYR B 388 70.43 20.48 9.73
N ILE B 389 70.67 21.07 10.89
CA ILE B 389 70.39 20.39 12.16
C ILE B 389 68.93 19.99 12.23
N LEU B 390 68.04 20.85 11.77
CA LEU B 390 66.61 20.63 11.93
C LEU B 390 65.99 19.95 10.73
N GLN B 391 66.79 19.48 9.79
CA GLN B 391 66.32 18.69 8.67
C GLN B 391 65.41 19.49 7.75
N LEU B 392 65.93 20.59 7.22
CA LEU B 392 65.26 21.34 6.17
C LEU B 392 66.05 21.36 4.87
N ARG B 393 67.24 20.77 4.84
CA ARG B 393 68.09 20.77 3.66
C ARG B 393 69.05 19.60 3.77
N SER B 394 69.77 19.35 2.68
CA SER B 394 70.78 18.29 2.65
C SER B 394 72.16 18.87 2.39
N ALA C 5 16.78 6.19 87.95
CA ALA C 5 15.47 6.75 88.24
C ALA C 5 14.53 6.64 87.06
N GLU C 6 13.22 6.77 87.34
CA GLU C 6 12.24 6.70 86.26
C GLU C 6 12.34 7.89 85.33
N TYR C 7 12.51 9.08 85.89
CA TYR C 7 12.66 10.31 85.11
C TYR C 7 11.44 10.52 84.23
N SER C 8 10.29 10.64 84.89
CA SER C 8 9.05 10.94 84.20
C SER C 8 9.13 12.34 83.60
N ILE C 9 9.25 12.41 82.27
CA ILE C 9 9.57 13.67 81.60
C ILE C 9 8.31 14.42 81.20
N LYS C 10 7.18 13.73 81.11
CA LYS C 10 5.98 14.30 80.52
C LYS C 10 5.45 15.45 81.37
N GLY C 11 5.60 15.37 82.70
CA GLY C 11 5.25 16.51 83.52
C GLY C 11 6.24 17.65 83.38
N TYR C 12 7.54 17.31 83.22
CA TYR C 12 8.54 18.33 82.96
C TYR C 12 8.17 19.15 81.74
N LEU C 13 7.64 18.50 80.73
CA LEU C 13 7.22 19.27 79.56
C LEU C 13 5.85 19.88 79.76
N TYR C 14 5.03 19.32 80.66
CA TYR C 14 3.76 19.97 80.98
C TYR C 14 4.03 21.36 81.53
N GLN C 15 4.98 21.43 82.45
CA GLN C 15 5.31 22.70 83.07
C GLN C 15 6.02 23.63 82.08
N PHE C 16 6.86 23.09 81.19
CA PHE C 16 7.36 23.93 80.09
C PHE C 16 6.24 24.49 79.23
N LEU C 17 5.24 23.66 78.92
CA LEU C 17 4.15 24.09 78.05
C LEU C 17 3.37 25.23 78.67
N LYS C 18 2.99 25.08 79.94
CA LYS C 18 2.29 26.18 80.59
C LYS C 18 3.19 27.38 80.74
N TYR C 19 4.49 27.17 80.93
CA TYR C 19 5.41 28.28 81.04
C TYR C 19 5.36 29.14 79.78
N LEU C 20 5.43 28.49 78.61
CA LEU C 20 5.34 29.24 77.36
C LEU C 20 3.94 29.70 77.05
N SER C 21 2.93 29.10 77.68
CA SER C 21 1.55 29.46 77.45
C SER C 21 1.30 30.95 77.65
N GLU C 22 1.98 31.54 78.62
CA GLU C 22 1.64 32.89 79.06
C GLU C 22 2.29 33.97 78.22
N ILE C 23 3.43 33.69 77.59
CA ILE C 23 4.14 34.76 76.89
C ILE C 23 3.27 35.32 75.78
N LEU C 24 2.55 34.44 75.07
CA LEU C 24 1.57 34.92 74.10
C LEU C 24 0.42 35.63 74.80
N ALA C 25 -0.01 35.11 75.94
CA ALA C 25 -1.06 35.72 76.74
C ALA C 25 -0.47 36.65 77.80
N ALA C 26 0.38 37.57 77.35
CA ALA C 26 1.18 38.40 78.22
C ALA C 26 0.89 39.88 77.99
N GLY C 27 1.20 40.69 78.99
CA GLY C 27 1.07 42.13 78.89
C GLY C 27 2.31 42.78 78.32
N ASP C 28 2.21 44.08 78.11
CA ASP C 28 3.30 44.84 77.52
C ASP C 28 4.51 44.86 78.43
N GLY C 29 5.69 44.62 77.85
CA GLY C 29 6.95 44.79 78.55
C GLY C 29 7.08 44.04 79.86
N ALA C 30 6.76 42.75 79.88
CA ALA C 30 6.85 41.93 81.07
C ALA C 30 7.72 40.71 80.79
N ARG C 31 8.38 40.20 81.84
CA ARG C 31 9.37 39.14 81.71
C ARG C 31 9.08 38.01 82.68
N ILE C 32 9.61 36.83 82.34
CA ILE C 32 9.52 35.63 83.18
C ILE C 32 10.74 34.77 82.89
N THR C 33 11.10 33.91 83.84
CA THR C 33 12.17 32.95 83.68
C THR C 33 11.75 31.58 84.17
N ILE C 34 12.20 30.56 83.48
CA ILE C 34 11.94 29.17 83.85
C ILE C 34 13.12 28.66 84.66
N GLU C 35 12.84 27.96 85.74
CA GLU C 35 13.88 27.45 86.60
C GLU C 35 14.31 26.06 86.14
N GLY C 36 15.61 25.78 86.32
CA GLY C 36 16.18 24.59 85.74
C GLY C 36 15.73 23.31 86.44
N ALA C 37 15.80 22.22 85.68
CA ALA C 37 15.46 20.91 86.21
C ALA C 37 16.57 20.40 87.13
N ILE C 38 16.16 19.54 88.08
CA ILE C 38 17.09 19.04 89.10
C ILE C 38 17.78 17.76 88.66
N GLU C 39 17.47 17.24 87.48
CA GLU C 39 18.18 16.09 86.92
C GLU C 39 19.42 16.50 86.13
N ASP C 40 19.77 17.78 86.13
CA ASP C 40 20.96 18.24 85.44
C ASP C 40 22.21 17.53 85.94
N ILE C 44 28.28 21.87 89.18
CA ILE C 44 28.43 23.31 89.28
C ILE C 44 27.12 23.95 89.71
N ALA C 45 26.02 23.53 89.08
CA ALA C 45 24.71 24.13 89.32
C ALA C 45 24.81 25.65 89.20
N ALA C 46 25.21 26.09 88.01
CA ALA C 46 25.41 27.51 87.75
C ALA C 46 24.21 28.32 88.22
N GLY C 47 24.47 29.41 88.92
CA GLY C 47 23.43 30.12 89.62
C GLY C 47 23.13 29.51 90.97
N LEU C 48 22.70 30.34 91.92
CA LEU C 48 22.60 29.88 93.30
C LEU C 48 21.44 28.91 93.48
N THR C 49 20.28 29.19 92.88
CA THR C 49 19.10 28.35 93.06
C THR C 49 18.19 28.49 91.85
N THR C 50 17.98 27.38 91.13
CA THR C 50 16.96 27.33 90.09
C THR C 50 16.25 25.98 90.03
N ALA C 51 16.37 25.15 91.05
CA ALA C 51 15.89 23.77 90.99
C ALA C 51 14.36 23.72 90.95
N VAL C 52 13.84 22.70 90.28
CA VAL C 52 12.39 22.47 90.23
C VAL C 52 12.17 21.06 89.68
N GLN C 53 10.98 20.52 89.91
CA GLN C 53 10.71 19.11 89.66
C GLN C 53 9.21 18.89 89.64
N CYS C 54 8.78 17.79 89.03
CA CYS C 54 7.36 17.44 89.01
C CYS C 54 7.16 16.07 88.38
N LYS C 55 5.97 15.50 88.64
CA LYS C 55 5.52 14.24 88.05
C LYS C 55 4.05 14.38 87.65
N TYR C 56 3.50 13.34 87.02
CA TYR C 56 2.22 13.45 86.35
C TYR C 56 1.44 12.14 86.46
N HIS C 57 0.14 12.26 86.71
CA HIS C 57 -0.80 11.14 86.62
C HIS C 57 -2.20 11.75 86.70
N GLU C 58 -3.09 11.43 85.76
CA GLU C 58 -4.37 12.15 85.69
C GLU C 58 -5.59 11.28 85.35
N GLN C 59 -5.62 10.00 85.72
CA GLN C 59 -6.73 9.13 85.32
C GLN C 59 -7.67 8.92 86.51
N ALA C 60 -8.90 9.42 86.38
CA ALA C 60 -9.94 9.22 87.39
C ALA C 60 -11.27 9.83 86.98
N GLU C 61 -12.37 9.19 87.37
CA GLU C 61 -13.71 9.68 87.08
C GLU C 61 -14.23 10.65 88.12
N LYS C 62 -13.86 10.49 89.39
CA LYS C 62 -14.17 11.47 90.42
C LYS C 62 -13.02 11.53 91.41
N TYR C 63 -13.00 12.61 92.19
CA TYR C 63 -11.84 12.93 92.99
C TYR C 63 -11.73 12.00 94.20
N THR C 64 -10.49 11.68 94.55
CA THR C 64 -10.15 10.84 95.70
C THR C 64 -8.65 10.98 95.90
N LEU C 65 -8.17 10.41 97.00
CA LEU C 65 -6.76 10.49 97.36
C LEU C 65 -6.03 9.17 97.26
N GLY C 66 -6.73 8.05 97.11
CA GLY C 66 -6.02 6.78 97.01
C GLY C 66 -5.10 6.69 95.81
N LYS C 67 -5.30 7.56 94.82
CA LYS C 67 -4.53 7.46 93.59
C LYS C 67 -3.11 8.02 93.73
N ILE C 68 -2.89 8.97 94.63
CA ILE C 68 -1.62 9.68 94.71
C ILE C 68 -0.68 9.00 95.68
N TYR C 69 -0.92 7.71 95.95
CA TYR C 69 0.04 6.90 96.70
C TYR C 69 1.47 7.11 96.24
N LYS C 70 1.69 7.12 94.93
CA LYS C 70 3.00 6.78 94.37
C LYS C 70 4.04 7.89 94.43
N PRO C 71 3.77 9.08 93.89
CA PRO C 71 4.88 10.04 93.68
C PRO C 71 5.56 10.42 94.99
N ILE C 72 4.82 10.40 96.07
CA ILE C 72 5.27 11.03 97.30
C ILE C 72 6.26 10.12 98.01
N LEU C 73 5.95 8.83 98.06
CA LEU C 73 6.74 7.89 98.83
C LEU C 73 8.20 8.02 98.42
N LEU C 74 8.47 7.76 97.12
CA LEU C 74 9.82 7.94 96.61
C LEU C 74 10.29 9.39 96.74
N MET C 75 9.43 10.37 96.47
CA MET C 75 9.91 11.74 96.30
C MET C 75 10.56 12.22 97.59
N LEU C 76 9.96 11.90 98.72
CA LEU C 76 10.52 12.44 99.95
C LEU C 76 11.93 11.91 100.20
N GLU C 77 12.24 10.70 99.72
CA GLU C 77 13.63 10.24 99.71
C GLU C 77 14.52 11.32 99.11
N HIS C 78 14.21 11.73 97.87
CA HIS C 78 14.83 12.87 97.24
C HIS C 78 15.04 13.99 98.24
N PHE C 79 13.93 14.48 98.79
CA PHE C 79 14.02 15.63 99.70
C PHE C 79 15.08 15.40 100.77
N SER C 80 15.04 14.25 101.43
CA SER C 80 15.90 14.02 102.58
C SER C 80 17.35 13.74 102.20
N LYS C 81 17.60 13.29 100.97
CA LYS C 81 18.89 12.73 100.64
C LYS C 81 20.03 13.74 100.82
N ASN C 82 19.78 15.01 100.50
CA ASN C 82 20.82 16.01 100.70
C ASN C 82 20.27 17.41 100.49
N SER C 83 20.94 18.37 101.12
CA SER C 83 20.73 19.80 100.90
C SER C 83 21.89 20.56 101.54
N GLY C 84 22.08 21.79 101.09
CA GLY C 84 23.16 22.61 101.58
C GLY C 84 23.04 24.08 101.18
N VAL C 89 15.05 23.82 96.33
CA VAL C 89 14.68 22.57 95.68
C VAL C 89 13.17 22.41 95.77
N SER C 90 12.45 23.24 95.02
CA SER C 90 11.00 23.25 95.06
C SER C 90 10.44 21.97 94.46
N TYR C 91 9.19 21.68 94.81
CA TYR C 91 8.48 20.49 94.34
C TYR C 91 7.12 20.88 93.79
N ARG C 92 6.69 20.16 92.76
CA ARG C 92 5.44 20.45 92.06
C ARG C 92 4.78 19.16 91.59
N LEU C 93 3.50 19.26 91.28
CA LEU C 93 2.72 18.15 90.73
C LEU C 93 1.58 18.70 89.89
N PHE C 94 1.28 18.03 88.79
CA PHE C 94 0.16 18.37 87.92
C PHE C 94 -0.70 17.14 87.69
N CYS C 95 -2.01 17.32 87.77
CA CYS C 95 -2.97 16.24 87.54
C CYS C 95 -4.33 16.84 87.26
N HIS C 96 -5.12 16.13 86.47
CA HIS C 96 -6.46 16.57 86.11
C HIS C 96 -7.47 15.47 86.40
N PHE C 97 -8.51 15.83 87.14
CA PHE C 97 -9.64 14.95 87.40
C PHE C 97 -10.92 15.74 87.18
N PRO C 98 -11.94 15.11 86.59
CA PRO C 98 -13.11 15.87 86.15
C PRO C 98 -13.76 16.65 87.29
N GLY C 99 -14.03 17.93 87.04
CA GLY C 99 -14.71 18.77 88.00
C GLY C 99 -13.79 19.56 88.90
N GLU C 100 -13.02 18.86 89.74
CA GLU C 100 -12.21 19.56 90.74
C GLU C 100 -11.12 20.39 90.06
N SER C 101 -10.79 21.52 90.69
CA SER C 101 -9.78 22.42 90.16
C SER C 101 -9.32 23.35 91.27
N GLY C 102 -8.22 24.04 91.01
CA GLY C 102 -7.69 25.05 91.91
C GLY C 102 -6.41 24.58 92.60
N THR C 103 -5.88 25.47 93.42
CA THR C 103 -4.66 25.24 94.17
C THR C 103 -5.00 25.09 95.66
N LYS C 104 -4.72 23.92 96.21
CA LYS C 104 -4.96 23.63 97.62
C LYS C 104 -3.73 22.96 98.21
N ALA C 105 -3.57 23.07 99.53
CA ALA C 105 -2.45 22.47 100.23
C ALA C 105 -2.96 21.58 101.35
N LEU C 106 -2.30 20.45 101.54
CA LEU C 106 -2.71 19.43 102.48
C LEU C 106 -2.15 19.70 103.88
N THR C 107 -2.67 18.95 104.85
CA THR C 107 -2.15 18.91 106.21
C THR C 107 -1.12 17.80 106.38
N LYS C 108 -0.18 18.03 107.30
CA LYS C 108 0.85 17.03 107.56
C LYS C 108 0.29 15.81 108.29
N ASP C 109 -0.72 16.01 109.13
CA ASP C 109 -1.45 14.87 109.66
C ASP C 109 -1.89 13.96 108.54
N ASP C 110 -2.34 14.54 107.43
CA ASP C 110 -2.66 13.74 106.26
C ASP C 110 -1.41 13.10 105.67
N LEU C 111 -0.27 13.77 105.77
CA LEU C 111 0.97 13.18 105.27
C LEU C 111 1.25 11.87 106.00
N GLU C 112 1.03 11.84 107.30
CA GLU C 112 1.24 10.59 108.04
C GLU C 112 0.09 9.61 107.80
N THR C 113 -1.15 10.08 107.70
CA THR C 113 -2.26 9.19 107.41
C THR C 113 -1.97 8.38 106.16
N VAL C 114 -1.54 9.07 105.10
CA VAL C 114 -1.19 8.39 103.87
C VAL C 114 0.14 7.66 104.02
N LEU C 115 1.00 8.14 104.92
CA LEU C 115 2.23 7.40 105.20
C LEU C 115 1.91 6.01 105.68
N SER C 116 0.81 5.87 106.40
CA SER C 116 0.30 4.54 106.72
C SER C 116 0.29 3.69 105.47
N THR C 117 0.94 2.55 105.54
CA THR C 117 1.19 1.72 104.38
C THR C 117 0.19 0.57 104.37
N LYS C 118 -0.42 0.34 103.21
CA LYS C 118 -1.41 -0.73 103.08
C LYS C 118 -0.80 -2.05 102.64
N GLY C 119 0.38 -2.03 102.03
CA GLY C 119 1.03 -3.25 101.58
C GLY C 119 2.52 -3.05 101.50
N GLU C 120 3.22 -4.14 101.15
CA GLU C 120 4.66 -4.06 100.99
C GLU C 120 5.04 -3.25 99.76
N VAL C 121 4.16 -3.16 98.76
CA VAL C 121 4.39 -2.24 97.65
C VAL C 121 4.62 -0.84 98.18
N LEU C 122 3.93 -0.49 99.25
CA LEU C 122 4.02 0.83 99.85
C LEU C 122 5.06 0.89 100.95
N ARG C 123 5.24 -0.21 101.68
CA ARG C 123 6.15 -0.23 102.83
C ARG C 123 7.60 -0.40 102.41
N ALA C 124 7.84 -0.96 101.22
CA ALA C 124 9.21 -1.18 100.77
C ALA C 124 9.96 0.13 100.67
N ILE C 125 9.32 1.15 100.11
CA ILE C 125 9.97 2.46 99.99
C ILE C 125 10.33 2.97 101.37
N VAL C 126 9.37 2.94 102.30
CA VAL C 126 9.62 3.42 103.65
C VAL C 126 10.77 2.64 104.27
N ALA C 127 10.92 1.36 103.89
CA ALA C 127 12.07 0.58 104.33
C ALA C 127 13.36 1.13 103.75
N ARG C 128 13.33 1.54 102.48
CA ARG C 128 14.51 2.14 101.87
C ARG C 128 14.79 3.52 102.45
N ILE C 129 13.75 4.31 102.71
CA ILE C 129 13.94 5.67 103.19
C ILE C 129 14.80 5.64 104.44
N ASP C 130 15.84 6.47 104.45
CA ASP C 130 16.70 6.58 105.61
C ASP C 130 15.93 7.22 106.76
N THR C 131 16.20 6.74 107.98
CA THR C 131 15.30 7.02 109.10
C THR C 131 15.21 8.52 109.40
N SER C 132 16.21 9.31 109.03
CA SER C 132 16.13 10.75 109.22
C SER C 132 14.91 11.31 108.49
N VAL C 133 14.17 12.20 109.16
CA VAL C 133 12.89 12.68 108.66
C VAL C 133 12.69 14.14 109.03
N ASP C 134 11.87 14.81 108.23
CA ASP C 134 11.40 16.16 108.57
C ASP C 134 10.17 16.43 107.71
N TYR C 135 8.99 16.31 108.30
CA TYR C 135 7.76 16.27 107.51
C TYR C 135 7.25 17.66 107.14
N GLU C 136 6.77 18.42 108.13
CA GLU C 136 6.18 19.71 107.84
C GLU C 136 7.20 20.66 107.24
N ALA C 137 8.47 20.52 107.61
CA ALA C 137 9.51 21.33 106.98
C ALA C 137 9.55 21.11 105.48
N PHE C 138 9.29 19.88 105.02
CA PHE C 138 9.15 19.65 103.58
C PHE C 138 7.83 20.19 103.05
N LEU C 139 6.74 20.01 103.80
CA LEU C 139 5.48 20.62 103.40
C LEU C 139 5.66 22.11 103.15
N ASP C 140 6.67 22.70 103.78
CA ASP C 140 6.98 24.11 103.56
C ASP C 140 7.20 24.39 102.08
N ARG C 141 8.11 23.64 101.45
CA ARG C 141 8.46 23.92 100.06
C ARG C 141 7.47 23.27 99.09
N PHE C 142 7.00 22.06 99.39
CA PHE C 142 6.11 21.36 98.49
C PHE C 142 4.78 22.11 98.34
N ALA C 143 4.35 22.29 97.09
CA ALA C 143 3.07 22.90 96.78
C ALA C 143 2.38 22.11 95.69
N ILE C 144 1.05 22.00 95.78
CA ILE C 144 0.26 21.17 94.88
C ILE C 144 -0.68 22.07 94.08
N GLU C 145 -0.83 21.76 92.80
CA GLU C 145 -1.68 22.54 91.90
C GLU C 145 -2.33 21.58 90.91
N PHE C 146 -3.49 22.00 90.39
CA PHE C 146 -4.31 21.18 89.50
C PHE C 146 -4.63 21.94 88.23
N GLY C 147 -4.49 21.25 87.10
CA GLY C 147 -4.82 21.80 85.81
C GLY C 147 -5.58 20.81 84.94
N PRO C 148 -5.81 21.17 83.67
CA PRO C 148 -6.49 20.26 82.76
C PRO C 148 -5.53 19.27 82.10
N SER C 149 -6.10 18.32 81.37
CA SER C 149 -5.34 17.30 80.67
C SER C 149 -4.52 17.93 79.54
N ALA C 150 -3.74 17.07 78.88
CA ALA C 150 -2.63 17.52 78.05
C ALA C 150 -3.10 17.98 76.67
N GLU C 151 -3.96 17.21 76.01
CA GLU C 151 -4.27 17.50 74.61
C GLU C 151 -5.15 18.74 74.46
N ASP C 152 -6.04 19.00 75.43
CA ASP C 152 -6.70 20.30 75.47
C ASP C 152 -5.67 21.42 75.56
N LEU C 153 -4.67 21.25 76.43
CA LEU C 153 -3.59 22.22 76.53
C LEU C 153 -2.92 22.44 75.18
N GLN C 154 -2.64 21.36 74.44
CA GLN C 154 -1.93 21.48 73.18
C GLN C 154 -2.77 22.21 72.14
N VAL C 155 -4.03 21.81 72.01
CA VAL C 155 -4.90 22.45 71.04
C VAL C 155 -5.04 23.93 71.35
N ALA C 156 -5.17 24.27 72.63
CA ALA C 156 -5.20 25.69 73.00
C ALA C 156 -3.90 26.40 72.66
N VAL C 157 -2.76 25.73 72.84
CA VAL C 157 -1.47 26.35 72.52
C VAL C 157 -1.44 26.75 71.05
N LEU C 158 -1.85 25.83 70.19
CA LEU C 158 -1.80 26.12 68.77
C LEU C 158 -2.92 27.09 68.38
N ALA C 159 -4.03 27.07 69.09
CA ALA C 159 -5.08 28.04 68.77
C ALA C 159 -4.60 29.44 69.11
N SER C 160 -3.86 29.59 70.21
CA SER C 160 -3.24 30.87 70.51
C SER C 160 -2.30 31.32 69.40
N LEU C 161 -1.47 30.39 68.91
CA LEU C 161 -0.60 30.75 67.79
C LEU C 161 -1.41 31.18 66.57
N LYS C 162 -2.54 30.51 66.31
CA LYS C 162 -3.48 31.02 65.31
C LYS C 162 -3.85 32.45 65.64
N ASP C 163 -4.12 32.70 66.92
CA ASP C 163 -4.58 34.03 67.33
C ASP C 163 -3.59 35.09 66.89
N LYS C 164 -2.30 34.84 67.04
CA LYS C 164 -1.34 35.83 66.58
C LYS C 164 -1.43 36.01 65.06
N GLY C 165 -1.33 34.91 64.32
CA GLY C 165 -1.44 34.96 62.88
C GLY C 165 -0.15 34.58 62.19
N PHE C 166 -0.11 33.36 61.65
CA PHE C 166 1.04 32.82 60.93
C PHE C 166 0.54 32.06 59.72
N ASP C 167 1.47 31.74 58.83
CA ASP C 167 1.13 30.86 57.72
C ASP C 167 0.67 29.52 58.28
N PRO C 168 -0.45 28.96 57.80
CA PRO C 168 -1.03 27.80 58.48
C PRO C 168 -0.15 26.56 58.40
N ASP C 169 0.29 26.20 57.20
CA ASP C 169 1.08 24.98 57.05
C ASP C 169 2.41 25.06 57.78
N ASP C 170 3.03 26.24 57.82
CA ASP C 170 4.32 26.40 58.48
C ASP C 170 4.22 26.34 60.00
N ILE C 171 3.03 26.42 60.57
CA ILE C 171 2.88 26.46 62.02
C ILE C 171 3.51 25.22 62.66
N ASP C 172 2.99 24.05 62.32
CA ASP C 172 3.34 22.83 63.05
C ASP C 172 4.69 22.28 62.61
N ALA C 173 5.00 22.38 61.32
CA ALA C 173 6.22 21.75 60.81
C ALA C 173 7.48 22.42 61.37
N VAL C 174 7.46 23.74 61.50
CA VAL C 174 8.66 24.50 61.81
C VAL C 174 8.55 25.25 63.13
N ILE C 175 7.59 26.17 63.22
CA ILE C 175 7.61 27.17 64.29
C ILE C 175 7.42 26.51 65.65
N PHE C 176 6.34 25.74 65.81
CA PHE C 176 5.97 25.28 67.13
C PHE C 176 7.01 24.34 67.73
N PRO C 177 7.48 23.29 67.04
CA PRO C 177 8.50 22.44 67.66
C PRO C 177 9.79 23.18 67.94
N ASN C 178 10.02 24.30 67.25
CA ASN C 178 11.21 25.10 67.49
C ASN C 178 11.10 25.93 68.76
N ALA C 179 9.90 26.48 69.02
CA ALA C 179 9.74 27.37 70.15
C ALA C 179 10.15 26.69 71.46
N ILE C 180 9.53 25.54 71.73
CA ILE C 180 9.79 24.80 72.96
C ILE C 180 11.28 24.55 73.18
N GLN C 181 12.05 24.54 72.09
CA GLN C 181 13.47 24.20 72.22
C GLN C 181 14.24 25.32 72.92
N ARG C 182 13.87 26.57 72.66
CA ARG C 182 14.52 27.68 73.35
C ARG C 182 14.22 27.66 74.85
N ILE C 183 12.99 27.28 75.21
CA ILE C 183 12.65 27.15 76.61
C ILE C 183 13.51 26.09 77.27
N VAL C 184 13.55 24.89 76.68
CA VAL C 184 14.37 23.84 77.28
C VAL C 184 15.83 24.25 77.31
N ASP C 185 16.25 25.07 76.34
CA ASP C 185 17.62 25.57 76.33
C ASP C 185 17.89 26.46 77.53
N LEU C 186 17.13 27.55 77.64
CA LEU C 186 17.27 28.44 78.78
C LEU C 186 17.20 27.67 80.09
N ALA C 187 16.46 26.57 80.11
CA ALA C 187 16.36 25.78 81.33
C ALA C 187 17.68 25.09 81.65
N THR C 188 18.29 24.41 80.67
CA THR C 188 19.37 23.46 80.93
C THR C 188 20.55 23.70 80.00
N ARG C 189 21.49 24.53 80.43
CA ARG C 189 22.84 24.54 79.87
C ARG C 189 23.71 25.44 80.74
N SER C 190 25.02 25.20 80.66
CA SER C 190 26.00 25.96 81.45
C SER C 190 26.47 27.14 80.61
N ASP C 191 25.68 28.20 80.62
CA ASP C 191 26.04 29.42 79.91
C ASP C 191 25.96 30.61 80.85
N VAL C 192 26.92 31.52 80.71
CA VAL C 192 26.97 32.73 81.55
C VAL C 192 26.15 33.77 80.80
N ASN C 193 24.84 33.72 80.98
CA ASN C 193 23.92 34.59 80.27
C ASN C 193 22.56 34.50 80.95
N ASP C 194 21.64 35.33 80.48
CA ASP C 194 20.34 35.47 81.12
C ASP C 194 19.54 34.17 81.03
N ARG C 195 18.84 33.86 82.12
CA ARG C 195 17.77 32.87 82.06
C ARG C 195 16.49 33.48 81.52
N THR C 196 16.11 34.68 81.99
CA THR C 196 14.89 35.31 81.53
C THR C 196 15.11 35.91 80.16
N VAL C 197 14.03 36.03 79.40
CA VAL C 197 14.09 36.46 78.00
C VAL C 197 12.98 37.47 77.72
N GLU C 198 13.34 38.56 77.06
CA GLU C 198 12.33 39.52 76.65
C GLU C 198 11.42 38.89 75.59
N PRO C 199 10.11 39.18 75.63
CA PRO C 199 9.17 38.48 74.72
C PRO C 199 9.29 38.94 73.27
N LYS C 200 9.37 40.26 73.08
CA LYS C 200 9.29 40.85 71.75
C LYS C 200 10.43 40.34 70.87
N THR C 201 11.66 40.42 71.37
CA THR C 201 12.78 39.97 70.56
C THR C 201 12.69 38.48 70.31
N PHE C 202 12.14 37.73 71.28
CA PHE C 202 12.04 36.29 71.16
C PHE C 202 11.18 35.91 69.95
N LEU C 203 9.96 36.43 69.90
CA LEU C 203 9.11 36.05 68.78
C LEU C 203 9.59 36.68 67.48
N ALA C 204 10.19 37.87 67.56
CA ALA C 204 10.71 38.50 66.35
C ALA C 204 11.78 37.63 65.74
N GLY C 205 12.60 37.01 66.59
CA GLY C 205 13.69 36.19 66.08
C GLY C 205 13.16 34.89 65.52
N LEU C 206 12.23 34.25 66.24
CA LEU C 206 11.76 32.96 65.76
C LEU C 206 11.05 33.08 64.42
N ARG C 207 10.47 34.25 64.14
CA ARG C 207 9.74 34.40 62.88
C ARG C 207 10.62 34.20 61.66
N GLU C 208 11.82 34.76 61.66
CA GLU C 208 12.69 34.80 60.48
C GLU C 208 13.74 33.69 60.44
N VAL C 209 13.53 32.60 61.18
CA VAL C 209 14.43 31.46 61.14
C VAL C 209 13.69 30.27 60.53
N ARG C 210 14.41 29.51 59.70
CA ARG C 210 13.86 28.32 59.03
C ARG C 210 14.83 27.17 59.26
N ARG C 211 14.58 26.39 60.31
CA ARG C 211 15.39 25.20 60.59
C ARG C 211 14.56 24.25 61.44
N VAL C 212 14.25 23.08 60.91
CA VAL C 212 13.46 22.10 61.65
C VAL C 212 14.35 21.38 62.64
N THR C 213 13.74 20.86 63.70
CA THR C 213 14.47 20.22 64.79
C THR C 213 13.88 18.85 65.08
N PHE C 214 14.76 17.86 65.21
CA PHE C 214 14.42 16.50 65.60
C PHE C 214 15.14 16.17 66.89
N THR C 215 14.40 16.00 67.98
CA THR C 215 15.00 15.67 69.26
C THR C 215 13.92 15.07 70.16
N ARG C 216 14.37 14.47 71.26
CA ARG C 216 13.45 13.71 72.11
C ARG C 216 12.33 14.60 72.61
N TRP C 217 12.64 15.86 72.92
CA TRP C 217 11.63 16.76 73.47
C TRP C 217 10.57 17.12 72.42
N THR C 218 10.99 17.38 71.19
CA THR C 218 10.02 17.65 70.14
C THR C 218 9.20 16.41 69.80
N ARG C 219 9.81 15.23 69.96
CA ARG C 219 9.13 14.01 69.56
C ARG C 219 7.87 13.79 70.39
N GLU C 220 8.01 13.81 71.71
CA GLU C 220 6.88 13.52 72.60
C GLU C 220 5.91 14.69 72.58
N LEU C 221 5.04 14.70 71.57
CA LEU C 221 4.04 15.74 71.39
C LEU C 221 2.89 15.15 70.59
N ALA C 222 1.93 16.01 70.25
CA ALA C 222 0.83 15.64 69.38
C ALA C 222 1.06 16.03 67.93
N THR C 223 2.15 16.74 67.63
CA THR C 223 2.49 17.15 66.28
C THR C 223 3.57 16.29 65.66
N LYS C 224 3.87 15.13 66.26
CA LYS C 224 4.94 14.29 65.74
C LYS C 224 4.58 13.72 64.38
N GLY C 225 3.32 13.35 64.18
CA GLY C 225 2.92 12.66 62.97
C GLY C 225 3.06 13.52 61.73
N ARG C 226 2.82 14.81 61.84
CA ARG C 226 2.70 15.68 60.68
C ARG C 226 4.01 16.31 60.25
N MET C 227 4.89 16.64 61.20
CA MET C 227 6.17 17.23 60.87
C MET C 227 6.99 16.32 59.98
N PHE C 228 7.14 15.07 60.40
CA PHE C 228 7.89 14.08 59.64
C PHE C 228 7.37 14.00 58.21
N SER C 229 6.05 13.83 58.08
CA SER C 229 5.46 13.63 56.76
C SER C 229 5.62 14.86 55.89
N SER C 230 5.47 16.05 56.46
CA SER C 230 5.62 17.27 55.68
C SER C 230 7.04 17.39 55.15
N LEU C 231 8.02 17.15 56.01
CA LEU C 231 9.40 17.23 55.55
C LEU C 231 9.70 16.17 54.51
N ARG C 232 9.09 15.00 54.64
CA ARG C 232 9.25 13.95 53.64
C ARG C 232 8.69 14.38 52.29
N LYS C 233 7.52 15.00 52.29
CA LYS C 233 6.88 15.39 51.04
C LYS C 233 7.55 16.59 50.40
N SER C 234 8.22 17.43 51.19
CA SER C 234 8.85 18.62 50.63
C SER C 234 10.01 18.29 49.69
N LEU C 235 10.69 17.18 49.92
CA LEU C 235 11.94 16.86 49.25
C LEU C 235 11.75 15.95 48.05
N ARG C 236 10.51 15.66 47.68
CA ARG C 236 10.26 14.65 46.66
C ARG C 236 10.88 15.05 45.33
N SER C 237 10.62 16.27 44.87
CA SER C 237 11.11 16.68 43.56
C SER C 237 12.62 16.81 43.55
N CYS C 238 13.20 17.32 44.63
CA CYS C 238 14.66 17.43 44.71
C CYS C 238 15.32 16.08 44.44
N LEU C 239 14.71 15.00 44.86
CA LEU C 239 15.33 13.69 44.85
C LEU C 239 14.96 12.83 43.66
N ALA C 240 14.12 13.32 42.76
CA ALA C 240 13.67 12.53 41.62
C ALA C 240 14.50 12.74 40.38
N HIS C 241 15.58 13.50 40.46
CA HIS C 241 16.40 13.84 39.31
C HIS C 241 17.62 12.97 39.23
N ASN C 242 17.90 12.48 38.03
CA ASN C 242 19.03 11.57 37.85
C ASN C 242 20.37 12.29 37.96
N SER C 243 20.54 13.43 37.30
CA SER C 243 21.76 14.21 37.39
C SER C 243 21.54 15.39 38.31
N ARG C 244 22.36 15.53 39.33
CA ARG C 244 22.22 16.61 40.28
C ARG C 244 23.45 16.68 41.17
N TRP C 245 23.87 17.91 41.47
CA TRP C 245 25.01 18.18 42.34
C TRP C 245 24.49 18.41 43.75
N ARG C 246 24.74 17.47 44.64
CA ARG C 246 24.28 17.52 46.02
C ARG C 246 25.46 17.54 46.97
N VAL C 247 25.32 18.26 48.08
CA VAL C 247 26.37 18.37 49.08
C VAL C 247 25.81 18.22 50.48
N PHE C 248 26.66 17.76 51.38
CA PHE C 248 26.32 17.52 52.78
C PHE C 248 27.39 18.13 53.67
N VAL C 249 27.01 18.48 54.90
CA VAL C 249 27.97 18.85 55.94
C VAL C 249 27.45 18.34 57.29
N ILE C 250 28.28 17.59 57.99
CA ILE C 250 27.87 16.87 59.19
C ILE C 250 28.80 17.22 60.34
N ASN C 251 28.23 17.33 61.54
CA ASN C 251 28.97 17.60 62.77
C ASN C 251 28.65 16.50 63.77
N PRO C 252 29.59 15.61 64.10
CA PRO C 252 29.27 14.38 64.83
C PRO C 252 29.39 14.42 66.34
N LEU C 253 29.61 15.58 66.95
CA LEU C 253 29.83 15.61 68.40
C LEU C 253 28.60 15.15 69.15
N THR C 254 27.41 15.56 68.70
CA THR C 254 26.18 15.32 69.43
C THR C 254 25.47 14.04 69.03
N ILE C 255 25.76 13.50 67.85
CA ILE C 255 25.01 12.37 67.35
C ILE C 255 25.35 11.12 68.13
N GLU C 256 24.38 10.23 68.23
CA GLU C 256 24.50 9.02 69.02
C GLU C 256 24.96 7.86 68.15
N ASN C 257 26.01 7.19 68.60
CA ASN C 257 26.51 5.99 67.93
C ASN C 257 26.97 6.27 66.50
N PHE C 258 27.60 7.43 66.31
CA PHE C 258 27.98 7.87 64.97
C PHE C 258 28.95 6.89 64.31
N ASP C 259 29.85 6.32 65.11
CA ASP C 259 30.94 5.51 64.56
C ASP C 259 30.37 4.31 63.82
N ASP C 260 29.40 3.63 64.41
CA ASP C 260 28.91 2.38 63.87
C ASP C 260 27.68 2.55 62.98
N ASP C 261 27.24 3.79 62.74
CA ASP C 261 26.08 4.02 61.91
C ASP C 261 26.36 4.92 60.72
N ILE C 262 27.57 5.46 60.58
CA ILE C 262 27.81 6.34 59.43
C ILE C 262 27.90 5.52 58.14
N VAL C 263 28.42 4.31 58.22
CA VAL C 263 28.70 3.53 57.04
C VAL C 263 27.42 2.94 56.46
N ARG C 264 26.55 2.43 57.32
CA ARG C 264 25.31 1.83 56.83
C ARG C 264 24.49 2.88 56.09
N PHE C 265 24.45 4.09 56.62
CA PHE C 265 23.73 5.18 55.99
C PHE C 265 24.33 5.52 54.63
N ILE C 266 25.66 5.56 54.55
CA ILE C 266 26.27 5.89 53.27
C ILE C 266 25.99 4.80 52.25
N LYS C 267 26.05 3.54 52.66
CA LYS C 267 25.71 2.45 51.76
C LYS C 267 24.28 2.57 51.25
N ALA C 268 23.33 2.82 52.15
CA ALA C 268 21.94 2.95 51.74
C ALA C 268 21.76 4.09 50.76
N PHE C 269 22.49 5.17 50.95
CA PHE C 269 22.35 6.32 50.07
C PHE C 269 22.91 6.00 48.69
N VAL C 270 24.12 5.45 48.63
CA VAL C 270 24.74 5.20 47.34
C VAL C 270 24.02 4.12 46.56
N GLN C 271 23.46 3.12 47.24
CA GLN C 271 22.82 2.03 46.52
C GLN C 271 21.62 2.46 45.72
N ARG C 272 21.04 3.62 46.01
CA ARG C 272 19.90 4.12 45.28
C ARG C 272 20.16 5.35 44.44
N TYR C 273 21.08 6.21 44.84
CA TYR C 273 21.31 7.47 44.14
C TYR C 273 22.64 7.55 43.40
N SER C 274 23.47 6.51 43.38
CA SER C 274 24.68 6.57 42.57
C SER C 274 25.08 5.22 41.97
N SER C 275 24.11 4.39 41.61
CA SER C 275 24.38 3.04 41.12
C SER C 275 23.78 2.77 39.76
N LYS C 276 24.00 3.66 38.81
CA LYS C 276 23.36 3.55 37.51
C LYS C 276 24.08 4.44 36.51
N TYR C 277 23.96 4.09 35.23
CA TYR C 277 24.71 4.75 34.18
C TYR C 277 24.32 6.21 34.03
N LEU C 278 23.06 6.54 34.24
CA LEU C 278 22.60 7.90 34.09
C LEU C 278 22.79 8.72 35.34
N HIS C 279 23.44 8.17 36.35
CA HIS C 279 23.83 8.90 37.54
C HIS C 279 25.26 9.39 37.34
N SER C 280 25.39 10.58 36.78
CA SER C 280 26.66 11.08 36.29
C SER C 280 27.41 12.00 37.24
N ASN C 281 26.88 12.27 38.43
CA ASN C 281 27.45 13.28 39.31
C ASN C 281 27.38 12.80 40.75
N PRO C 282 28.48 12.31 41.30
CA PRO C 282 28.46 11.74 42.63
C PRO C 282 28.50 12.79 43.72
N PRO C 283 27.97 12.47 44.90
CA PRO C 283 27.89 13.44 45.98
C PRO C 283 29.22 13.77 46.64
N LEU C 284 29.16 14.66 47.61
CA LEU C 284 30.31 15.14 48.34
C LEU C 284 29.98 15.20 49.82
N PHE C 285 30.74 14.49 50.62
CA PHE C 285 30.59 14.48 52.07
C PHE C 285 31.74 15.24 52.69
N MET C 286 31.43 16.08 53.68
CA MET C 286 32.42 16.91 54.34
C MET C 286 32.13 16.91 55.83
N LEU C 287 32.97 16.22 56.58
CA LEU C 287 32.90 16.19 58.03
C LEU C 287 33.70 17.34 58.63
N THR C 288 33.27 17.79 59.79
CA THR C 288 33.89 18.90 60.49
C THR C 288 34.21 18.47 61.92
N GLY C 289 35.37 18.88 62.41
CA GLY C 289 35.81 18.45 63.72
C GLY C 289 37.28 18.11 63.76
N ASP C 290 37.63 17.11 64.56
CA ASP C 290 38.97 16.56 64.63
C ASP C 290 39.02 15.11 64.16
N TYR C 291 38.27 14.78 63.13
CA TYR C 291 38.06 13.42 62.68
C TYR C 291 39.24 12.83 61.92
N ASP C 292 39.27 11.51 61.93
CA ASP C 292 40.19 10.70 61.15
C ASP C 292 39.36 9.96 60.11
N LEU C 293 39.72 10.14 58.84
CA LEU C 293 38.95 9.60 57.74
C LEU C 293 39.38 8.20 57.36
N SER C 294 40.65 7.89 57.62
CA SER C 294 41.26 6.69 57.05
C SER C 294 40.50 5.43 57.41
N VAL C 295 40.10 5.30 58.67
CA VAL C 295 39.34 4.13 59.09
C VAL C 295 38.06 4.01 58.29
N LEU C 296 37.36 5.12 58.07
CA LEU C 296 36.13 5.10 57.29
C LEU C 296 36.42 4.66 55.86
N GLN C 297 37.53 5.13 55.30
CA GLN C 297 37.90 4.76 53.95
C GLN C 297 38.13 3.26 53.85
N LYS C 298 38.88 2.71 54.79
CA LYS C 298 39.14 1.28 54.79
C LYS C 298 37.86 0.48 54.95
N ARG C 299 36.97 0.95 55.82
CA ARG C 299 35.74 0.23 56.07
C ARG C 299 34.85 0.21 54.84
N LEU C 300 34.77 1.32 54.12
CA LEU C 300 33.97 1.34 52.91
C LEU C 300 34.63 0.55 51.78
N TYR C 301 35.96 0.45 51.78
CA TYR C 301 36.58 -0.45 50.82
C TYR C 301 36.22 -1.90 51.13
N ASP C 302 36.23 -2.25 52.41
CA ASP C 302 35.75 -3.57 52.80
C ASP C 302 34.32 -3.79 52.35
N ALA C 303 33.50 -2.74 52.38
CA ALA C 303 32.15 -2.86 51.87
C ALA C 303 32.14 -3.09 50.37
N GLY C 304 33.03 -2.44 49.64
CA GLY C 304 33.14 -2.65 48.21
C GLY C 304 33.30 -1.39 47.38
N LEU C 305 33.09 -0.25 48.00
CA LEU C 305 33.05 1.02 47.31
C LEU C 305 34.44 1.65 47.21
N ARG C 306 34.50 2.74 46.44
CA ARG C 306 35.72 3.48 46.22
C ARG C 306 35.43 4.97 46.37
N CYS C 307 36.41 5.69 46.85
CA CYS C 307 36.26 7.11 47.15
C CYS C 307 37.32 7.92 46.43
N GLU C 308 37.01 9.19 46.24
CA GLU C 308 37.92 10.16 45.66
C GLU C 308 38.28 11.19 46.73
N THR C 309 39.49 11.09 47.27
CA THR C 309 39.91 12.00 48.31
C THR C 309 40.54 13.28 47.78
N GLY C 310 41.01 13.27 46.55
CA GLY C 310 41.56 14.46 45.94
C GLY C 310 42.98 14.79 46.30
N LYS C 311 43.75 13.81 46.75
CA LYS C 311 45.11 14.03 47.23
C LYS C 311 46.09 13.27 46.35
N VAL C 312 47.03 14.01 45.78
CA VAL C 312 48.13 13.42 45.04
C VAL C 312 49.35 13.49 45.96
N GLY C 313 49.57 12.42 46.71
CA GLY C 313 50.63 12.39 47.70
C GLY C 313 50.21 12.64 49.12
N GLY C 314 48.92 12.76 49.38
CA GLY C 314 48.40 12.76 50.75
C GLY C 314 49.02 13.78 51.68
N THR C 315 49.17 15.02 51.22
CA THR C 315 49.48 16.14 52.10
C THR C 315 48.47 17.26 51.98
N ASP C 316 48.16 17.71 50.77
CA ASP C 316 47.22 18.81 50.55
C ASP C 316 46.26 18.47 49.43
N VAL C 317 45.12 19.13 49.47
CA VAL C 317 44.02 18.85 48.56
C VAL C 317 44.08 19.75 47.35
N ILE C 318 43.87 19.15 46.19
CA ILE C 318 43.75 19.87 44.94
C ILE C 318 42.29 19.90 44.55
N ILE C 319 41.76 21.10 44.31
CA ILE C 319 40.33 21.26 44.13
C ILE C 319 39.87 20.74 42.77
N LYS C 320 40.74 20.80 41.77
CA LYS C 320 40.35 20.35 40.45
C LYS C 320 40.06 18.85 40.42
N GLU C 321 40.85 18.07 41.13
CA GLU C 321 40.73 16.61 41.05
C GLU C 321 39.45 16.12 41.72
N LEU C 322 39.05 16.75 42.81
CA LEU C 322 37.90 16.27 43.56
C LEU C 322 36.61 16.44 42.77
N PHE C 323 36.49 17.51 42.00
CA PHE C 323 35.28 17.83 41.26
C PHE C 323 35.32 17.35 39.81
N ARG C 324 36.15 16.38 39.49
CA ARG C 324 36.24 15.90 38.13
C ARG C 324 35.15 14.88 37.83
N ARG C 325 35.09 14.48 36.58
CA ARG C 325 34.04 13.60 36.13
C ARG C 325 34.55 12.17 35.97
N PRO C 326 33.74 11.20 36.39
CA PRO C 326 34.20 9.81 36.37
C PRO C 326 34.06 9.15 35.02
N ILE C 327 34.88 8.14 34.82
CA ILE C 327 34.78 7.28 33.65
C ILE C 327 33.68 6.27 33.86
N LEU C 328 32.94 5.97 32.82
CA LEU C 328 31.84 5.03 32.90
C LEU C 328 31.78 4.13 31.69
N ILE C 329 31.66 2.83 31.93
CA ILE C 329 31.38 1.84 30.90
C ILE C 329 30.07 1.17 31.24
N ARG C 330 29.34 0.76 30.20
CA ARG C 330 27.96 0.34 30.32
C ARG C 330 27.79 -1.16 30.45
N ASN C 331 28.36 -1.93 29.53
CA ASN C 331 28.11 -3.37 29.45
C ASN C 331 29.42 -4.14 29.60
N PRO C 332 29.70 -4.73 30.76
CA PRO C 332 29.00 -4.65 32.04
C PRO C 332 29.32 -3.38 32.82
N PHE C 333 28.45 -3.04 33.76
CA PHE C 333 28.55 -1.77 34.44
C PHE C 333 29.79 -1.74 35.33
N ARG C 334 30.56 -0.66 35.18
CA ARG C 334 31.68 -0.35 36.06
C ARG C 334 31.78 1.16 36.20
N MET C 335 32.04 1.62 37.41
CA MET C 335 32.26 3.04 37.66
C MET C 335 33.55 3.24 38.43
N GLU C 336 34.23 4.33 38.10
CA GLU C 336 35.56 4.59 38.65
C GLU C 336 35.51 4.92 40.13
N PHE C 337 34.61 5.81 40.53
CA PHE C 337 34.38 6.05 41.93
C PHE C 337 32.92 6.43 42.15
N SER C 338 32.44 6.17 43.37
CA SER C 338 31.05 6.32 43.71
C SER C 338 30.76 7.43 44.70
N LEU C 339 31.76 7.98 45.36
CA LEU C 339 31.52 9.10 46.25
C LEU C 339 32.79 9.88 46.51
N ARG C 340 32.61 11.09 47.03
CA ARG C 340 33.67 12.02 47.36
C ARG C 340 33.66 12.30 48.86
N LEU C 341 34.83 12.40 49.45
CA LEU C 341 34.98 12.47 50.90
C LEU C 341 36.12 13.40 51.26
N ALA C 342 35.95 14.18 52.31
CA ALA C 342 36.96 15.16 52.70
C ALA C 342 36.56 15.81 54.01
N LYS C 343 37.40 16.74 54.46
CA LYS C 343 37.18 17.54 55.65
C LYS C 343 37.11 19.01 55.27
N ARG C 344 36.30 19.76 56.02
CA ARG C 344 35.95 21.10 55.59
C ARG C 344 37.13 22.07 55.71
N ASP C 345 37.89 21.95 56.79
CA ASP C 345 38.98 22.88 57.03
C ASP C 345 40.02 22.83 55.92
N GLU C 346 40.25 21.65 55.34
CA GLU C 346 41.24 21.51 54.28
C GLU C 346 40.74 22.10 52.97
N VAL C 347 39.46 21.97 52.67
CA VAL C 347 38.93 22.46 51.41
C VAL C 347 39.00 23.98 51.44
N ILE C 348 39.92 24.54 50.68
CA ILE C 348 40.14 25.98 50.60
C ILE C 348 39.80 26.41 49.19
N GLY C 349 38.73 27.17 49.03
CA GLY C 349 38.33 27.66 47.74
C GLY C 349 36.90 27.33 47.39
N GLY C 350 36.62 27.20 46.10
CA GLY C 350 35.29 26.89 45.64
C GLY C 350 35.30 26.34 44.24
N PRO C 351 34.18 25.74 43.83
CA PRO C 351 34.08 25.15 42.50
C PRO C 351 33.61 26.13 41.44
N GLN C 352 33.78 25.71 40.19
CA GLN C 352 33.34 26.51 39.06
C GLN C 352 31.82 26.60 39.02
N ARG C 353 31.14 25.52 39.40
CA ARG C 353 29.69 25.46 39.36
C ARG C 353 29.14 25.34 40.78
N ARG C 354 28.14 26.12 41.06
CA ARG C 354 27.56 26.13 42.39
C ARG C 354 26.65 24.92 42.60
N PRO C 355 26.50 24.48 43.83
CA PRO C 355 25.68 23.32 44.11
C PRO C 355 24.19 23.63 44.08
N ASP C 356 23.44 22.69 43.51
CA ASP C 356 22.02 22.86 43.38
C ASP C 356 21.29 22.60 44.69
N GLU C 357 21.82 21.71 45.52
CA GLU C 357 21.25 21.45 46.84
C GLU C 357 22.37 21.25 47.84
N LEU C 358 22.26 21.93 48.97
CA LEU C 358 23.26 21.88 50.04
C LEU C 358 22.55 21.67 51.35
N PHE C 359 22.92 20.62 52.06
CA PHE C 359 22.29 20.24 53.32
C PHE C 359 23.27 20.41 54.46
N LEU C 360 22.78 20.93 55.58
CA LEU C 360 23.61 21.20 56.75
C LEU C 360 22.98 20.55 57.97
N ILE C 361 23.59 19.45 58.41
CA ILE C 361 23.16 18.75 59.61
C ILE C 361 23.94 19.28 60.80
N ASN C 362 23.24 19.96 61.70
CA ASN C 362 23.82 20.45 62.94
C ASN C 362 24.95 21.44 62.68
N VAL C 363 24.68 22.38 61.79
CA VAL C 363 25.62 23.44 61.47
C VAL C 363 24.84 24.73 61.29
N ALA C 364 25.35 25.81 61.87
CA ALA C 364 24.63 27.08 61.84
C ALA C 364 24.89 27.84 60.55
N ASP C 365 26.15 28.00 60.17
CA ASP C 365 26.52 28.80 59.02
C ASP C 365 27.61 28.11 58.22
N ASP C 366 27.67 28.44 56.94
CA ASP C 366 28.69 27.95 56.05
C ASP C 366 28.99 29.02 55.02
N GLU C 367 30.12 28.86 54.35
CA GLU C 367 30.66 29.88 53.45
C GLU C 367 30.14 29.75 52.03
N TRP C 368 29.48 28.66 51.68
CA TRP C 368 29.05 28.41 50.31
C TRP C 368 27.59 28.77 50.09
N LYS C 369 26.89 29.27 51.09
CA LYS C 369 25.53 29.71 50.90
C LYS C 369 25.46 30.85 49.90
N HIS C 370 24.32 30.98 49.27
CA HIS C 370 24.10 32.00 48.25
C HIS C 370 22.61 31.98 47.90
N GLU C 371 22.21 32.90 47.04
CA GLU C 371 20.80 33.02 46.69
C GLU C 371 20.34 31.91 45.75
N ASP C 372 21.19 31.49 44.83
CA ASP C 372 20.84 30.51 43.82
C ASP C 372 21.05 29.07 44.27
N VAL C 373 21.16 28.83 45.57
CA VAL C 373 21.35 27.50 46.11
C VAL C 373 20.30 27.22 47.17
N ASN C 374 19.62 26.09 47.03
CA ASN C 374 18.64 25.68 48.02
C ASN C 374 19.34 25.15 49.26
N VAL C 375 18.85 25.54 50.43
CA VAL C 375 19.50 25.24 51.68
C VAL C 375 18.47 24.67 52.65
N HIS C 376 18.61 23.39 52.96
CA HIS C 376 17.81 22.73 53.98
C HIS C 376 18.64 22.57 55.23
N GLY C 377 18.05 22.90 56.37
CA GLY C 377 18.71 22.74 57.66
C GLY C 377 17.93 21.83 58.58
N PHE C 378 18.65 21.02 59.34
CA PHE C 378 18.05 20.06 60.26
C PHE C 378 18.86 20.02 61.54
N LYS C 379 18.19 19.65 62.63
CA LYS C 379 18.84 19.37 63.90
C LYS C 379 18.38 17.99 64.36
N ILE C 380 19.32 17.05 64.45
CA ILE C 380 19.00 15.66 64.69
C ILE C 380 19.82 15.10 65.84
N GLU C 381 19.31 14.02 66.42
CA GLU C 381 19.95 13.30 67.50
C GLU C 381 20.30 11.86 67.16
N ARG C 382 19.71 11.30 66.11
CA ARG C 382 20.06 9.98 65.61
C ARG C 382 19.81 9.91 64.11
N LEU C 383 20.64 9.15 63.41
CA LEU C 383 20.66 9.20 61.94
C LEU C 383 19.40 8.63 61.30
N SER C 384 18.70 7.73 61.99
CA SER C 384 17.62 6.99 61.35
C SER C 384 16.54 7.93 60.78
N ASP C 385 16.30 9.04 61.46
CA ASP C 385 15.27 9.95 60.99
C ASP C 385 15.64 10.53 59.64
N LEU C 386 16.91 10.83 59.42
CA LEU C 386 17.33 11.35 58.12
C LEU C 386 17.05 10.33 57.02
N GLU C 387 17.13 9.04 57.36
CA GLU C 387 16.79 7.99 56.42
C GLU C 387 15.32 8.03 56.08
N TYR C 388 14.46 8.24 57.08
CA TYR C 388 13.04 8.36 56.77
C TYR C 388 12.79 9.60 55.91
N ILE C 389 13.45 10.69 56.23
CA ILE C 389 13.28 11.93 55.47
C ILE C 389 13.71 11.78 54.03
N LEU C 390 14.58 10.81 53.73
CA LEU C 390 15.11 10.65 52.38
C LEU C 390 14.67 9.36 51.73
N GLN C 391 13.64 8.71 52.28
CA GLN C 391 12.98 7.58 51.63
C GLN C 391 13.89 6.37 51.53
N LEU C 392 14.48 5.99 52.65
CA LEU C 392 15.26 4.78 52.72
C LEU C 392 14.72 3.79 53.75
N ARG C 393 13.63 4.11 54.43
CA ARG C 393 12.95 3.16 55.29
C ARG C 393 11.52 3.60 55.47
N SER C 394 10.66 2.62 55.81
CA SER C 394 9.23 2.84 55.78
C SER C 394 8.72 3.50 57.06
N ASP C 395 9.20 3.07 58.22
CA ASP C 395 8.69 3.56 59.50
C ASP C 395 9.70 4.49 60.18
N TYR C 396 9.17 5.49 60.87
CA TYR C 396 9.98 6.57 61.42
C TYR C 396 10.39 6.25 62.85
N ALA C 397 11.23 5.24 62.96
CA ALA C 397 11.77 4.84 64.26
C ALA C 397 10.64 4.57 65.26
N PHE D 228 78.17 -3.02 25.47
CA PHE D 228 76.84 -2.43 25.67
C PHE D 228 76.01 -2.53 24.40
N SER D 229 76.70 -2.56 23.26
CA SER D 229 75.99 -2.56 21.99
C SER D 229 75.26 -3.87 21.75
N SER D 230 75.90 -5.00 22.07
CA SER D 230 75.25 -6.28 21.87
C SER D 230 74.07 -6.46 22.82
N LEU D 231 74.20 -5.97 24.05
CA LEU D 231 73.07 -6.02 24.96
C LEU D 231 71.85 -5.35 24.35
N ARG D 232 72.04 -4.22 23.69
CA ARG D 232 70.89 -3.53 23.11
C ARG D 232 70.15 -4.45 22.16
N LYS D 233 70.88 -5.10 21.25
CA LYS D 233 70.23 -6.00 20.31
C LYS D 233 69.77 -7.31 20.95
N SER D 234 70.32 -7.69 22.10
CA SER D 234 69.88 -8.94 22.72
C SER D 234 68.42 -8.85 23.15
N LEU D 235 67.90 -7.64 23.32
CA LEU D 235 66.58 -7.40 23.88
C LEU D 235 65.51 -7.05 22.85
N ARG D 236 65.84 -7.02 21.57
CA ARG D 236 64.86 -6.60 20.58
C ARG D 236 63.64 -7.51 20.57
N SER D 237 63.84 -8.80 20.79
CA SER D 237 62.72 -9.74 20.78
C SER D 237 61.84 -9.62 22.00
N CYS D 238 62.44 -9.31 23.16
CA CYS D 238 61.65 -9.21 24.38
C CYS D 238 60.64 -8.08 24.31
N LEU D 239 61.05 -6.93 23.79
CA LEU D 239 60.26 -5.71 23.86
C LEU D 239 59.39 -5.49 22.63
N ALA D 240 59.31 -6.45 21.72
CA ALA D 240 58.43 -6.29 20.58
C ALA D 240 56.98 -6.55 20.94
N HIS D 241 56.72 -7.60 21.72
CA HIS D 241 55.37 -7.93 22.11
C HIS D 241 54.65 -6.73 22.69
N ASN D 242 53.34 -6.68 22.46
CA ASN D 242 52.54 -5.54 22.90
C ASN D 242 52.10 -5.69 24.34
N SER D 243 51.57 -6.85 24.70
CA SER D 243 51.08 -7.12 26.05
C SER D 243 52.04 -8.03 26.78
N ARG D 244 52.56 -7.56 27.90
CA ARG D 244 53.49 -8.32 28.73
C ARG D 244 53.65 -7.58 30.05
N TRP D 245 54.10 -8.31 31.06
CA TRP D 245 54.18 -7.85 32.43
C TRP D 245 55.64 -7.61 32.77
N ARG D 246 56.00 -6.34 33.00
CA ARG D 246 57.39 -5.93 33.19
C ARG D 246 57.62 -5.30 34.56
N VAL D 247 58.67 -5.77 35.23
CA VAL D 247 59.03 -5.28 36.55
C VAL D 247 60.45 -4.72 36.50
N PHE D 248 60.66 -3.64 37.24
CA PHE D 248 61.94 -2.96 37.33
C PHE D 248 62.30 -2.79 38.80
N VAL D 249 63.54 -3.09 39.14
CA VAL D 249 64.07 -2.81 40.48
C VAL D 249 65.31 -1.93 40.35
N ILE D 250 65.38 -0.91 41.20
CA ILE D 250 66.40 0.14 41.08
C ILE D 250 66.94 0.49 42.46
N ASN D 251 68.23 0.77 42.52
CA ASN D 251 68.90 1.32 43.69
C ASN D 251 69.47 2.69 43.34
N PRO D 252 69.03 3.76 43.99
CA PRO D 252 69.45 5.10 43.57
C PRO D 252 70.70 5.64 44.24
N LEU D 253 71.17 5.01 45.33
CA LEU D 253 72.29 5.56 46.07
C LEU D 253 73.56 5.67 45.23
N THR D 254 73.69 4.86 44.20
CA THR D 254 74.92 4.75 43.42
C THR D 254 74.74 5.21 41.97
N ILE D 255 73.89 6.19 41.74
CA ILE D 255 73.68 6.73 40.40
C ILE D 255 73.79 8.24 40.43
N GLU D 256 74.40 8.79 39.39
CA GLU D 256 74.60 10.22 39.27
C GLU D 256 73.38 10.89 38.63
N ASN D 257 72.95 12.01 39.22
CA ASN D 257 71.91 12.86 38.66
C ASN D 257 70.57 12.13 38.53
N PHE D 258 70.30 11.23 39.47
CA PHE D 258 69.08 10.44 39.45
C PHE D 258 67.86 11.33 39.59
N ASP D 259 67.87 12.21 40.59
CA ASP D 259 66.72 13.04 40.87
C ASP D 259 66.37 13.90 39.67
N ASP D 260 67.36 14.24 38.86
CA ASP D 260 67.16 15.10 37.72
C ASP D 260 66.72 14.34 36.47
N ASP D 261 67.12 13.07 36.30
CA ASP D 261 66.81 12.36 35.06
C ASP D 261 65.64 11.37 35.17
N ILE D 262 65.16 11.07 36.37
CA ILE D 262 64.21 9.98 36.56
C ILE D 262 62.89 10.27 35.84
N VAL D 263 62.36 11.48 35.99
CA VAL D 263 61.04 11.78 35.46
C VAL D 263 61.04 11.63 33.96
N ARG D 264 62.08 12.11 33.30
CA ARG D 264 62.16 12.01 31.85
C ARG D 264 62.35 10.57 31.41
N PHE D 265 63.10 9.78 32.17
CA PHE D 265 63.16 8.35 31.88
C PHE D 265 61.77 7.73 31.85
N ILE D 266 61.00 7.96 32.91
CA ILE D 266 59.67 7.34 33.00
C ILE D 266 58.78 7.84 31.88
N LYS D 267 58.83 9.13 31.59
CA LYS D 267 57.97 9.72 30.59
C LYS D 267 58.23 9.13 29.22
N ALA D 268 59.51 8.99 28.86
CA ALA D 268 59.83 8.41 27.57
C ALA D 268 59.42 6.95 27.48
N PHE D 269 59.72 6.16 28.52
CA PHE D 269 59.33 4.76 28.49
C PHE D 269 57.83 4.62 28.30
N VAL D 270 57.06 5.38 29.07
CA VAL D 270 55.61 5.30 28.98
C VAL D 270 55.13 5.70 27.60
N GLN D 271 55.69 6.76 27.04
CA GLN D 271 55.24 7.22 25.73
C GLN D 271 55.52 6.19 24.66
N ARG D 272 56.59 5.42 24.80
CA ARG D 272 56.89 4.43 23.77
C ARG D 272 56.15 3.12 23.97
N TYR D 273 55.90 2.69 25.21
CA TYR D 273 55.32 1.37 25.46
C TYR D 273 53.99 1.38 26.20
N SER D 274 53.39 2.53 26.47
CA SER D 274 52.13 2.57 27.21
C SER D 274 51.19 3.66 26.68
N SER D 275 51.02 3.74 25.36
CA SER D 275 50.18 4.78 24.79
C SER D 275 49.29 4.25 23.68
N LYS D 276 48.82 3.03 23.80
CA LYS D 276 47.92 2.46 22.82
C LYS D 276 46.92 1.53 23.50
N TYR D 277 45.95 1.08 22.72
CA TYR D 277 44.93 0.16 23.20
C TYR D 277 45.46 -1.25 23.35
N LEU D 278 46.35 -1.67 22.47
CA LEU D 278 46.93 -3.01 22.55
C LEU D 278 47.78 -3.18 23.80
N HIS D 279 48.31 -2.09 24.32
CA HIS D 279 49.20 -2.10 25.49
C HIS D 279 48.35 -2.20 26.75
N SER D 280 48.19 -3.43 27.25
CA SER D 280 47.17 -3.74 28.24
C SER D 280 47.70 -3.89 29.66
N ASN D 281 49.00 -4.02 29.84
CA ASN D 281 49.59 -4.15 31.18
C ASN D 281 50.57 -3.02 31.41
N PRO D 282 50.30 -2.11 32.33
CA PRO D 282 51.25 -1.09 32.68
C PRO D 282 52.40 -1.66 33.50
N PRO D 283 53.53 -0.97 33.51
CA PRO D 283 54.72 -1.49 34.16
C PRO D 283 54.82 -1.15 35.64
N LEU D 284 55.78 -1.81 36.30
CA LEU D 284 56.06 -1.59 37.70
C LEU D 284 57.49 -1.15 37.91
N PHE D 285 57.68 -0.12 38.74
CA PHE D 285 58.97 0.42 39.11
C PHE D 285 59.11 0.34 40.62
N MET D 286 60.13 -0.34 41.09
CA MET D 286 60.38 -0.50 42.52
C MET D 286 61.70 0.14 42.86
N LEU D 287 61.71 0.89 43.95
CA LEU D 287 62.85 1.68 44.38
C LEU D 287 63.29 1.26 45.77
N THR D 288 64.45 0.63 45.85
CA THR D 288 65.00 0.21 47.12
C THR D 288 65.61 1.38 47.87
N GLY D 289 65.65 1.27 49.17
CA GLY D 289 66.27 2.24 50.02
C GLY D 289 65.26 3.03 50.84
N ASP D 290 65.77 4.10 51.44
CA ASP D 290 64.94 5.07 52.15
C ASP D 290 64.75 6.28 51.23
N TYR D 291 63.54 6.42 50.69
CA TYR D 291 63.28 7.40 49.64
C TYR D 291 61.87 7.93 49.82
N ASP D 292 61.60 9.08 49.20
CA ASP D 292 60.33 9.78 49.32
C ASP D 292 59.59 9.72 47.98
N LEU D 293 58.51 8.95 47.94
CA LEU D 293 57.74 8.79 46.72
C LEU D 293 56.79 9.94 46.44
N SER D 294 56.32 10.61 47.49
CA SER D 294 55.27 11.61 47.32
C SER D 294 55.70 12.76 46.41
N VAL D 295 56.93 13.25 46.57
CA VAL D 295 57.39 14.35 45.75
C VAL D 295 57.47 13.95 44.28
N LEU D 296 57.98 12.75 44.02
CA LEU D 296 58.09 12.29 42.66
C LEU D 296 56.71 12.10 42.04
N GLN D 297 55.75 11.69 42.86
CA GLN D 297 54.38 11.55 42.39
C GLN D 297 53.79 12.90 42.01
N LYS D 298 54.02 13.91 42.83
CA LYS D 298 53.55 15.25 42.50
C LYS D 298 54.18 15.75 41.22
N ARG D 299 55.48 15.49 41.04
CA ARG D 299 56.15 15.95 39.83
C ARG D 299 55.60 15.25 38.59
N LEU D 300 55.33 13.95 38.70
CA LEU D 300 54.75 13.24 37.58
C LEU D 300 53.37 13.77 37.27
N TYR D 301 52.59 14.11 38.30
CA TYR D 301 51.28 14.69 38.06
C TYR D 301 51.39 16.01 37.33
N ASP D 302 52.35 16.84 37.73
CA ASP D 302 52.55 18.09 37.03
C ASP D 302 52.93 17.85 35.58
N ALA D 303 53.72 16.80 35.33
CA ALA D 303 54.09 16.47 33.96
C ALA D 303 52.92 15.90 33.17
N GLY D 304 51.89 15.41 33.84
CA GLY D 304 50.70 14.97 33.15
C GLY D 304 50.42 13.49 33.16
N LEU D 305 50.92 12.78 34.17
CA LEU D 305 50.76 11.35 34.24
C LEU D 305 50.20 10.93 35.59
N ARG D 306 49.47 9.82 35.57
CA ARG D 306 48.80 9.26 36.73
C ARG D 306 49.42 7.93 37.12
N CYS D 307 49.36 7.62 38.40
CA CYS D 307 50.07 6.50 38.99
C CYS D 307 49.15 5.71 39.89
N GLU D 308 49.42 4.41 40.01
CA GLU D 308 48.75 3.53 40.96
C GLU D 308 49.73 3.12 42.04
N THR D 309 49.41 3.46 43.28
CA THR D 309 50.28 3.20 44.41
C THR D 309 49.83 2.07 45.32
N GLY D 310 48.54 1.77 45.35
CA GLY D 310 48.04 0.64 46.13
C GLY D 310 47.85 0.92 47.60
N LYS D 311 47.19 2.01 47.92
CA LYS D 311 46.90 2.37 49.30
C LYS D 311 45.50 2.93 49.42
N VAL D 312 44.84 2.61 50.52
CA VAL D 312 43.50 3.09 50.80
C VAL D 312 43.58 3.83 52.13
N GLY D 313 43.90 5.11 52.05
CA GLY D 313 44.06 5.94 53.22
C GLY D 313 45.36 5.69 53.96
N GLY D 314 45.51 4.49 54.47
CA GLY D 314 46.55 4.21 55.43
C GLY D 314 47.92 3.97 54.83
N THR D 315 48.85 3.63 55.72
CA THR D 315 50.23 3.38 55.34
C THR D 315 50.38 2.08 54.56
N ASP D 316 49.58 1.07 54.88
CA ASP D 316 49.79 -0.26 54.33
C ASP D 316 49.48 -0.31 52.84
N VAL D 317 50.04 -1.33 52.19
CA VAL D 317 49.92 -1.54 50.76
C VAL D 317 49.16 -2.82 50.49
N ILE D 318 48.40 -2.82 49.39
CA ILE D 318 47.52 -3.94 49.04
C ILE D 318 47.88 -4.45 47.65
N ILE D 319 48.22 -5.73 47.60
CA ILE D 319 48.70 -6.36 46.38
C ILE D 319 47.59 -6.46 45.36
N LYS D 320 46.38 -6.80 45.83
CA LYS D 320 45.25 -6.99 44.94
C LYS D 320 44.78 -5.69 44.34
N GLU D 321 45.05 -4.58 45.00
CA GLU D 321 44.68 -3.27 44.50
C GLU D 321 45.84 -2.59 43.78
N LEU D 322 47.02 -3.21 43.76
CA LEU D 322 48.10 -2.71 42.93
C LEU D 322 48.35 -3.53 41.68
N PHE D 323 47.89 -4.77 41.64
CA PHE D 323 48.09 -5.60 40.46
C PHE D 323 46.80 -5.84 39.70
N ARG D 324 46.01 -4.80 39.49
CA ARG D 324 44.71 -4.90 38.87
C ARG D 324 44.66 -4.21 37.53
N ARG D 325 43.70 -4.63 36.71
CA ARG D 325 43.52 -4.16 35.35
C ARG D 325 42.87 -2.78 35.32
N PRO D 326 43.25 -1.94 34.36
CA PRO D 326 42.64 -0.62 34.25
C PRO D 326 41.51 -0.52 33.26
N ILE D 327 40.68 0.51 33.45
CA ILE D 327 39.63 0.80 32.48
C ILE D 327 40.25 1.36 31.22
N LEU D 328 39.62 1.05 30.09
CA LEU D 328 40.08 1.55 28.80
C LEU D 328 38.89 1.85 27.91
N ILE D 329 38.88 3.04 27.34
CA ILE D 329 37.87 3.46 26.38
C ILE D 329 38.58 3.67 25.05
N ARG D 330 38.11 2.99 24.02
CA ARG D 330 38.82 2.95 22.75
C ARG D 330 38.65 4.25 21.97
N ASN D 331 37.43 4.74 21.87
CA ASN D 331 37.16 5.96 21.12
C ASN D 331 36.24 6.87 21.91
N PRO D 332 36.69 8.04 22.35
CA PRO D 332 38.07 8.54 22.32
C PRO D 332 38.96 7.87 23.36
N PHE D 333 40.26 7.80 23.08
CA PHE D 333 41.17 7.03 23.91
C PHE D 333 41.31 7.65 25.29
N ARG D 334 41.07 6.84 26.32
CA ARG D 334 41.31 7.23 27.69
C ARG D 334 41.83 6.03 28.45
N MET D 335 42.72 6.29 29.40
CA MET D 335 43.33 5.25 30.20
C MET D 335 43.33 5.69 31.65
N GLU D 336 42.88 4.81 32.53
CA GLU D 336 42.73 5.15 33.93
C GLU D 336 44.06 5.51 34.56
N PHE D 337 45.10 4.74 34.27
CA PHE D 337 46.41 5.06 34.77
C PHE D 337 47.47 4.38 33.91
N SER D 338 48.66 4.97 33.92
CA SER D 338 49.73 4.59 33.00
C SER D 338 50.91 3.89 33.65
N LEU D 339 51.10 4.00 34.96
CA LEU D 339 52.22 3.33 35.59
C LEU D 339 51.90 2.96 37.03
N ARG D 340 52.69 2.04 37.58
CA ARG D 340 52.61 1.67 38.97
C ARG D 340 53.82 2.16 39.74
N LEU D 341 53.65 2.39 41.04
CA LEU D 341 54.75 2.77 41.90
C LEU D 341 54.60 2.16 43.28
N ALA D 342 55.74 2.04 43.95
CA ALA D 342 55.81 1.47 45.28
C ALA D 342 57.25 1.49 45.76
N LYS D 343 57.41 1.22 47.05
CA LYS D 343 58.69 0.90 47.66
C LYS D 343 58.75 -0.59 47.96
N ARG D 344 59.95 -1.15 47.88
CA ARG D 344 60.10 -2.60 47.91
C ARG D 344 59.78 -3.16 49.29
N ASP D 345 60.30 -2.54 50.33
CA ASP D 345 60.13 -3.08 51.68
C ASP D 345 58.65 -3.14 52.06
N GLU D 346 57.87 -2.16 51.64
CA GLU D 346 56.46 -2.13 52.02
C GLU D 346 55.66 -3.24 51.36
N VAL D 347 56.09 -3.69 50.19
CA VAL D 347 55.37 -4.70 49.43
C VAL D 347 55.85 -6.07 49.89
N ILE D 348 55.11 -6.67 50.82
CA ILE D 348 55.41 -7.99 51.34
C ILE D 348 54.36 -8.95 50.81
N GLY D 349 54.79 -9.93 50.03
CA GLY D 349 53.89 -10.87 49.44
C GLY D 349 54.38 -11.28 48.06
N GLY D 350 53.41 -11.59 47.21
CA GLY D 350 53.69 -11.94 45.84
C GLY D 350 52.46 -11.99 44.98
N PRO D 351 52.65 -12.08 43.67
CA PRO D 351 51.53 -12.17 42.74
C PRO D 351 51.16 -13.61 42.39
N GLN D 352 49.94 -13.76 41.87
CA GLN D 352 49.48 -15.07 41.46
C GLN D 352 50.07 -15.47 40.12
N ARG D 353 50.27 -14.51 39.22
CA ARG D 353 50.92 -14.73 37.94
C ARG D 353 52.31 -14.13 37.99
N ARG D 354 53.31 -14.93 37.69
CA ARG D 354 54.67 -14.49 37.89
C ARG D 354 55.18 -13.65 36.73
N PRO D 355 56.08 -12.72 37.00
CA PRO D 355 56.52 -11.79 35.97
C PRO D 355 57.28 -12.48 34.86
N ASP D 356 57.06 -11.98 33.65
CA ASP D 356 57.81 -12.43 32.50
C ASP D 356 59.24 -11.91 32.53
N GLU D 357 59.41 -10.62 32.80
CA GLU D 357 60.71 -9.96 32.74
C GLU D 357 60.94 -9.12 33.98
N LEU D 358 62.10 -9.35 34.61
CA LEU D 358 62.45 -8.70 35.87
C LEU D 358 63.80 -8.01 35.71
N PHE D 359 63.77 -6.77 35.24
CA PHE D 359 64.99 -5.99 35.11
C PHE D 359 65.50 -5.57 36.48
N LEU D 360 66.78 -5.81 36.72
CA LEU D 360 67.45 -5.42 37.95
C LEU D 360 68.62 -4.51 37.64
N ILE D 361 68.57 -3.27 38.12
CA ILE D 361 69.58 -2.25 37.83
C ILE D 361 70.31 -1.96 39.13
N ASN D 362 71.47 -2.58 39.28
CA ASN D 362 72.43 -2.38 40.35
C ASN D 362 72.07 -3.10 41.64
N VAL D 363 71.14 -4.04 41.60
CA VAL D 363 70.80 -4.86 42.75
C VAL D 363 71.18 -6.30 42.43
N ALA D 364 71.77 -6.98 43.41
CA ALA D 364 72.32 -8.30 43.20
C ALA D 364 71.26 -9.39 43.19
N ASP D 365 70.51 -9.54 44.28
CA ASP D 365 69.59 -10.64 44.45
C ASP D 365 68.25 -10.15 44.96
N ASP D 366 67.19 -10.86 44.57
CA ASP D 366 65.84 -10.58 45.01
C ASP D 366 65.14 -11.88 45.33
N GLU D 367 63.97 -11.74 45.94
CA GLU D 367 63.13 -12.86 46.33
C GLU D 367 62.20 -13.34 45.23
N TRP D 368 62.06 -12.60 44.14
CA TRP D 368 61.14 -12.94 43.07
C TRP D 368 61.83 -13.63 41.90
N LYS D 369 63.09 -13.98 42.02
CA LYS D 369 63.79 -14.66 40.95
C LYS D 369 63.45 -16.14 40.95
N HIS D 370 63.34 -16.70 39.76
CA HIS D 370 62.92 -18.09 39.62
C HIS D 370 63.49 -18.66 38.34
N GLU D 371 63.46 -19.99 38.25
CA GLU D 371 63.97 -20.70 37.11
C GLU D 371 63.18 -20.43 35.84
N ASP D 372 61.93 -20.01 35.97
CA ASP D 372 61.04 -19.82 34.82
C ASP D 372 60.76 -18.37 34.50
N VAL D 373 61.53 -17.45 35.07
CA VAL D 373 61.38 -16.02 34.83
C VAL D 373 62.65 -15.51 34.17
N ASN D 374 62.49 -14.60 33.22
CA ASN D 374 63.63 -14.01 32.55
C ASN D 374 64.17 -12.84 33.38
N VAL D 375 65.48 -12.87 33.62
CA VAL D 375 66.15 -12.00 34.55
C VAL D 375 67.31 -11.34 33.83
N HIS D 376 67.34 -10.01 33.85
CA HIS D 376 68.41 -9.23 33.25
C HIS D 376 68.96 -8.28 34.29
N GLY D 377 70.22 -8.46 34.64
CA GLY D 377 70.91 -7.63 35.62
C GLY D 377 71.96 -6.76 34.95
N PHE D 378 71.98 -5.49 35.34
CA PHE D 378 72.89 -4.52 34.75
C PHE D 378 73.61 -3.74 35.83
N LYS D 379 74.68 -3.06 35.44
CA LYS D 379 75.38 -2.08 36.26
C LYS D 379 75.60 -0.83 35.43
N ILE D 380 75.17 0.32 35.97
CA ILE D 380 75.24 1.59 35.26
C ILE D 380 75.75 2.67 36.20
N GLU D 381 76.26 3.74 35.60
CA GLU D 381 76.74 4.89 36.33
C GLU D 381 75.87 6.12 36.15
N ARG D 382 75.14 6.22 35.04
CA ARG D 382 74.18 7.28 34.85
C ARG D 382 73.00 6.76 34.04
N LEU D 383 71.85 7.40 34.23
CA LEU D 383 70.61 6.86 33.71
C LEU D 383 70.59 6.79 32.20
N SER D 384 71.31 7.69 31.53
CA SER D 384 71.16 7.83 30.09
C SER D 384 71.60 6.60 29.31
N ASP D 385 72.46 5.79 29.89
CA ASP D 385 72.92 4.59 29.20
C ASP D 385 71.76 3.61 28.95
N LEU D 386 70.85 3.52 29.91
CA LEU D 386 69.71 2.63 29.75
C LEU D 386 68.81 3.05 28.61
N GLU D 387 68.76 4.35 28.31
CA GLU D 387 68.03 4.81 27.14
C GLU D 387 68.54 4.14 25.87
N TYR D 388 69.84 4.11 25.70
CA TYR D 388 70.42 3.42 24.55
C TYR D 388 70.12 1.94 24.62
N ILE D 389 70.32 1.34 25.78
CA ILE D 389 70.11 -0.10 25.92
C ILE D 389 68.70 -0.47 25.47
N LEU D 390 67.72 0.36 25.79
CA LEU D 390 66.32 0.02 25.59
C LEU D 390 65.66 0.80 24.45
N GLN D 391 66.44 1.49 23.63
CA GLN D 391 65.99 2.02 22.35
C GLN D 391 65.16 3.29 22.46
N LEU D 392 65.25 4.03 23.56
CA LEU D 392 64.54 5.29 23.64
C LEU D 392 65.21 6.38 22.83
N ARG D 393 66.52 6.55 23.01
CA ARG D 393 67.32 7.48 22.23
C ARG D 393 68.47 6.73 21.58
N SER D 394 68.63 6.91 20.27
CA SER D 394 69.65 6.17 19.54
C SER D 394 71.06 6.62 19.91
N ASP D 395 71.29 7.93 19.92
CA ASP D 395 72.63 8.44 20.20
C ASP D 395 73.07 8.06 21.61
N TYR D 396 74.35 7.74 21.75
CA TYR D 396 74.91 7.28 23.01
C TYR D 396 75.38 8.46 23.85
N SER E 8 9.10 -67.93 51.45
CA SER E 8 7.92 -67.61 52.23
C SER E 8 7.93 -66.14 52.65
N ILE E 9 8.24 -65.27 51.69
CA ILE E 9 8.39 -63.85 51.98
C ILE E 9 7.07 -63.25 52.46
N LYS E 10 5.96 -63.62 51.82
CA LYS E 10 4.71 -62.93 52.09
C LYS E 10 4.24 -63.15 53.52
N GLY E 11 4.39 -64.37 54.04
CA GLY E 11 4.00 -64.62 55.41
C GLY E 11 4.85 -63.84 56.40
N TYR E 12 6.13 -63.69 56.10
CA TYR E 12 7.00 -62.91 56.97
C TYR E 12 6.58 -61.45 56.99
N LEU E 13 6.28 -60.87 55.82
CA LEU E 13 5.82 -59.49 55.82
C LEU E 13 4.46 -59.38 56.50
N TYR E 14 3.65 -60.44 56.45
CA TYR E 14 2.39 -60.45 57.18
C TYR E 14 2.64 -60.35 58.68
N GLN E 15 3.56 -61.16 59.19
CA GLN E 15 3.85 -61.12 60.61
C GLN E 15 4.42 -59.76 60.99
N PHE E 16 5.23 -59.18 60.11
CA PHE E 16 5.79 -57.86 60.36
C PHE E 16 4.69 -56.80 60.43
N LEU E 17 3.69 -56.91 59.55
CA LEU E 17 2.63 -55.91 59.56
C LEU E 17 1.75 -56.08 60.80
N LYS E 18 1.50 -57.32 61.22
CA LYS E 18 0.74 -57.51 62.46
C LYS E 18 1.53 -57.01 63.67
N TYR E 19 2.84 -57.21 63.66
CA TYR E 19 3.67 -56.67 64.73
C TYR E 19 3.52 -55.15 64.80
N LEU E 20 3.68 -54.48 63.67
CA LEU E 20 3.52 -53.04 63.65
C LEU E 20 2.11 -52.63 64.03
N SER E 21 1.11 -53.47 63.72
CA SER E 21 -0.24 -53.21 64.18
C SER E 21 -0.34 -53.29 65.70
N GLU E 22 0.34 -54.26 66.31
CA GLU E 22 0.40 -54.32 67.75
C GLU E 22 0.95 -53.01 68.28
N ILE E 23 1.92 -52.46 67.56
CA ILE E 23 2.49 -51.18 67.99
C ILE E 23 1.48 -50.07 67.79
N LEU E 24 0.68 -50.15 66.74
CA LEU E 24 -0.26 -49.08 66.43
C LEU E 24 -1.38 -49.02 67.46
N ALA E 25 -2.02 -50.15 67.75
CA ALA E 25 -3.07 -50.21 68.78
C ALA E 25 -2.41 -50.44 70.14
N ALA E 26 -1.69 -49.44 70.60
CA ALA E 26 -0.90 -49.54 71.81
C ALA E 26 -1.02 -48.25 72.62
N GLY E 27 -0.70 -48.37 73.91
CA GLY E 27 -0.71 -47.25 74.82
C GLY E 27 0.65 -47.06 75.45
N ASP E 28 0.79 -45.95 76.17
CA ASP E 28 2.06 -45.65 76.83
C ASP E 28 2.45 -46.77 77.78
N GLY E 29 3.74 -47.11 77.78
CA GLY E 29 4.27 -48.10 78.71
C GLY E 29 4.32 -49.51 78.18
N ALA E 30 3.89 -49.74 76.94
CA ALA E 30 3.85 -51.07 76.35
C ALA E 30 4.97 -51.19 75.34
N ARG E 31 5.80 -52.22 75.51
CA ARG E 31 6.99 -52.42 74.70
C ARG E 31 7.00 -53.84 74.14
N ILE E 32 7.50 -53.97 72.92
CA ILE E 32 7.55 -55.27 72.25
C ILE E 32 8.93 -55.46 71.65
N THR E 33 9.36 -56.72 71.60
CA THR E 33 10.66 -57.11 71.08
C THR E 33 10.43 -58.11 69.95
N ILE E 34 11.13 -57.91 68.84
CA ILE E 34 10.95 -58.74 67.66
C ILE E 34 11.94 -59.90 67.70
N GLU E 35 11.48 -61.06 67.23
CA GLU E 35 12.26 -62.29 67.23
C GLU E 35 12.84 -62.50 65.83
N GLY E 36 14.15 -62.45 65.73
CA GLY E 36 14.80 -62.62 64.44
C GLY E 36 14.35 -63.87 63.74
N ALA E 37 14.19 -63.80 62.42
CA ALA E 37 13.79 -64.96 61.63
C ALA E 37 14.99 -65.89 61.38
N ILE E 38 14.67 -67.14 61.05
CA ILE E 38 15.69 -68.16 60.87
C ILE E 38 16.21 -68.24 59.44
N GLU E 39 15.65 -67.45 58.52
CA GLU E 39 16.20 -67.36 57.17
C GLU E 39 17.49 -66.57 57.11
N ASP E 40 17.95 -66.02 58.23
CA ASP E 40 19.26 -65.39 58.28
C ASP E 40 20.32 -66.37 57.79
N VAL E 41 21.16 -65.91 56.86
CA VAL E 41 22.16 -66.78 56.26
C VAL E 41 23.13 -67.28 57.31
N ASP E 42 23.63 -66.38 58.16
CA ASP E 42 24.59 -66.76 59.17
C ASP E 42 23.92 -67.53 60.31
N VAL E 43 24.68 -68.43 60.93
CA VAL E 43 24.16 -69.29 61.98
C VAL E 43 24.59 -68.81 63.37
N ILE E 44 25.15 -67.60 63.46
CA ILE E 44 25.60 -67.09 64.74
C ILE E 44 24.43 -67.00 65.71
N ALA E 45 23.30 -66.47 65.26
CA ALA E 45 22.13 -66.24 66.11
C ALA E 45 22.56 -65.54 67.40
N ALA E 46 23.24 -64.41 67.23
CA ALA E 46 23.87 -63.72 68.35
C ALA E 46 22.88 -63.46 69.47
N GLY E 47 23.31 -63.71 70.70
CA GLY E 47 22.47 -63.46 71.85
C GLY E 47 21.39 -64.50 72.00
N LEU E 48 20.24 -64.06 72.54
CA LEU E 48 19.13 -64.97 72.79
C LEU E 48 18.66 -65.60 71.50
N THR E 49 18.30 -66.88 71.58
CA THR E 49 17.79 -67.63 70.43
C THR E 49 16.27 -67.51 70.40
N THR E 50 15.75 -66.73 69.45
CA THR E 50 14.32 -66.45 69.34
C THR E 50 13.85 -66.58 67.89
N ALA E 51 14.29 -67.66 67.23
CA ALA E 51 13.89 -67.90 65.85
C ALA E 51 12.38 -68.04 65.73
N VAL E 52 11.82 -67.38 64.71
CA VAL E 52 10.41 -67.49 64.37
C VAL E 52 10.32 -67.72 62.87
N GLN E 53 9.43 -68.63 62.46
CA GLN E 53 9.19 -68.93 61.07
C GLN E 53 7.71 -68.87 60.77
N CYS E 54 7.36 -68.36 59.58
CA CYS E 54 5.98 -68.06 59.25
C CYS E 54 5.69 -68.41 57.80
N LYS E 55 4.46 -68.87 57.54
CA LYS E 55 3.98 -69.14 56.19
C LYS E 55 2.48 -68.84 56.15
N TYR E 56 1.95 -68.74 54.92
CA TYR E 56 0.62 -68.20 54.67
C TYR E 56 -0.11 -69.03 53.62
N HIS E 57 -1.42 -69.19 53.81
CA HIS E 57 -2.25 -69.91 52.86
C HIS E 57 -3.65 -69.30 52.80
N GLU E 58 -4.32 -69.54 51.67
CA GLU E 58 -5.53 -68.81 51.30
C GLU E 58 -6.41 -69.71 50.44
N GLN E 59 -7.68 -69.31 50.31
CA GLN E 59 -8.59 -69.88 49.32
C GLN E 59 -9.04 -71.28 49.70
N ALA E 60 -9.38 -71.49 50.96
CA ALA E 60 -10.08 -72.70 51.39
C ALA E 60 -11.32 -72.27 52.16
N GLU E 61 -12.50 -72.45 51.57
CA GLU E 61 -13.71 -72.14 52.30
C GLU E 61 -13.90 -73.07 53.49
N LYS E 62 -13.40 -74.30 53.38
CA LYS E 62 -13.55 -75.31 54.42
C LYS E 62 -12.21 -75.51 55.13
N TYR E 63 -12.22 -75.44 56.45
CA TYR E 63 -11.04 -75.76 57.23
C TYR E 63 -10.89 -77.27 57.31
N THR E 64 -9.87 -77.80 56.65
CA THR E 64 -9.62 -79.23 56.59
C THR E 64 -8.18 -79.47 57.02
N LEU E 65 -7.98 -80.60 57.69
CA LEU E 65 -6.62 -80.98 58.06
C LEU E 65 -5.77 -81.31 56.84
N GLY E 66 -6.40 -81.70 55.74
CA GLY E 66 -5.65 -82.07 54.55
C GLY E 66 -4.78 -80.95 54.00
N LYS E 67 -5.35 -79.77 53.79
CA LYS E 67 -4.59 -78.70 53.14
C LYS E 67 -3.42 -78.26 54.01
N ILE E 68 -3.65 -78.19 55.33
CA ILE E 68 -2.57 -77.76 56.21
C ILE E 68 -1.46 -78.81 56.25
N TYR E 69 -1.71 -79.99 55.68
CA TYR E 69 -0.64 -80.98 55.60
C TYR E 69 0.55 -80.38 54.89
N LYS E 70 0.32 -79.82 53.71
CA LYS E 70 1.42 -79.40 52.85
C LYS E 70 2.47 -78.54 53.53
N PRO E 71 2.12 -77.46 54.23
CA PRO E 71 3.17 -76.69 54.92
C PRO E 71 3.86 -77.47 56.04
N ILE E 72 3.09 -78.09 56.92
CA ILE E 72 3.69 -78.84 58.03
C ILE E 72 4.67 -79.87 57.51
N LEU E 73 4.28 -80.62 56.49
CA LEU E 73 5.15 -81.65 55.96
C LEU E 73 6.55 -81.12 55.70
N LEU E 74 6.66 -79.86 55.26
CA LEU E 74 7.94 -79.31 54.89
C LEU E 74 8.75 -78.86 56.09
N MET E 75 8.07 -78.36 57.13
CA MET E 75 8.77 -77.70 58.24
C MET E 75 9.67 -78.66 59.00
N LEU E 76 9.18 -79.86 59.28
CA LEU E 76 9.85 -80.80 60.18
C LEU E 76 11.35 -80.87 59.88
N GLU E 77 11.70 -80.74 58.60
CA GLU E 77 13.09 -80.96 58.19
C GLU E 77 14.03 -80.05 58.97
N HIS E 78 13.69 -78.77 59.08
CA HIS E 78 14.59 -77.86 59.80
C HIS E 78 14.68 -78.24 61.26
N PHE E 79 13.57 -78.72 61.84
CA PHE E 79 13.61 -79.25 63.19
C PHE E 79 14.61 -80.40 63.26
N SER E 80 14.59 -81.26 62.24
CA SER E 80 15.46 -82.42 62.20
C SER E 80 16.90 -82.05 61.89
N LYS E 81 17.12 -81.30 60.81
CA LYS E 81 18.47 -81.04 60.34
C LYS E 81 19.35 -80.51 61.45
N ASN E 82 18.88 -79.49 62.16
CA ASN E 82 19.65 -78.83 63.21
C ASN E 82 19.06 -79.24 64.55
N SER E 83 19.60 -80.33 65.11
CA SER E 83 19.23 -80.77 66.44
C SER E 83 20.12 -80.17 67.52
N GLY E 84 21.17 -79.47 67.13
CA GLY E 84 22.11 -78.89 68.08
C GLY E 84 21.49 -77.78 68.90
N HIS E 88 15.32 -72.84 69.38
CA HIS E 88 14.05 -72.29 69.81
C HIS E 88 13.30 -71.87 68.55
N VAL E 89 13.08 -72.83 67.66
CA VAL E 89 12.48 -72.56 66.35
C VAL E 89 10.97 -72.73 66.50
N SER E 90 10.28 -71.62 66.76
CA SER E 90 8.86 -71.66 67.03
C SER E 90 8.11 -71.54 65.70
N TYR E 91 7.52 -72.63 65.27
CA TYR E 91 6.74 -72.65 64.05
C TYR E 91 5.36 -72.03 64.25
N ARG E 92 4.89 -71.34 63.21
CA ARG E 92 3.59 -70.68 63.24
C ARG E 92 3.01 -70.68 61.83
N LEU E 93 1.70 -70.50 61.74
CA LEU E 93 1.03 -70.45 60.44
C LEU E 93 -0.07 -69.41 60.48
N PHE E 94 -0.22 -68.67 59.39
CA PHE E 94 -1.24 -67.66 59.23
C PHE E 94 -2.13 -68.04 58.06
N CYS E 95 -3.44 -67.88 58.24
CA CYS E 95 -4.41 -68.35 57.24
C CYS E 95 -5.54 -67.35 57.10
N HIS E 96 -6.16 -67.37 55.92
CA HIS E 96 -7.33 -66.56 55.58
C HIS E 96 -8.38 -67.50 55.02
N PHE E 97 -9.20 -68.07 55.91
CA PHE E 97 -10.30 -68.91 55.49
C PHE E 97 -11.58 -68.42 56.14
N PRO E 98 -12.70 -68.43 55.41
CA PRO E 98 -13.90 -67.75 55.90
C PRO E 98 -14.62 -68.56 56.97
N GLY E 99 -15.01 -67.88 58.05
CA GLY E 99 -15.83 -68.47 59.09
C GLY E 99 -15.07 -69.07 60.26
N GLU E 100 -13.74 -69.17 60.18
CA GLU E 100 -12.92 -69.72 61.25
C GLU E 100 -12.08 -68.60 61.86
N SER E 101 -12.45 -68.16 63.05
CA SER E 101 -11.77 -67.05 63.71
C SER E 101 -11.12 -67.45 65.04
N GLY E 102 -11.10 -68.74 65.37
CA GLY E 102 -10.52 -69.18 66.62
C GLY E 102 -9.35 -70.12 66.49
N THR E 103 -8.19 -69.70 66.99
CA THR E 103 -7.02 -70.57 67.04
C THR E 103 -7.16 -71.56 68.18
N LYS E 104 -6.70 -72.78 67.95
CA LYS E 104 -6.79 -73.85 68.95
C LYS E 104 -5.48 -74.63 68.95
N ALA E 105 -5.22 -75.33 70.05
CA ALA E 105 -3.99 -76.08 70.25
C ALA E 105 -4.22 -77.53 69.85
N LEU E 106 -3.41 -78.04 68.93
CA LEU E 106 -3.48 -79.44 68.52
C LEU E 106 -2.88 -80.33 69.60
N THR E 107 -3.36 -81.58 69.64
CA THR E 107 -2.89 -82.58 70.59
C THR E 107 -2.23 -83.75 69.88
N LYS E 108 -1.50 -84.54 70.66
CA LYS E 108 -0.66 -85.59 70.09
C LYS E 108 -1.47 -86.60 69.30
N ASP E 109 -2.67 -86.95 69.77
CA ASP E 109 -3.50 -87.87 69.02
C ASP E 109 -3.71 -87.37 67.61
N ASP E 110 -3.99 -86.08 67.46
CA ASP E 110 -4.14 -85.49 66.15
C ASP E 110 -2.80 -85.45 65.41
N LEU E 111 -1.70 -85.25 66.13
CA LEU E 111 -0.40 -85.24 65.47
C LEU E 111 -0.14 -86.57 64.77
N GLU E 112 -0.52 -87.67 65.42
CA GLU E 112 -0.38 -88.97 64.76
C GLU E 112 -1.48 -89.18 63.74
N THR E 113 -2.65 -88.58 63.96
CA THR E 113 -3.65 -88.50 62.92
C THR E 113 -3.01 -87.89 61.68
N VAL E 114 -3.42 -88.36 60.51
CA VAL E 114 -2.47 -88.84 59.51
C VAL E 114 -1.22 -87.97 59.58
N LEU E 115 -0.11 -88.62 59.86
CA LEU E 115 1.21 -88.01 59.94
C LEU E 115 2.10 -88.39 58.77
N SER E 116 2.00 -89.63 58.32
CA SER E 116 2.83 -90.15 57.26
C SER E 116 2.09 -90.05 55.94
N THR E 117 2.86 -89.83 54.88
CA THR E 117 2.30 -89.63 53.55
C THR E 117 2.76 -90.76 52.64
N LYS E 118 1.79 -91.54 52.18
CA LYS E 118 2.01 -92.63 51.24
C LYS E 118 2.42 -92.11 49.86
N GLY E 119 2.13 -90.85 49.57
CA GLY E 119 2.33 -90.32 48.23
C GLY E 119 3.80 -90.37 47.81
N GLU E 120 4.02 -90.59 46.51
CA GLU E 120 5.38 -90.59 45.99
C GLU E 120 5.99 -89.19 46.06
N VAL E 121 5.29 -88.20 45.52
CA VAL E 121 5.76 -86.83 45.62
C VAL E 121 5.82 -86.39 47.08
N LEU E 122 4.95 -86.97 47.91
CA LEU E 122 4.94 -86.63 49.33
C LEU E 122 6.00 -87.43 50.11
N ARG E 123 6.21 -88.70 49.76
CA ARG E 123 7.30 -89.41 50.41
C ARG E 123 8.64 -88.80 50.03
N ALA E 124 8.69 -88.04 48.92
CA ALA E 124 9.88 -87.20 48.69
C ALA E 124 10.11 -86.28 49.87
N ILE E 125 9.04 -85.70 50.44
CA ILE E 125 9.18 -84.87 51.63
C ILE E 125 9.55 -85.74 52.83
N VAL E 126 8.94 -86.93 52.92
CA VAL E 126 9.19 -87.82 54.05
C VAL E 126 10.65 -88.25 54.08
N ALA E 127 11.29 -88.36 52.92
CA ALA E 127 12.67 -88.86 52.88
C ALA E 127 13.58 -88.00 53.74
N ARG E 128 13.52 -86.69 53.56
CA ARG E 128 14.38 -85.77 54.31
C ARG E 128 14.15 -85.86 55.81
N ILE E 129 13.08 -86.51 56.26
CA ILE E 129 12.84 -86.66 57.69
C ILE E 129 13.94 -87.52 58.29
N ASP E 130 14.45 -87.08 59.44
CA ASP E 130 15.31 -87.91 60.27
C ASP E 130 14.47 -88.64 61.31
N THR E 131 14.85 -89.88 61.59
CA THR E 131 13.98 -90.77 62.35
C THR E 131 13.91 -90.39 63.82
N SER E 132 14.94 -89.70 64.33
CA SER E 132 14.94 -89.31 65.74
C SER E 132 13.94 -88.19 65.96
N VAL E 133 12.65 -88.53 65.88
CA VAL E 133 11.56 -87.56 65.82
C VAL E 133 10.97 -87.38 67.21
N ASP E 134 11.17 -86.18 67.77
CA ASP E 134 10.58 -85.79 69.04
C ASP E 134 9.20 -85.24 68.76
N TYR E 135 8.20 -86.13 68.79
CA TYR E 135 6.85 -85.74 68.42
C TYR E 135 6.22 -84.80 69.45
N GLU E 136 6.38 -85.12 70.73
CA GLU E 136 5.67 -84.37 71.76
C GLU E 136 6.04 -82.90 71.72
N ALA E 137 7.30 -82.60 71.41
CA ALA E 137 7.74 -81.20 71.39
C ALA E 137 7.03 -80.41 70.30
N PHE E 138 6.69 -81.05 69.18
CA PHE E 138 6.15 -80.34 68.05
C PHE E 138 4.83 -79.64 68.40
N LEU E 139 3.99 -80.30 69.19
CA LEU E 139 2.67 -79.75 69.50
C LEU E 139 2.79 -78.42 70.23
N ASP E 140 3.60 -78.38 71.30
CA ASP E 140 3.81 -77.14 72.00
C ASP E 140 4.56 -76.14 71.12
N ARG E 141 5.48 -76.63 70.30
CA ARG E 141 6.27 -75.74 69.45
C ARG E 141 5.39 -75.04 68.42
N PHE E 142 4.47 -75.76 67.79
CA PHE E 142 3.70 -75.21 66.68
C PHE E 142 2.48 -74.46 67.18
N ALA E 143 2.18 -73.36 66.51
CA ALA E 143 0.98 -72.58 66.77
C ALA E 143 0.31 -72.22 65.45
N ILE E 144 -1.00 -71.93 65.52
CA ILE E 144 -1.81 -71.62 64.35
C ILE E 144 -2.48 -70.27 64.59
N GLU E 145 -2.53 -69.45 63.54
CA GLU E 145 -3.16 -68.14 63.60
C GLU E 145 -4.32 -68.08 62.62
N PHE E 146 -5.48 -67.66 63.11
CA PHE E 146 -6.65 -67.40 62.27
C PHE E 146 -6.86 -65.89 62.19
N GLY E 147 -6.83 -65.35 60.97
CA GLY E 147 -7.00 -63.94 60.76
C GLY E 147 -7.48 -63.61 59.37
N PRO E 148 -7.76 -62.34 59.12
CA PRO E 148 -8.21 -61.91 57.79
C PRO E 148 -7.05 -61.86 56.80
N SER E 149 -7.40 -61.64 55.54
CA SER E 149 -6.41 -61.57 54.48
C SER E 149 -5.46 -60.41 54.72
N ALA E 150 -4.27 -60.52 54.12
CA ALA E 150 -3.32 -59.41 54.15
C ALA E 150 -3.92 -58.14 53.58
N GLU E 151 -4.79 -58.28 52.58
CA GLU E 151 -5.34 -57.10 51.92
C GLU E 151 -6.18 -56.28 52.90
N ASP E 152 -7.13 -56.92 53.56
CA ASP E 152 -8.00 -56.21 54.50
C ASP E 152 -7.21 -55.61 55.65
N LEU E 153 -6.22 -56.34 56.16
CA LEU E 153 -5.48 -55.83 57.30
C LEU E 153 -4.59 -54.66 56.91
N GLN E 154 -4.02 -54.72 55.70
CA GLN E 154 -3.32 -53.56 55.16
C GLN E 154 -4.25 -52.39 54.99
N VAL E 155 -5.48 -52.64 54.54
CA VAL E 155 -6.45 -51.57 54.37
C VAL E 155 -6.71 -50.89 55.70
N ALA E 156 -6.92 -51.68 56.75
CA ALA E 156 -7.16 -51.10 58.06
C ALA E 156 -5.93 -50.39 58.58
N VAL E 157 -4.73 -50.90 58.27
CA VAL E 157 -3.50 -50.24 58.70
C VAL E 157 -3.40 -48.85 58.08
N LEU E 158 -3.53 -48.77 56.76
CA LEU E 158 -3.45 -47.48 56.10
C LEU E 158 -4.59 -46.56 56.53
N ALA E 159 -5.76 -47.13 56.82
CA ALA E 159 -6.87 -46.31 57.30
C ALA E 159 -6.53 -45.68 58.63
N SER E 160 -5.93 -46.46 59.52
CA SER E 160 -5.69 -46.00 60.88
C SER E 160 -4.48 -45.07 60.97
N LEU E 161 -3.48 -45.28 60.11
CA LEU E 161 -2.26 -44.48 60.22
C LEU E 161 -2.59 -42.99 60.26
N LYS E 162 -3.60 -42.57 59.51
CA LYS E 162 -3.93 -41.14 59.45
C LYS E 162 -4.54 -40.65 60.75
N ASP E 163 -5.16 -41.54 61.53
CA ASP E 163 -5.78 -41.09 62.76
C ASP E 163 -4.78 -40.43 63.69
N LYS E 164 -3.54 -40.91 63.69
CA LYS E 164 -2.49 -40.26 64.45
C LYS E 164 -2.33 -38.79 64.09
N GLY E 165 -2.54 -38.46 62.83
CA GLY E 165 -2.29 -37.11 62.36
C GLY E 165 -1.13 -37.03 61.39
N PHE E 166 -1.43 -36.88 60.11
CA PHE E 166 -0.41 -36.87 59.07
C PHE E 166 -0.99 -36.21 57.83
N ASP E 167 -0.11 -35.88 56.90
CA ASP E 167 -0.54 -35.47 55.57
C ASP E 167 -1.16 -36.65 54.85
N PRO E 168 -2.38 -36.52 54.32
CA PRO E 168 -3.05 -37.70 53.76
C PRO E 168 -2.29 -38.35 52.61
N ASP E 169 -1.89 -37.57 51.60
CA ASP E 169 -1.23 -38.16 50.44
C ASP E 169 0.13 -38.75 50.81
N ASP E 170 0.88 -38.06 51.67
CA ASP E 170 2.22 -38.49 52.02
C ASP E 170 2.24 -39.86 52.71
N ILE E 171 1.07 -40.33 53.15
CA ILE E 171 1.01 -41.61 53.87
C ILE E 171 1.62 -42.72 53.03
N ASP E 172 1.16 -42.86 51.79
CA ASP E 172 1.47 -44.06 51.00
C ASP E 172 2.94 -44.10 50.57
N ALA E 173 3.55 -42.94 50.31
CA ALA E 173 4.80 -42.90 49.55
C ALA E 173 6.05 -42.92 50.42
N VAL E 174 6.01 -42.32 51.61
CA VAL E 174 7.23 -42.02 52.35
C VAL E 174 7.27 -42.60 53.76
N ILE E 175 6.16 -43.08 54.30
CA ILE E 175 6.16 -43.57 55.67
C ILE E 175 5.84 -45.06 55.72
N PHE E 176 4.71 -45.47 55.16
CA PHE E 176 4.37 -46.88 55.21
C PHE E 176 5.42 -47.74 54.51
N PRO E 177 5.99 -47.35 53.37
CA PRO E 177 7.14 -48.09 52.85
C PRO E 177 8.35 -48.02 53.76
N ASN E 178 8.46 -46.95 54.55
CA ASN E 178 9.63 -46.72 55.38
C ASN E 178 9.57 -47.50 56.69
N ALA E 179 8.41 -47.52 57.33
CA ALA E 179 8.31 -48.05 58.69
C ALA E 179 8.64 -49.54 58.71
N ILE E 180 8.06 -50.30 57.79
CA ILE E 180 8.29 -51.74 57.82
C ILE E 180 9.71 -52.06 57.38
N GLN E 181 10.33 -51.18 56.61
CA GLN E 181 11.75 -51.34 56.32
C GLN E 181 12.56 -51.20 57.59
N ARG E 182 12.26 -50.16 58.38
CA ARG E 182 12.93 -49.99 59.66
C ARG E 182 12.72 -51.20 60.55
N ILE E 183 11.51 -51.75 60.54
CA ILE E 183 11.18 -52.91 61.37
C ILE E 183 11.97 -54.14 60.93
N VAL E 184 11.98 -54.40 59.63
CA VAL E 184 12.73 -55.54 59.11
C VAL E 184 14.22 -55.35 59.32
N ASP E 185 14.66 -54.12 59.54
CA ASP E 185 16.08 -53.88 59.79
C ASP E 185 16.59 -54.77 60.91
N LEU E 186 15.87 -54.79 62.04
CA LEU E 186 16.34 -55.52 63.20
C LEU E 186 16.06 -57.01 63.10
N ALA E 187 14.96 -57.39 62.48
CA ALA E 187 14.59 -58.80 62.38
C ALA E 187 15.73 -59.64 61.82
N THR E 188 16.43 -59.13 60.81
CA THR E 188 17.49 -59.87 60.12
C THR E 188 18.86 -59.21 60.28
N ARG E 189 19.01 -58.33 61.26
CA ARG E 189 20.26 -57.60 61.40
C ARG E 189 21.41 -58.58 61.69
N SER E 190 22.47 -58.47 60.88
CA SER E 190 23.64 -59.34 61.06
C SER E 190 24.37 -58.99 62.35
N ASP E 191 24.58 -57.71 62.60
CA ASP E 191 25.32 -57.26 63.77
C ASP E 191 24.41 -57.12 64.98
N VAL E 192 25.03 -57.09 66.16
CA VAL E 192 24.29 -57.12 67.40
C VAL E 192 23.53 -55.81 67.60
N ASN E 193 22.39 -55.91 68.30
CA ASN E 193 21.74 -54.77 68.92
C ASN E 193 20.54 -55.23 69.73
N ASP E 194 19.84 -54.30 70.37
CA ASP E 194 18.65 -54.63 71.14
C ASP E 194 17.45 -54.71 70.22
N ARG E 195 16.71 -55.81 70.31
CA ARG E 195 15.49 -55.99 69.53
C ARG E 195 14.31 -55.26 70.14
N THR E 196 14.52 -54.50 71.21
CA THR E 196 13.44 -53.79 71.85
C THR E 196 12.91 -52.70 70.94
N VAL E 197 11.60 -52.53 70.96
CA VAL E 197 10.93 -51.53 70.14
C VAL E 197 9.83 -50.90 70.97
N GLU E 198 9.70 -49.58 70.87
CA GLU E 198 8.74 -48.84 71.65
C GLU E 198 7.87 -48.01 70.71
N PRO E 199 6.55 -47.97 70.94
CA PRO E 199 5.72 -47.11 70.09
C PRO E 199 6.01 -45.64 70.26
N LYS E 200 6.49 -45.23 71.43
CA LYS E 200 6.73 -43.81 71.69
C LYS E 200 7.77 -43.24 70.72
N THR E 201 8.86 -43.97 70.51
CA THR E 201 9.99 -43.38 69.79
C THR E 201 9.79 -43.38 68.28
N PHE E 202 8.98 -44.31 67.75
CA PHE E 202 8.74 -44.33 66.31
C PHE E 202 8.25 -42.97 65.82
N LEU E 203 7.23 -42.41 66.48
CA LEU E 203 6.62 -41.19 65.97
C LEU E 203 7.65 -40.07 65.88
N ALA E 204 8.61 -40.04 66.80
CA ALA E 204 9.62 -38.99 66.76
C ALA E 204 10.46 -39.08 65.49
N GLY E 205 10.82 -40.29 65.08
CA GLY E 205 11.76 -40.46 63.99
C GLY E 205 11.16 -40.25 62.62
N LEU E 206 9.98 -40.83 62.36
CA LEU E 206 9.44 -40.80 61.01
C LEU E 206 9.04 -39.39 60.59
N ARG E 207 8.56 -38.55 61.51
CA ARG E 207 8.22 -37.18 61.14
C ARG E 207 9.42 -36.48 60.51
N GLU E 208 10.61 -36.60 61.12
CA GLU E 208 11.81 -35.95 60.59
C GLU E 208 12.44 -36.70 59.43
N VAL E 209 12.35 -38.04 59.40
CA VAL E 209 12.98 -38.75 58.30
C VAL E 209 12.30 -38.34 57.01
N ARG E 210 13.08 -38.21 55.93
CA ARG E 210 12.54 -37.64 54.71
C ARG E 210 13.07 -38.31 53.44
N ARG E 211 13.57 -39.53 53.51
CA ARG E 211 14.16 -40.18 52.35
C ARG E 211 13.41 -41.45 52.01
N VAL E 212 13.03 -41.57 50.74
CA VAL E 212 12.30 -42.72 50.23
C VAL E 212 13.17 -43.96 50.21
N THR E 213 12.52 -45.12 50.10
CA THR E 213 13.20 -46.41 50.14
C THR E 213 12.68 -47.30 49.02
N PHE E 214 13.60 -47.89 48.26
CA PHE E 214 13.29 -48.93 47.28
C PHE E 214 14.06 -50.17 47.70
N THR E 215 13.36 -51.26 47.99
CA THR E 215 14.01 -52.47 48.43
C THR E 215 13.16 -53.68 48.08
N ARG E 216 13.72 -54.86 48.34
CA ARG E 216 13.07 -56.11 47.96
C ARG E 216 11.84 -56.37 48.83
N TRP E 217 11.86 -55.89 50.07
CA TRP E 217 10.73 -56.11 50.97
C TRP E 217 9.59 -55.13 50.67
N THR E 218 9.93 -53.86 50.41
CA THR E 218 8.92 -52.88 50.08
C THR E 218 8.22 -53.20 48.75
N ARG E 219 8.96 -53.78 47.81
CA ARG E 219 8.35 -54.15 46.53
C ARG E 219 7.18 -55.10 46.72
N GLU E 220 7.35 -56.12 47.56
CA GLU E 220 6.24 -57.06 47.80
C GLU E 220 5.06 -56.36 48.44
N LEU E 221 5.30 -55.32 49.23
CA LEU E 221 4.20 -54.58 49.83
C LEU E 221 3.24 -54.07 48.77
N ALA E 222 1.95 -54.17 49.05
CA ALA E 222 0.93 -53.90 48.05
C ALA E 222 0.97 -52.46 47.56
N THR E 223 1.40 -51.53 48.41
CA THR E 223 1.34 -50.12 48.06
C THR E 223 2.19 -49.77 46.84
N LYS E 224 3.25 -50.54 46.57
CA LYS E 224 4.12 -50.22 45.45
C LYS E 224 3.33 -50.23 44.14
N GLY E 225 3.62 -49.27 43.28
CA GLY E 225 2.82 -48.97 42.12
C GLY E 225 2.32 -47.55 42.09
N ARG E 226 2.17 -46.93 43.26
CA ARG E 226 1.91 -45.50 43.34
C ARG E 226 3.06 -44.69 43.91
N MET E 227 3.90 -45.29 44.76
CA MET E 227 5.13 -44.62 45.19
C MET E 227 6.00 -44.30 43.99
N PHE E 228 6.16 -45.26 43.07
CA PHE E 228 6.91 -45.04 41.86
C PHE E 228 6.40 -43.82 41.11
N SER E 229 5.09 -43.75 40.91
CA SER E 229 4.52 -42.72 40.07
C SER E 229 4.59 -41.35 40.73
N SER E 230 4.41 -41.30 42.03
CA SER E 230 4.54 -40.03 42.74
C SER E 230 5.97 -39.50 42.63
N LEU E 231 6.95 -40.39 42.86
CA LEU E 231 8.33 -39.95 42.72
C LEU E 231 8.63 -39.49 41.31
N ARG E 232 8.02 -40.13 40.32
CA ARG E 232 8.21 -39.70 38.95
C ARG E 232 7.64 -38.32 38.70
N LYS E 233 6.43 -38.07 39.18
CA LYS E 233 5.77 -36.79 38.96
C LYS E 233 6.47 -35.66 39.69
N SER E 234 7.11 -35.96 40.82
CA SER E 234 7.76 -34.90 41.58
C SER E 234 8.87 -34.25 40.78
N LEU E 235 9.64 -35.04 40.04
CA LEU E 235 10.88 -34.59 39.45
C LEU E 235 10.72 -34.08 38.03
N ARG E 236 9.49 -33.97 37.54
CA ARG E 236 9.28 -33.55 36.17
C ARG E 236 9.72 -32.11 35.95
N SER E 237 9.47 -31.23 36.92
CA SER E 237 9.87 -29.84 36.79
C SER E 237 11.36 -29.64 36.94
N CYS E 238 12.04 -30.54 37.65
CA CYS E 238 13.48 -30.42 37.79
C CYS E 238 14.19 -30.72 36.48
N LEU E 239 13.70 -31.71 35.75
CA LEU E 239 14.40 -32.25 34.60
C LEU E 239 13.97 -31.63 33.28
N ALA E 240 13.00 -30.72 33.28
CA ALA E 240 12.57 -30.12 32.04
C ALA E 240 13.60 -29.13 31.51
N HIS E 241 14.29 -28.44 32.40
CA HIS E 241 15.23 -27.41 32.02
C HIS E 241 16.39 -28.00 31.23
N ASN E 242 17.08 -27.11 30.53
CA ASN E 242 18.25 -27.45 29.73
C ASN E 242 19.55 -27.22 30.47
N SER E 243 19.72 -26.05 31.07
CA SER E 243 20.94 -25.65 31.73
C SER E 243 20.73 -25.65 33.23
N ARG E 244 21.32 -26.63 33.90
CA ARG E 244 21.27 -26.72 35.35
C ARG E 244 22.49 -27.49 35.85
N TRP E 245 22.89 -27.17 37.07
CA TRP E 245 24.02 -27.80 37.73
C TRP E 245 23.47 -28.91 38.61
N ARG E 246 23.71 -30.15 38.20
CA ARG E 246 23.22 -31.33 38.88
C ARG E 246 24.38 -32.17 39.36
N VAL E 247 24.27 -32.70 40.57
CA VAL E 247 25.34 -33.48 41.19
C VAL E 247 24.80 -34.81 41.67
N PHE E 248 25.64 -35.84 41.62
CA PHE E 248 25.34 -37.17 42.10
C PHE E 248 26.38 -37.67 43.09
N VAL E 249 25.93 -38.47 44.06
CA VAL E 249 26.82 -39.25 44.93
C VAL E 249 26.24 -40.64 45.07
N ILE E 250 27.09 -41.66 44.92
CA ILE E 250 26.67 -43.06 44.95
C ILE E 250 27.56 -43.86 45.88
N ASN E 251 26.98 -44.90 46.48
CA ASN E 251 27.72 -45.87 47.31
C ASN E 251 27.47 -47.27 46.79
N PRO E 252 28.47 -47.93 46.21
CA PRO E 252 28.20 -49.15 45.47
C PRO E 252 28.24 -50.46 46.25
N LEU E 253 28.19 -50.39 47.58
CA LEU E 253 28.29 -51.61 48.38
C LEU E 253 27.07 -52.51 48.18
N THR E 254 25.87 -51.96 48.32
CA THR E 254 24.65 -52.75 48.40
C THR E 254 23.91 -52.88 47.08
N ILE E 255 24.48 -52.42 46.01
CA ILE E 255 23.86 -52.55 44.70
C ILE E 255 24.26 -53.87 44.08
N GLU E 256 23.39 -54.38 43.22
CA GLU E 256 23.56 -55.69 42.61
C GLU E 256 23.94 -55.56 41.15
N ASN E 257 24.98 -56.30 40.75
CA ASN E 257 25.43 -56.32 39.37
C ASN E 257 25.94 -54.95 38.94
N PHE E 258 26.66 -54.29 39.84
CA PHE E 258 27.08 -52.91 39.61
C PHE E 258 28.08 -52.79 38.49
N ASP E 259 28.92 -53.81 38.29
CA ASP E 259 30.01 -53.68 37.35
C ASP E 259 29.52 -53.49 35.93
N ASP E 260 28.37 -54.08 35.60
CA ASP E 260 27.88 -54.12 34.24
C ASP E 260 26.67 -53.23 33.99
N ASP E 261 26.08 -52.64 35.01
CA ASP E 261 24.93 -51.78 34.81
C ASP E 261 25.26 -50.32 34.99
N ILE E 262 26.49 -50.01 35.36
CA ILE E 262 26.90 -48.63 35.60
C ILE E 262 27.08 -47.87 34.30
N VAL E 263 27.53 -48.54 33.25
CA VAL E 263 27.78 -47.86 31.99
C VAL E 263 26.48 -47.55 31.27
N ARG E 264 25.60 -48.54 31.19
CA ARG E 264 24.32 -48.36 30.54
C ARG E 264 23.59 -47.14 31.08
N PHE E 265 23.65 -46.96 32.41
CA PHE E 265 22.99 -45.83 33.05
C PHE E 265 23.59 -44.51 32.60
N ILE E 266 24.91 -44.39 32.62
CA ILE E 266 25.54 -43.12 32.26
C ILE E 266 25.29 -42.80 30.80
N LYS E 267 25.39 -43.80 29.94
CA LYS E 267 25.18 -43.58 28.52
C LYS E 267 23.75 -43.13 28.26
N ALA E 268 22.78 -43.76 28.90
CA ALA E 268 21.39 -43.37 28.72
C ALA E 268 21.11 -41.98 29.25
N PHE E 269 21.78 -41.59 30.34
CA PHE E 269 21.57 -40.26 30.90
C PHE E 269 22.18 -39.18 30.02
N VAL E 270 23.41 -39.39 29.57
CA VAL E 270 24.08 -38.40 28.74
C VAL E 270 23.36 -38.22 27.42
N GLN E 271 22.86 -39.31 26.84
CA GLN E 271 22.18 -39.17 25.56
C GLN E 271 20.99 -38.23 25.66
N ARG E 272 20.29 -38.23 26.79
CA ARG E 272 19.09 -37.41 26.92
C ARG E 272 19.40 -36.00 27.42
N TYR E 273 20.32 -35.86 28.38
CA TYR E 273 20.53 -34.57 29.03
C TYR E 273 21.89 -33.93 28.81
N SER E 274 22.76 -34.48 27.99
CA SER E 274 24.03 -33.80 27.68
C SER E 274 24.42 -34.02 26.23
N SER E 275 23.51 -33.77 25.29
CA SER E 275 23.80 -34.04 23.89
C SER E 275 23.40 -32.92 22.93
N LYS E 276 23.44 -31.66 23.35
CA LYS E 276 23.17 -30.60 22.39
C LYS E 276 23.70 -29.27 22.89
N TYR E 277 23.55 -28.26 22.03
CA TYR E 277 24.20 -26.97 22.18
C TYR E 277 23.70 -26.22 23.40
N LEU E 278 22.39 -26.23 23.64
CA LEU E 278 21.84 -25.50 24.77
C LEU E 278 22.23 -26.12 26.11
N HIS E 279 22.64 -27.39 26.09
CA HIS E 279 23.09 -28.09 27.28
C HIS E 279 24.52 -27.68 27.56
N SER E 280 24.70 -26.77 28.50
CA SER E 280 25.97 -26.10 28.73
C SER E 280 26.53 -26.32 30.12
N ASN E 281 26.20 -27.43 30.78
CA ASN E 281 26.74 -27.71 32.11
C ASN E 281 26.73 -29.20 32.35
N PRO E 282 27.81 -29.89 31.97
CA PRO E 282 27.83 -31.33 32.09
C PRO E 282 27.69 -31.78 33.52
N PRO E 283 27.05 -32.91 33.76
CA PRO E 283 26.84 -33.39 35.12
C PRO E 283 28.12 -33.91 35.77
N LEU E 284 28.02 -34.17 37.06
CA LEU E 284 29.13 -34.65 37.87
C LEU E 284 28.75 -35.88 38.67
N PHE E 285 29.64 -36.85 38.69
CA PHE E 285 29.43 -38.13 39.35
C PHE E 285 30.53 -38.35 40.37
N MET E 286 30.13 -38.77 41.57
CA MET E 286 31.05 -39.05 42.65
C MET E 286 30.77 -40.42 43.24
N LEU E 287 31.83 -41.18 43.48
CA LEU E 287 31.76 -42.49 44.08
C LEU E 287 32.55 -42.53 45.38
N THR E 288 32.04 -43.30 46.33
CA THR E 288 32.58 -43.37 47.68
C THR E 288 33.07 -44.79 47.96
N GLY E 289 34.31 -44.89 48.42
CA GLY E 289 34.89 -46.19 48.70
C GLY E 289 36.29 -46.37 48.14
N ASP E 290 36.58 -47.59 47.68
CA ASP E 290 37.89 -47.95 47.17
C ASP E 290 37.83 -48.29 45.69
N TYR E 291 36.86 -47.76 44.98
CA TYR E 291 36.66 -48.09 43.58
C TYR E 291 37.84 -47.60 42.74
N ASP E 292 38.03 -48.25 41.60
CA ASP E 292 39.06 -47.90 40.63
C ASP E 292 38.39 -47.28 39.43
N LEU E 293 38.71 -46.02 39.15
CA LEU E 293 38.05 -45.30 38.07
C LEU E 293 38.59 -45.71 36.70
N SER E 294 39.89 -45.96 36.61
CA SER E 294 40.55 -46.12 35.32
C SER E 294 39.79 -47.06 34.40
N VAL E 295 39.31 -48.18 34.92
CA VAL E 295 38.62 -49.15 34.09
C VAL E 295 37.35 -48.54 33.52
N LEU E 296 36.59 -47.84 34.36
CA LEU E 296 35.36 -47.21 33.92
C LEU E 296 35.64 -46.17 32.84
N GLN E 297 36.72 -45.42 33.02
CA GLN E 297 37.08 -44.39 32.06
C GLN E 297 37.44 -45.01 30.72
N LYS E 298 38.16 -46.13 30.73
CA LYS E 298 38.50 -46.80 29.48
C LYS E 298 37.25 -47.31 28.77
N ARG E 299 36.32 -47.89 29.52
CA ARG E 299 35.14 -48.44 28.87
C ARG E 299 34.25 -47.34 28.32
N LEU E 300 34.17 -46.22 29.03
CA LEU E 300 33.39 -45.10 28.52
C LEU E 300 34.04 -44.48 27.29
N TYR E 301 35.37 -44.47 27.21
CA TYR E 301 36.01 -44.05 25.98
C TYR E 301 35.68 -44.98 24.84
N ASP E 302 35.73 -46.28 25.09
CA ASP E 302 35.34 -47.22 24.04
C ASP E 302 33.92 -46.96 23.56
N ALA E 303 33.02 -46.58 24.48
CA ALA E 303 31.66 -46.24 24.09
C ALA E 303 31.63 -45.01 23.19
N GLY E 304 32.58 -44.09 23.37
CA GLY E 304 32.65 -42.90 22.55
C GLY E 304 32.80 -41.61 23.31
N LEU E 305 32.41 -41.61 24.57
CA LEU E 305 32.36 -40.41 25.37
C LEU E 305 33.75 -40.02 25.87
N ARG E 306 33.84 -38.78 26.33
CA ARG E 306 35.03 -38.23 26.93
C ARG E 306 34.70 -37.64 28.29
N CYS E 307 35.68 -37.65 29.18
CA CYS E 307 35.49 -37.27 30.57
C CYS E 307 36.51 -36.22 30.99
N GLU E 308 36.29 -35.67 32.18
CA GLU E 308 37.17 -34.69 32.80
C GLU E 308 37.38 -35.06 34.26
N THR E 309 38.63 -35.07 34.69
CA THR E 309 38.98 -35.52 36.01
C THR E 309 39.79 -34.51 36.81
N GLY E 310 40.19 -33.41 36.21
CA GLY E 310 40.92 -32.37 36.93
C GLY E 310 42.24 -32.81 37.48
N LYS E 311 43.05 -33.44 36.64
CA LYS E 311 44.37 -33.94 37.03
C LYS E 311 45.38 -33.56 35.95
N VAL E 312 46.18 -32.53 36.22
CA VAL E 312 47.28 -32.15 35.35
C VAL E 312 48.52 -32.84 35.93
N GLY E 313 48.74 -34.06 35.51
CA GLY E 313 49.84 -34.87 36.02
C GLY E 313 49.42 -36.07 36.84
N GLY E 314 48.13 -36.27 37.05
CA GLY E 314 47.65 -37.51 37.65
C GLY E 314 48.17 -37.78 39.05
N THR E 315 48.42 -36.75 39.84
CA THR E 315 48.67 -36.91 41.26
C THR E 315 47.48 -36.48 42.11
N ASP E 316 47.00 -35.25 41.96
CA ASP E 316 45.91 -34.75 42.79
C ASP E 316 45.06 -33.77 42.02
N VAL E 317 43.89 -33.49 42.56
CA VAL E 317 42.86 -32.74 41.88
C VAL E 317 43.08 -31.24 42.03
N ILE E 318 42.71 -30.51 40.98
CA ILE E 318 42.60 -29.06 41.01
C ILE E 318 41.14 -28.70 40.79
N ILE E 319 40.60 -27.87 41.68
CA ILE E 319 39.17 -27.63 41.67
C ILE E 319 38.77 -26.79 40.46
N LYS E 320 39.54 -25.74 40.17
CA LYS E 320 39.19 -24.84 39.09
C LYS E 320 39.15 -25.56 37.75
N GLU E 321 39.93 -26.62 37.59
CA GLU E 321 39.98 -27.34 36.33
C GLU E 321 38.74 -28.21 36.14
N LEU E 322 38.24 -28.80 37.23
CA LEU E 322 37.11 -29.71 37.11
C LEU E 322 35.83 -28.96 36.77
N PHE E 323 35.64 -27.77 37.33
CA PHE E 323 34.42 -27.00 37.17
C PHE E 323 34.50 -25.99 36.03
N ARG E 324 35.39 -26.19 35.08
CA ARG E 324 35.47 -25.26 33.97
C ARG E 324 34.39 -25.55 32.95
N ARG E 325 34.22 -24.63 32.04
CA ARG E 325 33.19 -24.68 31.03
C ARG E 325 33.78 -24.97 29.67
N PRO E 326 33.11 -25.80 28.88
CA PRO E 326 33.73 -26.32 27.66
C PRO E 326 33.44 -25.51 26.40
N ILE E 327 34.14 -25.88 25.35
CA ILE E 327 33.91 -25.33 24.03
C ILE E 327 32.74 -26.05 23.38
N LEU E 328 31.98 -25.31 22.60
CA LEU E 328 30.83 -25.85 21.89
C LEU E 328 30.84 -25.34 20.46
N ILE E 329 30.41 -26.20 19.54
CA ILE E 329 30.40 -25.91 18.12
C ILE E 329 29.09 -26.40 17.54
N ARG E 330 28.50 -25.59 16.66
CA ARG E 330 27.15 -25.82 16.17
C ARG E 330 27.12 -26.69 14.92
N ASN E 331 27.81 -26.26 13.86
CA ASN E 331 27.73 -26.92 12.57
C ASN E 331 29.11 -27.37 12.10
N PRO E 332 29.43 -28.67 12.15
CA PRO E 332 28.74 -29.79 12.77
C PRO E 332 29.01 -29.87 14.26
N PHE E 333 28.14 -30.55 14.99
CA PHE E 333 28.21 -30.54 16.44
C PHE E 333 29.48 -31.22 16.92
N ARG E 334 30.17 -30.58 17.86
CA ARG E 334 31.36 -31.12 18.47
C ARG E 334 31.37 -30.67 19.92
N MET E 335 31.78 -31.57 20.80
CA MET E 335 31.70 -31.36 22.23
C MET E 335 33.00 -31.79 22.88
N GLU E 336 33.60 -30.89 23.65
CA GLU E 336 34.89 -31.19 24.27
C GLU E 336 34.76 -32.29 25.31
N PHE E 337 33.73 -32.21 26.15
CA PHE E 337 33.48 -33.31 27.07
C PHE E 337 32.04 -33.25 27.53
N SER E 338 31.54 -34.42 27.90
CA SER E 338 30.14 -34.63 28.20
C SER E 338 29.85 -34.87 29.66
N LEU E 339 30.83 -35.31 30.43
CA LEU E 339 30.59 -35.62 31.83
C LEU E 339 31.85 -35.40 32.64
N ARG E 340 31.66 -35.30 33.94
CA ARG E 340 32.70 -35.05 34.93
C ARG E 340 32.75 -36.20 35.92
N LEU E 341 33.95 -36.56 36.36
CA LEU E 341 34.15 -37.76 37.15
C LEU E 341 35.28 -37.58 38.15
N ALA E 342 35.12 -38.17 39.32
CA ALA E 342 36.09 -38.08 40.40
C ALA E 342 35.70 -38.95 41.58
N LYS E 343 36.52 -38.94 42.62
CA LYS E 343 36.25 -39.64 43.87
C LYS E 343 36.14 -38.63 45.01
N ARG E 344 35.22 -38.89 45.93
CA ARG E 344 34.84 -37.87 46.90
C ARG E 344 36.00 -37.48 47.79
N ASP E 345 36.72 -38.46 48.31
CA ASP E 345 37.76 -38.18 49.29
C ASP E 345 38.80 -37.22 48.74
N GLU E 346 39.04 -37.25 47.43
CA GLU E 346 40.07 -36.40 46.83
C GLU E 346 39.61 -34.97 46.67
N VAL E 347 38.32 -34.73 46.46
CA VAL E 347 37.82 -33.37 46.30
C VAL E 347 37.80 -32.71 47.67
N ILE E 348 38.62 -31.68 47.84
CA ILE E 348 38.67 -30.90 49.06
C ILE E 348 38.29 -29.47 48.69
N GLY E 349 37.24 -28.98 49.30
CA GLY E 349 36.76 -27.63 49.07
C GLY E 349 35.40 -27.62 48.41
N GLY E 350 35.11 -26.49 47.78
CA GLY E 350 33.83 -26.31 47.14
C GLY E 350 33.88 -25.30 46.02
N PRO E 351 32.83 -25.27 45.22
CA PRO E 351 32.78 -24.39 44.06
C PRO E 351 32.19 -23.03 44.39
N GLN E 352 32.39 -22.10 43.45
CA GLN E 352 31.86 -20.76 43.60
C GLN E 352 30.34 -20.76 43.57
N ARG E 353 29.74 -21.65 42.80
CA ARG E 353 28.30 -21.77 42.69
C ARG E 353 27.83 -23.08 43.28
N ARG E 354 26.76 -23.01 44.03
CA ARG E 354 26.26 -24.16 44.72
C ARG E 354 25.43 -25.04 43.80
N PRO E 355 25.20 -26.28 44.19
CA PRO E 355 24.31 -27.13 43.41
C PRO E 355 22.87 -26.66 43.44
N ASP E 356 22.24 -26.72 42.28
CA ASP E 356 20.81 -26.52 42.20
C ASP E 356 20.06 -27.79 42.56
N GLU E 357 20.62 -28.95 42.24
CA GLU E 357 20.04 -30.23 42.61
C GLU E 357 21.14 -31.23 42.92
N LEU E 358 21.00 -31.91 44.04
CA LEU E 358 21.97 -32.87 44.54
C LEU E 358 21.27 -34.17 44.86
N PHE E 359 21.75 -35.26 44.27
CA PHE E 359 21.17 -36.58 44.44
C PHE E 359 22.13 -37.44 45.25
N LEU E 360 21.59 -38.15 46.21
CA LEU E 360 22.36 -39.05 47.06
C LEU E 360 21.76 -40.45 46.98
N ILE E 361 22.59 -41.43 46.68
CA ILE E 361 22.16 -42.80 46.51
C ILE E 361 22.87 -43.64 47.57
N ASN E 362 22.10 -44.13 48.54
CA ASN E 362 22.63 -45.00 49.60
C ASN E 362 23.74 -44.31 50.37
N VAL E 363 23.57 -43.02 50.59
CA VAL E 363 24.45 -42.20 51.40
C VAL E 363 23.60 -41.52 52.47
N ALA E 364 24.17 -41.38 53.66
CA ALA E 364 23.44 -40.78 54.77
C ALA E 364 23.53 -39.26 54.76
N ASP E 365 24.75 -38.72 54.76
CA ASP E 365 24.94 -37.27 54.84
C ASP E 365 26.14 -36.85 54.02
N ASP E 366 26.17 -35.55 53.70
CA ASP E 366 27.26 -34.94 52.97
C ASP E 366 27.42 -33.50 53.43
N GLU E 367 28.61 -32.97 53.22
CA GLU E 367 28.97 -31.65 53.72
C GLU E 367 28.53 -30.52 52.80
N TRP E 368 28.04 -30.83 51.60
CA TRP E 368 27.64 -29.82 50.65
C TRP E 368 26.19 -29.40 50.79
N LYS E 369 25.45 -29.98 51.71
CA LYS E 369 24.08 -29.59 51.95
C LYS E 369 24.01 -28.14 52.44
N HIS E 370 22.80 -27.62 52.46
CA HIS E 370 22.57 -26.20 52.65
C HIS E 370 21.07 -25.97 52.59
N GLU E 371 20.64 -24.72 52.79
CA GLU E 371 19.22 -24.42 52.74
C GLU E 371 18.72 -24.27 51.30
N ASP E 372 19.40 -23.45 50.51
CA ASP E 372 18.98 -23.21 49.13
C ASP E 372 18.94 -24.50 48.32
N VAL E 373 19.89 -25.39 48.57
CA VAL E 373 20.01 -26.61 47.77
C VAL E 373 18.86 -27.57 48.06
N ASN E 374 18.46 -28.30 47.03
CA ASN E 374 17.45 -29.34 47.12
C ASN E 374 18.14 -30.69 47.19
N VAL E 375 17.69 -31.52 48.12
CA VAL E 375 18.29 -32.83 48.40
C VAL E 375 17.25 -33.89 48.19
N HIS E 376 17.51 -34.78 47.25
CA HIS E 376 16.68 -35.95 47.01
C HIS E 376 17.43 -37.18 47.50
N GLY E 377 16.77 -38.02 48.25
CA GLY E 377 17.41 -39.19 48.83
C GLY E 377 16.65 -40.47 48.52
N PHE E 378 17.40 -41.50 48.18
CA PHE E 378 16.82 -42.80 47.86
C PHE E 378 17.62 -43.89 48.52
N LYS E 379 16.98 -45.04 48.68
CA LYS E 379 17.64 -46.29 49.04
C LYS E 379 17.18 -47.34 48.06
N ILE E 380 18.11 -47.84 47.23
CA ILE E 380 17.77 -48.73 46.14
C ILE E 380 18.62 -49.98 46.22
N GLU E 381 18.16 -51.01 45.53
CA GLU E 381 18.85 -52.29 45.42
C GLU E 381 19.26 -52.63 44.00
N ARG E 382 18.50 -52.22 43.01
CA ARG E 382 18.87 -52.37 41.61
C ARG E 382 18.68 -51.04 40.88
N LEU E 383 19.57 -50.77 39.93
CA LEU E 383 19.64 -49.45 39.31
C LEU E 383 18.48 -49.12 38.39
N SER E 384 17.80 -50.14 37.83
CA SER E 384 16.79 -49.88 36.82
C SER E 384 15.67 -48.98 37.34
N ASP E 385 15.37 -49.06 38.63
CA ASP E 385 14.29 -48.26 39.16
C ASP E 385 14.62 -46.79 39.09
N LEU E 386 15.86 -46.43 39.37
CA LEU E 386 16.25 -45.04 39.27
C LEU E 386 16.01 -44.53 37.86
N GLU E 387 16.22 -45.40 36.87
CA GLU E 387 15.96 -45.05 35.48
C GLU E 387 14.50 -44.72 35.26
N TYR E 388 13.61 -45.60 35.70
CA TYR E 388 12.19 -45.29 35.55
C TYR E 388 11.83 -44.00 36.26
N ILE E 389 12.46 -43.75 37.41
CA ILE E 389 12.26 -42.50 38.13
C ILE E 389 12.69 -41.30 37.29
N LEU E 390 13.66 -41.47 36.41
CA LEU E 390 14.22 -40.38 35.64
C LEU E 390 13.75 -40.35 34.18
N GLN E 391 12.80 -41.20 33.82
CA GLN E 391 12.16 -41.19 32.50
C GLN E 391 13.06 -41.70 31.38
N LEU E 392 13.86 -42.71 31.67
CA LEU E 392 14.68 -43.33 30.65
C LEU E 392 14.15 -44.69 30.22
N ARG E 393 13.06 -45.17 30.81
CA ARG E 393 12.41 -46.39 30.36
C ARG E 393 10.95 -46.34 30.78
N SER E 394 10.13 -47.08 30.04
CA SER E 394 8.69 -46.94 30.13
C SER E 394 8.08 -47.73 31.28
N ASP E 395 8.42 -49.01 31.40
CA ASP E 395 7.77 -49.91 32.35
C ASP E 395 8.75 -50.37 33.42
N TYR E 396 8.28 -50.39 34.66
CA TYR E 396 9.12 -50.76 35.79
C TYR E 396 9.21 -52.27 35.93
N ALA E 397 10.07 -52.70 36.85
CA ALA E 397 10.33 -54.11 37.08
C ALA E 397 10.07 -54.46 38.55
N PHE F 228 77.28 -23.13 13.19
CA PHE F 228 75.90 -22.74 13.48
C PHE F 228 75.39 -21.59 12.61
N SER F 229 76.26 -20.67 12.19
CA SER F 229 75.80 -19.65 11.27
C SER F 229 75.37 -20.26 9.95
N SER F 230 75.95 -21.43 9.62
CA SER F 230 75.61 -22.14 8.40
C SER F 230 74.22 -22.75 8.46
N LEU F 231 73.86 -23.32 9.62
CA LEU F 231 72.61 -24.06 9.75
C LEU F 231 71.41 -23.13 9.80
N ARG F 232 71.58 -21.94 10.36
CA ARG F 232 70.45 -21.04 10.61
C ARG F 232 69.67 -20.79 9.33
N LYS F 233 70.35 -20.32 8.28
CA LYS F 233 69.69 -19.95 7.04
C LYS F 233 69.32 -21.14 6.19
N SER F 234 69.98 -22.29 6.41
CA SER F 234 69.58 -23.52 5.74
C SER F 234 68.13 -23.87 6.01
N LEU F 235 67.64 -23.54 7.21
CA LEU F 235 66.34 -23.96 7.67
C LEU F 235 65.26 -22.94 7.40
N ARG F 236 65.58 -21.87 6.68
CA ARG F 236 64.62 -20.80 6.49
C ARG F 236 63.41 -21.30 5.70
N SER F 237 63.65 -22.18 4.73
CA SER F 237 62.55 -22.68 3.89
C SER F 237 61.63 -23.61 4.66
N CYS F 238 62.20 -24.44 5.55
CA CYS F 238 61.38 -25.39 6.29
C CYS F 238 60.42 -24.69 7.23
N LEU F 239 60.85 -23.59 7.84
CA LEU F 239 60.06 -22.88 8.83
C LEU F 239 59.27 -21.74 8.23
N ALA F 240 59.20 -21.63 6.90
CA ALA F 240 58.41 -20.58 6.29
C ALA F 240 56.94 -20.95 6.27
N HIS F 241 56.62 -22.18 5.91
CA HIS F 241 55.23 -22.61 5.84
C HIS F 241 54.56 -22.48 7.19
N ASN F 242 53.24 -22.33 7.16
CA ASN F 242 52.45 -22.19 8.37
C ASN F 242 52.00 -23.54 8.93
N SER F 243 51.52 -24.44 8.08
CA SER F 243 50.94 -25.71 8.50
C SER F 243 51.90 -26.84 8.15
N ARG F 244 52.49 -27.45 9.17
CA ARG F 244 53.36 -28.60 8.98
C ARG F 244 53.31 -29.47 10.22
N TRP F 245 53.96 -30.62 10.10
CA TRP F 245 54.00 -31.64 11.15
C TRP F 245 55.46 -31.82 11.53
N ARG F 246 55.83 -31.35 12.72
CA ARG F 246 57.21 -31.32 13.17
C ARG F 246 57.43 -32.15 14.41
N VAL F 247 58.50 -32.94 14.39
CA VAL F 247 58.83 -33.85 15.47
C VAL F 247 60.21 -33.53 16.01
N PHE F 248 60.35 -33.62 17.34
CA PHE F 248 61.61 -33.41 18.04
C PHE F 248 61.94 -34.63 18.89
N VAL F 249 63.20 -35.04 18.88
CA VAL F 249 63.70 -36.07 19.79
C VAL F 249 64.91 -35.53 20.54
N ILE F 250 64.89 -35.67 21.86
CA ILE F 250 65.92 -35.08 22.71
C ILE F 250 66.45 -36.07 23.73
N ASN F 251 67.72 -35.88 24.08
CA ASN F 251 68.42 -36.62 25.12
C ASN F 251 68.93 -35.66 26.17
N PRO F 252 68.46 -35.72 27.41
CA PRO F 252 68.83 -34.70 28.38
C PRO F 252 70.14 -34.96 29.10
N LEU F 253 70.66 -36.19 29.05
CA LEU F 253 71.81 -36.52 29.87
C LEU F 253 73.01 -35.67 29.55
N THR F 254 73.25 -35.41 28.27
CA THR F 254 74.46 -34.74 27.82
C THR F 254 74.24 -33.27 27.49
N ILE F 255 73.20 -32.66 28.02
CA ILE F 255 72.99 -31.23 27.92
C ILE F 255 73.07 -30.64 29.32
N GLU F 256 73.86 -29.58 29.46
CA GLU F 256 74.05 -28.94 30.74
C GLU F 256 72.98 -27.89 30.99
N ASN F 257 72.49 -27.83 32.22
CA ASN F 257 71.45 -26.88 32.61
C ASN F 257 70.20 -27.03 31.74
N PHE F 258 69.62 -28.22 31.82
CA PHE F 258 68.47 -28.62 31.01
C PHE F 258 67.16 -28.34 31.70
N ASP F 259 67.05 -28.82 32.94
CA ASP F 259 65.81 -28.69 33.70
C ASP F 259 65.48 -27.23 33.95
N ASP F 260 66.47 -26.36 33.91
CA ASP F 260 66.25 -24.95 34.14
C ASP F 260 65.72 -24.22 32.91
N ASP F 261 66.02 -24.70 31.70
CA ASP F 261 65.76 -23.95 30.49
C ASP F 261 64.76 -24.59 29.54
N ILE F 262 64.29 -25.80 29.83
CA ILE F 262 63.39 -26.46 28.91
C ILE F 262 62.09 -25.68 28.77
N VAL F 263 61.55 -25.20 29.89
CA VAL F 263 60.21 -24.63 29.87
C VAL F 263 60.21 -23.36 29.04
N ARG F 264 61.22 -22.53 29.23
CA ARG F 264 61.33 -21.30 28.47
C ARG F 264 61.52 -21.57 26.99
N PHE F 265 62.29 -22.60 26.65
CA PHE F 265 62.45 -22.97 25.25
C PHE F 265 61.11 -23.29 24.61
N ILE F 266 60.34 -24.16 25.25
CA ILE F 266 59.02 -24.51 24.72
C ILE F 266 58.13 -23.28 24.62
N LYS F 267 58.18 -22.42 25.62
CA LYS F 267 57.35 -21.23 25.64
C LYS F 267 57.62 -20.37 24.41
N ALA F 268 58.88 -20.09 24.13
CA ALA F 268 59.19 -19.21 23.01
C ALA F 268 58.87 -19.86 21.69
N PHE F 269 59.17 -21.15 21.54
CA PHE F 269 58.82 -21.82 20.30
C PHE F 269 57.32 -21.74 20.05
N VAL F 270 56.53 -21.96 21.09
CA VAL F 270 55.08 -21.93 20.92
C VAL F 270 54.61 -20.54 20.58
N GLN F 271 55.15 -19.51 21.24
CA GLN F 271 54.73 -18.15 20.94
C GLN F 271 55.06 -17.78 19.50
N ARG F 272 56.11 -18.37 18.95
CA ARG F 272 56.48 -18.03 17.58
C ARG F 272 55.70 -18.83 16.54
N TYR F 273 55.44 -20.11 16.80
CA TYR F 273 54.92 -20.99 15.76
C TYR F 273 53.55 -21.61 16.02
N SER F 274 52.90 -21.32 17.14
CA SER F 274 51.61 -21.95 17.44
C SER F 274 50.65 -20.99 18.13
N SER F 275 50.50 -19.77 17.61
CA SER F 275 49.65 -18.77 18.24
C SER F 275 48.56 -18.22 17.34
N LYS F 276 48.35 -18.78 16.16
CA LYS F 276 47.40 -18.21 15.21
C LYS F 276 46.55 -19.29 14.57
N TYR F 277 45.46 -18.85 13.95
CA TYR F 277 44.48 -19.77 13.39
C TYR F 277 45.07 -20.59 12.25
N LEU F 278 46.01 -20.02 11.51
CA LEU F 278 46.61 -20.72 10.39
C LEU F 278 47.58 -21.81 10.82
N HIS F 279 48.01 -21.80 12.07
CA HIS F 279 48.93 -22.81 12.59
C HIS F 279 48.11 -24.00 13.08
N SER F 280 47.85 -24.94 12.18
CA SER F 280 46.85 -25.96 12.41
C SER F 280 47.34 -27.07 13.33
N ASN F 281 48.46 -27.69 12.99
CA ASN F 281 48.93 -28.89 13.69
C ASN F 281 50.01 -28.52 14.68
N PRO F 282 49.78 -28.75 15.98
CA PRO F 282 50.80 -28.46 16.96
C PRO F 282 51.93 -29.47 16.90
N PRO F 283 53.08 -29.14 17.47
CA PRO F 283 54.28 -29.96 17.34
C PRO F 283 54.42 -31.00 18.44
N LEU F 284 55.34 -31.93 18.21
CA LEU F 284 55.52 -33.07 19.09
C LEU F 284 56.93 -33.13 19.66
N PHE F 285 57.02 -33.26 20.97
CA PHE F 285 58.29 -33.35 21.69
C PHE F 285 58.40 -34.73 22.33
N MET F 286 59.47 -35.46 22.00
CA MET F 286 59.74 -36.76 22.57
C MET F 286 61.03 -36.73 23.35
N LEU F 287 60.99 -37.31 24.54
CA LEU F 287 62.15 -37.40 25.40
C LEU F 287 62.51 -38.85 25.67
N THR F 288 63.80 -39.16 25.55
CA THR F 288 64.33 -40.49 25.78
C THR F 288 65.16 -40.51 27.05
N GLY F 289 65.02 -41.59 27.82
CA GLY F 289 65.69 -41.71 29.09
C GLY F 289 64.77 -42.14 30.21
N ASP F 290 65.05 -41.70 31.43
CA ASP F 290 64.23 -42.03 32.60
C ASP F 290 63.60 -40.78 33.20
N TYR F 291 63.24 -39.82 32.35
CA TYR F 291 62.73 -38.54 32.80
C TYR F 291 61.33 -38.69 33.39
N ASP F 292 60.94 -37.69 34.18
CA ASP F 292 59.62 -37.63 34.80
C ASP F 292 58.82 -36.49 34.17
N LEU F 293 57.68 -36.83 33.57
CA LEU F 293 56.90 -35.88 32.80
C LEU F 293 55.92 -35.07 33.63
N SER F 294 55.46 -35.64 34.75
CA SER F 294 54.41 -35.00 35.52
C SER F 294 54.82 -33.60 35.97
N VAL F 295 56.03 -33.48 36.51
CA VAL F 295 56.50 -32.20 37.01
C VAL F 295 56.54 -31.18 35.89
N LEU F 296 57.05 -31.58 34.73
CA LEU F 296 57.12 -30.67 33.61
C LEU F 296 55.73 -30.22 33.19
N GLN F 297 54.76 -31.13 33.19
CA GLN F 297 53.42 -30.75 32.83
C GLN F 297 52.84 -29.75 33.81
N LYS F 298 53.12 -29.93 35.09
CA LYS F 298 52.62 -28.99 36.09
C LYS F 298 53.25 -27.61 35.92
N ARG F 299 54.56 -27.57 35.72
CA ARG F 299 55.22 -26.28 35.49
C ARG F 299 54.67 -25.59 34.26
N LEU F 300 54.41 -26.34 33.21
CA LEU F 300 53.88 -25.74 31.99
C LEU F 300 52.45 -25.27 32.19
N TYR F 301 51.67 -25.97 33.01
CA TYR F 301 50.33 -25.48 33.34
C TYR F 301 50.41 -24.15 34.07
N ASP F 302 51.28 -24.08 35.08
CA ASP F 302 51.46 -22.82 35.80
C ASP F 302 51.90 -21.71 34.85
N ALA F 303 52.77 -22.02 33.90
CA ALA F 303 53.19 -21.03 32.93
C ALA F 303 52.06 -20.62 32.01
N GLY F 304 51.09 -21.51 31.77
CA GLY F 304 49.90 -21.14 31.04
C GLY F 304 49.54 -22.00 29.84
N LEU F 305 50.26 -23.09 29.61
CA LEU F 305 50.05 -23.92 28.45
C LEU F 305 49.46 -25.27 28.82
N ARG F 306 48.50 -25.70 28.03
CA ARG F 306 47.86 -27.00 28.19
C ARG F 306 48.42 -27.98 27.17
N CYS F 307 48.76 -29.17 27.64
CA CYS F 307 49.49 -30.16 26.85
C CYS F 307 48.63 -31.37 26.58
N GLU F 308 49.00 -32.11 25.55
CA GLU F 308 48.35 -33.37 25.22
C GLU F 308 49.36 -34.50 25.35
N THR F 309 48.94 -35.56 26.05
CA THR F 309 49.81 -36.64 26.44
C THR F 309 49.38 -38.01 25.92
N GLY F 310 48.15 -38.13 25.44
CA GLY F 310 47.68 -39.36 24.84
C GLY F 310 47.49 -40.52 25.78
N LYS F 311 46.77 -40.30 26.87
CA LYS F 311 46.41 -41.37 27.77
C LYS F 311 45.01 -41.15 28.30
N VAL F 312 44.26 -42.26 28.38
CA VAL F 312 42.87 -42.25 28.83
C VAL F 312 42.77 -43.32 29.90
N GLY F 313 43.02 -42.93 31.15
CA GLY F 313 43.01 -43.86 32.26
C GLY F 313 44.29 -43.84 33.06
N GLY F 314 45.43 -43.89 32.38
CA GLY F 314 46.68 -43.52 33.00
C GLY F 314 47.86 -44.43 32.76
N THR F 315 47.61 -45.69 32.39
CA THR F 315 48.70 -46.66 32.32
C THR F 315 49.50 -46.55 31.04
N ASP F 316 48.85 -46.43 29.88
CA ASP F 316 49.55 -46.53 28.61
C ASP F 316 48.94 -45.58 27.57
N VAL F 317 49.66 -45.46 26.46
CA VAL F 317 49.46 -44.42 25.47
C VAL F 317 48.62 -44.93 24.33
N ILE F 318 47.91 -44.02 23.67
CA ILE F 318 47.02 -44.34 22.56
C ILE F 318 47.31 -43.38 21.41
N ILE F 319 47.63 -43.97 20.26
CA ILE F 319 48.26 -43.22 19.18
C ILE F 319 47.27 -42.29 18.52
N LYS F 320 46.02 -42.72 18.38
CA LYS F 320 45.03 -41.90 17.70
C LYS F 320 44.57 -40.73 18.54
N GLU F 321 44.62 -40.88 19.86
CA GLU F 321 44.39 -39.73 20.73
C GLU F 321 45.57 -38.78 20.71
N LEU F 322 46.79 -39.30 20.58
CA LEU F 322 47.94 -38.40 20.53
C LEU F 322 47.98 -37.60 19.24
N PHE F 323 47.71 -38.23 18.11
CA PHE F 323 47.86 -37.60 16.81
C PHE F 323 46.56 -37.01 16.28
N ARG F 324 45.75 -36.40 17.14
CA ARG F 324 44.48 -35.86 16.70
C ARG F 324 44.53 -34.36 16.52
N ARG F 325 43.47 -33.84 15.93
CA ARG F 325 43.23 -32.46 15.56
C ARG F 325 42.39 -31.74 16.60
N PRO F 326 42.74 -30.51 16.93
CA PRO F 326 42.03 -29.80 17.99
C PRO F 326 40.89 -28.92 17.53
N ILE F 327 40.19 -28.36 18.49
CA ILE F 327 39.15 -27.38 18.24
C ILE F 327 39.76 -26.01 18.06
N LEU F 328 39.13 -25.20 17.22
CA LEU F 328 39.57 -23.85 16.97
C LEU F 328 38.38 -22.94 16.76
N ILE F 329 38.50 -21.72 17.26
CA ILE F 329 37.52 -20.66 17.05
C ILE F 329 38.23 -19.45 16.49
N ARG F 330 37.76 -18.97 15.35
CA ARG F 330 38.45 -17.87 14.68
C ARG F 330 38.31 -16.57 15.46
N ASN F 331 37.12 -16.31 15.99
CA ASN F 331 36.87 -15.11 16.78
C ASN F 331 35.85 -15.39 17.87
N PRO F 332 36.19 -15.19 19.14
CA PRO F 332 37.52 -14.90 19.69
C PRO F 332 38.40 -16.14 19.77
N PHE F 333 39.70 -15.93 19.63
CA PHE F 333 40.64 -17.02 19.50
C PHE F 333 40.68 -17.86 20.76
N ARG F 334 40.42 -19.15 20.60
CA ARG F 334 40.62 -20.13 21.64
C ARG F 334 41.10 -21.42 20.99
N MET F 335 41.99 -22.12 21.67
CA MET F 335 42.56 -23.35 21.19
C MET F 335 42.50 -24.39 22.30
N GLU F 336 42.40 -25.65 21.91
CA GLU F 336 42.23 -26.72 22.88
C GLU F 336 43.54 -27.08 23.55
N PHE F 337 44.60 -27.24 22.76
CA PHE F 337 45.91 -27.52 23.31
C PHE F 337 46.97 -27.02 22.36
N SER F 338 48.14 -26.71 22.90
CA SER F 338 49.20 -26.07 22.15
C SER F 338 50.37 -26.98 21.81
N LEU F 339 50.61 -28.04 22.57
CA LEU F 339 51.75 -28.90 22.29
C LEU F 339 51.45 -30.34 22.68
N ARG F 340 52.25 -31.25 22.12
CA ARG F 340 52.16 -32.67 22.42
C ARG F 340 53.46 -33.17 23.02
N LEU F 341 53.34 -34.07 23.99
CA LEU F 341 54.49 -34.46 24.77
C LEU F 341 54.48 -35.94 25.07
N ALA F 342 55.63 -36.60 24.93
CA ALA F 342 55.64 -38.01 25.27
C ALA F 342 57.05 -38.56 25.44
N LYS F 343 57.08 -39.80 25.93
CA LYS F 343 58.26 -40.62 26.07
C LYS F 343 58.30 -41.70 24.98
N ARG F 344 59.46 -41.86 24.37
CA ARG F 344 59.61 -42.70 23.20
C ARG F 344 59.39 -44.16 23.54
N ASP F 345 59.93 -44.62 24.66
CA ASP F 345 59.76 -46.00 25.06
C ASP F 345 58.29 -46.36 25.20
N GLU F 346 57.47 -45.43 25.66
CA GLU F 346 56.05 -45.71 25.80
C GLU F 346 55.35 -45.67 24.46
N VAL F 347 55.70 -44.73 23.60
CA VAL F 347 55.03 -44.65 22.31
C VAL F 347 55.44 -45.82 21.44
N ILE F 348 54.47 -46.65 21.08
CA ILE F 348 54.68 -47.83 20.25
C ILE F 348 53.93 -47.66 18.96
N GLY F 349 54.64 -47.77 17.85
CA GLY F 349 54.01 -47.82 16.55
C GLY F 349 54.39 -46.67 15.64
N GLY F 350 53.54 -46.42 14.65
CA GLY F 350 53.75 -45.35 13.73
C GLY F 350 52.48 -44.59 13.43
N PRO F 351 52.62 -43.44 12.81
CA PRO F 351 51.46 -42.61 12.48
C PRO F 351 50.84 -42.96 11.15
N GLN F 352 49.69 -42.34 10.89
CA GLN F 352 49.02 -42.50 9.60
C GLN F 352 49.78 -41.80 8.50
N ARG F 353 50.27 -40.60 8.77
CA ARG F 353 51.02 -39.81 7.79
C ARG F 353 52.41 -39.54 8.32
N ARG F 354 53.39 -39.73 7.45
CA ARG F 354 54.77 -39.60 7.86
C ARG F 354 55.11 -38.15 8.17
N PRO F 355 56.07 -37.91 9.05
CA PRO F 355 56.45 -36.53 9.36
C PRO F 355 57.22 -35.86 8.25
N ASP F 356 56.91 -34.59 8.06
CA ASP F 356 57.63 -33.77 7.10
C ASP F 356 59.04 -33.46 7.60
N GLU F 357 59.18 -33.14 8.87
CA GLU F 357 60.47 -32.77 9.44
C GLU F 357 60.69 -33.46 10.78
N LEU F 358 61.85 -34.12 10.88
CA LEU F 358 62.26 -34.81 12.08
C LEU F 358 63.59 -34.23 12.55
N PHE F 359 63.60 -33.70 13.77
CA PHE F 359 64.78 -33.15 14.40
C PHE F 359 65.31 -34.12 15.44
N LEU F 360 66.61 -34.40 15.37
CA LEU F 360 67.28 -35.25 16.33
C LEU F 360 68.41 -34.49 17.01
N ILE F 361 68.37 -34.42 18.34
CA ILE F 361 69.35 -33.70 19.13
C ILE F 361 70.07 -34.71 20.01
N ASN F 362 71.30 -35.03 19.65
CA ASN F 362 72.14 -35.95 20.40
C ASN F 362 71.55 -37.35 20.43
N VAL F 363 70.85 -37.73 19.38
CA VAL F 363 70.35 -39.08 19.19
C VAL F 363 70.84 -39.56 17.84
N ALA F 364 71.25 -40.82 17.78
CA ALA F 364 71.91 -41.36 16.60
C ALA F 364 70.93 -41.95 15.60
N ASP F 365 70.12 -42.92 16.03
CA ASP F 365 69.23 -43.63 15.14
C ASP F 365 67.82 -43.63 15.68
N ASP F 366 66.85 -43.73 14.78
CA ASP F 366 65.46 -43.85 15.15
C ASP F 366 64.71 -44.60 14.07
N GLU F 367 63.57 -45.16 14.45
CA GLU F 367 62.81 -46.00 13.55
C GLU F 367 61.97 -45.21 12.56
N TRP F 368 61.78 -43.92 12.79
CA TRP F 368 61.00 -43.08 11.90
C TRP F 368 61.86 -42.41 10.85
N LYS F 369 63.06 -42.91 10.61
CA LYS F 369 63.93 -42.39 9.57
C LYS F 369 63.64 -43.11 8.26
N HIS F 370 63.24 -42.34 7.25
CA HIS F 370 62.87 -42.88 5.96
C HIS F 370 63.46 -42.00 4.90
N GLU F 371 63.57 -42.55 3.69
CA GLU F 371 64.25 -41.84 2.62
C GLU F 371 63.49 -40.59 2.22
N ASP F 372 62.16 -40.66 2.21
CA ASP F 372 61.31 -39.56 1.79
C ASP F 372 60.95 -38.62 2.94
N VAL F 373 61.77 -38.56 3.99
CA VAL F 373 61.55 -37.69 5.13
C VAL F 373 62.82 -36.91 5.42
N ASN F 374 62.65 -35.65 5.79
CA ASN F 374 63.78 -34.77 6.10
C ASN F 374 64.23 -34.95 7.54
N VAL F 375 65.55 -35.10 7.71
CA VAL F 375 66.17 -35.35 9.00
C VAL F 375 67.14 -34.21 9.30
N HIS F 376 67.19 -33.81 10.56
CA HIS F 376 68.07 -32.73 11.01
C HIS F 376 68.79 -33.21 12.28
N GLY F 377 69.97 -33.78 12.11
CA GLY F 377 70.76 -34.27 13.23
C GLY F 377 71.77 -33.25 13.70
N PHE F 378 71.78 -32.98 15.01
CA PHE F 378 72.66 -31.98 15.58
C PHE F 378 73.38 -32.53 16.81
N LYS F 379 74.39 -31.77 17.24
CA LYS F 379 75.08 -31.97 18.51
C LYS F 379 75.26 -30.63 19.19
N ILE F 380 74.83 -30.56 20.45
CA ILE F 380 74.92 -29.32 21.22
C ILE F 380 75.32 -29.62 22.66
N GLU F 381 75.94 -28.63 23.29
CA GLU F 381 76.27 -28.68 24.71
C GLU F 381 75.42 -27.74 25.55
N ARG F 382 74.61 -26.89 24.91
CA ARG F 382 73.70 -26.00 25.62
C ARG F 382 72.51 -25.73 24.71
N LEU F 383 71.44 -25.22 25.29
CA LEU F 383 70.23 -24.93 24.55
C LEU F 383 70.09 -23.47 24.12
N SER F 384 71.03 -22.61 24.51
CA SER F 384 71.06 -21.27 23.96
C SER F 384 71.41 -21.28 22.48
N ASP F 385 72.06 -22.33 22.01
CA ASP F 385 72.48 -22.45 20.63
C ASP F 385 71.33 -22.78 19.70
N LEU F 386 70.48 -23.70 20.12
CA LEU F 386 69.39 -24.15 19.27
C LEU F 386 68.39 -23.05 19.00
N GLU F 387 68.21 -22.14 19.96
CA GLU F 387 67.33 -21.01 19.74
C GLU F 387 67.85 -20.14 18.61
N TYR F 388 69.15 -19.87 18.62
CA TYR F 388 69.76 -19.12 17.54
C TYR F 388 69.62 -19.85 16.22
N ILE F 389 69.76 -21.17 16.25
CA ILE F 389 69.62 -21.95 15.02
C ILE F 389 68.21 -21.80 14.46
N LEU F 390 67.22 -21.79 15.35
CA LEU F 390 65.82 -21.82 14.93
C LEU F 390 65.21 -20.44 14.83
N GLN F 391 66.00 -19.39 15.04
CA GLN F 391 65.58 -18.01 14.86
C GLN F 391 64.69 -17.50 15.97
N LEU F 392 64.83 -18.06 17.18
CA LEU F 392 64.08 -17.54 18.31
C LEU F 392 64.70 -16.25 18.83
N ARG F 393 66.02 -16.14 18.78
CA ARG F 393 66.73 -14.93 19.18
C ARG F 393 67.91 -14.72 18.25
N SER F 394 68.41 -13.49 18.25
CA SER F 394 69.53 -13.12 17.39
C SER F 394 70.60 -12.40 18.20
N SER G 8 10.18 -77.77 -32.37
CA SER G 8 8.91 -78.28 -31.87
C SER G 8 8.96 -78.51 -30.37
N ILE G 9 9.38 -77.48 -29.63
CA ILE G 9 9.60 -77.60 -28.19
C ILE G 9 8.28 -77.68 -27.43
N LYS G 10 7.23 -77.04 -27.95
CA LYS G 10 5.93 -77.10 -27.30
C LYS G 10 5.55 -78.53 -26.95
N GLY G 11 5.61 -79.43 -27.93
CA GLY G 11 5.35 -80.83 -27.63
C GLY G 11 6.37 -81.45 -26.71
N TYR G 12 7.59 -80.92 -26.68
CA TYR G 12 8.61 -81.47 -25.79
C TYR G 12 8.22 -81.24 -24.34
N LEU G 13 7.75 -80.05 -24.03
CA LEU G 13 7.49 -79.70 -22.63
C LEU G 13 6.07 -79.96 -22.18
N TYR G 14 5.09 -80.05 -23.09
CA TYR G 14 3.72 -80.43 -22.71
C TYR G 14 3.72 -81.49 -21.61
N GLN G 15 4.57 -82.50 -21.79
CA GLN G 15 4.64 -83.58 -20.81
C GLN G 15 5.12 -83.09 -19.45
N PHE G 16 6.09 -82.19 -19.39
CA PHE G 16 6.40 -81.52 -18.13
C PHE G 16 5.20 -80.75 -17.60
N LEU G 17 4.53 -80.03 -18.50
CA LEU G 17 3.41 -79.18 -18.13
C LEU G 17 2.39 -79.96 -17.33
N LYS G 18 2.25 -81.25 -17.62
CA LYS G 18 1.37 -82.09 -16.82
C LYS G 18 2.08 -82.94 -15.76
N TYR G 19 3.37 -83.22 -15.88
CA TYR G 19 4.05 -83.87 -14.76
C TYR G 19 3.97 -83.01 -13.51
N LEU G 20 4.05 -81.70 -13.69
CA LEU G 20 3.91 -80.81 -12.55
C LEU G 20 2.48 -80.74 -12.06
N SER G 21 1.51 -81.17 -12.88
CA SER G 21 0.17 -81.43 -12.36
C SER G 21 0.16 -82.71 -11.52
N GLU G 22 0.92 -83.69 -11.97
CA GLU G 22 0.97 -84.99 -11.31
C GLU G 22 1.54 -84.85 -9.91
N ILE G 23 2.66 -84.15 -9.78
CA ILE G 23 3.42 -84.20 -8.52
C ILE G 23 2.54 -83.76 -7.36
N LEU G 24 1.99 -82.55 -7.45
CA LEU G 24 1.16 -82.05 -6.35
C LEU G 24 -0.16 -82.81 -6.26
N ALA G 25 -0.72 -83.20 -7.41
CA ALA G 25 -1.90 -84.05 -7.43
C ALA G 25 -1.51 -85.51 -7.17
N ALA G 26 -0.91 -85.72 -6.00
CA ALA G 26 -0.34 -87.01 -5.65
C ALA G 26 -0.52 -87.27 -4.17
N GLY G 27 -0.34 -88.54 -3.79
CA GLY G 27 -0.43 -88.95 -2.41
C GLY G 27 0.92 -88.90 -1.71
N ASP G 28 0.91 -89.36 -0.45
CA ASP G 28 2.10 -89.32 0.37
C ASP G 28 3.13 -90.34 -0.10
N GLY G 29 4.40 -90.00 0.12
CA GLY G 29 5.49 -90.94 -0.12
C GLY G 29 5.54 -91.52 -1.51
N ALA G 30 5.33 -90.70 -2.53
CA ALA G 30 5.34 -91.14 -3.92
C ALA G 30 6.47 -90.44 -4.65
N ARG G 31 7.17 -91.17 -5.51
CA ARG G 31 8.32 -90.66 -6.23
C ARG G 31 8.20 -91.00 -7.71
N ILE G 32 8.83 -90.17 -8.54
CA ILE G 32 8.75 -90.31 -9.98
C ILE G 32 10.03 -89.70 -10.57
N THR G 33 10.32 -90.04 -11.81
CA THR G 33 11.39 -89.37 -12.54
C THR G 33 11.04 -89.28 -14.01
N ILE G 34 11.30 -88.13 -14.58
CA ILE G 34 10.90 -87.86 -15.95
C ILE G 34 12.00 -88.35 -16.88
N GLU G 35 11.63 -88.53 -18.14
CA GLU G 35 12.53 -89.10 -19.14
C GLU G 35 13.62 -88.13 -19.53
N GLY G 36 14.75 -88.68 -19.94
CA GLY G 36 15.82 -87.87 -20.45
C GLY G 36 15.45 -87.21 -21.76
N ALA G 37 16.12 -86.11 -22.05
CA ALA G 37 15.87 -85.32 -23.25
C ALA G 37 16.88 -85.65 -24.34
N ILE G 38 16.66 -85.08 -25.51
CA ILE G 38 17.54 -85.27 -26.65
C ILE G 38 18.54 -84.12 -26.78
N GLU G 39 18.33 -83.02 -26.05
CA GLU G 39 19.22 -81.88 -26.17
C GLU G 39 20.66 -82.28 -25.87
N ASP G 40 20.85 -83.32 -25.07
CA ASP G 40 22.18 -83.83 -24.77
C ASP G 40 22.79 -84.45 -26.03
N ALA G 51 15.79 -91.58 -24.24
CA ALA G 51 15.75 -90.52 -25.23
C ALA G 51 14.49 -89.68 -25.06
N VAL G 52 14.03 -89.04 -26.14
CA VAL G 52 12.82 -88.22 -26.09
C VAL G 52 12.33 -88.00 -27.51
N GLN G 53 11.04 -87.73 -27.64
CA GLN G 53 10.48 -87.11 -28.84
C GLN G 53 9.00 -86.83 -28.63
N CYS G 54 8.48 -85.81 -29.29
CA CYS G 54 7.06 -85.48 -29.24
C CYS G 54 6.77 -84.37 -30.22
N LYS G 55 5.48 -84.20 -30.51
CA LYS G 55 5.00 -83.07 -31.29
C LYS G 55 3.52 -82.91 -31.01
N TYR G 56 2.99 -81.75 -31.39
CA TYR G 56 1.66 -81.33 -30.96
C TYR G 56 0.83 -80.89 -32.14
N HIS G 57 -0.48 -81.12 -32.06
CA HIS G 57 -1.39 -80.71 -33.11
C HIS G 57 -2.81 -80.61 -32.55
N GLU G 58 -3.58 -79.76 -33.21
CA GLU G 58 -4.98 -79.52 -32.91
C GLU G 58 -5.62 -79.01 -34.21
N GLN G 59 -6.80 -78.40 -34.10
CA GLN G 59 -7.47 -77.78 -35.23
C GLN G 59 -8.19 -78.79 -36.11
N ALA G 60 -8.73 -79.82 -35.48
CA ALA G 60 -9.64 -80.74 -36.13
C ALA G 60 -10.78 -80.95 -35.15
N GLU G 61 -11.98 -80.54 -35.53
CA GLU G 61 -13.12 -80.67 -34.64
C GLU G 61 -13.59 -82.11 -34.54
N LYS G 62 -13.65 -82.81 -35.68
CA LYS G 62 -14.03 -84.21 -35.70
C LYS G 62 -12.78 -85.02 -36.03
N TYR G 63 -12.55 -86.12 -35.30
CA TYR G 63 -11.31 -86.85 -35.47
C TYR G 63 -11.16 -87.38 -36.90
N THR G 64 -9.97 -87.20 -37.47
CA THR G 64 -9.59 -87.78 -38.75
C THR G 64 -8.14 -88.26 -38.67
N LEU G 65 -7.79 -89.23 -39.54
CA LEU G 65 -6.43 -89.75 -39.60
C LEU G 65 -5.58 -89.04 -40.65
N GLY G 66 -6.14 -88.08 -41.37
CA GLY G 66 -5.39 -87.40 -42.41
C GLY G 66 -4.30 -86.49 -41.85
N LYS G 67 -4.60 -85.79 -40.78
CA LYS G 67 -3.75 -84.73 -40.30
C LYS G 67 -2.50 -85.26 -39.62
N ILE G 68 -2.55 -86.50 -39.12
CA ILE G 68 -1.42 -87.16 -38.50
C ILE G 68 -0.45 -87.65 -39.57
N TYR G 69 -0.63 -87.19 -40.82
CA TYR G 69 0.37 -87.50 -41.84
C TYR G 69 1.76 -87.02 -41.43
N LYS G 70 1.88 -85.73 -41.12
CA LYS G 70 3.16 -85.06 -41.28
C LYS G 70 4.25 -85.53 -40.31
N PRO G 71 4.01 -85.64 -39.01
CA PRO G 71 5.15 -85.90 -38.10
C PRO G 71 5.85 -87.21 -38.40
N ILE G 72 5.08 -88.29 -38.52
CA ILE G 72 5.66 -89.63 -38.61
C ILE G 72 6.67 -89.67 -39.74
N LEU G 73 6.37 -89.01 -40.86
CA LEU G 73 7.24 -89.11 -42.03
C LEU G 73 8.67 -88.74 -41.67
N LEU G 74 8.86 -87.63 -40.96
CA LEU G 74 10.24 -87.26 -40.64
C LEU G 74 10.76 -88.08 -39.48
N MET G 75 9.87 -88.52 -38.59
CA MET G 75 10.31 -89.43 -37.56
C MET G 75 10.83 -90.71 -38.19
N LEU G 76 10.24 -91.14 -39.32
CA LEU G 76 10.84 -92.25 -40.05
C LEU G 76 12.30 -91.94 -40.38
N GLU G 77 12.55 -90.73 -40.88
CA GLU G 77 13.92 -90.34 -41.20
C GLU G 77 14.80 -90.34 -39.97
N HIS G 78 14.20 -90.19 -38.78
CA HIS G 78 14.95 -90.26 -37.53
C HIS G 78 14.63 -91.53 -36.76
N PHE G 79 14.40 -92.63 -37.48
CA PHE G 79 14.06 -93.93 -36.86
C PHE G 79 15.28 -94.71 -36.43
N SER G 80 15.84 -94.29 -35.31
CA SER G 80 17.00 -94.97 -34.75
C SER G 80 18.08 -95.05 -35.81
N LYS G 81 18.10 -94.05 -36.68
CA LYS G 81 19.12 -94.01 -37.70
C LYS G 81 20.44 -93.60 -37.09
N ASN G 82 21.53 -94.11 -37.66
CA ASN G 82 22.86 -93.72 -37.23
C ASN G 82 23.05 -94.03 -35.75
N SER G 83 22.37 -95.05 -35.25
CA SER G 83 22.39 -95.37 -33.82
C SER G 83 23.10 -96.69 -33.55
N GLY G 84 22.64 -97.77 -34.15
CA GLY G 84 23.29 -99.07 -34.02
C GLY G 84 23.80 -99.37 -32.63
N THR G 85 23.03 -99.04 -31.60
CA THR G 85 23.49 -99.14 -30.23
C THR G 85 22.50 -99.90 -29.36
N ASP G 86 22.94 -100.18 -28.13
CA ASP G 86 22.11 -100.82 -27.12
C ASP G 86 21.37 -99.75 -26.30
N LEU G 87 20.36 -99.15 -26.94
CA LEU G 87 19.64 -98.06 -26.30
C LEU G 87 18.27 -97.96 -26.95
N HIS G 88 17.36 -97.27 -26.26
CA HIS G 88 15.94 -97.22 -26.61
C HIS G 88 15.49 -95.77 -26.82
N VAL G 89 15.10 -95.45 -28.06
CA VAL G 89 14.51 -94.14 -28.37
C VAL G 89 13.00 -94.30 -28.23
N SER G 90 12.52 -94.18 -26.99
CA SER G 90 11.09 -94.30 -26.74
C SER G 90 10.36 -93.12 -27.35
N TYR G 91 9.11 -93.36 -27.74
CA TYR G 91 8.28 -92.37 -28.41
C TYR G 91 7.02 -92.08 -27.61
N ARG G 92 6.54 -90.85 -27.74
CA ARG G 92 5.26 -90.43 -27.20
C ARG G 92 4.75 -89.26 -28.03
N LEU G 93 3.44 -89.13 -28.16
CA LEU G 93 2.87 -88.00 -28.87
C LEU G 93 1.51 -87.64 -28.29
N PHE G 94 1.17 -86.35 -28.34
CA PHE G 94 -0.08 -85.85 -27.78
C PHE G 94 -0.71 -84.86 -28.75
N CYS G 95 -2.01 -85.02 -28.99
CA CYS G 95 -2.80 -84.09 -29.78
C CYS G 95 -4.23 -84.13 -29.27
N HIS G 96 -4.94 -83.02 -29.44
CA HIS G 96 -6.28 -82.88 -28.88
C HIS G 96 -7.28 -82.53 -29.97
N PHE G 97 -8.30 -83.38 -30.12
CA PHE G 97 -9.50 -83.06 -30.87
C PHE G 97 -10.71 -83.28 -29.99
N PRO G 98 -11.70 -82.40 -30.03
CA PRO G 98 -12.78 -82.45 -29.03
C PRO G 98 -13.62 -83.70 -29.15
N GLY G 99 -14.21 -84.09 -28.03
CA GLY G 99 -15.11 -85.25 -27.99
C GLY G 99 -14.38 -86.54 -27.70
N GLU G 100 -13.63 -87.03 -28.68
CA GLU G 100 -12.92 -88.29 -28.53
C GLU G 100 -11.75 -88.15 -27.56
N SER G 101 -11.62 -89.12 -26.65
CA SER G 101 -10.59 -89.08 -25.62
C SER G 101 -10.17 -90.53 -25.35
N GLY G 102 -9.08 -90.96 -25.98
CA GLY G 102 -8.60 -92.31 -25.80
C GLY G 102 -7.11 -92.46 -26.05
N THR G 103 -6.59 -93.62 -25.65
CA THR G 103 -5.21 -94.01 -25.89
C THR G 103 -5.22 -95.19 -26.84
N LYS G 104 -4.62 -95.02 -28.02
CA LYS G 104 -4.71 -96.00 -29.09
C LYS G 104 -3.31 -96.27 -29.66
N ALA G 105 -3.12 -97.50 -30.15
CA ALA G 105 -1.89 -97.89 -30.85
C ALA G 105 -2.30 -98.42 -32.21
N LEU G 106 -1.68 -97.89 -33.25
CA LEU G 106 -2.12 -98.16 -34.61
C LEU G 106 -1.61 -99.52 -35.09
N THR G 107 -2.40 -100.16 -35.96
CA THR G 107 -1.95 -101.44 -36.50
C THR G 107 -0.92 -101.22 -37.61
N LYS G 108 -0.15 -102.27 -37.91
CA LYS G 108 0.85 -102.15 -38.97
C LYS G 108 0.20 -102.10 -40.35
N ASP G 109 -0.88 -102.86 -40.55
CA ASP G 109 -1.61 -102.74 -41.80
C ASP G 109 -2.02 -101.29 -42.03
N ASP G 110 -2.46 -100.63 -40.97
CA ASP G 110 -2.72 -99.19 -41.06
C ASP G 110 -1.43 -98.42 -41.28
N LEU G 111 -0.31 -98.94 -40.79
CA LEU G 111 0.97 -98.27 -41.03
C LEU G 111 1.29 -98.23 -42.51
N GLU G 112 0.95 -99.27 -43.25
CA GLU G 112 1.12 -99.22 -44.70
C GLU G 112 -0.01 -98.47 -45.38
N THR G 113 -1.22 -98.56 -44.84
CA THR G 113 -2.32 -97.74 -45.32
C THR G 113 -1.87 -96.29 -45.41
N VAL G 114 -1.29 -95.78 -44.33
CA VAL G 114 -0.77 -94.42 -44.33
C VAL G 114 0.57 -94.34 -45.04
N LEU G 115 1.30 -95.45 -45.14
CA LEU G 115 2.47 -95.48 -46.02
C LEU G 115 1.95 -95.58 -47.44
N SER G 116 1.44 -94.47 -47.93
CA SER G 116 0.88 -94.40 -49.27
C SER G 116 1.02 -92.96 -49.73
N THR G 117 2.03 -92.71 -50.55
CA THR G 117 2.46 -91.35 -50.89
C THR G 117 2.22 -91.16 -52.37
N LYS G 118 0.97 -90.83 -52.70
CA LYS G 118 0.61 -90.62 -54.10
C LYS G 118 1.25 -89.34 -54.62
N GLY G 119 1.30 -88.31 -53.79
CA GLY G 119 2.05 -87.11 -54.13
C GLY G 119 3.55 -87.32 -54.00
N GLU G 120 4.30 -86.69 -54.90
CA GLU G 120 5.74 -86.76 -54.84
C GLU G 120 6.30 -85.86 -53.73
N VAL G 121 5.52 -84.90 -53.24
CA VAL G 121 5.94 -84.07 -52.11
C VAL G 121 6.36 -84.94 -50.94
N LEU G 122 5.57 -85.96 -50.61
CA LEU G 122 5.87 -86.82 -49.48
C LEU G 122 6.85 -87.93 -49.87
N ARG G 123 6.77 -88.42 -51.11
CA ARG G 123 7.65 -89.51 -51.48
C ARG G 123 9.08 -89.03 -51.64
N ALA G 124 9.31 -87.73 -51.80
CA ALA G 124 10.67 -87.21 -51.69
C ALA G 124 11.22 -87.50 -50.29
N ILE G 125 10.41 -87.26 -49.27
CA ILE G 125 10.80 -87.62 -47.91
C ILE G 125 11.07 -89.11 -47.84
N VAL G 126 10.12 -89.91 -48.35
CA VAL G 126 10.27 -91.36 -48.33
C VAL G 126 11.55 -91.77 -49.05
N ALA G 127 11.99 -90.97 -50.02
CA ALA G 127 13.20 -91.29 -50.77
C ALA G 127 14.44 -91.02 -49.93
N ARG G 128 14.51 -89.85 -49.30
CA ARG G 128 15.66 -89.59 -48.45
C ARG G 128 15.66 -90.49 -47.23
N ILE G 129 14.50 -90.99 -46.81
CA ILE G 129 14.46 -91.99 -45.75
C ILE G 129 15.25 -93.21 -46.19
N ASP G 130 16.11 -93.70 -45.28
CA ASP G 130 16.92 -94.87 -45.58
C ASP G 130 16.05 -96.14 -45.57
N THR G 131 16.40 -97.07 -46.45
CA THR G 131 15.48 -98.15 -46.79
C THR G 131 15.42 -99.25 -45.73
N SER G 132 16.46 -99.39 -44.89
CA SER G 132 16.41 -100.38 -43.82
C SER G 132 15.17 -100.13 -42.96
N VAL G 133 14.46 -101.21 -42.60
CA VAL G 133 13.10 -101.09 -42.10
C VAL G 133 12.80 -102.11 -41.02
N ASP G 134 11.79 -101.76 -40.22
CA ASP G 134 11.05 -102.65 -39.34
C ASP G 134 9.80 -101.90 -38.91
N TYR G 135 8.62 -102.49 -39.13
CA TYR G 135 7.39 -101.74 -39.07
C TYR G 135 6.57 -101.99 -37.81
N GLU G 136 6.75 -103.14 -37.18
CA GLU G 136 6.07 -103.47 -35.93
C GLU G 136 7.03 -103.86 -34.83
N ALA G 137 8.25 -104.31 -35.17
CA ALA G 137 9.25 -104.68 -34.17
C ALA G 137 9.47 -103.55 -33.17
N PHE G 138 9.69 -102.34 -33.68
CA PHE G 138 9.92 -101.17 -32.85
C PHE G 138 8.69 -100.28 -32.75
N LEU G 139 7.53 -100.76 -33.24
CA LEU G 139 6.27 -100.08 -32.99
C LEU G 139 5.75 -100.30 -31.58
N ASP G 140 6.35 -101.21 -30.84
CA ASP G 140 5.92 -101.44 -29.46
C ASP G 140 6.05 -100.16 -28.64
N ARG G 141 7.04 -99.33 -28.97
CA ARG G 141 7.30 -98.12 -28.20
C ARG G 141 6.34 -96.99 -28.53
N PHE G 142 5.97 -96.84 -29.82
CA PHE G 142 5.19 -95.69 -30.26
C PHE G 142 3.73 -95.90 -29.91
N ALA G 143 3.25 -95.13 -28.93
CA ALA G 143 1.86 -95.21 -28.49
C ALA G 143 1.24 -93.83 -28.54
N ILE G 144 0.12 -93.72 -29.26
CA ILE G 144 -0.59 -92.44 -29.33
C ILE G 144 -1.33 -92.19 -28.03
N GLU G 145 -1.59 -90.91 -27.76
CA GLU G 145 -2.25 -90.51 -26.53
C GLU G 145 -3.14 -89.31 -26.83
N PHE G 146 -4.13 -89.11 -25.96
CA PHE G 146 -5.12 -88.06 -26.10
C PHE G 146 -5.07 -87.15 -24.87
N GLY G 147 -5.06 -85.84 -25.11
CA GLY G 147 -4.99 -84.89 -24.02
C GLY G 147 -5.91 -83.70 -24.25
N PRO G 148 -6.08 -82.89 -23.22
CA PRO G 148 -6.88 -81.67 -23.35
C PRO G 148 -6.09 -80.51 -23.91
N SER G 149 -6.82 -79.45 -24.23
CA SER G 149 -6.17 -78.24 -24.76
C SER G 149 -5.18 -77.67 -23.74
N ALA G 150 -4.20 -76.93 -24.25
CA ALA G 150 -3.12 -76.45 -23.40
C ALA G 150 -3.61 -75.47 -22.36
N GLU G 151 -4.51 -74.57 -22.73
CA GLU G 151 -4.88 -73.49 -21.82
C GLU G 151 -5.74 -73.99 -20.67
N ASP G 152 -6.65 -74.92 -20.94
CA ASP G 152 -7.37 -75.58 -19.85
C ASP G 152 -6.40 -76.27 -18.90
N LEU G 153 -5.41 -76.96 -19.46
CA LEU G 153 -4.36 -77.57 -18.65
C LEU G 153 -3.73 -76.55 -17.73
N GLN G 154 -3.29 -75.42 -18.29
CA GLN G 154 -2.52 -74.45 -17.54
C GLN G 154 -3.37 -73.80 -16.44
N VAL G 155 -4.63 -73.52 -16.75
CA VAL G 155 -5.51 -72.93 -15.74
C VAL G 155 -5.76 -73.95 -14.62
N ALA G 156 -5.88 -75.23 -14.97
CA ALA G 156 -5.97 -76.25 -13.93
C ALA G 156 -4.69 -76.28 -13.09
N VAL G 157 -3.54 -76.09 -13.73
CA VAL G 157 -2.27 -76.12 -13.01
C VAL G 157 -2.21 -75.00 -11.98
N LEU G 158 -2.71 -73.82 -12.37
CA LEU G 158 -2.70 -72.69 -11.46
C LEU G 158 -3.76 -72.87 -10.38
N ALA G 159 -4.90 -73.44 -10.74
CA ALA G 159 -5.93 -73.64 -9.73
C ALA G 159 -5.44 -74.64 -8.68
N SER G 160 -4.77 -75.70 -9.13
CA SER G 160 -4.21 -76.66 -8.20
C SER G 160 -3.22 -75.99 -7.25
N LEU G 161 -2.34 -75.14 -7.78
CA LEU G 161 -1.45 -74.41 -6.89
C LEU G 161 -2.23 -73.53 -5.92
N LYS G 162 -3.38 -73.01 -6.35
CA LYS G 162 -4.17 -72.14 -5.47
C LYS G 162 -4.40 -72.75 -4.10
N ASP G 163 -4.74 -74.04 -4.06
CA ASP G 163 -5.22 -74.63 -2.81
C ASP G 163 -4.12 -74.71 -1.76
N LYS G 164 -2.87 -74.93 -2.19
CA LYS G 164 -1.77 -74.96 -1.22
C LYS G 164 -1.66 -73.65 -0.45
N GLY G 165 -2.21 -72.57 -0.96
CA GLY G 165 -2.23 -71.32 -0.23
C GLY G 165 -0.98 -70.49 -0.38
N PHE G 166 -0.73 -70.02 -1.61
CA PHE G 166 0.31 -69.05 -1.89
C PHE G 166 -0.35 -67.75 -2.32
N ASP G 167 0.25 -66.63 -1.90
CA ASP G 167 -0.31 -65.33 -2.27
C ASP G 167 -0.31 -65.18 -3.78
N PRO G 168 -1.32 -64.51 -4.34
CA PRO G 168 -1.53 -64.55 -5.80
C PRO G 168 -0.40 -63.91 -6.60
N ASP G 169 0.03 -62.72 -6.20
CA ASP G 169 1.00 -61.97 -7.00
C ASP G 169 2.29 -62.78 -7.19
N ASP G 170 2.71 -63.51 -6.17
CA ASP G 170 3.96 -64.27 -6.27
C ASP G 170 3.82 -65.49 -7.17
N ILE G 171 2.63 -66.08 -7.26
CA ILE G 171 2.47 -67.34 -7.98
C ILE G 171 2.93 -67.19 -9.43
N ASP G 172 2.26 -66.32 -10.19
CA ASP G 172 2.47 -66.28 -11.63
C ASP G 172 3.92 -65.94 -11.98
N ALA G 173 4.63 -65.21 -11.12
CA ALA G 173 5.92 -64.65 -11.45
C ALA G 173 7.10 -65.44 -10.88
N VAL G 174 7.11 -65.66 -9.56
CA VAL G 174 8.29 -66.15 -8.87
C VAL G 174 8.13 -67.58 -8.38
N ILE G 175 7.11 -68.30 -8.84
CA ILE G 175 6.86 -69.66 -8.35
C ILE G 175 6.78 -70.65 -9.49
N PHE G 176 5.82 -70.46 -10.39
CA PHE G 176 5.51 -71.51 -11.36
C PHE G 176 6.64 -71.73 -12.36
N PRO G 177 7.17 -70.71 -13.04
CA PRO G 177 8.29 -70.98 -13.95
C PRO G 177 9.53 -71.46 -13.22
N ASN G 178 9.77 -70.94 -12.01
CA ASN G 178 10.85 -71.47 -11.19
C ASN G 178 10.65 -72.95 -10.94
N ALA G 179 9.41 -73.40 -10.82
CA ALA G 179 9.15 -74.83 -10.67
C ALA G 179 9.48 -75.57 -11.96
N ILE G 180 9.02 -75.06 -13.09
CA ILE G 180 9.28 -75.70 -14.37
C ILE G 180 10.78 -75.86 -14.61
N GLN G 181 11.57 -74.92 -14.11
CA GLN G 181 12.99 -74.92 -14.43
C GLN G 181 13.72 -76.08 -13.77
N ARG G 182 13.28 -76.51 -12.58
CA ARG G 182 13.88 -77.68 -11.95
C ARG G 182 13.70 -78.92 -12.81
N ILE G 183 12.48 -79.12 -13.32
CA ILE G 183 12.21 -80.25 -14.19
C ILE G 183 13.05 -80.15 -15.46
N VAL G 184 13.17 -78.94 -16.02
CA VAL G 184 14.04 -78.77 -17.18
C VAL G 184 15.47 -79.16 -16.83
N ASP G 185 15.90 -78.88 -15.61
CA ASP G 185 17.26 -79.20 -15.21
C ASP G 185 17.45 -80.70 -15.13
N LEU G 186 16.52 -81.39 -14.47
CA LEU G 186 16.61 -82.84 -14.35
C LEU G 186 16.57 -83.50 -15.72
N ALA G 187 15.81 -82.92 -16.65
CA ALA G 187 15.66 -83.55 -17.96
C ALA G 187 16.97 -83.56 -18.73
N THR G 188 17.78 -82.51 -18.58
CA THR G 188 19.02 -82.38 -19.32
C THR G 188 20.10 -81.86 -18.38
N ARG G 189 21.00 -82.76 -17.98
CA ARG G 189 22.20 -82.38 -17.23
C ARG G 189 23.40 -82.99 -17.93
N SER G 190 24.33 -82.15 -18.35
CA SER G 190 25.52 -82.65 -19.04
C SER G 190 26.24 -83.68 -18.19
N ASP G 191 26.40 -83.40 -16.90
CA ASP G 191 27.06 -84.32 -16.00
C ASP G 191 26.08 -85.39 -15.54
N VAL G 192 26.63 -86.51 -15.07
CA VAL G 192 25.85 -87.70 -14.77
C VAL G 192 25.54 -87.72 -13.28
N ASN G 193 24.25 -87.76 -12.95
CA ASN G 193 23.79 -88.06 -11.59
C ASN G 193 22.29 -88.37 -11.65
N ASP G 194 21.71 -88.64 -10.49
CA ASP G 194 20.32 -89.08 -10.42
C ASP G 194 19.38 -88.05 -11.01
N ARG G 195 18.23 -88.52 -11.48
CA ARG G 195 17.11 -87.69 -11.92
C ARG G 195 15.93 -87.77 -10.95
N THR G 196 16.14 -88.33 -9.76
CA THR G 196 15.05 -88.65 -8.86
C THR G 196 14.27 -87.41 -8.45
N VAL G 197 13.00 -87.64 -8.08
CA VAL G 197 12.11 -86.59 -7.60
C VAL G 197 11.51 -87.01 -6.27
N GLU G 198 11.45 -86.05 -5.34
CA GLU G 198 10.82 -86.25 -4.05
C GLU G 198 9.80 -85.14 -3.82
N PRO G 199 8.62 -85.47 -3.28
CA PRO G 199 7.53 -84.50 -3.27
C PRO G 199 7.79 -83.34 -2.32
N LYS G 200 8.09 -83.64 -1.05
CA LYS G 200 8.01 -82.63 -0.01
C LYS G 200 9.26 -81.75 0.00
N THR G 201 10.45 -82.35 0.03
CA THR G 201 11.66 -81.56 0.03
C THR G 201 11.69 -80.62 -1.17
N PHE G 202 11.10 -81.04 -2.29
CA PHE G 202 10.99 -80.16 -3.45
C PHE G 202 10.25 -78.89 -3.08
N LEU G 203 9.04 -79.03 -2.53
CA LEU G 203 8.23 -77.87 -2.18
C LEU G 203 8.83 -77.07 -1.03
N ALA G 204 9.65 -77.71 -0.20
CA ALA G 204 10.23 -77.01 0.95
C ALA G 204 11.06 -75.81 0.50
N GLY G 205 12.03 -76.06 -0.40
CA GLY G 205 12.95 -75.00 -0.80
C GLY G 205 12.35 -74.00 -1.75
N LEU G 206 11.36 -74.41 -2.55
CA LEU G 206 10.73 -73.51 -3.50
C LEU G 206 10.11 -72.31 -2.80
N ARG G 207 9.47 -72.53 -1.66
CA ARG G 207 8.85 -71.42 -0.94
C ARG G 207 9.86 -70.30 -0.67
N GLU G 208 11.01 -70.66 -0.11
CA GLU G 208 11.97 -69.64 0.31
C GLU G 208 12.83 -69.13 -0.85
N VAL G 209 13.11 -69.97 -1.86
CA VAL G 209 13.89 -69.50 -3.00
C VAL G 209 13.19 -68.34 -3.66
N ARG G 210 13.93 -67.24 -3.88
CA ARG G 210 13.34 -65.94 -4.17
C ARG G 210 14.12 -65.20 -5.27
N ARG G 211 14.30 -65.84 -6.43
CA ARG G 211 14.89 -65.16 -7.57
C ARG G 211 14.14 -65.48 -8.84
N VAL G 212 13.82 -64.45 -9.61
CA VAL G 212 13.07 -64.63 -10.84
C VAL G 212 13.94 -65.27 -11.91
N THR G 213 13.30 -65.90 -12.88
CA THR G 213 13.98 -66.60 -13.97
C THR G 213 13.45 -66.10 -15.31
N PHE G 214 14.36 -65.60 -16.16
CA PHE G 214 14.03 -65.24 -17.53
C PHE G 214 14.80 -66.17 -18.46
N THR G 215 14.09 -67.11 -19.09
CA THR G 215 14.71 -68.06 -20.02
C THR G 215 13.65 -68.57 -20.98
N ARG G 216 14.12 -69.30 -22.00
CA ARG G 216 13.22 -69.71 -23.07
C ARG G 216 12.13 -70.65 -22.58
N TRP G 217 12.45 -71.55 -21.66
CA TRP G 217 11.44 -72.46 -21.16
C TRP G 217 10.32 -71.68 -20.48
N THR G 218 10.68 -70.65 -19.72
CA THR G 218 9.66 -69.80 -19.11
C THR G 218 8.97 -68.94 -20.16
N ARG G 219 9.71 -68.52 -21.19
CA ARG G 219 9.14 -67.63 -22.21
C ARG G 219 7.96 -68.26 -22.92
N GLU G 220 8.07 -69.56 -23.24
CA GLU G 220 7.02 -70.22 -24.01
C GLU G 220 5.69 -70.23 -23.26
N LEU G 221 5.71 -70.18 -21.94
CA LEU G 221 4.49 -70.23 -21.15
C LEU G 221 3.53 -69.11 -21.55
N ALA G 222 2.23 -69.38 -21.37
CA ALA G 222 1.21 -68.37 -21.58
C ALA G 222 1.26 -67.29 -20.51
N THR G 223 1.63 -67.66 -19.27
CA THR G 223 1.73 -66.70 -18.19
C THR G 223 2.78 -65.65 -18.46
N LYS G 224 3.74 -65.94 -19.33
CA LYS G 224 4.72 -64.95 -19.73
C LYS G 224 4.02 -63.68 -20.19
N GLY G 225 4.52 -62.54 -19.70
CA GLY G 225 3.92 -61.27 -20.00
C GLY G 225 3.50 -60.51 -18.76
N ARG G 226 3.02 -61.22 -17.74
CA ARG G 226 2.68 -60.56 -16.48
C ARG G 226 3.86 -60.46 -15.54
N MET G 227 4.72 -61.48 -15.49
CA MET G 227 5.91 -61.41 -14.64
C MET G 227 6.79 -60.23 -15.05
N PHE G 228 6.90 -59.99 -16.35
CA PHE G 228 7.66 -58.85 -16.84
C PHE G 228 7.18 -57.55 -16.20
N SER G 229 5.88 -57.28 -16.30
CA SER G 229 5.35 -56.03 -15.76
C SER G 229 5.46 -55.97 -14.26
N SER G 230 5.26 -57.09 -13.58
CA SER G 230 5.39 -57.12 -12.13
C SER G 230 6.79 -56.70 -11.72
N LEU G 231 7.80 -57.26 -12.38
CA LEU G 231 9.18 -56.93 -12.03
C LEU G 231 9.54 -55.52 -12.46
N ARG G 232 8.90 -55.01 -13.50
CA ARG G 232 9.11 -53.62 -13.91
C ARG G 232 8.60 -52.65 -12.85
N LYS G 233 7.36 -52.83 -12.42
CA LYS G 233 6.76 -51.92 -11.46
C LYS G 233 7.24 -52.14 -10.04
N SER G 234 7.88 -53.26 -9.75
CA SER G 234 8.47 -53.43 -8.43
C SER G 234 9.64 -52.49 -8.20
N LEU G 235 10.33 -52.09 -9.27
CA LEU G 235 11.62 -51.41 -9.17
C LEU G 235 11.51 -49.92 -9.36
N ARG G 236 10.30 -49.36 -9.39
CA ARG G 236 10.14 -47.96 -9.78
C ARG G 236 10.64 -47.03 -8.69
N SER G 237 10.27 -47.29 -7.44
CA SER G 237 10.69 -46.41 -6.35
C SER G 237 12.19 -46.40 -6.20
N CYS G 238 12.85 -47.53 -6.47
CA CYS G 238 14.29 -47.59 -6.39
C CYS G 238 14.93 -46.68 -7.42
N LEU G 239 14.42 -46.69 -8.64
CA LEU G 239 15.05 -46.03 -9.75
C LEU G 239 14.65 -44.57 -9.90
N ALA G 240 13.80 -44.05 -9.02
CA ALA G 240 13.35 -42.68 -9.11
C ALA G 240 14.17 -41.73 -8.28
N HIS G 241 15.25 -42.19 -7.67
CA HIS G 241 16.06 -41.39 -6.78
C HIS G 241 17.33 -40.96 -7.50
N ASN G 242 17.64 -39.67 -7.40
CA ASN G 242 18.79 -39.14 -8.11
C ASN G 242 20.09 -39.59 -7.47
N SER G 243 20.15 -39.61 -6.15
CA SER G 243 21.35 -39.98 -5.41
C SER G 243 21.10 -41.27 -4.64
N ARG G 244 21.85 -42.31 -4.98
CA ARG G 244 21.74 -43.58 -4.31
C ARG G 244 22.93 -44.44 -4.70
N TRP G 245 23.36 -45.29 -3.79
CA TRP G 245 24.51 -46.15 -3.98
C TRP G 245 24.01 -47.51 -4.46
N ARG G 246 24.29 -47.81 -5.72
CA ARG G 246 23.85 -49.02 -6.39
C ARG G 246 25.05 -49.86 -6.77
N VAL G 247 24.87 -51.19 -6.79
CA VAL G 247 25.98 -52.08 -7.12
C VAL G 247 25.50 -53.28 -7.93
N PHE G 248 26.39 -53.77 -8.80
CA PHE G 248 26.02 -54.85 -9.70
C PHE G 248 27.09 -55.94 -9.66
N VAL G 249 26.68 -57.18 -9.92
CA VAL G 249 27.59 -58.30 -10.10
C VAL G 249 27.07 -59.20 -11.22
N ILE G 250 27.94 -59.53 -12.18
CA ILE G 250 27.58 -60.23 -13.39
C ILE G 250 28.49 -61.43 -13.61
N ASN G 251 27.94 -62.47 -14.24
CA ASN G 251 28.68 -63.67 -14.62
C ASN G 251 28.41 -64.01 -16.08
N PRO G 252 29.38 -63.82 -16.98
CA PRO G 252 29.09 -63.86 -18.41
C PRO G 252 29.23 -65.19 -19.11
N LEU G 253 29.42 -66.30 -18.40
CA LEU G 253 29.61 -67.58 -19.08
C LEU G 253 28.37 -67.97 -19.86
N THR G 254 27.21 -67.90 -19.23
CA THR G 254 25.98 -68.36 -19.86
C THR G 254 25.45 -67.37 -20.89
N ILE G 255 25.65 -66.07 -20.64
CA ILE G 255 24.99 -65.06 -21.45
C ILE G 255 25.46 -65.15 -22.89
N GLU G 256 24.58 -64.76 -23.80
CA GLU G 256 24.76 -64.90 -25.22
C GLU G 256 25.21 -63.60 -25.84
N ASN G 257 26.22 -63.67 -26.69
CA ASN G 257 26.71 -62.51 -27.42
C ASN G 257 27.11 -61.39 -26.46
N PHE G 258 27.83 -61.77 -25.40
CA PHE G 258 28.14 -60.86 -24.31
C PHE G 258 29.12 -59.79 -24.74
N ASP G 259 30.10 -60.15 -25.56
CA ASP G 259 31.20 -59.25 -25.85
C ASP G 259 30.70 -57.97 -26.51
N ASP G 260 29.73 -58.08 -27.41
CA ASP G 260 29.31 -56.94 -28.21
C ASP G 260 28.06 -56.24 -27.68
N ASP G 261 27.36 -56.83 -26.71
CA ASP G 261 26.20 -56.17 -26.13
C ASP G 261 26.49 -55.55 -24.76
N ILE G 262 27.59 -55.91 -24.13
CA ILE G 262 27.91 -55.38 -22.80
C ILE G 262 28.09 -53.87 -22.87
N VAL G 263 28.73 -53.39 -23.93
CA VAL G 263 29.09 -51.98 -24.00
C VAL G 263 27.84 -51.11 -24.13
N ARG G 264 26.97 -51.44 -25.08
CA ARG G 264 25.78 -50.63 -25.32
C ARG G 264 24.91 -50.53 -24.09
N PHE G 265 24.87 -51.60 -23.30
CA PHE G 265 24.08 -51.62 -22.08
C PHE G 265 24.60 -50.61 -21.06
N ILE G 266 25.91 -50.65 -20.80
CA ILE G 266 26.49 -49.69 -19.87
C ILE G 266 26.26 -48.28 -20.36
N LYS G 267 26.42 -48.07 -21.65
CA LYS G 267 26.25 -46.74 -22.21
C LYS G 267 24.82 -46.23 -21.99
N ALA G 268 23.83 -47.08 -22.25
CA ALA G 268 22.43 -46.68 -22.08
C ALA G 268 22.11 -46.42 -20.63
N PHE G 269 22.63 -47.23 -19.73
CA PHE G 269 22.36 -47.03 -18.31
C PHE G 269 22.96 -45.72 -17.82
N VAL G 270 24.20 -45.45 -18.22
CA VAL G 270 24.92 -44.28 -17.77
C VAL G 270 24.42 -43.01 -18.43
N GLN G 271 23.75 -43.12 -19.58
CA GLN G 271 23.18 -41.94 -20.22
C GLN G 271 21.95 -41.42 -19.48
N ARG G 272 21.31 -42.25 -18.65
CA ARG G 272 20.12 -41.84 -17.95
C ARG G 272 20.29 -41.74 -16.44
N TYR G 273 21.17 -42.52 -15.83
CA TYR G 273 21.26 -42.52 -14.38
C TYR G 273 22.57 -41.95 -13.83
N SER G 274 23.50 -41.52 -14.67
CA SER G 274 24.73 -40.93 -14.18
C SER G 274 25.19 -39.77 -15.06
N SER G 275 24.29 -38.86 -15.39
CA SER G 275 24.66 -37.81 -16.33
C SER G 275 24.13 -36.44 -15.93
N LYS G 276 24.23 -36.06 -14.66
CA LYS G 276 23.94 -34.67 -14.32
C LYS G 276 24.39 -34.35 -12.90
N TYR G 277 24.18 -33.09 -12.52
CA TYR G 277 24.79 -32.51 -11.34
C TYR G 277 24.28 -33.14 -10.06
N LEU G 278 22.99 -33.43 -10.00
CA LEU G 278 22.41 -34.07 -8.84
C LEU G 278 22.65 -35.57 -8.78
N HIS G 279 23.36 -36.12 -9.76
CA HIS G 279 23.72 -37.52 -9.78
C HIS G 279 25.11 -37.69 -9.16
N SER G 280 25.14 -37.50 -7.85
CA SER G 280 26.40 -37.34 -7.13
C SER G 280 27.20 -38.62 -7.03
N ASN G 281 26.52 -39.76 -6.85
CA ASN G 281 27.20 -41.00 -6.56
C ASN G 281 27.18 -41.94 -7.74
N PRO G 282 28.30 -42.18 -8.41
CA PRO G 282 28.31 -43.08 -9.54
C PRO G 282 28.29 -44.53 -9.13
N PRO G 283 27.92 -45.42 -10.03
CA PRO G 283 27.80 -46.84 -9.69
C PRO G 283 29.05 -47.67 -9.87
N LEU G 284 28.90 -48.97 -9.67
CA LEU G 284 30.00 -49.91 -9.70
C LEU G 284 29.61 -51.18 -10.43
N PHE G 285 30.54 -51.70 -11.21
CA PHE G 285 30.36 -52.93 -11.96
C PHE G 285 31.51 -53.87 -11.64
N MET G 286 31.17 -55.02 -11.06
CA MET G 286 32.15 -56.06 -10.74
C MET G 286 31.81 -57.30 -11.54
N LEU G 287 32.81 -57.87 -12.20
CA LEU G 287 32.66 -59.03 -13.05
C LEU G 287 33.43 -60.21 -12.47
N THR G 288 32.89 -61.41 -12.70
CA THR G 288 33.42 -62.64 -12.14
C THR G 288 33.88 -63.56 -13.25
N GLY G 289 35.04 -64.20 -13.03
CA GLY G 289 35.62 -65.09 -14.01
C GLY G 289 37.09 -64.82 -14.25
N ASP G 290 37.55 -65.15 -15.45
CA ASP G 290 38.91 -64.83 -15.89
C ASP G 290 38.88 -63.76 -16.99
N TYR G 291 37.97 -62.80 -16.85
CA TYR G 291 37.75 -61.80 -17.87
C TYR G 291 38.91 -60.83 -17.94
N ASP G 292 39.06 -60.20 -19.10
CA ASP G 292 40.07 -59.18 -19.33
C ASP G 292 39.37 -57.83 -19.47
N LEU G 293 39.56 -56.97 -18.47
CA LEU G 293 38.91 -55.66 -18.47
C LEU G 293 39.54 -54.72 -19.49
N SER G 294 40.84 -54.83 -19.70
CA SER G 294 41.59 -53.83 -20.44
C SER G 294 40.96 -53.52 -21.78
N VAL G 295 40.40 -54.52 -22.45
CA VAL G 295 39.83 -54.29 -23.77
C VAL G 295 38.54 -53.49 -23.68
N LEU G 296 37.78 -53.63 -22.59
CA LEU G 296 36.52 -52.92 -22.46
C LEU G 296 36.74 -51.44 -22.21
N GLN G 297 37.77 -51.12 -21.44
CA GLN G 297 38.03 -49.75 -21.04
C GLN G 297 38.39 -48.89 -22.24
N LYS G 298 39.19 -49.43 -23.17
CA LYS G 298 39.52 -48.70 -24.38
C LYS G 298 38.29 -48.41 -25.21
N ARG G 299 37.39 -49.39 -25.34
CA ARG G 299 36.18 -49.19 -26.13
C ARG G 299 35.27 -48.15 -25.51
N LEU G 300 35.16 -48.14 -24.19
CA LEU G 300 34.36 -47.10 -23.56
C LEU G 300 35.01 -45.74 -23.66
N TYR G 301 36.35 -45.68 -23.68
CA TYR G 301 37.00 -44.41 -23.94
C TYR G 301 36.71 -43.92 -25.35
N ASP G 302 36.73 -44.83 -26.32
CA ASP G 302 36.30 -44.48 -27.67
C ASP G 302 34.88 -43.94 -27.67
N ALA G 303 33.99 -44.56 -26.88
CA ALA G 303 32.64 -44.03 -26.75
C ALA G 303 32.65 -42.62 -26.19
N GLY G 304 33.49 -42.36 -25.19
CA GLY G 304 33.59 -41.03 -24.63
C GLY G 304 33.74 -40.98 -23.14
N LEU G 305 33.48 -42.09 -22.47
CA LEU G 305 33.40 -42.13 -21.03
C LEU G 305 34.73 -42.49 -20.39
N ARG G 306 34.87 -42.14 -19.13
CA ARG G 306 36.04 -42.39 -18.32
C ARG G 306 35.66 -43.20 -17.09
N CYS G 307 36.62 -43.96 -16.58
CA CYS G 307 36.38 -44.93 -15.53
C CYS G 307 37.36 -44.74 -14.38
N GLU G 308 37.00 -45.32 -13.23
CA GLU G 308 37.84 -45.36 -12.05
C GLU G 308 38.06 -46.82 -11.65
N THR G 309 39.30 -47.28 -11.73
CA THR G 309 39.64 -48.65 -11.45
C THR G 309 40.31 -48.86 -10.10
N GLY G 310 40.85 -47.81 -9.50
CA GLY G 310 41.50 -47.93 -8.22
C GLY G 310 42.87 -48.56 -8.24
N LYS G 311 43.64 -48.29 -9.28
CA LYS G 311 44.97 -48.85 -9.43
C LYS G 311 45.97 -47.72 -9.63
N VAL G 312 46.84 -47.51 -8.66
CA VAL G 312 47.92 -46.53 -8.79
C VAL G 312 49.11 -47.29 -9.35
N GLY G 313 49.11 -47.45 -10.66
CA GLY G 313 50.21 -48.08 -11.36
C GLY G 313 50.17 -49.59 -11.45
N GLY G 314 50.17 -50.26 -10.31
CA GLY G 314 50.35 -51.69 -10.24
C GLY G 314 49.09 -52.50 -10.40
N THR G 315 49.05 -53.63 -9.68
CA THR G 315 48.00 -54.61 -9.80
C THR G 315 47.21 -54.79 -8.52
N ASP G 316 47.41 -53.94 -7.53
CA ASP G 316 46.71 -54.04 -6.25
C ASP G 316 45.76 -52.85 -6.11
N VAL G 317 44.51 -53.15 -5.81
CA VAL G 317 43.48 -52.15 -5.64
C VAL G 317 43.55 -51.53 -4.26
N ILE G 318 43.22 -50.25 -4.19
CA ILE G 318 43.14 -49.50 -2.95
C ILE G 318 41.70 -49.03 -2.81
N ILE G 319 41.03 -49.45 -1.75
CA ILE G 319 39.60 -49.22 -1.64
C ILE G 319 39.28 -47.75 -1.40
N LYS G 320 40.22 -47.00 -0.83
CA LYS G 320 39.99 -45.59 -0.63
C LYS G 320 39.74 -44.86 -1.94
N GLU G 321 40.46 -45.25 -2.99
CA GLU G 321 40.35 -44.57 -4.26
C GLU G 321 39.12 -44.99 -5.05
N LEU G 322 38.68 -46.24 -4.87
CA LEU G 322 37.59 -46.75 -5.67
C LEU G 322 36.26 -46.15 -5.24
N PHE G 323 36.07 -45.93 -3.94
CA PHE G 323 34.82 -45.47 -3.38
C PHE G 323 34.84 -44.00 -3.00
N ARG G 324 35.66 -43.20 -3.67
CA ARG G 324 35.73 -41.78 -3.39
C ARG G 324 34.71 -40.99 -4.20
N ARG G 325 34.69 -39.70 -3.98
CA ARG G 325 33.72 -38.80 -4.56
C ARG G 325 34.37 -37.86 -5.58
N PRO G 326 33.70 -37.60 -6.68
CA PRO G 326 34.31 -36.85 -7.77
C PRO G 326 34.08 -35.35 -7.75
N ILE G 327 34.85 -34.67 -8.55
CA ILE G 327 34.72 -33.25 -8.79
C ILE G 327 33.64 -33.00 -9.83
N LEU G 328 32.95 -31.89 -9.68
CA LEU G 328 31.86 -31.51 -10.57
C LEU G 328 31.83 -30.01 -10.78
N ILE G 329 31.33 -29.61 -11.95
CA ILE G 329 31.21 -28.22 -12.35
C ILE G 329 29.89 -28.02 -13.06
N ARG G 330 29.22 -26.92 -12.74
CA ARG G 330 27.84 -26.72 -13.17
C ARG G 330 27.76 -26.16 -14.59
N ASN G 331 28.47 -25.08 -14.86
CA ASN G 331 28.32 -24.34 -16.11
C ASN G 331 29.69 -24.02 -16.70
N PRO G 332 30.11 -24.68 -17.79
CA PRO G 332 29.51 -25.83 -18.46
C PRO G 332 29.77 -27.13 -17.73
N PHE G 333 28.93 -28.12 -17.95
CA PHE G 333 28.96 -29.33 -17.15
C PHE G 333 30.21 -30.16 -17.45
N ARG G 334 30.86 -30.64 -16.38
CA ARG G 334 31.99 -31.53 -16.47
C ARG G 334 31.93 -32.53 -15.33
N MET G 335 32.36 -33.75 -15.61
CA MET G 335 32.44 -34.82 -14.62
C MET G 335 33.82 -35.46 -14.67
N GLU G 336 34.39 -35.72 -13.50
CA GLU G 336 35.69 -36.37 -13.43
C GLU G 336 35.62 -37.78 -13.95
N PHE G 337 34.64 -38.56 -13.48
CA PHE G 337 34.38 -39.87 -14.03
C PHE G 337 32.92 -40.22 -13.83
N SER G 338 32.46 -41.14 -14.66
CA SER G 338 31.06 -41.51 -14.73
C SER G 338 30.75 -42.91 -14.21
N LEU G 339 31.73 -43.80 -14.14
CA LEU G 339 31.47 -45.12 -13.65
C LEU G 339 32.72 -45.72 -13.02
N ARG G 340 32.51 -46.80 -12.29
CA ARG G 340 33.52 -47.54 -11.56
C ARG G 340 33.53 -48.98 -12.03
N LEU G 341 34.71 -49.59 -12.05
CA LEU G 341 34.85 -50.90 -12.65
C LEU G 341 36.00 -51.66 -12.01
N ALA G 342 35.81 -52.96 -11.83
CA ALA G 342 36.76 -53.80 -11.14
C ALA G 342 36.37 -55.26 -11.34
N LYS G 343 37.16 -56.14 -10.75
CA LYS G 343 36.90 -57.57 -10.73
C LYS G 343 36.81 -58.05 -9.28
N ARG G 344 35.90 -58.98 -9.04
CA ARG G 344 35.49 -59.29 -7.68
C ARG G 344 36.60 -59.97 -6.90
N ASP G 345 37.40 -60.79 -7.56
CA ASP G 345 38.45 -61.54 -6.88
C ASP G 345 39.45 -60.60 -6.21
N GLU G 346 39.74 -59.47 -6.84
CA GLU G 346 40.73 -58.55 -6.31
C GLU G 346 40.19 -57.70 -5.17
N VAL G 347 38.91 -57.37 -5.18
CA VAL G 347 38.36 -56.51 -4.15
C VAL G 347 38.32 -57.28 -2.84
N ILE G 348 39.20 -56.90 -1.92
CA ILE G 348 39.38 -57.60 -0.65
C ILE G 348 39.06 -56.61 0.46
N GLY G 349 37.86 -56.68 0.97
CA GLY G 349 37.43 -55.86 2.08
C GLY G 349 36.04 -55.35 1.85
N GLY G 350 35.74 -54.22 2.50
CA GLY G 350 34.44 -53.62 2.39
C GLY G 350 34.46 -52.12 2.63
N PRO G 351 33.40 -51.45 2.22
CA PRO G 351 33.31 -50.01 2.39
C PRO G 351 32.74 -49.57 3.72
N GLN G 352 32.95 -48.30 4.03
CA GLN G 352 32.44 -47.73 5.27
C GLN G 352 30.92 -47.68 5.28
N ARG G 353 30.31 -47.46 4.11
CA ARG G 353 28.88 -47.34 3.99
C ARG G 353 28.31 -48.56 3.26
N ARG G 354 27.27 -49.14 3.82
CA ARG G 354 26.66 -50.31 3.23
C ARG G 354 25.85 -49.93 1.99
N PRO G 355 25.78 -50.81 1.00
CA PRO G 355 25.05 -50.46 -0.22
C PRO G 355 23.54 -50.53 -0.07
N ASP G 356 22.87 -49.61 -0.75
CA ASP G 356 21.42 -49.52 -0.68
C ASP G 356 20.74 -50.49 -1.63
N GLU G 357 21.41 -50.88 -2.70
CA GLU G 357 20.86 -51.86 -3.63
C GLU G 357 21.96 -52.67 -4.27
N LEU G 358 21.71 -53.96 -4.41
CA LEU G 358 22.67 -54.90 -4.96
C LEU G 358 21.95 -55.81 -5.93
N PHE G 359 22.43 -55.87 -7.16
CA PHE G 359 21.86 -56.69 -8.21
C PHE G 359 22.85 -57.80 -8.54
N LEU G 360 22.37 -59.04 -8.53
CA LEU G 360 23.19 -60.22 -8.81
C LEU G 360 22.61 -60.95 -10.00
N ILE G 361 23.32 -60.93 -11.12
CA ILE G 361 22.88 -61.57 -12.35
C ILE G 361 23.62 -62.89 -12.47
N ASN G 362 22.89 -63.99 -12.30
CA ASN G 362 23.42 -65.34 -12.43
C ASN G 362 24.52 -65.61 -11.42
N VAL G 363 24.35 -65.07 -10.22
CA VAL G 363 25.22 -65.33 -9.09
C VAL G 363 24.37 -65.82 -7.94
N ALA G 364 24.82 -66.89 -7.28
CA ALA G 364 24.07 -67.47 -6.18
C ALA G 364 24.16 -66.64 -4.91
N ASP G 365 25.36 -66.46 -4.39
CA ASP G 365 25.56 -65.73 -3.15
C ASP G 365 26.86 -64.96 -3.22
N ASP G 366 26.95 -63.91 -2.39
CA ASP G 366 28.14 -63.11 -2.30
C ASP G 366 28.32 -62.65 -0.86
N GLU G 367 29.47 -62.05 -0.59
CA GLU G 367 29.90 -61.76 0.77
C GLU G 367 29.21 -60.55 1.37
N TRP G 368 28.49 -59.77 0.58
CA TRP G 368 27.97 -58.49 1.03
C TRP G 368 26.48 -58.52 1.33
N LYS G 369 25.87 -59.69 1.35
CA LYS G 369 24.51 -59.82 1.85
C LYS G 369 24.45 -59.36 3.30
N HIS G 370 23.29 -58.85 3.68
CA HIS G 370 23.10 -58.36 5.04
C HIS G 370 21.63 -57.98 5.19
N GLU G 371 21.25 -57.63 6.41
CA GLU G 371 19.86 -57.34 6.70
C GLU G 371 19.43 -55.94 6.31
N ASP G 372 20.37 -55.01 6.21
CA ASP G 372 20.09 -53.61 5.94
C ASP G 372 20.16 -53.26 4.47
N VAL G 373 20.15 -54.26 3.59
CA VAL G 373 20.46 -54.07 2.18
C VAL G 373 19.47 -54.86 1.34
N ASN G 374 18.77 -54.16 0.46
CA ASN G 374 17.85 -54.80 -0.47
C ASN G 374 18.61 -55.59 -1.53
N VAL G 375 18.05 -56.71 -1.92
CA VAL G 375 18.68 -57.64 -2.86
C VAL G 375 17.65 -58.06 -3.88
N HIS G 376 18.04 -58.01 -5.14
CA HIS G 376 17.24 -58.45 -6.27
C HIS G 376 18.07 -59.45 -7.05
N GLY G 377 17.48 -60.58 -7.40
CA GLY G 377 18.19 -61.62 -8.12
C GLY G 377 17.44 -62.08 -9.34
N PHE G 378 18.19 -62.42 -10.37
CA PHE G 378 17.63 -62.78 -11.66
C PHE G 378 18.48 -63.87 -12.31
N LYS G 379 17.83 -64.66 -13.17
CA LYS G 379 18.47 -65.65 -14.01
C LYS G 379 18.07 -65.37 -15.45
N ILE G 380 19.02 -64.87 -16.25
CA ILE G 380 18.74 -64.39 -17.59
C ILE G 380 19.71 -65.01 -18.57
N GLU G 381 19.27 -65.09 -19.84
CA GLU G 381 20.09 -65.63 -20.90
C GLU G 381 20.37 -64.64 -22.02
N ARG G 382 19.71 -63.49 -22.05
CA ARG G 382 20.07 -62.40 -22.95
C ARG G 382 19.88 -61.07 -22.23
N LEU G 383 20.71 -60.09 -22.57
CA LEU G 383 20.73 -58.82 -21.85
C LEU G 383 19.60 -57.88 -22.23
N SER G 384 19.02 -58.03 -23.43
CA SER G 384 17.94 -57.16 -23.83
C SER G 384 16.78 -57.21 -22.84
N ASP G 385 16.61 -58.34 -22.15
CA ASP G 385 15.55 -58.45 -21.18
C ASP G 385 15.76 -57.54 -19.99
N LEU G 386 17.02 -57.29 -19.63
CA LEU G 386 17.32 -56.50 -18.44
C LEU G 386 16.99 -55.03 -18.64
N GLU G 387 17.11 -54.53 -19.87
CA GLU G 387 16.81 -53.13 -20.14
C GLU G 387 15.34 -52.82 -19.94
N TYR G 388 14.46 -53.72 -20.37
CA TYR G 388 13.03 -53.50 -20.17
C TYR G 388 12.70 -53.41 -18.68
N ILE G 389 13.40 -54.17 -17.85
CA ILE G 389 13.18 -54.12 -16.42
C ILE G 389 13.59 -52.76 -15.86
N LEU G 390 14.56 -52.11 -16.48
CA LEU G 390 15.09 -50.83 -16.00
C LEU G 390 14.65 -49.66 -16.86
N GLN G 391 13.67 -49.85 -17.72
CA GLN G 391 13.05 -48.76 -18.46
C GLN G 391 14.01 -48.08 -19.43
N LEU G 392 14.64 -48.89 -20.27
CA LEU G 392 15.51 -48.37 -21.32
C LEU G 392 15.11 -48.87 -22.69
N ARG G 393 13.91 -49.44 -22.82
CA ARG G 393 13.41 -49.90 -24.10
C ARG G 393 11.89 -49.94 -24.03
N SER G 394 11.26 -49.87 -25.21
CA SER G 394 9.81 -49.79 -25.27
C SER G 394 9.14 -51.13 -24.99
N ASP G 395 9.51 -52.17 -25.75
CA ASP G 395 8.84 -53.45 -25.67
C ASP G 395 9.85 -54.58 -25.54
N TYR G 396 9.42 -55.67 -24.93
CA TYR G 396 10.32 -56.78 -24.63
C TYR G 396 10.75 -57.47 -25.92
N ALA G 397 11.73 -58.35 -25.77
CA ALA G 397 12.28 -59.10 -26.90
C ALA G 397 11.25 -60.07 -27.43
N PHE H 228 78.07 -21.70 -11.97
CA PHE H 228 77.13 -22.12 -10.96
C PHE H 228 76.33 -20.98 -10.32
N SER H 229 76.94 -19.80 -10.15
CA SER H 229 76.16 -18.70 -9.59
C SER H 229 75.45 -17.89 -10.68
N SER H 230 76.22 -17.42 -11.66
CA SER H 230 75.64 -16.65 -12.75
C SER H 230 74.63 -17.46 -13.54
N LEU H 231 74.86 -18.76 -13.65
CA LEU H 231 73.88 -19.64 -14.30
C LEU H 231 72.54 -19.55 -13.59
N ARG H 232 72.55 -19.47 -12.26
CA ARG H 232 71.31 -19.32 -11.51
C ARG H 232 70.57 -18.05 -11.95
N LYS H 233 71.30 -16.95 -12.10
CA LYS H 233 70.67 -15.68 -12.50
C LYS H 233 70.19 -15.71 -13.94
N SER H 234 70.80 -16.52 -14.79
CA SER H 234 70.36 -16.57 -16.17
C SER H 234 68.91 -17.03 -16.27
N LEU H 235 68.48 -17.90 -15.36
CA LEU H 235 67.15 -18.48 -15.38
C LEU H 235 66.13 -17.73 -14.54
N ARG H 236 66.49 -16.57 -13.99
CA ARG H 236 65.57 -15.85 -13.11
C ARG H 236 64.35 -15.37 -13.88
N SER H 237 64.55 -14.90 -15.11
CA SER H 237 63.42 -14.39 -15.88
C SER H 237 62.49 -15.51 -16.33
N CYS H 238 63.05 -16.68 -16.62
CA CYS H 238 62.23 -17.77 -17.16
C CYS H 238 61.21 -18.25 -16.15
N LEU H 239 61.59 -18.32 -14.88
CA LEU H 239 60.76 -18.93 -13.85
C LEU H 239 59.78 -17.97 -13.20
N ALA H 240 59.71 -16.72 -13.66
CA ALA H 240 58.79 -15.77 -13.05
C ALA H 240 57.36 -15.98 -13.54
N HIS H 241 57.20 -16.28 -14.82
CA HIS H 241 55.88 -16.44 -15.39
C HIS H 241 55.10 -17.53 -14.67
N ASN H 242 53.79 -17.32 -14.56
CA ASN H 242 52.93 -18.22 -13.81
C ASN H 242 52.48 -19.38 -14.68
N SER H 243 52.00 -19.10 -15.89
CA SER H 243 51.49 -20.10 -16.80
C SER H 243 52.45 -20.25 -17.97
N ARG H 244 53.10 -21.41 -18.04
CA ARG H 244 54.01 -21.72 -19.14
C ARG H 244 54.21 -23.22 -19.19
N TRP H 245 54.53 -23.73 -20.37
CA TRP H 245 54.67 -25.15 -20.61
C TRP H 245 56.13 -25.53 -20.42
N ARG H 246 56.41 -26.46 -19.51
CA ARG H 246 57.77 -26.82 -19.14
C ARG H 246 58.02 -28.32 -19.18
N VAL H 247 59.16 -28.68 -19.76
CA VAL H 247 59.53 -30.07 -20.00
C VAL H 247 60.89 -30.35 -19.40
N PHE H 248 61.03 -31.53 -18.81
CA PHE H 248 62.27 -32.01 -18.21
C PHE H 248 62.63 -33.35 -18.82
N VAL H 249 63.89 -33.52 -19.23
CA VAL H 249 64.41 -34.81 -19.66
C VAL H 249 65.61 -35.16 -18.78
N ILE H 250 65.62 -36.41 -18.27
CA ILE H 250 66.61 -36.82 -17.29
C ILE H 250 67.14 -38.22 -17.60
N ASN H 251 68.42 -38.41 -17.34
CA ASN H 251 69.11 -39.70 -17.44
C ASN H 251 69.67 -40.09 -16.08
N PRO H 252 69.19 -41.15 -15.44
CA PRO H 252 69.58 -41.43 -14.05
C PRO H 252 70.85 -42.22 -13.84
N LEU H 253 71.39 -42.86 -14.87
CA LEU H 253 72.54 -43.75 -14.65
C LEU H 253 73.73 -43.00 -14.09
N THR H 254 73.95 -41.76 -14.52
CA THR H 254 75.13 -41.00 -14.17
C THR H 254 74.90 -40.02 -13.04
N ILE H 255 73.86 -40.21 -12.23
CA ILE H 255 73.58 -39.36 -11.08
C ILE H 255 73.73 -40.17 -9.81
N GLU H 256 74.40 -39.59 -8.84
CA GLU H 256 74.64 -40.23 -7.55
C GLU H 256 73.44 -40.05 -6.66
N ASN H 257 73.01 -41.15 -6.03
CA ASN H 257 71.91 -41.14 -5.07
C ASN H 257 70.65 -40.53 -5.68
N PHE H 258 70.13 -41.20 -6.70
CA PHE H 258 68.98 -40.72 -7.44
C PHE H 258 67.67 -41.11 -6.76
N ASP H 259 67.56 -42.39 -6.40
CA ASP H 259 66.30 -42.92 -5.92
C ASP H 259 65.90 -42.27 -4.61
N ASP H 260 66.87 -41.93 -3.78
CA ASP H 260 66.59 -41.39 -2.46
C ASP H 260 66.08 -39.97 -2.54
N ASP H 261 66.55 -39.17 -3.49
CA ASP H 261 66.28 -37.74 -3.54
C ASP H 261 65.27 -37.30 -4.59
N ILE H 262 64.90 -38.16 -5.53
CA ILE H 262 64.01 -37.74 -6.61
C ILE H 262 62.68 -37.24 -6.06
N VAL H 263 62.11 -37.97 -5.11
CA VAL H 263 60.78 -37.65 -4.62
C VAL H 263 60.77 -36.29 -3.94
N ARG H 264 61.80 -36.01 -3.15
CA ARG H 264 61.87 -34.76 -2.44
C ARG H 264 62.09 -33.60 -3.40
N PHE H 265 62.88 -33.83 -4.44
CA PHE H 265 63.04 -32.81 -5.48
C PHE H 265 61.69 -32.46 -6.08
N ILE H 266 60.92 -33.47 -6.45
CA ILE H 266 59.64 -33.24 -7.11
C ILE H 266 58.68 -32.52 -6.18
N LYS H 267 58.65 -32.93 -4.92
CA LYS H 267 57.75 -32.34 -3.96
C LYS H 267 58.04 -30.86 -3.77
N ALA H 268 59.32 -30.50 -3.67
CA ALA H 268 59.66 -29.10 -3.51
C ALA H 268 59.30 -28.29 -4.74
N PHE H 269 59.63 -28.81 -5.92
CA PHE H 269 59.29 -28.08 -7.15
C PHE H 269 57.79 -27.83 -7.23
N VAL H 270 57.00 -28.83 -6.89
CA VAL H 270 55.55 -28.67 -6.97
C VAL H 270 55.05 -27.66 -5.97
N GLN H 271 55.56 -27.70 -4.74
CA GLN H 271 55.09 -26.75 -3.74
C GLN H 271 55.42 -25.32 -4.14
N ARG H 272 56.53 -25.11 -4.85
CA ARG H 272 56.87 -23.75 -5.22
C ARG H 272 56.16 -23.28 -6.49
N TYR H 273 56.02 -24.14 -7.49
CA TYR H 273 55.61 -23.69 -8.81
C TYR H 273 54.27 -24.23 -9.31
N SER H 274 53.62 -25.13 -8.58
CA SER H 274 52.37 -25.73 -9.06
C SER H 274 51.37 -25.94 -7.94
N SER H 275 51.16 -24.93 -7.10
CA SER H 275 50.16 -25.03 -6.03
C SER H 275 49.41 -23.73 -5.85
N LYS H 276 48.94 -23.15 -6.95
CA LYS H 276 48.04 -22.02 -6.92
C LYS H 276 47.05 -22.12 -8.06
N TYR H 277 46.10 -21.18 -8.09
CA TYR H 277 45.10 -21.16 -9.15
C TYR H 277 45.71 -20.72 -10.47
N LEU H 278 46.48 -19.65 -10.44
CA LEU H 278 47.08 -19.11 -11.65
C LEU H 278 48.10 -20.05 -12.27
N HIS H 279 48.66 -20.96 -11.49
CA HIS H 279 49.59 -21.96 -11.99
C HIS H 279 48.77 -23.06 -12.65
N SER H 280 48.58 -22.94 -13.96
CA SER H 280 47.58 -23.70 -14.70
C SER H 280 48.16 -24.62 -15.76
N ASN H 281 49.44 -24.96 -15.68
CA ASN H 281 50.07 -25.80 -16.69
C ASN H 281 51.10 -26.68 -16.01
N PRO H 282 50.68 -27.81 -15.46
CA PRO H 282 51.58 -28.65 -14.71
C PRO H 282 52.76 -29.12 -15.56
N PRO H 283 53.89 -29.37 -14.94
CA PRO H 283 55.09 -29.73 -15.70
C PRO H 283 55.13 -31.20 -16.08
N LEU H 284 56.01 -31.50 -17.04
CA LEU H 284 56.21 -32.86 -17.50
C LEU H 284 57.63 -33.32 -17.23
N PHE H 285 57.73 -34.54 -16.71
CA PHE H 285 59.00 -35.21 -16.45
C PHE H 285 59.10 -36.44 -17.34
N MET H 286 60.23 -36.58 -18.03
CA MET H 286 60.49 -37.75 -18.84
C MET H 286 61.81 -38.37 -18.42
N LEU H 287 61.75 -39.66 -18.14
CA LEU H 287 62.91 -40.42 -17.68
C LEU H 287 63.35 -41.39 -18.76
N THR H 288 64.64 -41.42 -19.02
CA THR H 288 65.23 -42.16 -20.12
C THR H 288 66.00 -43.36 -19.58
N GLY H 289 65.80 -44.51 -20.21
CA GLY H 289 66.49 -45.71 -19.82
C GLY H 289 65.57 -46.91 -19.73
N ASP H 290 65.90 -47.85 -18.83
CA ASP H 290 65.10 -49.02 -18.56
C ASP H 290 64.51 -48.96 -17.15
N TYR H 291 64.04 -47.78 -16.77
CA TYR H 291 63.56 -47.51 -15.42
C TYR H 291 62.16 -48.11 -15.21
N ASP H 292 61.71 -48.07 -13.95
CA ASP H 292 60.41 -48.60 -13.55
C ASP H 292 59.61 -47.50 -12.88
N LEU H 293 58.49 -47.13 -13.48
CA LEU H 293 57.69 -46.00 -13.00
C LEU H 293 56.80 -46.36 -11.83
N SER H 294 56.13 -47.52 -11.91
CA SER H 294 55.09 -47.88 -10.96
C SER H 294 55.49 -47.62 -9.51
N VAL H 295 56.71 -48.01 -9.14
CA VAL H 295 57.15 -47.87 -7.76
C VAL H 295 57.18 -46.41 -7.34
N LEU H 296 57.76 -45.56 -8.18
CA LEU H 296 57.84 -44.15 -7.85
C LEU H 296 56.47 -43.51 -7.80
N GLN H 297 55.58 -43.96 -8.67
CA GLN H 297 54.22 -43.43 -8.67
C GLN H 297 53.53 -43.75 -7.35
N LYS H 298 53.71 -44.98 -6.86
CA LYS H 298 53.16 -45.34 -5.57
C LYS H 298 53.77 -44.52 -4.45
N ARG H 299 55.08 -44.27 -4.54
CA ARG H 299 55.74 -43.48 -3.51
C ARG H 299 55.19 -42.06 -3.46
N LEU H 300 54.92 -41.49 -4.62
CA LEU H 300 54.35 -40.15 -4.66
C LEU H 300 52.93 -40.12 -4.15
N TYR H 301 52.15 -41.16 -4.46
CA TYR H 301 50.82 -41.24 -3.88
C TYR H 301 50.87 -41.32 -2.36
N ASP H 302 51.83 -42.06 -1.84
CA ASP H 302 52.00 -42.13 -0.39
C ASP H 302 52.36 -40.76 0.17
N ALA H 303 53.21 -40.01 -0.52
CA ALA H 303 53.56 -38.67 -0.09
C ALA H 303 52.47 -37.65 -0.31
N GLY H 304 51.43 -37.97 -1.06
CA GLY H 304 50.28 -37.11 -1.19
C GLY H 304 50.08 -36.40 -2.49
N LEU H 305 50.65 -36.90 -3.58
CA LEU H 305 50.50 -36.26 -4.89
C LEU H 305 49.91 -37.24 -5.89
N ARG H 306 49.16 -36.68 -6.83
CA ARG H 306 48.56 -37.44 -7.91
C ARG H 306 49.22 -37.08 -9.23
N CYS H 307 49.27 -38.05 -10.12
CA CYS H 307 50.04 -37.97 -11.35
C CYS H 307 49.14 -38.30 -12.53
N GLU H 308 49.55 -37.87 -13.72
CA GLU H 308 48.84 -38.15 -14.96
C GLU H 308 49.73 -38.91 -15.93
N THR H 309 49.57 -40.23 -15.98
CA THR H 309 50.46 -41.06 -16.77
C THR H 309 50.11 -41.06 -18.24
N GLY H 310 48.84 -41.20 -18.58
CA GLY H 310 48.39 -41.18 -19.94
C GLY H 310 47.89 -42.47 -20.50
N LYS H 311 47.56 -43.44 -19.66
CA LYS H 311 47.24 -44.78 -20.12
C LYS H 311 45.79 -45.12 -19.84
N VAL H 312 45.18 -45.85 -20.77
CA VAL H 312 43.82 -46.38 -20.63
C VAL H 312 43.92 -47.86 -21.01
N GLY H 313 44.23 -48.71 -20.04
CA GLY H 313 44.52 -50.09 -20.29
C GLY H 313 45.94 -50.52 -19.99
N GLY H 314 46.80 -49.61 -19.57
CA GLY H 314 48.13 -49.99 -19.11
C GLY H 314 48.98 -50.66 -20.16
N THR H 315 48.78 -50.34 -21.43
CA THR H 315 49.65 -50.82 -22.50
C THR H 315 50.41 -49.69 -23.18
N ASP H 316 49.72 -48.70 -23.72
CA ASP H 316 50.36 -47.68 -24.53
C ASP H 316 49.82 -46.30 -24.20
N VAL H 317 50.67 -45.30 -24.38
CA VAL H 317 50.39 -43.93 -24.02
C VAL H 317 49.59 -43.23 -25.11
N ILE H 318 48.78 -42.27 -24.70
CA ILE H 318 47.97 -41.47 -25.62
C ILE H 318 48.27 -40.00 -25.40
N ILE H 319 48.57 -39.32 -26.49
CA ILE H 319 49.10 -37.96 -26.44
C ILE H 319 48.01 -36.99 -25.99
N LYS H 320 46.83 -37.12 -26.56
CA LYS H 320 45.74 -36.22 -26.23
C LYS H 320 45.32 -36.35 -24.78
N GLU H 321 45.50 -37.53 -24.20
CA GLU H 321 45.17 -37.74 -22.81
C GLU H 321 46.29 -37.34 -21.87
N LEU H 322 47.53 -37.28 -22.35
CA LEU H 322 48.65 -36.84 -21.53
C LEU H 322 48.93 -35.35 -21.63
N PHE H 323 48.36 -34.67 -22.61
CA PHE H 323 48.58 -33.24 -22.74
C PHE H 323 47.30 -32.43 -22.60
N ARG H 324 46.51 -32.72 -21.58
CA ARG H 324 45.21 -32.10 -21.41
C ARG H 324 45.14 -31.26 -20.14
N ARG H 325 44.16 -30.37 -20.14
CA ARG H 325 43.94 -29.38 -19.10
C ARG H 325 43.25 -29.98 -17.89
N PRO H 326 43.57 -29.49 -16.70
CA PRO H 326 42.93 -30.02 -15.49
C PRO H 326 41.73 -29.21 -15.00
N ILE H 327 40.90 -29.87 -14.19
CA ILE H 327 39.83 -29.17 -13.50
C ILE H 327 40.40 -28.38 -12.34
N LEU H 328 39.82 -27.22 -12.07
CA LEU H 328 40.26 -26.34 -11.00
C LEU H 328 39.06 -25.67 -10.36
N ILE H 329 39.05 -25.69 -9.03
CA ILE H 329 38.03 -25.05 -8.23
C ILE H 329 38.71 -24.01 -7.37
N ARG H 330 38.32 -22.75 -7.53
CA ARG H 330 39.00 -21.68 -6.81
C ARG H 330 38.67 -21.70 -5.33
N ASN H 331 37.43 -22.00 -4.99
CA ASN H 331 37.00 -21.94 -3.60
C ASN H 331 36.03 -23.06 -3.26
N PRO H 332 36.42 -24.01 -2.41
CA PRO H 332 37.75 -24.28 -1.87
C PRO H 332 38.70 -24.85 -2.91
N PHE H 333 40.00 -24.63 -2.72
CA PHE H 333 40.97 -25.03 -3.72
C PHE H 333 41.06 -26.54 -3.82
N ARG H 334 40.87 -27.06 -5.03
CA ARG H 334 41.09 -28.46 -5.33
C ARG H 334 41.63 -28.57 -6.74
N MET H 335 42.49 -29.55 -6.96
CA MET H 335 43.13 -29.74 -8.25
C MET H 335 43.08 -31.21 -8.63
N GLU H 336 42.89 -31.46 -9.92
CA GLU H 336 42.77 -32.83 -10.40
C GLU H 336 44.11 -33.54 -10.37
N PHE H 337 45.16 -32.89 -10.88
CA PHE H 337 46.49 -33.47 -10.79
C PHE H 337 47.52 -32.36 -10.84
N SER H 338 48.74 -32.72 -10.45
CA SER H 338 49.83 -31.76 -10.30
C SER H 338 51.05 -32.05 -11.15
N LEU H 339 51.18 -33.22 -11.76
CA LEU H 339 52.34 -33.48 -12.60
C LEU H 339 52.04 -34.54 -13.64
N ARG H 340 52.82 -34.49 -14.71
CA ARG H 340 52.81 -35.50 -15.76
C ARG H 340 54.11 -36.26 -15.72
N LEU H 341 54.02 -37.58 -15.66
CA LEU H 341 55.19 -38.44 -15.60
C LEU H 341 55.20 -39.43 -16.74
N ALA H 342 56.34 -39.60 -17.38
CA ALA H 342 56.40 -40.57 -18.46
C ALA H 342 57.83 -41.01 -18.75
N LYS H 343 57.92 -41.95 -19.68
CA LYS H 343 59.15 -42.43 -20.27
C LYS H 343 59.21 -41.99 -21.73
N ARG H 344 60.44 -41.80 -22.21
CA ARG H 344 60.63 -41.16 -23.51
C ARG H 344 60.27 -42.10 -24.65
N ASP H 345 60.79 -43.32 -24.62
CA ASP H 345 60.58 -44.26 -25.71
C ASP H 345 59.10 -44.46 -26.02
N GLU H 346 58.24 -44.39 -25.01
CA GLU H 346 56.83 -44.68 -25.21
C GLU H 346 56.09 -43.53 -25.89
N VAL H 347 56.54 -42.30 -25.68
CA VAL H 347 55.87 -41.14 -26.22
C VAL H 347 56.30 -40.95 -27.66
N ILE H 348 55.52 -41.52 -28.59
CA ILE H 348 55.83 -41.50 -30.00
C ILE H 348 55.03 -40.38 -30.63
N GLY H 349 55.68 -39.26 -30.91
CA GLY H 349 55.02 -38.16 -31.56
C GLY H 349 55.42 -36.79 -31.08
N GLY H 350 54.46 -35.87 -31.07
CA GLY H 350 54.70 -34.51 -30.66
C GLY H 350 53.43 -33.78 -30.34
N PRO H 351 53.55 -32.63 -29.69
CA PRO H 351 52.39 -31.84 -29.30
C PRO H 351 51.97 -30.84 -30.37
N GLN H 352 50.77 -30.32 -30.20
CA GLN H 352 50.26 -29.30 -31.10
C GLN H 352 50.98 -27.98 -30.90
N ARG H 353 51.22 -27.60 -29.66
CA ARG H 353 51.94 -26.37 -29.32
C ARG H 353 53.32 -26.73 -28.81
N ARG H 354 54.34 -26.18 -29.45
CA ARG H 354 55.69 -26.53 -29.10
C ARG H 354 56.02 -26.00 -27.70
N PRO H 355 56.88 -26.69 -26.98
CA PRO H 355 57.19 -26.27 -25.62
C PRO H 355 57.90 -24.94 -25.58
N ASP H 356 57.74 -24.27 -24.45
CA ASP H 356 58.40 -23.00 -24.19
C ASP H 356 59.80 -23.19 -23.62
N GLU H 357 59.94 -24.10 -22.65
CA GLU H 357 61.22 -24.31 -21.98
C GLU H 357 61.50 -25.80 -21.91
N LEU H 358 62.64 -26.19 -22.46
CA LEU H 358 63.09 -27.57 -22.48
C LEU H 358 64.36 -27.67 -21.66
N PHE H 359 64.28 -28.36 -20.53
CA PHE H 359 65.43 -28.59 -19.67
C PHE H 359 65.97 -29.98 -19.93
N LEU H 360 67.27 -30.06 -20.15
CA LEU H 360 67.94 -31.32 -20.41
C LEU H 360 69.03 -31.52 -19.37
N ILE H 361 68.99 -32.66 -18.68
CA ILE H 361 69.96 -32.97 -17.64
C ILE H 361 70.67 -34.24 -18.05
N ASN H 362 71.85 -34.08 -18.63
CA ASN H 362 72.79 -35.14 -18.97
C ASN H 362 72.42 -35.89 -20.24
N VAL H 363 71.56 -35.31 -21.08
CA VAL H 363 71.25 -35.85 -22.39
C VAL H 363 71.73 -34.86 -23.44
N ALA H 364 72.36 -35.36 -24.49
CA ALA H 364 72.99 -34.51 -25.48
C ALA H 364 71.99 -33.98 -26.50
N ASP H 365 71.24 -34.87 -27.14
CA ASP H 365 70.38 -34.49 -28.25
C ASP H 365 68.98 -35.05 -28.06
N ASP H 366 68.01 -34.30 -28.57
CA ASP H 366 66.61 -34.70 -28.52
C ASP H 366 65.94 -34.35 -29.84
N GLU H 367 64.83 -35.03 -30.10
CA GLU H 367 64.03 -34.82 -31.29
C GLU H 367 63.06 -33.66 -31.17
N TRP H 368 62.97 -33.01 -30.00
CA TRP H 368 62.10 -31.87 -29.80
C TRP H 368 62.85 -30.56 -29.77
N LYS H 369 64.08 -30.53 -30.27
CA LYS H 369 64.82 -29.29 -30.35
C LYS H 369 64.47 -28.53 -31.61
N HIS H 370 64.31 -27.22 -31.48
CA HIS H 370 63.97 -26.37 -32.61
C HIS H 370 64.56 -24.99 -32.37
N GLU H 371 64.51 -24.18 -33.41
CA GLU H 371 65.11 -22.87 -33.36
C GLU H 371 64.33 -21.92 -32.48
N ASP H 372 63.01 -22.06 -32.47
CA ASP H 372 62.14 -21.13 -31.76
C ASP H 372 61.79 -21.61 -30.37
N VAL H 373 62.50 -22.61 -29.86
CA VAL H 373 62.24 -23.18 -28.54
C VAL H 373 63.50 -23.05 -27.70
N ASN H 374 63.34 -22.55 -26.47
CA ASN H 374 64.46 -22.35 -25.58
C ASN H 374 64.90 -23.66 -24.94
N VAL H 375 66.21 -23.90 -24.98
CA VAL H 375 66.83 -25.13 -24.53
C VAL H 375 67.89 -24.78 -23.50
N HIS H 376 67.77 -25.36 -22.31
CA HIS H 376 68.80 -25.24 -21.30
C HIS H 376 69.35 -26.63 -20.99
N GLY H 377 70.63 -26.84 -21.30
CA GLY H 377 71.29 -28.10 -21.09
C GLY H 377 72.35 -28.00 -20.00
N PHE H 378 72.35 -28.99 -19.10
CA PHE H 378 73.26 -29.00 -17.97
C PHE H 378 73.98 -30.34 -17.85
N LYS H 379 74.98 -30.36 -16.98
CA LYS H 379 75.65 -31.58 -16.55
C LYS H 379 75.92 -31.48 -15.06
N ILE H 380 75.39 -32.43 -14.29
CA ILE H 380 75.44 -32.38 -12.83
C ILE H 380 75.83 -33.75 -12.29
N GLU H 381 76.15 -33.77 -10.99
CA GLU H 381 76.53 -34.99 -10.29
C GLU H 381 75.63 -35.32 -9.10
N ARG H 382 74.91 -34.35 -8.55
CA ARG H 382 73.94 -34.60 -7.50
C ARG H 382 72.78 -33.62 -7.66
N LEU H 383 71.61 -34.04 -7.20
CA LEU H 383 70.38 -33.30 -7.46
C LEU H 383 70.35 -31.96 -6.72
N SER H 384 71.05 -31.86 -5.59
CA SER H 384 71.04 -30.62 -4.83
C SER H 384 71.62 -29.47 -5.63
N ASP H 385 72.52 -29.76 -6.56
CA ASP H 385 73.06 -28.72 -7.42
C ASP H 385 71.96 -28.10 -8.26
N LEU H 386 71.12 -28.93 -8.85
CA LEU H 386 70.01 -28.43 -9.64
C LEU H 386 69.03 -27.68 -8.75
N GLU H 387 68.89 -28.12 -7.51
CA GLU H 387 68.02 -27.41 -6.58
C GLU H 387 68.51 -25.99 -6.38
N TYR H 388 69.81 -25.84 -6.15
CA TYR H 388 70.39 -24.50 -6.03
C TYR H 388 70.18 -23.70 -7.29
N ILE H 389 70.36 -24.32 -8.45
CA ILE H 389 70.17 -23.61 -9.71
C ILE H 389 68.75 -23.07 -9.81
N LEU H 390 67.76 -23.87 -9.46
CA LEU H 390 66.37 -23.52 -9.69
C LEU H 390 65.71 -22.86 -8.48
N GLN H 391 66.47 -22.53 -7.45
CA GLN H 391 66.04 -21.65 -6.37
C GLN H 391 65.15 -22.33 -5.34
N LEU H 392 65.21 -23.66 -5.22
CA LEU H 392 64.36 -24.32 -4.24
C LEU H 392 64.93 -24.18 -2.84
N ARG H 393 66.25 -24.29 -2.69
CA ARG H 393 66.93 -24.10 -1.42
C ARG H 393 67.96 -23.00 -1.57
N SER H 394 68.16 -22.24 -0.49
CA SER H 394 69.19 -21.21 -0.49
C SER H 394 70.56 -21.80 -0.84
N ASP H 395 71.01 -22.75 -0.04
CA ASP H 395 72.21 -23.53 -0.34
C ASP H 395 72.45 -24.57 0.76
N SER I 8 12.42 -11.22 -84.22
CA SER I 8 11.08 -11.80 -84.09
C SER I 8 11.08 -12.93 -83.07
N ILE I 9 11.56 -12.63 -81.87
CA ILE I 9 11.64 -13.61 -80.78
C ILE I 9 10.28 -14.24 -80.54
N LYS I 10 9.21 -13.47 -80.74
CA LYS I 10 7.86 -13.91 -80.47
C LYS I 10 7.50 -15.12 -81.33
N GLY I 11 7.90 -15.09 -82.60
CA GLY I 11 7.62 -16.22 -83.47
C GLY I 11 8.34 -17.46 -83.03
N TYR I 12 9.59 -17.31 -82.59
CA TYR I 12 10.37 -18.46 -82.18
C TYR I 12 9.81 -19.07 -80.90
N LEU I 13 9.40 -18.23 -79.95
CA LEU I 13 8.75 -18.78 -78.76
C LEU I 13 7.45 -19.47 -79.13
N TYR I 14 6.71 -18.94 -80.10
CA TYR I 14 5.47 -19.57 -80.51
C TYR I 14 5.74 -20.96 -81.09
N GLN I 15 6.73 -21.05 -81.96
CA GLN I 15 7.02 -22.32 -82.62
C GLN I 15 7.63 -23.32 -81.65
N PHE I 16 8.42 -22.85 -80.68
CA PHE I 16 8.86 -23.73 -79.61
C PHE I 16 7.68 -24.27 -78.81
N LEU I 17 6.70 -23.40 -78.54
CA LEU I 17 5.57 -23.83 -77.72
C LEU I 17 4.72 -24.85 -78.47
N LYS I 18 4.48 -24.61 -79.75
CA LYS I 18 3.72 -25.58 -80.53
C LYS I 18 4.52 -26.86 -80.76
N TYR I 19 5.85 -26.75 -80.74
CA TYR I 19 6.68 -27.94 -80.70
C TYR I 19 6.36 -28.78 -79.46
N LEU I 20 6.33 -28.14 -78.29
CA LEU I 20 6.05 -28.92 -77.09
C LEU I 20 4.61 -29.43 -77.08
N SER I 21 3.67 -28.67 -77.65
CA SER I 21 2.32 -29.19 -77.83
C SER I 21 2.33 -30.43 -78.71
N GLU I 22 3.24 -30.46 -79.69
CA GLU I 22 3.40 -31.66 -80.51
C GLU I 22 3.93 -32.79 -79.66
N ILE I 23 4.79 -32.47 -78.69
CA ILE I 23 5.47 -33.51 -77.93
C ILE I 23 4.49 -34.17 -76.97
N LEU I 24 3.78 -33.36 -76.18
CA LEU I 24 2.89 -33.95 -75.19
C LEU I 24 1.64 -34.54 -75.83
N ALA I 25 1.14 -33.92 -76.89
CA ALA I 25 0.02 -34.48 -77.66
C ALA I 25 0.54 -35.51 -78.65
N ALA I 26 1.15 -36.57 -78.12
CA ALA I 26 1.75 -37.60 -78.94
C ALA I 26 1.69 -38.93 -78.21
N GLY I 27 1.63 -40.00 -78.99
CA GLY I 27 1.49 -41.34 -78.45
C GLY I 27 2.84 -42.00 -78.20
N ASP I 28 2.75 -43.25 -77.77
CA ASP I 28 3.95 -44.03 -77.47
C ASP I 28 4.76 -44.26 -78.74
N GLY I 29 6.08 -44.16 -78.62
CA GLY I 29 6.97 -44.50 -79.71
C GLY I 29 7.21 -43.42 -80.74
N ALA I 30 6.71 -42.21 -80.53
CA ALA I 30 6.86 -41.12 -81.48
C ALA I 30 8.01 -40.21 -81.07
N ARG I 31 8.78 -39.77 -82.06
CA ARG I 31 9.95 -38.93 -81.83
C ARG I 31 9.87 -37.68 -82.68
N ILE I 32 10.44 -36.59 -82.17
CA ILE I 32 10.50 -35.32 -82.88
C ILE I 32 11.92 -34.79 -82.85
N THR I 33 12.28 -34.06 -83.90
CA THR I 33 13.64 -33.56 -84.09
C THR I 33 13.58 -32.09 -84.45
N ILE I 34 14.20 -31.26 -83.64
CA ILE I 34 14.20 -29.82 -83.82
C ILE I 34 15.33 -29.41 -84.74
N GLU I 35 15.11 -28.30 -85.44
CA GLU I 35 16.07 -27.74 -86.39
C GLU I 35 16.37 -26.31 -85.99
N GLY I 36 17.65 -26.02 -85.75
CA GLY I 36 18.01 -24.73 -85.19
C GLY I 36 17.64 -23.58 -86.11
N ALA I 37 17.58 -22.39 -85.50
CA ALA I 37 17.30 -21.16 -86.21
C ALA I 37 18.59 -20.56 -86.78
N ILE I 38 18.44 -19.45 -87.50
CA ILE I 38 19.56 -18.77 -88.14
C ILE I 38 20.08 -17.60 -87.30
N GLU I 39 19.35 -17.19 -86.27
CA GLU I 39 19.76 -16.01 -85.49
C GLU I 39 21.16 -16.17 -84.93
N ASP I 40 21.56 -17.40 -84.60
CA ASP I 40 22.94 -17.63 -84.17
C ASP I 40 23.89 -17.35 -85.32
N VAL I 41 25.01 -16.71 -85.01
CA VAL I 41 26.01 -16.35 -86.01
C VAL I 41 26.95 -17.56 -86.10
N ASP I 42 26.65 -18.46 -87.03
CA ASP I 42 27.44 -19.67 -87.17
C ASP I 42 27.32 -20.20 -88.59
N VAL I 43 28.40 -20.81 -89.06
CA VAL I 43 28.47 -21.42 -90.39
C VAL I 43 28.80 -22.90 -90.32
N ILE I 44 28.92 -23.49 -89.13
CA ILE I 44 29.24 -24.91 -89.04
C ILE I 44 28.10 -25.74 -89.63
N ALA I 45 26.87 -25.52 -89.16
CA ALA I 45 25.69 -26.17 -89.75
C ALA I 45 25.94 -27.68 -89.89
N ALA I 46 25.95 -28.37 -88.74
CA ALA I 46 26.44 -29.73 -88.72
C ALA I 46 25.77 -30.59 -89.79
N GLY I 47 26.46 -30.70 -90.92
CA GLY I 47 26.12 -31.47 -92.11
C GLY I 47 24.68 -31.60 -92.56
N LEU I 48 23.89 -30.53 -92.44
CA LEU I 48 23.02 -30.06 -93.52
C LEU I 48 22.10 -28.95 -93.00
N THR I 49 21.66 -28.08 -93.90
CA THR I 49 20.94 -26.86 -93.54
C THR I 49 19.46 -27.14 -93.40
N THR I 50 18.95 -27.18 -92.16
CA THR I 50 17.52 -27.26 -91.89
C THR I 50 17.01 -26.00 -91.19
N ALA I 51 17.64 -24.87 -91.45
CA ALA I 51 17.32 -23.63 -90.73
C ALA I 51 15.82 -23.32 -90.82
N VAL I 52 15.33 -22.66 -89.77
CA VAL I 52 13.95 -22.21 -89.69
C VAL I 52 13.94 -20.74 -89.33
N GLN I 53 13.11 -19.97 -90.02
CA GLN I 53 12.96 -18.54 -89.77
C GLN I 53 11.49 -18.20 -89.73
N CYS I 54 11.09 -17.39 -88.76
CA CYS I 54 9.68 -17.14 -88.52
C CYS I 54 9.47 -15.72 -88.02
N LYS I 55 8.22 -15.28 -88.13
CA LYS I 55 7.79 -13.99 -87.60
C LYS I 55 6.30 -14.11 -87.28
N TYR I 56 5.79 -13.10 -86.58
CA TYR I 56 4.45 -13.16 -86.02
C TYR I 56 3.78 -11.81 -86.18
N HIS I 57 2.49 -11.85 -86.53
CA HIS I 57 1.70 -10.63 -86.57
C HIS I 57 0.24 -11.04 -86.52
N GLU I 58 -0.59 -10.19 -85.92
CA GLU I 58 -1.98 -10.51 -85.65
C GLU I 58 -2.80 -9.23 -85.83
N GLN I 59 -4.07 -9.28 -85.40
CA GLN I 59 -4.97 -8.13 -85.41
C GLN I 59 -5.42 -7.77 -86.82
N ALA I 60 -5.68 -8.79 -87.65
CA ALA I 60 -6.35 -8.62 -88.94
C ALA I 60 -7.61 -9.46 -88.99
N GLU I 61 -8.78 -8.83 -88.84
CA GLU I 61 -10.03 -9.59 -88.93
C GLU I 61 -10.37 -9.95 -90.37
N LYS I 62 -10.00 -9.10 -91.33
CA LYS I 62 -10.15 -9.38 -92.75
C LYS I 62 -8.77 -9.70 -93.32
N TYR I 63 -8.55 -10.95 -93.68
CA TYR I 63 -7.26 -11.37 -94.21
C TYR I 63 -7.02 -10.72 -95.57
N THR I 64 -5.99 -9.91 -95.66
CA THR I 64 -5.65 -9.22 -96.90
C THR I 64 -4.15 -9.26 -97.09
N LEU I 65 -3.72 -9.54 -98.32
CA LEU I 65 -2.30 -9.66 -98.59
C LEU I 65 -1.58 -8.33 -98.47
N GLY I 66 -2.32 -7.23 -98.36
CA GLY I 66 -1.72 -5.98 -97.91
C GLY I 66 -1.05 -6.12 -96.56
N LYS I 67 -1.70 -6.83 -95.62
CA LYS I 67 -1.06 -7.06 -94.34
C LYS I 67 0.25 -7.81 -94.52
N ILE I 68 0.24 -8.84 -95.37
CA ILE I 68 1.42 -9.65 -95.63
C ILE I 68 2.48 -8.85 -96.37
N TYR I 69 2.18 -7.60 -96.70
CA TYR I 69 3.19 -6.72 -97.30
C TYR I 69 4.49 -6.78 -96.53
N LYS I 70 4.45 -6.39 -95.26
CA LYS I 70 5.66 -5.99 -94.55
C LYS I 70 6.60 -7.17 -94.31
N PRO I 71 6.17 -8.27 -93.70
CA PRO I 71 7.13 -9.35 -93.41
C PRO I 71 7.79 -9.90 -94.66
N ILE I 72 7.03 -10.14 -95.72
CA ILE I 72 7.61 -10.66 -96.95
C ILE I 72 8.73 -9.76 -97.42
N LEU I 73 8.46 -8.46 -97.50
CA LEU I 73 9.47 -7.51 -97.95
C LEU I 73 10.77 -7.67 -97.18
N LEU I 74 10.69 -8.03 -95.90
CA LEU I 74 11.89 -8.12 -95.08
C LEU I 74 12.59 -9.47 -95.23
N MET I 75 11.85 -10.50 -95.61
CA MET I 75 12.42 -11.85 -95.68
C MET I 75 13.40 -11.96 -96.85
N LEU I 76 12.96 -11.57 -98.05
CA LEU I 76 13.75 -11.80 -99.26
C LEU I 76 15.20 -11.40 -99.08
N GLU I 77 15.44 -10.33 -98.32
CA GLU I 77 16.79 -9.80 -98.19
C GLU I 77 17.77 -10.88 -97.81
N HIS I 78 17.43 -11.70 -96.81
CA HIS I 78 18.36 -12.73 -96.38
C HIS I 78 18.57 -13.75 -97.47
N PHE I 79 17.50 -14.10 -98.20
CA PHE I 79 17.65 -14.98 -99.35
C PHE I 79 18.67 -14.43 -100.33
N SER I 80 18.76 -13.10 -100.43
CA SER I 80 19.73 -12.47 -101.31
C SER I 80 21.13 -12.48 -100.71
N LYS I 81 21.23 -12.32 -99.39
CA LYS I 81 22.54 -12.21 -98.78
C LYS I 81 23.38 -13.45 -99.07
N ASN I 82 22.85 -14.62 -98.77
CA ASN I 82 23.60 -15.86 -98.85
C ASN I 82 22.92 -16.84 -99.80
N HIS I 88 19.04 -24.20 -97.13
CA HIS I 88 17.63 -24.58 -97.11
C HIS I 88 16.94 -23.87 -95.94
N VAL I 89 16.45 -22.66 -96.22
CA VAL I 89 15.86 -21.79 -95.21
C VAL I 89 14.35 -21.79 -95.42
N SER I 90 13.63 -22.46 -94.54
CA SER I 90 12.18 -22.61 -94.67
C SER I 90 11.51 -21.42 -94.02
N TYR I 91 11.27 -20.38 -94.82
CA TYR I 91 10.52 -19.22 -94.37
C TYR I 91 9.11 -19.61 -93.99
N ARG I 92 8.59 -18.99 -92.93
CA ARG I 92 7.32 -19.38 -92.37
C ARG I 92 6.69 -18.16 -91.70
N LEU I 93 5.36 -18.13 -91.70
CA LEU I 93 4.60 -17.07 -91.06
C LEU I 93 3.48 -17.69 -90.24
N PHE I 94 3.42 -17.33 -88.96
CA PHE I 94 2.38 -17.82 -88.05
C PHE I 94 1.44 -16.65 -87.75
N CYS I 95 0.15 -16.90 -87.87
CA CYS I 95 -0.84 -15.84 -87.73
C CYS I 95 -2.12 -16.42 -87.14
N HIS I 96 -2.89 -15.55 -86.49
CA HIS I 96 -4.21 -15.89 -85.98
C HIS I 96 -5.19 -14.82 -86.39
N PHE I 97 -6.21 -15.21 -87.17
CA PHE I 97 -7.26 -14.32 -87.60
C PHE I 97 -8.61 -14.93 -87.28
N PRO I 98 -9.60 -14.11 -86.89
CA PRO I 98 -10.89 -14.67 -86.47
C PRO I 98 -11.68 -15.24 -87.63
N GLY I 99 -11.86 -16.56 -87.65
CA GLY I 99 -12.63 -17.23 -88.68
C GLY I 99 -11.83 -17.85 -89.80
N GLU I 100 -10.52 -17.67 -89.83
CA GLU I 100 -9.67 -18.17 -90.91
C GLU I 100 -8.65 -19.12 -90.31
N SER I 101 -8.80 -20.41 -90.61
CA SER I 101 -7.91 -21.47 -90.13
C SER I 101 -7.53 -22.33 -91.33
N GLY I 102 -6.57 -21.86 -92.10
CA GLY I 102 -6.12 -22.59 -93.27
C GLY I 102 -4.70 -22.19 -93.63
N THR I 103 -4.02 -23.11 -94.30
CA THR I 103 -2.62 -22.96 -94.67
C THR I 103 -2.50 -23.05 -96.19
N LYS I 104 -1.86 -22.06 -96.82
CA LYS I 104 -1.74 -22.02 -98.29
C LYS I 104 -0.41 -21.41 -98.69
N ALA I 105 -0.24 -21.32 -100.00
CA ALA I 105 0.85 -20.62 -100.65
C ALA I 105 0.29 -19.60 -101.62
N LEU I 106 0.84 -18.40 -101.58
CA LEU I 106 0.31 -17.27 -102.32
C LEU I 106 0.65 -17.36 -103.81
N THR I 107 -0.17 -16.71 -104.62
CA THR I 107 -0.15 -16.90 -106.07
C THR I 107 1.00 -16.15 -106.73
N LYS I 108 1.49 -16.73 -107.82
CA LYS I 108 2.54 -16.07 -108.60
C LYS I 108 2.01 -14.84 -109.31
N ASP I 109 0.81 -14.93 -109.91
CA ASP I 109 0.30 -13.82 -110.69
C ASP I 109 0.19 -12.54 -109.86
N ASP I 110 0.03 -12.68 -108.55
CA ASP I 110 0.08 -11.54 -107.65
C ASP I 110 1.45 -11.35 -107.05
N LEU I 111 2.38 -12.27 -107.30
CA LEU I 111 3.74 -12.12 -106.78
C LEU I 111 4.45 -10.94 -107.42
N GLU I 112 4.15 -10.63 -108.68
CA GLU I 112 4.73 -9.43 -109.28
C GLU I 112 4.19 -8.17 -108.63
N THR I 113 2.98 -8.23 -108.06
CA THR I 113 2.48 -7.11 -107.28
C THR I 113 3.08 -7.11 -105.89
N VAL I 114 3.38 -8.30 -105.37
CA VAL I 114 4.12 -8.40 -104.12
C VAL I 114 5.48 -7.72 -104.27
N LEU I 115 6.13 -7.91 -105.42
CA LEU I 115 7.37 -7.21 -105.69
C LEU I 115 7.14 -5.71 -105.84
N SER I 116 6.03 -5.33 -106.46
CA SER I 116 5.70 -3.92 -106.63
C SER I 116 5.39 -3.31 -105.26
N THR I 117 6.17 -2.29 -104.89
CA THR I 117 6.04 -1.65 -103.59
C THR I 117 5.59 -0.20 -103.79
N LYS I 118 4.37 0.09 -103.35
CA LYS I 118 3.77 1.40 -103.57
C LYS I 118 4.33 2.46 -102.63
N GLY I 119 4.46 2.14 -101.36
CA GLY I 119 5.17 3.02 -100.46
C GLY I 119 6.62 3.05 -100.86
N GLU I 120 7.12 4.23 -101.21
CA GLU I 120 8.46 4.34 -101.77
C GLU I 120 9.55 4.22 -100.71
N VAL I 121 9.23 4.52 -99.45
CA VAL I 121 10.18 4.22 -98.38
C VAL I 121 10.47 2.73 -98.37
N LEU I 122 9.46 1.92 -98.70
CA LEU I 122 9.65 0.48 -98.78
C LEU I 122 10.47 0.10 -100.00
N ARG I 123 10.18 0.70 -101.16
CA ARG I 123 10.94 0.32 -102.35
C ARG I 123 12.38 0.81 -102.29
N ALA I 124 12.63 1.87 -101.52
CA ALA I 124 14.02 2.28 -101.30
C ALA I 124 14.82 1.15 -100.67
N ILE I 125 14.19 0.39 -99.77
CA ILE I 125 14.83 -0.78 -99.19
C ILE I 125 14.83 -1.95 -100.17
N VAL I 126 13.73 -2.11 -100.90
CA VAL I 126 13.64 -3.21 -101.88
C VAL I 126 14.78 -3.13 -102.88
N ALA I 127 15.14 -1.91 -103.28
CA ALA I 127 16.19 -1.72 -104.27
C ALA I 127 17.46 -2.46 -103.90
N ARG I 128 17.61 -2.82 -102.63
CA ARG I 128 18.78 -3.59 -102.19
C ARG I 128 18.82 -4.97 -102.85
N ILE I 129 17.67 -5.54 -103.18
CA ILE I 129 17.64 -6.91 -103.66
C ILE I 129 18.41 -7.05 -104.97
N ASP I 130 19.22 -8.09 -105.06
CA ASP I 130 19.81 -8.48 -106.33
C ASP I 130 18.75 -9.16 -107.19
N THR I 131 18.83 -8.95 -108.50
CA THR I 131 17.81 -9.41 -109.41
C THR I 131 17.91 -10.91 -109.70
N SER I 132 19.01 -11.56 -109.30
CA SER I 132 19.12 -13.00 -109.48
C SER I 132 18.22 -13.71 -108.47
N VAL I 133 16.91 -13.66 -108.72
CA VAL I 133 15.89 -14.06 -107.76
C VAL I 133 15.20 -15.32 -108.26
N ASP I 134 15.32 -16.41 -107.50
CA ASP I 134 14.59 -17.63 -107.79
C ASP I 134 13.22 -17.48 -107.14
N TYR I 135 12.23 -17.13 -107.97
CA TYR I 135 10.93 -16.71 -107.45
C TYR I 135 10.14 -17.91 -106.92
N GLU I 136 9.89 -18.90 -107.77
CA GLU I 136 9.00 -19.99 -107.39
C GLU I 136 9.61 -20.81 -106.27
N ALA I 137 10.95 -20.84 -106.17
CA ALA I 137 11.57 -21.42 -105.00
C ALA I 137 11.09 -20.72 -103.74
N PHE I 138 11.03 -19.38 -103.77
CA PHE I 138 10.53 -18.65 -102.62
C PHE I 138 9.08 -18.98 -102.35
N LEU I 139 8.25 -19.09 -103.40
CA LEU I 139 6.85 -19.42 -103.18
C LEU I 139 6.70 -20.77 -102.49
N ASP I 140 7.23 -21.83 -103.12
CA ASP I 140 7.04 -23.17 -102.57
C ASP I 140 7.67 -23.30 -101.19
N ARG I 141 8.79 -22.62 -100.96
CA ARG I 141 9.46 -22.72 -99.67
C ARG I 141 8.66 -22.02 -98.57
N PHE I 142 8.11 -20.85 -98.86
CA PHE I 142 7.33 -20.12 -97.88
C PHE I 142 5.96 -20.77 -97.70
N ALA I 143 5.47 -20.73 -96.46
CA ALA I 143 4.12 -21.20 -96.16
C ALA I 143 3.48 -20.26 -95.16
N ILE I 144 2.17 -20.05 -95.31
CA ILE I 144 1.37 -19.23 -94.40
C ILE I 144 0.43 -20.16 -93.65
N GLU I 145 0.42 -20.04 -92.33
CA GLU I 145 -0.39 -20.90 -91.46
C GLU I 145 -1.29 -20.03 -90.60
N PHE I 146 -2.59 -20.28 -90.67
CA PHE I 146 -3.56 -19.64 -89.78
C PHE I 146 -3.66 -20.46 -88.50
N GLY I 147 -3.36 -19.84 -87.37
CA GLY I 147 -3.29 -20.55 -86.11
C GLY I 147 -3.97 -19.83 -84.97
N PRO I 148 -3.99 -20.46 -83.79
CA PRO I 148 -4.57 -19.81 -82.61
C PRO I 148 -3.64 -18.80 -81.99
N SER I 149 -4.25 -17.80 -81.34
CA SER I 149 -3.47 -16.79 -80.64
C SER I 149 -2.61 -17.41 -79.55
N ALA I 150 -1.47 -16.78 -79.28
CA ALA I 150 -0.50 -17.36 -78.36
C ALA I 150 -1.10 -17.54 -76.97
N GLU I 151 -1.80 -16.52 -76.48
CA GLU I 151 -2.29 -16.55 -75.10
C GLU I 151 -3.12 -17.80 -74.85
N ASP I 152 -4.12 -18.05 -75.70
CA ASP I 152 -5.02 -19.16 -75.46
C ASP I 152 -4.34 -20.50 -75.63
N LEU I 153 -3.36 -20.57 -76.54
CA LEU I 153 -2.69 -21.85 -76.76
C LEU I 153 -1.80 -22.18 -75.58
N GLN I 154 -1.09 -21.20 -75.02
CA GLN I 154 -0.29 -21.49 -73.85
C GLN I 154 -1.15 -21.71 -72.61
N VAL I 155 -2.32 -21.06 -72.55
CA VAL I 155 -3.32 -21.42 -71.55
C VAL I 155 -3.62 -22.91 -71.63
N ALA I 156 -3.96 -23.38 -72.82
CA ALA I 156 -4.26 -24.80 -73.00
C ALA I 156 -3.04 -25.66 -72.72
N VAL I 157 -1.84 -25.13 -72.98
CA VAL I 157 -0.61 -25.86 -72.71
C VAL I 157 -0.52 -26.20 -71.22
N LEU I 158 -0.57 -25.16 -70.38
CA LEU I 158 -0.48 -25.41 -68.96
C LEU I 158 -1.72 -26.12 -68.43
N ALA I 159 -2.86 -25.99 -69.12
CA ALA I 159 -4.05 -26.73 -68.74
C ALA I 159 -3.84 -28.23 -68.90
N SER I 160 -3.27 -28.64 -70.04
CA SER I 160 -3.05 -30.06 -70.27
C SER I 160 -1.87 -30.56 -69.45
N LEU I 161 -0.87 -29.73 -69.21
CA LEU I 161 0.28 -30.16 -68.42
C LEU I 161 -0.16 -30.74 -67.08
N LYS I 162 -1.32 -30.30 -66.58
CA LYS I 162 -1.85 -30.85 -65.34
C LYS I 162 -2.33 -32.29 -65.52
N ASP I 163 -2.79 -32.63 -66.73
CA ASP I 163 -3.49 -33.90 -66.93
C ASP I 163 -2.64 -35.05 -66.39
N LYS I 164 -1.33 -34.99 -66.63
CA LYS I 164 -0.46 -36.10 -66.27
C LYS I 164 -0.41 -36.32 -64.78
N GLY I 165 -0.56 -35.25 -64.01
CA GLY I 165 -0.54 -35.32 -62.57
C GLY I 165 0.64 -34.55 -62.02
N PHE I 166 0.41 -33.30 -61.64
CA PHE I 166 1.37 -32.46 -60.93
C PHE I 166 0.59 -31.44 -60.11
N ASP I 167 1.21 -30.98 -59.03
CA ASP I 167 0.57 -30.00 -58.18
C ASP I 167 0.44 -28.68 -58.95
N PRO I 168 -0.70 -27.98 -58.83
CA PRO I 168 -0.91 -26.79 -59.66
C PRO I 168 0.07 -25.66 -59.38
N ASP I 169 0.58 -25.56 -58.15
CA ASP I 169 1.39 -24.39 -57.78
C ASP I 169 2.78 -24.46 -58.41
N ASP I 170 3.44 -25.61 -58.34
CA ASP I 170 4.84 -25.68 -58.75
C ASP I 170 5.00 -25.56 -60.27
N ILE I 171 4.03 -26.07 -61.03
CA ILE I 171 4.19 -26.13 -62.48
C ILE I 171 4.44 -24.75 -63.07
N ASP I 172 3.90 -23.70 -62.44
CA ASP I 172 4.00 -22.36 -63.01
C ASP I 172 5.42 -21.83 -62.96
N ALA I 173 6.17 -22.16 -61.89
CA ALA I 173 7.44 -21.49 -61.61
C ALA I 173 8.66 -22.36 -61.81
N VAL I 174 8.53 -23.68 -61.83
CA VAL I 174 9.69 -24.57 -61.80
C VAL I 174 9.65 -25.59 -62.93
N ILE I 175 8.54 -25.64 -63.69
CA ILE I 175 8.41 -26.66 -64.73
C ILE I 175 8.23 -26.03 -66.10
N PHE I 176 7.14 -25.31 -66.31
CA PHE I 176 6.93 -24.66 -67.59
C PHE I 176 8.05 -23.71 -67.96
N PRO I 177 8.63 -22.95 -67.03
CA PRO I 177 9.82 -22.15 -67.38
C PRO I 177 11.01 -23.01 -67.76
N ASN I 178 11.14 -24.20 -67.18
CA ASN I 178 12.31 -25.04 -67.42
C ASN I 178 12.21 -25.83 -68.71
N ALA I 179 11.02 -26.35 -69.04
CA ALA I 179 10.88 -27.19 -70.23
C ALA I 179 11.34 -26.46 -71.48
N ILE I 180 10.85 -25.23 -71.68
CA ILE I 180 11.19 -24.47 -72.86
C ILE I 180 12.69 -24.27 -73.00
N GLN I 181 13.43 -24.35 -71.88
CA GLN I 181 14.85 -24.05 -71.90
C GLN I 181 15.64 -25.11 -72.67
N ARG I 182 15.40 -26.38 -72.36
CA ARG I 182 16.04 -27.46 -73.12
C ARG I 182 15.76 -27.32 -74.61
N ILE I 183 14.50 -27.07 -74.94
CA ILE I 183 14.12 -26.90 -76.34
C ILE I 183 14.95 -25.78 -76.97
N VAL I 184 14.93 -24.60 -76.37
CA VAL I 184 15.55 -23.46 -77.01
C VAL I 184 17.07 -23.58 -77.02
N ASP I 185 17.64 -24.36 -76.10
CA ASP I 185 19.09 -24.51 -76.13
C ASP I 185 19.49 -25.48 -77.24
N LEU I 186 18.72 -26.56 -77.41
CA LEU I 186 18.96 -27.45 -78.53
C LEU I 186 18.84 -26.69 -79.85
N ALA I 187 17.87 -25.78 -79.93
CA ALA I 187 17.74 -24.97 -81.12
C ALA I 187 19.00 -24.16 -81.40
N THR I 188 19.75 -23.79 -80.36
CA THR I 188 20.93 -22.95 -80.53
C THR I 188 22.04 -23.42 -79.60
N ARG I 189 22.24 -24.73 -79.50
CA ARG I 189 23.24 -25.22 -78.56
C ARG I 189 24.65 -24.99 -79.07
N SER I 190 24.86 -25.09 -80.39
CA SER I 190 26.20 -25.11 -80.97
C SER I 190 27.01 -26.31 -80.51
N ASP I 191 26.31 -27.36 -80.05
CA ASP I 191 26.90 -28.64 -79.75
C ASP I 191 26.33 -29.68 -80.70
N VAL I 192 27.20 -30.47 -81.32
CA VAL I 192 26.80 -31.42 -82.34
C VAL I 192 26.30 -32.67 -81.65
N ASN I 193 25.00 -32.70 -81.35
CA ASN I 193 24.39 -33.83 -80.68
C ASN I 193 23.02 -34.08 -81.30
N ASP I 194 22.43 -35.22 -80.96
CA ASP I 194 21.20 -35.64 -81.58
C ASP I 194 20.08 -34.69 -81.22
N ARG I 195 19.55 -34.01 -82.24
CA ARG I 195 18.40 -33.15 -82.03
C ARG I 195 17.14 -33.95 -81.81
N THR I 196 17.19 -35.25 -82.04
CA THR I 196 16.02 -36.07 -81.86
C THR I 196 15.62 -36.07 -80.40
N VAL I 197 14.32 -36.01 -80.16
CA VAL I 197 13.80 -35.86 -78.82
C VAL I 197 12.86 -37.03 -78.58
N GLU I 198 13.26 -37.93 -77.70
CA GLU I 198 12.34 -38.95 -77.25
C GLU I 198 11.49 -38.36 -76.14
N PRO I 199 10.16 -38.41 -76.23
CA PRO I 199 9.37 -37.71 -75.23
C PRO I 199 9.48 -38.31 -73.84
N LYS I 200 9.63 -39.61 -73.72
CA LYS I 200 9.50 -40.24 -72.40
C LYS I 200 10.58 -39.78 -71.43
N THR I 201 11.83 -39.66 -71.86
CA THR I 201 12.86 -39.45 -70.86
C THR I 201 12.86 -38.01 -70.37
N PHE I 202 12.34 -37.07 -71.16
CA PHE I 202 12.03 -35.75 -70.62
C PHE I 202 11.19 -35.87 -69.36
N LEU I 203 10.09 -36.63 -69.43
CA LEU I 203 9.27 -36.86 -68.26
C LEU I 203 10.05 -37.50 -67.12
N ALA I 204 11.01 -38.36 -67.44
CA ALA I 204 11.85 -38.95 -66.38
C ALA I 204 12.76 -37.90 -65.74
N GLY I 205 13.50 -37.15 -66.55
CA GLY I 205 14.41 -36.16 -66.00
C GLY I 205 13.70 -34.94 -65.46
N LEU I 206 12.60 -34.53 -66.10
CA LEU I 206 11.93 -33.29 -65.75
C LEU I 206 11.46 -33.34 -64.30
N ARG I 207 11.04 -34.52 -63.85
CA ARG I 207 10.53 -34.67 -62.50
C ARG I 207 11.61 -34.33 -61.48
N GLU I 208 12.80 -34.92 -61.63
CA GLU I 208 13.83 -34.71 -60.62
C GLU I 208 14.55 -33.37 -60.77
N VAL I 209 14.62 -32.80 -61.97
CA VAL I 209 15.30 -31.52 -62.11
C VAL I 209 14.62 -30.46 -61.25
N ARG I 210 15.37 -29.82 -60.37
CA ARG I 210 14.85 -28.91 -59.34
C ARG I 210 15.73 -27.67 -59.31
N ARG I 211 15.38 -26.69 -60.14
CA ARG I 211 16.11 -25.43 -60.19
C ARG I 211 15.33 -24.42 -61.02
N VAL I 212 15.18 -23.21 -60.51
CA VAL I 212 14.48 -22.17 -61.24
C VAL I 212 15.42 -21.57 -62.28
N THR I 213 14.84 -21.11 -63.38
CA THR I 213 15.61 -20.65 -64.54
C THR I 213 15.20 -19.23 -64.90
N PHE I 214 16.19 -18.35 -65.02
CA PHE I 214 16.00 -16.99 -65.48
C PHE I 214 16.84 -16.79 -66.73
N THR I 215 16.20 -16.36 -67.82
CA THR I 215 16.91 -16.22 -69.09
C THR I 215 16.15 -15.25 -69.98
N ARG I 216 16.69 -15.02 -71.18
CA ARG I 216 16.10 -14.06 -72.10
C ARG I 216 14.72 -14.53 -72.59
N TRP I 217 14.62 -15.81 -72.98
CA TRP I 217 13.37 -16.28 -73.54
C TRP I 217 12.27 -16.41 -72.48
N THR I 218 12.61 -16.96 -71.32
CA THR I 218 11.59 -17.22 -70.31
C THR I 218 10.91 -15.93 -69.85
N ARG I 219 11.69 -14.90 -69.58
CA ARG I 219 11.12 -13.66 -69.08
C ARG I 219 10.15 -13.07 -70.09
N GLU I 220 10.46 -13.16 -71.38
CA GLU I 220 9.53 -12.69 -72.40
C GLU I 220 8.22 -13.48 -72.33
N LEU I 221 8.29 -14.73 -71.90
CA LEU I 221 7.09 -15.53 -71.73
C LEU I 221 6.15 -14.87 -70.71
N ALA I 222 4.85 -15.04 -70.92
CA ALA I 222 3.85 -14.35 -70.10
C ALA I 222 3.83 -14.85 -68.67
N THR I 223 4.20 -16.12 -68.44
CA THR I 223 4.09 -16.68 -67.10
C THR I 223 4.86 -15.86 -66.07
N LYS I 224 5.96 -15.22 -66.49
CA LYS I 224 6.77 -14.45 -65.55
C LYS I 224 5.95 -13.30 -64.98
N GLY I 225 5.96 -13.19 -63.66
CA GLY I 225 5.11 -12.28 -62.92
C GLY I 225 4.60 -12.98 -61.68
N ARG I 226 4.37 -14.28 -61.79
CA ARG I 226 4.18 -15.14 -60.63
C ARG I 226 5.45 -15.90 -60.26
N MET I 227 6.25 -16.25 -61.27
CA MET I 227 7.55 -16.88 -61.01
C MET I 227 8.44 -15.98 -60.18
N PHE I 228 8.36 -14.66 -60.41
CA PHE I 228 9.17 -13.73 -59.63
C PHE I 228 8.75 -13.75 -58.17
N SER I 229 7.45 -13.88 -57.90
CA SER I 229 6.91 -13.65 -56.58
C SER I 229 6.89 -14.89 -55.70
N SER I 230 6.68 -16.07 -56.29
CA SER I 230 6.68 -17.27 -55.48
C SER I 230 8.04 -17.50 -54.84
N LEU I 231 9.11 -17.30 -55.61
CA LEU I 231 10.45 -17.46 -55.06
C LEU I 231 10.75 -16.42 -54.00
N ARG I 232 10.21 -15.21 -54.17
CA ARG I 232 10.39 -14.17 -53.16
C ARG I 232 9.73 -14.57 -51.85
N LYS I 233 8.48 -15.02 -51.92
CA LYS I 233 7.76 -15.38 -50.71
C LYS I 233 8.22 -16.70 -50.10
N SER I 234 8.99 -17.50 -50.83
CA SER I 234 9.52 -18.73 -50.27
C SER I 234 10.64 -18.48 -49.29
N LEU I 235 11.48 -17.49 -49.56
CA LEU I 235 12.70 -17.25 -48.82
C LEU I 235 12.51 -16.28 -47.67
N ARG I 236 11.27 -15.89 -47.39
CA ARG I 236 11.02 -14.88 -46.36
C ARG I 236 11.40 -15.40 -44.98
N SER I 237 11.07 -16.65 -44.68
CA SER I 237 11.44 -17.22 -43.39
C SER I 237 12.94 -17.39 -43.24
N CYS I 238 13.65 -17.63 -44.34
CA CYS I 238 15.09 -17.83 -44.26
C CYS I 238 15.80 -16.54 -43.87
N LEU I 239 15.38 -15.42 -44.42
CA LEU I 239 16.08 -14.16 -44.28
C LEU I 239 15.54 -13.31 -43.15
N ALA I 240 14.76 -13.90 -42.26
CA ALA I 240 14.23 -13.19 -41.11
C ALA I 240 14.89 -13.63 -39.81
N HIS I 241 16.16 -13.97 -39.88
CA HIS I 241 16.95 -14.39 -38.74
C HIS I 241 18.18 -13.52 -38.62
N ASN I 242 18.59 -13.26 -37.40
CA ASN I 242 19.72 -12.39 -37.15
C ASN I 242 21.03 -13.15 -37.28
N SER I 243 21.10 -14.35 -36.73
CA SER I 243 22.34 -15.13 -36.70
C SER I 243 22.15 -16.41 -37.50
N ARG I 244 22.78 -16.48 -38.67
CA ARG I 244 22.76 -17.70 -39.46
C ARG I 244 23.98 -17.74 -40.36
N TRP I 245 24.31 -18.94 -40.81
CA TRP I 245 25.46 -19.22 -41.66
C TRP I 245 24.96 -19.40 -43.08
N ARG I 246 25.30 -18.46 -43.97
CA ARG I 246 24.89 -18.48 -45.36
C ARG I 246 26.12 -18.50 -46.26
N VAL I 247 26.05 -19.32 -47.31
CA VAL I 247 27.17 -19.50 -48.23
C VAL I 247 26.71 -19.29 -49.67
N PHE I 248 27.63 -18.84 -50.51
CA PHE I 248 27.38 -18.53 -51.90
C PHE I 248 28.43 -19.16 -52.81
N VAL I 249 28.01 -19.50 -54.04
CA VAL I 249 28.94 -19.94 -55.07
C VAL I 249 28.46 -19.45 -56.43
N ILE I 250 29.26 -18.60 -57.08
CA ILE I 250 28.89 -17.93 -58.32
C ILE I 250 29.85 -18.32 -59.44
N ASN I 251 29.31 -18.39 -60.66
CA ASN I 251 30.10 -18.59 -61.86
C ASN I 251 29.94 -17.40 -62.79
N PRO I 252 30.98 -16.62 -63.04
CA PRO I 252 30.82 -15.34 -63.74
C PRO I 252 30.87 -15.40 -65.26
N LEU I 253 30.90 -16.57 -65.87
CA LEU I 253 31.05 -16.65 -67.32
C LEU I 253 29.81 -16.11 -68.03
N THR I 254 28.63 -16.63 -67.68
CA THR I 254 27.42 -16.31 -68.42
C THR I 254 26.78 -14.99 -68.01
N ILE I 255 27.14 -14.45 -66.85
CA ILE I 255 26.51 -13.23 -66.38
C ILE I 255 26.98 -12.03 -67.20
N GLU I 256 26.15 -11.02 -67.28
CA GLU I 256 26.40 -9.83 -68.08
C GLU I 256 26.73 -8.63 -67.21
N ASN I 257 27.73 -7.87 -67.64
CA ASN I 257 28.15 -6.64 -66.96
C ASN I 257 28.61 -6.95 -65.54
N PHE I 258 29.38 -8.03 -65.40
CA PHE I 258 29.73 -8.55 -64.08
C PHE I 258 30.70 -7.64 -63.35
N ASP I 259 31.66 -7.06 -64.06
CA ASP I 259 32.71 -6.32 -63.40
C ASP I 259 32.18 -5.08 -62.71
N ASP I 260 31.07 -4.54 -63.20
CA ASP I 260 30.51 -3.29 -62.71
C ASP I 260 29.31 -3.47 -61.79
N ASP I 261 28.81 -4.70 -61.63
CA ASP I 261 27.58 -4.93 -60.90
C ASP I 261 27.75 -5.61 -59.57
N ILE I 262 28.74 -6.49 -59.42
CA ILE I 262 28.82 -7.29 -58.21
C ILE I 262 29.11 -6.42 -57.00
N VAL I 263 29.85 -5.34 -57.19
CA VAL I 263 30.17 -4.46 -56.08
C VAL I 263 28.90 -3.90 -55.44
N ARG I 264 28.01 -3.37 -56.26
CA ARG I 264 26.76 -2.83 -55.74
C ARG I 264 25.97 -3.89 -55.00
N PHE I 265 25.99 -5.11 -55.52
CA PHE I 265 25.27 -6.21 -54.91
C PHE I 265 25.80 -6.51 -53.52
N ILE I 266 27.12 -6.58 -53.38
CA ILE I 266 27.71 -6.87 -52.09
C ILE I 266 27.42 -5.75 -51.11
N LYS I 267 27.54 -4.51 -51.55
CA LYS I 267 27.26 -3.38 -50.67
C LYS I 267 25.83 -3.44 -50.16
N ALA I 268 24.87 -3.67 -51.06
CA ALA I 268 23.47 -3.71 -50.67
C ALA I 268 23.17 -4.85 -49.73
N PHE I 269 23.83 -5.99 -49.94
CA PHE I 269 23.59 -7.14 -49.08
C PHE I 269 24.14 -6.88 -47.68
N VAL I 270 25.38 -6.40 -47.60
CA VAL I 270 25.98 -6.18 -46.30
C VAL I 270 25.30 -5.04 -45.55
N GLN I 271 24.76 -4.06 -46.25
CA GLN I 271 24.12 -2.96 -45.57
C GLN I 271 22.92 -3.42 -44.76
N ARG I 272 22.22 -4.45 -45.23
CA ARG I 272 21.02 -4.92 -44.57
C ARG I 272 21.23 -6.14 -43.71
N TYR I 273 22.19 -7.00 -44.03
CA TYR I 273 22.31 -8.28 -43.36
C TYR I 273 23.59 -8.50 -42.55
N SER I 274 24.52 -7.55 -42.51
CA SER I 274 25.70 -7.68 -41.67
C SER I 274 26.12 -6.33 -41.09
N SER I 275 25.17 -5.58 -40.52
CA SER I 275 25.47 -4.22 -40.09
C SER I 275 25.05 -3.90 -38.65
N LYS I 276 24.75 -4.88 -37.82
CA LYS I 276 24.36 -4.60 -36.44
C LYS I 276 25.00 -5.62 -35.50
N TYR I 277 24.91 -5.29 -34.21
CA TYR I 277 25.56 -6.06 -33.16
C TYR I 277 25.02 -7.49 -33.09
N LEU I 278 23.72 -7.65 -33.26
CA LEU I 278 23.11 -8.96 -33.16
C LEU I 278 23.41 -9.84 -34.35
N HIS I 279 24.11 -9.31 -35.34
CA HIS I 279 24.56 -10.07 -36.50
C HIS I 279 25.98 -10.56 -36.22
N SER I 280 26.12 -11.86 -36.00
CA SER I 280 27.34 -12.42 -35.45
C SER I 280 28.07 -13.39 -36.38
N ASN I 281 27.73 -13.43 -37.66
CA ASN I 281 28.22 -14.50 -38.53
C ASN I 281 28.27 -13.97 -39.95
N PRO I 282 29.37 -13.33 -40.34
CA PRO I 282 29.46 -12.75 -41.66
C PRO I 282 29.38 -13.80 -42.75
N PRO I 283 28.77 -13.48 -43.89
CA PRO I 283 28.64 -14.44 -44.97
C PRO I 283 29.94 -14.69 -45.69
N LEU I 284 29.92 -15.71 -46.55
CA LEU I 284 31.06 -16.13 -47.35
C LEU I 284 30.70 -16.15 -48.82
N PHE I 285 31.57 -15.60 -49.64
CA PHE I 285 31.40 -15.57 -51.08
C PHE I 285 32.51 -16.38 -51.72
N MET I 286 32.14 -17.27 -52.63
CA MET I 286 33.10 -18.16 -53.29
C MET I 286 32.91 -18.06 -54.80
N LEU I 287 34.02 -17.83 -55.50
CA LEU I 287 34.04 -17.66 -56.94
C LEU I 287 34.82 -18.79 -57.61
N THR I 288 34.31 -19.25 -58.75
CA THR I 288 34.87 -20.37 -59.48
C THR I 288 35.34 -19.90 -60.86
N GLY I 289 36.50 -20.39 -61.27
CA GLY I 289 37.11 -19.95 -62.51
C GLY I 289 38.55 -19.50 -62.36
N ASP I 290 38.88 -18.38 -63.01
CA ASP I 290 40.23 -17.83 -63.00
C ASP I 290 40.22 -16.34 -62.67
N TYR I 291 39.29 -15.92 -61.83
CA TYR I 291 39.13 -14.51 -61.49
C TYR I 291 40.31 -14.01 -60.65
N ASP I 292 40.51 -12.70 -60.68
CA ASP I 292 41.50 -12.02 -59.85
C ASP I 292 40.79 -11.26 -58.76
N LEU I 293 41.02 -11.65 -57.51
CA LEU I 293 40.30 -11.07 -56.39
C LEU I 293 40.83 -9.69 -56.03
N SER I 294 42.16 -9.51 -56.07
CA SER I 294 42.80 -8.34 -55.49
C SER I 294 42.11 -7.04 -55.87
N VAL I 295 41.75 -6.89 -57.14
CA VAL I 295 41.13 -5.65 -57.59
C VAL I 295 39.83 -5.40 -56.85
N LEU I 296 39.02 -6.44 -56.72
CA LEU I 296 37.75 -6.32 -56.03
C LEU I 296 37.95 -5.95 -54.58
N GLN I 297 38.99 -6.53 -53.96
CA GLN I 297 39.29 -6.22 -52.58
C GLN I 297 39.65 -4.76 -52.41
N LYS I 298 40.46 -4.23 -53.31
CA LYS I 298 40.83 -2.82 -53.21
C LYS I 298 39.62 -1.92 -53.42
N ARG I 299 38.75 -2.28 -54.36
CA ARG I 299 37.57 -1.45 -54.59
C ARG I 299 36.64 -1.46 -53.39
N LEU I 300 36.41 -2.63 -52.82
CA LEU I 300 35.54 -2.70 -51.65
C LEU I 300 36.17 -1.97 -50.48
N TYR I 301 37.49 -1.94 -50.40
CA TYR I 301 38.14 -1.12 -49.38
C TYR I 301 37.85 0.35 -49.60
N ASP I 302 37.98 0.80 -50.84
CA ASP I 302 37.64 2.18 -51.15
C ASP I 302 36.21 2.51 -50.75
N ALA I 303 35.31 1.53 -50.89
CA ALA I 303 33.95 1.74 -50.44
C ALA I 303 33.87 1.85 -48.92
N GLY I 304 34.74 1.15 -48.20
CA GLY I 304 34.78 1.26 -46.76
C GLY I 304 34.84 -0.07 -46.03
N LEU I 305 34.43 -1.13 -46.69
CA LEU I 305 34.31 -2.43 -46.06
C LEU I 305 35.67 -3.11 -45.88
N ARG I 306 35.68 -4.11 -45.02
CA ARG I 306 36.85 -4.93 -44.77
C ARG I 306 36.51 -6.40 -44.90
N CYS I 307 37.47 -7.16 -45.39
CA CYS I 307 37.32 -8.57 -45.69
C CYS I 307 38.34 -9.41 -44.92
N GLU I 308 38.18 -10.72 -45.06
CA GLU I 308 38.99 -11.73 -44.36
C GLU I 308 39.30 -12.85 -45.35
N THR I 309 40.45 -12.77 -45.99
CA THR I 309 40.76 -13.73 -47.05
C THR I 309 41.26 -15.05 -46.51
N GLY I 310 41.92 -15.05 -45.36
CA GLY I 310 42.38 -16.27 -44.74
C GLY I 310 43.81 -16.65 -45.00
N LYS I 311 44.64 -15.72 -45.43
CA LYS I 311 46.02 -16.02 -45.84
C LYS I 311 46.98 -15.33 -44.90
N VAL I 312 47.80 -16.11 -44.21
CA VAL I 312 48.88 -15.59 -43.38
C VAL I 312 50.16 -15.78 -44.18
N GLY I 313 50.52 -14.77 -44.96
CA GLY I 313 51.65 -14.84 -45.85
C GLY I 313 51.30 -14.90 -47.33
N GLY I 314 50.03 -14.94 -47.67
CA GLY I 314 49.62 -14.78 -49.05
C GLY I 314 50.15 -15.82 -50.02
N THR I 315 50.24 -17.07 -49.59
CA THR I 315 50.46 -18.17 -50.51
C THR I 315 49.32 -19.18 -50.51
N ASP I 316 48.94 -19.70 -49.35
CA ASP I 316 47.92 -20.72 -49.24
C ASP I 316 46.93 -20.34 -48.14
N VAL I 317 45.84 -21.09 -48.07
CA VAL I 317 44.73 -20.80 -47.18
C VAL I 317 44.77 -21.69 -45.95
N ILE I 318 44.41 -21.10 -44.82
CA ILE I 318 44.17 -21.81 -43.58
C ILE I 318 42.69 -21.75 -43.28
N ILE I 319 42.12 -22.89 -42.89
CA ILE I 319 40.68 -22.99 -42.73
C ILE I 319 40.23 -22.38 -41.42
N LYS I 320 40.97 -22.63 -40.34
CA LYS I 320 40.56 -22.11 -39.04
C LYS I 320 40.42 -20.60 -39.05
N GLU I 321 41.32 -19.91 -39.74
CA GLU I 321 41.33 -18.45 -39.71
C GLU I 321 40.20 -17.85 -40.50
N LEU I 322 39.77 -18.53 -41.58
CA LEU I 322 38.67 -18.01 -42.39
C LEU I 322 37.33 -18.12 -41.68
N PHE I 323 37.19 -19.07 -40.76
CA PHE I 323 35.92 -19.37 -40.12
C PHE I 323 35.89 -19.00 -38.64
N ARG I 324 36.68 -18.03 -38.22
CA ARG I 324 36.69 -17.57 -36.84
C ARG I 324 35.61 -16.52 -36.61
N ARG I 325 35.45 -16.15 -35.35
CA ARG I 325 34.42 -15.20 -34.97
C ARG I 325 35.00 -13.82 -34.73
N PRO I 326 34.31 -12.78 -35.17
CA PRO I 326 34.85 -11.43 -35.07
C PRO I 326 34.60 -10.77 -33.72
N ILE I 327 35.36 -9.71 -33.48
CA ILE I 327 35.16 -8.87 -32.32
C ILE I 327 34.05 -7.87 -32.61
N LEU I 328 33.33 -7.49 -31.57
CA LEU I 328 32.23 -6.55 -31.69
C LEU I 328 32.22 -5.60 -30.51
N ILE I 329 31.86 -4.35 -30.79
CA ILE I 329 31.74 -3.31 -29.78
C ILE I 329 30.45 -2.57 -30.04
N ARG I 330 29.81 -2.13 -28.97
CA ARG I 330 28.45 -1.61 -29.02
C ARG I 330 28.39 -0.09 -29.08
N ASN I 331 29.11 0.61 -28.21
CA ASN I 331 29.08 2.07 -28.18
C ASN I 331 30.49 2.62 -28.31
N PRO I 332 30.87 3.19 -29.47
CA PRO I 332 30.21 3.17 -30.77
C PRO I 332 30.52 1.90 -31.55
N PHE I 333 29.66 1.60 -32.51
CA PHE I 333 29.73 0.32 -33.21
C PHE I 333 30.98 0.25 -34.09
N ARG I 334 31.69 -0.87 -33.99
CA ARG I 334 32.78 -1.16 -34.88
C ARG I 334 32.85 -2.66 -35.09
N MET I 335 32.87 -3.08 -36.35
CA MET I 335 33.05 -4.46 -36.74
C MET I 335 34.48 -4.66 -37.23
N GLU I 336 35.07 -5.77 -36.83
CA GLU I 336 36.41 -6.11 -37.30
C GLU I 336 36.40 -6.54 -38.75
N PHE I 337 35.39 -7.29 -39.18
CA PHE I 337 35.21 -7.57 -40.59
C PHE I 337 33.77 -7.97 -40.86
N SER I 338 33.33 -7.67 -42.07
CA SER I 338 31.94 -7.78 -42.46
C SER I 338 31.69 -8.84 -43.52
N LEU I 339 32.72 -9.42 -44.11
CA LEU I 339 32.49 -10.43 -45.13
C LEU I 339 33.73 -11.29 -45.32
N ARG I 340 33.49 -12.48 -45.87
CA ARG I 340 34.52 -13.48 -46.12
C ARG I 340 34.64 -13.74 -47.61
N LEU I 341 35.86 -13.96 -48.08
CA LEU I 341 36.13 -14.06 -49.50
C LEU I 341 37.26 -15.04 -49.77
N ALA I 342 37.14 -15.75 -50.88
CA ALA I 342 38.12 -16.74 -51.29
C ALA I 342 37.74 -17.35 -52.63
N LYS I 343 38.58 -18.23 -53.14
CA LYS I 343 38.32 -18.97 -54.37
C LYS I 343 38.11 -20.44 -54.05
N ARG I 344 37.25 -21.07 -54.85
CA ARG I 344 36.78 -22.42 -54.56
C ARG I 344 37.91 -23.42 -54.56
N ASP I 345 38.77 -23.37 -55.58
CA ASP I 345 39.79 -24.39 -55.73
C ASP I 345 40.74 -24.41 -54.54
N GLU I 346 41.10 -23.23 -54.03
CA GLU I 346 42.09 -23.17 -52.96
C GLU I 346 41.53 -23.68 -51.64
N VAL I 347 40.23 -23.58 -51.43
CA VAL I 347 39.63 -24.03 -50.18
C VAL I 347 39.54 -25.55 -50.23
N ILE I 348 40.39 -26.21 -49.46
CA ILE I 348 40.45 -27.66 -49.40
C ILE I 348 39.93 -28.10 -48.05
N GLY I 349 38.91 -28.94 -48.06
CA GLY I 349 38.34 -29.44 -46.83
C GLY I 349 36.95 -28.91 -46.55
N GLY I 350 36.61 -28.84 -45.27
CA GLY I 350 35.30 -28.40 -44.86
C GLY I 350 35.30 -27.89 -43.44
N PRO I 351 34.24 -27.17 -43.08
CA PRO I 351 34.15 -26.57 -41.76
C PRO I 351 33.57 -27.53 -40.72
N GLN I 352 33.79 -27.17 -39.46
CA GLN I 352 33.30 -27.98 -38.36
C GLN I 352 31.78 -28.00 -38.33
N ARG I 353 31.15 -26.85 -38.55
CA ARG I 353 29.70 -26.74 -38.62
C ARG I 353 29.29 -26.44 -40.05
N ARG I 354 28.39 -27.24 -40.57
CA ARG I 354 27.99 -27.11 -41.96
C ARG I 354 26.92 -26.05 -42.12
N PRO I 355 26.77 -25.51 -43.32
CA PRO I 355 25.93 -24.33 -43.50
C PRO I 355 24.46 -24.61 -43.35
N ASP I 356 23.74 -23.55 -42.97
CA ASP I 356 22.29 -23.59 -42.89
C ASP I 356 21.66 -23.33 -44.24
N GLU I 357 22.33 -22.57 -45.11
CA GLU I 357 21.81 -22.28 -46.44
C GLU I 357 22.96 -22.10 -47.41
N LEU I 358 22.81 -22.71 -48.58
CA LEU I 358 23.80 -22.69 -49.64
C LEU I 358 23.14 -22.25 -50.93
N PHE I 359 23.67 -21.19 -51.53
CA PHE I 359 23.18 -20.67 -52.78
C PHE I 359 24.17 -21.00 -53.89
N LEU I 360 23.67 -21.61 -54.95
CA LEU I 360 24.49 -22.00 -56.09
C LEU I 360 23.96 -21.31 -57.33
N ILE I 361 24.70 -20.31 -57.81
CA ILE I 361 24.31 -19.51 -58.95
C ILE I 361 25.07 -20.03 -60.17
N ASN I 362 24.35 -20.65 -61.10
CA ASN I 362 24.94 -21.16 -62.33
C ASN I 362 26.06 -22.14 -62.03
N VAL I 363 25.74 -23.09 -61.17
CA VAL I 363 26.65 -24.17 -60.80
C VAL I 363 25.83 -25.43 -60.67
N ALA I 364 26.36 -26.54 -61.17
CA ALA I 364 25.62 -27.79 -61.20
C ALA I 364 25.77 -28.60 -59.92
N ASP I 365 26.97 -28.68 -59.37
CA ASP I 365 27.21 -29.52 -58.21
C ASP I 365 28.29 -28.91 -57.33
N ASP I 366 28.27 -29.31 -56.07
CA ASP I 366 29.30 -28.95 -55.11
C ASP I 366 29.45 -30.09 -54.12
N GLU I 367 30.54 -30.06 -53.37
CA GLU I 367 30.89 -31.14 -52.47
C GLU I 367 30.30 -30.98 -51.07
N TRP I 368 29.67 -29.85 -50.78
CA TRP I 368 29.10 -29.60 -49.46
C TRP I 368 27.62 -29.89 -49.40
N LYS I 369 27.02 -30.34 -50.49
CA LYS I 369 25.63 -30.74 -50.46
C LYS I 369 25.43 -31.89 -49.50
N HIS I 370 24.24 -31.97 -48.94
CA HIS I 370 23.92 -32.93 -47.89
C HIS I 370 22.45 -32.72 -47.56
N GLU I 371 21.89 -33.65 -46.81
CA GLU I 371 20.44 -33.64 -46.61
C GLU I 371 20.01 -32.57 -45.62
N ASP I 372 20.80 -32.33 -44.58
CA ASP I 372 20.45 -31.32 -43.60
C ASP I 372 20.43 -29.93 -44.21
N VAL I 373 21.47 -29.61 -44.98
CA VAL I 373 21.59 -28.29 -45.59
C VAL I 373 20.51 -28.09 -46.64
N ASN I 374 19.99 -26.87 -46.71
CA ASN I 374 19.12 -26.48 -47.80
C ASN I 374 19.94 -26.02 -48.99
N VAL I 375 19.39 -26.22 -50.17
CA VAL I 375 20.06 -25.89 -51.41
C VAL I 375 19.08 -25.15 -52.30
N HIS I 376 19.38 -23.89 -52.57
CA HIS I 376 18.60 -23.05 -53.47
C HIS I 376 19.42 -22.86 -54.73
N GLY I 377 18.90 -23.32 -55.86
CA GLY I 377 19.61 -23.24 -57.12
C GLY I 377 18.86 -22.38 -58.11
N PHE I 378 19.61 -21.59 -58.87
CA PHE I 378 19.03 -20.68 -59.85
C PHE I 378 19.92 -20.59 -61.06
N LYS I 379 19.32 -20.18 -62.18
CA LYS I 379 20.04 -19.82 -63.38
C LYS I 379 19.60 -18.43 -63.81
N ILE I 380 20.53 -17.49 -63.87
CA ILE I 380 20.21 -16.10 -64.11
C ILE I 380 21.10 -15.53 -65.20
N GLU I 381 20.65 -14.42 -65.77
CA GLU I 381 21.35 -13.70 -66.82
C GLU I 381 21.96 -12.40 -66.33
N ARG I 382 21.23 -11.64 -65.50
CA ARG I 382 21.74 -10.42 -64.91
C ARG I 382 21.48 -10.44 -63.40
N LEU I 383 22.39 -9.80 -62.65
CA LEU I 383 22.32 -9.86 -61.20
C LEU I 383 21.12 -9.13 -60.64
N SER I 384 20.61 -8.12 -61.36
CA SER I 384 19.50 -7.34 -60.85
C SER I 384 18.25 -8.18 -60.58
N ASP I 385 18.20 -9.39 -61.11
CA ASP I 385 17.10 -10.29 -60.80
C ASP I 385 17.22 -10.87 -59.40
N LEU I 386 18.44 -11.17 -58.98
CA LEU I 386 18.65 -11.79 -57.67
C LEU I 386 18.33 -10.83 -56.54
N GLU I 387 18.49 -9.53 -56.77
CA GLU I 387 18.21 -8.53 -55.75
C GLU I 387 16.75 -8.53 -55.35
N TYR I 388 15.85 -8.49 -56.32
CA TYR I 388 14.43 -8.49 -56.01
C TYR I 388 14.05 -9.69 -55.17
N ILE I 389 14.63 -10.84 -55.47
CA ILE I 389 14.33 -12.06 -54.73
C ILE I 389 14.59 -11.89 -53.25
N LEU I 390 15.67 -11.19 -52.92
CA LEU I 390 16.16 -11.07 -51.55
C LEU I 390 15.75 -9.76 -50.90
N GLN I 391 14.82 -9.02 -51.50
CA GLN I 391 14.19 -7.85 -50.89
C GLN I 391 15.17 -6.69 -50.77
N LEU I 392 15.82 -6.37 -51.88
CA LEU I 392 16.71 -5.25 -51.98
C LEU I 392 16.29 -4.23 -53.03
N ARG I 393 15.28 -4.54 -53.83
CA ARG I 393 14.78 -3.64 -54.86
C ARG I 393 13.29 -3.87 -55.02
N SER I 394 12.55 -2.80 -55.20
CA SER I 394 11.09 -2.88 -55.13
C SER I 394 10.46 -3.41 -56.41
N ASP I 395 10.93 -2.98 -57.57
CA ASP I 395 10.34 -3.34 -58.85
C ASP I 395 11.34 -4.07 -59.73
N TYR I 396 10.87 -5.10 -60.43
CA TYR I 396 11.73 -5.89 -61.29
C TYR I 396 11.88 -5.23 -62.66
N ALA I 397 12.80 -5.78 -63.44
CA ALA I 397 13.10 -5.25 -64.76
C ALA I 397 12.24 -5.92 -65.83
N PHE J 228 78.55 -1.32 -22.76
CA PHE J 228 77.12 -1.62 -22.87
C PHE J 228 76.42 -1.40 -21.54
N SER J 229 77.15 -1.57 -20.44
CA SER J 229 76.63 -1.19 -19.14
C SER J 229 76.39 0.32 -19.07
N SER J 230 77.11 1.09 -19.88
CA SER J 230 76.88 2.54 -19.93
C SER J 230 75.55 2.87 -20.61
N LEU J 231 75.22 2.13 -21.67
CA LEU J 231 74.01 2.42 -22.43
C LEU J 231 72.74 1.94 -21.73
N ARG J 232 72.86 0.92 -20.88
CA ARG J 232 71.68 0.25 -20.37
C ARG J 232 70.80 1.21 -19.57
N LYS J 233 71.41 1.90 -18.61
CA LYS J 233 70.65 2.77 -17.71
C LYS J 233 70.26 4.09 -18.37
N SER J 234 70.91 4.47 -19.45
CA SER J 234 70.49 5.63 -20.21
C SER J 234 69.05 5.50 -20.70
N LEU J 235 68.60 4.28 -20.95
CA LEU J 235 67.28 4.01 -21.48
C LEU J 235 66.23 3.76 -20.42
N ARG J 236 66.58 3.97 -19.15
CA ARG J 236 65.64 3.65 -18.08
C ARG J 236 64.38 4.50 -18.17
N SER J 237 64.54 5.79 -18.46
CA SER J 237 63.38 6.67 -18.50
C SER J 237 62.55 6.43 -19.76
N CYS J 238 63.20 6.23 -20.90
CA CYS J 238 62.46 6.08 -22.15
C CYS J 238 61.49 4.91 -22.08
N LEU J 239 61.90 3.82 -21.45
CA LEU J 239 61.11 2.60 -21.39
C LEU J 239 60.21 2.53 -20.17
N ALA J 240 60.11 3.61 -19.39
CA ALA J 240 59.25 3.57 -18.21
C ALA J 240 57.79 3.79 -18.59
N HIS J 241 57.54 4.67 -19.55
CA HIS J 241 56.18 5.02 -19.91
C HIS J 241 55.44 3.80 -20.44
N ASN J 242 54.11 3.89 -20.38
CA ASN J 242 53.24 2.82 -20.84
C ASN J 242 52.80 3.02 -22.27
N SER J 243 52.55 4.27 -22.68
CA SER J 243 52.04 4.59 -24.00
C SER J 243 53.04 5.48 -24.71
N ARG J 244 53.69 4.92 -25.73
CA ARG J 244 54.62 5.68 -26.55
C ARG J 244 54.72 4.99 -27.90
N TRP J 245 55.37 5.66 -28.84
CA TRP J 245 55.51 5.21 -30.21
C TRP J 245 56.99 4.99 -30.49
N ARG J 246 57.37 3.74 -30.71
CA ARG J 246 58.75 3.36 -30.91
C ARG J 246 58.94 2.80 -32.30
N VAL J 247 60.12 3.01 -32.87
CA VAL J 247 60.44 2.47 -34.20
C VAL J 247 61.80 1.80 -34.16
N PHE J 248 61.92 0.67 -34.85
CA PHE J 248 63.17 -0.06 -34.99
C PHE J 248 63.54 -0.19 -36.45
N VAL J 249 64.79 0.12 -36.79
CA VAL J 249 65.36 -0.15 -38.11
C VAL J 249 66.56 -1.06 -37.96
N ILE J 250 66.57 -2.13 -38.76
CA ILE J 250 67.58 -3.18 -38.62
C ILE J 250 68.20 -3.54 -39.96
N ASN J 251 69.44 -4.02 -39.89
CA ASN J 251 70.18 -4.53 -41.04
C ASN J 251 70.68 -5.92 -40.68
N PRO J 252 70.25 -6.98 -41.36
CA PRO J 252 70.62 -8.33 -40.95
C PRO J 252 71.89 -8.89 -41.57
N LEU J 253 72.43 -8.26 -42.61
CA LEU J 253 73.59 -8.84 -43.28
C LEU J 253 74.82 -8.88 -42.38
N THR J 254 74.88 -8.03 -41.36
CA THR J 254 76.05 -7.90 -40.51
C THR J 254 75.82 -8.42 -39.10
N ILE J 255 74.85 -9.30 -38.91
CA ILE J 255 74.59 -9.94 -37.63
C ILE J 255 74.68 -11.44 -37.79
N GLU J 256 75.38 -12.08 -36.87
CA GLU J 256 75.56 -13.52 -36.92
C GLU J 256 74.40 -14.23 -36.25
N ASN J 257 73.92 -15.31 -36.88
CA ASN J 257 72.85 -16.12 -36.36
C ASN J 257 71.58 -15.30 -36.11
N PHE J 258 71.10 -14.67 -37.17
CA PHE J 258 69.97 -13.76 -37.12
C PHE J 258 68.64 -14.49 -37.25
N ASP J 259 68.54 -15.34 -38.26
CA ASP J 259 67.31 -16.03 -38.57
C ASP J 259 66.92 -16.98 -37.44
N ASP J 260 67.87 -17.34 -36.59
CA ASP J 260 67.59 -18.26 -35.51
C ASP J 260 66.95 -17.59 -34.31
N ASP J 261 67.31 -16.33 -34.02
CA ASP J 261 66.93 -15.67 -32.79
C ASP J 261 65.97 -14.51 -32.96
N ILE J 262 65.64 -14.12 -34.19
CA ILE J 262 64.74 -12.99 -34.41
C ILE J 262 63.41 -13.21 -33.71
N VAL J 263 62.83 -14.40 -33.88
CA VAL J 263 61.48 -14.66 -33.38
C VAL J 263 61.45 -14.56 -31.87
N ARG J 264 62.44 -15.14 -31.20
CA ARG J 264 62.49 -15.08 -29.76
C ARG J 264 62.67 -13.65 -29.27
N PHE J 265 63.48 -12.87 -29.98
CA PHE J 265 63.61 -11.46 -29.65
C PHE J 265 62.26 -10.78 -29.63
N ILE J 266 61.50 -10.94 -30.72
CA ILE J 266 60.20 -10.28 -30.82
C ILE J 266 59.27 -10.76 -29.73
N LYS J 267 59.25 -12.06 -29.47
CA LYS J 267 58.32 -12.60 -28.49
C LYS J 267 58.59 -12.04 -27.11
N ALA J 268 59.85 -11.94 -26.71
CA ALA J 268 60.18 -11.38 -25.41
C ALA J 268 59.82 -9.91 -25.32
N PHE J 269 60.22 -9.13 -26.32
CA PHE J 269 59.89 -7.71 -26.30
C PHE J 269 58.39 -7.51 -26.17
N VAL J 270 57.62 -8.28 -26.92
CA VAL J 270 56.17 -8.12 -26.92
C VAL J 270 55.60 -8.53 -25.58
N GLN J 271 56.12 -9.59 -24.98
CA GLN J 271 55.59 -10.00 -23.68
C GLN J 271 55.83 -8.94 -22.63
N ARG J 272 56.94 -8.21 -22.73
CA ARG J 272 57.24 -7.27 -21.67
C ARG J 272 56.63 -5.88 -21.89
N TYR J 273 56.51 -5.40 -23.12
CA TYR J 273 56.08 -4.03 -23.37
C TYR J 273 54.78 -3.90 -24.17
N SER J 274 54.10 -5.00 -24.48
CA SER J 274 52.90 -4.93 -25.32
C SER J 274 51.84 -5.93 -24.90
N SER J 275 51.68 -6.19 -23.61
CA SER J 275 50.81 -7.28 -23.16
C SER J 275 49.72 -6.84 -22.18
N LYS J 276 49.42 -5.56 -22.08
CA LYS J 276 48.45 -5.08 -21.13
C LYS J 276 47.60 -3.98 -21.74
N TYR J 277 46.58 -3.57 -21.00
CA TYR J 277 45.59 -2.64 -21.52
C TYR J 277 46.17 -1.25 -21.72
N LEU J 278 47.01 -0.81 -20.81
CA LEU J 278 47.57 0.53 -20.87
C LEU J 278 48.63 0.69 -21.94
N HIS J 279 48.96 -0.37 -22.69
CA HIS J 279 49.93 -0.30 -23.76
C HIS J 279 49.18 -0.08 -25.08
N SER J 280 48.99 1.19 -25.42
CA SER J 280 48.09 1.55 -26.51
C SER J 280 48.71 1.24 -27.86
N ASN J 281 49.95 1.67 -28.08
CA ASN J 281 50.56 1.58 -29.40
C ASN J 281 51.43 0.34 -29.51
N PRO J 282 51.19 -0.53 -30.48
CA PRO J 282 52.12 -1.58 -30.79
C PRO J 282 53.34 -1.04 -31.54
N PRO J 283 54.45 -1.74 -31.48
CA PRO J 283 55.68 -1.26 -32.11
C PRO J 283 55.88 -1.71 -33.55
N LEU J 284 56.82 -1.04 -34.21
CA LEU J 284 57.10 -1.20 -35.63
C LEU J 284 58.52 -1.67 -35.87
N PHE J 285 58.66 -2.69 -36.70
CA PHE J 285 59.93 -3.29 -37.07
C PHE J 285 60.13 -3.16 -38.56
N MET J 286 61.16 -2.42 -38.97
CA MET J 286 61.52 -2.25 -40.35
C MET J 286 62.85 -2.92 -40.64
N LEU J 287 62.85 -3.71 -41.71
CA LEU J 287 64.03 -4.45 -42.14
C LEU J 287 64.50 -3.97 -43.50
N THR J 288 65.77 -3.60 -43.57
CA THR J 288 66.39 -3.12 -44.80
C THR J 288 67.20 -4.25 -45.45
N GLY J 289 67.03 -4.42 -46.75
CA GLY J 289 67.69 -5.47 -47.47
C GLY J 289 66.81 -6.17 -48.49
N ASP J 290 67.07 -7.45 -48.73
CA ASP J 290 66.34 -8.28 -49.67
C ASP J 290 65.70 -9.48 -48.98
N TYR J 291 65.13 -9.25 -47.80
CA TYR J 291 64.59 -10.29 -46.95
C TYR J 291 63.21 -10.74 -47.44
N ASP J 292 62.79 -11.91 -46.95
CA ASP J 292 61.46 -12.48 -47.25
C ASP J 292 60.65 -12.48 -45.96
N LEU J 293 59.58 -11.69 -45.94
CA LEU J 293 58.78 -11.51 -44.75
C LEU J 293 57.73 -12.59 -44.55
N SER J 294 57.33 -13.27 -45.61
CA SER J 294 56.27 -14.26 -45.51
C SER J 294 56.62 -15.37 -44.53
N VAL J 295 57.85 -15.87 -44.59
CA VAL J 295 58.24 -16.97 -43.71
C VAL J 295 58.22 -16.52 -42.26
N LEU J 296 58.75 -15.34 -41.99
CA LEU J 296 58.75 -14.83 -40.63
C LEU J 296 57.34 -14.66 -40.12
N GLN J 297 56.43 -14.22 -40.99
CA GLN J 297 55.05 -14.04 -40.59
C GLN J 297 54.40 -15.37 -40.26
N LYS J 298 54.68 -16.40 -41.05
CA LYS J 298 54.13 -17.72 -40.77
C LYS J 298 54.68 -18.29 -39.47
N ARG J 299 55.96 -18.06 -39.22
CA ARG J 299 56.58 -18.56 -37.99
C ARG J 299 56.01 -17.86 -36.78
N LEU J 300 55.73 -16.57 -36.90
CA LEU J 300 55.14 -15.86 -35.79
C LEU J 300 53.71 -16.30 -35.53
N TYR J 301 52.97 -16.63 -36.59
CA TYR J 301 51.63 -17.18 -36.38
C TYR J 301 51.69 -18.53 -35.68
N ASP J 302 52.64 -19.37 -36.05
CA ASP J 302 52.81 -20.63 -35.34
C ASP J 302 53.19 -20.40 -33.88
N ALA J 303 54.02 -19.40 -33.61
CA ALA J 303 54.39 -19.09 -32.24
C ALA J 303 53.24 -18.50 -31.45
N GLY J 304 52.24 -17.94 -32.13
CA GLY J 304 51.05 -17.48 -31.45
C GLY J 304 50.75 -16.00 -31.52
N LEU J 305 51.39 -15.29 -32.44
CA LEU J 305 51.27 -13.85 -32.53
C LEU J 305 50.71 -13.42 -33.88
N ARG J 306 49.98 -12.32 -33.86
CA ARG J 306 49.35 -11.74 -35.04
C ARG J 306 49.97 -10.38 -35.34
N CYS J 307 50.15 -10.09 -36.63
CA CYS J 307 50.89 -8.92 -37.07
C CYS J 307 50.08 -8.10 -38.06
N GLU J 308 50.48 -6.84 -38.21
CA GLU J 308 49.93 -5.95 -39.22
C GLU J 308 51.02 -5.62 -40.23
N THR J 309 50.69 -5.82 -41.50
CA THR J 309 51.63 -5.60 -42.59
C THR J 309 51.28 -4.41 -43.47
N GLY J 310 50.03 -3.98 -43.48
CA GLY J 310 49.66 -2.80 -44.22
C GLY J 310 49.43 -2.97 -45.69
N LYS J 311 48.70 -4.01 -46.05
CA LYS J 311 48.38 -4.32 -47.43
C LYS J 311 46.94 -4.74 -47.55
N VAL J 312 46.37 -4.49 -48.72
CA VAL J 312 45.00 -4.89 -49.04
C VAL J 312 45.08 -5.70 -50.33
N GLY J 313 45.29 -6.98 -50.20
CA GLY J 313 45.41 -7.85 -51.34
C GLY J 313 46.70 -7.67 -52.11
N GLY J 314 46.93 -6.43 -52.57
CA GLY J 314 47.96 -6.17 -53.53
C GLY J 314 49.36 -6.14 -52.95
N THR J 315 50.31 -5.86 -53.82
CA THR J 315 51.71 -5.75 -53.45
C THR J 315 52.00 -4.44 -52.71
N ASP J 316 51.31 -3.36 -53.05
CA ASP J 316 51.63 -2.06 -52.50
C ASP J 316 51.28 -1.99 -51.01
N VAL J 317 51.85 -0.98 -50.36
CA VAL J 317 51.72 -0.78 -48.92
C VAL J 317 51.03 0.55 -48.65
N ILE J 318 50.13 0.54 -47.68
CA ILE J 318 49.36 1.72 -47.30
C ILE J 318 49.75 2.16 -45.91
N ILE J 319 49.76 3.46 -45.72
CA ILE J 319 50.31 4.06 -44.51
C ILE J 319 49.26 4.17 -43.42
N LYS J 320 48.04 4.53 -43.80
CA LYS J 320 47.01 4.78 -42.81
C LYS J 320 46.44 3.50 -42.22
N GLU J 321 46.56 2.39 -42.94
CA GLU J 321 46.21 1.10 -42.36
C GLU J 321 47.28 0.62 -41.39
N LEU J 322 48.54 0.93 -41.66
CA LEU J 322 49.62 0.46 -40.82
C LEU J 322 49.73 1.26 -39.55
N PHE J 323 49.56 2.57 -39.63
CA PHE J 323 49.53 3.41 -38.44
C PHE J 323 48.08 3.66 -38.06
N ARG J 324 47.48 2.67 -37.41
CA ARG J 324 46.13 2.80 -36.92
C ARG J 324 45.97 2.07 -35.60
N ARG J 325 45.00 2.54 -34.85
CA ARG J 325 44.71 2.08 -33.50
C ARG J 325 43.90 0.77 -33.55
N PRO J 326 44.19 -0.16 -32.66
CA PRO J 326 43.47 -1.42 -32.64
C PRO J 326 42.29 -1.50 -31.69
N ILE J 327 41.43 -2.50 -31.91
CA ILE J 327 40.34 -2.77 -30.99
C ILE J 327 40.90 -3.31 -29.69
N LEU J 328 40.16 -3.12 -28.61
CA LEU J 328 40.65 -3.61 -27.35
C LEU J 328 39.46 -3.97 -26.48
N ILE J 329 39.60 -5.01 -25.68
CA ILE J 329 38.57 -5.37 -24.71
C ILE J 329 39.24 -5.60 -23.37
N ARG J 330 38.78 -4.90 -22.35
CA ARG J 330 39.43 -4.96 -21.06
C ARG J 330 39.20 -6.30 -20.38
N ASN J 331 37.94 -6.73 -20.32
CA ASN J 331 37.59 -7.96 -19.64
C ASN J 331 36.62 -8.77 -20.48
N PRO J 332 36.99 -9.96 -20.95
CA PRO J 332 38.32 -10.57 -20.94
C PRO J 332 39.27 -9.92 -21.94
N PHE J 333 40.54 -9.84 -21.56
CA PHE J 333 41.51 -9.09 -22.36
C PHE J 333 41.73 -9.78 -23.69
N ARG J 334 41.53 -9.02 -24.78
CA ARG J 334 41.86 -9.49 -26.11
C ARG J 334 42.34 -8.31 -26.91
N MET J 335 43.26 -8.56 -27.83
CA MET J 335 43.84 -7.54 -28.68
C MET J 335 43.68 -7.96 -30.13
N GLU J 336 43.65 -6.98 -31.01
CA GLU J 336 43.47 -7.26 -32.43
C GLU J 336 44.77 -7.69 -33.07
N PHE J 337 45.84 -6.97 -32.78
CA PHE J 337 47.14 -7.29 -33.29
C PHE J 337 48.20 -6.74 -32.36
N SER J 338 49.34 -7.41 -32.32
CA SER J 338 50.36 -7.12 -31.33
C SER J 338 51.62 -6.47 -31.90
N LEU J 339 51.81 -6.43 -33.21
CA LEU J 339 53.01 -5.79 -33.75
C LEU J 339 52.79 -5.37 -35.19
N ARG J 340 53.73 -4.57 -35.70
CA ARG J 340 53.76 -4.15 -37.08
C ARG J 340 55.08 -4.49 -37.75
N LEU J 341 55.01 -4.94 -38.99
CA LEU J 341 56.18 -5.35 -39.74
C LEU J 341 56.24 -4.72 -41.11
N ALA J 342 57.45 -4.46 -41.58
CA ALA J 342 57.60 -4.06 -42.97
C ALA J 342 59.05 -3.99 -43.43
N LYS J 343 59.18 -3.86 -44.74
CA LYS J 343 60.41 -3.52 -45.42
C LYS J 343 60.43 -2.03 -45.70
N ARG J 344 61.59 -1.42 -45.52
CA ARG J 344 61.69 0.04 -45.53
C ARG J 344 61.39 0.61 -46.90
N ASP J 345 61.89 -0.03 -47.96
CA ASP J 345 61.76 0.53 -49.29
C ASP J 345 60.31 0.63 -49.74
N GLU J 346 59.50 -0.40 -49.44
CA GLU J 346 58.10 -0.36 -49.86
C GLU J 346 57.37 0.81 -49.22
N VAL J 347 57.79 1.20 -48.03
CA VAL J 347 57.14 2.26 -47.28
C VAL J 347 57.73 3.59 -47.72
N ILE J 348 56.95 4.35 -48.49
CA ILE J 348 57.34 5.66 -48.97
C ILE J 348 56.36 6.69 -48.43
N GLY J 349 56.89 7.70 -47.77
CA GLY J 349 56.09 8.76 -47.20
C GLY J 349 56.45 8.98 -45.77
N GLY J 350 55.52 9.59 -45.04
CA GLY J 350 55.70 9.85 -43.64
C GLY J 350 54.42 9.68 -42.85
N PRO J 351 54.54 9.78 -41.55
CA PRO J 351 53.37 9.63 -40.68
C PRO J 351 52.74 10.95 -40.28
N GLN J 352 51.60 10.87 -39.62
CA GLN J 352 50.92 12.06 -39.14
C GLN J 352 51.69 12.67 -37.98
N ARG J 353 52.19 11.82 -37.09
CA ARG J 353 52.90 12.24 -35.90
C ARG J 353 54.29 11.64 -35.88
N ARG J 354 55.29 12.47 -35.67
CA ARG J 354 56.65 11.98 -35.72
C ARG J 354 56.88 11.04 -34.54
N PRO J 355 57.80 10.11 -34.67
CA PRO J 355 58.06 9.18 -33.58
C PRO J 355 58.86 9.79 -32.46
N ASP J 356 58.58 9.30 -31.26
CA ASP J 356 59.32 9.72 -30.08
C ASP J 356 60.69 9.06 -30.00
N GLU J 357 60.80 7.80 -30.40
CA GLU J 357 62.05 7.06 -30.29
C GLU J 357 62.34 6.30 -31.57
N LEU J 358 63.55 6.45 -32.08
CA LEU J 358 64.00 5.82 -33.31
C LEU J 358 65.29 5.07 -33.04
N PHE J 359 65.18 3.76 -32.83
CA PHE J 359 66.34 2.90 -32.70
C PHE J 359 66.87 2.49 -34.07
N LEU J 360 68.18 2.62 -34.25
CA LEU J 360 68.87 2.26 -35.48
C LEU J 360 69.99 1.29 -35.14
N ILE J 361 69.98 0.12 -35.78
CA ILE J 361 70.93 -0.94 -35.48
C ILE J 361 71.74 -1.25 -36.73
N ASN J 362 73.00 -0.84 -36.72
CA ASN J 362 73.91 -1.06 -37.84
C ASN J 362 73.45 -0.31 -39.08
N VAL J 363 72.71 0.76 -38.88
CA VAL J 363 72.19 1.60 -39.95
C VAL J 363 72.71 3.02 -39.74
N ALA J 364 73.13 3.66 -40.83
CA ALA J 364 73.81 4.95 -40.73
C ALA J 364 72.85 6.14 -40.72
N ASP J 365 72.03 6.28 -41.76
CA ASP J 365 71.17 7.43 -41.89
C ASP J 365 69.78 7.01 -42.32
N ASP J 366 68.77 7.74 -41.85
CA ASP J 366 67.39 7.53 -42.24
C ASP J 366 66.73 8.88 -42.46
N GLU J 367 65.65 8.86 -43.24
CA GLU J 367 64.96 10.09 -43.59
C GLU J 367 64.16 10.65 -42.43
N TRP J 368 63.76 9.80 -41.50
CA TRP J 368 62.93 10.23 -40.37
C TRP J 368 63.75 10.81 -39.24
N LYS J 369 65.03 11.05 -39.45
CA LYS J 369 65.84 11.69 -38.43
C LYS J 369 65.56 13.18 -38.42
N HIS J 370 65.28 13.71 -37.24
CA HIS J 370 64.89 15.10 -37.10
C HIS J 370 65.39 15.61 -35.76
N GLU J 371 65.46 16.94 -35.66
CA GLU J 371 66.05 17.55 -34.48
C GLU J 371 65.19 17.31 -33.25
N ASP J 372 63.87 17.35 -33.41
CA ASP J 372 62.95 17.17 -32.30
C ASP J 372 62.58 15.72 -32.05
N VAL J 373 63.35 14.78 -32.59
CA VAL J 373 63.13 13.35 -32.41
C VAL J 373 64.36 12.75 -31.76
N ASN J 374 64.14 11.78 -30.87
CA ASN J 374 65.23 11.11 -30.19
C ASN J 374 65.69 9.90 -30.99
N VAL J 375 67.00 9.83 -31.21
CA VAL J 375 67.63 8.89 -32.11
C VAL J 375 68.67 8.11 -31.32
N HIS J 376 68.64 6.79 -31.45
CA HIS J 376 69.56 5.92 -30.70
C HIS J 376 70.20 4.94 -31.66
N GLY J 377 71.49 5.15 -31.94
CA GLY J 377 72.22 4.36 -32.93
C GLY J 377 73.26 3.48 -32.26
N PHE J 378 73.28 2.21 -32.66
CA PHE J 378 74.14 1.22 -32.04
C PHE J 378 74.89 0.41 -33.09
N LYS J 379 75.83 -0.40 -32.61
CA LYS J 379 76.56 -1.35 -33.43
C LYS J 379 76.76 -2.63 -32.63
N ILE J 380 76.24 -3.75 -33.14
CA ILE J 380 76.31 -5.02 -32.43
C ILE J 380 76.71 -6.14 -33.38
N GLU J 381 77.36 -7.16 -32.83
CA GLU J 381 77.73 -8.36 -33.56
C GLU J 381 76.76 -9.52 -33.35
N ARG J 382 76.01 -9.51 -32.25
CA ARG J 382 75.00 -10.52 -31.95
C ARG J 382 73.78 -9.86 -31.37
N LEU J 383 72.65 -10.57 -31.42
CA LEU J 383 71.39 -10.06 -30.89
C LEU J 383 71.24 -10.27 -29.40
N SER J 384 72.08 -11.10 -28.79
CA SER J 384 71.99 -11.31 -27.35
C SER J 384 72.36 -10.06 -26.57
N ASP J 385 73.17 -9.18 -27.15
CA ASP J 385 73.62 -7.98 -26.46
C ASP J 385 72.49 -6.97 -26.31
N LEU J 386 71.66 -6.86 -27.33
CA LEU J 386 70.58 -5.89 -27.32
C LEU J 386 69.54 -6.22 -26.27
N GLU J 387 69.36 -7.50 -25.97
CA GLU J 387 68.45 -7.87 -24.89
C GLU J 387 68.93 -7.31 -23.56
N TYR J 388 70.24 -7.40 -23.31
CA TYR J 388 70.80 -6.81 -22.11
C TYR J 388 70.61 -5.31 -22.11
N ILE J 389 70.92 -4.66 -23.22
CA ILE J 389 70.75 -3.21 -23.30
C ILE J 389 69.32 -2.82 -22.96
N LEU J 390 68.36 -3.53 -23.52
CA LEU J 390 66.95 -3.19 -23.39
C LEU J 390 66.30 -3.77 -22.15
N GLN J 391 67.05 -4.51 -21.33
CA GLN J 391 66.57 -4.94 -20.03
C GLN J 391 65.57 -6.08 -20.14
N LEU J 392 65.81 -7.03 -21.04
CA LEU J 392 65.00 -8.22 -21.15
C LEU J 392 65.51 -9.35 -20.26
N ARG J 393 66.82 -9.57 -20.25
CA ARG J 393 67.44 -10.62 -19.47
C ARG J 393 68.43 -10.03 -18.49
N SER J 394 68.76 -10.81 -17.48
CA SER J 394 69.49 -10.32 -16.30
C SER J 394 70.86 -9.77 -16.67
N ASP J 395 71.78 -10.66 -17.03
CA ASP J 395 73.18 -10.29 -17.25
C ASP J 395 73.65 -10.82 -18.59
N TYR J 396 74.76 -10.26 -19.05
CA TYR J 396 75.34 -10.60 -20.33
C TYR J 396 75.45 -12.12 -20.52
N SER K 8 13.69 66.67 -51.81
CA SER K 8 12.40 66.40 -52.44
C SER K 8 12.36 65.00 -53.03
N ILE K 9 13.04 64.07 -52.36
CA ILE K 9 13.07 62.67 -52.77
C ILE K 9 11.67 62.18 -53.07
N LYS K 10 10.68 62.72 -52.35
CA LYS K 10 9.29 62.30 -52.53
C LYS K 10 8.92 62.32 -54.00
N GLY K 11 9.17 63.46 -54.65
CA GLY K 11 8.86 63.61 -56.05
C GLY K 11 9.76 62.80 -56.95
N TYR K 12 11.03 62.65 -56.55
CA TYR K 12 11.96 61.88 -57.35
C TYR K 12 11.45 60.46 -57.53
N LEU K 13 11.12 59.81 -56.43
CA LEU K 13 10.68 58.43 -56.57
C LEU K 13 9.21 58.33 -56.94
N TYR K 14 8.45 59.42 -56.83
CA TYR K 14 7.13 59.47 -57.46
C TYR K 14 7.26 59.34 -58.97
N GLN K 15 8.16 60.14 -59.55
CA GLN K 15 8.40 60.04 -60.97
C GLN K 15 8.98 58.69 -61.33
N PHE K 16 9.80 58.11 -60.46
CA PHE K 16 10.25 56.72 -60.70
C PHE K 16 9.08 55.76 -60.68
N LEU K 17 8.11 55.98 -59.79
CA LEU K 17 6.94 55.11 -59.72
C LEU K 17 6.23 55.07 -61.06
N LYS K 18 6.00 56.25 -61.66
CA LYS K 18 5.34 56.22 -62.96
C LYS K 18 6.29 55.75 -64.07
N TYR K 19 7.58 56.04 -63.93
CA TYR K 19 8.57 55.51 -64.85
C TYR K 19 8.39 54.01 -65.06
N LEU K 20 8.30 53.26 -63.95
CA LEU K 20 8.13 51.81 -64.11
C LEU K 20 6.67 51.43 -64.30
N SER K 21 5.74 52.30 -63.90
CA SER K 21 4.34 52.03 -64.14
C SER K 21 4.07 51.91 -65.62
N GLU K 22 4.80 52.68 -66.42
CA GLU K 22 4.59 52.55 -67.85
C GLU K 22 5.21 51.26 -68.36
N ILE K 23 6.26 50.79 -67.68
CA ILE K 23 6.97 49.61 -68.16
C ILE K 23 6.07 48.39 -68.03
N LEU K 24 5.42 48.25 -66.88
CA LEU K 24 4.45 47.16 -66.75
C LEU K 24 3.33 47.29 -67.78
N ALA K 25 2.99 48.51 -68.16
CA ALA K 25 2.03 48.78 -69.21
C ALA K 25 2.65 48.90 -70.59
N ALA K 26 3.97 48.68 -70.71
CA ALA K 26 4.64 48.83 -71.99
C ALA K 26 4.25 47.70 -72.94
N GLY K 27 4.26 48.02 -74.24
CA GLY K 27 3.89 47.08 -75.27
C GLY K 27 5.05 46.21 -75.72
N ASP K 28 4.78 45.40 -76.75
CA ASP K 28 5.77 44.48 -77.27
C ASP K 28 6.92 45.22 -77.95
N GLY K 29 8.13 44.67 -77.81
CA GLY K 29 9.28 45.20 -78.52
C GLY K 29 9.52 46.68 -78.32
N ALA K 30 9.30 47.18 -77.11
CA ALA K 30 9.44 48.60 -76.80
C ALA K 30 10.49 48.79 -75.74
N ARG K 31 11.16 49.94 -75.78
CA ARG K 31 12.24 50.27 -74.86
C ARG K 31 12.11 51.71 -74.40
N ILE K 32 12.72 52.00 -73.26
CA ILE K 32 12.83 53.36 -72.75
C ILE K 32 14.13 53.48 -71.96
N THR K 33 14.83 54.59 -72.16
CA THR K 33 16.05 54.91 -71.43
C THR K 33 15.77 56.04 -70.45
N ILE K 34 16.09 55.80 -69.19
CA ILE K 34 15.55 56.58 -68.09
C ILE K 34 16.45 57.76 -67.78
N GLU K 35 15.84 58.79 -67.17
CA GLU K 35 16.50 60.07 -66.91
C GLU K 35 17.35 60.01 -65.65
N GLY K 36 18.29 60.96 -65.57
CA GLY K 36 19.12 61.12 -64.40
C GLY K 36 18.51 62.07 -63.39
N ALA K 37 19.19 62.23 -62.27
CA ALA K 37 18.69 63.05 -61.17
C ALA K 37 19.75 64.03 -60.72
N ILE K 38 19.29 65.13 -60.12
CA ILE K 38 20.18 66.19 -59.65
C ILE K 38 20.53 66.02 -58.17
N GLU K 39 19.88 65.10 -57.47
CA GLU K 39 20.31 64.79 -56.12
C GLU K 39 21.73 64.26 -56.11
N ASP K 40 22.12 63.52 -57.15
CA ASP K 40 23.50 63.14 -57.40
C ASP K 40 24.19 64.27 -58.15
N VAL K 41 25.19 64.86 -57.52
CA VAL K 41 25.91 66.00 -58.08
C VAL K 41 27.27 65.48 -58.55
N ASP K 42 27.39 65.24 -59.86
CA ASP K 42 28.63 64.82 -60.48
C ASP K 42 28.96 65.78 -61.61
N VAL K 43 30.16 66.38 -61.56
CA VAL K 43 30.59 67.29 -62.61
C VAL K 43 30.75 66.56 -63.94
N ILE K 44 30.95 65.25 -63.92
CA ILE K 44 31.18 64.50 -65.15
C ILE K 44 30.02 64.70 -66.12
N ALA K 45 28.79 64.42 -65.66
CA ALA K 45 27.59 64.60 -66.47
C ALA K 45 27.77 64.01 -67.86
N ALA K 46 28.23 62.76 -67.90
CA ALA K 46 28.54 62.11 -69.16
C ALA K 46 27.28 61.95 -70.01
N GLY K 47 27.47 61.95 -71.32
CA GLY K 47 26.37 61.78 -72.25
C GLY K 47 25.54 63.03 -72.41
N LEU K 48 24.81 63.41 -71.37
CA LEU K 48 23.94 64.57 -71.43
C LEU K 48 23.55 64.97 -70.02
N THR K 49 23.26 66.26 -69.86
CA THR K 49 22.80 66.81 -68.59
C THR K 49 21.28 66.72 -68.56
N THR K 50 20.73 65.92 -67.63
CA THR K 50 19.31 65.63 -67.60
C THR K 50 18.74 65.63 -66.19
N ALA K 51 19.28 66.48 -65.31
CA ALA K 51 18.82 66.51 -63.93
C ALA K 51 17.44 67.14 -63.82
N VAL K 52 16.80 66.90 -62.68
CA VAL K 52 15.45 67.40 -62.41
C VAL K 52 15.39 67.85 -60.96
N GLN K 53 14.66 68.93 -60.72
CA GLN K 53 14.33 69.38 -59.37
C GLN K 53 12.81 69.36 -59.26
N CYS K 54 12.29 68.59 -58.31
CA CYS K 54 10.87 68.34 -58.19
C CYS K 54 10.43 68.52 -56.75
N LYS K 55 9.14 68.80 -56.59
CA LYS K 55 8.51 68.94 -55.28
C LYS K 55 7.09 68.40 -55.38
N TYR K 56 6.56 67.96 -54.24
CA TYR K 56 5.28 67.28 -54.19
C TYR K 56 4.35 68.00 -53.22
N HIS K 57 3.12 68.25 -53.65
CA HIS K 57 2.16 68.97 -52.83
C HIS K 57 0.75 68.56 -53.24
N GLU K 58 -0.18 68.69 -52.30
CA GLU K 58 -1.58 68.43 -52.55
C GLU K 58 -2.41 69.00 -51.41
N GLN K 59 -3.61 68.44 -51.17
CA GLN K 59 -4.48 68.88 -50.08
C GLN K 59 -5.06 70.27 -50.36
N ALA K 60 -5.40 70.53 -51.62
CA ALA K 60 -6.05 71.76 -52.02
C ALA K 60 -7.22 71.43 -52.93
N GLU K 61 -8.38 72.01 -52.63
CA GLU K 61 -9.61 71.62 -53.34
C GLU K 61 -9.57 72.04 -54.80
N LYS K 62 -9.20 73.29 -55.09
CA LYS K 62 -9.20 73.79 -56.46
C LYS K 62 -7.94 74.59 -56.75
N TYR K 63 -7.66 74.74 -58.04
CA TYR K 63 -6.37 75.23 -58.51
C TYR K 63 -6.24 76.74 -58.30
N THR K 64 -5.10 77.16 -57.75
CA THR K 64 -4.66 78.54 -57.85
C THR K 64 -3.15 78.55 -57.75
N LEU K 65 -2.51 79.41 -58.53
CA LEU K 65 -1.06 79.48 -58.53
C LEU K 65 -0.50 80.03 -57.24
N GLY K 66 -1.35 80.57 -56.36
CA GLY K 66 -0.86 80.98 -55.06
C GLY K 66 -0.41 79.82 -54.21
N LYS K 67 -1.09 78.69 -54.32
CA LYS K 67 -0.71 77.53 -53.52
C LYS K 67 0.64 76.96 -53.96
N ILE K 68 1.12 77.32 -55.15
CA ILE K 68 2.46 76.95 -55.56
C ILE K 68 3.47 78.08 -55.32
N TYR K 69 3.20 78.97 -54.35
CA TYR K 69 4.22 79.93 -53.94
C TYR K 69 5.59 79.28 -53.80
N LYS K 70 5.66 78.21 -53.02
CA LYS K 70 6.92 77.86 -52.36
C LYS K 70 7.97 77.34 -53.33
N PRO K 71 7.72 76.28 -54.10
CA PRO K 71 8.83 75.64 -54.82
C PRO K 71 9.58 76.62 -55.73
N ILE K 72 8.84 77.16 -56.70
CA ILE K 72 9.42 78.02 -57.72
C ILE K 72 10.45 78.96 -57.09
N LEU K 73 10.03 79.64 -56.02
CA LEU K 73 10.87 80.71 -55.46
C LEU K 73 12.28 80.20 -55.16
N LEU K 74 12.39 79.10 -54.41
CA LEU K 74 13.75 78.65 -54.14
C LEU K 74 14.37 77.98 -55.37
N MET K 75 13.56 77.29 -56.18
CA MET K 75 14.04 76.89 -57.49
C MET K 75 14.45 78.12 -58.29
N LEU K 76 13.81 79.25 -58.03
CA LEU K 76 14.23 80.50 -58.67
C LEU K 76 15.72 80.69 -58.46
N GLU K 77 16.16 80.60 -57.20
CA GLU K 77 17.58 80.80 -56.91
C GLU K 77 18.42 79.73 -57.57
N HIS K 78 17.86 78.53 -57.75
CA HIS K 78 18.56 77.51 -58.53
C HIS K 78 18.82 78.00 -59.94
N PHE K 79 17.78 78.47 -60.63
CA PHE K 79 17.96 78.80 -62.04
C PHE K 79 18.89 79.99 -62.22
N SER K 80 18.81 80.95 -61.30
CA SER K 80 19.76 82.06 -61.32
C SER K 80 21.18 81.54 -61.14
N LYS K 81 21.38 80.57 -60.26
CA LYS K 81 22.71 80.04 -60.03
C LYS K 81 23.21 79.26 -61.23
N ASN K 82 22.30 78.72 -62.03
CA ASN K 82 22.65 77.93 -63.20
C ASN K 82 22.16 78.62 -64.47
N HIS K 88 21.21 71.78 -69.49
CA HIS K 88 19.95 71.16 -69.86
C HIS K 88 19.26 70.56 -68.63
N VAL K 89 18.31 71.29 -68.08
CA VAL K 89 17.55 70.87 -66.90
C VAL K 89 16.08 70.88 -67.29
N SER K 90 15.50 69.69 -67.44
CA SER K 90 14.12 69.53 -67.86
C SER K 90 13.23 69.45 -66.62
N TYR K 91 12.84 70.61 -66.12
CA TYR K 91 12.04 70.67 -64.90
C TYR K 91 10.77 69.83 -65.01
N ARG K 92 10.28 69.40 -63.85
CA ARG K 92 9.05 68.62 -63.74
C ARG K 92 8.44 68.87 -62.38
N LEU K 93 7.11 68.73 -62.30
CA LEU K 93 6.41 68.92 -61.05
C LEU K 93 5.15 68.05 -61.07
N PHE K 94 4.71 67.64 -59.87
CA PHE K 94 3.54 66.80 -59.72
C PHE K 94 2.76 67.25 -58.50
N CYS K 95 1.43 67.36 -58.66
CA CYS K 95 0.57 67.91 -57.64
C CYS K 95 -0.83 67.35 -57.86
N HIS K 96 -1.56 67.14 -56.77
CA HIS K 96 -2.88 66.52 -56.81
C HIS K 96 -3.90 67.45 -56.15
N PHE K 97 -4.83 67.95 -56.96
CA PHE K 97 -6.02 68.63 -56.49
C PHE K 97 -7.25 67.92 -57.03
N PRO K 98 -8.26 67.66 -56.22
CA PRO K 98 -9.33 66.75 -56.64
C PRO K 98 -10.13 67.30 -57.81
N GLY K 99 -10.69 66.37 -58.58
CA GLY K 99 -11.55 66.72 -59.70
C GLY K 99 -10.80 67.14 -60.94
N GLU K 100 -10.33 68.38 -60.94
CA GLU K 100 -9.57 68.89 -62.07
C GLU K 100 -8.34 68.02 -62.31
N SER K 101 -8.12 67.66 -63.58
CA SER K 101 -7.03 66.74 -63.93
C SER K 101 -6.59 67.07 -65.35
N GLY K 102 -5.45 67.74 -65.47
CA GLY K 102 -4.94 68.07 -66.79
C GLY K 102 -3.56 68.69 -66.72
N THR K 103 -2.89 68.66 -67.86
CA THR K 103 -1.58 69.30 -68.02
C THR K 103 -1.77 70.73 -68.49
N LYS K 104 -1.00 71.66 -67.91
CA LYS K 104 -1.13 73.07 -68.22
C LYS K 104 0.25 73.73 -68.12
N ALA K 105 0.33 74.96 -68.62
CA ALA K 105 1.57 75.73 -68.62
C ALA K 105 1.31 77.12 -68.04
N LEU K 106 2.25 77.61 -67.26
CA LEU K 106 2.09 78.87 -66.55
C LEU K 106 2.29 80.06 -67.49
N THR K 107 1.59 81.15 -67.19
CA THR K 107 1.58 82.30 -68.07
C THR K 107 2.78 83.20 -67.83
N LYS K 108 3.35 83.73 -68.92
CA LYS K 108 4.55 84.55 -68.81
C LYS K 108 4.36 85.69 -67.81
N ASP K 109 3.39 86.56 -68.08
CA ASP K 109 3.26 87.78 -67.30
C ASP K 109 3.08 87.48 -65.83
N ASP K 110 2.60 86.29 -65.49
CA ASP K 110 2.44 85.91 -64.10
C ASP K 110 3.75 85.43 -63.49
N LEU K 111 4.76 85.17 -64.31
CA LEU K 111 6.09 84.88 -63.79
C LEU K 111 6.54 85.96 -62.83
N GLU K 112 6.18 87.22 -63.13
CA GLU K 112 6.52 88.32 -62.22
C GLU K 112 5.50 88.46 -61.09
N THR K 113 4.22 88.19 -61.36
CA THR K 113 3.26 88.11 -60.26
C THR K 113 3.76 87.16 -59.18
N VAL K 114 4.62 86.22 -59.57
CA VAL K 114 5.23 85.31 -58.59
C VAL K 114 6.09 86.11 -57.62
N LEU K 115 6.66 87.22 -58.07
CA LEU K 115 7.75 87.82 -57.33
C LEU K 115 7.27 88.62 -56.12
N SER K 116 6.13 89.31 -56.25
CA SER K 116 5.64 90.08 -55.11
C SER K 116 5.31 89.15 -53.96
N THR K 117 5.65 89.58 -52.74
CA THR K 117 5.57 88.72 -51.58
C THR K 117 4.76 89.38 -50.46
N LYS K 118 4.11 88.52 -49.66
CA LYS K 118 3.51 88.96 -48.41
C LYS K 118 4.59 89.32 -47.40
N GLY K 119 5.40 88.33 -47.01
CA GLY K 119 6.46 88.59 -46.05
C GLY K 119 7.54 89.46 -46.66
N GLU K 120 8.10 90.34 -45.83
CA GLU K 120 9.20 91.17 -46.30
C GLU K 120 10.47 90.34 -46.41
N VAL K 121 10.68 89.41 -45.48
CA VAL K 121 11.81 88.50 -45.60
C VAL K 121 11.58 87.52 -46.74
N LEU K 122 10.34 87.37 -47.21
CA LEU K 122 10.13 86.70 -48.49
C LEU K 122 10.65 87.54 -49.65
N ARG K 123 10.39 88.85 -49.61
CA ARG K 123 11.05 89.73 -50.55
C ARG K 123 12.56 89.60 -50.46
N ALA K 124 13.08 89.32 -49.27
CA ALA K 124 14.51 89.04 -49.13
C ALA K 124 14.87 87.68 -49.71
N ILE K 125 13.96 86.71 -49.63
CA ILE K 125 14.18 85.42 -50.29
C ILE K 125 14.41 85.65 -51.77
N VAL K 126 13.53 86.44 -52.39
CA VAL K 126 13.66 86.73 -53.81
C VAL K 126 14.87 87.64 -54.07
N ALA K 127 15.27 88.43 -53.08
CA ALA K 127 16.45 89.29 -53.24
C ALA K 127 17.74 88.48 -53.19
N ARG K 128 17.75 87.38 -52.44
CA ARG K 128 18.92 86.52 -52.40
C ARG K 128 19.36 86.13 -53.80
N ILE K 129 18.43 86.11 -54.76
CA ILE K 129 18.78 85.79 -56.13
C ILE K 129 19.77 86.82 -56.65
N ASP K 130 20.80 86.35 -57.35
CA ASP K 130 21.66 87.26 -58.07
C ASP K 130 20.87 87.93 -59.20
N THR K 131 21.03 89.26 -59.32
CA THR K 131 20.04 90.04 -60.05
C THR K 131 19.91 89.59 -61.49
N SER K 132 20.98 89.07 -62.09
CA SER K 132 20.90 88.67 -63.49
C SER K 132 19.77 87.68 -63.69
N VAL K 133 18.94 87.91 -64.69
CA VAL K 133 17.72 87.14 -64.90
C VAL K 133 17.55 86.87 -66.38
N ASP K 134 17.09 85.68 -66.69
CA ASP K 134 16.72 85.25 -68.04
C ASP K 134 15.29 84.74 -68.03
N TYR K 135 14.42 85.51 -67.37
CA TYR K 135 13.14 85.01 -66.85
C TYR K 135 12.39 84.14 -67.85
N GLU K 136 11.90 84.73 -68.93
CA GLU K 136 10.99 84.00 -69.81
C GLU K 136 11.67 82.81 -70.46
N ALA K 137 12.98 82.92 -70.70
CA ALA K 137 13.72 81.81 -71.30
C ALA K 137 13.59 80.53 -70.50
N PHE K 138 13.21 80.62 -69.22
CA PHE K 138 13.03 79.43 -68.39
C PHE K 138 11.70 78.73 -68.68
N LEU K 139 10.65 79.49 -69.00
CA LEU K 139 9.36 78.90 -69.29
C LEU K 139 9.45 77.82 -70.36
N ASP K 140 10.46 77.90 -71.23
CA ASP K 140 10.73 76.79 -72.13
C ASP K 140 11.25 75.59 -71.36
N ARG K 141 12.12 75.80 -70.38
CA ARG K 141 12.62 74.70 -69.57
C ARG K 141 11.52 74.15 -68.67
N PHE K 142 10.80 75.04 -68.00
CA PHE K 142 9.84 74.67 -66.97
C PHE K 142 8.63 73.97 -67.61
N ALA K 143 8.04 73.04 -66.88
CA ALA K 143 6.89 72.29 -67.36
C ALA K 143 6.07 71.82 -66.16
N ILE K 144 4.76 71.66 -66.38
CA ILE K 144 3.83 71.24 -65.33
C ILE K 144 3.01 70.07 -65.84
N GLU K 145 2.70 69.14 -64.92
CA GLU K 145 1.87 67.99 -65.22
C GLU K 145 1.11 67.59 -63.97
N PHE K 146 -0.01 66.89 -64.17
CA PHE K 146 -0.96 66.58 -63.10
C PHE K 146 -1.05 65.07 -62.91
N GLY K 147 -0.87 64.63 -61.66
CA GLY K 147 -0.90 63.22 -61.34
C GLY K 147 -1.76 62.90 -60.13
N PRO K 148 -2.07 61.62 -59.93
CA PRO K 148 -2.92 61.20 -58.81
C PRO K 148 -2.14 61.05 -57.51
N SER K 149 -2.92 60.83 -56.44
CA SER K 149 -2.35 60.66 -55.10
C SER K 149 -1.45 59.44 -55.02
N ALA K 150 -0.50 59.48 -54.07
CA ALA K 150 0.55 58.47 -54.01
C ALA K 150 0.02 57.12 -53.51
N GLU K 151 -0.95 57.12 -52.60
CA GLU K 151 -1.44 55.86 -52.06
C GLU K 151 -2.26 55.08 -53.09
N ASP K 152 -3.23 55.75 -53.72
CA ASP K 152 -3.90 55.15 -54.86
C ASP K 152 -2.87 54.76 -55.92
N LEU K 153 -1.83 55.57 -56.06
CA LEU K 153 -0.77 55.27 -57.02
C LEU K 153 -0.16 53.91 -56.72
N GLN K 154 0.31 53.70 -55.48
CA GLN K 154 1.08 52.50 -55.19
C GLN K 154 0.18 51.28 -55.11
N VAL K 155 -1.05 51.43 -54.63
CA VAL K 155 -1.97 50.29 -54.67
C VAL K 155 -2.24 49.88 -56.11
N ALA K 156 -2.45 50.85 -57.00
CA ALA K 156 -2.61 50.53 -58.41
C ALA K 156 -1.36 49.89 -58.97
N VAL K 157 -0.19 50.32 -58.50
CA VAL K 157 1.08 49.76 -58.97
C VAL K 157 1.14 48.28 -58.63
N LEU K 158 0.95 47.96 -57.35
CA LEU K 158 1.07 46.57 -56.94
C LEU K 158 -0.09 45.72 -57.44
N ALA K 159 -1.22 46.32 -57.79
CA ALA K 159 -2.26 45.55 -58.48
C ALA K 159 -1.85 45.25 -59.92
N SER K 160 -1.23 46.22 -60.58
CA SER K 160 -0.73 45.99 -61.93
C SER K 160 0.31 44.88 -61.93
N LEU K 161 1.12 44.82 -60.87
CA LEU K 161 2.05 43.69 -60.75
C LEU K 161 1.33 42.40 -60.39
N LYS K 162 0.25 42.49 -59.62
CA LYS K 162 -0.56 41.32 -59.32
C LYS K 162 -1.03 40.65 -60.61
N ASP K 163 -1.52 41.47 -61.54
CA ASP K 163 -2.17 40.94 -62.74
C ASP K 163 -1.29 39.92 -63.45
N LYS K 164 -0.02 40.24 -63.65
CA LYS K 164 0.84 39.37 -64.45
C LYS K 164 1.03 38.01 -63.80
N GLY K 165 1.00 37.95 -62.47
CA GLY K 165 1.14 36.70 -61.77
C GLY K 165 2.37 36.61 -60.88
N PHE K 166 2.14 36.64 -59.57
CA PHE K 166 3.16 36.35 -58.57
C PHE K 166 2.50 35.73 -57.36
N ASP K 167 3.23 34.87 -56.66
CA ASP K 167 2.75 34.38 -55.38
C ASP K 167 2.68 35.52 -54.38
N PRO K 168 1.62 35.60 -53.58
CA PRO K 168 1.33 36.88 -52.89
C PRO K 168 2.41 37.30 -51.92
N ASP K 169 2.80 36.43 -50.98
CA ASP K 169 3.74 36.85 -49.95
C ASP K 169 5.07 37.31 -50.53
N ASP K 170 5.49 36.73 -51.66
CA ASP K 170 6.74 37.14 -52.30
C ASP K 170 6.66 38.56 -52.87
N ILE K 171 5.45 39.03 -53.19
CA ILE K 171 5.32 40.31 -53.89
C ILE K 171 5.83 41.44 -53.01
N ASP K 172 5.32 41.54 -51.79
CA ASP K 172 5.48 42.76 -51.01
C ASP K 172 6.91 42.94 -50.52
N ALA K 173 7.59 41.84 -50.16
CA ALA K 173 8.87 41.91 -49.47
C ALA K 173 10.03 41.31 -50.25
N VAL K 174 9.79 40.67 -51.39
CA VAL K 174 10.87 40.02 -52.13
C VAL K 174 10.95 40.49 -53.58
N ILE K 175 9.92 41.18 -54.06
CA ILE K 175 9.87 41.56 -55.47
C ILE K 175 9.69 43.07 -55.63
N PHE K 176 8.63 43.61 -55.07
CA PHE K 176 8.29 45.00 -55.32
C PHE K 176 9.38 45.95 -54.87
N PRO K 177 9.95 45.84 -53.68
CA PRO K 177 11.03 46.75 -53.30
C PRO K 177 12.28 46.60 -54.14
N ASN K 178 12.49 45.46 -54.79
CA ASN K 178 13.70 45.26 -55.58
C ASN K 178 13.69 46.07 -56.86
N ALA K 179 12.54 46.18 -57.53
CA ALA K 179 12.50 46.86 -58.83
C ALA K 179 12.95 48.31 -58.71
N ILE K 180 12.42 49.00 -57.71
CA ILE K 180 12.73 50.42 -57.55
C ILE K 180 14.23 50.60 -57.52
N GLN K 181 14.95 49.64 -56.94
CA GLN K 181 16.38 49.82 -56.75
C GLN K 181 17.13 49.70 -58.05
N ARG K 182 16.68 48.80 -58.94
CA ARG K 182 17.28 48.71 -60.26
C ARG K 182 17.06 50.01 -61.03
N ILE K 183 15.84 50.52 -60.97
CA ILE K 183 15.54 51.80 -61.61
C ILE K 183 16.47 52.87 -61.08
N VAL K 184 16.63 52.94 -59.77
CA VAL K 184 17.46 53.98 -59.16
C VAL K 184 18.92 53.80 -59.55
N ASP K 185 19.38 52.56 -59.62
CA ASP K 185 20.78 52.32 -59.98
C ASP K 185 21.03 52.78 -61.41
N LEU K 186 20.08 52.52 -62.30
CA LEU K 186 20.18 53.09 -63.64
C LEU K 186 20.18 54.60 -63.58
N ALA K 187 19.44 55.18 -62.64
CA ALA K 187 19.29 56.63 -62.58
C ALA K 187 20.58 57.31 -62.14
N THR K 188 21.19 56.85 -61.06
CA THR K 188 22.27 57.59 -60.40
C THR K 188 23.51 56.73 -60.19
N ARG K 189 23.87 55.93 -61.18
CA ARG K 189 25.16 55.25 -61.14
C ARG K 189 26.29 56.27 -61.26
N SER K 190 27.10 56.38 -60.21
CA SER K 190 28.14 57.40 -60.16
C SER K 190 29.04 57.30 -61.39
N ASP K 191 29.44 56.09 -61.73
CA ASP K 191 30.26 55.88 -62.92
C ASP K 191 29.39 55.95 -64.16
N VAL K 192 30.05 56.12 -65.31
CA VAL K 192 29.35 56.39 -66.56
C VAL K 192 28.78 55.07 -67.08
N ASN K 193 27.46 54.94 -67.06
CA ASN K 193 26.80 53.75 -67.60
C ASN K 193 25.53 54.18 -68.33
N ASP K 194 25.08 53.32 -69.24
CA ASP K 194 23.89 53.63 -70.03
C ASP K 194 22.62 53.51 -69.19
N ARG K 195 21.59 54.24 -69.62
CA ARG K 195 20.30 54.22 -68.96
C ARG K 195 19.28 53.36 -69.69
N THR K 196 19.72 52.60 -70.71
CA THR K 196 18.79 51.81 -71.50
C THR K 196 18.07 50.79 -70.63
N VAL K 197 16.75 50.71 -70.80
CA VAL K 197 15.92 49.76 -70.06
C VAL K 197 14.98 49.07 -71.03
N GLU K 198 14.87 47.76 -70.91
CA GLU K 198 14.00 46.95 -71.76
C GLU K 198 13.23 45.96 -70.89
N PRO K 199 11.92 45.81 -71.13
CA PRO K 199 11.12 44.92 -70.27
C PRO K 199 11.38 43.45 -70.50
N LYS K 200 11.85 43.06 -71.69
CA LYS K 200 11.91 41.65 -72.04
C LYS K 200 12.79 40.88 -71.05
N THR K 201 14.07 41.24 -70.99
CA THR K 201 15.03 40.51 -70.15
C THR K 201 14.94 40.91 -68.69
N PHE K 202 14.55 42.15 -68.41
CA PHE K 202 14.57 42.64 -67.03
C PHE K 202 13.71 41.76 -66.13
N LEU K 203 12.49 41.45 -66.57
CA LEU K 203 11.59 40.66 -65.73
C LEU K 203 12.09 39.23 -65.54
N ALA K 204 12.96 38.74 -66.41
CA ALA K 204 13.45 37.37 -66.27
C ALA K 204 14.18 37.18 -64.96
N GLY K 205 15.22 37.99 -64.73
CA GLY K 205 15.97 37.88 -63.49
C GLY K 205 15.20 38.34 -62.27
N LEU K 206 14.15 39.14 -62.48
CA LEU K 206 13.33 39.58 -61.36
C LEU K 206 12.80 38.39 -60.58
N ARG K 207 12.42 37.33 -61.29
CA ARG K 207 11.90 36.13 -60.65
C ARG K 207 12.95 35.50 -59.75
N GLU K 208 14.16 35.33 -60.28
CA GLU K 208 15.13 34.50 -59.59
C GLU K 208 15.85 35.25 -58.48
N VAL K 209 16.08 36.56 -58.65
CA VAL K 209 16.74 37.34 -57.61
C VAL K 209 15.94 37.21 -56.31
N ARG K 210 16.64 36.85 -55.22
CA ARG K 210 15.96 36.40 -54.01
C ARG K 210 16.52 37.07 -52.76
N ARG K 211 17.24 38.18 -52.91
CA ARG K 211 17.80 38.89 -51.77
C ARG K 211 16.98 40.15 -51.50
N VAL K 212 16.49 40.28 -50.27
CA VAL K 212 15.67 41.41 -49.84
C VAL K 212 16.54 42.61 -49.52
N THR K 213 16.09 43.79 -49.95
CA THR K 213 16.85 45.03 -49.84
C THR K 213 16.11 45.98 -48.91
N PHE K 214 16.82 46.53 -47.93
CA PHE K 214 16.29 47.57 -47.04
C PHE K 214 17.14 48.81 -47.23
N THR K 215 16.54 49.84 -47.84
CA THR K 215 17.24 51.09 -48.10
C THR K 215 16.23 52.23 -48.16
N ARG K 216 16.74 53.46 -48.06
CA ARG K 216 15.86 54.62 -47.98
C ARG K 216 14.97 54.73 -49.20
N TRP K 217 15.37 54.17 -50.33
CA TRP K 217 14.49 54.15 -51.50
C TRP K 217 13.33 53.20 -51.28
N THR K 218 13.59 52.05 -50.64
CA THR K 218 12.52 51.13 -50.30
C THR K 218 11.78 51.56 -49.05
N ARG K 219 12.48 52.20 -48.10
CA ARG K 219 11.86 52.53 -46.82
C ARG K 219 10.67 53.46 -47.00
N GLU K 220 10.79 54.45 -47.89
CA GLU K 220 9.73 55.45 -48.01
C GLU K 220 8.41 54.83 -48.47
N LEU K 221 8.47 53.78 -49.28
CA LEU K 221 7.25 53.18 -49.80
C LEU K 221 6.32 52.78 -48.66
N ALA K 222 5.02 52.73 -48.98
CA ALA K 222 4.01 52.36 -47.98
C ALA K 222 4.16 50.92 -47.52
N THR K 223 4.77 50.06 -48.34
CA THR K 223 4.90 48.65 -47.99
C THR K 223 5.69 48.45 -46.70
N LYS K 224 6.52 49.40 -46.30
CA LYS K 224 7.24 49.25 -45.05
C LYS K 224 6.28 49.00 -43.91
N GLY K 225 6.64 48.07 -43.04
CA GLY K 225 5.73 47.56 -42.03
C GLY K 225 5.20 46.18 -42.33
N ARG K 226 5.50 45.64 -43.52
CA ARG K 226 5.16 44.26 -43.84
C ARG K 226 6.38 43.45 -44.26
N MET K 227 7.29 44.03 -45.03
CA MET K 227 8.54 43.36 -45.35
C MET K 227 9.32 43.01 -44.09
N PHE K 228 9.48 43.98 -43.20
CA PHE K 228 10.18 43.75 -41.94
C PHE K 228 9.57 42.59 -41.19
N SER K 229 8.24 42.61 -41.01
CA SER K 229 7.58 41.59 -40.23
C SER K 229 7.72 40.21 -40.87
N SER K 230 7.59 40.14 -42.20
CA SER K 230 7.72 38.86 -42.87
C SER K 230 9.12 38.30 -42.67
N LEU K 231 10.14 39.14 -42.86
CA LEU K 231 11.51 38.67 -42.73
C LEU K 231 11.82 38.27 -41.31
N ARG K 232 11.24 38.96 -40.34
CA ARG K 232 11.44 38.61 -38.94
C ARG K 232 10.81 37.26 -38.63
N LYS K 233 9.56 37.08 -39.02
CA LYS K 233 8.85 35.84 -38.72
C LYS K 233 9.44 34.66 -39.46
N SER K 234 10.12 34.89 -40.58
CA SER K 234 10.67 33.78 -41.34
C SER K 234 11.82 33.10 -40.62
N LEU K 235 12.58 33.85 -39.82
CA LEU K 235 13.82 33.39 -39.24
C LEU K 235 13.64 32.75 -37.88
N ARG K 236 12.43 32.76 -37.34
CA ARG K 236 12.21 32.36 -35.96
C ARG K 236 12.62 30.92 -35.72
N SER K 237 12.30 30.02 -36.65
CA SER K 237 12.59 28.62 -36.41
C SER K 237 14.09 28.35 -36.37
N CYS K 238 14.87 29.14 -37.09
CA CYS K 238 16.31 28.95 -37.09
C CYS K 238 16.93 29.40 -35.77
N LEU K 239 16.38 30.43 -35.16
CA LEU K 239 16.99 31.08 -34.01
C LEU K 239 16.57 30.48 -32.68
N ALA K 240 15.64 29.55 -32.68
CA ALA K 240 15.14 28.96 -31.45
C ALA K 240 15.86 27.67 -31.07
N HIS K 241 16.95 27.34 -31.75
CA HIS K 241 17.74 26.16 -31.46
C HIS K 241 18.99 26.57 -30.72
N ASN K 242 19.44 25.70 -29.83
CA ASN K 242 20.55 26.02 -28.95
C ASN K 242 21.90 25.60 -29.52
N SER K 243 21.98 24.39 -30.04
CA SER K 243 23.19 23.90 -30.69
C SER K 243 23.01 24.03 -32.19
N ARG K 244 23.71 24.99 -32.78
CA ARG K 244 23.61 25.26 -34.19
C ARG K 244 24.92 25.84 -34.69
N TRP K 245 25.25 25.56 -35.94
CA TRP K 245 26.43 26.10 -36.60
C TRP K 245 26.00 27.20 -37.54
N ARG K 246 26.36 28.43 -37.20
CA ARG K 246 26.07 29.62 -37.98
C ARG K 246 27.35 30.17 -38.56
N VAL K 247 27.22 30.93 -39.65
CA VAL K 247 28.34 31.65 -40.22
C VAL K 247 27.84 32.95 -40.81
N PHE K 248 28.70 33.96 -40.77
CA PHE K 248 28.39 35.28 -41.29
C PHE K 248 29.48 35.74 -42.25
N VAL K 249 29.11 36.63 -43.16
CA VAL K 249 30.07 37.32 -44.01
C VAL K 249 29.59 38.74 -44.25
N ILE K 250 30.53 39.68 -44.23
CA ILE K 250 30.23 41.10 -44.19
C ILE K 250 31.16 41.87 -45.12
N ASN K 251 30.63 42.94 -45.70
CA ASN K 251 31.40 43.86 -46.54
C ASN K 251 31.14 45.28 -46.06
N PRO K 252 32.09 45.93 -45.38
CA PRO K 252 31.79 47.14 -44.62
C PRO K 252 31.95 48.46 -45.36
N LEU K 253 32.19 48.46 -46.66
CA LEU K 253 32.40 49.71 -47.36
C LEU K 253 31.16 50.59 -47.31
N THR K 254 29.99 49.99 -47.54
CA THR K 254 28.77 50.78 -47.68
C THR K 254 28.16 51.15 -46.33
N ILE K 255 28.31 50.29 -45.33
CA ILE K 255 27.60 50.52 -44.08
C ILE K 255 28.05 51.83 -43.46
N GLU K 256 27.18 52.38 -42.62
CA GLU K 256 27.37 53.66 -41.98
C GLU K 256 27.76 53.49 -40.52
N ASN K 257 28.73 54.27 -40.08
CA ASN K 257 29.23 54.22 -38.71
C ASN K 257 29.60 52.80 -38.32
N PHE K 258 30.29 52.11 -39.22
CA PHE K 258 30.60 50.70 -39.00
C PHE K 258 31.50 50.51 -37.80
N ASP K 259 32.48 51.40 -37.65
CA ASP K 259 33.50 51.20 -36.62
C ASP K 259 32.89 51.27 -35.22
N ASP K 260 31.99 52.22 -34.99
CA ASP K 260 31.47 52.45 -33.66
C ASP K 260 30.33 51.50 -33.28
N ASP K 261 29.56 51.02 -34.26
CA ASP K 261 28.40 50.19 -33.97
C ASP K 261 28.68 48.70 -34.05
N ILE K 262 29.83 48.29 -34.59
CA ILE K 262 30.12 46.88 -34.79
C ILE K 262 30.23 46.15 -33.46
N VAL K 263 30.77 46.82 -32.45
CA VAL K 263 30.99 46.19 -31.15
C VAL K 263 29.66 45.95 -30.43
N ARG K 264 28.82 46.97 -30.38
CA ARG K 264 27.52 46.85 -29.74
C ARG K 264 26.74 45.68 -30.29
N PHE K 265 26.77 45.52 -31.60
CA PHE K 265 26.06 44.43 -32.26
C PHE K 265 26.55 43.07 -31.77
N ILE K 266 27.87 42.90 -31.75
CA ILE K 266 28.44 41.61 -31.37
C ILE K 266 28.12 41.30 -29.92
N LYS K 267 28.20 42.30 -29.06
CA LYS K 267 27.87 42.08 -27.66
C LYS K 267 26.43 41.64 -27.51
N ALA K 268 25.50 42.33 -28.17
CA ALA K 268 24.09 41.99 -28.09
C ALA K 268 23.85 40.57 -28.58
N PHE K 269 24.54 40.17 -29.65
CA PHE K 269 24.34 38.84 -30.20
C PHE K 269 24.86 37.78 -29.25
N VAL K 270 26.09 37.97 -28.75
CA VAL K 270 26.71 36.95 -27.91
C VAL K 270 25.97 36.79 -26.62
N GLN K 271 25.47 37.88 -26.04
CA GLN K 271 24.77 37.77 -24.77
C GLN K 271 23.55 36.87 -24.89
N ARG K 272 22.85 36.94 -26.01
CA ARG K 272 21.66 36.12 -26.15
C ARG K 272 21.97 34.71 -26.62
N TYR K 273 22.86 34.54 -27.60
CA TYR K 273 23.02 33.25 -28.27
C TYR K 273 24.31 32.50 -27.96
N SER K 274 25.15 32.96 -27.03
CA SER K 274 26.36 32.21 -26.70
C SER K 274 26.71 32.31 -25.22
N SER K 275 25.71 32.30 -24.33
CA SER K 275 25.96 32.61 -22.93
C SER K 275 25.47 31.53 -21.96
N LYS K 276 25.50 30.25 -22.34
CA LYS K 276 25.16 29.23 -21.37
C LYS K 276 25.71 27.87 -21.79
N TYR K 277 25.47 26.89 -20.93
CA TYR K 277 26.12 25.59 -21.01
C TYR K 277 25.76 24.86 -22.30
N LEU K 278 24.49 24.85 -22.66
CA LEU K 278 24.03 24.12 -23.81
C LEU K 278 24.36 24.80 -25.12
N HIS K 279 24.75 26.05 -25.08
CA HIS K 279 25.23 26.78 -26.24
C HIS K 279 26.67 26.35 -26.50
N SER K 280 26.80 25.21 -27.18
CA SER K 280 28.06 24.50 -27.29
C SER K 280 28.70 24.59 -28.66
N ASN K 281 28.33 25.57 -29.48
CA ASN K 281 28.94 25.73 -30.80
C ASN K 281 28.99 27.20 -31.15
N PRO K 282 30.06 27.88 -30.79
CA PRO K 282 30.12 29.32 -30.96
C PRO K 282 30.14 29.73 -32.42
N PRO K 283 29.77 30.96 -32.70
CA PRO K 283 29.67 31.43 -34.08
C PRO K 283 30.95 31.98 -34.66
N LEU K 284 30.86 32.47 -35.90
CA LEU K 284 32.02 32.94 -36.64
C LEU K 284 31.67 34.18 -37.45
N PHE K 285 32.64 35.09 -37.53
CA PHE K 285 32.51 36.34 -38.24
C PHE K 285 33.75 36.52 -39.09
N MET K 286 33.56 36.52 -40.41
CA MET K 286 34.66 36.70 -41.34
C MET K 286 34.33 37.86 -42.26
N LEU K 287 35.18 38.88 -42.22
CA LEU K 287 35.03 40.13 -42.95
C LEU K 287 35.89 40.15 -44.20
N THR K 288 35.49 40.99 -45.14
CA THR K 288 36.11 41.06 -46.46
C THR K 288 36.63 42.47 -46.73
N GLY K 289 37.88 42.56 -47.16
CA GLY K 289 38.46 43.83 -47.52
C GLY K 289 39.94 43.95 -47.16
N ASP K 290 40.35 45.16 -46.80
CA ASP K 290 41.69 45.44 -46.29
C ASP K 290 41.63 45.89 -44.83
N TYR K 291 40.76 45.24 -44.07
CA TYR K 291 40.44 45.68 -42.73
C TYR K 291 41.52 45.24 -41.74
N ASP K 292 41.55 45.92 -40.60
CA ASP K 292 42.47 45.64 -39.51
C ASP K 292 41.67 45.13 -38.32
N LEU K 293 41.96 43.91 -37.88
CA LEU K 293 41.19 43.25 -36.85
C LEU K 293 41.67 43.57 -35.44
N SER K 294 42.99 43.66 -35.24
CA SER K 294 43.56 43.73 -33.91
C SER K 294 42.89 44.80 -33.07
N VAL K 295 42.63 45.96 -33.67
CA VAL K 295 41.96 47.04 -32.97
C VAL K 295 40.61 46.63 -32.46
N LEU K 296 39.92 45.74 -33.17
CA LEU K 296 38.62 45.25 -32.73
C LEU K 296 38.76 44.22 -31.63
N GLN K 297 39.76 43.36 -31.77
CA GLN K 297 39.97 42.31 -30.78
C GLN K 297 40.29 42.90 -29.42
N LYS K 298 41.09 43.97 -29.40
CA LYS K 298 41.40 44.63 -28.14
C LYS K 298 40.16 45.21 -27.49
N ARG K 299 39.29 45.82 -28.27
CA ARG K 299 38.09 46.44 -27.70
C ARG K 299 37.13 45.39 -27.17
N LEU K 300 37.00 44.27 -27.87
CA LEU K 300 36.17 43.21 -27.34
C LEU K 300 36.77 42.59 -26.10
N TYR K 301 38.09 42.58 -25.98
CA TYR K 301 38.70 42.16 -24.71
C TYR K 301 38.34 43.13 -23.59
N ASP K 302 38.44 44.43 -23.87
CA ASP K 302 38.03 45.41 -22.87
C ASP K 302 36.59 45.17 -22.43
N ALA K 303 35.73 44.79 -23.36
CA ALA K 303 34.35 44.48 -22.99
C ALA K 303 34.26 43.25 -22.09
N GLY K 304 35.18 42.32 -22.21
CA GLY K 304 35.19 41.14 -21.37
C GLY K 304 35.33 39.84 -22.12
N LEU K 305 35.08 39.87 -23.42
CA LEU K 305 35.03 38.68 -24.23
C LEU K 305 36.41 38.29 -24.75
N ARG K 306 36.55 37.00 -25.04
CA ARG K 306 37.75 36.42 -25.62
C ARG K 306 37.41 35.77 -26.95
N CYS K 307 38.38 35.72 -27.85
CA CYS K 307 38.16 35.30 -29.22
C CYS K 307 39.17 34.26 -29.65
N GLU K 308 38.83 33.53 -30.70
CA GLU K 308 39.69 32.57 -31.34
C GLU K 308 40.00 33.03 -32.75
N THR K 309 41.28 33.02 -33.12
CA THR K 309 41.72 33.46 -34.42
C THR K 309 42.38 32.37 -35.23
N GLY K 310 42.79 31.27 -34.62
CA GLY K 310 43.39 30.16 -35.33
C GLY K 310 44.81 30.39 -35.77
N LYS K 311 45.60 31.08 -34.96
CA LYS K 311 46.97 31.41 -35.28
C LYS K 311 47.88 30.98 -34.14
N VAL K 312 48.83 30.11 -34.44
CA VAL K 312 49.90 29.78 -33.52
C VAL K 312 51.16 30.43 -34.06
N GLY K 313 51.43 31.66 -33.62
CA GLY K 313 52.53 32.44 -34.14
C GLY K 313 52.14 33.59 -35.03
N GLY K 314 50.86 33.80 -35.27
CA GLY K 314 50.37 35.03 -35.86
C GLY K 314 50.94 35.37 -37.22
N THR K 315 51.10 34.37 -38.09
CA THR K 315 51.34 34.64 -39.50
C THR K 315 50.29 34.00 -40.41
N ASP K 316 49.99 32.72 -40.22
CA ASP K 316 49.09 31.97 -41.08
C ASP K 316 48.08 31.20 -40.26
N VAL K 317 46.92 30.99 -40.82
CA VAL K 317 45.80 30.35 -40.15
C VAL K 317 45.91 28.85 -40.26
N ILE K 318 45.37 28.17 -39.26
CA ILE K 318 45.24 26.73 -39.24
C ILE K 318 43.78 26.41 -39.01
N ILE K 319 43.18 25.66 -39.93
CA ILE K 319 41.75 25.45 -39.90
C ILE K 319 41.34 24.55 -38.74
N LYS K 320 42.21 23.61 -38.34
CA LYS K 320 41.85 22.70 -37.27
C LYS K 320 41.55 23.45 -35.98
N GLU K 321 42.28 24.53 -35.71
CA GLU K 321 42.12 25.23 -34.44
C GLU K 321 40.91 26.14 -34.45
N LEU K 322 40.59 26.75 -35.59
CA LEU K 322 39.49 27.68 -35.65
C LEU K 322 38.15 26.99 -35.44
N PHE K 323 38.03 25.74 -35.86
CA PHE K 323 36.79 24.99 -35.76
C PHE K 323 36.84 23.93 -34.68
N ARG K 324 37.63 24.14 -33.64
CA ARG K 324 37.66 23.21 -32.53
C ARG K 324 36.57 23.57 -31.53
N ARG K 325 36.34 22.66 -30.60
CA ARG K 325 35.31 22.82 -29.61
C ARG K 325 35.90 23.06 -28.23
N PRO K 326 35.32 23.96 -27.45
CA PRO K 326 35.97 24.43 -26.25
C PRO K 326 35.63 23.66 -24.98
N ILE K 327 36.37 23.99 -23.93
CA ILE K 327 36.13 23.48 -22.60
C ILE K 327 34.99 24.26 -21.97
N LEU K 328 34.18 23.57 -21.18
CA LEU K 328 33.07 24.19 -20.50
C LEU K 328 32.95 23.69 -19.07
N ILE K 329 32.66 24.60 -18.15
CA ILE K 329 32.43 24.31 -16.76
C ILE K 329 31.06 24.82 -16.37
N ARG K 330 30.36 24.03 -15.56
CA ARG K 330 28.97 24.31 -15.21
C ARG K 330 28.84 25.22 -13.99
N ASN K 331 29.43 24.82 -12.87
CA ASN K 331 29.23 25.50 -11.59
C ASN K 331 30.56 25.91 -10.98
N PRO K 332 30.93 27.19 -11.04
CA PRO K 332 30.34 28.32 -11.75
C PRO K 332 30.66 28.29 -13.23
N PHE K 333 29.94 29.08 -14.02
CA PHE K 333 30.05 28.98 -15.46
C PHE K 333 31.30 29.69 -15.96
N ARG K 334 32.05 29.01 -16.82
CA ARG K 334 33.20 29.58 -17.50
C ARG K 334 33.25 29.02 -18.92
N MET K 335 33.89 29.78 -19.80
CA MET K 335 34.11 29.36 -21.18
C MET K 335 35.49 29.81 -21.62
N GLU K 336 36.15 28.98 -22.43
CA GLU K 336 37.41 29.40 -23.02
C GLU K 336 37.20 30.55 -23.98
N PHE K 337 36.22 30.43 -24.87
CA PHE K 337 35.89 31.52 -25.76
C PHE K 337 34.44 31.46 -26.16
N SER K 338 33.96 32.59 -26.63
CA SER K 338 32.58 32.80 -27.00
C SER K 338 32.37 33.06 -28.48
N LEU K 339 33.39 33.52 -29.19
CA LEU K 339 33.24 33.84 -30.59
C LEU K 339 34.53 33.60 -31.35
N ARG K 340 34.38 33.40 -32.64
CA ARG K 340 35.45 33.17 -33.58
C ARG K 340 35.52 34.34 -34.56
N LEU K 341 36.72 34.70 -34.96
CA LEU K 341 36.93 35.87 -35.79
C LEU K 341 38.10 35.64 -36.72
N ALA K 342 37.94 36.07 -37.97
CA ALA K 342 38.93 35.82 -39.00
C ALA K 342 38.65 36.77 -40.17
N LYS K 343 39.44 36.60 -41.22
CA LYS K 343 39.32 37.38 -42.44
C LYS K 343 39.29 36.42 -43.63
N ARG K 344 38.45 36.72 -44.61
CA ARG K 344 38.07 35.72 -45.59
C ARG K 344 39.24 35.26 -46.43
N ASP K 345 40.03 36.21 -46.94
CA ASP K 345 41.09 35.87 -47.87
C ASP K 345 42.09 34.90 -47.28
N GLU K 346 42.30 34.94 -45.97
CA GLU K 346 43.26 34.07 -45.33
C GLU K 346 42.73 32.66 -45.11
N VAL K 347 41.42 32.48 -45.06
CA VAL K 347 40.82 31.18 -44.78
C VAL K 347 40.77 30.41 -46.09
N ILE K 348 41.71 29.48 -46.26
CA ILE K 348 41.85 28.70 -47.48
C ILE K 348 41.52 27.25 -47.14
N GLY K 349 40.37 26.79 -47.60
CA GLY K 349 39.95 25.42 -47.39
C GLY K 349 38.52 25.37 -46.94
N GLY K 350 38.17 24.27 -46.26
CA GLY K 350 36.83 24.09 -45.77
C GLY K 350 36.77 23.19 -44.57
N PRO K 351 35.65 23.22 -43.86
CA PRO K 351 35.48 22.39 -42.66
C PRO K 351 34.96 21.00 -42.95
N GLN K 352 35.17 20.12 -41.98
CA GLN K 352 34.68 18.75 -42.08
C GLN K 352 33.16 18.70 -42.11
N ARG K 353 32.50 19.63 -41.44
CA ARG K 353 31.05 19.71 -41.41
C ARG K 353 30.56 20.98 -42.08
N ARG K 354 29.51 20.86 -42.85
CA ARG K 354 29.03 21.97 -43.63
C ARG K 354 28.17 22.91 -42.79
N PRO K 355 28.13 24.18 -43.14
CA PRO K 355 27.35 25.14 -42.36
C PRO K 355 25.86 24.94 -42.53
N ASP K 356 25.15 25.03 -41.40
CA ASP K 356 23.71 24.89 -41.39
C ASP K 356 23.02 26.20 -41.74
N GLU K 357 23.67 27.33 -41.47
CA GLU K 357 23.15 28.62 -41.84
C GLU K 357 24.28 29.57 -42.17
N LEU K 358 24.12 30.30 -43.26
CA LEU K 358 25.11 31.26 -43.72
C LEU K 358 24.40 32.54 -44.11
N PHE K 359 24.76 33.64 -43.44
CA PHE K 359 24.23 34.96 -43.73
C PHE K 359 25.27 35.74 -44.50
N LEU K 360 24.86 36.33 -45.61
CA LEU K 360 25.73 37.14 -46.46
C LEU K 360 25.17 38.55 -46.50
N ILE K 361 25.83 39.46 -45.80
CA ILE K 361 25.44 40.86 -45.75
C ILE K 361 26.25 41.62 -46.78
N ASN K 362 25.58 42.07 -47.83
CA ASN K 362 26.18 42.91 -48.87
C ASN K 362 27.31 42.20 -49.58
N VAL K 363 27.07 40.93 -49.92
CA VAL K 363 28.00 40.11 -50.66
C VAL K 363 27.23 39.43 -51.78
N ALA K 364 27.84 39.37 -52.97
CA ALA K 364 27.15 38.83 -54.14
C ALA K 364 27.15 37.30 -54.12
N ASP K 365 28.33 36.70 -53.99
CA ASP K 365 28.42 35.25 -53.98
C ASP K 365 29.63 34.82 -53.17
N ASP K 366 29.57 33.58 -52.69
CA ASP K 366 30.66 32.99 -51.92
C ASP K 366 30.81 31.53 -52.32
N GLU K 367 31.96 30.97 -51.99
CA GLU K 367 32.36 29.65 -52.48
C GLU K 367 31.92 28.51 -51.58
N TRP K 368 31.16 28.79 -50.53
CA TRP K 368 30.69 27.76 -49.61
C TRP K 368 29.24 27.38 -49.85
N LYS K 369 28.56 28.04 -50.78
CA LYS K 369 27.19 27.71 -51.10
C LYS K 369 27.10 26.30 -51.67
N HIS K 370 25.92 25.72 -51.55
CA HIS K 370 25.74 24.31 -51.84
C HIS K 370 24.26 24.00 -51.64
N GLU K 371 23.87 22.79 -52.03
CA GLU K 371 22.47 22.39 -51.99
C GLU K 371 21.94 22.31 -50.57
N ASP K 372 22.73 21.71 -49.66
CA ASP K 372 22.27 21.35 -48.33
C ASP K 372 22.51 22.44 -47.30
N VAL K 373 22.61 23.69 -47.70
CA VAL K 373 22.85 24.80 -46.79
C VAL K 373 21.81 25.87 -47.03
N ASN K 374 21.18 26.32 -45.96
CA ASN K 374 20.27 27.44 -46.04
C ASN K 374 21.04 28.73 -46.19
N VAL K 375 20.53 29.64 -47.00
CA VAL K 375 21.26 30.82 -47.41
C VAL K 375 20.30 32.00 -47.39
N HIS K 376 20.53 32.93 -46.49
CA HIS K 376 19.75 34.16 -46.40
C HIS K 376 20.64 35.32 -46.84
N GLY K 377 20.13 36.15 -47.71
CA GLY K 377 20.90 37.27 -48.24
C GLY K 377 20.16 38.58 -48.14
N PHE K 378 20.90 39.63 -47.82
CA PHE K 378 20.32 40.93 -47.54
C PHE K 378 21.17 42.05 -48.12
N LYS K 379 20.55 43.21 -48.27
CA LYS K 379 21.24 44.44 -48.64
C LYS K 379 20.80 45.53 -47.68
N ILE K 380 21.75 46.05 -46.91
CA ILE K 380 21.46 47.04 -45.89
C ILE K 380 22.53 48.12 -45.88
N GLU K 381 22.13 49.34 -45.54
CA GLU K 381 23.06 50.43 -45.35
C GLU K 381 23.10 50.94 -43.92
N ARG K 382 22.25 50.46 -43.04
CA ARG K 382 22.35 50.74 -41.62
C ARG K 382 22.25 49.44 -40.84
N LEU K 383 22.93 49.40 -39.69
CA LEU K 383 23.13 48.15 -38.96
C LEU K 383 22.01 47.82 -37.99
N SER K 384 21.27 48.82 -37.49
CA SER K 384 20.20 48.57 -36.54
C SER K 384 19.06 47.74 -37.13
N ASP K 385 18.97 47.70 -38.45
CA ASP K 385 17.99 46.86 -39.11
C ASP K 385 18.25 45.41 -38.77
N LEU K 386 19.51 44.99 -38.88
CA LEU K 386 19.81 43.59 -38.68
C LEU K 386 19.48 43.19 -37.25
N GLU K 387 19.58 44.13 -36.32
CA GLU K 387 19.26 43.85 -34.93
C GLU K 387 17.76 43.69 -34.74
N TYR K 388 16.95 44.46 -35.45
CA TYR K 388 15.51 44.21 -35.36
C TYR K 388 15.12 42.90 -36.03
N ILE K 389 15.73 42.59 -37.17
CA ILE K 389 15.43 41.34 -37.87
C ILE K 389 15.72 40.13 -37.00
N LEU K 390 16.63 40.25 -36.04
CA LEU K 390 17.08 39.11 -35.24
C LEU K 390 16.62 39.18 -33.80
N GLN K 391 15.65 40.03 -33.49
CA GLN K 391 14.97 40.04 -32.20
C GLN K 391 15.89 40.53 -31.08
N LEU K 392 16.68 41.56 -31.35
CA LEU K 392 17.46 42.20 -30.31
C LEU K 392 17.04 43.65 -30.09
N ARG K 393 15.91 44.07 -30.64
CA ARG K 393 15.37 45.39 -30.35
C ARG K 393 13.86 45.36 -30.57
N SER K 394 13.18 46.29 -29.91
CA SER K 394 11.72 46.29 -29.90
C SER K 394 11.14 46.76 -31.23
N ASP K 395 11.52 47.95 -31.68
CA ASP K 395 10.96 48.56 -32.88
C ASP K 395 12.06 49.09 -33.79
N TYR K 396 11.76 49.10 -35.09
CA TYR K 396 12.72 49.52 -36.10
C TYR K 396 13.18 50.96 -35.91
N PHE L 228 78.94 19.90 -9.63
CA PHE L 228 77.54 19.80 -9.99
C PHE L 228 76.80 18.69 -9.27
N SER L 229 77.53 17.74 -8.71
CA SER L 229 76.86 16.61 -8.06
C SER L 229 76.13 17.04 -6.80
N SER L 230 76.75 17.90 -5.98
CA SER L 230 76.11 18.29 -4.74
C SER L 230 74.87 19.14 -4.98
N LEU L 231 74.95 20.04 -5.97
CA LEU L 231 73.80 20.87 -6.30
C LEU L 231 72.60 20.02 -6.71
N ARG L 232 72.83 18.93 -7.44
CA ARG L 232 71.74 18.03 -7.76
C ARG L 232 71.05 17.59 -6.47
N LYS L 233 71.83 17.20 -5.47
CA LYS L 233 71.25 16.85 -4.18
C LYS L 233 70.77 18.06 -3.43
N SER L 234 71.24 19.25 -3.78
CA SER L 234 70.83 20.46 -3.06
C SER L 234 69.39 20.84 -3.38
N LEU L 235 68.89 20.47 -4.55
CA LEU L 235 67.61 20.95 -5.05
C LEU L 235 66.49 19.94 -4.88
N ARG L 236 66.72 18.84 -4.16
CA ARG L 236 65.69 17.84 -4.01
C ARG L 236 64.48 18.37 -3.27
N SER L 237 64.70 19.26 -2.30
CA SER L 237 63.61 19.79 -1.50
C SER L 237 62.76 20.78 -2.29
N CYS L 238 63.40 21.62 -3.11
CA CYS L 238 62.65 22.64 -3.84
C CYS L 238 61.65 22.00 -4.80
N LEU L 239 62.06 20.94 -5.48
CA LEU L 239 61.26 20.31 -6.50
C LEU L 239 60.32 19.24 -5.96
N ALA L 240 60.22 19.12 -4.64
CA ALA L 240 59.29 18.15 -4.06
C ALA L 240 57.86 18.69 -4.06
N HIS L 241 57.69 19.97 -3.71
CA HIS L 241 56.36 20.55 -3.68
C HIS L 241 55.72 20.44 -5.05
N ASN L 242 54.41 20.21 -5.05
CA ASN L 242 53.68 20.04 -6.29
C ASN L 242 53.26 21.39 -6.87
N SER L 243 52.69 22.25 -6.05
CA SER L 243 52.20 23.56 -6.49
C SER L 243 53.17 24.64 -6.06
N ARG L 244 53.84 25.25 -7.03
CA ARG L 244 54.77 26.33 -6.77
C ARG L 244 54.93 27.17 -8.02
N TRP L 245 55.38 28.40 -7.83
CA TRP L 245 55.53 29.39 -8.90
C TRP L 245 57.02 29.48 -9.25
N ARG L 246 57.38 28.99 -10.44
CA ARG L 246 58.76 28.86 -10.84
C ARG L 246 59.07 29.66 -12.09
N VAL L 247 60.18 30.39 -12.05
CA VAL L 247 60.59 31.28 -13.11
C VAL L 247 61.98 30.91 -13.61
N PHE L 248 62.16 31.00 -14.92
CA PHE L 248 63.41 30.67 -15.59
C PHE L 248 63.86 31.83 -16.46
N VAL L 249 65.14 32.17 -16.43
CA VAL L 249 65.72 33.15 -17.35
C VAL L 249 66.91 32.54 -18.06
N ILE L 250 66.95 32.69 -19.38
CA ILE L 250 67.97 32.07 -20.22
C ILE L 250 68.53 33.07 -21.21
N ASN L 251 69.83 32.96 -21.48
CA ASN L 251 70.51 33.71 -22.52
C ASN L 251 71.14 32.74 -23.52
N PRO L 252 70.74 32.75 -24.79
CA PRO L 252 71.16 31.69 -25.71
C PRO L 252 72.46 31.92 -26.45
N LEU L 253 73.00 33.13 -26.45
CA LEU L 253 74.17 33.41 -27.28
C LEU L 253 75.37 32.57 -26.87
N THR L 254 75.50 32.26 -25.58
CA THR L 254 76.67 31.58 -25.04
C THR L 254 76.42 30.11 -24.72
N ILE L 255 75.41 29.50 -25.31
CA ILE L 255 75.12 28.09 -25.11
C ILE L 255 75.27 27.36 -26.42
N GLU L 256 75.97 26.24 -26.40
CA GLU L 256 76.26 25.47 -27.58
C GLU L 256 75.08 24.60 -27.97
N ASN L 257 74.75 24.61 -29.26
CA ASN L 257 73.73 23.74 -29.81
C ASN L 257 72.40 23.91 -29.09
N PHE L 258 71.86 25.12 -29.16
CA PHE L 258 70.68 25.53 -28.41
C PHE L 258 69.39 25.22 -29.14
N ASP L 259 69.35 25.59 -30.42
CA ASP L 259 68.11 25.53 -31.17
C ASP L 259 67.65 24.09 -31.35
N ASP L 260 68.59 23.15 -31.33
CA ASP L 260 68.28 21.75 -31.54
C ASP L 260 67.77 21.07 -30.29
N ASP L 261 68.13 21.56 -29.11
CA ASP L 261 67.84 20.87 -27.86
C ASP L 261 66.83 21.55 -26.96
N ILE L 262 66.48 22.80 -27.22
CA ILE L 262 65.57 23.52 -26.32
C ILE L 262 64.23 22.83 -26.23
N VAL L 263 63.70 22.38 -27.37
CA VAL L 263 62.36 21.81 -27.39
C VAL L 263 62.29 20.54 -26.56
N ARG L 264 63.32 19.72 -26.62
CA ARG L 264 63.31 18.47 -25.87
C ARG L 264 63.62 18.67 -24.40
N PHE L 265 64.27 19.77 -24.06
CA PHE L 265 64.38 20.14 -22.66
C PHE L 265 63.02 20.53 -22.11
N ILE L 266 62.32 21.39 -22.82
CA ILE L 266 61.03 21.86 -22.32
C ILE L 266 60.07 20.69 -22.23
N LYS L 267 60.08 19.83 -23.25
CA LYS L 267 59.17 18.71 -23.28
C LYS L 267 59.38 17.78 -22.10
N ALA L 268 60.63 17.51 -21.74
CA ALA L 268 60.85 16.63 -20.60
C ALA L 268 60.46 17.29 -19.29
N PHE L 269 60.83 18.56 -19.11
CA PHE L 269 60.44 19.25 -17.89
C PHE L 269 58.93 19.26 -17.71
N VAL L 270 58.19 19.47 -18.80
CA VAL L 270 56.74 19.52 -18.69
C VAL L 270 56.19 18.14 -18.40
N GLN L 271 56.67 17.13 -19.10
CA GLN L 271 56.16 15.79 -18.88
C GLN L 271 56.46 15.29 -17.48
N ARG L 272 57.40 15.91 -16.78
CA ARG L 272 57.71 15.49 -15.41
C ARG L 272 57.03 16.32 -14.33
N TYR L 273 57.13 17.64 -14.41
CA TYR L 273 56.73 18.47 -13.28
C TYR L 273 55.41 19.22 -13.51
N SER L 274 54.79 19.10 -14.68
CA SER L 274 53.56 19.83 -14.97
C SER L 274 52.60 18.99 -15.81
N SER L 275 52.37 17.74 -15.42
CA SER L 275 51.49 16.87 -16.18
C SER L 275 50.55 16.08 -15.28
N LYS L 276 49.98 16.74 -14.28
CA LYS L 276 48.99 16.11 -13.42
C LYS L 276 48.00 17.18 -12.94
N TYR L 277 47.04 16.74 -12.13
CA TYR L 277 46.01 17.65 -11.63
C TYR L 277 46.52 18.51 -10.48
N LEU L 278 47.28 17.93 -9.57
CA LEU L 278 47.80 18.66 -8.43
C LEU L 278 48.83 19.70 -8.82
N HIS L 279 49.35 19.64 -10.04
CA HIS L 279 50.34 20.61 -10.53
C HIS L 279 49.59 21.79 -11.12
N SER L 280 49.38 22.81 -10.30
CA SER L 280 48.45 23.88 -10.61
C SER L 280 49.08 25.07 -11.33
N ASN L 281 50.28 25.48 -10.96
CA ASN L 281 50.91 26.65 -11.56
C ASN L 281 51.93 26.22 -12.59
N PRO L 282 51.69 26.45 -13.87
CA PRO L 282 52.68 26.18 -14.87
C PRO L 282 53.86 27.10 -14.78
N PRO L 283 55.00 26.72 -15.34
CA PRO L 283 56.21 27.53 -15.21
C PRO L 283 56.32 28.61 -16.27
N LEU L 284 57.26 29.52 -16.03
CA LEU L 284 57.53 30.62 -16.93
C LEU L 284 58.94 30.53 -17.47
N PHE L 285 59.07 30.62 -18.80
CA PHE L 285 60.36 30.67 -19.47
C PHE L 285 60.53 32.03 -20.12
N MET L 286 61.56 32.76 -19.69
CA MET L 286 61.90 34.06 -20.25
C MET L 286 63.21 33.96 -21.00
N LEU L 287 63.18 34.39 -22.26
CA LEU L 287 64.36 34.42 -23.09
C LEU L 287 64.86 35.84 -23.23
N THR L 288 66.18 36.01 -23.15
CA THR L 288 66.82 37.30 -23.25
C THR L 288 67.66 37.39 -24.51
N GLY L 289 67.57 38.53 -25.17
CA GLY L 289 68.29 38.79 -26.39
C GLY L 289 67.33 39.18 -27.50
N ASP L 290 67.86 39.16 -28.73
CA ASP L 290 67.05 39.29 -29.92
C ASP L 290 66.81 37.89 -30.49
N TYR L 291 65.55 37.47 -30.50
CA TYR L 291 65.22 36.09 -30.76
C TYR L 291 63.79 36.01 -31.26
N ASP L 292 63.48 34.93 -31.97
CA ASP L 292 62.17 34.72 -32.59
C ASP L 292 61.41 33.68 -31.79
N LEU L 293 60.31 34.10 -31.16
CA LEU L 293 59.46 33.19 -30.41
C LEU L 293 58.53 32.39 -31.31
N SER L 294 58.14 32.97 -32.45
CA SER L 294 57.11 32.37 -33.28
C SER L 294 57.49 30.99 -33.77
N VAL L 295 58.71 30.84 -34.27
CA VAL L 295 59.15 29.56 -34.79
C VAL L 295 59.16 28.49 -33.71
N LEU L 296 59.67 28.84 -32.54
CA LEU L 296 59.71 27.89 -31.43
C LEU L 296 58.29 27.51 -31.02
N GLN L 297 57.37 28.46 -31.09
CA GLN L 297 55.99 28.20 -30.71
C GLN L 297 55.34 27.23 -31.68
N LYS L 298 55.60 27.39 -32.98
CA LYS L 298 55.08 26.46 -33.97
C LYS L 298 55.67 25.08 -33.78
N ARG L 299 56.96 25.01 -33.50
CA ARG L 299 57.61 23.72 -33.27
C ARG L 299 56.99 23.02 -32.08
N LEU L 300 56.73 23.76 -31.02
CA LEU L 300 56.12 23.17 -29.84
C LEU L 300 54.69 22.71 -30.13
N TYR L 301 53.96 23.47 -30.94
CA TYR L 301 52.63 23.03 -31.32
C TYR L 301 52.69 21.72 -32.08
N ASP L 302 53.61 21.63 -33.04
CA ASP L 302 53.81 20.37 -33.75
C ASP L 302 54.13 19.24 -32.79
N ALA L 303 54.92 19.52 -31.76
CA ALA L 303 55.25 18.48 -30.81
C ALA L 303 54.07 18.08 -29.95
N GLY L 304 53.13 18.99 -29.72
CA GLY L 304 51.90 18.64 -29.03
C GLY L 304 51.55 19.48 -27.83
N LEU L 305 52.25 20.56 -27.60
CA LEU L 305 52.04 21.42 -26.46
C LEU L 305 51.42 22.75 -26.87
N ARG L 306 50.77 23.38 -25.90
CA ARG L 306 50.14 24.68 -26.06
C ARG L 306 50.71 25.64 -25.04
N CYS L 307 50.87 26.90 -25.46
CA CYS L 307 51.62 27.89 -24.72
C CYS L 307 50.76 29.11 -24.46
N GLU L 308 51.15 29.89 -23.46
CA GLU L 308 50.53 31.17 -23.17
C GLU L 308 51.54 32.29 -23.31
N THR L 309 51.13 33.36 -23.99
CA THR L 309 52.03 34.42 -24.40
C THR L 309 51.60 35.82 -24.01
N GLY L 310 50.38 36.02 -23.55
CA GLY L 310 49.91 37.33 -23.16
C GLY L 310 49.88 38.35 -24.28
N LYS L 311 49.03 38.13 -25.27
CA LYS L 311 48.95 39.03 -26.41
C LYS L 311 47.56 38.97 -27.03
N VAL L 312 46.85 40.08 -26.98
CA VAL L 312 45.53 40.20 -27.60
C VAL L 312 45.73 40.94 -28.91
N GLY L 313 46.03 40.18 -29.95
CA GLY L 313 46.21 40.74 -31.27
C GLY L 313 47.52 41.48 -31.45
N GLY L 314 47.75 42.48 -30.62
CA GLY L 314 48.87 43.36 -30.79
C GLY L 314 50.17 42.86 -30.24
N THR L 315 51.21 43.66 -30.48
CA THR L 315 52.54 43.33 -30.02
C THR L 315 52.67 43.47 -28.51
N ASP L 316 51.97 44.42 -27.91
CA ASP L 316 52.08 44.65 -26.49
C ASP L 316 51.65 43.42 -25.70
N VAL L 317 52.22 43.29 -24.51
CA VAL L 317 52.04 42.13 -23.64
C VAL L 317 51.23 42.55 -22.42
N ILE L 318 50.02 41.99 -22.30
CA ILE L 318 49.18 42.27 -21.15
C ILE L 318 49.59 41.34 -20.03
N ILE L 319 50.00 41.93 -18.91
CA ILE L 319 50.62 41.17 -17.83
C ILE L 319 49.58 40.33 -17.10
N LYS L 320 48.42 40.93 -16.86
CA LYS L 320 47.34 40.25 -16.17
C LYS L 320 46.85 39.05 -16.95
N GLU L 321 47.11 38.99 -18.25
CA GLU L 321 46.67 37.90 -19.08
C GLU L 321 47.79 36.91 -19.33
N LEU L 322 48.86 37.02 -18.55
CA LEU L 322 49.97 36.11 -18.58
C LEU L 322 50.23 35.51 -17.22
N PHE L 323 49.63 36.06 -16.18
CA PHE L 323 49.76 35.46 -14.86
C PHE L 323 48.43 34.91 -14.37
N ARG L 324 47.71 34.20 -15.24
CA ARG L 324 46.35 33.74 -14.96
C ARG L 324 46.28 32.23 -14.86
N ARG L 325 45.28 31.77 -14.11
CA ARG L 325 45.02 30.36 -13.80
C ARG L 325 44.27 29.70 -14.95
N PRO L 326 44.60 28.45 -15.27
CA PRO L 326 43.93 27.74 -16.35
C PRO L 326 42.76 26.88 -15.88
N ILE L 327 41.98 26.44 -16.84
CA ILE L 327 40.91 25.49 -16.60
C ILE L 327 41.51 24.11 -16.42
N LEU L 328 41.01 23.39 -15.43
CA LEU L 328 41.43 22.04 -15.16
C LEU L 328 40.20 21.15 -15.02
N ILE L 329 40.28 19.94 -15.55
CA ILE L 329 39.23 18.95 -15.43
C ILE L 329 39.87 17.65 -14.98
N ARG L 330 39.34 17.08 -13.90
CA ARG L 330 39.94 15.89 -13.32
C ARG L 330 39.68 14.67 -14.17
N ASN L 331 38.43 14.44 -14.56
CA ASN L 331 38.06 13.26 -15.31
C ASN L 331 37.15 13.61 -16.47
N PRO L 332 37.57 13.41 -17.73
CA PRO L 332 38.91 13.08 -18.20
C PRO L 332 39.85 14.27 -18.14
N PHE L 333 41.15 13.99 -17.98
CA PHE L 333 42.11 15.05 -17.73
C PHE L 333 42.30 15.90 -18.97
N ARG L 334 42.13 17.21 -18.79
CA ARG L 334 42.37 18.17 -19.86
C ARG L 334 42.87 19.46 -19.22
N MET L 335 43.77 20.13 -19.91
CA MET L 335 44.32 21.40 -19.46
C MET L 335 44.26 22.41 -20.59
N GLU L 336 44.14 23.68 -20.21
CA GLU L 336 44.06 24.75 -21.18
C GLU L 336 45.43 25.11 -21.75
N PHE L 337 46.46 25.15 -20.91
CA PHE L 337 47.80 25.35 -21.39
C PHE L 337 48.78 24.81 -20.37
N SER L 338 49.98 24.49 -20.85
CA SER L 338 51.00 23.82 -20.05
C SER L 338 52.23 24.66 -19.74
N LEU L 339 52.45 25.77 -20.42
CA LEU L 339 53.63 26.59 -20.15
C LEU L 339 53.38 28.05 -20.53
N ARG L 340 54.18 28.93 -19.91
CA ARG L 340 54.20 30.35 -20.24
C ARG L 340 55.52 30.71 -20.90
N LEU L 341 55.44 31.49 -21.97
CA LEU L 341 56.60 31.80 -22.79
C LEU L 341 56.68 33.29 -23.05
N ALA L 342 57.83 33.91 -22.78
CA ALA L 342 57.89 35.34 -23.02
C ALA L 342 59.31 35.85 -23.22
N LYS L 343 59.37 37.09 -23.69
CA LYS L 343 60.58 37.88 -23.79
C LYS L 343 60.64 38.95 -22.70
N ARG L 344 61.85 39.18 -22.21
CA ARG L 344 62.06 40.00 -21.03
C ARG L 344 61.75 41.46 -21.31
N ASP L 345 62.43 42.04 -22.29
CA ASP L 345 62.21 43.44 -22.61
C ASP L 345 60.75 43.73 -22.94
N GLU L 346 60.06 42.78 -23.57
CA GLU L 346 58.64 42.94 -23.81
C GLU L 346 57.86 42.97 -22.50
N VAL L 347 58.25 42.15 -21.54
CA VAL L 347 57.55 42.08 -20.26
C VAL L 347 58.10 43.16 -19.34
N ILE L 348 57.35 44.25 -19.20
CA ILE L 348 57.69 45.36 -18.33
C ILE L 348 56.67 45.44 -17.20
N GLY L 349 57.14 45.37 -15.97
CA GLY L 349 56.28 45.44 -14.82
C GLY L 349 56.66 44.46 -13.73
N GLY L 350 55.66 43.96 -13.02
CA GLY L 350 55.87 42.98 -11.99
C GLY L 350 54.59 42.28 -11.61
N PRO L 351 54.71 41.18 -10.88
CA PRO L 351 53.54 40.42 -10.46
C PRO L 351 53.04 40.83 -9.09
N GLN L 352 51.82 40.36 -8.77
CA GLN L 352 51.25 40.61 -7.46
C GLN L 352 51.90 39.74 -6.40
N ARG L 353 52.22 38.49 -6.75
CA ARG L 353 52.85 37.56 -5.85
C ARG L 353 54.26 37.26 -6.33
N ARG L 354 55.24 37.47 -5.46
CA ARG L 354 56.61 37.29 -5.84
C ARG L 354 56.91 35.82 -6.11
N PRO L 355 57.84 35.54 -7.01
CA PRO L 355 58.17 34.15 -7.30
C PRO L 355 58.85 33.46 -6.14
N ASP L 356 58.54 32.18 -6.00
CA ASP L 356 59.18 31.36 -4.99
C ASP L 356 60.60 31.01 -5.38
N GLU L 357 60.80 30.58 -6.63
CA GLU L 357 62.10 30.17 -7.12
C GLU L 357 62.41 30.82 -8.45
N LEU L 358 63.58 31.43 -8.54
CA LEU L 358 64.06 32.13 -9.72
C LEU L 358 65.38 31.52 -10.15
N PHE L 359 65.38 30.83 -11.28
CA PHE L 359 66.59 30.27 -11.87
C PHE L 359 67.14 31.22 -12.92
N LEU L 360 68.41 31.56 -12.78
CA LEU L 360 69.13 32.38 -13.75
C LEU L 360 70.25 31.57 -14.39
N ILE L 361 70.11 31.28 -15.68
CA ILE L 361 71.07 30.50 -16.42
C ILE L 361 71.79 31.42 -17.41
N ASN L 362 73.04 31.73 -17.10
CA ASN L 362 73.98 32.53 -17.87
C ASN L 362 73.74 34.03 -17.73
N VAL L 363 72.95 34.47 -16.76
CA VAL L 363 72.68 35.89 -16.58
C VAL L 363 73.06 36.29 -15.16
N ALA L 364 73.51 37.53 -15.02
CA ALA L 364 74.09 38.01 -13.77
C ALA L 364 73.07 38.69 -12.87
N ASP L 365 72.41 39.74 -13.37
CA ASP L 365 71.52 40.56 -12.56
C ASP L 365 70.14 40.67 -13.21
N ASP L 366 69.14 40.83 -12.36
CA ASP L 366 67.77 41.03 -12.79
C ASP L 366 67.05 41.92 -11.79
N GLU L 367 65.89 42.41 -12.20
CA GLU L 367 65.09 43.29 -11.38
C GLU L 367 64.21 42.55 -10.37
N TRP L 368 63.96 41.26 -10.58
CA TRP L 368 63.08 40.49 -9.73
C TRP L 368 63.79 39.86 -8.53
N LYS L 369 65.08 40.10 -8.36
CA LYS L 369 65.77 39.59 -7.18
C LYS L 369 65.34 40.34 -5.93
N HIS L 370 65.19 39.60 -4.85
CA HIS L 370 64.82 40.19 -3.57
C HIS L 370 65.30 39.26 -2.47
N GLU L 371 65.23 39.77 -1.24
CA GLU L 371 65.75 39.02 -0.10
C GLU L 371 64.92 37.77 0.17
N ASP L 372 63.61 37.87 0.01
CA ASP L 372 62.70 36.80 0.37
C ASP L 372 62.40 35.85 -0.77
N VAL L 373 63.17 35.89 -1.85
CA VAL L 373 63.03 34.98 -2.97
C VAL L 373 64.29 34.14 -3.09
N ASN L 374 64.12 32.87 -3.40
CA ASN L 374 65.24 31.97 -3.61
C ASN L 374 65.75 32.09 -5.04
N VAL L 375 67.05 32.25 -5.18
CA VAL L 375 67.70 32.55 -6.44
C VAL L 375 68.79 31.51 -6.67
N HIS L 376 68.68 30.77 -7.76
CA HIS L 376 69.71 29.81 -8.16
C HIS L 376 70.35 30.33 -9.45
N GLY L 377 71.61 30.74 -9.35
CA GLY L 377 72.37 31.21 -10.50
C GLY L 377 73.39 30.18 -10.92
N PHE L 378 73.38 29.84 -12.21
CA PHE L 378 74.27 28.84 -12.76
C PHE L 378 75.00 29.38 -13.97
N LYS L 379 76.07 28.67 -14.34
CA LYS L 379 76.80 28.91 -15.58
C LYS L 379 77.11 27.58 -16.22
N ILE L 380 76.64 27.38 -17.46
CA ILE L 380 76.74 26.12 -18.14
C ILE L 380 77.19 26.32 -19.59
N GLU L 381 77.63 25.23 -20.20
CA GLU L 381 78.06 25.22 -21.59
C GLU L 381 77.16 24.37 -22.48
N ARG L 382 76.30 23.52 -21.90
CA ARG L 382 75.36 22.72 -22.65
C ARG L 382 74.14 22.45 -21.78
N LEU L 383 73.06 22.00 -22.41
CA LEU L 383 71.80 21.78 -21.72
C LEU L 383 71.78 20.43 -20.98
N SER L 384 72.42 19.43 -21.57
CA SER L 384 72.53 18.14 -20.90
C SER L 384 73.09 18.26 -19.50
N ASP L 385 73.86 19.32 -19.26
CA ASP L 385 74.39 19.54 -17.91
C ASP L 385 73.26 19.92 -16.96
N LEU L 386 72.34 20.77 -17.42
CA LEU L 386 71.20 21.16 -16.60
C LEU L 386 70.25 20.00 -16.36
N GLU L 387 70.13 19.11 -17.34
CA GLU L 387 69.26 17.95 -17.14
C GLU L 387 69.64 17.18 -15.88
N TYR L 388 70.93 16.98 -15.66
CA TYR L 388 71.39 16.26 -14.48
C TYR L 388 70.97 16.98 -13.20
N ILE L 389 71.13 18.30 -13.17
CA ILE L 389 70.79 19.05 -11.98
C ILE L 389 69.31 18.95 -11.67
N LEU L 390 68.48 19.00 -12.70
CA LEU L 390 67.04 19.02 -12.50
C LEU L 390 66.40 17.64 -12.53
N GLN L 391 67.20 16.59 -12.59
CA GLN L 391 66.76 15.21 -12.41
C GLN L 391 65.97 14.67 -13.59
N LEU L 392 66.09 15.31 -14.75
CA LEU L 392 65.41 14.82 -15.93
C LEU L 392 66.04 13.54 -16.44
N ARG L 393 67.35 13.39 -16.28
CA ARG L 393 68.10 12.28 -16.85
C ARG L 393 68.90 11.59 -15.76
N SER L 394 69.21 10.32 -16.01
CA SER L 394 69.95 9.51 -15.05
C SER L 394 71.38 10.03 -14.91
N ASP L 395 72.06 10.21 -16.04
CA ASP L 395 73.43 10.70 -16.09
C ASP L 395 73.49 12.15 -16.55
N MET M 1 8.43 38.77 24.54
CA MET M 1 8.80 40.02 25.19
C MET M 1 9.79 39.77 26.32
N PRO M 2 9.51 38.81 27.18
CA PRO M 2 10.44 38.47 28.26
C PRO M 2 11.65 37.69 27.76
N ASP M 3 12.60 37.51 28.67
CA ASP M 3 13.73 36.64 28.40
C ASP M 3 13.29 35.19 28.47
N LEU M 4 13.79 34.38 27.54
CA LEU M 4 13.27 33.04 27.34
C LEU M 4 14.18 31.95 27.89
N GLY M 5 15.42 32.27 28.18
CA GLY M 5 16.34 31.31 28.74
C GLY M 5 17.24 30.68 27.70
N THR M 6 17.72 29.57 28.03
CA THR M 6 18.56 28.81 27.14
C THR M 6 17.72 27.96 26.20
N PRO M 7 18.16 27.77 24.96
CA PRO M 7 17.43 26.92 24.05
C PRO M 7 17.67 25.44 24.31
N ILE M 8 16.68 24.66 23.91
CA ILE M 8 16.76 23.21 24.08
C ILE M 8 17.30 22.53 22.85
N GLY M 9 17.09 23.08 21.66
CA GLY M 9 17.53 22.40 20.46
C GLY M 9 17.46 23.27 19.24
N SER M 10 17.86 22.68 18.11
CA SER M 10 17.92 23.36 16.83
C SER M 10 17.11 22.63 15.77
N VAL M 11 16.68 23.39 14.76
CA VAL M 11 15.90 22.84 13.67
C VAL M 11 16.77 22.02 12.73
N THR M 12 16.16 21.01 12.11
CA THR M 12 16.86 20.12 11.21
C THR M 12 16.10 19.95 9.89
N ASP M 13 14.80 20.13 9.90
CA ASP M 13 14.01 19.98 8.70
C ASP M 13 12.73 20.80 8.79
N SER M 14 12.36 21.41 7.66
CA SER M 14 11.26 22.34 7.61
C SER M 14 10.46 22.15 6.33
N SER M 15 9.23 22.62 6.39
CA SER M 15 8.21 22.51 5.36
C SER M 15 6.99 23.27 5.86
N PRO M 16 6.12 23.73 4.97
CA PRO M 16 4.99 24.58 5.40
C PRO M 16 4.05 23.89 6.36
N SER M 17 4.12 22.58 6.50
CA SER M 17 3.25 21.83 7.40
C SER M 17 3.98 21.25 8.60
N LEU M 18 5.18 20.74 8.40
CA LEU M 18 5.89 20.01 9.42
C LEU M 18 7.22 20.68 9.73
N ILE M 19 7.57 20.69 11.01
CA ILE M 19 8.85 21.18 11.49
C ILE M 19 9.41 20.17 12.45
N ARG M 20 10.71 19.89 12.31
CA ARG M 20 11.36 18.82 13.06
C ARG M 20 12.53 19.36 13.85
N ILE M 21 12.64 18.92 15.09
CA ILE M 21 13.66 19.40 16.01
C ILE M 21 14.37 18.21 16.63
N GLU M 22 15.64 18.42 16.95
CA GLU M 22 16.52 17.37 17.44
C GLU M 22 17.30 17.82 18.65
N ILE M 23 17.27 17.02 19.70
CA ILE M 23 18.10 17.19 20.88
C ILE M 23 19.12 16.06 20.94
N SER M 24 20.28 16.38 21.53
CA SER M 24 21.42 15.47 21.57
C SER M 24 22.01 15.31 22.95
N SER M 25 21.39 15.88 23.99
CA SER M 25 21.87 15.74 25.35
C SER M 25 20.75 15.19 26.23
N ALA M 26 21.11 14.24 27.08
CA ALA M 26 20.12 13.61 27.95
C ALA M 26 19.75 14.49 29.12
N GLU M 27 20.71 15.24 29.65
CA GLU M 27 20.45 16.06 30.81
C GLU M 27 19.42 17.14 30.53
N ASP M 28 19.51 17.79 29.36
CA ASP M 28 18.54 18.82 29.00
C ASP M 28 17.14 18.24 28.88
N PHE M 29 17.01 17.11 28.19
CA PHE M 29 15.72 16.44 28.09
C PHE M 29 15.17 16.09 29.45
N GLU M 30 16.01 15.55 30.33
CA GLU M 30 15.54 15.21 31.67
C GLU M 30 15.16 16.46 32.44
N LYS M 31 15.77 17.59 32.11
CA LYS M 31 15.48 18.83 32.81
C LYS M 31 14.13 19.39 32.40
N TYR M 32 13.78 19.29 31.12
CA TYR M 32 12.57 19.90 30.59
C TYR M 32 11.47 18.91 30.22
N LYS M 33 11.61 17.65 30.59
CA LYS M 33 10.66 16.63 30.16
C LYS M 33 9.24 16.94 30.59
N SER M 34 9.05 17.72 31.63
CA SER M 34 7.71 18.01 32.11
C SER M 34 6.94 18.86 31.11
N MET M 35 7.63 19.64 30.29
CA MET M 35 6.99 20.57 29.37
C MET M 35 7.12 20.18 27.92
N LEU M 36 7.56 18.96 27.61
CA LEU M 36 7.74 18.51 26.25
C LEU M 36 6.78 17.38 25.90
N GLY M 37 5.61 17.43 26.46
CA GLY M 37 4.58 16.47 26.15
C GLY M 37 3.68 16.92 25.04
N VAL M 38 2.81 16.01 24.62
CA VAL M 38 1.88 16.29 23.54
C VAL M 38 0.79 17.25 23.99
N GLY M 39 0.45 18.17 23.12
CA GLY M 39 -0.50 19.22 23.39
C GLY M 39 0.13 20.54 23.75
N GLN M 40 1.40 20.55 24.12
CA GLN M 40 2.06 21.75 24.56
C GLN M 40 2.63 22.49 23.37
N TYR M 41 3.25 23.64 23.64
CA TYR M 41 3.61 24.59 22.62
C TYR M 41 5.08 24.97 22.75
N LEU M 42 5.68 25.28 21.62
CA LEU M 42 7.07 25.72 21.54
C LEU M 42 7.16 26.99 20.71
N LEU M 43 8.25 27.73 20.94
CA LEU M 43 8.53 28.95 20.22
C LEU M 43 9.75 28.75 19.32
N VAL M 44 9.61 29.09 18.04
CA VAL M 44 10.68 28.96 17.06
C VAL M 44 10.97 30.31 16.44
N ALA M 45 12.24 30.58 16.19
CA ALA M 45 12.69 31.84 15.63
C ALA M 45 12.69 31.83 14.11
N SER M 46 12.07 32.84 13.51
CA SER M 46 12.03 33.03 12.07
C SER M 46 12.48 34.46 11.81
N GLY M 47 13.78 34.68 11.85
CA GLY M 47 14.35 35.99 11.63
C GLY M 47 14.39 36.84 12.87
N ASN M 48 15.10 37.95 12.75
CA ASN M 48 15.22 38.88 13.85
C ASN M 48 13.85 39.41 14.23
N ASN M 49 13.54 39.35 15.52
CA ASN M 49 12.34 39.96 16.08
C ASN M 49 11.05 39.39 15.48
N LEU M 50 10.89 38.08 15.63
CA LEU M 50 9.66 37.42 15.23
C LEU M 50 9.72 35.97 15.70
N TYR M 51 8.56 35.44 16.09
CA TYR M 51 8.49 34.10 16.63
C TYR M 51 7.28 33.37 16.05
N LEU M 52 7.37 32.05 16.09
CA LEU M 52 6.41 31.15 15.50
C LEU M 52 6.03 30.10 16.53
N LEU M 53 4.75 30.04 16.88
CA LEU M 53 4.24 29.03 17.80
C LEU M 53 3.95 27.73 17.09
N ALA M 54 4.34 26.63 17.71
CA ALA M 54 4.09 25.32 17.15
C ALA M 54 3.62 24.37 18.24
N SER M 55 2.87 23.36 17.83
CA SER M 55 2.26 22.39 18.73
C SER M 55 2.89 21.02 18.57
N ILE M 56 3.24 20.40 19.69
CA ILE M 56 3.93 19.12 19.66
C ILE M 56 2.96 18.00 19.30
N THR M 57 3.38 17.14 18.38
CA THR M 57 2.57 16.03 17.94
C THR M 57 3.42 14.79 17.69
N GLY M 58 4.41 14.55 18.55
CA GLY M 58 5.26 13.40 18.38
C GLY M 58 6.66 13.56 18.92
N VAL M 59 7.05 12.56 19.72
CA VAL M 59 8.34 12.51 20.40
C VAL M 59 8.95 11.14 20.20
N ARG M 60 10.27 11.09 20.07
CA ARG M 60 10.98 9.82 19.93
C ARG M 60 12.38 9.93 20.51
N ALA M 61 12.85 8.80 21.03
CA ALA M 61 14.13 8.70 21.72
C ALA M 61 14.81 7.41 21.34
N THR M 62 16.04 7.49 20.84
CA THR M 62 16.78 6.29 20.43
C THR M 62 18.25 6.41 20.77
N HIS M 63 18.82 5.32 21.23
CA HIS M 63 20.23 5.24 21.61
C HIS M 63 20.93 4.20 20.77
N VAL M 64 21.94 4.64 20.02
CA VAL M 64 22.86 3.74 19.34
C VAL M 64 23.94 4.58 18.70
N ASN M 87 25.31 7.56 20.39
CA ASN M 87 24.69 8.08 21.58
C ASN M 87 23.27 8.55 21.32
N PHE M 88 22.71 9.32 22.24
CA PHE M 88 21.28 9.58 22.22
C PHE M 88 20.87 10.50 21.09
N ARG M 89 19.72 10.20 20.50
CA ARG M 89 18.98 11.09 19.62
C ARG M 89 17.59 11.28 20.18
N PHE M 90 17.10 12.52 20.14
CA PHE M 90 15.73 12.82 20.48
C PHE M 90 15.12 13.68 19.39
N GLN M 91 13.96 13.28 18.91
CA GLN M 91 13.25 13.99 17.87
C GLN M 91 11.88 14.45 18.35
N ILE M 92 11.52 15.66 17.96
CA ILE M 92 10.22 16.25 18.20
C ILE M 92 9.66 16.76 16.88
N ASP M 93 8.36 16.57 16.68
CA ASP M 93 7.68 17.03 15.48
C ASP M 93 6.57 18.01 15.84
N THR M 94 6.33 18.98 14.96
CA THR M 94 5.41 20.06 15.28
C THR M 94 4.54 20.42 14.08
N GLN M 95 3.56 21.30 14.33
CA GLN M 95 2.73 21.94 13.33
C GLN M 95 2.69 23.44 13.62
N PRO M 96 2.84 24.29 12.61
CA PRO M 96 2.68 25.73 12.84
C PRO M 96 1.26 26.13 13.13
N ILE M 97 1.10 27.12 14.00
CA ILE M 97 -0.19 27.69 14.38
C ILE M 97 -0.27 29.18 14.07
N GLY M 98 0.69 29.95 14.55
CA GLY M 98 0.69 31.36 14.25
C GLY M 98 1.96 32.04 14.70
N THR M 99 1.91 33.36 14.65
CA THR M 99 3.09 34.20 14.88
C THR M 99 2.89 35.14 16.04
N LEU M 100 4.01 35.45 16.69
CA LEU M 100 4.07 36.34 17.84
C LEU M 100 5.30 37.21 17.74
N SER M 101 5.11 38.51 17.78
CA SER M 101 6.18 39.47 17.65
C SER M 101 6.81 39.77 19.00
N GLU M 102 7.67 40.77 19.04
CA GLU M 102 8.36 41.13 20.27
C GLU M 102 7.41 41.84 21.23
N ASP M 103 6.63 42.79 20.72
CA ASP M 103 5.75 43.56 21.57
C ASP M 103 4.68 42.68 22.22
N GLY M 104 4.10 41.77 21.46
CA GLY M 104 3.16 40.81 22.00
C GLY M 104 2.02 40.44 21.07
N GLU M 105 1.95 41.09 19.92
CA GLU M 105 0.85 40.84 19.00
C GLU M 105 0.91 39.42 18.47
N PHE M 106 -0.27 38.80 18.39
CA PHE M 106 -0.42 37.42 17.95
C PHE M 106 -1.34 37.37 16.74
N SER M 107 -0.92 36.63 15.73
CA SER M 107 -1.68 36.53 14.50
C SER M 107 -1.70 35.10 14.01
N ARG M 108 -2.90 34.61 13.74
CA ARG M 108 -3.04 33.32 13.09
C ARG M 108 -2.66 33.43 11.63
N GLY M 109 -2.17 32.32 11.10
CA GLY M 109 -1.64 32.28 9.76
C GLY M 109 -0.12 32.31 9.72
N SER M 110 0.47 31.16 9.40
CA SER M 110 1.92 31.03 9.32
C SER M 110 2.36 31.05 7.87
N HIS M 111 2.87 32.20 7.43
CA HIS M 111 3.43 32.29 6.09
C HIS M 111 4.87 31.82 6.05
N SER M 112 5.69 32.29 6.97
CA SER M 112 7.13 32.14 6.85
C SER M 112 7.56 30.69 7.09
N LEU M 113 8.77 30.40 6.65
CA LEU M 113 9.45 29.13 6.88
C LEU M 113 10.73 29.40 7.63
N PRO M 114 10.96 28.78 8.78
CA PRO M 114 12.21 28.98 9.50
C PRO M 114 13.32 28.13 8.90
N VAL M 115 14.41 28.79 8.52
CA VAL M 115 15.55 28.12 7.93
C VAL M 115 16.19 27.25 8.99
N PRO M 116 16.87 26.18 8.61
CA PRO M 116 17.59 25.39 9.60
C PRO M 116 18.63 26.19 10.35
N THR M 117 19.15 25.56 11.39
CA THR M 117 20.11 26.09 12.35
C THR M 117 19.47 27.03 13.36
N GLU M 118 18.15 27.16 13.36
CA GLU M 118 17.46 28.04 14.28
C GLU M 118 17.17 27.37 15.61
N TYR M 119 16.94 28.19 16.62
CA TYR M 119 16.77 27.76 17.99
C TYR M 119 15.30 27.59 18.35
N ALA M 120 15.06 26.71 19.31
CA ALA M 120 13.72 26.45 19.83
C ALA M 120 13.70 26.66 21.33
N TYR M 121 12.72 27.40 21.81
CA TYR M 121 12.55 27.68 23.22
C TYR M 121 11.21 27.17 23.72
N VAL M 122 11.11 27.08 25.04
CA VAL M 122 9.94 26.57 25.73
C VAL M 122 9.08 27.74 26.18
N THR M 123 7.80 27.70 25.82
CA THR M 123 6.90 28.80 26.08
C THR M 123 6.74 29.05 27.57
N PRO M 124 7.04 30.24 28.06
CA PRO M 124 6.75 30.54 29.45
C PRO M 124 5.28 30.83 29.65
N PRO M 125 4.71 30.48 30.80
CA PRO M 125 3.26 30.61 30.98
C PRO M 125 2.73 32.03 30.91
N ALA M 126 3.50 33.02 31.34
CA ALA M 126 3.04 34.40 31.33
C ALA M 126 2.60 34.83 29.93
N VAL M 127 3.30 34.34 28.91
CA VAL M 127 2.96 34.69 27.53
C VAL M 127 1.54 34.24 27.22
N LEU M 128 1.22 33.00 27.55
CA LEU M 128 -0.08 32.45 27.27
C LEU M 128 -1.15 33.14 28.10
N GLU M 129 -0.82 33.46 29.35
CA GLU M 129 -1.74 34.21 30.19
C GLU M 129 -2.11 35.53 29.52
N GLY M 130 -1.12 36.26 29.02
CA GLY M 130 -1.40 37.51 28.34
C GLY M 130 -2.25 37.31 27.09
N ILE M 131 -1.87 36.36 26.27
CA ILE M 131 -2.63 36.10 25.05
C ILE M 131 -4.10 35.88 25.39
N PHE M 132 -4.37 35.06 26.40
CA PHE M 132 -5.75 34.80 26.78
C PHE M 132 -6.41 36.05 27.36
N SER M 133 -5.62 36.89 28.03
CA SER M 133 -6.18 38.08 28.64
C SER M 133 -6.67 39.07 27.60
N HIS M 134 -5.88 39.30 26.56
CA HIS M 134 -6.11 40.42 25.67
C HIS M 134 -7.01 40.12 24.49
N GLN M 135 -7.19 38.86 24.11
CA GLN M 135 -7.81 38.55 22.84
C GLN M 135 -9.05 37.67 22.96
N ILE M 136 -9.71 37.66 24.12
CA ILE M 136 -10.96 36.93 24.31
C ILE M 136 -12.01 37.89 24.82
N LYS M 137 -13.15 37.93 24.13
CA LYS M 137 -14.14 38.98 24.37
C LYS M 137 -14.93 38.69 25.64
N SER M 138 -15.44 37.47 25.78
CA SER M 138 -16.32 37.08 26.88
C SER M 138 -15.69 35.93 27.66
N PRO M 139 -14.91 36.22 28.68
CA PRO M 139 -14.21 35.16 29.40
C PRO M 139 -15.16 34.16 30.04
N PHE M 140 -14.69 32.92 30.15
CA PHE M 140 -15.41 31.87 30.86
C PHE M 140 -14.39 30.82 31.24
N ALA M 141 -14.14 30.67 32.53
CA ALA M 141 -13.14 29.74 32.99
C ALA M 141 -13.65 28.31 32.87
N LEU M 142 -12.86 27.45 32.21
CA LEU M 142 -13.22 26.06 32.04
C LEU M 142 -12.26 25.13 32.78
N GLY M 143 -11.46 25.67 33.69
CA GLY M 143 -10.58 24.86 34.49
C GLY M 143 -9.20 25.43 34.68
N THR M 144 -8.22 24.56 34.79
CA THR M 144 -6.84 24.95 34.98
C THR M 144 -5.98 24.35 33.89
N LEU M 145 -4.84 25.00 33.66
CA LEU M 145 -3.88 24.52 32.68
C LEU M 145 -3.19 23.26 33.19
N GLY M 146 -2.65 22.50 32.26
CA GLY M 146 -2.05 21.22 32.60
C GLY M 146 -0.76 21.35 33.36
N ILE M 147 0.21 22.05 32.77
CA ILE M 147 1.55 22.09 33.35
C ILE M 147 1.56 22.95 34.61
N SER M 148 0.75 24.00 34.65
CA SER M 148 0.71 24.91 35.79
C SER M 148 -0.70 24.96 36.35
N PRO M 149 -0.94 24.55 37.59
CA PRO M 149 -2.31 24.60 38.12
C PRO M 149 -2.77 26.00 38.45
N ASP M 150 -1.85 26.90 38.76
CA ASP M 150 -2.23 28.25 39.17
C ASP M 150 -2.99 28.98 38.06
N ILE M 151 -2.61 28.75 36.80
CA ILE M 151 -3.20 29.49 35.70
C ILE M 151 -4.61 28.99 35.42
N LYS M 152 -5.39 29.84 34.76
CA LYS M 152 -6.78 29.57 34.43
C LYS M 152 -6.98 29.68 32.93
N LEU M 153 -7.89 28.87 32.42
CA LEU M 153 -8.12 28.71 30.99
C LEU M 153 -9.48 29.31 30.63
N LYS M 154 -9.43 30.45 29.98
CA LYS M 154 -10.61 31.25 29.69
C LYS M 154 -11.03 31.05 28.24
N ILE M 155 -12.07 30.27 28.05
CA ILE M 155 -12.67 30.12 26.74
C ILE M 155 -13.78 31.15 26.57
N ASP M 156 -14.20 31.36 25.34
CA ASP M 156 -15.26 32.30 25.04
C ASP M 156 -16.60 31.73 25.48
N GLY M 157 -17.22 32.36 26.48
CA GLY M 157 -18.49 31.87 26.97
C GLY M 157 -19.65 32.17 26.05
N ASP M 158 -19.57 33.27 25.30
CA ASP M 158 -20.70 33.68 24.47
C ASP M 158 -21.01 32.64 23.41
N ARG M 159 -19.99 32.02 22.86
CA ARG M 159 -20.18 31.10 21.74
C ARG M 159 -20.35 29.66 22.17
N PHE M 160 -19.99 29.33 23.40
CA PHE M 160 -20.13 27.95 23.85
C PHE M 160 -21.59 27.60 24.06
N PHE M 161 -22.27 28.35 24.91
CA PHE M 161 -23.65 28.04 25.25
C PHE M 161 -24.59 28.33 24.10
N SER M 162 -24.28 29.34 23.30
CA SER M 162 -25.14 29.70 22.18
C SER M 162 -25.44 28.50 21.30
N LYS M 163 -24.46 27.63 21.12
CA LYS M 163 -24.59 26.47 20.27
C LYS M 163 -24.46 25.19 21.08
N HIS M 164 -24.43 24.06 20.37
CA HIS M 164 -24.45 22.74 20.98
C HIS M 164 -23.10 22.39 21.61
N VAL M 165 -23.09 21.27 22.33
CA VAL M 165 -21.89 20.71 22.94
C VAL M 165 -21.98 19.19 22.90
N ALA M 166 -20.83 18.54 23.05
CA ALA M 166 -20.74 17.10 23.16
C ALA M 166 -19.70 16.71 24.20
N VAL M 167 -20.04 15.74 25.04
CA VAL M 167 -19.14 15.23 26.07
C VAL M 167 -19.09 13.72 25.96
N VAL M 168 -17.88 13.19 25.85
CA VAL M 168 -17.67 11.77 25.61
C VAL M 168 -16.51 11.30 26.46
N GLY M 169 -16.61 10.08 26.95
CA GLY M 169 -15.60 9.50 27.77
C GLY M 169 -16.01 8.11 28.18
N SER M 170 -15.03 7.35 28.61
CA SER M 170 -15.25 5.97 28.99
C SER M 170 -15.53 5.85 30.47
N THR M 171 -15.92 4.65 30.87
CA THR M 171 -16.29 4.41 32.26
C THR M 171 -15.15 4.73 33.19
N GLY M 172 -15.49 5.35 34.31
CA GLY M 172 -14.54 5.62 35.36
C GLY M 172 -13.64 6.81 35.12
N SER M 173 -14.06 7.76 34.29
CA SER M 173 -13.23 8.87 33.90
C SER M 173 -13.70 10.20 34.44
N GLY M 174 -14.89 10.27 35.03
CA GLY M 174 -15.35 11.49 35.64
C GLY M 174 -16.18 12.37 34.75
N LYS M 175 -17.11 11.79 34.01
CA LYS M 175 -17.95 12.59 33.12
C LYS M 175 -18.98 13.37 33.93
N SER M 176 -19.69 12.70 34.82
CA SER M 176 -20.83 13.31 35.46
C SER M 176 -20.40 14.47 36.36
N CYS M 177 -19.32 14.31 37.09
CA CYS M 177 -18.78 15.42 37.87
C CYS M 177 -18.38 16.59 36.98
N ALA M 178 -17.89 16.32 35.78
CA ALA M 178 -17.52 17.39 34.87
C ALA M 178 -18.74 18.17 34.42
N VAL M 179 -19.76 17.46 33.95
CA VAL M 179 -21.01 18.11 33.59
C VAL M 179 -21.56 18.91 34.75
N ALA M 180 -21.49 18.34 35.94
CA ALA M 180 -21.97 19.01 37.14
C ALA M 180 -21.25 20.33 37.34
N LYS M 181 -19.94 20.32 37.20
CA LYS M 181 -19.17 21.54 37.38
C LYS M 181 -19.55 22.60 36.35
N ILE M 182 -19.69 22.17 35.09
CA ILE M 182 -20.05 23.12 34.04
C ILE M 182 -21.38 23.78 34.36
N LEU M 183 -22.39 22.98 34.67
CA LEU M 183 -23.71 23.54 34.92
C LEU M 183 -23.70 24.39 36.19
N GLN M 184 -22.94 23.99 37.18
CA GLN M 184 -22.89 24.74 38.43
C GLN M 184 -22.37 26.14 38.19
N THR M 185 -21.28 26.26 37.45
CA THR M 185 -20.80 27.59 37.11
C THR M 185 -21.73 28.30 36.14
N ALA M 186 -22.51 27.56 35.37
CA ALA M 186 -23.44 28.20 34.45
C ALA M 186 -24.58 28.88 35.19
N VAL M 187 -25.00 28.33 36.33
CA VAL M 187 -26.12 28.92 37.06
C VAL M 187 -25.60 29.69 38.27
N GLY M 188 -24.37 30.18 38.17
CA GLY M 188 -23.88 31.15 39.13
C GLY M 188 -23.82 30.67 40.55
N ILE M 189 -23.44 29.43 40.77
CA ILE M 189 -23.27 28.92 42.12
C ILE M 189 -21.84 28.44 42.30
N LYS M 201 -28.60 36.04 35.81
CA LYS M 201 -29.10 35.92 34.44
C LYS M 201 -30.13 34.81 34.27
N ASN M 202 -30.93 34.95 33.22
CA ASN M 202 -32.09 34.11 32.96
C ASN M 202 -31.77 32.99 31.96
N SER M 203 -31.39 31.83 32.48
CA SER M 203 -31.19 30.65 31.66
C SER M 203 -31.68 29.45 32.45
N HIS M 204 -32.47 28.59 31.80
CA HIS M 204 -33.10 27.46 32.45
C HIS M 204 -32.52 26.15 31.93
N ILE M 205 -32.43 25.17 32.83
CA ILE M 205 -31.84 23.87 32.54
C ILE M 205 -32.88 22.80 32.80
N VAL M 206 -33.05 21.90 31.84
CA VAL M 206 -33.86 20.71 31.99
C VAL M 206 -32.93 19.51 31.84
N ILE M 207 -33.04 18.55 32.75
CA ILE M 207 -32.11 17.44 32.85
C ILE M 207 -32.87 16.14 32.75
N PHE M 208 -32.56 15.34 31.74
CA PHE M 208 -33.04 13.98 31.70
C PHE M 208 -32.11 13.09 32.50
N ASP M 209 -32.68 12.28 33.39
CA ASP M 209 -31.89 11.53 34.37
C ASP M 209 -32.46 10.13 34.53
N ILE M 210 -31.85 9.18 33.84
CA ILE M 210 -32.24 7.79 33.95
C ILE M 210 -31.83 7.21 35.29
N HIS M 211 -30.60 7.49 35.71
CA HIS M 211 -30.01 6.83 36.87
C HIS M 211 -30.22 7.60 38.16
N ALA M 212 -30.80 8.80 38.12
CA ALA M 212 -31.06 9.60 39.31
C ALA M 212 -29.78 9.87 40.10
N GLU M 213 -28.93 10.70 39.49
CA GLU M 213 -27.60 10.93 40.01
C GLU M 213 -27.27 12.40 40.21
N TYR M 214 -28.27 13.28 40.25
CA TYR M 214 -28.02 14.71 40.15
C TYR M 214 -28.69 15.55 41.22
N ALA M 215 -29.51 14.99 42.08
CA ALA M 215 -30.16 15.79 43.11
C ALA M 215 -29.16 16.42 44.05
N ALA M 216 -28.15 15.64 44.45
CA ALA M 216 -27.21 16.12 45.45
C ALA M 216 -26.43 17.33 44.96
N ALA M 217 -26.23 17.45 43.65
CA ALA M 217 -25.42 18.53 43.13
C ALA M 217 -26.02 19.88 43.48
N PHE M 218 -27.34 19.98 43.43
CA PHE M 218 -28.06 21.21 43.70
C PHE M 218 -28.74 21.07 45.06
N ASN M 219 -28.04 21.46 46.11
CA ASN M 219 -28.61 21.40 47.46
C ASN M 219 -27.96 22.51 48.29
N LEU M 220 -28.64 23.64 48.41
CA LEU M 220 -28.29 24.61 49.43
C LEU M 220 -29.53 25.33 49.94
N ALA M 225 -30.81 31.51 46.66
CA ALA M 225 -32.03 31.99 46.03
C ALA M 225 -32.03 31.73 44.54
N PHE M 226 -32.38 30.52 44.14
CA PHE M 226 -32.49 30.17 42.72
C PHE M 226 -33.32 28.90 42.63
N THR M 227 -34.54 29.01 42.11
CA THR M 227 -35.53 27.97 42.28
C THR M 227 -34.93 26.60 41.97
N LEU M 228 -35.34 25.61 42.77
CA LEU M 228 -34.71 24.29 42.79
C LEU M 228 -35.76 23.19 42.73
N ASN M 229 -36.68 23.31 41.78
CA ASN M 229 -37.66 22.27 41.55
C ASN M 229 -36.99 20.91 41.43
N LEU M 230 -37.56 19.92 42.11
CA LEU M 230 -37.04 18.55 42.08
C LEU M 230 -38.21 17.64 41.74
N LEU M 231 -38.48 17.52 40.46
CA LEU M 231 -39.59 16.75 39.97
C LEU M 231 -39.37 15.26 40.16
N GLY M 232 -40.47 14.52 40.18
CA GLY M 232 -40.44 13.08 40.33
C GLY M 232 -41.55 12.38 39.58
N VAL M 233 -41.68 11.07 39.77
CA VAL M 233 -42.73 10.31 39.08
C VAL M 233 -44.11 10.74 39.55
N ASP M 234 -44.39 10.58 40.85
CA ASP M 234 -45.73 10.87 41.35
C ASP M 234 -46.04 12.35 41.22
N ASN M 235 -45.09 13.21 41.59
CA ASN M 235 -45.31 14.64 41.45
C ASN M 235 -45.62 15.03 40.02
N LEU M 236 -45.25 14.19 39.07
CA LEU M 236 -45.47 14.52 37.67
C LEU M 236 -46.93 14.35 37.30
N ARG M 237 -47.38 15.16 36.36
CA ARG M 237 -48.72 15.05 35.81
C ARG M 237 -48.68 15.41 34.34
N LEU M 238 -49.29 14.58 33.52
CA LEU M 238 -49.32 14.81 32.10
C LEU M 238 -50.46 14.02 31.45
N PRO M 239 -51.27 14.64 30.59
CA PRO M 239 -52.41 13.93 30.03
C PRO M 239 -52.15 13.29 28.67
N TYR M 240 -52.92 12.23 28.42
CA TYR M 240 -52.79 11.48 27.19
C TYR M 240 -53.22 12.29 25.98
N TRP M 241 -54.24 13.12 26.13
CA TRP M 241 -54.86 13.75 24.98
C TRP M 241 -54.01 14.85 24.39
N LEU M 242 -52.84 15.11 24.96
CA LEU M 242 -51.88 16.00 24.31
C LEU M 242 -51.06 15.27 23.27
N MET M 243 -51.20 13.96 23.18
CA MET M 243 -50.34 13.17 22.32
C MET M 243 -50.40 13.67 20.89
N ASN M 244 -49.29 13.48 20.19
CA ASN M 244 -49.24 13.69 18.77
C ASN M 244 -49.74 12.44 18.07
N ALA M 245 -49.94 12.56 16.76
CA ALA M 245 -50.58 11.49 16.00
C ALA M 245 -49.91 10.16 16.25
N GLN M 246 -48.63 10.09 15.95
CA GLN M 246 -47.96 8.80 15.88
C GLN M 246 -47.93 8.12 17.25
N GLU M 247 -47.67 8.88 18.31
CA GLU M 247 -47.58 8.26 19.62
C GLU M 247 -48.96 7.95 20.20
N LEU M 248 -49.94 8.79 19.89
CA LEU M 248 -51.32 8.46 20.23
C LEU M 248 -51.72 7.14 19.60
N GLU M 249 -51.24 6.89 18.39
CA GLU M 249 -51.42 5.58 17.78
C GLU M 249 -50.54 4.53 18.44
N GLN M 250 -49.34 4.92 18.86
CA GLN M 250 -48.37 3.98 19.39
C GLN M 250 -48.91 3.28 20.62
N ILE M 251 -49.31 4.05 21.63
CA ILE M 251 -49.48 3.50 22.96
C ILE M 251 -50.46 2.34 22.93
N PHE M 252 -51.48 2.43 22.08
CA PHE M 252 -52.60 1.50 22.10
C PHE M 252 -52.65 0.59 20.89
N ILE M 253 -52.63 1.15 19.68
CA ILE M 253 -52.51 0.32 18.49
C ILE M 253 -51.13 -0.32 18.46
N GLU M 254 -51.11 -1.62 18.23
CA GLU M 254 -49.87 -2.33 17.89
C GLU M 254 -50.16 -3.32 16.78
N SER M 255 -49.36 -3.27 15.72
CA SER M 255 -49.60 -4.09 14.54
C SER M 255 -49.69 -5.59 14.86
N ASN M 256 -49.35 -6.00 16.08
CA ASN M 256 -49.53 -7.39 16.46
C ASN M 256 -50.90 -7.91 16.07
N GLU M 257 -51.93 -7.07 16.18
CA GLU M 257 -53.28 -7.47 15.83
C GLU M 257 -53.44 -7.51 14.32
N HIS M 258 -53.91 -8.65 13.80
CA HIS M 258 -54.16 -8.80 12.38
C HIS M 258 -55.62 -8.52 12.01
N ASN M 259 -56.42 -8.06 12.97
CA ASN M 259 -57.74 -7.51 12.71
C ASN M 259 -57.71 -6.01 12.43
N SER M 260 -56.56 -5.48 12.01
CA SER M 260 -56.41 -4.05 11.85
C SER M 260 -57.21 -3.48 10.69
N HIS M 261 -57.49 -4.30 9.67
CA HIS M 261 -57.95 -3.76 8.39
C HIS M 261 -59.09 -2.76 8.57
N ASN M 262 -60.17 -3.18 9.20
CA ASN M 262 -61.28 -2.27 9.50
C ASN M 262 -61.06 -1.56 10.83
N GLN M 263 -60.28 -2.18 11.71
CA GLN M 263 -60.21 -1.77 13.10
C GLN M 263 -59.49 -0.44 13.26
N ILE M 264 -58.34 -0.29 12.61
CA ILE M 264 -57.62 0.97 12.77
C ILE M 264 -58.41 2.10 12.14
N SER M 265 -59.13 1.81 11.05
CA SER M 265 -60.06 2.78 10.48
C SER M 265 -61.06 3.27 11.53
N GLN M 266 -61.89 2.37 12.04
CA GLN M 266 -62.91 2.82 12.99
C GLN M 266 -62.33 3.28 14.32
N PHE M 267 -61.11 2.85 14.64
CA PHE M 267 -60.40 3.31 15.82
C PHE M 267 -60.11 4.80 15.69
N ARG M 268 -59.44 5.17 14.60
CA ARG M 268 -59.26 6.58 14.29
C ARG M 268 -60.59 7.29 14.22
N HIS M 269 -61.63 6.59 13.73
CA HIS M 269 -62.90 7.24 13.47
C HIS M 269 -63.52 7.73 14.77
N ALA M 270 -63.58 6.86 15.78
CA ALA M 270 -64.26 7.20 17.02
C ALA M 270 -63.60 8.42 17.67
N VAL M 271 -62.26 8.42 17.73
CA VAL M 271 -61.57 9.53 18.36
C VAL M 271 -61.70 10.79 17.51
N VAL M 272 -61.85 10.63 16.19
CA VAL M 272 -62.20 11.78 15.36
C VAL M 272 -63.56 12.32 15.76
N ARG M 273 -64.49 11.42 16.06
CA ARG M 273 -65.86 11.85 16.33
C ARG M 273 -65.96 12.57 17.65
N ASN M 274 -65.45 11.96 18.72
CA ASN M 274 -65.87 12.37 20.06
C ASN M 274 -65.22 13.66 20.51
N LYS M 275 -64.10 14.05 19.88
CA LYS M 275 -63.41 15.27 20.30
C LYS M 275 -64.33 16.47 20.16
N CYS M 276 -65.06 16.56 19.05
CA CYS M 276 -65.86 17.74 18.78
C CYS M 276 -67.07 17.78 19.70
N LYS M 277 -67.76 16.65 19.88
CA LYS M 277 -68.94 16.63 20.74
C LYS M 277 -68.54 16.96 22.17
N HIS M 278 -67.47 16.36 22.67
CA HIS M 278 -67.12 16.60 24.07
C HIS M 278 -66.66 18.03 24.29
N ASN M 279 -66.30 18.74 23.22
CA ASN M 279 -65.97 20.16 23.27
C ASN M 279 -66.94 20.89 22.36
N PRO M 280 -68.18 21.10 22.80
CA PRO M 280 -69.20 21.67 21.89
C PRO M 280 -69.01 23.15 21.62
N THR M 281 -68.38 23.91 22.51
CA THR M 281 -68.35 25.36 22.37
C THR M 281 -67.66 25.76 21.07
N LEU M 282 -66.42 25.31 20.89
CA LEU M 282 -65.69 25.65 19.68
C LEU M 282 -66.30 24.93 18.48
N THR M 283 -65.79 25.26 17.30
CA THR M 283 -66.37 24.81 16.04
C THR M 283 -66.50 23.28 15.99
N ASN M 284 -65.37 22.60 15.92
CA ASN M 284 -65.31 21.18 15.62
C ASN M 284 -63.86 20.75 15.73
N LEU M 285 -63.63 19.45 15.82
CA LEU M 285 -62.33 18.92 16.18
C LEU M 285 -62.01 17.68 15.36
N SER M 286 -60.72 17.37 15.27
CA SER M 286 -60.19 16.27 14.49
C SER M 286 -59.25 15.46 15.36
N PHE M 287 -58.66 14.40 14.76
CA PHE M 287 -57.69 13.60 15.48
C PHE M 287 -56.50 14.44 15.94
N ASP M 288 -55.98 15.29 15.05
CA ASP M 288 -54.72 15.97 15.32
C ASP M 288 -54.83 16.96 16.46
N THR M 289 -56.03 17.48 16.73
CA THR M 289 -56.15 18.59 17.64
C THR M 289 -55.92 18.13 19.08
N PRO M 290 -54.99 18.75 19.82
CA PRO M 290 -54.86 18.44 21.24
C PRO M 290 -55.76 19.31 22.11
N VAL M 291 -57.00 18.90 22.29
CA VAL M 291 -57.96 19.60 23.15
C VAL M 291 -58.71 18.58 23.99
N TYR M 292 -59.41 19.08 25.01
CA TYR M 292 -59.96 18.22 26.03
C TYR M 292 -60.85 17.16 25.41
N PHE M 293 -61.03 16.07 26.15
CA PHE M 293 -61.52 14.85 25.53
C PHE M 293 -61.64 13.80 26.63
N SER M 294 -62.27 12.69 26.29
CA SER M 294 -62.22 11.47 27.09
C SER M 294 -62.08 10.28 26.16
N ILE M 295 -61.42 9.25 26.66
CA ILE M 295 -61.33 7.98 25.94
C ILE M 295 -62.31 6.95 26.51
N ASP M 296 -62.79 7.15 27.74
CA ASP M 296 -63.72 6.21 28.34
C ASP M 296 -64.95 5.99 27.48
N GLU M 297 -65.56 7.07 26.97
CA GLU M 297 -66.79 6.84 26.23
C GLU M 297 -66.52 6.59 24.75
N VAL M 298 -65.30 6.80 24.29
CA VAL M 298 -64.89 6.16 23.04
C VAL M 298 -64.92 4.65 23.20
N VAL M 299 -64.35 4.16 24.31
CA VAL M 299 -64.43 2.73 24.59
C VAL M 299 -65.90 2.30 24.70
N THR M 300 -66.74 3.17 25.27
CA THR M 300 -68.14 2.77 25.43
C THR M 300 -68.87 2.80 24.09
N TYR M 301 -68.47 3.69 23.18
CA TYR M 301 -69.05 3.74 21.85
C TYR M 301 -68.68 2.50 21.04
N LEU M 302 -67.43 2.07 21.14
CA LEU M 302 -67.05 0.85 20.45
C LEU M 302 -67.71 -0.35 21.11
N GLU M 303 -67.92 -0.29 22.42
CA GLU M 303 -68.67 -1.35 23.08
C GLU M 303 -70.11 -1.39 22.61
N ASN M 304 -70.69 -0.22 22.32
CA ASN M 304 -72.01 -0.17 21.72
C ASN M 304 -72.01 -0.81 20.33
N MET M 305 -71.16 -0.30 19.44
CA MET M 305 -71.16 -0.82 18.07
C MET M 305 -70.98 -2.33 18.08
N ASN M 306 -70.18 -2.86 19.02
CA ASN M 306 -70.14 -4.30 19.20
C ASN M 306 -71.46 -4.82 19.73
N ASN M 307 -72.17 -4.02 20.53
CA ASN M 307 -73.43 -4.48 21.11
C ASN M 307 -74.57 -4.48 20.09
N GLU M 308 -74.65 -3.46 19.25
CA GLU M 308 -75.86 -3.23 18.47
C GLU M 308 -76.07 -4.29 17.40
N VAL M 309 -77.35 -4.49 17.07
CA VAL M 309 -77.81 -5.38 16.00
C VAL M 309 -78.94 -4.66 15.28
N ILE M 310 -79.06 -4.83 13.96
CA ILE M 310 -80.00 -4.05 13.17
C ILE M 310 -81.04 -4.97 12.55
N GLY M 311 -82.31 -4.62 12.72
CA GLY M 311 -83.38 -5.43 12.16
C GLY M 311 -83.41 -5.36 10.64
N LYS M 312 -83.95 -6.41 10.03
CA LYS M 312 -84.05 -6.52 8.59
C LYS M 312 -85.44 -6.25 8.05
N LEU M 313 -86.40 -5.93 8.91
CA LEU M 313 -87.78 -5.77 8.44
C LEU M 313 -87.88 -4.61 7.46
N ALA M 314 -88.77 -4.77 6.47
CA ALA M 314 -88.91 -3.76 5.43
C ALA M 314 -89.28 -2.42 6.02
N GLY M 315 -88.69 -1.35 5.48
CA GLY M 315 -88.91 -0.03 6.01
C GLY M 315 -88.34 0.18 7.39
N GLU M 316 -87.49 -0.74 7.85
CA GLU M 316 -86.89 -0.69 9.19
C GLU M 316 -85.40 -0.94 9.10
N GLY M 317 -84.74 -0.23 8.18
CA GLY M 317 -83.30 -0.29 8.08
C GLY M 317 -82.67 0.52 9.20
N LYS M 318 -83.02 0.20 10.44
CA LYS M 318 -82.62 0.99 11.60
C LYS M 318 -82.29 0.01 12.72
N PRO M 319 -81.29 0.32 13.55
CA PRO M 319 -80.85 -0.67 14.56
C PRO M 319 -81.95 -1.21 15.46
N LYS M 320 -81.69 -2.40 16.02
CA LYS M 320 -82.67 -3.20 16.75
C LYS M 320 -82.57 -2.89 18.25
N LEU M 321 -83.45 -2.05 18.75
CA LEU M 321 -83.46 -1.77 20.18
C LEU M 321 -84.37 -2.75 20.93
N ALA M 322 -84.17 -2.80 22.25
CA ALA M 322 -84.99 -3.66 23.10
C ALA M 322 -86.44 -3.21 23.09
N ASN M 323 -86.69 -1.91 22.95
CA ASN M 323 -88.02 -1.38 22.74
C ASN M 323 -88.43 -1.34 21.27
N GLU M 324 -87.55 -1.82 20.39
CA GLU M 324 -87.72 -1.69 18.94
C GLU M 324 -87.75 -0.24 18.50
N THR M 325 -87.12 0.64 19.27
CA THR M 325 -86.82 1.99 18.79
C THR M 325 -85.89 1.90 17.59
N LEU M 326 -85.69 3.03 16.92
CA LEU M 326 -84.89 3.09 15.71
C LEU M 326 -83.88 4.22 15.84
N VAL M 327 -82.62 3.92 15.52
CA VAL M 327 -81.52 4.88 15.69
C VAL M 327 -81.28 5.55 14.34
N SER M 328 -81.67 6.81 14.23
CA SER M 328 -81.32 7.59 13.05
C SER M 328 -79.84 7.94 13.06
N ASP M 329 -79.31 8.32 14.23
CA ASP M 329 -77.93 8.73 14.38
C ASP M 329 -77.30 7.91 15.50
N ARG M 330 -76.18 7.26 15.20
CA ARG M 330 -75.46 6.50 16.22
C ARG M 330 -74.76 7.42 17.20
N ASP M 331 -74.29 8.57 16.71
CA ASP M 331 -73.65 9.55 17.60
C ASP M 331 -74.62 10.09 18.64
N GLU M 332 -75.93 9.92 18.43
CA GLU M 332 -76.92 10.48 19.35
C GLU M 332 -76.97 9.70 20.66
N LEU M 333 -77.11 8.38 20.56
CA LEU M 333 -77.53 7.56 21.69
C LEU M 333 -76.39 6.79 22.34
N TYR M 334 -75.37 6.39 21.59
CA TYR M 334 -74.41 5.45 22.14
C TYR M 334 -73.40 6.12 23.06
N PHE M 335 -73.05 7.38 22.79
CA PHE M 335 -72.01 8.03 23.57
C PHE M 335 -72.46 8.37 24.99
N ASP M 336 -73.75 8.66 25.18
CA ASP M 336 -74.22 9.04 26.51
C ASP M 336 -74.21 7.84 27.47
N ALA M 337 -74.54 6.65 26.98
CA ALA M 337 -74.59 5.48 27.84
C ALA M 337 -74.57 4.24 26.96
N VAL M 338 -74.32 3.09 27.61
CA VAL M 338 -74.34 1.82 26.89
C VAL M 338 -75.76 1.34 26.68
N GLN M 339 -75.93 0.45 25.70
CA GLN M 339 -77.22 -0.03 25.25
C GLN M 339 -77.26 -1.55 25.30
N SER M 340 -78.47 -2.09 25.40
CA SER M 340 -78.74 -3.52 25.41
C SER M 340 -79.79 -3.82 24.35
N PHE M 341 -79.42 -4.57 23.32
CA PHE M 341 -80.31 -4.88 22.21
C PHE M 341 -80.60 -6.37 22.18
N ILE M 342 -81.67 -6.72 21.48
CA ILE M 342 -82.23 -8.06 21.52
C ILE M 342 -81.50 -8.97 20.54
N VAL M 343 -81.63 -10.28 20.78
CA VAL M 343 -81.03 -11.27 19.89
C VAL M 343 -81.69 -11.17 18.50
N ALA M 344 -80.93 -11.53 17.48
CA ALA M 344 -81.48 -11.78 16.15
C ALA M 344 -81.82 -13.24 15.98
N SER M 345 -83.04 -13.52 15.52
CA SER M 345 -83.51 -14.89 15.29
C SER M 345 -84.22 -14.94 13.95
N GLN M 346 -84.15 -16.09 13.28
CA GLN M 346 -84.58 -16.18 11.88
C GLN M 346 -86.08 -15.97 11.72
N ALA M 347 -86.87 -16.16 12.77
CA ALA M 347 -88.31 -15.96 12.64
C ALA M 347 -88.59 -14.58 12.06
N ALA M 348 -89.59 -14.53 11.17
CA ALA M 348 -89.82 -13.31 10.40
C ALA M 348 -90.19 -12.13 11.29
N ALA M 349 -90.95 -12.38 12.36
CA ALA M 349 -91.40 -11.28 13.21
C ALA M 349 -90.22 -10.51 13.80
N THR M 350 -89.21 -11.23 14.28
CA THR M 350 -88.06 -10.63 14.97
C THR M 350 -86.76 -10.82 14.19
N LYS M 351 -86.84 -11.08 12.88
CA LYS M 351 -85.62 -11.28 12.10
C LYS M 351 -84.75 -10.05 12.11
N ALA M 352 -83.46 -10.26 12.36
CA ALA M 352 -82.50 -9.17 12.45
C ALA M 352 -81.13 -9.67 12.01
N SER M 353 -80.29 -8.74 11.56
CA SER M 353 -78.93 -9.01 11.15
C SER M 353 -77.95 -8.49 12.19
N ASN M 354 -77.02 -9.34 12.60
CA ASN M 354 -75.93 -8.92 13.46
C ASN M 354 -74.94 -8.11 12.64
N GLY M 355 -74.48 -6.99 13.20
CA GLY M 355 -73.70 -6.04 12.45
C GLY M 355 -72.32 -6.57 12.15
N PRO M 356 -71.66 -5.98 11.15
CA PRO M 356 -70.24 -6.32 10.90
C PRO M 356 -69.35 -5.96 12.07
N PHE M 357 -69.84 -5.13 13.00
CA PHE M 357 -69.05 -4.73 14.16
C PHE M 357 -68.64 -5.93 15.00
N ASN M 358 -69.46 -6.97 15.04
CA ASN M 358 -69.37 -7.99 16.08
C ASN M 358 -68.21 -8.94 15.85
N GLY M 359 -67.46 -9.22 16.91
CA GLY M 359 -66.47 -10.28 16.92
C GLY M 359 -65.28 -10.10 16.00
N GLU M 360 -64.78 -8.87 15.87
CA GLU M 360 -63.52 -8.61 15.19
C GLU M 360 -62.46 -8.03 16.11
N PHE M 361 -62.76 -6.94 16.82
CA PHE M 361 -61.76 -6.25 17.64
C PHE M 361 -61.91 -6.54 19.13
N ASP M 362 -62.51 -7.67 19.49
CA ASP M 362 -62.63 -8.02 20.91
C ASP M 362 -61.27 -7.99 21.60
N ARG M 363 -60.24 -8.40 20.87
CA ARG M 363 -58.90 -8.52 21.46
C ARG M 363 -58.36 -7.16 21.88
N MET M 364 -58.44 -6.17 20.98
CA MET M 364 -58.00 -4.84 21.35
C MET M 364 -58.73 -4.36 22.59
N ILE M 365 -59.99 -4.74 22.74
CA ILE M 365 -60.80 -4.19 23.82
C ILE M 365 -60.44 -4.85 25.14
N LEU M 366 -60.21 -6.16 25.15
CA LEU M 366 -59.73 -6.77 26.37
C LEU M 366 -58.37 -6.21 26.75
N ARG M 367 -57.54 -5.90 25.75
CA ARG M 367 -56.24 -5.34 26.02
C ARG M 367 -56.36 -3.95 26.64
N LEU M 368 -57.21 -3.11 26.07
CA LEU M 368 -57.37 -1.75 26.57
C LEU M 368 -58.12 -1.73 27.88
N HIS M 369 -58.81 -2.81 28.21
CA HIS M 369 -59.37 -2.94 29.55
C HIS M 369 -58.28 -3.34 30.53
N THR M 370 -57.34 -4.16 30.09
CA THR M 370 -56.17 -4.46 30.92
C THR M 370 -55.40 -3.19 31.24
N ARG M 371 -55.17 -2.36 30.23
CA ARG M 371 -54.27 -1.23 30.39
C ARG M 371 -54.64 -0.36 31.58
N LEU M 372 -55.89 0.09 31.63
CA LEU M 372 -56.28 1.11 32.59
C LEU M 372 -56.10 0.63 34.02
N ALA M 373 -56.23 -0.67 34.26
CA ALA M 373 -56.01 -1.19 35.61
C ALA M 373 -54.56 -1.06 36.04
N ASP M 374 -53.64 -0.90 35.09
CA ASP M 374 -52.22 -0.80 35.40
C ASP M 374 -51.99 0.36 36.36
N PRO M 375 -51.63 0.09 37.61
CA PRO M 375 -51.50 1.19 38.57
C PRO M 375 -50.49 2.25 38.18
N ARG M 376 -49.26 1.84 37.86
CA ARG M 376 -48.20 2.82 37.74
C ARG M 376 -48.41 3.75 36.56
N LEU M 377 -49.00 3.24 35.48
CA LEU M 377 -49.29 4.07 34.31
C LEU M 377 -50.45 5.02 34.55
N GLN M 378 -51.11 4.95 35.70
CA GLN M 378 -52.33 5.73 35.91
C GLN M 378 -52.09 7.21 35.67
N PHE M 379 -50.92 7.71 36.06
CA PHE M 379 -50.69 9.15 35.97
C PHE M 379 -50.87 9.65 34.55
N LEU M 380 -50.69 8.79 33.56
CA LEU M 380 -50.87 9.22 32.18
C LEU M 380 -52.34 9.39 31.85
N PHE M 381 -53.18 8.45 32.33
CA PHE M 381 -54.60 8.45 31.97
C PHE M 381 -55.41 9.38 32.84
N TYR M 382 -55.35 9.18 34.16
CA TYR M 382 -56.21 9.89 35.11
C TYR M 382 -55.35 10.72 36.05
N PRO M 383 -54.88 11.87 35.59
CA PRO M 383 -54.30 12.86 36.50
C PRO M 383 -55.36 13.81 37.05
N LYS M 384 -55.10 14.28 38.27
CA LYS M 384 -55.98 15.21 38.95
C LYS M 384 -55.16 16.28 39.66
N LYS M 385 -55.77 17.46 39.83
CA LYS M 385 -55.05 18.66 40.19
C LYS M 385 -54.74 18.68 41.69
N GLU M 386 -54.13 19.77 42.14
CA GLU M 386 -53.72 19.88 43.54
C GLU M 386 -54.93 19.86 44.48
N ASP M 387 -56.03 20.49 44.08
CA ASP M 387 -57.21 20.52 44.94
C ASP M 387 -57.86 19.14 45.05
N GLY M 388 -57.73 18.33 44.01
CA GLY M 388 -58.46 17.08 43.89
C GLY M 388 -59.27 16.98 42.61
N GLU M 389 -59.46 18.08 41.91
CA GLU M 389 -60.21 18.08 40.67
C GLU M 389 -59.43 17.34 39.59
N ASP M 390 -60.18 16.77 38.64
CA ASP M 390 -59.55 16.30 37.42
C ASP M 390 -59.13 17.50 36.58
N LEU M 391 -57.97 17.37 35.92
CA LEU M 391 -57.39 18.51 35.21
C LEU M 391 -58.38 19.06 34.17
N ALA M 392 -58.41 20.38 34.07
CA ALA M 392 -59.15 21.10 33.05
C ALA M 392 -58.17 21.71 32.05
N THR M 393 -58.69 22.04 30.87
CA THR M 393 -57.83 22.58 29.83
C THR M 393 -57.19 23.88 30.26
N GLY M 394 -57.87 24.64 31.11
CA GLY M 394 -57.38 25.97 31.44
C GLY M 394 -55.97 25.96 32.01
N ASP M 395 -55.64 24.92 32.78
CA ASP M 395 -54.32 24.83 33.38
C ASP M 395 -53.33 24.03 32.53
N PHE M 396 -53.62 23.85 31.25
CA PHE M 396 -52.62 23.28 30.33
C PHE M 396 -51.29 23.98 30.51
N ALA M 397 -51.26 25.26 30.17
CA ALA M 397 -50.04 26.04 30.37
C ALA M 397 -49.47 25.83 31.75
N ASP M 398 -50.32 25.61 32.75
CA ASP M 398 -49.85 25.48 34.12
C ASP M 398 -48.78 24.41 34.21
N VAL M 399 -49.05 23.24 33.64
CA VAL M 399 -48.06 22.17 33.71
C VAL M 399 -46.85 22.53 32.86
N VAL M 400 -47.07 23.19 31.73
CA VAL M 400 -45.94 23.74 30.99
C VAL M 400 -45.10 24.61 31.91
N ARG M 401 -45.75 25.43 32.72
CA ARG M 401 -45.01 26.31 33.61
C ARG M 401 -44.12 25.50 34.54
N GLN M 402 -44.57 24.32 34.95
CA GLN M 402 -43.79 23.53 35.88
C GLN M 402 -42.42 23.19 35.33
N PHE M 403 -42.27 23.24 34.01
CA PHE M 403 -40.93 23.13 33.42
C PHE M 403 -40.24 24.49 33.41
N VAL M 404 -40.92 25.50 32.88
CA VAL M 404 -40.27 26.77 32.58
C VAL M 404 -40.07 27.56 33.87
N GLY M 405 -41.07 27.59 34.73
CA GLY M 405 -40.98 28.42 35.91
C GLY M 405 -41.17 29.89 35.57
N TYR M 406 -40.31 30.74 36.13
CA TYR M 406 -40.43 32.18 36.01
C TYR M 406 -39.27 32.77 35.22
N MET M 407 -39.58 33.81 34.47
CA MET M 407 -38.57 34.49 33.68
C MET M 407 -37.48 35.06 34.57
N THR M 408 -37.85 35.64 35.70
CA THR M 408 -36.86 35.94 36.71
C THR M 408 -36.60 34.71 37.56
N LYS M 409 -35.44 34.66 38.21
CA LYS M 409 -35.03 33.52 39.02
C LYS M 409 -35.02 32.23 38.22
N SER M 410 -34.11 32.19 37.24
CA SER M 410 -34.04 31.07 36.33
C SER M 410 -34.08 29.76 37.10
N ASN M 411 -34.59 28.73 36.44
CA ASN M 411 -34.99 27.48 37.06
C ASN M 411 -34.26 26.30 36.45
N VAL M 412 -34.18 25.23 37.26
CA VAL M 412 -33.62 23.96 36.85
C VAL M 412 -34.61 22.87 37.21
N SER M 413 -34.85 21.96 36.27
CA SER M 413 -35.80 20.88 36.42
C SER M 413 -35.11 19.54 36.28
N ILE M 414 -35.60 18.55 37.02
CA ILE M 414 -35.02 17.23 37.04
C ILE M 414 -36.12 16.19 36.91
N ILE M 415 -36.18 15.54 35.78
CA ILE M 415 -36.99 14.35 35.62
C ILE M 415 -36.22 13.17 36.19
N ASP M 416 -36.94 12.23 36.79
CA ASP M 416 -36.37 10.95 37.21
C ASP M 416 -37.12 9.86 36.48
N LEU M 417 -36.40 9.10 35.66
CA LEU M 417 -37.00 8.22 34.68
C LEU M 417 -36.84 6.75 35.03
N SER M 418 -36.42 6.44 36.25
CA SER M 418 -36.29 5.04 36.63
C SER M 418 -37.64 4.38 36.81
N GLY M 419 -38.57 5.07 37.45
CA GLY M 419 -39.88 4.49 37.71
C GLY M 419 -40.71 4.35 36.45
N ILE M 420 -40.53 5.26 35.49
CA ILE M 420 -41.29 5.16 34.25
C ILE M 420 -41.02 3.82 33.60
N PRO M 421 -42.04 3.05 33.23
CA PRO M 421 -41.81 1.79 32.54
C PRO M 421 -41.02 1.99 31.26
N PHE M 422 -40.39 0.91 30.82
CA PHE M 422 -39.46 0.99 29.72
C PHE M 422 -40.16 1.04 28.37
N GLU M 423 -41.42 0.60 28.31
CA GLU M 423 -42.16 0.62 27.07
C GLU M 423 -42.77 1.98 26.74
N VAL M 424 -42.70 2.95 27.66
CA VAL M 424 -43.28 4.27 27.48
C VAL M 424 -42.23 5.38 27.50
N LEU M 425 -40.96 5.04 27.67
CA LEU M 425 -39.94 6.05 27.86
C LEU M 425 -39.80 6.92 26.62
N SER M 426 -39.72 6.28 25.46
CA SER M 426 -39.59 7.01 24.21
C SER M 426 -40.74 7.98 24.00
N ILE M 427 -41.96 7.53 24.30
CA ILE M 427 -43.13 8.38 24.13
C ILE M 427 -43.03 9.60 25.02
N VAL M 428 -42.75 9.36 26.30
CA VAL M 428 -42.64 10.46 27.24
C VAL M 428 -41.66 11.50 26.73
N VAL M 429 -40.50 11.03 26.28
CA VAL M 429 -39.45 11.97 25.93
C VAL M 429 -39.81 12.73 24.68
N SER M 430 -40.42 12.06 23.69
CA SER M 430 -40.81 12.77 22.48
C SER M 430 -41.81 13.86 22.79
N LEU M 431 -42.80 13.55 23.62
CA LEU M 431 -43.82 14.54 23.93
C LEU M 431 -43.21 15.73 24.64
N ILE M 432 -42.41 15.48 25.68
CA ILE M 432 -41.80 16.57 26.41
C ILE M 432 -40.94 17.40 25.47
N SER M 433 -40.28 16.75 24.52
CA SER M 433 -39.32 17.46 23.69
C SER M 433 -40.03 18.38 22.73
N ARG M 434 -41.04 17.88 22.03
CA ARG M 434 -41.75 18.74 21.08
C ARG M 434 -42.49 19.84 21.80
N MET M 435 -43.03 19.56 22.99
CA MET M 435 -43.68 20.61 23.76
C MET M 435 -42.70 21.72 24.11
N ILE M 436 -41.57 21.36 24.72
CA ILE M 436 -40.66 22.40 25.18
C ILE M 436 -40.04 23.12 24.01
N PHE M 437 -39.91 22.46 22.87
CA PHE M 437 -39.43 23.13 21.67
C PHE M 437 -40.44 24.19 21.21
N ASP M 438 -41.66 23.76 20.93
CA ASP M 438 -42.64 24.67 20.37
C ASP M 438 -43.05 25.78 21.32
N PHE M 439 -42.90 25.58 22.62
CA PHE M 439 -43.26 26.64 23.56
C PHE M 439 -42.50 27.92 23.23
N GLY M 440 -41.25 27.77 22.79
CA GLY M 440 -40.42 28.94 22.57
C GLY M 440 -40.82 29.71 21.33
N PHE M 441 -41.17 28.98 20.27
CA PHE M 441 -41.54 29.59 18.99
C PHE M 441 -42.40 30.80 19.22
N HIS M 442 -43.42 30.66 20.05
CA HIS M 442 -44.36 31.74 20.28
C HIS M 442 -43.70 32.89 21.03
N TYR M 443 -42.81 32.60 21.96
CA TYR M 443 -42.17 33.66 22.73
C TYR M 443 -41.24 34.48 21.85
N SER M 444 -40.46 33.81 21.01
CA SER M 444 -39.53 34.50 20.13
C SER M 444 -40.25 35.22 19.00
N LYS M 445 -41.36 34.65 18.52
CA LYS M 445 -42.08 35.15 17.35
C LYS M 445 -42.20 36.66 17.35
N ASN M 446 -42.83 37.24 18.37
CA ASN M 446 -43.14 38.67 18.30
C ASN M 446 -41.87 39.49 18.11
N ARG M 447 -40.76 39.03 18.68
CA ARG M 447 -39.46 39.67 18.49
C ARG M 447 -38.64 38.92 17.44
N SER M 454 -33.86 36.48 22.08
CA SER M 454 -34.46 35.66 23.12
C SER M 454 -33.88 36.00 24.49
N ASP M 455 -34.76 36.27 25.45
CA ASP M 455 -34.30 36.64 26.79
C ASP M 455 -33.84 35.42 27.57
N VAL M 456 -34.48 34.28 27.36
CA VAL M 456 -34.18 33.07 28.14
C VAL M 456 -33.95 31.90 27.18
N PRO M 457 -32.73 31.41 27.05
CA PRO M 457 -32.51 30.16 26.33
C PRO M 457 -32.57 28.97 27.26
N ILE M 458 -33.38 27.98 26.92
CA ILE M 458 -33.50 26.77 27.70
C ILE M 458 -32.51 25.74 27.17
N LEU M 459 -31.96 24.95 28.08
CA LEU M 459 -30.91 24.00 27.77
C LEU M 459 -31.36 22.60 28.19
N VAL M 460 -31.43 21.70 27.23
CA VAL M 460 -31.86 20.33 27.43
C VAL M 460 -30.61 19.45 27.52
N VAL M 461 -30.47 18.73 28.64
CA VAL M 461 -29.30 17.91 28.90
C VAL M 461 -29.71 16.45 28.84
N CYS M 462 -29.17 15.76 27.83
CA CYS M 462 -29.47 14.37 27.54
C CYS M 462 -28.32 13.47 27.97
N GLU M 463 -28.49 12.82 29.12
CA GLU M 463 -27.63 11.76 29.59
C GLU M 463 -28.01 10.42 28.95
N GLU M 464 -27.12 9.45 29.11
CA GLU M 464 -27.25 8.12 28.53
C GLU M 464 -27.93 8.18 27.18
N ALA M 465 -27.45 9.08 26.33
CA ALA M 465 -28.09 9.31 25.05
C ALA M 465 -28.25 8.02 24.26
N HIS M 466 -27.24 7.16 24.30
CA HIS M 466 -27.26 6.00 23.42
C HIS M 466 -28.41 5.06 23.73
N ASN M 467 -28.97 5.14 24.92
CA ASN M 467 -30.07 4.26 25.28
C ASN M 467 -31.28 4.51 24.38
N TYR M 468 -31.53 5.77 24.05
CA TYR M 468 -32.78 6.16 23.41
C TYR M 468 -32.55 7.05 22.19
N LEU M 469 -31.47 6.85 21.49
CA LEU M 469 -31.22 7.50 20.22
C LEU M 469 -30.31 6.63 19.38
N PRO M 470 -30.65 5.36 19.19
CA PRO M 470 -29.70 4.41 18.62
C PRO M 470 -29.31 4.75 17.19
N ARG M 471 -28.22 4.12 16.76
CA ARG M 471 -27.75 4.30 15.39
C ARG M 471 -28.78 3.78 14.40
N SER M 472 -29.19 2.52 14.56
CA SER M 472 -30.27 1.95 13.77
C SER M 472 -31.11 1.07 14.69
N GLY M 473 -32.40 1.33 14.75
CA GLY M 473 -33.28 0.57 15.63
C GLY M 473 -34.70 0.62 15.13
N GLY M 474 -35.53 -0.22 15.76
CA GLY M 474 -36.92 -0.36 15.35
C GLY M 474 -37.76 0.85 15.71
N ALA M 475 -39.06 0.62 15.83
CA ALA M 475 -39.99 1.71 16.10
C ALA M 475 -39.94 2.15 17.55
N ALA M 476 -39.61 1.24 18.45
CA ALA M 476 -39.74 1.54 19.87
C ALA M 476 -38.98 2.78 20.25
N TYR M 477 -37.85 3.02 19.59
CA TYR M 477 -37.02 4.17 19.88
C TYR M 477 -37.03 5.18 18.73
N ASP M 478 -37.77 4.90 17.66
CA ASP M 478 -37.87 5.86 16.57
C ASP M 478 -38.63 7.09 16.99
N ALA M 479 -39.64 6.92 17.83
CA ALA M 479 -40.51 8.03 18.19
C ALA M 479 -39.71 9.22 18.69
N SER M 480 -38.66 8.97 19.48
CA SER M 480 -37.84 10.05 20.00
C SER M 480 -36.86 10.55 18.95
N ARG M 481 -36.32 9.64 18.14
CA ARG M 481 -35.31 10.02 17.16
C ARG M 481 -35.79 11.18 16.30
N LYS M 482 -37.10 11.31 16.14
CA LYS M 482 -37.65 12.36 15.30
C LYS M 482 -37.57 13.72 15.98
N SER M 483 -37.97 13.80 17.24
CA SER M 483 -38.06 15.09 17.91
C SER M 483 -36.68 15.71 18.08
N ILE M 484 -35.72 14.91 18.54
CA ILE M 484 -34.41 15.46 18.86
C ILE M 484 -33.71 15.96 17.60
N GLU M 485 -33.63 15.09 16.59
CA GLU M 485 -32.79 15.41 15.44
C GLU M 485 -33.16 16.74 14.82
N ARG M 486 -34.45 17.05 14.77
CA ARG M 486 -34.85 18.29 14.12
C ARG M 486 -34.28 19.50 14.84
N ILE M 487 -34.28 19.47 16.17
CA ILE M 487 -33.60 20.51 16.92
C ILE M 487 -32.17 20.64 16.44
N ALA M 488 -31.45 19.53 16.44
CA ALA M 488 -30.05 19.54 16.02
C ALA M 488 -29.91 20.15 14.65
N LYS M 489 -30.95 20.05 13.81
CA LYS M 489 -30.90 20.68 12.51
C LYS M 489 -31.13 22.19 12.62
N GLU M 490 -32.22 22.59 13.27
CA GLU M 490 -32.55 24.01 13.36
C GLU M 490 -33.38 24.23 14.62
N GLY M 491 -32.75 24.75 15.65
CA GLY M 491 -33.44 25.18 16.85
C GLY M 491 -32.79 26.36 17.52
N ARG M 492 -31.75 26.91 16.88
CA ARG M 492 -30.98 27.97 17.52
C ARG M 492 -31.81 29.22 17.71
N LYS M 493 -32.64 29.55 16.71
CA LYS M 493 -33.32 30.82 16.70
C LYS M 493 -34.12 31.05 17.98
N TYR M 494 -34.61 29.98 18.58
CA TYR M 494 -35.61 30.07 19.64
C TYR M 494 -35.02 30.11 21.04
N GLY M 495 -33.76 29.73 21.20
CA GLY M 495 -33.13 29.71 22.51
C GLY M 495 -32.94 28.34 23.09
N VAL M 496 -33.59 27.33 22.53
CA VAL M 496 -33.38 25.95 22.95
C VAL M 496 -32.01 25.50 22.46
N THR M 497 -31.26 24.83 23.34
CA THR M 497 -30.02 24.20 22.92
C THR M 497 -29.83 22.89 23.67
N LEU M 498 -29.11 21.97 23.02
CA LEU M 498 -28.96 20.59 23.46
C LEU M 498 -27.55 20.34 24.00
N MET M 499 -27.46 19.33 24.86
CA MET M 499 -26.18 18.85 25.36
C MET M 499 -26.22 17.34 25.45
N VAL M 500 -25.24 16.68 24.85
CA VAL M 500 -25.23 15.22 24.73
C VAL M 500 -24.13 14.63 25.60
N VAL M 501 -24.45 13.54 26.28
CA VAL M 501 -23.48 12.83 27.10
C VAL M 501 -23.59 11.34 26.79
N SER M 502 -22.48 10.75 26.37
CA SER M 502 -22.46 9.35 26.00
C SER M 502 -21.21 8.67 26.50
N GLN M 503 -21.38 7.41 26.88
CA GLN M 503 -20.27 6.55 27.27
C GLN M 503 -19.73 5.75 26.10
N ARG M 504 -20.54 5.53 25.07
CA ARG M 504 -20.17 4.75 23.90
C ARG M 504 -20.52 5.55 22.67
N PRO M 505 -19.64 6.45 22.24
CA PRO M 505 -19.95 7.29 21.09
C PRO M 505 -20.17 6.53 19.80
N SER M 506 -19.67 5.30 19.69
CA SER M 506 -19.79 4.58 18.43
C SER M 506 -21.23 4.24 18.13
N GLU M 507 -22.01 3.91 19.15
CA GLU M 507 -23.37 3.41 18.96
C GLU M 507 -24.42 4.51 18.95
N VAL M 508 -24.03 5.76 19.11
CA VAL M 508 -24.95 6.87 19.04
C VAL M 508 -25.10 7.31 17.59
N SER M 509 -26.22 7.93 17.27
CA SER M 509 -26.66 8.08 15.89
C SER M 509 -25.82 9.10 15.14
N GLU M 510 -25.98 9.08 13.82
CA GLU M 510 -25.12 9.81 12.91
C GLU M 510 -25.44 11.30 12.88
N THR M 511 -26.72 11.63 12.76
CA THR M 511 -27.11 13.00 12.40
C THR M 511 -26.86 13.98 13.53
N ILE M 512 -26.87 13.51 14.77
CA ILE M 512 -26.85 14.43 15.90
C ILE M 512 -25.47 15.05 16.06
N PHE M 513 -24.43 14.24 15.97
CA PHE M 513 -23.09 14.72 16.32
C PHE M 513 -22.64 15.81 15.36
N SER M 514 -22.75 15.57 14.06
CA SER M 514 -22.22 16.50 13.08
C SER M 514 -22.71 17.92 13.32
N GLN M 515 -23.88 18.06 13.91
CA GLN M 515 -24.42 19.38 14.19
C GLN M 515 -23.63 20.07 15.29
N CYS M 516 -23.16 19.32 16.28
CA CYS M 516 -22.45 19.90 17.40
C CYS M 516 -21.12 20.48 16.96
N SER M 517 -20.71 21.57 17.62
CA SER M 517 -19.53 22.31 17.23
C SER M 517 -18.32 22.00 18.10
N ASN M 518 -18.41 22.29 19.39
CA ASN M 518 -17.32 22.09 20.31
C ASN M 518 -17.39 20.71 20.94
N PHE M 519 -16.23 20.14 21.21
CA PHE M 519 -16.13 18.80 21.74
C PHE M 519 -15.16 18.75 22.90
N ILE M 520 -15.56 18.01 23.93
CA ILE M 520 -14.78 17.81 25.14
C ILE M 520 -14.63 16.31 25.35
N SER M 521 -13.40 15.84 25.34
CA SER M 521 -13.12 14.42 25.39
C SER M 521 -12.25 14.10 26.58
N LEU M 522 -12.71 13.16 27.38
CA LEU M 522 -11.96 12.53 28.43
C LEU M 522 -11.43 11.19 27.94
N ARG M 523 -10.90 10.40 28.85
CA ARG M 523 -10.22 9.16 28.48
C ARG M 523 -11.13 8.18 27.77
N LEU M 524 -10.68 7.72 26.61
CA LEU M 524 -11.34 6.68 25.84
C LEU M 524 -10.34 5.56 25.59
N THR M 525 -10.75 4.33 25.86
CA THR M 525 -9.85 3.18 25.78
C THR M 525 -10.15 2.27 24.60
N ASN M 526 -11.39 1.85 24.43
CA ASN M 526 -11.75 0.96 23.33
C ASN M 526 -11.28 1.55 22.00
N ALA M 527 -10.83 0.65 21.13
CA ALA M 527 -10.19 1.08 19.89
C ALA M 527 -11.21 1.58 18.87
N VAL M 528 -12.37 0.94 18.81
CA VAL M 528 -13.36 1.26 17.79
C VAL M 528 -13.75 2.73 17.90
N ASP M 529 -14.23 3.13 19.08
CA ASP M 529 -14.61 4.52 19.27
C ASP M 529 -13.40 5.44 19.22
N GLN M 530 -12.24 4.94 19.62
CA GLN M 530 -11.02 5.73 19.53
C GLN M 530 -10.78 6.20 18.10
N THR M 531 -10.89 5.28 17.14
CA THR M 531 -10.70 5.67 15.75
C THR M 531 -11.90 6.43 15.21
N TYR M 532 -13.11 6.06 15.64
CA TYR M 532 -14.31 6.75 15.17
C TYR M 532 -14.25 8.23 15.47
N VAL M 533 -13.96 8.58 16.72
CA VAL M 533 -13.95 9.98 17.12
C VAL M 533 -12.87 10.75 16.40
N LYS M 534 -11.84 10.07 15.90
CA LYS M 534 -10.76 10.76 15.22
C LYS M 534 -11.26 11.48 13.98
N SER M 535 -12.27 10.93 13.31
CA SER M 535 -12.73 11.50 12.06
C SER M 535 -13.49 12.79 12.29
N LEU M 536 -14.36 12.80 13.28
CA LEU M 536 -15.29 13.92 13.45
C LEU M 536 -14.54 15.23 13.61
N LEU M 537 -13.40 15.20 14.30
CA LEU M 537 -12.72 16.43 14.64
C LEU M 537 -11.58 16.61 13.64
N PRO M 538 -11.60 17.59 12.74
CA PRO M 538 -10.48 17.71 11.79
C PRO M 538 -9.21 18.22 12.42
N ASP M 539 -9.32 19.13 13.39
CA ASP M 539 -8.13 19.68 14.04
C ASP M 539 -7.32 18.59 14.72
N LEU M 540 -7.97 17.51 15.11
CA LEU M 540 -7.30 16.38 15.76
C LEU M 540 -6.61 15.55 14.69
N SER M 541 -5.32 15.73 14.55
CA SER M 541 -4.53 14.94 13.62
C SER M 541 -4.37 13.52 14.14
N ALA M 542 -3.70 12.70 13.34
CA ALA M 542 -3.37 11.35 13.79
C ALA M 542 -2.44 11.39 14.99
N GLY M 543 -1.61 12.43 15.09
CA GLY M 543 -0.66 12.51 16.17
C GLY M 543 -1.30 12.77 17.51
N LEU M 544 -2.34 13.60 17.53
CA LEU M 544 -2.98 13.99 18.77
C LEU M 544 -3.89 12.91 19.33
N GLY M 545 -4.16 11.85 18.57
CA GLY M 545 -4.93 10.73 19.08
C GLY M 545 -4.17 9.79 19.96
N ASP M 546 -2.84 9.76 19.85
CA ASP M 546 -2.02 8.99 20.78
C ASP M 546 -2.29 9.41 22.22
N LEU M 547 -2.74 10.65 22.41
CA LEU M 547 -2.89 11.19 23.75
C LEU M 547 -4.09 10.59 24.48
N LEU M 548 -5.14 10.25 23.75
CA LEU M 548 -6.43 9.99 24.40
C LEU M 548 -6.38 8.83 25.39
N PRO M 549 -5.73 7.71 25.10
CA PRO M 549 -5.72 6.60 26.06
C PRO M 549 -4.88 6.83 27.27
N ASN M 550 -3.97 7.79 27.24
CA ASN M 550 -3.07 8.06 28.35
C ASN M 550 -3.61 9.13 29.27
N LEU M 551 -4.78 9.67 28.98
CA LEU M 551 -5.33 10.75 29.78
C LEU M 551 -5.52 10.30 31.22
N ALA M 552 -5.11 11.15 32.13
CA ALA M 552 -5.20 10.87 33.55
C ALA M 552 -6.56 11.24 34.08
N GLN M 553 -6.72 11.08 35.39
CA GLN M 553 -7.98 11.35 36.04
C GLN M 553 -8.23 12.86 36.07
N GLY M 554 -9.35 13.28 35.48
CA GLY M 554 -9.70 14.67 35.44
C GLY M 554 -8.79 15.50 34.57
N GLU M 555 -8.65 15.08 33.32
CA GLU M 555 -7.87 15.80 32.33
C GLU M 555 -8.55 15.62 31.00
N PHE M 556 -8.71 16.72 30.26
CA PHE M 556 -9.61 16.75 29.12
C PHE M 556 -9.00 17.52 27.95
N LEU M 557 -9.57 17.23 26.78
CA LEU M 557 -9.20 17.89 25.53
C LEU M 557 -10.43 18.55 24.92
N ILE M 558 -10.35 19.85 24.69
CA ILE M 558 -11.44 20.65 24.14
C ILE M 558 -11.01 21.17 22.79
N VAL M 559 -11.86 20.97 21.78
CA VAL M 559 -11.58 21.41 20.43
C VAL M 559 -12.85 21.96 19.80
N GLY M 560 -12.74 23.13 19.20
CA GLY M 560 -13.85 23.70 18.44
C GLY M 560 -13.68 25.19 18.25
N ASP M 561 -14.82 25.87 18.21
CA ASP M 561 -14.85 27.30 17.90
C ASP M 561 -14.45 28.15 19.10
N ALA M 562 -14.90 27.78 20.29
CA ALA M 562 -14.73 28.66 21.45
C ALA M 562 -13.28 28.96 21.76
N PRO M 563 -12.38 27.98 21.84
CA PRO M 563 -11.02 28.26 22.31
C PRO M 563 -10.15 28.88 21.23
N LEU M 564 -9.23 29.73 21.69
CA LEU M 564 -8.32 30.40 20.79
C LEU M 564 -7.45 29.39 20.05
N MET M 565 -7.05 28.33 20.73
CA MET M 565 -6.26 27.26 20.13
C MET M 565 -6.44 26.00 20.97
N PRO M 566 -6.33 24.84 20.36
CA PRO M 566 -6.49 23.59 21.10
C PRO M 566 -5.62 23.52 22.34
N THR M 567 -6.17 22.96 23.40
CA THR M 567 -5.52 22.99 24.69
C THR M 567 -5.91 21.73 25.47
N VAL M 568 -5.06 21.39 26.43
CA VAL M 568 -5.27 20.26 27.32
C VAL M 568 -5.40 20.82 28.73
N GLY M 569 -6.45 20.42 29.43
CA GLY M 569 -6.80 21.05 30.69
C GLY M 569 -7.16 20.04 31.75
N HIS M 570 -7.40 20.56 32.95
CA HIS M 570 -7.60 19.74 34.12
C HIS M 570 -8.76 20.32 34.94
N PHE M 571 -9.59 19.43 35.46
CA PHE M 571 -10.74 19.79 36.28
C PHE M 571 -10.39 19.69 37.75
N ALA M 572 -11.02 20.53 38.54
CA ALA M 572 -11.01 20.40 39.98
C ALA M 572 -12.24 19.62 40.44
N LEU M 573 -12.18 19.13 41.67
CA LEU M 573 -13.26 18.34 42.21
C LEU M 573 -14.48 19.20 42.50
N PRO M 574 -15.70 18.68 42.31
CA PRO M 574 -16.91 19.43 42.62
C PRO M 574 -17.43 19.16 44.02
N VAL M 575 -17.90 20.24 44.67
CA VAL M 575 -18.60 20.15 45.93
C VAL M 575 -19.93 20.88 45.76
N PRO M 576 -21.07 20.25 46.03
CA PRO M 576 -21.31 18.87 46.45
C PRO M 576 -21.08 17.85 45.34
N GLU M 577 -20.71 16.62 45.72
CA GLU M 577 -20.48 15.60 44.71
C GLU M 577 -21.81 14.98 44.28
N PRO M 578 -21.96 14.64 43.01
CA PRO M 578 -23.18 13.95 42.57
C PRO M 578 -23.16 12.49 43.00
N HIS M 579 -24.28 12.04 43.55
CA HIS M 579 -24.35 10.69 44.08
C HIS M 579 -25.78 10.15 44.03
N VAL M 596 -40.66 -11.94 58.18
CA VAL M 596 -41.41 -11.04 57.31
C VAL M 596 -42.91 -11.25 57.45
N ASP M 597 -43.64 -10.14 57.45
CA ASP M 597 -45.10 -10.18 57.47
C ASP M 597 -45.64 -10.17 56.05
N PHE M 598 -45.32 -11.25 55.34
CA PHE M 598 -45.72 -11.39 53.94
C PHE M 598 -47.13 -10.86 53.72
N ASP M 599 -48.07 -11.25 54.59
CA ASP M 599 -49.43 -10.73 54.49
C ASP M 599 -49.43 -9.22 54.42
N SER M 600 -48.49 -8.58 55.12
CA SER M 600 -48.38 -7.12 55.06
C SER M 600 -48.13 -6.67 53.62
N VAL M 601 -47.23 -7.35 52.93
CA VAL M 601 -46.97 -7.04 51.53
C VAL M 601 -48.23 -7.27 50.71
N ILE M 602 -48.82 -8.45 50.86
CA ILE M 602 -49.99 -8.83 50.05
C ILE M 602 -51.12 -7.84 50.25
N ASP M 603 -51.16 -7.16 51.40
CA ASP M 603 -52.22 -6.20 51.67
C ASP M 603 -52.40 -5.24 50.50
N ARG M 604 -51.30 -4.66 50.03
CA ARG M 604 -51.32 -3.77 48.88
C ARG M 604 -51.20 -4.54 47.57
N TRP M 605 -51.51 -5.82 47.57
CA TRP M 605 -51.29 -6.67 46.42
C TRP M 605 -52.22 -7.88 46.47
N MET N 1 7.63 -1.41 46.67
CA MET N 1 8.38 -1.45 47.91
C MET N 1 9.35 -2.62 47.97
N PRO N 2 8.85 -3.85 47.84
CA PRO N 2 9.73 -5.02 48.01
C PRO N 2 10.85 -5.03 47.00
N ASP N 3 11.93 -5.71 47.38
CA ASP N 3 13.03 -5.91 46.45
C ASP N 3 12.57 -6.77 45.29
N LEU N 4 12.93 -6.34 44.08
CA LEU N 4 12.54 -6.94 42.82
C LEU N 4 13.60 -7.83 42.23
N GLY N 5 14.78 -7.89 42.82
CA GLY N 5 15.80 -8.77 42.31
C GLY N 5 16.58 -8.15 41.16
N THR N 6 17.10 -8.99 40.35
CA THR N 6 17.86 -8.61 39.18
C THR N 6 16.94 -8.41 37.98
N PRO N 7 17.35 -7.57 37.05
CA PRO N 7 16.53 -7.28 35.88
C PRO N 7 16.79 -8.20 34.70
N ILE N 8 15.86 -8.16 33.76
CA ILE N 8 15.96 -8.97 32.56
C ILE N 8 16.69 -8.22 31.45
N GLY N 9 16.34 -6.96 31.22
CA GLY N 9 16.95 -6.26 30.12
C GLY N 9 16.73 -4.77 30.18
N SER N 10 17.42 -4.08 29.29
CA SER N 10 17.42 -2.64 29.18
C SER N 10 16.37 -2.19 28.17
N VAL N 11 16.29 -0.88 27.99
CA VAL N 11 15.32 -0.24 27.12
C VAL N 11 16.05 0.37 25.94
N THR N 12 15.53 0.16 24.74
CA THR N 12 16.20 0.54 23.51
C THR N 12 15.43 1.54 22.65
N ASP N 13 14.11 1.52 22.69
CA ASP N 13 13.29 2.44 21.93
C ASP N 13 12.06 2.78 22.75
N SER N 14 11.74 4.07 22.81
CA SER N 14 10.67 4.57 23.66
C SER N 14 9.82 5.56 22.89
N SER N 15 8.56 5.61 23.28
CA SER N 15 7.58 6.53 22.74
C SER N 15 6.34 6.51 23.61
N PRO N 16 5.44 7.47 23.47
CA PRO N 16 4.24 7.50 24.30
C PRO N 16 3.37 6.28 24.15
N SER N 17 3.49 5.56 23.05
CA SER N 17 2.59 4.45 22.76
C SER N 17 3.29 3.10 22.64
N LEU N 18 4.61 3.05 22.67
CA LEU N 18 5.32 1.79 22.55
C LEU N 18 6.62 1.87 23.32
N ILE N 19 6.99 0.77 23.95
CA ILE N 19 8.29 0.61 24.57
C ILE N 19 8.87 -0.71 24.11
N ARG N 20 10.19 -0.75 23.94
CA ARG N 20 10.86 -1.91 23.39
C ARG N 20 12.01 -2.34 24.28
N ILE N 21 12.11 -3.63 24.53
CA ILE N 21 13.09 -4.21 25.45
C ILE N 21 13.84 -5.33 24.74
N GLU N 22 15.09 -5.54 25.14
CA GLU N 22 15.98 -6.51 24.54
C GLU N 22 16.62 -7.40 25.60
N ILE N 23 16.75 -8.68 25.27
CA ILE N 23 17.47 -9.64 26.08
C ILE N 23 18.52 -10.32 25.21
N SER N 24 19.64 -10.66 25.84
CA SER N 24 20.82 -11.13 25.14
C SER N 24 21.37 -12.46 25.64
N SER N 25 20.75 -13.06 26.65
CA SER N 25 21.21 -14.34 27.18
C SER N 25 20.07 -15.33 27.20
N ALA N 26 20.37 -16.56 26.77
CA ALA N 26 19.34 -17.58 26.67
C ALA N 26 18.95 -18.15 28.02
N GLU N 27 19.91 -18.25 28.94
CA GLU N 27 19.62 -18.79 30.26
C GLU N 27 18.58 -17.95 30.98
N ASP N 28 18.70 -16.63 30.92
CA ASP N 28 17.74 -15.74 31.56
C ASP N 28 16.35 -15.95 30.99
N PHE N 29 16.23 -16.01 29.67
CA PHE N 29 14.92 -16.15 29.05
C PHE N 29 14.31 -17.50 29.38
N GLU N 30 15.12 -18.55 29.37
CA GLU N 30 14.61 -19.86 29.71
C GLU N 30 14.22 -19.95 31.17
N LYS N 31 14.86 -19.16 32.02
CA LYS N 31 14.50 -19.14 33.43
C LYS N 31 13.22 -18.38 33.69
N TYR N 32 12.93 -17.33 32.91
CA TYR N 32 11.78 -16.49 33.16
C TYR N 32 10.69 -16.62 32.09
N LYS N 33 10.74 -17.67 31.27
CA LYS N 33 9.78 -17.82 30.19
C LYS N 33 8.35 -17.80 30.69
N SER N 34 8.09 -18.45 31.82
CA SER N 34 6.72 -18.55 32.29
C SER N 34 6.08 -17.19 32.49
N MET N 35 6.89 -16.16 32.78
CA MET N 35 6.39 -14.86 33.18
C MET N 35 6.41 -13.84 32.05
N LEU N 36 6.76 -14.25 30.83
CA LEU N 36 6.96 -13.32 29.73
C LEU N 36 5.97 -13.52 28.59
N GLY N 37 4.82 -14.09 28.86
CA GLY N 37 3.82 -14.25 27.84
C GLY N 37 2.92 -13.04 27.69
N VAL N 38 2.10 -13.08 26.65
CA VAL N 38 1.17 -12.01 26.38
C VAL N 38 0.12 -11.95 27.48
N GLY N 39 -0.27 -10.74 27.83
CA GLY N 39 -1.20 -10.49 28.90
C GLY N 39 -0.56 -10.22 30.23
N GLN N 40 0.73 -10.45 30.36
CA GLN N 40 1.41 -10.27 31.63
C GLN N 40 1.95 -8.86 31.73
N TYR N 41 2.48 -8.55 32.90
CA TYR N 41 2.84 -7.19 33.25
C TYR N 41 4.32 -7.11 33.62
N LEU N 42 4.91 -5.95 33.34
CA LEU N 42 6.30 -5.68 33.63
C LEU N 42 6.41 -4.33 34.30
N LEU N 43 7.54 -4.13 34.98
CA LEU N 43 7.85 -2.89 35.68
C LEU N 43 9.04 -2.23 35.01
N VAL N 44 8.88 -0.98 34.60
CA VAL N 44 9.97 -0.21 34.03
C VAL N 44 10.22 1.00 34.91
N ALA N 45 11.46 1.47 34.91
CA ALA N 45 11.87 2.56 35.77
C ALA N 45 11.82 3.88 35.04
N SER N 46 11.55 4.93 35.81
CA SER N 46 11.54 6.29 35.29
C SER N 46 11.99 7.19 36.43
N GLY N 47 13.28 7.43 36.49
CA GLY N 47 13.83 8.25 37.51
C GLY N 47 14.11 7.51 38.79
N ASN N 48 14.18 8.28 39.86
CA ASN N 48 14.33 7.74 41.20
C ASN N 48 12.96 7.76 41.89
N ASN N 49 12.58 6.60 42.42
CA ASN N 49 11.36 6.46 43.19
C ASN N 49 10.10 6.67 42.35
N LEU N 50 9.97 5.89 41.29
CA LEU N 50 8.78 5.89 40.45
C LEU N 50 8.90 4.76 39.45
N TYR N 51 7.79 4.09 39.17
CA TYR N 51 7.75 2.93 38.31
C TYR N 51 6.54 3.00 37.39
N LEU N 52 6.67 2.36 36.24
CA LEU N 52 5.69 2.35 35.17
C LEU N 52 5.32 0.92 34.86
N LEU N 53 4.02 0.66 34.69
CA LEU N 53 3.52 -0.68 34.50
C LEU N 53 3.10 -0.89 33.06
N ALA N 54 3.57 -1.98 32.47
CA ALA N 54 3.35 -2.24 31.07
C ALA N 54 2.84 -3.64 30.83
N SER N 55 2.08 -3.77 29.75
CA SER N 55 1.52 -5.04 29.30
C SER N 55 2.13 -5.45 27.98
N ILE N 56 2.50 -6.71 27.86
CA ILE N 56 3.22 -7.20 26.71
C ILE N 56 2.28 -7.42 25.53
N THR N 57 2.78 -7.10 24.34
CA THR N 57 2.04 -7.25 23.11
C THR N 57 2.71 -8.17 22.09
N GLY N 58 4.02 -8.31 22.13
CA GLY N 58 4.67 -9.19 21.19
C GLY N 58 6.08 -9.55 21.60
N VAL N 59 6.53 -10.68 21.05
CA VAL N 59 7.79 -11.31 21.38
C VAL N 59 8.45 -11.81 20.09
N ARG N 60 9.76 -11.64 20.00
CA ARG N 60 10.52 -12.17 18.88
C ARG N 60 11.86 -12.70 19.34
N ALA N 61 12.38 -13.64 18.57
CA ALA N 61 13.61 -14.35 18.89
C ALA N 61 14.36 -14.67 17.61
N THR N 62 15.63 -14.30 17.54
CA THR N 62 16.43 -14.59 16.37
C THR N 62 17.85 -14.95 16.77
N HIS N 63 18.52 -15.63 15.85
CA HIS N 63 19.91 -16.04 15.99
C HIS N 63 20.67 -15.62 14.74
N VAL N 64 21.71 -14.82 14.91
CA VAL N 64 22.49 -14.31 13.79
C VAL N 64 23.90 -14.86 13.82
N ASN N 87 24.88 -13.95 17.50
CA ASN N 87 24.33 -14.76 18.57
C ASN N 87 22.87 -14.39 18.82
N PHE N 88 22.35 -14.68 20.00
CA PHE N 88 20.93 -14.55 20.27
C PHE N 88 20.49 -13.10 20.38
N ARG N 89 19.21 -12.87 20.05
CA ARG N 89 18.58 -11.58 20.21
C ARG N 89 17.10 -11.79 20.49
N PHE N 90 16.63 -11.34 21.66
CA PHE N 90 15.22 -11.42 22.02
C PHE N 90 14.66 -10.01 22.16
N GLN N 91 13.50 -9.77 21.56
CA GLN N 91 12.82 -8.49 21.61
C GLN N 91 11.42 -8.64 22.19
N ILE N 92 11.03 -7.67 23.00
CA ILE N 92 9.70 -7.61 23.60
C ILE N 92 9.13 -6.22 23.41
N ASP N 93 7.85 -6.15 23.06
CA ASP N 93 7.16 -4.89 22.90
C ASP N 93 6.09 -4.70 23.97
N THR N 94 5.83 -3.45 24.34
CA THR N 94 5.00 -3.14 25.49
C THR N 94 4.23 -1.84 25.29
N GLN N 95 3.08 -1.75 25.97
CA GLN N 95 2.22 -0.57 26.08
C GLN N 95 2.13 -0.13 27.53
N PRO N 96 2.05 1.18 27.79
CA PRO N 96 1.88 1.64 29.17
C PRO N 96 0.43 1.68 29.64
N ILE N 97 0.25 1.30 30.89
CA ILE N 97 -1.05 1.27 31.53
C ILE N 97 -1.15 2.29 32.65
N GLY N 98 -0.17 2.31 33.55
CA GLY N 98 -0.21 3.29 34.61
C GLY N 98 1.09 3.40 35.36
N THR N 99 1.01 4.12 36.49
CA THR N 99 2.17 4.47 37.28
C THR N 99 2.01 4.03 38.72
N LEU N 100 3.07 3.42 39.24
CA LEU N 100 3.15 2.96 40.62
C LEU N 100 4.34 3.60 41.29
N SER N 101 4.14 4.09 42.50
CA SER N 101 5.18 4.75 43.25
C SER N 101 5.81 3.79 44.23
N GLU N 102 6.68 4.33 45.09
CA GLU N 102 7.39 3.53 46.07
C GLU N 102 6.49 3.18 47.24
N ASP N 103 5.79 4.19 47.78
CA ASP N 103 4.88 3.94 48.89
C ASP N 103 3.85 2.88 48.53
N GLY N 104 3.27 2.95 47.34
CA GLY N 104 2.41 1.90 46.85
C GLY N 104 1.19 2.34 46.07
N GLU N 105 1.05 3.64 45.83
CA GLU N 105 -0.12 4.16 45.14
C GLU N 105 -0.07 3.87 43.65
N PHE N 106 -1.22 3.48 43.10
CA PHE N 106 -1.36 3.14 41.69
C PHE N 106 -2.32 4.10 41.03
N SER N 107 -1.86 4.77 39.99
CA SER N 107 -2.67 5.73 39.26
C SER N 107 -2.62 5.40 37.78
N ARG N 108 -3.78 5.18 37.19
CA ARG N 108 -3.87 4.98 35.76
C ARG N 108 -3.59 6.28 35.02
N GLY N 109 -3.06 6.14 33.83
CA GLY N 109 -2.68 7.28 33.04
C GLY N 109 -1.29 7.77 33.38
N SER N 110 -0.44 7.88 32.39
CA SER N 110 0.93 8.29 32.59
C SER N 110 1.33 9.32 31.55
N HIS N 111 2.18 10.25 31.98
CA HIS N 111 2.70 11.30 31.11
C HIS N 111 4.18 11.16 30.81
N SER N 112 4.91 10.42 31.63
CA SER N 112 6.36 10.36 31.54
C SER N 112 6.81 9.49 30.37
N LEU N 113 8.04 9.75 29.93
CA LEU N 113 8.73 8.95 28.93
C LEU N 113 9.98 8.38 29.59
N PRO N 114 10.17 7.06 29.56
CA PRO N 114 11.40 6.50 30.12
C PRO N 114 12.54 6.53 29.11
N VAL N 115 13.65 7.13 29.51
CA VAL N 115 14.77 7.30 28.59
C VAL N 115 15.54 6.00 28.53
N PRO N 116 16.26 5.76 27.47
CA PRO N 116 16.97 4.49 27.32
C PRO N 116 18.04 4.23 28.35
N THR N 117 18.65 3.05 28.26
CA THR N 117 19.63 2.60 29.22
C THR N 117 19.04 2.49 30.62
N GLU N 118 17.92 1.78 30.70
CA GLU N 118 17.16 1.71 31.93
C GLU N 118 16.53 0.34 32.07
N TYR N 119 16.31 -0.07 33.32
CA TYR N 119 16.06 -1.45 33.67
C TYR N 119 14.58 -1.79 33.72
N ALA N 120 14.29 -3.09 33.54
CA ALA N 120 12.95 -3.65 33.55
C ALA N 120 12.91 -4.91 34.37
N TYR N 121 11.88 -5.05 35.18
CA TYR N 121 11.75 -6.10 36.17
C TYR N 121 10.46 -6.87 35.98
N VAL N 122 10.48 -8.10 36.47
CA VAL N 122 9.34 -8.99 36.45
C VAL N 122 8.52 -8.76 37.71
N THR N 123 7.21 -8.68 37.54
CA THR N 123 6.33 -8.22 38.60
C THR N 123 6.22 -9.26 39.70
N PRO N 124 6.76 -9.03 40.89
CA PRO N 124 6.70 -10.04 41.92
C PRO N 124 5.27 -10.29 42.35
N PRO N 125 4.91 -11.55 42.62
CA PRO N 125 3.56 -11.82 43.13
C PRO N 125 3.23 -11.05 44.39
N ALA N 126 4.20 -10.78 45.26
CA ALA N 126 3.93 -10.04 46.48
C ALA N 126 3.48 -8.61 46.17
N VAL N 127 4.07 -8.00 45.14
CA VAL N 127 3.73 -6.62 44.82
C VAL N 127 2.29 -6.56 44.32
N LEU N 128 1.92 -7.47 43.42
CA LEU N 128 0.53 -7.55 43.01
C LEU N 128 -0.36 -7.87 44.19
N GLU N 129 0.13 -8.67 45.13
CA GLU N 129 -0.66 -9.01 46.30
C GLU N 129 -1.01 -7.76 47.09
N GLY N 130 -0.01 -6.90 47.31
CA GLY N 130 -0.26 -5.67 48.04
C GLY N 130 -1.15 -4.70 47.28
N ILE N 131 -0.90 -4.55 45.98
CA ILE N 131 -1.74 -3.69 45.17
C ILE N 131 -3.18 -4.16 45.26
N PHE N 132 -3.39 -5.47 45.19
CA PHE N 132 -4.73 -6.02 45.29
C PHE N 132 -5.31 -5.79 46.67
N SER N 133 -4.49 -5.90 47.71
CA SER N 133 -4.99 -5.83 49.08
C SER N 133 -5.45 -4.43 49.44
N HIS N 134 -4.54 -3.45 49.37
CA HIS N 134 -4.86 -2.15 49.95
C HIS N 134 -5.75 -1.31 49.07
N GLN N 135 -5.64 -1.44 47.75
CA GLN N 135 -6.44 -0.60 46.86
C GLN N 135 -7.90 -1.01 46.85
N ILE N 136 -8.20 -2.28 47.11
CA ILE N 136 -9.57 -2.77 47.00
C ILE N 136 -10.33 -2.49 48.29
N LYS N 137 -11.66 -2.59 48.21
CA LYS N 137 -12.54 -2.33 49.33
C LYS N 137 -13.16 -3.59 49.92
N SER N 138 -13.82 -4.40 49.10
CA SER N 138 -14.56 -5.58 49.54
C SER N 138 -14.09 -6.78 48.75
N PRO N 139 -13.07 -7.49 49.23
CA PRO N 139 -12.45 -8.52 48.40
C PRO N 139 -13.37 -9.70 48.15
N PHE N 140 -13.18 -10.30 46.98
CA PHE N 140 -13.83 -11.54 46.59
C PHE N 140 -12.86 -12.28 45.70
N ALA N 141 -12.54 -13.51 46.05
CA ALA N 141 -11.58 -14.29 45.29
C ALA N 141 -12.22 -14.91 44.06
N LEU N 142 -11.48 -14.94 42.96
CA LEU N 142 -11.97 -15.52 41.72
C LEU N 142 -11.20 -16.76 41.32
N GLY N 143 -9.89 -16.63 41.10
CA GLY N 143 -9.10 -17.78 40.71
C GLY N 143 -7.62 -17.50 40.88
N THR N 144 -6.85 -18.57 40.79
CA THR N 144 -5.43 -18.49 41.07
C THR N 144 -4.67 -17.80 39.94
N LEU N 145 -3.69 -16.99 40.32
CA LEU N 145 -2.91 -16.25 39.34
C LEU N 145 -2.13 -17.21 38.46
N GLY N 146 -2.05 -16.86 37.18
CA GLY N 146 -1.34 -17.71 36.24
C GLY N 146 0.13 -17.88 36.61
N ILE N 147 0.78 -16.80 37.03
CA ILE N 147 2.20 -16.87 37.34
C ILE N 147 2.44 -17.49 38.72
N SER N 148 1.56 -17.25 39.68
CA SER N 148 1.74 -17.75 41.04
C SER N 148 0.56 -18.64 41.41
N PRO N 149 0.77 -19.92 41.76
CA PRO N 149 -0.39 -20.79 42.02
C PRO N 149 -1.07 -20.50 43.35
N ASP N 150 -0.27 -20.33 44.40
CA ASP N 150 -0.82 -20.22 45.74
C ASP N 150 -1.60 -18.92 45.92
N ILE N 151 -0.95 -17.78 45.69
CA ILE N 151 -1.67 -16.52 45.78
C ILE N 151 -2.68 -16.44 44.65
N LYS N 152 -3.87 -15.95 44.97
CA LYS N 152 -5.00 -16.03 44.06
C LYS N 152 -5.63 -14.67 43.83
N LEU N 153 -6.18 -14.51 42.63
CA LEU N 153 -6.72 -13.24 42.15
C LEU N 153 -7.96 -12.80 42.92
N LYS N 154 -8.06 -11.48 43.07
CA LYS N 154 -9.05 -10.84 43.90
C LYS N 154 -9.72 -9.70 43.16
N ILE N 155 -10.99 -9.45 43.47
CA ILE N 155 -11.77 -8.37 42.90
C ILE N 155 -12.57 -7.72 44.03
N ASP N 156 -13.25 -6.63 43.70
CA ASP N 156 -14.16 -5.97 44.63
C ASP N 156 -15.58 -6.42 44.26
N GLY N 157 -16.10 -7.37 45.02
CA GLY N 157 -17.34 -8.01 44.65
C GLY N 157 -18.54 -7.08 44.59
N ASP N 158 -18.48 -5.97 45.32
CA ASP N 158 -19.61 -5.06 45.40
C ASP N 158 -20.12 -4.71 44.01
N ARG N 159 -19.20 -4.36 43.12
CA ARG N 159 -19.56 -4.05 41.75
C ARG N 159 -19.65 -5.28 40.87
N PHE N 160 -19.05 -6.38 41.29
CA PHE N 160 -19.12 -7.61 40.50
C PHE N 160 -20.54 -8.14 40.46
N PHE N 161 -21.18 -8.24 41.61
CA PHE N 161 -22.51 -8.82 41.69
C PHE N 161 -23.63 -7.81 41.54
N SER N 162 -23.45 -6.59 42.04
CA SER N 162 -24.51 -5.59 41.98
C SER N 162 -24.96 -5.30 40.56
N LYS N 163 -24.19 -5.71 39.57
CA LYS N 163 -24.55 -5.51 38.18
C LYS N 163 -24.53 -6.85 37.46
N HIS N 164 -24.97 -6.83 36.22
CA HIS N 164 -25.14 -8.04 35.44
C HIS N 164 -23.81 -8.56 34.88
N VAL N 165 -23.71 -9.89 34.82
CA VAL N 165 -22.48 -10.61 34.54
C VAL N 165 -22.74 -11.68 33.50
N ALA N 166 -21.71 -11.98 32.72
CA ALA N 166 -21.80 -12.94 31.64
C ALA N 166 -20.58 -13.84 31.60
N VAL N 167 -20.81 -15.12 31.32
CA VAL N 167 -19.76 -16.13 31.21
C VAL N 167 -20.01 -16.89 29.93
N VAL N 168 -19.11 -16.74 28.97
CA VAL N 168 -19.27 -17.36 27.66
C VAL N 168 -17.95 -17.99 27.24
N GLY N 169 -18.01 -19.27 26.91
CA GLY N 169 -16.85 -19.99 26.43
C GLY N 169 -17.29 -21.22 25.67
N SER N 170 -16.45 -21.63 24.73
CA SER N 170 -16.84 -22.73 23.84
C SER N 170 -16.91 -24.04 24.60
N THR N 171 -17.69 -24.97 24.06
CA THR N 171 -17.87 -26.27 24.69
C THR N 171 -16.54 -26.98 24.78
N GLY N 172 -16.41 -27.84 25.80
CA GLY N 172 -15.16 -28.50 26.07
C GLY N 172 -14.21 -27.70 26.92
N SER N 173 -14.65 -26.57 27.47
CA SER N 173 -13.81 -25.67 28.24
C SER N 173 -14.04 -25.79 29.74
N GLY N 174 -14.80 -26.77 30.18
CA GLY N 174 -15.04 -26.95 31.61
C GLY N 174 -15.73 -25.76 32.25
N LYS N 175 -16.70 -25.16 31.56
CA LYS N 175 -17.33 -23.96 32.05
C LYS N 175 -18.32 -24.24 33.17
N SER N 176 -19.02 -25.37 33.10
CA SER N 176 -19.95 -25.72 34.15
C SER N 176 -19.26 -25.76 35.50
N CYS N 177 -18.04 -26.30 35.53
CA CYS N 177 -17.27 -26.32 36.76
C CYS N 177 -16.92 -24.92 37.23
N ALA N 178 -16.68 -24.00 36.30
CA ALA N 178 -16.36 -22.63 36.67
C ALA N 178 -17.53 -21.94 37.33
N VAL N 179 -18.72 -22.08 36.72
CA VAL N 179 -19.92 -21.56 37.35
C VAL N 179 -20.11 -22.19 38.72
N ALA N 180 -19.83 -23.48 38.82
CA ALA N 180 -19.98 -24.17 40.09
C ALA N 180 -19.12 -23.51 41.16
N LYS N 181 -17.84 -23.31 40.87
CA LYS N 181 -16.95 -22.78 41.88
C LYS N 181 -17.29 -21.34 42.23
N ILE N 182 -17.68 -20.55 41.22
CA ILE N 182 -18.07 -19.17 41.51
C ILE N 182 -19.22 -19.14 42.50
N LEU N 183 -20.30 -19.86 42.21
CA LEU N 183 -21.44 -19.84 43.10
C LEU N 183 -21.10 -20.45 44.45
N GLN N 184 -20.28 -21.50 44.44
CA GLN N 184 -19.88 -22.16 45.66
C GLN N 184 -19.19 -21.20 46.60
N THR N 185 -18.17 -20.50 46.11
CA THR N 185 -17.51 -19.50 46.95
C THR N 185 -18.45 -18.35 47.29
N ALA N 186 -19.43 -18.08 46.44
CA ALA N 186 -20.38 -17.02 46.73
C ALA N 186 -21.14 -17.31 48.01
N VAL N 187 -21.79 -18.47 48.06
CA VAL N 187 -22.68 -18.74 49.19
C VAL N 187 -21.88 -19.07 50.46
N GLY N 188 -20.69 -19.63 50.31
CA GLY N 188 -19.79 -19.77 51.45
C GLY N 188 -19.23 -21.15 51.66
N ILE N 189 -19.47 -22.06 50.74
CA ILE N 189 -18.95 -23.42 50.87
C ILE N 189 -17.51 -23.46 50.38
N LYS N 201 -24.74 -14.54 55.61
CA LYS N 201 -25.18 -13.43 54.77
C LYS N 201 -26.45 -13.81 54.03
N ASN N 202 -27.29 -12.81 53.73
CA ASN N 202 -28.54 -13.03 53.02
C ASN N 202 -28.20 -13.32 51.55
N SER N 203 -27.89 -14.58 51.29
CA SER N 203 -27.46 -15.05 49.98
C SER N 203 -28.58 -15.86 49.35
N HIS N 204 -29.35 -15.23 48.47
CA HIS N 204 -30.49 -15.85 47.82
C HIS N 204 -30.21 -16.05 46.35
N ILE N 205 -30.20 -17.32 45.93
CA ILE N 205 -29.86 -17.70 44.58
C ILE N 205 -30.92 -18.66 44.04
N VAL N 206 -31.14 -18.59 42.73
CA VAL N 206 -32.05 -19.51 42.06
C VAL N 206 -31.45 -19.91 40.72
N ILE N 207 -31.19 -21.19 40.56
CA ILE N 207 -30.52 -21.74 39.38
C ILE N 207 -31.55 -22.37 38.46
N PHE N 208 -31.42 -22.11 37.16
CA PHE N 208 -32.27 -22.71 36.16
C PHE N 208 -31.48 -23.78 35.41
N ASP N 209 -31.59 -25.03 35.87
CA ASP N 209 -30.79 -26.13 35.39
C ASP N 209 -31.54 -26.91 34.32
N ILE N 210 -30.92 -27.10 33.17
CA ILE N 210 -31.52 -27.85 32.09
C ILE N 210 -31.21 -29.33 32.19
N HIS N 211 -29.98 -29.67 32.58
CA HIS N 211 -29.47 -31.03 32.50
C HIS N 211 -29.36 -31.71 33.85
N ALA N 212 -29.82 -31.06 34.92
CA ALA N 212 -29.81 -31.67 36.25
C ALA N 212 -28.38 -32.08 36.65
N GLU N 213 -27.49 -31.09 36.62
CA GLU N 213 -26.07 -31.32 36.82
C GLU N 213 -25.53 -30.69 38.10
N TYR N 214 -26.37 -30.07 38.91
CA TYR N 214 -25.91 -29.28 40.04
C TYR N 214 -26.23 -29.93 41.38
N ALA N 215 -26.52 -31.22 41.40
CA ALA N 215 -26.71 -31.90 42.66
C ALA N 215 -25.40 -32.03 43.42
N ALA N 216 -24.30 -32.31 42.72
CA ALA N 216 -23.02 -32.47 43.39
C ALA N 216 -22.55 -31.18 44.04
N ALA N 217 -22.95 -30.03 43.49
CA ALA N 217 -22.40 -28.77 43.96
C ALA N 217 -22.73 -28.52 45.42
N PHE N 218 -23.95 -28.84 45.84
CA PHE N 218 -24.42 -28.49 47.16
C PHE N 218 -24.65 -29.69 48.07
N ASN N 219 -24.36 -30.89 47.61
CA ASN N 219 -24.43 -32.08 48.45
C ASN N 219 -23.22 -32.10 49.38
N LEU N 220 -23.47 -31.99 50.68
CA LEU N 220 -22.40 -32.02 51.66
C LEU N 220 -22.85 -32.80 52.90
N LEU N 228 -30.27 -26.62 52.01
CA LEU N 228 -30.39 -26.87 50.59
C LEU N 228 -31.80 -27.26 50.22
N ASN N 229 -32.65 -26.25 50.06
CA ASN N 229 -33.99 -26.50 49.56
C ASN N 229 -33.94 -26.85 48.08
N LEU N 230 -34.79 -27.79 47.68
CA LEU N 230 -34.81 -28.30 46.33
C LEU N 230 -36.24 -28.33 45.83
N LEU N 231 -36.39 -28.09 44.54
CA LEU N 231 -37.70 -27.96 43.91
C LEU N 231 -37.71 -28.84 42.68
N GLY N 232 -38.58 -29.85 42.68
CA GLY N 232 -38.62 -30.82 41.60
C GLY N 232 -40.04 -31.26 41.32
N VAL N 233 -40.22 -31.88 40.15
CA VAL N 233 -41.53 -32.19 39.59
C VAL N 233 -42.48 -32.72 40.66
N ASP N 234 -42.00 -33.65 41.47
CA ASP N 234 -42.88 -34.30 42.44
C ASP N 234 -43.45 -33.29 43.43
N ASN N 235 -42.71 -32.23 43.75
CA ASN N 235 -43.05 -31.35 44.85
C ASN N 235 -43.06 -29.89 44.43
N LEU N 236 -43.49 -29.59 43.21
CA LEU N 236 -43.69 -28.21 42.78
C LEU N 236 -45.16 -27.84 42.92
N ARG N 237 -45.44 -26.86 43.77
CA ARG N 237 -46.79 -26.54 44.16
C ARG N 237 -47.37 -25.31 43.48
N LEU N 238 -46.55 -24.54 42.78
CA LEU N 238 -47.02 -23.27 42.26
C LEU N 238 -48.21 -23.53 41.35
N PRO N 239 -49.37 -22.94 41.60
CA PRO N 239 -50.61 -23.42 40.99
C PRO N 239 -50.73 -23.00 39.53
N TYR N 240 -51.87 -23.37 38.96
CA TYR N 240 -52.12 -23.28 37.53
C TYR N 240 -52.89 -22.03 37.13
N TRP N 241 -53.43 -21.29 38.10
CA TRP N 241 -54.31 -20.16 37.84
C TRP N 241 -53.67 -18.83 38.14
N LEU N 242 -52.36 -18.80 38.39
CA LEU N 242 -51.67 -17.58 38.76
C LEU N 242 -51.09 -16.87 37.57
N MET N 243 -51.21 -17.47 36.38
CA MET N 243 -50.79 -16.82 35.17
C MET N 243 -51.65 -15.62 34.87
N ASN N 244 -51.14 -14.75 34.01
CA ASN N 244 -51.97 -13.72 33.45
C ASN N 244 -52.92 -14.31 32.44
N ALA N 245 -53.94 -13.53 32.08
CA ALA N 245 -54.90 -13.98 31.10
C ALA N 245 -54.19 -14.57 29.88
N GLN N 246 -53.22 -13.83 29.35
CA GLN N 246 -52.63 -14.15 28.06
C GLN N 246 -51.85 -15.45 28.12
N GLU N 247 -51.10 -15.68 29.19
CA GLU N 247 -50.20 -16.82 29.21
C GLU N 247 -50.94 -18.14 29.45
N LEU N 248 -51.87 -18.17 30.41
CA LEU N 248 -52.65 -19.38 30.61
C LEU N 248 -53.65 -19.60 29.48
N GLU N 249 -54.05 -18.54 28.79
CA GLU N 249 -54.77 -18.69 27.53
C GLU N 249 -54.17 -19.82 26.73
N GLN N 250 -52.85 -19.85 26.64
CA GLN N 250 -52.21 -20.77 25.69
C GLN N 250 -52.27 -22.19 26.23
N ILE N 251 -52.08 -22.36 27.53
CA ILE N 251 -52.12 -23.70 28.09
C ILE N 251 -53.50 -24.30 27.86
N PHE N 252 -54.54 -23.51 28.12
CA PHE N 252 -55.88 -24.04 27.92
C PHE N 252 -56.28 -24.01 26.45
N ILE N 253 -55.74 -23.09 25.67
CA ILE N 253 -56.18 -22.83 24.30
C ILE N 253 -55.00 -23.07 23.38
N GLU N 254 -55.18 -23.95 22.41
CA GLU N 254 -54.27 -24.12 21.28
C GLU N 254 -54.97 -23.57 20.05
N SER N 255 -54.35 -22.58 19.41
CA SER N 255 -54.91 -21.95 18.22
C SER N 255 -54.39 -22.57 16.93
N ASN N 256 -53.64 -23.67 17.02
CA ASN N 256 -53.44 -24.48 15.82
C ASN N 256 -54.77 -24.83 15.17
N GLU N 257 -55.82 -25.00 15.97
CA GLU N 257 -57.16 -25.09 15.43
C GLU N 257 -57.60 -23.72 14.91
N HIS N 258 -58.56 -23.75 13.99
CA HIS N 258 -58.96 -22.56 13.26
C HIS N 258 -60.35 -22.07 13.61
N ASN N 259 -61.00 -22.67 14.61
CA ASN N 259 -62.26 -22.16 15.13
C ASN N 259 -62.06 -21.18 16.28
N SER N 260 -60.82 -20.74 16.51
CA SER N 260 -60.51 -19.75 17.55
C SER N 260 -61.30 -18.45 17.40
N HIS N 261 -61.97 -18.24 16.27
CA HIS N 261 -62.62 -16.96 16.02
C HIS N 261 -63.61 -16.59 17.13
N ASN N 262 -64.38 -17.55 17.63
CA ASN N 262 -65.33 -17.28 18.71
C ASN N 262 -65.09 -18.13 19.95
N GLN N 263 -64.20 -19.12 19.86
CA GLN N 263 -63.68 -19.79 21.04
C GLN N 263 -63.34 -18.75 22.10
N ILE N 264 -62.93 -17.57 21.62
CA ILE N 264 -62.56 -16.48 22.53
C ILE N 264 -63.69 -16.22 23.51
N SER N 265 -64.87 -15.90 23.00
CA SER N 265 -66.01 -15.64 23.87
C SER N 265 -66.44 -16.90 24.60
N GLN N 266 -66.32 -18.05 23.93
CA GLN N 266 -66.70 -19.32 24.53
C GLN N 266 -66.06 -19.52 25.90
N PHE N 267 -64.73 -19.32 25.98
CA PHE N 267 -64.08 -19.31 27.29
C PHE N 267 -64.40 -18.06 28.07
N ARG N 268 -64.27 -16.91 27.40
CA ARG N 268 -64.31 -15.61 28.05
C ARG N 268 -65.42 -15.60 29.08
N HIS N 269 -66.66 -15.77 28.61
CA HIS N 269 -67.81 -15.58 29.50
C HIS N 269 -67.88 -16.66 30.56
N ALA N 270 -67.53 -17.89 30.18
CA ALA N 270 -67.61 -19.01 31.12
C ALA N 270 -66.69 -18.77 32.31
N VAL N 271 -65.41 -18.55 32.01
CA VAL N 271 -64.43 -18.38 33.06
C VAL N 271 -64.65 -17.08 33.83
N VAL N 272 -65.02 -15.99 33.14
CA VAL N 272 -65.21 -14.73 33.84
C VAL N 272 -66.34 -14.85 34.86
N ARG N 273 -67.42 -15.53 34.47
CA ARG N 273 -68.50 -15.74 35.44
C ARG N 273 -68.10 -16.73 36.52
N ASN N 274 -67.22 -17.67 36.20
CA ASN N 274 -66.92 -18.79 37.09
C ASN N 274 -66.53 -18.32 38.48
N LYS N 275 -65.43 -17.56 38.57
CA LYS N 275 -64.77 -17.36 39.86
C LYS N 275 -65.63 -16.54 40.81
N CYS N 276 -66.51 -15.69 40.27
CA CYS N 276 -67.31 -14.81 41.10
C CYS N 276 -68.09 -15.59 42.15
N LYS N 277 -68.64 -16.73 41.75
CA LYS N 277 -69.40 -17.60 42.65
C LYS N 277 -68.49 -18.38 43.60
N HIS N 278 -67.34 -18.80 43.09
CA HIS N 278 -66.28 -19.30 43.95
C HIS N 278 -66.00 -18.33 45.07
N ASN N 279 -66.05 -17.04 44.75
CA ASN N 279 -65.63 -15.94 45.59
C ASN N 279 -66.83 -15.09 45.97
N PRO N 280 -67.56 -15.46 47.01
CA PRO N 280 -68.72 -14.66 47.41
C PRO N 280 -68.33 -13.39 48.14
N THR N 281 -67.37 -13.49 49.06
CA THR N 281 -66.99 -12.33 49.85
C THR N 281 -66.23 -11.30 49.02
N LEU N 282 -65.60 -11.72 47.92
CA LEU N 282 -64.99 -10.77 47.01
C LEU N 282 -66.04 -9.82 46.45
N THR N 283 -65.57 -8.69 45.94
CA THR N 283 -66.42 -7.68 45.31
C THR N 283 -65.73 -7.14 44.06
N ASN N 284 -66.54 -6.83 43.05
CA ASN N 284 -66.06 -6.33 41.77
C ASN N 284 -64.90 -7.18 41.25
N LEU N 285 -65.19 -8.46 41.02
CA LEU N 285 -64.18 -9.38 40.54
C LEU N 285 -63.83 -9.11 39.08
N SER N 286 -62.55 -9.31 38.74
CA SER N 286 -62.03 -8.97 37.43
C SER N 286 -61.39 -10.18 36.79
N PHE N 287 -61.41 -10.21 35.46
CA PHE N 287 -61.06 -11.40 34.69
C PHE N 287 -59.64 -11.85 35.02
N ASP N 288 -58.66 -11.04 34.63
CA ASP N 288 -57.28 -11.45 34.75
C ASP N 288 -56.81 -11.48 36.20
N THR N 289 -57.34 -10.60 37.03
CA THR N 289 -56.86 -10.45 38.39
C THR N 289 -56.70 -11.82 39.03
N PRO N 290 -55.56 -12.10 39.69
CA PRO N 290 -55.33 -13.47 40.17
C PRO N 290 -56.33 -13.88 41.24
N VAL N 291 -57.23 -14.80 40.86
CA VAL N 291 -58.17 -15.38 41.79
C VAL N 291 -58.39 -16.82 41.36
N TYR N 292 -58.87 -17.65 42.29
CA TYR N 292 -58.96 -19.08 42.02
C TYR N 292 -60.24 -19.42 41.27
N PHE N 293 -60.10 -20.30 40.28
CA PHE N 293 -61.22 -20.88 39.57
C PHE N 293 -60.96 -22.37 39.39
N SER N 294 -62.04 -23.12 39.19
CA SER N 294 -61.98 -24.55 38.96
C SER N 294 -62.21 -24.85 37.49
N ILE N 295 -61.26 -25.55 36.86
CA ILE N 295 -61.51 -26.05 35.52
C ILE N 295 -62.47 -27.23 35.57
N ASP N 296 -62.43 -28.02 36.65
CA ASP N 296 -63.48 -29.00 36.89
C ASP N 296 -64.87 -28.39 36.80
N GLU N 297 -64.98 -27.07 37.03
CA GLU N 297 -66.26 -26.40 36.93
C GLU N 297 -66.59 -26.00 35.50
N VAL N 298 -65.62 -25.50 34.74
CA VAL N 298 -65.91 -24.94 33.42
C VAL N 298 -66.03 -26.03 32.38
N VAL N 299 -65.23 -27.11 32.55
CA VAL N 299 -65.11 -28.14 31.53
C VAL N 299 -66.49 -28.61 31.11
N THR N 300 -67.33 -28.99 32.07
CA THR N 300 -68.61 -29.57 31.74
C THR N 300 -69.65 -28.52 31.38
N TYR N 301 -69.49 -27.29 31.87
CA TYR N 301 -70.38 -26.23 31.43
C TYR N 301 -70.31 -26.08 29.93
N LEU N 302 -69.11 -26.26 29.37
CA LEU N 302 -68.99 -26.29 27.92
C LEU N 302 -69.98 -27.32 27.35
N GLU N 303 -69.91 -28.57 27.80
CA GLU N 303 -70.73 -29.61 27.19
C GLU N 303 -72.22 -29.40 27.44
N ASN N 304 -72.60 -28.84 28.59
CA ASN N 304 -74.04 -28.73 28.84
C ASN N 304 -74.64 -27.59 28.03
N MET N 305 -73.99 -26.43 27.98
CA MET N 305 -74.46 -25.43 27.02
C MET N 305 -74.26 -25.89 25.58
N ASN N 306 -73.42 -26.92 25.37
CA ASN N 306 -73.29 -27.52 24.04
C ASN N 306 -74.55 -28.29 23.66
N ASN N 307 -74.95 -29.25 24.49
CA ASN N 307 -76.07 -30.12 24.17
C ASN N 307 -77.41 -29.57 24.63
N GLU N 308 -77.45 -28.33 25.12
CA GLU N 308 -78.73 -27.74 25.47
C GLU N 308 -79.57 -27.53 24.22
N VAL N 309 -80.88 -27.54 24.39
CA VAL N 309 -81.84 -27.42 23.31
C VAL N 309 -82.84 -26.32 23.68
N ILE N 310 -83.13 -25.43 22.74
CA ILE N 310 -83.99 -24.28 22.99
C ILE N 310 -85.37 -24.60 22.46
N GLY N 311 -86.35 -24.74 23.37
CA GLY N 311 -87.71 -25.00 22.95
C GLY N 311 -88.37 -23.72 22.43
N LYS N 312 -89.06 -23.85 21.30
CA LYS N 312 -89.71 -22.72 20.65
C LYS N 312 -91.21 -22.68 20.87
N LEU N 313 -91.72 -23.43 21.85
CA LEU N 313 -93.11 -23.25 22.25
C LEU N 313 -93.32 -21.83 22.74
N ALA N 314 -94.51 -21.29 22.51
CA ALA N 314 -94.78 -19.91 22.91
C ALA N 314 -94.60 -19.77 24.41
N GLY N 315 -93.70 -18.86 24.80
CA GLY N 315 -93.36 -18.69 26.20
C GLY N 315 -92.40 -19.73 26.72
N GLU N 316 -91.62 -20.35 25.85
CA GLU N 316 -90.78 -21.49 26.20
C GLU N 316 -89.36 -21.30 25.67
N GLY N 317 -88.95 -20.04 25.49
CA GLY N 317 -87.64 -19.77 24.94
C GLY N 317 -86.56 -19.96 25.98
N LYS N 318 -86.41 -21.20 26.43
CA LYS N 318 -85.53 -21.56 27.52
C LYS N 318 -84.87 -22.89 27.18
N PRO N 319 -83.74 -23.20 27.80
CA PRO N 319 -83.13 -24.53 27.57
C PRO N 319 -84.05 -25.62 28.10
N LYS N 320 -84.43 -26.52 27.21
CA LYS N 320 -85.48 -27.50 27.51
C LYS N 320 -84.84 -28.74 28.15
N LEU N 321 -85.40 -29.16 29.28
CA LEU N 321 -84.84 -30.24 30.08
C LEU N 321 -85.51 -31.58 29.76
N ALA N 322 -84.94 -32.65 30.33
CA ALA N 322 -85.45 -33.99 30.08
C ALA N 322 -86.89 -34.13 30.55
N ASN N 323 -87.23 -33.53 31.68
CA ASN N 323 -88.60 -33.44 32.15
C ASN N 323 -89.24 -32.11 31.83
N GLU N 324 -88.59 -31.30 30.98
CA GLU N 324 -89.07 -29.98 30.58
C GLU N 324 -89.16 -29.00 31.75
N THR N 325 -88.43 -29.27 32.83
CA THR N 325 -88.20 -28.22 33.82
C THR N 325 -87.35 -27.13 33.18
N LEU N 326 -87.47 -25.91 33.69
CA LEU N 326 -86.75 -24.79 33.11
C LEU N 326 -86.13 -23.94 34.21
N VAL N 327 -84.90 -23.51 33.96
CA VAL N 327 -84.05 -22.86 34.97
C VAL N 327 -84.02 -21.37 34.69
N SER N 328 -84.07 -20.56 35.75
CA SER N 328 -83.89 -19.12 35.57
C SER N 328 -82.45 -18.81 35.17
N ASP N 329 -81.48 -19.51 35.78
CA ASP N 329 -80.07 -19.30 35.49
C ASP N 329 -79.45 -20.65 35.17
N ARG N 330 -78.75 -20.71 34.04
CA ARG N 330 -78.17 -21.95 33.55
C ARG N 330 -77.00 -22.41 34.43
N ASP N 331 -76.02 -21.53 34.62
CA ASP N 331 -74.82 -21.91 35.37
C ASP N 331 -75.14 -22.23 36.83
N GLU N 332 -76.26 -21.73 37.35
CA GLU N 332 -76.66 -22.01 38.72
C GLU N 332 -76.57 -23.51 39.04
N LEU N 333 -77.24 -24.33 38.23
CA LEU N 333 -77.19 -25.78 38.37
C LEU N 333 -76.26 -26.46 37.38
N TYR N 334 -76.06 -25.88 36.20
CA TYR N 334 -75.17 -26.49 35.23
C TYR N 334 -73.81 -26.77 35.85
N PHE N 335 -73.19 -25.75 36.44
CA PHE N 335 -71.95 -25.95 37.17
C PHE N 335 -72.09 -27.02 38.24
N ASP N 336 -73.29 -27.15 38.82
CA ASP N 336 -73.48 -28.09 39.92
C ASP N 336 -73.29 -29.53 39.46
N ALA N 337 -73.89 -29.90 38.33
CA ALA N 337 -73.74 -31.25 37.81
C ALA N 337 -74.09 -31.25 36.32
N VAL N 338 -73.64 -32.30 35.64
CA VAL N 338 -73.95 -32.48 34.23
C VAL N 338 -75.44 -32.74 34.05
N GLN N 339 -75.95 -32.39 32.88
CA GLN N 339 -77.39 -32.35 32.62
C GLN N 339 -77.74 -33.27 31.46
N SER N 340 -79.02 -33.64 31.39
CA SER N 340 -79.59 -34.37 30.27
C SER N 340 -80.74 -33.58 29.67
N PHE N 341 -80.77 -33.45 28.35
CA PHE N 341 -81.79 -32.68 27.66
C PHE N 341 -82.40 -33.49 26.52
N ILE N 342 -83.50 -32.96 25.98
CA ILE N 342 -84.27 -33.64 24.96
C ILE N 342 -83.56 -33.57 23.60
N VAL N 343 -83.81 -34.55 22.75
CA VAL N 343 -83.34 -34.53 21.37
C VAL N 343 -84.30 -33.72 20.52
N ALA N 344 -83.76 -32.97 19.56
CA ALA N 344 -84.57 -32.08 18.74
C ALA N 344 -85.62 -32.85 17.95
N SER N 345 -86.82 -32.27 17.85
CA SER N 345 -87.90 -32.85 17.09
C SER N 345 -88.71 -31.75 16.43
N GLN N 346 -89.13 -32.01 15.19
CA GLN N 346 -89.87 -31.03 14.41
C GLN N 346 -91.37 -31.03 14.73
N ALA N 347 -91.93 -32.17 15.13
CA ALA N 347 -93.35 -32.25 15.45
C ALA N 347 -93.74 -31.16 16.43
N ALA N 348 -94.99 -30.70 16.33
CA ALA N 348 -95.42 -29.54 17.09
C ALA N 348 -95.33 -29.78 18.59
N ALA N 349 -95.77 -30.95 19.05
CA ALA N 349 -95.77 -31.20 20.49
C ALA N 349 -94.35 -31.27 21.04
N THR N 350 -93.39 -31.66 20.21
CA THR N 350 -92.01 -31.86 20.64
C THR N 350 -91.05 -30.89 19.94
N LYS N 351 -91.52 -29.69 19.62
CA LYS N 351 -90.67 -28.77 18.84
C LYS N 351 -89.48 -28.32 19.67
N ALA N 352 -88.30 -28.33 19.03
CA ALA N 352 -87.05 -27.95 19.67
C ALA N 352 -86.10 -27.39 18.62
N SER N 353 -85.13 -26.59 19.07
CA SER N 353 -84.18 -25.94 18.18
C SER N 353 -82.75 -26.09 18.70
N ASN N 354 -81.82 -26.31 17.77
CA ASN N 354 -80.41 -26.44 18.08
C ASN N 354 -79.87 -25.19 18.76
N GLY N 355 -78.86 -25.39 19.60
CA GLY N 355 -78.13 -24.32 20.24
C GLY N 355 -77.17 -23.64 19.28
N PRO N 356 -77.02 -22.30 19.38
CA PRO N 356 -76.05 -21.63 18.50
C PRO N 356 -74.60 -22.00 18.76
N PHE N 357 -74.31 -22.58 19.92
CA PHE N 357 -72.95 -23.01 20.26
C PHE N 357 -72.68 -24.47 19.95
N ASN N 358 -73.70 -25.26 19.61
CA ASN N 358 -73.56 -26.71 19.62
C ASN N 358 -72.89 -27.16 18.33
N GLY N 359 -72.04 -28.18 18.47
CA GLY N 359 -71.39 -28.80 17.32
C GLY N 359 -70.30 -27.96 16.69
N GLU N 360 -69.92 -26.83 17.30
CA GLU N 360 -68.85 -25.99 16.79
C GLU N 360 -67.55 -26.07 17.58
N PHE N 361 -67.59 -26.53 18.83
CA PHE N 361 -66.42 -26.56 19.69
C PHE N 361 -66.20 -27.95 20.28
N ASP N 362 -66.45 -29.00 19.49
CA ASP N 362 -66.21 -30.35 19.97
C ASP N 362 -64.71 -30.65 20.05
N ARG N 363 -63.98 -30.44 18.96
CA ARG N 363 -62.55 -30.73 18.95
C ARG N 363 -61.85 -30.04 20.13
N MET N 364 -62.28 -28.81 20.43
CA MET N 364 -61.88 -28.13 21.65
C MET N 364 -61.94 -29.07 22.85
N ILE N 365 -63.15 -29.51 23.21
CA ILE N 365 -63.31 -30.32 24.42
C ILE N 365 -62.52 -31.60 24.33
N LEU N 366 -62.46 -32.18 23.13
CA LEU N 366 -61.73 -33.43 22.95
C LEU N 366 -60.27 -33.25 23.34
N ARG N 367 -59.60 -32.27 22.75
CA ARG N 367 -58.18 -32.12 23.01
C ARG N 367 -57.91 -31.50 24.37
N LEU N 368 -58.89 -30.79 24.93
CA LEU N 368 -58.81 -30.40 26.34
C LEU N 368 -58.68 -31.64 27.21
N HIS N 369 -59.63 -32.57 27.08
CA HIS N 369 -59.55 -33.81 27.83
C HIS N 369 -58.25 -34.53 27.54
N THR N 370 -57.77 -34.45 26.30
CA THR N 370 -56.51 -35.08 25.94
C THR N 370 -55.38 -34.56 26.82
N ARG N 371 -55.14 -33.25 26.75
CA ARG N 371 -54.01 -32.68 27.47
C ARG N 371 -54.20 -32.78 28.98
N LEU N 372 -55.44 -32.73 29.46
CA LEU N 372 -55.69 -33.02 30.87
C LEU N 372 -55.33 -34.45 31.20
N ALA N 373 -55.52 -35.37 30.27
CA ALA N 373 -55.14 -36.76 30.50
C ALA N 373 -53.66 -36.89 30.79
N ASP N 374 -52.86 -35.91 30.42
CA ASP N 374 -51.43 -36.02 30.56
C ASP N 374 -51.06 -36.21 32.02
N PRO N 375 -50.37 -37.29 32.38
CA PRO N 375 -49.93 -37.45 33.77
C PRO N 375 -48.77 -36.55 34.15
N ARG N 376 -48.03 -36.03 33.16
CA ARG N 376 -46.87 -35.22 33.49
C ARG N 376 -47.26 -33.85 34.02
N LEU N 377 -48.37 -33.30 33.52
CA LEU N 377 -48.70 -31.90 33.73
C LEU N 377 -49.62 -31.70 34.93
N GLN N 378 -49.96 -32.76 35.67
CA GLN N 378 -51.01 -32.66 36.66
C GLN N 378 -50.52 -32.02 37.96
N PHE N 379 -49.23 -32.16 38.26
CA PHE N 379 -48.67 -31.50 39.44
C PHE N 379 -49.08 -30.04 39.52
N LEU N 380 -49.06 -29.35 38.38
CA LEU N 380 -49.47 -27.96 38.32
C LEU N 380 -50.99 -27.83 38.33
N PHE N 381 -51.67 -28.67 37.56
CA PHE N 381 -53.12 -28.62 37.52
C PHE N 381 -53.72 -28.97 38.87
N TYR N 382 -53.10 -29.91 39.58
CA TYR N 382 -53.60 -30.40 40.85
C TYR N 382 -52.49 -30.31 41.88
N PRO N 383 -52.36 -29.17 42.53
CA PRO N 383 -51.43 -29.07 43.66
C PRO N 383 -52.12 -29.42 44.97
N LYS N 384 -51.56 -30.36 45.72
CA LYS N 384 -52.17 -30.82 46.96
C LYS N 384 -51.16 -30.73 48.09
N LYS N 385 -51.63 -30.26 49.23
CA LYS N 385 -50.80 -29.91 50.37
C LYS N 385 -50.51 -31.13 51.23
N GLU N 386 -49.78 -30.92 52.33
CA GLU N 386 -49.50 -32.00 53.26
C GLU N 386 -50.79 -32.62 53.79
N ASP N 387 -51.77 -31.78 54.12
CA ASP N 387 -53.05 -32.29 54.61
C ASP N 387 -53.93 -32.82 53.49
N GLY N 388 -53.75 -32.34 52.27
CA GLY N 388 -54.59 -32.74 51.16
C GLY N 388 -55.76 -31.83 50.91
N GLU N 389 -55.83 -30.68 51.57
CA GLU N 389 -56.96 -29.77 51.41
C GLU N 389 -56.94 -29.11 50.05
N ASP N 390 -58.10 -28.62 49.62
CA ASP N 390 -58.20 -27.96 48.32
C ASP N 390 -57.43 -26.65 48.33
N LEU N 391 -56.94 -26.26 47.17
CA LEU N 391 -56.21 -25.01 47.03
C LEU N 391 -57.19 -23.84 46.95
N ALA N 392 -56.81 -22.73 47.56
CA ALA N 392 -57.69 -21.57 47.63
C ALA N 392 -56.85 -20.30 47.69
N THR N 393 -57.53 -19.18 47.42
CA THR N 393 -56.89 -17.87 47.50
C THR N 393 -56.58 -17.46 48.92
N GLY N 394 -57.01 -18.25 49.91
CA GLY N 394 -56.72 -17.92 51.29
C GLY N 394 -55.24 -17.85 51.59
N ASP N 395 -54.42 -18.64 50.89
CA ASP N 395 -52.98 -18.70 51.12
C ASP N 395 -52.25 -18.49 49.80
N PHE N 396 -52.07 -17.22 49.43
CA PHE N 396 -51.20 -16.86 48.31
C PHE N 396 -49.75 -16.79 48.74
N ALA N 397 -49.50 -16.13 49.87
CA ALA N 397 -48.14 -15.82 50.27
C ALA N 397 -47.28 -17.08 50.31
N ASP N 398 -47.80 -18.14 50.91
CA ASP N 398 -47.02 -19.35 51.08
C ASP N 398 -46.36 -19.78 49.78
N VAL N 399 -47.05 -19.55 48.66
CA VAL N 399 -46.56 -20.12 47.40
C VAL N 399 -45.22 -19.51 47.03
N VAL N 400 -45.00 -18.24 47.36
CA VAL N 400 -43.72 -17.60 47.04
C VAL N 400 -42.64 -18.05 48.01
N ARG N 401 -43.03 -18.43 49.22
CA ARG N 401 -42.06 -18.68 50.27
C ARG N 401 -41.02 -19.70 49.86
N GLN N 402 -41.38 -20.61 48.95
CA GLN N 402 -40.45 -21.65 48.56
C GLN N 402 -39.35 -21.11 47.66
N PHE N 403 -39.71 -20.22 46.73
CA PHE N 403 -38.70 -19.64 45.84
C PHE N 403 -37.72 -18.77 46.62
N VAL N 404 -38.23 -17.78 47.34
CA VAL N 404 -37.37 -16.88 48.09
C VAL N 404 -36.72 -17.62 49.25
N GLY N 405 -37.45 -18.53 49.88
CA GLY N 405 -36.92 -19.24 51.02
C GLY N 405 -37.04 -18.45 52.31
N TYR N 406 -36.03 -18.60 53.16
CA TYR N 406 -36.01 -17.94 54.45
C TYR N 406 -36.02 -16.42 54.29
N MET N 407 -36.28 -15.74 55.41
CA MET N 407 -35.92 -14.33 55.51
C MET N 407 -34.43 -14.15 55.72
N THR N 408 -33.86 -14.93 56.64
CA THR N 408 -32.44 -14.93 56.93
C THR N 408 -31.93 -16.37 56.85
N LYS N 409 -30.62 -16.54 56.94
CA LYS N 409 -30.01 -17.85 56.73
C LYS N 409 -30.41 -18.40 55.36
N SER N 410 -30.16 -17.58 54.34
CA SER N 410 -30.64 -17.87 52.99
C SER N 410 -30.01 -19.14 52.44
N ASN N 411 -30.79 -19.84 51.61
CA ASN N 411 -30.39 -21.11 51.02
C ASN N 411 -30.53 -21.03 49.51
N VAL N 412 -29.80 -21.92 48.84
CA VAL N 412 -29.73 -21.94 47.37
C VAL N 412 -30.81 -22.89 46.87
N SER N 413 -32.01 -22.37 46.68
CA SER N 413 -33.04 -23.14 46.00
C SER N 413 -32.61 -23.46 44.58
N ILE N 414 -32.94 -24.68 44.14
CA ILE N 414 -32.59 -25.17 42.81
C ILE N 414 -33.84 -25.60 42.09
N ILE N 415 -34.06 -25.03 40.93
CA ILE N 415 -35.06 -25.51 39.99
C ILE N 415 -34.39 -26.48 39.03
N ASP N 416 -35.05 -27.61 38.75
CA ASP N 416 -34.54 -28.60 37.81
C ASP N 416 -35.63 -28.85 36.78
N LEU N 417 -35.29 -28.66 35.52
CA LEU N 417 -36.26 -28.64 34.43
C LEU N 417 -36.12 -29.85 33.51
N SER N 418 -35.30 -30.83 33.87
CA SER N 418 -35.11 -31.98 33.00
C SER N 418 -36.39 -32.80 32.86
N GLY N 419 -37.05 -33.08 33.98
CA GLY N 419 -38.23 -33.94 33.93
C GLY N 419 -39.37 -33.30 33.20
N ILE N 420 -39.55 -32.00 33.37
CA ILE N 420 -40.70 -31.30 32.77
C ILE N 420 -40.65 -31.48 31.26
N PRO N 421 -41.80 -31.61 30.58
CA PRO N 421 -41.75 -31.69 29.12
C PRO N 421 -41.19 -30.42 28.52
N PHE N 422 -40.64 -30.57 27.32
CA PHE N 422 -40.01 -29.47 26.61
C PHE N 422 -41.02 -28.64 25.83
N GLU N 423 -42.31 -28.86 26.05
CA GLU N 423 -43.36 -28.15 25.33
C GLU N 423 -43.79 -26.87 26.02
N VAL N 424 -43.85 -26.85 27.35
CA VAL N 424 -44.45 -25.75 28.10
C VAL N 424 -43.41 -24.96 28.89
N LEU N 425 -42.12 -25.25 28.68
CA LEU N 425 -41.07 -24.64 29.50
C LEU N 425 -41.07 -23.12 29.37
N SER N 426 -41.27 -22.62 28.15
CA SER N 426 -41.31 -21.18 27.93
C SER N 426 -42.37 -20.53 28.80
N ILE N 427 -43.58 -21.09 28.79
CA ILE N 427 -44.64 -20.55 29.61
C ILE N 427 -44.33 -20.76 31.09
N VAL N 428 -43.52 -21.76 31.40
CA VAL N 428 -43.24 -22.08 32.79
C VAL N 428 -42.40 -20.99 33.43
N VAL N 429 -41.34 -20.58 32.75
CA VAL N 429 -40.33 -19.75 33.43
C VAL N 429 -40.88 -18.38 33.78
N SER N 430 -41.77 -17.84 32.94
CA SER N 430 -42.12 -16.44 33.01
C SER N 430 -42.74 -16.09 34.36
N LEU N 431 -43.73 -16.86 34.79
CA LEU N 431 -44.41 -16.55 36.02
C LEU N 431 -43.49 -16.70 37.22
N ILE N 432 -42.58 -17.67 37.15
CA ILE N 432 -41.65 -17.88 38.24
C ILE N 432 -40.78 -16.65 38.40
N SER N 433 -40.38 -16.04 37.28
CA SER N 433 -39.59 -14.81 37.36
C SER N 433 -40.44 -13.64 37.85
N ARG N 434 -41.65 -13.51 37.31
CA ARG N 434 -42.53 -12.40 37.63
C ARG N 434 -42.77 -12.33 39.14
N MET N 435 -42.93 -13.47 39.78
CA MET N 435 -43.26 -13.45 41.21
C MET N 435 -42.14 -12.82 42.02
N ILE N 436 -40.91 -13.23 41.79
CA ILE N 436 -39.80 -12.69 42.56
C ILE N 436 -39.57 -11.22 42.23
N PHE N 437 -39.80 -10.83 40.98
CA PHE N 437 -39.74 -9.41 40.66
C PHE N 437 -40.70 -8.62 41.52
N ASP N 438 -41.97 -9.04 41.52
CA ASP N 438 -42.96 -8.35 42.32
C ASP N 438 -42.55 -8.28 43.79
N PHE N 439 -42.05 -9.38 44.33
CA PHE N 439 -41.66 -9.40 45.73
C PHE N 439 -40.60 -8.34 46.00
N GLY N 440 -39.54 -8.34 45.20
CA GLY N 440 -38.51 -7.35 45.40
C GLY N 440 -39.07 -5.94 45.35
N PHE N 441 -39.98 -5.70 44.41
CA PHE N 441 -40.61 -4.40 44.29
C PHE N 441 -41.23 -3.99 45.61
N HIS N 442 -42.10 -4.84 46.14
CA HIS N 442 -42.92 -4.42 47.26
C HIS N 442 -42.12 -4.33 48.54
N TYR N 443 -41.14 -5.22 48.73
CA TYR N 443 -40.25 -5.07 49.88
C TYR N 443 -39.48 -3.78 49.79
N SER N 444 -38.97 -3.46 48.59
CA SER N 444 -38.23 -2.22 48.43
C SER N 444 -39.11 -1.02 48.72
N LYS N 445 -40.42 -1.13 48.47
CA LYS N 445 -41.31 -0.01 48.77
C LYS N 445 -41.57 0.13 50.26
N ASN N 446 -41.83 -0.98 50.93
CA ASN N 446 -41.95 -0.94 52.39
C ASN N 446 -40.71 -0.32 53.00
N ARG N 447 -39.53 -0.60 52.43
CA ARG N 447 -38.31 0.06 52.89
C ARG N 447 -38.26 1.52 52.44
N HIS N 448 -38.79 1.82 51.25
CA HIS N 448 -38.83 3.20 50.75
C HIS N 448 -39.50 4.11 51.77
N VAL N 449 -40.64 3.67 52.28
CA VAL N 449 -41.23 4.40 53.39
C VAL N 449 -40.42 4.15 54.65
N GLY N 450 -39.73 3.00 54.72
CA GLY N 450 -38.88 2.70 55.85
C GLY N 450 -37.69 3.63 55.96
N GLY N 451 -37.16 4.08 54.82
CA GLY N 451 -36.01 4.95 54.78
C GLY N 451 -34.70 4.28 54.42
N ALA N 452 -34.71 2.98 54.12
CA ALA N 452 -33.54 2.27 53.63
C ALA N 452 -33.93 1.51 52.37
N VAL N 453 -32.93 0.93 51.72
CA VAL N 453 -33.15 0.12 50.53
C VAL N 453 -33.14 -1.35 50.90
N SER N 454 -33.64 -2.18 49.99
CA SER N 454 -33.89 -3.58 50.29
C SER N 454 -32.60 -4.31 50.64
N ASP N 455 -32.74 -5.29 51.55
CA ASP N 455 -31.63 -6.12 52.00
C ASP N 455 -31.90 -7.59 51.66
N VAL N 456 -32.71 -7.84 50.65
CA VAL N 456 -33.07 -9.21 50.26
C VAL N 456 -32.82 -9.37 48.78
N PRO N 457 -31.55 -9.49 48.36
CA PRO N 457 -31.23 -9.59 46.93
C PRO N 457 -31.34 -11.03 46.43
N ILE N 458 -31.97 -11.18 45.27
CA ILE N 458 -32.14 -12.46 44.61
C ILE N 458 -31.33 -12.45 43.32
N LEU N 459 -30.50 -13.47 43.15
CA LEU N 459 -29.69 -13.66 41.94
C LEU N 459 -30.21 -14.87 41.18
N VAL N 460 -30.80 -14.62 40.03
CA VAL N 460 -31.22 -15.67 39.12
C VAL N 460 -30.05 -16.05 38.22
N VAL N 461 -29.94 -17.35 37.95
CA VAL N 461 -28.85 -17.90 37.14
C VAL N 461 -29.45 -18.69 36.00
N CYS N 462 -28.97 -18.43 34.79
CA CYS N 462 -29.53 -19.01 33.57
C CYS N 462 -28.43 -19.66 32.74
N GLU N 463 -28.67 -20.90 32.31
CA GLU N 463 -27.80 -21.60 31.39
C GLU N 463 -28.59 -21.98 30.14
N GLU N 464 -27.88 -22.19 29.04
CA GLU N 464 -28.50 -22.42 27.74
C GLU N 464 -29.55 -21.34 27.48
N ALA N 465 -29.07 -20.11 27.47
CA ALA N 465 -29.99 -18.98 27.32
C ALA N 465 -30.62 -18.97 25.94
N HIS N 466 -29.91 -19.45 24.93
CA HIS N 466 -30.43 -19.45 23.57
C HIS N 466 -31.67 -20.32 23.42
N ASN N 467 -31.97 -21.16 24.41
CA ASN N 467 -33.16 -21.99 24.33
C ASN N 467 -34.42 -21.17 24.53
N TYR N 468 -34.49 -20.39 25.60
CA TYR N 468 -35.67 -19.60 25.92
C TYR N 468 -35.44 -18.10 25.76
N LEU N 469 -34.41 -17.70 25.05
CA LEU N 469 -34.21 -16.30 24.73
C LEU N 469 -33.69 -16.12 23.31
N PRO N 470 -34.26 -16.81 22.33
CA PRO N 470 -33.71 -16.75 20.98
C PRO N 470 -33.90 -15.40 20.32
N ARG N 471 -32.91 -15.01 19.53
CA ARG N 471 -33.09 -13.85 18.66
C ARG N 471 -34.15 -14.13 17.60
N SER N 472 -34.09 -15.31 17.00
CA SER N 472 -35.08 -15.75 16.01
C SER N 472 -35.96 -16.77 16.73
N GLY N 473 -37.13 -16.32 17.18
CA GLY N 473 -37.99 -17.17 17.97
C GLY N 473 -39.44 -16.97 17.60
N GLY N 474 -40.23 -18.01 17.89
CA GLY N 474 -41.64 -17.96 17.60
C GLY N 474 -42.39 -17.12 18.59
N ALA N 475 -43.68 -16.90 18.27
CA ALA N 475 -44.52 -16.08 19.14
C ALA N 475 -44.50 -16.58 20.57
N ALA N 476 -44.53 -17.90 20.75
CA ALA N 476 -44.59 -18.47 22.08
C ALA N 476 -43.43 -17.98 22.93
N TYR N 477 -42.23 -18.00 22.37
CA TYR N 477 -41.07 -17.50 23.11
C TYR N 477 -41.25 -16.05 23.49
N ASP N 478 -41.79 -15.24 22.57
CA ASP N 478 -42.02 -13.83 22.86
C ASP N 478 -42.98 -13.64 24.02
N ALA N 479 -43.73 -14.67 24.40
CA ALA N 479 -44.61 -14.55 25.55
C ALA N 479 -43.85 -14.55 26.86
N SER N 480 -42.69 -15.22 26.90
CA SER N 480 -41.87 -15.28 28.11
C SER N 480 -40.50 -14.66 27.93
N ARG N 481 -40.18 -14.17 26.73
CA ARG N 481 -38.91 -13.48 26.53
C ARG N 481 -38.90 -12.16 27.28
N LYS N 482 -39.82 -11.27 26.96
CA LYS N 482 -39.82 -9.94 27.55
C LYS N 482 -39.93 -10.01 29.06
N SER N 483 -40.70 -10.98 29.57
CA SER N 483 -40.84 -11.14 31.00
C SER N 483 -39.48 -11.30 31.67
N ILE N 484 -38.60 -12.06 31.05
CA ILE N 484 -37.27 -12.23 31.62
C ILE N 484 -36.42 -10.99 31.40
N GLU N 485 -36.65 -10.26 30.31
CA GLU N 485 -35.77 -9.15 29.96
C GLU N 485 -36.05 -7.92 30.82
N ARG N 486 -37.30 -7.73 31.20
CA ARG N 486 -37.68 -6.66 32.11
C ARG N 486 -36.69 -6.56 33.25
N ILE N 487 -36.49 -7.67 33.96
CA ILE N 487 -35.65 -7.73 35.14
C ILE N 487 -34.28 -7.17 34.86
N ALA N 488 -33.78 -7.36 33.65
CA ALA N 488 -32.43 -6.91 33.34
C ALA N 488 -32.37 -5.41 33.25
N LYS N 489 -33.36 -4.79 32.61
CA LYS N 489 -33.27 -3.37 32.30
C LYS N 489 -33.46 -2.49 33.52
N GLU N 490 -34.45 -2.79 34.34
CA GLU N 490 -34.83 -1.92 35.44
C GLU N 490 -34.59 -2.54 36.80
N GLY N 491 -34.12 -3.79 36.85
CA GLY N 491 -34.13 -4.51 38.10
C GLY N 491 -33.06 -4.10 39.07
N ARG N 492 -31.96 -3.57 38.56
CA ARG N 492 -30.83 -3.23 39.42
C ARG N 492 -31.28 -2.40 40.60
N LYS N 493 -32.33 -1.61 40.42
CA LYS N 493 -32.77 -0.69 41.46
C LYS N 493 -33.46 -1.42 42.58
N TYR N 494 -34.24 -2.44 42.25
CA TYR N 494 -35.11 -3.10 43.21
C TYR N 494 -34.49 -4.36 43.79
N GLY N 495 -33.23 -4.63 43.50
CA GLY N 495 -32.51 -5.68 44.19
C GLY N 495 -32.48 -7.03 43.53
N VAL N 496 -32.83 -7.12 42.25
CA VAL N 496 -32.94 -8.38 41.53
C VAL N 496 -31.91 -8.40 40.42
N THR N 497 -31.09 -9.45 40.38
CA THR N 497 -29.98 -9.49 39.45
C THR N 497 -29.94 -10.81 38.69
N LEU N 498 -29.17 -10.78 37.58
CA LEU N 498 -29.15 -11.85 36.60
C LEU N 498 -27.72 -12.32 36.34
N MET N 499 -27.60 -13.61 36.01
CA MET N 499 -26.35 -14.22 35.57
C MET N 499 -26.65 -15.11 34.37
N VAL N 500 -25.79 -15.03 33.36
CA VAL N 500 -26.00 -15.69 32.09
C VAL N 500 -24.81 -16.56 31.74
N VAL N 501 -25.08 -17.73 31.17
CA VAL N 501 -24.03 -18.59 30.63
C VAL N 501 -24.46 -19.05 29.25
N SER N 502 -23.52 -19.02 28.31
CA SER N 502 -23.82 -19.34 26.92
C SER N 502 -22.64 -20.04 26.28
N GLN N 503 -22.90 -21.22 25.72
CA GLN N 503 -21.89 -21.93 24.96
C GLN N 503 -21.52 -21.15 23.70
N ARG N 504 -22.53 -20.59 23.07
CA ARG N 504 -22.38 -19.80 21.85
C ARG N 504 -23.05 -18.45 22.01
N PRO N 505 -22.31 -17.36 22.07
CA PRO N 505 -22.94 -16.09 22.49
C PRO N 505 -23.77 -15.42 21.42
N SER N 506 -23.29 -15.40 20.17
CA SER N 506 -23.86 -14.52 19.16
C SER N 506 -25.29 -14.87 18.80
N GLU N 507 -25.77 -16.05 19.17
CA GLU N 507 -27.14 -16.43 18.86
C GLU N 507 -28.14 -15.52 19.54
N VAL N 508 -28.01 -15.36 20.85
CA VAL N 508 -29.10 -14.80 21.64
C VAL N 508 -29.22 -13.31 21.39
N SER N 509 -30.42 -12.78 21.67
CA SER N 509 -30.71 -11.37 21.45
C SER N 509 -29.67 -10.50 22.15
N GLU N 510 -29.01 -9.65 21.38
CA GLU N 510 -27.97 -8.79 21.94
C GLU N 510 -28.52 -7.84 22.99
N THR N 511 -29.84 -7.60 22.99
CA THR N 511 -30.43 -6.70 23.97
C THR N 511 -30.08 -7.14 25.39
N ILE N 512 -30.07 -8.44 25.62
CA ILE N 512 -29.81 -8.96 26.96
C ILE N 512 -28.35 -8.84 27.30
N PHE N 513 -27.46 -9.09 26.33
CA PHE N 513 -26.04 -9.02 26.60
C PHE N 513 -25.60 -7.60 26.88
N SER N 514 -26.12 -6.64 26.12
CA SER N 514 -25.64 -5.27 26.24
C SER N 514 -25.69 -4.77 27.66
N GLN N 515 -26.63 -5.27 28.46
CA GLN N 515 -26.77 -4.81 29.83
C GLN N 515 -25.55 -5.17 30.66
N CYS N 516 -25.02 -6.37 30.47
CA CYS N 516 -23.99 -6.87 31.35
C CYS N 516 -22.75 -5.99 31.31
N SER N 517 -22.14 -5.80 32.48
CA SER N 517 -21.03 -4.89 32.66
C SER N 517 -19.68 -5.58 32.82
N ASN N 518 -19.64 -6.74 33.44
CA ASN N 518 -18.43 -7.51 33.64
C ASN N 518 -18.47 -8.76 32.78
N PHE N 519 -17.34 -9.11 32.18
CA PHE N 519 -17.29 -10.19 31.21
C PHE N 519 -16.10 -11.10 31.45
N ILE N 520 -16.38 -12.40 31.36
CA ILE N 520 -15.42 -13.48 31.51
C ILE N 520 -15.38 -14.28 30.23
N SER N 521 -14.18 -14.71 29.83
CA SER N 521 -14.04 -15.45 28.58
C SER N 521 -13.11 -16.64 28.77
N LEU N 522 -13.45 -17.72 28.07
CA LEU N 522 -12.65 -18.92 27.96
C LEU N 522 -12.25 -19.11 26.49
N ARG N 523 -11.64 -20.25 26.18
CA ARG N 523 -11.16 -20.49 24.82
C ARG N 523 -12.31 -20.35 23.83
N LEU N 524 -12.04 -19.71 22.70
CA LEU N 524 -13.04 -19.47 21.68
C LEU N 524 -12.38 -19.61 20.31
N THR N 525 -12.96 -20.46 19.46
CA THR N 525 -12.36 -20.80 18.18
C THR N 525 -13.20 -20.34 17.00
N ASN N 526 -14.50 -20.65 17.00
CA ASN N 526 -15.34 -20.33 15.86
C ASN N 526 -15.38 -18.84 15.60
N ALA N 527 -15.17 -18.46 14.33
CA ALA N 527 -14.93 -17.06 13.99
C ALA N 527 -16.21 -16.24 14.11
N VAL N 528 -17.33 -16.73 13.58
CA VAL N 528 -18.58 -15.99 13.69
C VAL N 528 -18.95 -15.80 15.15
N ASP N 529 -18.64 -16.77 16.00
CA ASP N 529 -18.83 -16.61 17.42
C ASP N 529 -17.76 -15.71 18.02
N GLN N 530 -16.60 -15.62 17.39
CA GLN N 530 -15.47 -14.90 17.98
C GLN N 530 -15.58 -13.40 17.74
N THR N 531 -15.51 -12.98 16.48
CA THR N 531 -15.33 -11.57 16.17
C THR N 531 -16.45 -10.72 16.75
N TYR N 532 -17.61 -11.29 16.99
CA TYR N 532 -18.72 -10.52 17.54
C TYR N 532 -18.42 -10.09 18.97
N VAL N 533 -17.98 -11.04 19.79
CA VAL N 533 -17.70 -10.74 21.20
C VAL N 533 -16.77 -9.53 21.30
N LYS N 534 -15.71 -9.52 20.49
CA LYS N 534 -14.69 -8.49 20.63
C LYS N 534 -15.30 -7.09 20.63
N SER N 535 -16.42 -6.92 19.94
CA SER N 535 -17.02 -5.60 19.85
C SER N 535 -17.69 -5.21 21.16
N LEU N 536 -18.15 -6.19 21.92
CA LEU N 536 -18.92 -5.89 23.12
C LEU N 536 -18.01 -5.45 24.25
N LEU N 537 -17.03 -6.27 24.58
CA LEU N 537 -16.29 -6.08 25.82
C LEU N 537 -15.57 -4.74 25.80
N PRO N 538 -15.44 -4.07 26.95
CA PRO N 538 -15.12 -2.64 26.95
C PRO N 538 -13.68 -2.30 26.61
N ASP N 539 -12.74 -2.94 27.30
CA ASP N 539 -11.34 -2.54 27.30
C ASP N 539 -10.46 -3.50 26.49
N LEU N 540 -11.03 -4.09 25.44
CA LEU N 540 -10.29 -5.06 24.63
C LEU N 540 -9.28 -4.37 23.72
N SER N 541 -8.14 -5.03 23.52
CA SER N 541 -7.10 -4.54 22.62
C SER N 541 -6.69 -5.66 21.70
N ALA N 542 -5.94 -5.32 20.66
CA ALA N 542 -5.54 -6.31 19.67
C ALA N 542 -4.59 -7.35 20.24
N GLY N 543 -3.56 -6.89 20.97
CA GLY N 543 -2.54 -7.81 21.45
C GLY N 543 -3.07 -8.89 22.36
N LEU N 544 -3.99 -8.53 23.26
CA LEU N 544 -4.58 -9.51 24.16
C LEU N 544 -5.64 -10.34 23.45
N GLY N 545 -6.42 -9.71 22.58
CA GLY N 545 -7.47 -10.42 21.86
C GLY N 545 -6.91 -11.52 20.97
N ASP N 546 -5.74 -11.29 20.38
CA ASP N 546 -5.15 -12.29 19.49
C ASP N 546 -4.89 -13.60 20.22
N LEU N 547 -4.67 -13.53 21.54
CA LEU N 547 -4.39 -14.72 22.33
C LEU N 547 -5.63 -15.55 22.62
N LEU N 548 -6.82 -14.99 22.41
CA LEU N 548 -8.06 -15.69 22.77
C LEU N 548 -8.15 -17.08 22.17
N PRO N 549 -7.91 -17.30 20.88
CA PRO N 549 -8.19 -18.63 20.30
C PRO N 549 -7.31 -19.73 20.86
N ASN N 550 -6.03 -19.44 21.09
CA ASN N 550 -5.06 -20.47 21.44
C ASN N 550 -4.95 -20.69 22.95
N LEU N 551 -5.93 -20.22 23.71
CA LEU N 551 -5.92 -20.44 25.14
C LEU N 551 -5.95 -21.94 25.44
N ALA N 552 -5.37 -22.32 26.57
CA ALA N 552 -5.44 -23.69 27.04
C ALA N 552 -6.72 -23.92 27.85
N GLN N 553 -7.01 -25.19 28.10
CA GLN N 553 -8.17 -25.53 28.91
C GLN N 553 -7.99 -24.98 30.32
N GLY N 554 -9.08 -24.48 30.89
CA GLY N 554 -9.02 -23.84 32.19
C GLY N 554 -8.27 -22.53 32.21
N GLU N 555 -8.30 -21.78 31.12
CA GLU N 555 -7.66 -20.48 31.01
C GLU N 555 -8.75 -19.44 30.77
N PHE N 556 -8.76 -18.38 31.59
CA PHE N 556 -9.81 -17.39 31.51
C PHE N 556 -9.23 -15.98 31.48
N LEU N 557 -9.97 -15.10 30.82
CA LEU N 557 -9.65 -13.68 30.73
C LEU N 557 -10.82 -12.88 31.30
N ILE N 558 -10.52 -12.01 32.26
CA ILE N 558 -11.51 -11.22 32.95
C ILE N 558 -11.32 -9.76 32.58
N VAL N 559 -12.43 -9.10 32.23
CA VAL N 559 -12.45 -7.68 31.94
C VAL N 559 -13.75 -7.08 32.43
N GLY N 560 -13.69 -5.79 32.70
CA GLY N 560 -14.86 -5.04 33.12
C GLY N 560 -14.53 -4.10 34.26
N ASP N 561 -15.59 -3.57 34.86
CA ASP N 561 -15.45 -2.62 35.97
C ASP N 561 -14.86 -3.30 37.21
N ALA N 562 -15.23 -4.55 37.45
CA ALA N 562 -14.89 -5.19 38.72
C ALA N 562 -13.39 -5.23 38.98
N PRO N 563 -12.57 -5.75 38.08
CA PRO N 563 -11.13 -5.85 38.37
C PRO N 563 -10.44 -4.49 38.32
N LEU N 564 -9.28 -4.41 38.97
CA LEU N 564 -8.45 -3.23 38.86
C LEU N 564 -8.00 -3.02 37.42
N MET N 565 -7.60 -4.10 36.76
CA MET N 565 -7.06 -4.05 35.41
C MET N 565 -7.31 -5.41 34.75
N PRO N 566 -7.42 -5.44 33.43
CA PRO N 566 -7.70 -6.70 32.74
C PRO N 566 -6.69 -7.78 33.08
N THR N 567 -7.17 -9.01 33.26
CA THR N 567 -6.26 -10.02 33.77
C THR N 567 -6.57 -11.39 33.19
N VAL N 568 -5.54 -12.22 33.13
CA VAL N 568 -5.65 -13.61 32.71
C VAL N 568 -5.32 -14.50 33.90
N GLY N 569 -5.98 -15.66 33.94
CA GLY N 569 -5.78 -16.56 35.06
C GLY N 569 -6.20 -17.98 34.73
N HIS N 570 -5.98 -18.86 35.69
CA HIS N 570 -6.32 -20.27 35.59
C HIS N 570 -7.40 -20.65 36.60
N PHE N 571 -8.14 -21.71 36.25
CA PHE N 571 -9.13 -22.32 37.13
C PHE N 571 -8.55 -23.56 37.80
N MET O 1 6.92 -40.67 21.65
CA MET O 1 7.22 -41.78 22.54
C MET O 1 8.22 -42.74 21.93
N PRO O 2 7.99 -43.15 20.69
CA PRO O 2 8.95 -44.01 19.99
C PRO O 2 10.18 -43.24 19.52
N ASP O 3 11.14 -44.00 19.01
CA ASP O 3 12.32 -43.42 18.41
C ASP O 3 11.94 -42.75 17.09
N LEU O 4 12.45 -41.55 16.89
CA LEU O 4 11.97 -40.68 15.82
C LEU O 4 12.91 -40.60 14.64
N GLY O 5 14.19 -40.79 14.86
CA GLY O 5 15.16 -40.87 13.78
C GLY O 5 16.10 -39.69 13.75
N THR O 6 16.67 -39.49 12.60
CA THR O 6 17.55 -38.37 12.39
C THR O 6 16.75 -37.11 12.08
N PRO O 7 17.19 -35.97 12.59
CA PRO O 7 16.45 -34.73 12.37
C PRO O 7 16.58 -34.20 10.95
N ILE O 8 15.69 -33.27 10.65
CA ILE O 8 15.62 -32.65 9.34
C ILE O 8 16.35 -31.32 9.30
N GLY O 9 16.13 -30.49 10.31
CA GLY O 9 16.76 -29.18 10.30
C GLY O 9 16.61 -28.49 11.63
N SER O 10 17.11 -27.26 11.66
CA SER O 10 17.15 -26.46 12.88
C SER O 10 16.28 -25.23 12.74
N VAL O 11 15.78 -24.76 13.88
CA VAL O 11 14.97 -23.56 13.91
C VAL O 11 15.85 -22.32 13.71
N THR O 12 15.29 -21.30 13.07
CA THR O 12 15.98 -20.05 12.80
C THR O 12 15.24 -18.82 13.28
N ASP O 13 13.95 -18.88 13.50
CA ASP O 13 13.17 -17.73 13.93
C ASP O 13 11.86 -18.23 14.48
N SER O 14 11.44 -17.63 15.59
CA SER O 14 10.30 -18.10 16.34
C SER O 14 9.43 -16.92 16.74
N SER O 15 8.23 -17.25 17.13
CA SER O 15 7.23 -16.31 17.59
C SER O 15 6.00 -17.12 17.99
N PRO O 16 5.03 -16.51 18.65
CA PRO O 16 3.86 -17.27 19.08
C PRO O 16 3.02 -17.77 17.92
N SER O 17 3.07 -17.12 16.77
CA SER O 17 2.28 -17.51 15.62
C SER O 17 3.09 -18.28 14.58
N LEU O 18 4.25 -17.78 14.20
CA LEU O 18 5.03 -18.33 13.11
C LEU O 18 6.30 -18.98 13.61
N ILE O 19 6.69 -20.07 12.98
CA ILE O 19 7.96 -20.74 13.22
C ILE O 19 8.62 -21.01 11.89
N ARG O 20 9.94 -20.82 11.82
CA ARG O 20 10.64 -20.95 10.55
C ARG O 20 11.82 -21.91 10.67
N ILE O 21 11.88 -22.86 9.74
CA ILE O 21 12.90 -23.89 9.72
C ILE O 21 13.67 -23.82 8.41
N GLU O 22 14.94 -24.23 8.47
CA GLU O 22 15.87 -24.07 7.37
C GLU O 22 16.66 -25.35 7.16
N ILE O 23 16.55 -25.92 5.97
CA ILE O 23 17.36 -27.06 5.55
C ILE O 23 18.47 -26.58 4.62
N SER O 24 19.61 -27.29 4.69
CA SER O 24 20.85 -26.87 4.04
C SER O 24 21.48 -27.94 3.17
N SER O 25 20.77 -29.02 2.85
CA SER O 25 21.32 -30.05 1.98
C SER O 25 20.22 -30.58 1.06
N ALA O 26 20.65 -31.08 -0.09
CA ALA O 26 19.73 -31.55 -1.12
C ALA O 26 19.37 -33.02 -0.94
N GLU O 27 20.31 -33.84 -0.50
CA GLU O 27 20.05 -35.26 -0.38
C GLU O 27 18.94 -35.53 0.63
N ASP O 28 19.00 -34.88 1.79
CA ASP O 28 17.99 -35.12 2.82
C ASP O 28 16.60 -34.66 2.37
N PHE O 29 16.52 -33.48 1.76
CA PHE O 29 15.26 -33.00 1.23
C PHE O 29 14.70 -33.93 0.18
N GLU O 30 15.55 -34.40 -0.73
CA GLU O 30 15.11 -35.36 -1.72
C GLU O 30 14.67 -36.66 -1.07
N LYS O 31 15.25 -36.96 0.10
CA LYS O 31 14.93 -38.19 0.80
C LYS O 31 13.56 -38.12 1.45
N TYR O 32 13.20 -36.95 1.99
CA TYR O 32 11.97 -36.76 2.74
C TYR O 32 10.93 -35.93 2.01
N LYS O 33 11.10 -35.75 0.71
CA LYS O 33 10.23 -34.88 -0.08
C LYS O 33 8.76 -35.20 0.12
N SER O 34 8.43 -36.48 0.20
CA SER O 34 7.03 -36.89 0.17
C SER O 34 6.26 -36.46 1.41
N MET O 35 6.95 -36.11 2.49
CA MET O 35 6.28 -35.76 3.74
C MET O 35 6.38 -34.28 4.07
N LEU O 36 6.82 -33.45 3.13
CA LEU O 36 7.08 -32.04 3.40
C LEU O 36 6.22 -31.14 2.53
N GLY O 37 4.99 -31.55 2.29
CA GLY O 37 4.02 -30.73 1.62
C GLY O 37 3.05 -30.07 2.59
N VAL O 38 2.20 -29.22 2.02
CA VAL O 38 1.25 -28.47 2.81
C VAL O 38 0.16 -29.39 3.34
N GLY O 39 -0.22 -29.16 4.59
CA GLY O 39 -1.17 -29.97 5.28
C GLY O 39 -0.59 -31.06 6.15
N GLN O 40 0.70 -31.35 6.00
CA GLN O 40 1.33 -32.37 6.80
C GLN O 40 1.82 -31.77 8.11
N TYR O 41 2.48 -32.59 8.92
CA TYR O 41 2.79 -32.22 10.28
C TYR O 41 4.24 -32.50 10.65
N LEU O 42 4.73 -31.73 11.61
CA LEU O 42 6.10 -31.81 12.07
C LEU O 42 6.14 -31.74 13.59
N LEU O 43 7.19 -32.33 14.17
CA LEU O 43 7.42 -32.29 15.60
C LEU O 43 8.65 -31.45 15.92
N VAL O 44 8.49 -30.49 16.83
CA VAL O 44 9.55 -29.57 17.22
C VAL O 44 9.79 -29.69 18.71
N ALA O 45 11.05 -29.61 19.11
CA ALA O 45 11.42 -29.76 20.50
C ALA O 45 11.39 -28.45 21.26
N SER O 46 10.82 -28.49 22.45
CA SER O 46 10.78 -27.35 23.36
C SER O 46 11.13 -27.90 24.74
N GLY O 47 12.41 -28.00 25.01
CA GLY O 47 12.88 -28.52 26.27
C GLY O 47 12.84 -30.02 26.36
N ASN O 48 13.53 -30.52 27.36
CA ASN O 48 13.61 -31.95 27.57
C ASN O 48 12.24 -32.51 27.90
N ASN O 49 11.85 -33.56 27.16
CA ASN O 49 10.64 -34.33 27.44
C ASN O 49 9.36 -33.54 27.16
N LEU O 50 9.30 -32.91 26.00
CA LEU O 50 8.14 -32.16 25.57
C LEU O 50 8.27 -31.86 24.11
N TYR O 51 7.18 -31.99 23.36
CA TYR O 51 7.18 -31.76 21.93
C TYR O 51 6.01 -30.87 21.54
N LEU O 52 6.17 -30.25 20.38
CA LEU O 52 5.23 -29.34 19.79
C LEU O 52 4.89 -29.82 18.39
N LEU O 53 3.63 -29.71 18.01
CA LEU O 53 3.16 -30.20 16.73
C LEU O 53 2.77 -29.01 15.86
N ALA O 54 3.29 -28.98 14.64
CA ALA O 54 3.08 -27.86 13.75
C ALA O 54 2.67 -28.31 12.36
N SER O 55 1.94 -27.43 11.67
CA SER O 55 1.40 -27.72 10.34
C SER O 55 2.03 -26.79 9.32
N ILE O 56 2.45 -27.36 8.20
CA ILE O 56 3.19 -26.63 7.19
C ILE O 56 2.29 -25.71 6.39
N THR O 57 2.81 -24.53 6.10
CA THR O 57 2.09 -23.52 5.33
C THR O 57 2.95 -22.86 4.26
N GLY O 58 4.11 -23.42 3.92
CA GLY O 58 4.97 -22.77 2.97
C GLY O 58 6.23 -23.55 2.63
N VAL O 59 6.75 -23.37 1.43
CA VAL O 59 8.02 -23.95 1.04
C VAL O 59 8.70 -23.06 0.00
N ARG O 60 10.00 -22.89 0.16
CA ARG O 60 10.79 -22.16 -0.81
C ARG O 60 12.16 -22.79 -0.94
N ALA O 61 12.62 -22.85 -2.18
CA ALA O 61 13.89 -23.46 -2.54
C ALA O 61 14.66 -22.49 -3.40
N THR O 62 15.92 -22.25 -3.08
CA THR O 62 16.71 -21.30 -3.84
C THR O 62 18.16 -21.75 -3.85
N HIS O 63 18.89 -21.27 -4.84
CA HIS O 63 20.29 -21.61 -5.01
C HIS O 63 21.18 -20.43 -4.68
N ASN O 87 25.30 -22.37 -2.81
CA ASN O 87 24.78 -23.57 -2.18
C ASN O 87 23.27 -23.42 -2.04
N PHE O 88 22.59 -24.46 -1.61
CA PHE O 88 21.14 -24.48 -1.56
C PHE O 88 20.61 -23.93 -0.26
N ARG O 89 19.37 -23.46 -0.32
CA ARG O 89 18.65 -22.95 0.84
C ARG O 89 17.20 -23.38 0.74
N PHE O 90 16.72 -24.12 1.74
CA PHE O 90 15.33 -24.54 1.80
C PHE O 90 14.68 -23.96 3.04
N GLN O 91 13.51 -23.36 2.87
CA GLN O 91 12.81 -22.66 3.92
C GLN O 91 11.39 -23.18 4.07
N ILE O 92 11.02 -23.46 5.32
CA ILE O 92 9.68 -23.92 5.68
C ILE O 92 9.12 -23.02 6.78
N ASP O 93 7.82 -22.77 6.70
CA ASP O 93 7.09 -21.97 7.67
C ASP O 93 5.97 -22.79 8.28
N THR O 94 5.68 -22.55 9.56
CA THR O 94 4.77 -23.40 10.29
C THR O 94 3.99 -22.62 11.33
N GLN O 95 2.81 -23.17 11.69
CA GLN O 95 1.94 -22.73 12.78
C GLN O 95 1.79 -23.82 13.82
N PRO O 96 1.83 -23.49 15.11
CA PRO O 96 1.52 -24.47 16.14
C PRO O 96 0.03 -24.67 16.33
N ILE O 97 -0.33 -25.89 16.70
CA ILE O 97 -1.69 -26.21 17.09
C ILE O 97 -1.75 -26.75 18.51
N GLY O 98 -0.80 -27.58 18.89
CA GLY O 98 -0.86 -28.21 20.19
C GLY O 98 0.47 -28.61 20.78
N THR O 99 0.40 -29.56 21.70
CA THR O 99 1.55 -29.98 22.46
C THR O 99 1.42 -31.45 22.78
N LEU O 100 2.55 -32.13 22.84
CA LEU O 100 2.61 -33.56 23.08
C LEU O 100 3.74 -33.84 24.06
N SER O 101 3.69 -35.04 24.63
CA SER O 101 4.61 -35.42 25.69
C SER O 101 5.22 -36.77 25.39
N GLU O 102 6.09 -37.19 26.29
CA GLU O 102 6.79 -38.46 26.14
C GLU O 102 5.85 -39.63 26.41
N ASP O 103 5.03 -39.50 27.46
CA ASP O 103 4.06 -40.55 27.76
C ASP O 103 3.08 -40.74 26.61
N GLY O 104 2.57 -39.64 26.05
CA GLY O 104 1.72 -39.71 24.89
C GLY O 104 0.56 -38.73 24.90
N GLU O 105 0.38 -38.03 26.01
CA GLU O 105 -0.77 -37.15 26.17
C GLU O 105 -0.69 -35.97 25.22
N PHE O 106 -1.82 -35.65 24.62
CA PHE O 106 -1.94 -34.56 23.67
C PHE O 106 -2.79 -33.45 24.26
N SER O 107 -2.29 -32.23 24.20
CA SER O 107 -2.97 -31.07 24.76
C SER O 107 -3.12 -30.02 23.68
N ARG O 108 -4.36 -29.75 23.30
CA ARG O 108 -4.65 -28.61 22.46
C ARG O 108 -4.37 -27.32 23.20
N GLY O 109 -3.81 -26.36 22.48
CA GLY O 109 -3.45 -25.09 23.06
C GLY O 109 -2.03 -25.09 23.58
N SER O 110 -1.15 -24.35 22.90
CA SER O 110 0.27 -24.34 23.25
C SER O 110 0.72 -22.92 23.55
N HIS O 111 1.47 -22.78 24.64
CA HIS O 111 2.02 -21.51 25.08
C HIS O 111 3.53 -21.40 24.88
N SER O 112 4.24 -22.52 25.00
CA SER O 112 5.70 -22.47 24.99
C SER O 112 6.21 -21.88 23.69
N LEU O 113 7.41 -21.32 23.76
CA LEU O 113 8.10 -20.76 22.61
C LEU O 113 9.42 -21.50 22.43
N PRO O 114 9.65 -22.17 21.32
CA PRO O 114 10.91 -22.89 21.14
C PRO O 114 12.03 -21.93 20.78
N VAL O 115 13.16 -22.08 21.47
CA VAL O 115 14.33 -21.24 21.30
C VAL O 115 15.10 -21.73 20.08
N PRO O 116 15.76 -20.85 19.35
CA PRO O 116 16.48 -21.27 18.16
C PRO O 116 17.55 -22.31 18.47
N THR O 117 18.07 -22.88 17.39
CA THR O 117 19.08 -23.93 17.45
C THR O 117 18.52 -25.20 18.05
N GLU O 118 17.28 -25.52 17.69
CA GLU O 118 16.56 -26.67 18.22
C GLU O 118 15.93 -27.44 17.06
N TYR O 119 15.98 -28.76 17.14
CA TYR O 119 15.75 -29.62 15.99
C TYR O 119 14.28 -29.75 15.64
N ALA O 120 14.03 -30.38 14.49
CA ALA O 120 12.72 -30.68 13.98
C ALA O 120 12.72 -32.06 13.33
N TYR O 121 11.66 -32.82 13.57
CA TYR O 121 11.54 -34.19 13.12
C TYR O 121 10.25 -34.39 12.33
N VAL O 122 10.25 -35.43 11.52
CA VAL O 122 9.11 -35.84 10.71
C VAL O 122 8.21 -36.74 11.54
N THR O 123 6.92 -36.52 11.43
CA THR O 123 5.95 -37.22 12.23
C THR O 123 5.72 -38.63 11.72
N PRO O 124 5.87 -39.66 12.55
CA PRO O 124 5.57 -41.00 12.10
C PRO O 124 4.09 -41.28 12.18
N PRO O 125 3.57 -42.16 11.31
CA PRO O 125 2.12 -42.38 11.27
C PRO O 125 1.54 -42.99 12.54
N ALA O 126 2.29 -43.86 13.21
CA ALA O 126 1.74 -44.57 14.36
C ALA O 126 1.29 -43.61 15.46
N VAL O 127 1.98 -42.48 15.62
CA VAL O 127 1.61 -41.54 16.67
C VAL O 127 0.27 -40.90 16.36
N LEU O 128 0.06 -40.52 15.10
CA LEU O 128 -1.21 -39.96 14.70
C LEU O 128 -2.32 -40.98 14.85
N GLU O 129 -2.02 -42.23 14.51
CA GLU O 129 -3.00 -43.29 14.66
C GLU O 129 -3.42 -43.45 16.12
N GLY O 130 -2.45 -43.44 17.04
CA GLY O 130 -2.79 -43.57 18.43
C GLY O 130 -3.60 -42.40 18.94
N ILE O 131 -3.17 -41.18 18.59
CA ILE O 131 -3.96 -40.00 18.93
C ILE O 131 -5.41 -40.19 18.53
N PHE O 132 -5.63 -40.62 17.30
CA PHE O 132 -7.00 -40.78 16.83
C PHE O 132 -7.69 -41.90 17.59
N SER O 133 -6.96 -42.95 17.94
CA SER O 133 -7.55 -44.07 18.66
C SER O 133 -8.04 -43.67 20.05
N HIS O 134 -7.36 -42.74 20.70
CA HIS O 134 -7.59 -42.49 22.11
C HIS O 134 -8.36 -41.21 22.41
N GLN O 135 -8.74 -40.44 21.39
CA GLN O 135 -9.43 -39.18 21.65
C GLN O 135 -10.56 -38.92 20.67
N ILE O 136 -11.17 -39.98 20.12
CA ILE O 136 -12.38 -39.86 19.32
C ILE O 136 -13.48 -40.64 20.03
N LYS O 137 -14.58 -39.95 20.35
CA LYS O 137 -15.64 -40.51 21.16
C LYS O 137 -16.57 -41.42 20.38
N SER O 138 -16.98 -41.00 19.17
CA SER O 138 -17.87 -41.79 18.33
C SER O 138 -17.25 -41.88 16.95
N PRO O 139 -16.52 -42.95 16.65
CA PRO O 139 -15.75 -42.98 15.41
C PRO O 139 -16.62 -43.04 14.17
N PHE O 140 -16.06 -42.51 13.09
CA PHE O 140 -16.68 -42.59 11.77
C PHE O 140 -15.56 -42.42 10.75
N ALA O 141 -15.25 -43.49 10.04
CA ALA O 141 -14.16 -43.45 9.08
C ALA O 141 -14.57 -42.66 7.85
N LEU O 142 -13.67 -41.81 7.37
CA LEU O 142 -13.94 -40.98 6.21
C LEU O 142 -12.79 -41.01 5.23
N GLY O 143 -12.33 -42.20 4.90
CA GLY O 143 -11.29 -42.37 3.92
C GLY O 143 -9.98 -42.77 4.56
N THR O 144 -8.93 -42.69 3.75
CA THR O 144 -7.58 -43.00 4.17
C THR O 144 -6.74 -41.74 4.20
N LEU O 145 -5.62 -41.83 4.91
CA LEU O 145 -4.68 -40.73 4.96
C LEU O 145 -4.01 -40.55 3.59
N GLY O 146 -3.39 -39.40 3.42
CA GLY O 146 -2.77 -39.06 2.16
C GLY O 146 -1.46 -39.79 1.93
N ILE O 147 -0.50 -39.54 2.81
CA ILE O 147 0.83 -40.08 2.61
C ILE O 147 0.85 -41.58 2.86
N SER O 148 0.00 -42.07 3.76
CA SER O 148 -0.05 -43.49 4.07
C SER O 148 -1.46 -44.01 3.77
N PRO O 149 -1.61 -45.01 2.90
CA PRO O 149 -2.94 -45.49 2.58
C PRO O 149 -3.50 -46.51 3.56
N ASP O 150 -2.65 -47.22 4.29
CA ASP O 150 -3.13 -48.21 5.24
C ASP O 150 -3.95 -47.58 6.35
N ILE O 151 -3.50 -46.45 6.89
CA ILE O 151 -4.17 -45.81 8.00
C ILE O 151 -5.52 -45.27 7.56
N LYS O 152 -6.45 -45.20 8.50
CA LYS O 152 -7.80 -44.71 8.27
C LYS O 152 -8.06 -43.53 9.18
N LEU O 153 -8.56 -42.44 8.63
CA LEU O 153 -8.87 -41.27 9.42
C LEU O 153 -10.32 -41.26 9.85
N LYS O 154 -10.51 -40.83 11.08
CA LYS O 154 -11.76 -40.95 11.79
C LYS O 154 -12.20 -39.61 12.32
N ILE O 155 -13.49 -39.34 12.21
CA ILE O 155 -14.09 -38.14 12.75
C ILE O 155 -15.32 -38.53 13.55
N ASP O 156 -15.80 -37.60 14.36
CA ASP O 156 -16.95 -37.85 15.22
C ASP O 156 -18.23 -37.69 14.41
N GLY O 157 -18.97 -38.77 14.25
CA GLY O 157 -20.22 -38.70 13.51
C GLY O 157 -21.34 -38.03 14.29
N ASP O 158 -21.31 -38.19 15.62
CA ASP O 158 -22.33 -37.60 16.46
C ASP O 158 -22.43 -36.10 16.25
N ARG O 159 -21.35 -35.48 15.79
CA ARG O 159 -21.34 -34.07 15.49
C ARG O 159 -21.35 -33.77 14.01
N PHE O 160 -20.99 -34.74 13.17
CA PHE O 160 -21.06 -34.54 11.74
C PHE O 160 -22.50 -34.51 11.28
N PHE O 161 -23.26 -35.56 11.60
CA PHE O 161 -24.62 -35.68 11.11
C PHE O 161 -25.60 -34.80 11.83
N SER O 162 -25.27 -34.40 13.05
CA SER O 162 -26.16 -33.53 13.81
C SER O 162 -26.33 -32.19 13.13
N LYS O 163 -25.25 -31.64 12.59
CA LYS O 163 -25.25 -30.30 12.02
C LYS O 163 -25.14 -30.37 10.51
N HIS O 164 -25.19 -29.19 9.89
CA HIS O 164 -25.22 -29.08 8.44
C HIS O 164 -23.82 -29.18 7.83
N VAL O 165 -23.75 -29.79 6.65
CA VAL O 165 -22.52 -30.03 5.91
C VAL O 165 -22.59 -29.32 4.56
N ALA O 166 -21.41 -29.13 3.97
CA ALA O 166 -21.28 -28.51 2.66
C ALA O 166 -20.21 -29.21 1.85
N VAL O 167 -20.46 -29.36 0.56
CA VAL O 167 -19.55 -30.01 -0.37
C VAL O 167 -19.46 -29.16 -1.63
N VAL O 168 -18.28 -28.61 -1.88
CA VAL O 168 -18.03 -27.73 -3.00
C VAL O 168 -16.86 -28.26 -3.79
N GLY O 169 -17.00 -28.28 -5.10
CA GLY O 169 -15.97 -28.79 -5.97
C GLY O 169 -16.26 -28.54 -7.43
N SER O 170 -15.22 -28.45 -8.23
CA SER O 170 -15.35 -28.07 -9.62
C SER O 170 -15.57 -29.28 -10.50
N THR O 171 -15.90 -29.01 -11.75
CA THR O 171 -16.25 -30.06 -12.69
C THR O 171 -15.12 -31.05 -12.88
N GLY O 172 -15.47 -32.33 -12.86
CA GLY O 172 -14.52 -33.38 -13.14
C GLY O 172 -13.64 -33.77 -11.99
N SER O 173 -14.10 -33.59 -10.75
CA SER O 173 -13.26 -33.80 -9.59
C SER O 173 -13.63 -35.02 -8.76
N GLY O 174 -14.79 -35.62 -8.96
CA GLY O 174 -15.18 -36.77 -8.17
C GLY O 174 -16.14 -36.47 -7.03
N LYS O 175 -17.07 -35.56 -7.30
CA LYS O 175 -17.95 -35.05 -6.27
C LYS O 175 -19.10 -36.00 -5.95
N SER O 176 -19.84 -36.39 -6.99
CA SER O 176 -21.01 -37.24 -6.80
C SER O 176 -20.62 -38.59 -6.22
N CYS O 177 -19.54 -39.17 -6.71
CA CYS O 177 -19.06 -40.43 -6.18
C CYS O 177 -18.71 -40.32 -4.70
N ALA O 178 -18.14 -39.20 -4.30
CA ALA O 178 -17.85 -38.97 -2.90
C ALA O 178 -19.11 -38.97 -2.07
N VAL O 179 -20.10 -38.18 -2.48
CA VAL O 179 -21.36 -38.14 -1.77
C VAL O 179 -21.97 -39.53 -1.69
N ALA O 180 -21.86 -40.28 -2.77
CA ALA O 180 -22.39 -41.63 -2.78
C ALA O 180 -21.75 -42.50 -1.73
N LYS O 181 -20.43 -42.45 -1.63
CA LYS O 181 -19.74 -43.24 -0.61
C LYS O 181 -20.18 -42.82 0.79
N ILE O 182 -20.24 -41.52 1.03
CA ILE O 182 -20.64 -41.04 2.35
C ILE O 182 -21.99 -41.62 2.73
N LEU O 183 -22.98 -41.44 1.87
CA LEU O 183 -24.31 -41.88 2.23
C LEU O 183 -24.42 -43.40 2.28
N GLN O 184 -23.69 -44.09 1.41
CA GLN O 184 -23.66 -45.54 1.45
C GLN O 184 -23.24 -46.03 2.81
N THR O 185 -22.09 -45.56 3.29
CA THR O 185 -21.66 -45.95 4.63
C THR O 185 -22.61 -45.44 5.69
N ALA O 186 -23.33 -44.35 5.42
CA ALA O 186 -24.28 -43.82 6.38
C ALA O 186 -25.47 -44.76 6.56
N VAL O 187 -25.84 -45.50 5.53
CA VAL O 187 -27.02 -46.35 5.61
C VAL O 187 -26.60 -47.81 5.72
N GLY O 188 -25.42 -48.04 6.28
CA GLY O 188 -25.00 -49.38 6.65
C GLY O 188 -24.93 -50.33 5.49
N ILE O 189 -24.30 -49.92 4.40
CA ILE O 189 -24.10 -50.78 3.24
C ILE O 189 -22.62 -50.75 2.87
N GLU O 190 -22.08 -51.94 2.59
CA GLU O 190 -20.73 -52.07 2.05
C GLU O 190 -20.54 -53.42 1.39
N LYS O 201 -29.93 -48.66 12.04
CA LYS O 201 -30.39 -47.46 12.73
C LYS O 201 -31.27 -46.62 11.83
N ASN O 202 -32.30 -46.02 12.42
CA ASN O 202 -33.30 -45.31 11.63
C ASN O 202 -32.73 -43.99 11.11
N SER O 203 -32.80 -43.81 9.79
CA SER O 203 -32.32 -42.59 9.14
C SER O 203 -32.96 -42.53 7.77
N HIS O 204 -33.58 -41.41 7.46
CA HIS O 204 -34.35 -41.26 6.24
C HIS O 204 -33.74 -40.17 5.38
N ILE O 205 -33.50 -40.51 4.10
CA ILE O 205 -32.84 -39.64 3.14
C ILE O 205 -33.83 -39.24 2.07
N VAL O 206 -33.85 -37.96 1.72
CA VAL O 206 -34.61 -37.48 0.58
C VAL O 206 -33.67 -36.72 -0.33
N ILE O 207 -33.57 -37.17 -1.58
CA ILE O 207 -32.56 -36.71 -2.52
C ILE O 207 -33.27 -35.94 -3.63
N PHE O 208 -33.02 -34.64 -3.71
CA PHE O 208 -33.40 -33.89 -4.90
C PHE O 208 -32.41 -34.22 -6.02
N ASP O 209 -32.92 -34.76 -7.12
CA ASP O 209 -32.08 -35.25 -8.21
C ASP O 209 -32.58 -34.69 -9.53
N ILE O 210 -31.91 -33.64 -10.00
CA ILE O 210 -32.24 -33.06 -11.29
C ILE O 210 -31.79 -33.96 -12.42
N HIS O 211 -30.58 -34.49 -12.33
CA HIS O 211 -29.96 -35.20 -13.44
C HIS O 211 -30.19 -36.70 -13.41
N ALA O 212 -30.81 -37.23 -12.35
CA ALA O 212 -31.14 -38.64 -12.27
C ALA O 212 -29.88 -39.50 -12.37
N GLU O 213 -29.04 -39.38 -11.36
CA GLU O 213 -27.73 -40.00 -11.35
C GLU O 213 -27.52 -40.99 -10.21
N TYR O 214 -28.56 -41.31 -9.45
CA TYR O 214 -28.37 -41.95 -8.15
C TYR O 214 -29.04 -43.30 -8.02
N ALA O 215 -29.81 -43.76 -9.00
CA ALA O 215 -30.49 -45.03 -8.88
C ALA O 215 -29.50 -46.18 -8.77
N ALA O 216 -28.41 -46.13 -9.51
CA ALA O 216 -27.52 -47.28 -9.60
C ALA O 216 -26.80 -47.54 -8.30
N ALA O 217 -26.56 -46.50 -7.51
CA ALA O 217 -25.73 -46.65 -6.32
C ALA O 217 -26.43 -47.48 -5.26
N PHE O 218 -27.74 -47.39 -5.19
CA PHE O 218 -28.51 -47.97 -4.11
C PHE O 218 -29.16 -49.31 -4.47
N ASN O 219 -28.94 -49.81 -5.68
CA ASN O 219 -29.66 -50.98 -6.16
C ASN O 219 -29.01 -52.24 -5.60
N LEU O 220 -29.58 -52.78 -4.54
CA LEU O 220 -29.07 -53.99 -3.92
C LEU O 220 -30.17 -54.67 -3.09
N ALA O 225 -33.49 -54.93 4.29
CA ALA O 225 -32.62 -54.16 5.17
C ALA O 225 -32.95 -52.67 5.12
N PHE O 226 -33.43 -52.21 3.97
CA PHE O 226 -33.83 -50.82 3.77
C PHE O 226 -34.66 -50.72 2.51
N THR O 227 -35.73 -49.95 2.59
CA THR O 227 -36.66 -49.84 1.48
C THR O 227 -36.17 -48.79 0.48
N LEU O 228 -36.64 -48.92 -0.75
CA LEU O 228 -36.08 -48.21 -1.89
C LEU O 228 -37.18 -47.62 -2.75
N ASN O 229 -38.12 -46.92 -2.15
CA ASN O 229 -39.16 -46.32 -2.97
C ASN O 229 -38.52 -45.40 -4.00
N LEU O 230 -38.44 -45.88 -5.25
CA LEU O 230 -37.75 -45.17 -6.30
C LEU O 230 -38.77 -44.34 -7.06
N LEU O 231 -39.17 -43.25 -6.42
CA LEU O 231 -40.21 -42.41 -6.93
C LEU O 231 -39.83 -41.85 -8.30
N GLY O 232 -40.86 -41.47 -9.05
CA GLY O 232 -40.69 -40.91 -10.37
C GLY O 232 -41.76 -39.88 -10.66
N VAL O 233 -41.91 -39.47 -11.92
CA VAL O 233 -42.90 -38.48 -12.28
C VAL O 233 -44.31 -39.06 -12.12
N ASP O 234 -44.65 -40.06 -12.93
CA ASP O 234 -46.01 -40.57 -12.93
C ASP O 234 -46.33 -41.26 -11.62
N ASN O 235 -45.41 -42.08 -11.12
CA ASN O 235 -45.57 -42.69 -9.82
C ASN O 235 -45.88 -41.68 -8.74
N LEU O 236 -45.53 -40.41 -8.97
CA LEU O 236 -45.77 -39.41 -7.95
C LEU O 236 -47.26 -39.11 -7.82
N ARG O 237 -47.63 -38.69 -6.62
CA ARG O 237 -48.99 -38.29 -6.31
C ARG O 237 -48.93 -37.01 -5.50
N LEU O 238 -49.63 -35.98 -5.96
CA LEU O 238 -49.54 -34.70 -5.30
C LEU O 238 -50.77 -33.84 -5.62
N PRO O 239 -51.44 -33.26 -4.61
CA PRO O 239 -52.61 -32.43 -4.89
C PRO O 239 -52.32 -30.95 -4.97
N TYR O 240 -53.11 -30.26 -5.80
CA TYR O 240 -52.97 -28.83 -5.97
C TYR O 240 -53.35 -28.06 -4.71
N TRP O 241 -54.24 -28.62 -3.90
CA TRP O 241 -54.84 -27.86 -2.83
C TRP O 241 -54.00 -27.83 -1.56
N LEU O 242 -52.99 -28.68 -1.46
CA LEU O 242 -52.17 -28.68 -0.26
C LEU O 242 -51.36 -27.40 -0.16
N MET O 243 -51.17 -26.70 -1.26
CA MET O 243 -50.27 -25.56 -1.27
C MET O 243 -50.75 -24.50 -0.31
N ASN O 244 -49.83 -23.62 0.06
CA ASN O 244 -50.16 -22.50 0.91
C ASN O 244 -50.46 -21.27 0.07
N ALA O 245 -50.89 -20.21 0.75
CA ALA O 245 -51.51 -19.07 0.09
C ALA O 245 -50.69 -18.61 -1.10
N GLN O 246 -49.39 -18.42 -0.90
CA GLN O 246 -48.64 -17.66 -1.89
C GLN O 246 -48.40 -18.44 -3.17
N GLU O 247 -48.21 -19.76 -3.10
CA GLU O 247 -48.07 -20.48 -4.36
C GLU O 247 -49.41 -20.75 -5.00
N LEU O 248 -50.48 -20.83 -4.20
CA LEU O 248 -51.82 -20.75 -4.78
C LEU O 248 -51.95 -19.49 -5.62
N GLU O 249 -51.39 -18.37 -5.13
CA GLU O 249 -51.35 -17.19 -5.98
C GLU O 249 -50.45 -17.40 -7.19
N GLN O 250 -49.28 -18.02 -7.01
CA GLN O 250 -48.28 -18.08 -8.07
C GLN O 250 -48.77 -18.84 -9.29
N ILE O 251 -49.28 -20.06 -9.11
CA ILE O 251 -49.35 -20.95 -10.27
C ILE O 251 -50.23 -20.33 -11.34
N PHE O 252 -51.37 -19.82 -10.95
CA PHE O 252 -52.36 -19.34 -11.92
C PHE O 252 -52.45 -17.83 -12.03
N ILE O 253 -52.33 -17.10 -10.92
CA ILE O 253 -52.46 -15.65 -10.97
C ILE O 253 -51.25 -15.04 -11.66
N GLU O 254 -51.50 -13.98 -12.43
CA GLU O 254 -50.45 -13.15 -12.98
C GLU O 254 -50.85 -11.69 -12.85
N SER O 255 -49.84 -10.81 -12.81
CA SER O 255 -50.03 -9.46 -12.30
C SER O 255 -50.23 -8.40 -13.39
N ASN O 256 -50.28 -8.78 -14.66
CA ASN O 256 -50.34 -7.77 -15.72
C ASN O 256 -51.60 -6.91 -15.59
N GLU O 257 -52.73 -7.51 -15.25
CA GLU O 257 -53.97 -6.76 -15.17
C GLU O 257 -53.90 -5.79 -14.00
N HIS O 258 -54.26 -4.53 -14.26
CA HIS O 258 -53.88 -3.47 -13.34
C HIS O 258 -54.82 -3.36 -12.14
N ASN O 259 -56.06 -3.84 -12.26
CA ASN O 259 -56.98 -3.94 -11.13
C ASN O 259 -57.10 -5.40 -10.67
N SER O 260 -55.99 -6.13 -10.75
CA SER O 260 -56.02 -7.56 -10.50
C SER O 260 -56.34 -7.87 -9.04
N HIS O 261 -55.99 -7.00 -8.10
CA HIS O 261 -56.18 -7.35 -6.70
C HIS O 261 -57.65 -7.40 -6.31
N ASN O 262 -58.52 -6.71 -7.04
CA ASN O 262 -59.93 -7.05 -7.03
C ASN O 262 -60.11 -8.56 -7.17
N GLN O 263 -59.49 -9.11 -8.21
CA GLN O 263 -59.56 -10.54 -8.48
C GLN O 263 -58.84 -11.34 -7.41
N ILE O 264 -57.82 -10.78 -6.78
CA ILE O 264 -57.11 -11.47 -5.71
C ILE O 264 -58.05 -11.68 -4.52
N SER O 265 -58.76 -10.63 -4.14
CA SER O 265 -59.72 -10.76 -3.05
C SER O 265 -60.83 -11.74 -3.44
N GLN O 266 -61.39 -11.56 -4.64
CA GLN O 266 -62.40 -12.48 -5.14
C GLN O 266 -61.95 -13.91 -4.99
N PHE O 267 -60.81 -14.23 -5.60
CA PHE O 267 -60.17 -15.54 -5.49
C PHE O 267 -60.05 -16.02 -4.06
N ARG O 268 -59.39 -15.22 -3.22
CA ARG O 268 -58.97 -15.71 -1.91
C ARG O 268 -60.18 -16.08 -1.08
N HIS O 269 -61.21 -15.23 -1.05
CA HIS O 269 -62.37 -15.60 -0.26
C HIS O 269 -63.31 -16.52 -1.04
N ALA O 270 -63.16 -16.61 -2.37
CA ALA O 270 -63.98 -17.53 -3.14
C ALA O 270 -63.68 -18.96 -2.76
N VAL O 271 -62.40 -19.32 -2.76
CA VAL O 271 -62.06 -20.70 -2.42
C VAL O 271 -62.48 -21.00 -0.98
N VAL O 272 -62.49 -19.98 -0.12
CA VAL O 272 -63.00 -20.18 1.23
C VAL O 272 -64.48 -20.54 1.16
N ARG O 273 -65.22 -19.85 0.30
CA ARG O 273 -66.64 -20.15 0.15
C ARG O 273 -66.82 -21.58 -0.31
N ASN O 274 -66.03 -22.00 -1.30
CA ASN O 274 -66.20 -23.34 -1.84
C ASN O 274 -65.86 -24.40 -0.80
N LYS O 275 -64.90 -24.12 0.07
CA LYS O 275 -64.56 -25.09 1.10
C LYS O 275 -65.64 -25.17 2.16
N CYS O 276 -66.12 -24.03 2.64
CA CYS O 276 -67.21 -24.09 3.61
C CYS O 276 -68.42 -24.81 3.01
N LYS O 277 -68.58 -24.74 1.69
CA LYS O 277 -69.60 -25.59 1.06
C LYS O 277 -69.20 -27.04 1.18
N HIS O 278 -67.94 -27.35 0.92
CA HIS O 278 -67.44 -28.72 1.01
C HIS O 278 -66.90 -29.04 2.38
N ASN O 279 -67.05 -28.13 3.34
CA ASN O 279 -66.67 -28.38 4.72
C ASN O 279 -67.78 -27.90 5.65
N PRO O 280 -68.99 -28.45 5.50
CA PRO O 280 -70.06 -28.13 6.45
C PRO O 280 -69.72 -28.52 7.87
N THR O 281 -68.77 -29.43 8.04
CA THR O 281 -68.31 -29.80 9.38
C THR O 281 -67.54 -28.66 10.03
N LEU O 282 -66.75 -27.96 9.24
CA LEU O 282 -65.81 -26.97 9.77
C LEU O 282 -66.48 -25.59 9.79
N THR O 283 -66.01 -24.75 10.70
CA THR O 283 -66.55 -23.42 10.90
C THR O 283 -65.48 -22.36 10.78
N ASN O 284 -65.89 -21.17 10.33
CA ASN O 284 -65.01 -20.01 10.26
C ASN O 284 -63.79 -20.32 9.39
N LEU O 285 -64.05 -20.82 8.19
CA LEU O 285 -63.00 -21.26 7.28
C LEU O 285 -62.34 -20.06 6.60
N SER O 286 -61.10 -20.26 6.15
CA SER O 286 -60.34 -19.24 5.44
C SER O 286 -59.58 -19.91 4.30
N PHE O 287 -58.86 -19.10 3.53
CA PHE O 287 -58.15 -19.61 2.37
C PHE O 287 -56.97 -20.50 2.77
N ASP O 288 -56.13 -20.02 3.67
CA ASP O 288 -54.90 -20.73 4.00
C ASP O 288 -55.16 -22.17 4.38
N THR O 289 -56.39 -22.49 4.80
CA THR O 289 -56.72 -23.83 5.25
C THR O 289 -56.53 -24.82 4.12
N PRO O 290 -55.60 -25.77 4.24
CA PRO O 290 -55.45 -26.78 3.18
C PRO O 290 -56.32 -28.00 3.46
N VAL O 291 -57.63 -27.84 3.29
CA VAL O 291 -58.58 -28.92 3.45
C VAL O 291 -59.30 -29.13 2.13
N TYR O 292 -59.74 -30.37 1.90
CA TYR O 292 -60.19 -30.81 0.59
C TYR O 292 -61.12 -29.78 -0.04
N PHE O 293 -61.09 -29.71 -1.37
CA PHE O 293 -61.98 -28.83 -2.11
C PHE O 293 -61.84 -29.19 -3.58
N SER O 294 -62.61 -28.50 -4.42
CA SER O 294 -62.53 -28.67 -5.86
C SER O 294 -62.44 -27.31 -6.54
N ILE O 295 -61.63 -27.24 -7.60
CA ILE O 295 -61.37 -25.97 -8.27
C ILE O 295 -62.25 -25.75 -9.49
N ASP O 296 -62.75 -26.82 -10.12
CA ASP O 296 -63.71 -26.62 -11.20
C ASP O 296 -64.94 -25.91 -10.70
N GLU O 297 -65.35 -26.21 -9.48
CA GLU O 297 -66.51 -25.54 -8.89
C GLU O 297 -66.25 -24.05 -8.72
N VAL O 298 -65.05 -23.67 -8.30
CA VAL O 298 -64.75 -22.25 -8.19
C VAL O 298 -64.60 -21.62 -9.56
N VAL O 299 -64.18 -22.41 -10.56
CA VAL O 299 -64.19 -21.92 -11.94
C VAL O 299 -65.61 -21.54 -12.36
N THR O 300 -66.58 -22.42 -12.07
CA THR O 300 -67.98 -22.07 -12.34
C THR O 300 -68.48 -20.92 -11.49
N TYR O 301 -68.01 -20.83 -10.24
CA TYR O 301 -68.37 -19.73 -9.36
C TYR O 301 -67.98 -18.40 -9.99
N LEU O 302 -66.75 -18.32 -10.50
CA LEU O 302 -66.27 -17.10 -11.14
C LEU O 302 -66.88 -16.92 -12.52
N GLU O 303 -67.30 -18.02 -13.15
CA GLU O 303 -67.94 -17.95 -14.46
C GLU O 303 -69.29 -17.24 -14.35
N ASN O 304 -70.03 -17.57 -13.29
CA ASN O 304 -71.33 -16.93 -13.08
C ASN O 304 -71.16 -15.42 -12.92
N MET O 305 -69.98 -14.97 -12.46
CA MET O 305 -69.71 -13.54 -12.41
C MET O 305 -69.65 -12.93 -13.80
N ASN O 306 -69.32 -13.73 -14.82
CA ASN O 306 -69.49 -13.27 -16.18
C ASN O 306 -70.93 -13.42 -16.64
N ASN O 307 -71.61 -14.42 -16.13
CA ASN O 307 -73.02 -14.63 -16.45
C ASN O 307 -73.96 -13.63 -15.74
N GLU O 308 -73.42 -12.55 -15.15
CA GLU O 308 -74.22 -11.71 -14.26
C GLU O 308 -75.37 -11.01 -14.99
N VAL O 309 -76.53 -11.00 -14.34
CA VAL O 309 -77.70 -10.24 -14.78
C VAL O 309 -78.49 -9.89 -13.53
N ILE O 310 -78.98 -8.65 -13.46
CA ILE O 310 -79.95 -8.26 -12.45
C ILE O 310 -81.08 -7.54 -13.16
N GLY O 311 -82.20 -7.37 -12.46
CA GLY O 311 -83.33 -6.61 -12.98
C GLY O 311 -83.42 -5.24 -12.35
N LYS O 312 -83.64 -4.24 -13.21
CA LYS O 312 -83.82 -2.87 -12.74
C LYS O 312 -85.10 -2.72 -11.93
N LEU O 313 -86.05 -3.64 -12.08
CA LEU O 313 -87.34 -3.53 -11.43
C LEU O 313 -87.17 -3.40 -9.92
N ALA O 314 -87.99 -2.55 -9.31
CA ALA O 314 -87.96 -2.40 -7.87
C ALA O 314 -88.40 -3.69 -7.19
N GLY O 315 -87.70 -4.07 -6.14
CA GLY O 315 -88.01 -5.29 -5.44
C GLY O 315 -87.41 -6.54 -6.06
N GLU O 316 -86.47 -6.39 -6.99
CA GLU O 316 -85.84 -7.52 -7.66
C GLU O 316 -84.33 -7.32 -7.73
N GLY O 317 -83.77 -6.73 -6.68
CA GLY O 317 -82.35 -6.48 -6.60
C GLY O 317 -81.62 -7.78 -6.35
N LYS O 318 -81.60 -8.66 -7.35
CA LYS O 318 -81.24 -10.05 -7.12
C LYS O 318 -81.00 -10.71 -8.47
N PRO O 319 -80.13 -11.73 -8.56
CA PRO O 319 -79.94 -12.40 -9.85
C PRO O 319 -81.26 -12.83 -10.44
N LYS O 320 -81.49 -12.46 -11.70
CA LYS O 320 -82.67 -12.87 -12.43
C LYS O 320 -82.33 -14.02 -13.38
N LEU O 321 -83.08 -15.12 -13.27
CA LEU O 321 -82.86 -16.28 -14.11
C LEU O 321 -83.51 -16.09 -15.48
N ALA O 322 -83.34 -17.09 -16.35
CA ALA O 322 -84.15 -17.16 -17.56
C ALA O 322 -85.63 -17.34 -17.23
N ASN O 323 -85.94 -18.05 -16.16
CA ASN O 323 -87.29 -18.14 -15.64
C ASN O 323 -87.64 -16.97 -14.74
N GLU O 324 -86.69 -16.08 -14.47
CA GLU O 324 -86.83 -14.95 -13.55
C GLU O 324 -87.02 -15.43 -12.10
N THR O 325 -86.59 -16.64 -11.80
CA THR O 325 -86.65 -17.12 -10.42
C THR O 325 -85.68 -16.32 -9.55
N LEU O 326 -85.99 -16.27 -8.25
CA LEU O 326 -85.23 -15.47 -7.30
C LEU O 326 -84.68 -16.36 -6.20
N VAL O 327 -83.37 -16.27 -5.98
CA VAL O 327 -82.66 -17.05 -4.97
C VAL O 327 -81.96 -16.10 -4.02
N SER O 328 -82.19 -16.29 -2.72
CA SER O 328 -81.73 -15.32 -1.72
C SER O 328 -80.21 -15.25 -1.65
N ASP O 329 -79.54 -16.39 -1.70
CA ASP O 329 -78.11 -16.49 -1.52
C ASP O 329 -77.40 -16.68 -2.86
N ARG O 330 -76.40 -15.84 -3.12
CA ARG O 330 -75.59 -15.99 -4.32
C ARG O 330 -74.74 -17.25 -4.28
N ASP O 331 -74.45 -17.77 -3.09
CA ASP O 331 -73.47 -18.84 -2.94
C ASP O 331 -73.89 -20.11 -3.66
N GLU O 332 -74.96 -20.76 -3.18
CA GLU O 332 -75.30 -22.10 -3.65
C GLU O 332 -75.88 -22.10 -5.06
N LEU O 333 -76.42 -20.97 -5.52
CA LEU O 333 -76.88 -20.89 -6.91
C LEU O 333 -75.75 -21.21 -7.87
N TYR O 334 -74.60 -20.58 -7.68
CA TYR O 334 -73.53 -20.70 -8.66
C TYR O 334 -72.76 -22.01 -8.52
N PHE O 335 -72.51 -22.46 -7.29
CA PHE O 335 -71.74 -23.68 -7.12
C PHE O 335 -72.49 -24.89 -7.68
N ASP O 336 -73.82 -24.89 -7.60
CA ASP O 336 -74.57 -26.07 -8.01
C ASP O 336 -74.38 -26.35 -9.50
N ALA O 337 -74.42 -25.32 -10.33
CA ALA O 337 -74.23 -25.49 -11.77
C ALA O 337 -74.13 -24.11 -12.42
N VAL O 338 -73.89 -24.11 -13.73
CA VAL O 338 -73.85 -22.88 -14.50
C VAL O 338 -75.27 -22.32 -14.63
N GLN O 339 -75.36 -21.00 -14.80
CA GLN O 339 -76.63 -20.30 -14.88
C GLN O 339 -76.79 -19.67 -16.25
N SER O 340 -77.91 -19.94 -16.91
CA SER O 340 -78.22 -19.35 -18.21
C SER O 340 -79.14 -18.14 -18.01
N PHE O 341 -78.53 -17.06 -17.53
CA PHE O 341 -79.26 -15.81 -17.36
C PHE O 341 -79.56 -15.18 -18.71
N ILE O 342 -80.70 -14.51 -18.81
CA ILE O 342 -81.05 -13.77 -20.02
C ILE O 342 -80.43 -12.38 -19.94
N VAL O 343 -79.94 -11.90 -21.08
CA VAL O 343 -79.25 -10.62 -21.12
C VAL O 343 -80.27 -9.50 -21.23
N ALA O 344 -79.84 -8.29 -20.86
CA ALA O 344 -80.75 -7.16 -20.74
C ALA O 344 -81.01 -6.52 -22.10
N SER O 345 -82.21 -5.94 -22.23
CA SER O 345 -82.55 -5.04 -23.34
C SER O 345 -83.22 -3.81 -22.75
N GLN O 346 -83.09 -2.68 -23.45
CA GLN O 346 -83.36 -1.39 -22.81
C GLN O 346 -84.84 -1.18 -22.50
N ALA O 347 -85.75 -1.85 -23.20
CA ALA O 347 -87.17 -1.66 -22.93
C ALA O 347 -87.45 -1.81 -21.45
N ALA O 348 -88.31 -0.95 -20.92
CA ALA O 348 -88.51 -0.87 -19.47
C ALA O 348 -88.92 -2.21 -18.88
N ALA O 349 -89.91 -2.88 -19.49
CA ALA O 349 -90.33 -4.16 -18.96
C ALA O 349 -89.21 -5.20 -18.99
N THR O 350 -88.33 -5.12 -19.99
CA THR O 350 -87.21 -6.04 -20.13
C THR O 350 -85.88 -5.42 -19.71
N LYS O 351 -85.90 -4.21 -19.17
CA LYS O 351 -84.66 -3.52 -18.82
C LYS O 351 -83.99 -4.22 -17.65
N ALA O 352 -82.66 -4.33 -17.71
CA ALA O 352 -81.89 -5.07 -16.72
C ALA O 352 -80.49 -4.46 -16.63
N SER O 353 -79.75 -4.88 -15.61
CA SER O 353 -78.44 -4.32 -15.30
C SER O 353 -77.37 -5.39 -15.45
N ASN O 354 -76.31 -5.04 -16.17
CA ASN O 354 -75.11 -5.87 -16.28
C ASN O 354 -74.32 -5.81 -14.98
N GLY O 355 -73.64 -6.91 -14.67
CA GLY O 355 -72.81 -7.00 -13.49
C GLY O 355 -71.50 -6.27 -13.67
N PRO O 356 -71.05 -5.54 -12.64
CA PRO O 356 -69.69 -4.99 -12.69
C PRO O 356 -68.61 -6.06 -12.66
N PHE O 357 -68.92 -7.24 -12.12
CA PHE O 357 -68.00 -8.37 -12.19
C PHE O 357 -67.63 -8.67 -13.64
N ASN O 358 -68.64 -8.75 -14.51
CA ASN O 358 -68.42 -9.18 -15.88
C ASN O 358 -67.70 -8.11 -16.67
N GLY O 359 -66.92 -8.55 -17.65
CA GLY O 359 -66.25 -7.68 -18.59
C GLY O 359 -64.74 -7.63 -18.43
N GLU O 360 -64.22 -8.01 -17.26
CA GLU O 360 -62.81 -7.84 -16.96
C GLU O 360 -62.08 -9.15 -16.66
N PHE O 361 -62.79 -10.28 -16.59
CA PHE O 361 -62.20 -11.54 -16.17
C PHE O 361 -61.91 -12.48 -17.33
N ASP O 362 -62.10 -12.05 -18.58
CA ASP O 362 -62.10 -12.98 -19.71
C ASP O 362 -60.74 -13.64 -19.89
N ARG O 363 -59.67 -12.87 -19.85
CA ARG O 363 -58.37 -13.41 -20.20
C ARG O 363 -57.93 -14.46 -19.19
N MET O 364 -58.10 -14.17 -17.90
CA MET O 364 -57.78 -15.16 -16.88
C MET O 364 -58.55 -16.45 -17.12
N ILE O 365 -59.84 -16.35 -17.46
CA ILE O 365 -60.64 -17.56 -17.56
C ILE O 365 -60.18 -18.41 -18.73
N LEU O 366 -59.84 -17.78 -19.87
CA LEU O 366 -59.47 -18.64 -20.99
C LEU O 366 -58.09 -19.23 -20.78
N ARG O 367 -57.17 -18.48 -20.16
CA ARG O 367 -55.87 -19.06 -19.91
C ARG O 367 -55.97 -20.22 -18.93
N LEU O 368 -56.82 -20.07 -17.91
CA LEU O 368 -57.00 -21.16 -16.96
C LEU O 368 -57.70 -22.34 -17.61
N HIS O 369 -58.56 -22.08 -18.59
CA HIS O 369 -59.14 -23.18 -19.35
C HIS O 369 -58.06 -23.93 -20.10
N THR O 370 -57.10 -23.20 -20.67
CA THR O 370 -55.98 -23.85 -21.35
C THR O 370 -55.21 -24.73 -20.38
N ARG O 371 -54.86 -24.18 -19.23
CA ARG O 371 -53.86 -24.82 -18.36
C ARG O 371 -54.22 -26.27 -18.07
N LEU O 372 -55.46 -26.54 -17.67
CA LEU O 372 -55.81 -27.87 -17.21
C LEU O 372 -55.69 -28.90 -18.33
N ALA O 373 -55.94 -28.50 -19.57
CA ALA O 373 -55.80 -29.43 -20.68
C ALA O 373 -54.34 -29.85 -20.89
N ASP O 374 -53.41 -29.14 -20.28
CA ASP O 374 -52.00 -29.49 -20.40
C ASP O 374 -51.79 -30.92 -19.90
N PRO O 375 -51.36 -31.84 -20.75
CA PRO O 375 -51.36 -33.26 -20.35
C PRO O 375 -50.37 -33.59 -19.24
N ARG O 376 -49.11 -33.18 -19.39
CA ARG O 376 -48.09 -33.68 -18.49
C ARG O 376 -48.29 -33.17 -17.07
N LEU O 377 -48.84 -31.98 -16.92
CA LEU O 377 -49.13 -31.43 -15.60
C LEU O 377 -50.33 -32.09 -14.93
N GLN O 378 -50.97 -33.05 -15.58
CA GLN O 378 -52.19 -33.63 -15.03
C GLN O 378 -51.98 -34.12 -13.60
N PHE O 379 -50.80 -34.68 -13.32
CA PHE O 379 -50.59 -35.29 -12.02
C PHE O 379 -50.83 -34.30 -10.88
N LEU O 380 -50.75 -33.01 -11.15
CA LEU O 380 -50.96 -32.04 -10.09
C LEU O 380 -52.44 -31.89 -9.76
N PHE O 381 -53.29 -31.89 -10.79
CA PHE O 381 -54.70 -31.56 -10.62
C PHE O 381 -55.54 -32.77 -10.23
N TYR O 382 -55.44 -33.87 -10.97
CA TYR O 382 -56.31 -35.02 -10.78
C TYR O 382 -55.46 -36.30 -10.75
N PRO O 383 -55.07 -36.75 -9.57
CA PRO O 383 -54.37 -38.02 -9.44
C PRO O 383 -55.30 -39.19 -9.12
N LYS O 384 -54.81 -40.38 -9.46
CA LYS O 384 -55.50 -41.64 -9.23
C LYS O 384 -54.69 -42.55 -8.33
N LYS O 385 -55.39 -43.42 -7.58
CA LYS O 385 -54.74 -44.50 -6.86
C LYS O 385 -54.68 -45.75 -7.76
N GLU O 386 -54.25 -46.87 -7.20
CA GLU O 386 -54.24 -48.11 -7.97
C GLU O 386 -55.67 -48.57 -8.29
N ASP O 387 -56.58 -48.42 -7.32
CA ASP O 387 -57.96 -48.81 -7.56
C ASP O 387 -58.58 -48.01 -8.70
N GLY O 388 -58.10 -46.79 -8.92
CA GLY O 388 -58.69 -45.89 -9.89
C GLY O 388 -59.45 -44.74 -9.28
N GLU O 389 -59.40 -44.56 -7.97
CA GLU O 389 -60.20 -43.55 -7.30
C GLU O 389 -59.48 -42.21 -7.31
N ASP O 390 -60.26 -41.15 -7.31
CA ASP O 390 -59.72 -39.82 -7.02
C ASP O 390 -59.24 -39.77 -5.58
N LEU O 391 -58.12 -39.08 -5.36
CA LEU O 391 -57.53 -39.03 -4.04
C LEU O 391 -58.53 -38.45 -3.03
N ALA O 392 -58.55 -39.03 -1.84
CA ALA O 392 -59.37 -38.57 -0.74
C ALA O 392 -58.49 -38.07 0.39
N THR O 393 -59.10 -37.30 1.28
CA THR O 393 -58.34 -36.65 2.34
C THR O 393 -57.73 -37.67 3.28
N GLY O 394 -58.39 -38.83 3.43
CA GLY O 394 -57.90 -39.82 4.37
C GLY O 394 -56.49 -40.28 4.08
N ASP O 395 -56.16 -40.44 2.80
CA ASP O 395 -54.83 -40.88 2.41
C ASP O 395 -53.81 -39.74 2.39
N PHE O 396 -54.15 -38.56 2.91
CA PHE O 396 -53.14 -37.51 3.10
C PHE O 396 -51.92 -38.09 3.78
N ALA O 397 -52.10 -38.61 4.99
CA ALA O 397 -50.99 -39.23 5.69
C ALA O 397 -50.32 -40.27 4.81
N ASP O 398 -51.11 -41.03 4.03
CA ASP O 398 -50.52 -42.05 3.17
C ASP O 398 -49.49 -41.42 2.24
N VAL O 399 -49.89 -40.35 1.55
CA VAL O 399 -48.92 -39.73 0.65
C VAL O 399 -47.79 -39.13 1.46
N VAL O 400 -48.05 -38.67 2.68
CA VAL O 400 -46.95 -38.24 3.54
C VAL O 400 -45.98 -39.38 3.76
N ARG O 401 -46.50 -40.56 4.09
CA ARG O 401 -45.63 -41.70 4.27
C ARG O 401 -45.13 -42.26 2.95
N GLN O 402 -45.46 -41.63 1.83
CA GLN O 402 -44.71 -41.92 0.61
C GLN O 402 -43.29 -41.42 0.74
N PHE O 403 -43.09 -40.33 1.47
CA PHE O 403 -41.75 -39.81 1.73
C PHE O 403 -41.11 -40.49 2.94
N VAL O 404 -41.75 -40.38 4.10
CA VAL O 404 -41.16 -40.89 5.34
C VAL O 404 -41.02 -42.40 5.27
N GLY O 405 -42.14 -43.09 5.13
CA GLY O 405 -42.14 -44.53 5.18
C GLY O 405 -42.14 -45.06 6.60
N TYR O 406 -41.75 -46.32 6.71
CA TYR O 406 -41.73 -46.99 8.00
C TYR O 406 -40.65 -46.40 8.90
N MET O 407 -40.95 -46.33 10.19
CA MET O 407 -39.96 -45.88 11.16
C MET O 407 -38.90 -46.93 11.38
N THR O 408 -39.26 -48.20 11.29
CA THR O 408 -38.30 -49.30 11.30
C THR O 408 -37.95 -49.66 9.87
N LYS O 409 -36.73 -50.14 9.67
CA LYS O 409 -36.21 -50.40 8.33
C LYS O 409 -36.24 -49.12 7.49
N SER O 410 -35.46 -48.14 7.94
CA SER O 410 -35.43 -46.83 7.32
C SER O 410 -35.11 -46.96 5.83
N ASN O 411 -35.61 -46.01 5.04
CA ASN O 411 -35.60 -46.13 3.59
C ASN O 411 -35.10 -44.85 2.93
N VAL O 412 -34.95 -44.94 1.61
CA VAL O 412 -34.40 -43.87 0.78
C VAL O 412 -35.43 -43.47 -0.26
N SER O 413 -35.47 -42.19 -0.58
CA SER O 413 -36.39 -41.63 -1.56
C SER O 413 -35.61 -40.84 -2.61
N ILE O 414 -36.00 -41.02 -3.87
CA ILE O 414 -35.33 -40.37 -4.99
C ILE O 414 -36.38 -39.69 -5.86
N ILE O 415 -36.54 -38.39 -5.68
CA ILE O 415 -37.29 -37.58 -6.62
C ILE O 415 -36.47 -37.39 -7.89
N ASP O 416 -37.12 -37.48 -9.04
CA ASP O 416 -36.49 -37.23 -10.34
C ASP O 416 -37.19 -36.04 -10.98
N LEU O 417 -36.47 -34.92 -11.09
CA LEU O 417 -37.05 -33.65 -11.48
C LEU O 417 -36.93 -33.35 -12.96
N SER O 418 -36.37 -34.25 -13.75
CA SER O 418 -36.16 -33.95 -15.16
C SER O 418 -37.49 -33.78 -15.88
N GLY O 419 -38.45 -34.66 -15.62
CA GLY O 419 -39.72 -34.57 -16.32
C GLY O 419 -40.52 -33.35 -15.90
N ILE O 420 -40.44 -32.97 -14.64
CA ILE O 420 -41.20 -31.81 -14.17
C ILE O 420 -40.82 -30.60 -15.00
N PRO O 421 -41.78 -29.83 -15.50
CA PRO O 421 -41.44 -28.63 -16.26
C PRO O 421 -40.61 -27.65 -15.47
N PHE O 422 -40.00 -26.73 -16.19
CA PHE O 422 -39.07 -25.81 -15.58
C PHE O 422 -39.80 -24.70 -14.83
N GLU O 423 -40.98 -24.34 -15.27
CA GLU O 423 -41.74 -23.27 -14.66
C GLU O 423 -42.46 -23.71 -13.38
N VAL O 424 -42.57 -25.01 -13.14
CA VAL O 424 -43.23 -25.54 -11.96
C VAL O 424 -42.23 -26.24 -11.05
N LEU O 425 -40.98 -25.85 -11.10
CA LEU O 425 -39.94 -26.57 -10.37
C LEU O 425 -39.79 -26.07 -8.94
N SER O 426 -39.87 -24.75 -8.74
CA SER O 426 -39.70 -24.18 -7.41
C SER O 426 -40.82 -24.56 -6.48
N ILE O 427 -42.04 -24.58 -6.98
CA ILE O 427 -43.20 -24.77 -6.13
C ILE O 427 -43.20 -26.17 -5.55
N VAL O 428 -42.85 -27.16 -6.36
CA VAL O 428 -42.80 -28.53 -5.89
C VAL O 428 -41.89 -28.64 -4.68
N VAL O 429 -40.73 -28.01 -4.75
CA VAL O 429 -39.74 -28.18 -3.71
C VAL O 429 -40.12 -27.42 -2.47
N SER O 430 -40.73 -26.24 -2.61
CA SER O 430 -41.23 -25.56 -1.43
C SER O 430 -42.28 -26.40 -0.71
N LEU O 431 -43.16 -27.02 -1.48
CA LEU O 431 -44.20 -27.85 -0.88
C LEU O 431 -43.62 -29.03 -0.12
N ILE O 432 -42.62 -29.69 -0.72
CA ILE O 432 -42.03 -30.83 -0.06
C ILE O 432 -41.28 -30.39 1.17
N SER O 433 -40.70 -29.20 1.14
CA SER O 433 -39.97 -28.73 2.31
C SER O 433 -40.95 -28.48 3.45
N ARG O 434 -42.09 -27.87 3.13
CA ARG O 434 -43.11 -27.64 4.14
C ARG O 434 -43.48 -28.93 4.84
N MET O 435 -43.79 -29.97 4.06
CA MET O 435 -44.18 -31.23 4.68
C MET O 435 -43.05 -31.82 5.52
N ILE O 436 -41.86 -31.92 4.94
CA ILE O 436 -40.76 -32.59 5.62
C ILE O 436 -40.43 -31.87 6.93
N PHE O 437 -40.69 -30.58 6.99
CA PHE O 437 -40.44 -29.82 8.20
C PHE O 437 -41.52 -30.06 9.25
N ASP O 438 -42.77 -29.93 8.84
CA ASP O 438 -43.84 -29.90 9.82
C ASP O 438 -44.10 -31.29 10.39
N PHE O 439 -43.92 -32.33 9.59
CA PHE O 439 -44.03 -33.68 10.12
C PHE O 439 -43.13 -33.86 11.34
N GLY O 440 -41.89 -33.41 11.21
CA GLY O 440 -40.95 -33.56 12.31
C GLY O 440 -41.31 -32.66 13.47
N PHE O 441 -41.76 -31.44 13.18
CA PHE O 441 -42.29 -30.59 14.25
C PHE O 441 -43.27 -31.35 15.12
N HIS O 442 -44.30 -31.90 14.49
CA HIS O 442 -45.36 -32.52 15.25
C HIS O 442 -44.94 -33.85 15.86
N TYR O 443 -43.93 -34.52 15.28
CA TYR O 443 -43.51 -35.79 15.85
C TYR O 443 -42.59 -35.60 17.04
N SER O 444 -41.87 -34.49 17.12
CA SER O 444 -40.97 -34.25 18.22
C SER O 444 -41.47 -33.21 19.21
N LYS O 445 -42.67 -32.66 19.00
CA LYS O 445 -43.27 -31.76 19.98
C LYS O 445 -43.14 -32.36 21.37
N ASN O 446 -43.84 -33.48 21.60
CA ASN O 446 -43.95 -34.04 22.94
C ASN O 446 -42.65 -34.69 23.40
N ARG O 447 -41.91 -35.33 22.48
CA ARG O 447 -40.65 -35.96 22.87
C ARG O 447 -39.68 -34.88 23.36
N VAL O 456 -34.92 -40.41 15.40
CA VAL O 456 -34.99 -40.74 13.99
C VAL O 456 -34.99 -39.46 13.16
N PRO O 457 -33.81 -39.04 12.71
CA PRO O 457 -33.70 -37.82 11.92
C PRO O 457 -33.87 -38.10 10.44
N ILE O 458 -34.10 -37.02 9.69
CA ILE O 458 -34.25 -37.06 8.25
C ILE O 458 -33.34 -36.02 7.66
N LEU O 459 -32.75 -36.32 6.50
CA LEU O 459 -31.87 -35.38 5.85
C LEU O 459 -32.24 -35.18 4.39
N VAL O 460 -32.16 -33.92 3.99
CA VAL O 460 -32.54 -33.44 2.67
C VAL O 460 -31.27 -33.10 1.93
N VAL O 461 -31.00 -33.81 0.83
CA VAL O 461 -29.80 -33.63 0.05
C VAL O 461 -30.15 -32.89 -1.22
N CYS O 462 -29.67 -31.65 -1.34
CA CYS O 462 -29.92 -30.82 -2.49
C CYS O 462 -28.68 -30.77 -3.37
N GLU O 463 -28.75 -31.50 -4.49
CA GLU O 463 -27.78 -31.42 -5.55
C GLU O 463 -28.10 -30.27 -6.50
N GLU O 464 -27.09 -29.85 -7.24
CA GLU O 464 -27.18 -28.74 -8.17
C GLU O 464 -27.99 -27.61 -7.55
N ALA O 465 -27.50 -27.18 -6.39
CA ALA O 465 -28.24 -26.25 -5.56
C ALA O 465 -28.49 -24.94 -6.28
N HIS O 466 -27.46 -24.41 -6.95
CA HIS O 466 -27.53 -23.04 -7.41
C HIS O 466 -28.62 -22.82 -8.44
N ASN O 467 -29.11 -23.89 -9.06
CA ASN O 467 -30.18 -23.74 -10.03
C ASN O 467 -31.40 -23.11 -9.40
N TYR O 468 -31.68 -23.43 -8.14
CA TYR O 468 -32.91 -23.03 -7.49
C TYR O 468 -32.67 -22.42 -6.11
N LEU O 469 -31.58 -21.71 -5.94
CA LEU O 469 -31.35 -20.95 -4.73
C LEU O 469 -30.38 -19.81 -5.03
N PRO O 470 -30.68 -18.96 -6.00
CA PRO O 470 -29.70 -18.00 -6.47
C PRO O 470 -29.40 -16.92 -5.45
N ARG O 471 -28.29 -16.23 -5.68
CA ARG O 471 -27.90 -15.12 -4.81
C ARG O 471 -28.91 -14.00 -4.89
N SER O 472 -29.20 -13.53 -6.10
CA SER O 472 -30.25 -12.55 -6.33
C SER O 472 -31.07 -12.98 -7.54
N GLY O 473 -32.38 -13.11 -7.35
CA GLY O 473 -33.25 -13.53 -8.43
C GLY O 473 -34.66 -13.05 -8.22
N GLY O 474 -35.46 -13.17 -9.26
CA GLY O 474 -36.83 -12.71 -9.24
C GLY O 474 -37.73 -13.63 -8.45
N ALA O 475 -39.02 -13.47 -8.68
CA ALA O 475 -40.01 -14.25 -7.95
C ALA O 475 -39.94 -15.72 -8.32
N ALA O 476 -39.52 -16.02 -9.54
CA ALA O 476 -39.65 -17.39 -10.05
C ALA O 476 -39.00 -18.39 -9.11
N TYR O 477 -37.90 -18.01 -8.48
CA TYR O 477 -37.18 -18.87 -7.58
C TYR O 477 -37.26 -18.43 -6.13
N ASP O 478 -38.00 -17.35 -5.85
CA ASP O 478 -38.11 -16.89 -4.47
C ASP O 478 -38.93 -17.86 -3.64
N ALA O 479 -39.95 -18.47 -4.24
CA ALA O 479 -40.83 -19.35 -3.49
C ALA O 479 -40.05 -20.42 -2.74
N SER O 480 -38.93 -20.86 -3.30
CA SER O 480 -38.12 -21.87 -2.65
C SER O 480 -37.15 -21.24 -1.66
N ARG O 481 -36.61 -20.08 -1.99
CA ARG O 481 -35.64 -19.44 -1.10
C ARG O 481 -36.16 -19.39 0.32
N LYS O 482 -37.45 -19.10 0.48
CA LYS O 482 -38.02 -18.94 1.80
C LYS O 482 -38.15 -20.26 2.54
N SER O 483 -38.48 -21.32 1.82
CA SER O 483 -38.64 -22.61 2.48
C SER O 483 -37.33 -23.13 3.05
N ILE O 484 -36.25 -23.00 2.29
CA ILE O 484 -34.99 -23.58 2.73
C ILE O 484 -34.34 -22.73 3.81
N GLU O 485 -34.28 -21.42 3.59
CA GLU O 485 -33.55 -20.57 4.51
C GLU O 485 -34.02 -20.76 5.94
N ARG O 486 -35.31 -20.93 6.15
CA ARG O 486 -35.82 -21.03 7.51
C ARG O 486 -35.20 -22.21 8.23
N ILE O 487 -35.03 -23.33 7.55
CA ILE O 487 -34.40 -24.47 8.18
C ILE O 487 -32.99 -24.09 8.57
N ALA O 488 -32.28 -23.43 7.67
CA ALA O 488 -30.91 -23.01 7.97
C ALA O 488 -30.91 -22.09 9.17
N LYS O 489 -32.02 -21.38 9.41
CA LYS O 489 -32.11 -20.58 10.62
C LYS O 489 -32.26 -21.47 11.84
N GLU O 490 -33.20 -22.41 11.81
CA GLU O 490 -33.40 -23.29 12.94
C GLU O 490 -34.21 -24.51 12.54
N GLY O 491 -33.60 -25.68 12.52
CA GLY O 491 -34.35 -26.91 12.31
C GLY O 491 -33.74 -28.12 12.99
N ARG O 492 -32.69 -27.87 13.76
CA ARG O 492 -31.97 -28.99 14.35
C ARG O 492 -32.87 -29.74 15.30
N LYS O 493 -33.66 -28.98 16.06
CA LYS O 493 -34.45 -29.58 17.12
C LYS O 493 -35.30 -30.72 16.59
N TYR O 494 -35.65 -30.70 15.31
CA TYR O 494 -36.61 -31.67 14.80
C TYR O 494 -35.99 -32.94 14.23
N GLY O 495 -34.72 -32.90 13.85
CA GLY O 495 -34.10 -34.03 13.18
C GLY O 495 -34.03 -33.90 11.69
N VAL O 496 -34.42 -32.77 11.15
CA VAL O 496 -34.29 -32.48 9.74
C VAL O 496 -32.97 -31.73 9.54
N THR O 497 -32.15 -32.20 8.62
CA THR O 497 -30.90 -31.51 8.34
C THR O 497 -30.57 -31.56 6.86
N LEU O 498 -29.90 -30.52 6.39
CA LEU O 498 -29.65 -30.32 4.97
C LEU O 498 -28.24 -30.74 4.57
N MET O 499 -28.06 -30.91 3.26
CA MET O 499 -26.76 -31.07 2.62
C MET O 499 -26.80 -30.36 1.28
N VAL O 500 -25.73 -29.64 0.95
CA VAL O 500 -25.67 -28.77 -0.21
C VAL O 500 -24.55 -29.22 -1.12
N VAL O 501 -24.83 -29.27 -2.42
CA VAL O 501 -23.81 -29.58 -3.42
C VAL O 501 -23.83 -28.49 -4.49
N SER O 502 -22.67 -27.92 -4.77
CA SER O 502 -22.57 -26.79 -5.69
C SER O 502 -21.27 -26.86 -6.46
N GLN O 503 -21.36 -26.94 -7.78
CA GLN O 503 -20.16 -26.86 -8.61
C GLN O 503 -19.64 -25.43 -8.70
N ARG O 504 -20.52 -24.44 -8.52
CA ARG O 504 -20.15 -23.03 -8.58
C ARG O 504 -20.58 -22.39 -7.27
N PRO O 505 -19.76 -22.51 -6.23
CA PRO O 505 -20.19 -22.06 -4.90
C PRO O 505 -20.41 -20.57 -4.78
N SER O 506 -19.80 -19.77 -5.65
CA SER O 506 -19.93 -18.32 -5.50
C SER O 506 -21.33 -17.85 -5.79
N GLU O 507 -21.98 -18.44 -6.79
CA GLU O 507 -23.29 -17.98 -7.21
C GLU O 507 -24.42 -18.51 -6.34
N VAL O 508 -24.11 -19.15 -5.24
CA VAL O 508 -25.12 -19.57 -4.29
C VAL O 508 -25.26 -18.50 -3.23
N SER O 509 -26.43 -18.44 -2.60
CA SER O 509 -26.84 -17.24 -1.90
C SER O 509 -26.13 -17.12 -0.54
N GLU O 510 -26.31 -15.94 0.05
CA GLU O 510 -25.52 -15.54 1.21
C GLU O 510 -25.84 -16.36 2.45
N THR O 511 -27.13 -16.55 2.73
CA THR O 511 -27.53 -16.97 4.07
C THR O 511 -27.20 -18.44 4.34
N ILE O 512 -27.31 -19.31 3.33
CA ILE O 512 -27.31 -20.74 3.61
C ILE O 512 -25.96 -21.19 4.11
N PHE O 513 -24.88 -20.73 3.48
CA PHE O 513 -23.57 -21.26 3.80
C PHE O 513 -23.21 -20.99 5.25
N SER O 514 -23.37 -19.75 5.70
CA SER O 514 -22.87 -19.36 7.02
C SER O 514 -23.35 -20.31 8.11
N GLN O 515 -24.48 -20.96 7.91
CA GLN O 515 -24.97 -21.95 8.87
C GLN O 515 -24.62 -23.35 8.40
N CYS O 516 -23.31 -23.61 8.30
CA CYS O 516 -22.79 -24.91 7.96
C CYS O 516 -21.56 -25.17 8.80
N SER O 517 -21.58 -26.25 9.59
CA SER O 517 -20.55 -26.44 10.59
C SER O 517 -19.25 -26.92 9.98
N ASN O 518 -19.33 -27.96 9.15
CA ASN O 518 -18.16 -28.56 8.54
C ASN O 518 -18.16 -28.25 7.05
N PHE O 519 -16.97 -28.29 6.46
CA PHE O 519 -16.81 -28.04 5.04
C PHE O 519 -15.84 -29.04 4.47
N ILE O 520 -16.18 -29.54 3.27
CA ILE O 520 -15.35 -30.44 2.51
C ILE O 520 -15.15 -29.82 1.13
N SER O 521 -13.90 -29.74 0.71
CA SER O 521 -13.57 -29.10 -0.56
C SER O 521 -12.64 -29.99 -1.37
N LEU O 522 -13.03 -30.20 -2.61
CA LEU O 522 -12.21 -30.80 -3.63
C LEU O 522 -11.63 -29.70 -4.51
N ARG O 523 -11.04 -30.10 -5.63
CA ARG O 523 -10.42 -29.14 -6.55
C ARG O 523 -11.35 -28.00 -6.91
N LEU O 524 -10.80 -26.79 -6.91
CA LEU O 524 -11.52 -25.57 -7.25
C LEU O 524 -10.56 -24.73 -8.09
N THR O 525 -10.72 -24.78 -9.41
CA THR O 525 -9.75 -24.16 -10.30
C THR O 525 -10.00 -22.67 -10.48
N ASN O 526 -11.25 -22.28 -10.66
CA ASN O 526 -11.56 -20.90 -11.00
C ASN O 526 -11.05 -19.95 -9.91
N ALA O 527 -10.74 -18.72 -10.32
CA ALA O 527 -10.01 -17.80 -9.46
C ALA O 527 -10.90 -17.19 -8.39
N VAL O 528 -12.13 -16.82 -8.74
CA VAL O 528 -12.99 -16.10 -7.80
C VAL O 528 -13.28 -16.96 -6.58
N ASP O 529 -13.51 -18.25 -6.81
CA ASP O 529 -13.93 -19.12 -5.73
C ASP O 529 -12.83 -19.33 -4.72
N GLN O 530 -11.57 -19.25 -5.15
CA GLN O 530 -10.46 -19.31 -4.21
C GLN O 530 -10.64 -18.30 -3.08
N THR O 531 -10.76 -17.02 -3.45
CA THR O 531 -10.93 -15.97 -2.46
C THR O 531 -12.23 -16.16 -1.70
N TYR O 532 -13.32 -16.44 -2.41
CA TYR O 532 -14.60 -16.52 -1.74
C TYR O 532 -14.60 -17.59 -0.66
N VAL O 533 -14.08 -18.77 -0.97
CA VAL O 533 -14.05 -19.84 0.00
C VAL O 533 -13.01 -19.58 1.08
N LYS O 534 -11.92 -18.88 0.74
CA LYS O 534 -10.96 -18.51 1.77
C LYS O 534 -11.62 -17.64 2.82
N SER O 535 -12.59 -16.83 2.41
CA SER O 535 -13.23 -15.93 3.37
C SER O 535 -14.04 -16.72 4.39
N LEU O 536 -14.77 -17.74 3.95
CA LEU O 536 -15.76 -18.36 4.82
C LEU O 536 -15.12 -19.03 6.02
N LEU O 537 -14.01 -19.74 5.80
CA LEU O 537 -13.35 -20.48 6.87
C LEU O 537 -11.99 -19.85 7.17
N PRO O 538 -11.88 -19.02 8.21
CA PRO O 538 -10.59 -18.40 8.53
C PRO O 538 -9.65 -19.32 9.27
N ASP O 539 -10.11 -20.50 9.70
CA ASP O 539 -9.19 -21.50 10.21
C ASP O 539 -8.18 -21.91 9.14
N LEU O 540 -8.60 -21.85 7.88
CA LEU O 540 -7.70 -22.11 6.77
C LEU O 540 -6.52 -21.15 6.83
N SER O 541 -5.32 -21.70 6.93
CA SER O 541 -4.14 -20.87 7.06
C SER O 541 -3.99 -19.96 5.83
N ALA O 542 -3.02 -19.05 5.91
CA ALA O 542 -2.72 -18.22 4.76
C ALA O 542 -2.30 -19.05 3.57
N GLY O 543 -1.66 -20.18 3.80
CA GLY O 543 -1.08 -20.97 2.74
C GLY O 543 -1.91 -22.14 2.29
N LEU O 544 -2.86 -22.57 3.11
CA LEU O 544 -3.67 -23.72 2.74
C LEU O 544 -4.53 -23.46 1.51
N GLY O 545 -4.65 -22.21 1.08
CA GLY O 545 -5.41 -21.93 -0.12
C GLY O 545 -4.70 -22.36 -1.38
N ASP O 546 -3.39 -22.19 -1.43
CA ASP O 546 -2.62 -22.57 -2.61
C ASP O 546 -2.76 -24.06 -2.94
N LEU O 547 -3.16 -24.86 -1.96
CA LEU O 547 -3.24 -26.30 -2.14
C LEU O 547 -4.38 -26.71 -3.05
N LEU O 548 -5.40 -25.87 -3.20
CA LEU O 548 -6.64 -26.33 -3.82
C LEU O 548 -6.48 -26.68 -5.28
N PRO O 549 -5.82 -25.87 -6.12
CA PRO O 549 -5.71 -26.22 -7.54
C PRO O 549 -4.81 -27.40 -7.83
N ASN O 550 -3.96 -27.79 -6.90
CA ASN O 550 -3.07 -28.91 -7.10
C ASN O 550 -3.65 -30.21 -6.56
N LEU O 551 -4.88 -30.19 -6.07
CA LEU O 551 -5.48 -31.40 -5.56
C LEU O 551 -5.66 -32.41 -6.68
N ALA O 552 -5.34 -33.66 -6.39
CA ALA O 552 -5.37 -34.71 -7.37
C ALA O 552 -6.74 -35.34 -7.45
N GLN O 553 -6.88 -36.34 -8.32
CA GLN O 553 -8.12 -37.05 -8.49
C GLN O 553 -8.49 -37.75 -7.18
N GLY O 554 -9.57 -37.32 -6.56
CA GLY O 554 -10.01 -37.88 -5.31
C GLY O 554 -9.13 -37.54 -4.14
N GLU O 555 -9.03 -36.25 -3.83
CA GLU O 555 -8.36 -35.79 -2.64
C GLU O 555 -9.08 -34.56 -2.13
N PHE O 556 -9.21 -34.46 -0.81
CA PHE O 556 -10.13 -33.52 -0.21
C PHE O 556 -9.56 -32.89 1.06
N LEU O 557 -10.12 -31.72 1.38
CA LEU O 557 -9.78 -30.97 2.58
C LEU O 557 -11.04 -30.77 3.41
N ILE O 558 -10.99 -31.19 4.66
CA ILE O 558 -12.12 -31.12 5.59
C ILE O 558 -11.75 -30.21 6.73
N VAL O 559 -12.61 -29.25 7.03
CA VAL O 559 -12.38 -28.31 8.12
C VAL O 559 -13.68 -28.06 8.87
N GLY O 560 -13.62 -28.14 10.19
CA GLY O 560 -14.77 -27.80 11.00
C GLY O 560 -14.63 -28.33 12.43
N ASP O 561 -15.79 -28.59 13.04
CA ASP O 561 -15.83 -29.06 14.41
C ASP O 561 -15.52 -30.54 14.56
N ALA O 562 -15.95 -31.36 13.61
CA ALA O 562 -15.80 -32.80 13.74
C ALA O 562 -14.35 -33.24 13.84
N PRO O 563 -13.44 -32.77 13.01
CA PRO O 563 -12.08 -33.29 13.04
C PRO O 563 -11.23 -32.69 14.15
N LEU O 564 -10.36 -33.53 14.70
CA LEU O 564 -9.45 -33.09 15.74
C LEU O 564 -8.48 -32.05 15.22
N MET O 565 -7.98 -32.25 14.01
CA MET O 565 -7.06 -31.35 13.35
C MET O 565 -7.40 -31.29 11.87
N PRO O 566 -7.21 -30.13 11.24
CA PRO O 566 -7.39 -30.04 9.79
C PRO O 566 -6.46 -31.01 9.07
N THR O 567 -7.02 -31.72 8.11
CA THR O 567 -6.33 -32.84 7.51
C THR O 567 -6.68 -32.94 6.03
N VAL O 568 -5.80 -33.61 5.30
CA VAL O 568 -5.96 -33.89 3.89
C VAL O 568 -6.22 -35.37 3.73
N GLY O 569 -7.13 -35.73 2.82
CA GLY O 569 -7.56 -37.10 2.71
C GLY O 569 -7.83 -37.53 1.28
N HIS O 570 -8.09 -38.82 1.13
CA HIS O 570 -8.21 -39.49 -0.13
C HIS O 570 -9.46 -40.36 -0.11
N PHE O 571 -10.13 -40.44 -1.25
CA PHE O 571 -11.34 -41.23 -1.42
C PHE O 571 -11.06 -42.48 -2.22
N ALA O 572 -11.61 -43.59 -1.77
CA ALA O 572 -11.66 -44.80 -2.56
C ALA O 572 -12.88 -44.79 -3.47
N LEU O 573 -12.82 -45.56 -4.54
CA LEU O 573 -13.87 -45.56 -5.53
C LEU O 573 -15.11 -46.28 -5.00
N PRO O 574 -16.30 -45.88 -5.46
CA PRO O 574 -17.53 -46.50 -4.99
C PRO O 574 -18.00 -47.63 -5.89
N VAL O 575 -18.58 -48.65 -5.25
CA VAL O 575 -19.20 -49.76 -5.95
C VAL O 575 -20.60 -49.94 -5.38
N PRO O 576 -21.67 -49.86 -6.18
CA PRO O 576 -21.74 -49.51 -7.61
C PRO O 576 -21.63 -48.02 -7.86
N GLU O 577 -21.00 -47.63 -8.96
CA GLU O 577 -20.81 -46.22 -9.23
C GLU O 577 -22.08 -45.59 -9.79
N PRO O 578 -22.28 -44.29 -9.56
CA PRO O 578 -23.47 -43.62 -10.08
C PRO O 578 -23.39 -43.39 -11.58
N HIS O 579 -24.56 -43.40 -12.21
CA HIS O 579 -24.65 -43.20 -13.64
C HIS O 579 -26.08 -42.88 -14.08
N ASP O 597 -41.28 -43.08 -41.02
CA ASP O 597 -42.10 -43.60 -39.95
C ASP O 597 -42.69 -42.48 -39.13
N PHE O 598 -42.68 -41.27 -39.70
CA PHE O 598 -43.24 -40.12 -39.01
C PHE O 598 -44.73 -40.34 -38.72
N ASP O 599 -45.41 -41.06 -39.61
CA ASP O 599 -46.83 -41.36 -39.42
C ASP O 599 -47.05 -42.01 -38.07
N SER O 600 -46.14 -42.89 -37.66
CA SER O 600 -46.30 -43.59 -36.40
C SER O 600 -46.37 -42.62 -35.23
N VAL O 601 -45.48 -41.63 -35.21
CA VAL O 601 -45.46 -40.72 -34.07
C VAL O 601 -46.65 -39.77 -34.14
N ILE O 602 -46.94 -39.23 -35.32
CA ILE O 602 -48.06 -38.29 -35.39
C ILE O 602 -49.38 -38.97 -35.09
N ASP O 603 -49.47 -40.29 -35.27
CA ASP O 603 -50.62 -41.04 -34.80
C ASP O 603 -50.87 -40.80 -33.31
N ARG O 604 -49.83 -40.92 -32.51
CA ARG O 604 -49.91 -40.57 -31.10
C ARG O 604 -50.09 -39.07 -30.91
N TRP O 605 -49.60 -38.28 -31.83
CA TRP O 605 -49.69 -36.83 -31.75
C TRP O 605 -51.04 -36.38 -32.30
N MET P 1 8.45 -39.15 -23.60
CA MET P 1 8.88 -40.49 -23.99
C MET P 1 9.91 -40.44 -25.11
N PRO P 2 9.60 -39.73 -26.21
CA PRO P 2 10.58 -39.59 -27.29
C PRO P 2 11.73 -38.69 -26.91
N ASP P 3 12.72 -38.57 -27.80
CA ASP P 3 13.83 -37.69 -27.55
C ASP P 3 13.35 -36.25 -27.54
N LEU P 4 13.70 -35.52 -26.48
CA LEU P 4 13.25 -34.15 -26.30
C LEU P 4 14.25 -33.13 -26.79
N GLY P 5 15.43 -33.55 -27.21
CA GLY P 5 16.40 -32.61 -27.71
C GLY P 5 17.20 -31.96 -26.62
N THR P 6 17.84 -30.87 -26.99
CA THR P 6 18.65 -30.10 -26.07
C THR P 6 17.80 -29.07 -25.34
N PRO P 7 18.10 -28.82 -24.08
CA PRO P 7 17.29 -27.91 -23.27
C PRO P 7 17.59 -26.45 -23.57
N ILE P 8 16.71 -25.62 -23.03
CA ILE P 8 16.83 -24.18 -23.14
C ILE P 8 17.33 -23.55 -21.85
N GLY P 9 16.90 -24.05 -20.70
CA GLY P 9 17.27 -23.39 -19.47
C GLY P 9 17.18 -24.26 -18.24
N SER P 10 17.56 -23.66 -17.12
CA SER P 10 17.57 -24.31 -15.82
C SER P 10 16.74 -23.50 -14.82
N VAL P 11 16.33 -24.19 -13.77
CA VAL P 11 15.51 -23.59 -12.72
C VAL P 11 16.36 -22.84 -11.71
N THR P 12 15.77 -21.79 -11.15
CA THR P 12 16.43 -20.95 -10.17
C THR P 12 15.54 -20.58 -9.00
N ASP P 13 14.28 -20.99 -9.01
CA ASP P 13 13.36 -20.67 -7.92
C ASP P 13 12.10 -21.49 -8.06
N SER P 14 11.69 -22.14 -6.98
CA SER P 14 10.58 -23.06 -7.01
C SER P 14 9.75 -22.90 -5.74
N SER P 15 8.46 -23.19 -5.90
CA SER P 15 7.48 -23.12 -4.83
C SER P 15 6.29 -23.95 -5.26
N PRO P 16 5.35 -24.21 -4.36
CA PRO P 16 4.18 -25.02 -4.74
C PRO P 16 3.35 -24.40 -5.85
N SER P 17 3.48 -23.10 -6.08
CA SER P 17 2.65 -22.39 -7.04
C SER P 17 3.42 -21.77 -8.18
N LEU P 18 4.67 -21.40 -7.99
CA LEU P 18 5.45 -20.63 -8.95
C LEU P 18 6.73 -21.36 -9.30
N ILE P 19 7.10 -21.33 -10.57
CA ILE P 19 8.38 -21.88 -11.03
C ILE P 19 9.03 -20.86 -11.95
N ARG P 20 10.34 -20.65 -11.76
CA ARG P 20 11.06 -19.63 -12.50
C ARG P 20 12.23 -20.24 -13.25
N ILE P 21 12.40 -19.79 -14.48
CA ILE P 21 13.41 -20.32 -15.40
C ILE P 21 14.21 -19.17 -15.99
N GLU P 22 15.47 -19.45 -16.30
CA GLU P 22 16.40 -18.45 -16.79
C GLU P 22 17.14 -18.94 -18.02
N ILE P 23 17.19 -18.09 -19.04
CA ILE P 23 17.99 -18.32 -20.24
C ILE P 23 19.04 -17.23 -20.33
N SER P 24 20.17 -17.60 -20.95
CA SER P 24 21.39 -16.81 -20.92
C SER P 24 21.94 -16.45 -22.29
N SER P 25 21.47 -17.07 -23.36
CA SER P 25 22.00 -16.83 -24.70
C SER P 25 20.90 -16.27 -25.60
N ALA P 26 21.29 -15.35 -26.47
CA ALA P 26 20.33 -14.72 -27.38
C ALA P 26 20.02 -15.60 -28.57
N GLU P 27 20.98 -16.39 -29.03
CA GLU P 27 20.74 -17.25 -30.18
C GLU P 27 19.60 -18.21 -29.93
N ASP P 28 19.60 -18.85 -28.76
CA ASP P 28 18.56 -19.83 -28.44
C ASP P 28 17.18 -19.19 -28.37
N PHE P 29 17.08 -18.03 -27.71
CA PHE P 29 15.81 -17.33 -27.63
C PHE P 29 15.32 -16.95 -29.02
N GLU P 30 16.19 -16.39 -29.85
CA GLU P 30 15.78 -16.03 -31.19
C GLU P 30 15.38 -17.25 -31.99
N LYS P 31 15.94 -18.41 -31.67
CA LYS P 31 15.64 -19.64 -32.38
C LYS P 31 14.27 -20.19 -31.99
N TYR P 32 13.92 -20.13 -30.71
CA TYR P 32 12.69 -20.73 -30.21
C TYR P 32 11.63 -19.70 -29.84
N LYS P 33 11.76 -18.46 -30.33
CA LYS P 33 10.78 -17.43 -30.00
C LYS P 33 9.36 -17.83 -30.35
N SER P 34 9.18 -18.66 -31.38
CA SER P 34 7.84 -19.05 -31.78
C SER P 34 7.13 -19.81 -30.67
N MET P 35 7.86 -20.50 -29.81
CA MET P 35 7.29 -21.44 -28.86
C MET P 35 7.18 -20.90 -27.45
N LEU P 36 7.85 -19.80 -27.12
CA LEU P 36 7.91 -19.30 -25.76
C LEU P 36 6.92 -18.19 -25.50
N GLY P 37 5.80 -18.22 -26.17
CA GLY P 37 4.78 -17.23 -25.94
C GLY P 37 3.86 -17.58 -24.80
N VAL P 38 3.00 -16.62 -24.46
CA VAL P 38 2.05 -16.82 -23.39
C VAL P 38 0.94 -17.75 -23.82
N GLY P 39 0.56 -18.66 -22.94
CA GLY P 39 -0.42 -19.68 -23.20
C GLY P 39 0.16 -21.01 -23.61
N GLN P 40 1.45 -21.08 -23.83
CA GLN P 40 2.09 -22.30 -24.28
C GLN P 40 2.53 -23.13 -23.09
N TYR P 41 3.23 -24.22 -23.37
CA TYR P 41 3.52 -25.22 -22.36
C TYR P 41 4.97 -25.65 -22.42
N LEU P 42 5.50 -26.00 -21.26
CA LEU P 42 6.86 -26.46 -21.11
C LEU P 42 6.90 -27.72 -20.26
N LEU P 43 8.00 -28.46 -20.39
CA LEU P 43 8.26 -29.64 -19.59
C LEU P 43 9.41 -29.39 -18.63
N VAL P 44 9.26 -29.82 -17.38
CA VAL P 44 10.31 -29.70 -16.39
C VAL P 44 10.52 -31.07 -15.74
N ALA P 45 11.77 -31.40 -15.48
CA ALA P 45 12.10 -32.66 -14.83
C ALA P 45 11.94 -32.59 -13.33
N SER P 46 11.58 -33.73 -12.73
CA SER P 46 11.38 -33.86 -11.31
C SER P 46 11.94 -35.18 -10.82
N GLY P 47 13.11 -35.56 -11.34
CA GLY P 47 13.72 -36.80 -10.96
C GLY P 47 14.16 -37.60 -12.16
N ASN P 48 14.13 -38.91 -12.01
CA ASN P 48 14.35 -39.85 -13.09
C ASN P 48 13.02 -40.43 -13.48
N ASN P 49 12.66 -40.28 -14.75
CA ASN P 49 11.45 -40.86 -15.31
C ASN P 49 10.18 -40.23 -14.76
N LEU P 50 10.07 -38.91 -14.88
CA LEU P 50 8.88 -38.18 -14.49
C LEU P 50 9.02 -36.76 -14.99
N TYR P 51 7.91 -36.17 -15.39
CA TYR P 51 7.92 -34.82 -15.94
C TYR P 51 6.70 -34.04 -15.46
N LEU P 52 6.88 -32.74 -15.34
CA LEU P 52 5.84 -31.79 -15.00
C LEU P 52 5.54 -30.91 -16.19
N LEU P 53 4.27 -30.59 -16.39
CA LEU P 53 3.81 -29.74 -17.47
C LEU P 53 3.41 -28.40 -16.89
N ALA P 54 3.98 -27.33 -17.42
CA ALA P 54 3.77 -26.00 -16.88
C ALA P 54 3.32 -25.02 -17.96
N SER P 55 2.58 -24.01 -17.53
CA SER P 55 2.02 -22.98 -18.40
C SER P 55 2.72 -21.65 -18.17
N ILE P 56 3.09 -20.99 -19.26
CA ILE P 56 3.82 -19.73 -19.19
C ILE P 56 2.87 -18.60 -18.85
N THR P 57 3.33 -17.70 -17.99
CA THR P 57 2.56 -16.56 -17.54
C THR P 57 3.34 -15.25 -17.57
N GLY P 58 4.61 -15.26 -17.96
CA GLY P 58 5.37 -14.03 -17.99
C GLY P 58 6.77 -14.19 -18.52
N VAL P 59 7.22 -13.17 -19.24
CA VAL P 59 8.49 -13.18 -19.95
C VAL P 59 9.15 -11.82 -19.78
N ARG P 60 10.45 -11.82 -19.51
CA ARG P 60 11.22 -10.59 -19.38
C ARG P 60 12.61 -10.74 -19.93
N ALA P 61 13.11 -9.65 -20.52
CA ALA P 61 14.41 -9.60 -21.16
C ALA P 61 15.13 -8.34 -20.70
N THR P 62 16.34 -8.51 -20.18
CA THR P 62 17.13 -7.39 -19.70
C THR P 62 18.58 -7.53 -20.09
N HIS P 63 19.20 -6.40 -20.41
CA HIS P 63 20.62 -6.32 -20.76
C HIS P 63 21.26 -5.29 -19.86
N VAL P 64 22.23 -5.72 -19.06
CA VAL P 64 22.97 -4.83 -18.17
C VAL P 64 24.39 -5.34 -18.01
N ASN P 87 25.57 -8.63 -19.45
CA ASN P 87 25.15 -9.66 -20.38
C ASN P 87 23.63 -9.78 -20.42
N PHE P 88 23.15 -10.63 -21.32
CA PHE P 88 21.73 -10.86 -21.48
C PHE P 88 21.18 -11.69 -20.32
N ARG P 89 19.92 -11.44 -20.00
CA ARG P 89 19.20 -12.22 -19.00
C ARG P 89 17.75 -12.33 -19.45
N PHE P 90 17.25 -13.56 -19.57
CA PHE P 90 15.86 -13.80 -19.91
C PHE P 90 15.21 -14.63 -18.82
N GLN P 91 14.09 -14.14 -18.31
CA GLN P 91 13.35 -14.83 -17.26
C GLN P 91 11.96 -15.22 -17.76
N ILE P 92 11.57 -16.45 -17.45
CA ILE P 92 10.24 -16.97 -17.75
C ILE P 92 9.62 -17.49 -16.45
N ASP P 93 8.33 -17.23 -16.29
CA ASP P 93 7.59 -17.66 -15.12
C ASP P 93 6.49 -18.63 -15.51
N THR P 94 6.25 -19.64 -14.67
CA THR P 94 5.40 -20.75 -15.04
C THR P 94 4.60 -21.23 -13.84
N GLN P 95 3.48 -21.87 -14.15
CA GLN P 95 2.49 -22.39 -13.22
C GLN P 95 2.29 -23.88 -13.45
N PRO P 96 2.30 -24.71 -12.42
CA PRO P 96 2.09 -26.15 -12.63
C PRO P 96 0.67 -26.50 -13.03
N ILE P 97 0.56 -27.50 -13.90
CA ILE P 97 -0.73 -27.97 -14.40
C ILE P 97 -0.91 -29.47 -14.33
N GLY P 98 0.14 -30.28 -14.33
CA GLY P 98 -0.01 -31.70 -14.14
C GLY P 98 1.28 -32.44 -14.38
N THR P 99 1.16 -33.77 -14.45
CA THR P 99 2.32 -34.63 -14.53
C THR P 99 2.17 -35.66 -15.64
N LEU P 100 3.31 -36.00 -16.22
CA LEU P 100 3.42 -36.93 -17.33
C LEU P 100 4.59 -37.86 -17.07
N SER P 101 4.33 -39.15 -17.16
CA SER P 101 5.36 -40.16 -16.97
C SER P 101 6.07 -40.48 -18.28
N GLU P 102 6.93 -41.48 -18.23
CA GLU P 102 7.68 -41.90 -19.41
C GLU P 102 6.80 -42.72 -20.34
N ASP P 103 6.10 -43.72 -19.78
CA ASP P 103 5.23 -44.56 -20.60
C ASP P 103 4.23 -43.71 -21.39
N GLY P 104 3.63 -42.70 -20.75
CA GLY P 104 2.80 -41.77 -21.47
C GLY P 104 1.58 -41.26 -20.75
N GLU P 105 1.34 -41.73 -19.53
CA GLU P 105 0.15 -41.35 -18.81
C GLU P 105 0.22 -39.91 -18.34
N PHE P 106 -0.95 -39.30 -18.22
CA PHE P 106 -1.07 -37.92 -17.80
C PHE P 106 -2.02 -37.83 -16.62
N SER P 107 -1.49 -37.43 -15.48
CA SER P 107 -2.26 -37.28 -14.26
C SER P 107 -2.35 -35.81 -13.92
N ARG P 108 -3.56 -35.31 -13.81
CA ARG P 108 -3.79 -33.93 -13.46
C ARG P 108 -3.65 -33.75 -11.97
N GLY P 109 -3.12 -32.61 -11.57
CA GLY P 109 -2.81 -32.36 -10.19
C GLY P 109 -1.46 -32.91 -9.79
N SER P 110 -0.64 -32.08 -9.18
CA SER P 110 0.72 -32.44 -8.82
C SER P 110 1.00 -32.15 -7.36
N HIS P 111 1.93 -32.92 -6.80
CA HIS P 111 2.39 -32.74 -5.44
C HIS P 111 3.88 -32.51 -5.33
N SER P 112 4.64 -32.78 -6.38
CA SER P 112 6.09 -32.73 -6.34
C SER P 112 6.61 -31.32 -6.50
N LEU P 113 7.87 -31.14 -6.10
CA LEU P 113 8.59 -29.87 -6.23
C LEU P 113 9.91 -30.17 -6.93
N PRO P 114 10.21 -29.51 -8.05
CA PRO P 114 11.49 -29.73 -8.74
C PRO P 114 12.60 -28.89 -8.15
N VAL P 115 13.69 -29.55 -7.78
CA VAL P 115 14.83 -28.89 -7.16
C VAL P 115 15.52 -28.02 -8.20
N PRO P 116 16.24 -26.99 -7.79
CA PRO P 116 16.98 -26.20 -8.77
C PRO P 116 18.05 -27.00 -9.47
N THR P 117 18.62 -26.36 -10.49
CA THR P 117 19.64 -26.94 -11.35
C THR P 117 19.09 -28.05 -12.24
N GLU P 118 17.82 -27.96 -12.60
CA GLU P 118 17.17 -28.95 -13.44
C GLU P 118 16.65 -28.34 -14.73
N TYR P 119 16.59 -29.18 -15.76
CA TYR P 119 16.42 -28.75 -17.13
C TYR P 119 14.95 -28.57 -17.49
N ALA P 120 14.70 -27.62 -18.39
CA ALA P 120 13.39 -27.33 -18.92
C ALA P 120 13.40 -27.48 -20.43
N TYR P 121 12.45 -28.23 -20.96
CA TYR P 121 12.36 -28.55 -22.37
C TYR P 121 11.13 -27.96 -23.00
N VAL P 122 11.21 -27.80 -24.31
CA VAL P 122 10.12 -27.29 -25.13
C VAL P 122 9.28 -28.45 -25.61
N THR P 123 7.98 -28.35 -25.43
CA THR P 123 7.07 -29.44 -25.70
C THR P 123 7.13 -29.84 -27.17
N PRO P 124 7.59 -31.04 -27.49
CA PRO P 124 7.61 -31.47 -28.87
C PRO P 124 6.20 -31.65 -29.41
N PRO P 125 5.93 -31.20 -30.63
CA PRO P 125 4.60 -31.42 -31.20
C PRO P 125 4.17 -32.87 -31.20
N ALA P 126 5.09 -33.78 -31.49
CA ALA P 126 4.77 -35.20 -31.51
C ALA P 126 4.31 -35.70 -30.15
N VAL P 127 4.84 -35.14 -29.07
CA VAL P 127 4.42 -35.58 -27.75
C VAL P 127 2.97 -35.23 -27.51
N LEU P 128 2.57 -34.02 -27.87
CA LEU P 128 1.15 -33.67 -27.81
C LEU P 128 0.33 -34.55 -28.74
N GLU P 129 0.88 -34.87 -29.91
CA GLU P 129 0.20 -35.77 -30.82
C GLU P 129 -0.16 -37.08 -30.13
N GLY P 130 0.83 -37.68 -29.47
CA GLY P 130 0.59 -38.95 -28.80
C GLY P 130 -0.36 -38.82 -27.64
N ILE P 131 -0.20 -37.75 -26.85
CA ILE P 131 -1.09 -37.52 -25.72
C ILE P 131 -2.52 -37.45 -26.19
N PHE P 132 -2.76 -36.76 -27.29
CA PHE P 132 -4.10 -36.62 -27.83
C PHE P 132 -4.61 -37.93 -28.42
N SER P 133 -3.75 -38.68 -29.10
CA SER P 133 -4.21 -39.88 -29.78
C SER P 133 -4.60 -40.98 -28.79
N HIS P 134 -3.74 -41.24 -27.81
CA HIS P 134 -3.92 -42.39 -26.94
C HIS P 134 -4.80 -42.11 -25.73
N GLN P 135 -5.20 -40.86 -25.51
CA GLN P 135 -5.96 -40.48 -24.33
C GLN P 135 -7.39 -40.04 -24.63
N ILE P 136 -7.72 -39.78 -25.88
CA ILE P 136 -9.03 -39.28 -26.30
C ILE P 136 -9.81 -40.46 -26.84
N LYS P 137 -11.13 -40.41 -26.66
CA LYS P 137 -11.99 -41.54 -27.01
C LYS P 137 -12.58 -41.39 -28.40
N SER P 138 -13.35 -40.31 -28.60
CA SER P 138 -14.07 -40.02 -29.83
C SER P 138 -13.51 -38.76 -30.47
N PRO P 139 -12.40 -38.86 -31.19
CA PRO P 139 -11.71 -37.63 -31.63
C PRO P 139 -12.50 -36.85 -32.67
N PHE P 140 -12.34 -35.54 -32.59
CA PHE P 140 -12.91 -34.60 -33.54
C PHE P 140 -11.92 -33.46 -33.70
N ALA P 141 -11.60 -33.14 -34.95
CA ALA P 141 -10.60 -32.12 -35.24
C ALA P 141 -11.21 -30.73 -35.21
N LEU P 142 -10.41 -29.76 -34.77
CA LEU P 142 -10.86 -28.38 -34.71
C LEU P 142 -10.03 -27.44 -35.56
N GLY P 143 -8.72 -27.42 -35.36
CA GLY P 143 -7.89 -26.47 -36.07
C GLY P 143 -6.42 -26.74 -35.85
N THR P 144 -5.60 -25.96 -36.53
CA THR P 144 -4.16 -26.14 -36.49
C THR P 144 -3.57 -25.60 -35.20
N LEU P 145 -2.50 -26.25 -34.77
CA LEU P 145 -1.85 -25.86 -33.52
C LEU P 145 -1.24 -24.48 -33.65
N GLY P 146 -1.22 -23.76 -32.54
CA GLY P 146 -0.72 -22.39 -32.51
C GLY P 146 0.72 -22.29 -33.00
N ILE P 151 0.02 -31.59 -38.18
CA ILE P 151 -0.47 -31.37 -36.82
C ILE P 151 -1.71 -30.51 -36.79
N LYS P 152 -2.73 -30.99 -36.09
CA LYS P 152 -3.92 -30.19 -35.84
C LYS P 152 -4.58 -30.64 -34.54
N LEU P 153 -5.25 -29.70 -33.90
CA LEU P 153 -5.81 -29.91 -32.57
C LEU P 153 -7.06 -30.79 -32.60
N LYS P 154 -7.20 -31.61 -31.57
CA LYS P 154 -8.24 -32.61 -31.46
C LYS P 154 -8.93 -32.50 -30.11
N ILE P 155 -10.18 -32.94 -30.07
CA ILE P 155 -10.99 -32.93 -28.87
C ILE P 155 -11.86 -34.18 -28.86
N ASP P 156 -12.63 -34.36 -27.79
CA ASP P 156 -13.53 -35.49 -27.65
C ASP P 156 -14.94 -35.02 -28.04
N GLY P 157 -15.39 -35.46 -29.20
CA GLY P 157 -16.61 -34.89 -29.77
C GLY P 157 -17.84 -35.15 -28.92
N ASP P 158 -17.89 -36.29 -28.25
CA ASP P 158 -19.11 -36.66 -27.55
C ASP P 158 -19.43 -35.68 -26.45
N ARG P 159 -18.41 -35.13 -25.81
CA ARG P 159 -18.62 -34.08 -24.82
C ARG P 159 -18.95 -32.75 -25.48
N PHE P 160 -18.42 -32.53 -26.68
CA PHE P 160 -18.53 -31.22 -27.31
C PHE P 160 -19.92 -30.99 -27.87
N PHE P 161 -20.42 -31.94 -28.66
CA PHE P 161 -21.66 -31.78 -29.39
C PHE P 161 -22.89 -32.18 -28.60
N SER P 162 -22.71 -32.75 -27.41
CA SER P 162 -23.83 -33.19 -26.57
C SER P 162 -24.14 -32.21 -25.46
N LYS P 163 -23.73 -30.96 -25.63
CA LYS P 163 -23.99 -29.90 -24.67
C LYS P 163 -23.92 -28.58 -25.40
N HIS P 164 -24.48 -27.56 -24.79
CA HIS P 164 -24.58 -26.27 -25.46
C HIS P 164 -23.22 -25.62 -25.62
N VAL P 165 -22.99 -25.03 -26.81
CA VAL P 165 -21.71 -24.50 -27.25
C VAL P 165 -21.88 -23.03 -27.59
N ALA P 166 -20.79 -22.28 -27.44
CA ALA P 166 -20.80 -20.85 -27.67
C ALA P 166 -19.57 -20.44 -28.47
N VAL P 167 -19.75 -19.40 -29.28
CA VAL P 167 -18.70 -18.83 -30.11
C VAL P 167 -18.86 -17.33 -30.11
N VAL P 168 -17.92 -16.63 -29.49
CA VAL P 168 -18.00 -15.19 -29.31
C VAL P 168 -16.70 -14.55 -29.76
N GLY P 169 -16.81 -13.53 -30.60
CA GLY P 169 -15.66 -12.79 -31.05
C GLY P 169 -16.09 -11.50 -31.69
N SER P 170 -15.26 -10.46 -31.51
CA SER P 170 -15.62 -9.14 -32.05
C SER P 170 -15.68 -9.19 -33.57
N THR P 171 -16.60 -8.40 -34.12
CA THR P 171 -16.81 -8.39 -35.56
C THR P 171 -15.54 -7.96 -36.29
N GLY P 172 -15.46 -8.34 -37.56
CA GLY P 172 -14.26 -8.10 -38.32
C GLY P 172 -13.14 -9.10 -38.10
N SER P 173 -13.43 -10.21 -37.42
CA SER P 173 -12.41 -11.19 -37.05
C SER P 173 -12.61 -12.54 -37.74
N GLY P 174 -13.46 -12.61 -38.76
CA GLY P 174 -13.65 -13.85 -39.49
C GLY P 174 -14.38 -14.93 -38.71
N LYS P 175 -15.35 -14.55 -37.89
CA LYS P 175 -16.06 -15.52 -37.07
C LYS P 175 -16.99 -16.39 -37.92
N SER P 176 -17.64 -15.78 -38.92
CA SER P 176 -18.54 -16.55 -39.77
C SER P 176 -17.81 -17.69 -40.47
N CYS P 177 -16.59 -17.43 -40.92
CA CYS P 177 -15.79 -18.47 -41.53
C CYS P 177 -15.49 -19.60 -40.54
N ALA P 178 -15.26 -19.24 -39.28
CA ALA P 178 -14.97 -20.25 -38.28
C ALA P 178 -16.17 -21.17 -38.07
N VAL P 179 -17.35 -20.58 -37.93
CA VAL P 179 -18.56 -21.38 -37.81
C VAL P 179 -18.72 -22.26 -39.04
N ALA P 180 -18.44 -21.70 -40.21
CA ALA P 180 -18.55 -22.48 -41.44
C ALA P 180 -17.66 -23.71 -41.38
N LYS P 181 -16.42 -23.53 -40.97
CA LYS P 181 -15.51 -24.68 -40.91
C LYS P 181 -15.97 -25.70 -39.90
N ILE P 182 -16.44 -25.25 -38.75
CA ILE P 182 -16.88 -26.20 -37.73
C ILE P 182 -17.98 -27.08 -38.30
N LEU P 183 -19.02 -26.46 -38.84
CA LEU P 183 -20.13 -27.25 -39.37
C LEU P 183 -19.71 -28.08 -40.57
N GLN P 184 -18.86 -27.51 -41.43
CA GLN P 184 -18.39 -28.21 -42.62
C GLN P 184 -17.66 -29.49 -42.26
N THR P 185 -16.75 -29.42 -41.30
CA THR P 185 -16.09 -30.62 -40.83
C THR P 185 -17.07 -31.54 -40.13
N ALA P 186 -18.09 -30.98 -39.49
CA ALA P 186 -19.03 -31.81 -38.74
C ALA P 186 -19.78 -32.74 -39.68
N VAL P 187 -20.31 -32.21 -40.78
CA VAL P 187 -21.12 -33.03 -41.69
C VAL P 187 -20.30 -33.77 -42.71
N GLY P 188 -18.98 -33.64 -42.69
CA GLY P 188 -18.10 -34.54 -43.42
C GLY P 188 -17.55 -34.01 -44.72
N ILE P 189 -17.81 -32.76 -45.06
CA ILE P 189 -17.27 -32.19 -46.28
C ILE P 189 -15.83 -31.76 -46.05
N GLU P 190 -14.97 -31.99 -47.05
CA GLU P 190 -13.62 -31.46 -47.03
C GLU P 190 -13.14 -31.36 -48.47
N SER P 191 -12.70 -30.16 -48.87
CA SER P 191 -12.13 -29.93 -50.21
C SER P 191 -13.14 -30.27 -51.30
N LYS P 192 -14.38 -29.78 -51.14
CA LYS P 192 -15.39 -29.85 -52.19
C LYS P 192 -15.77 -31.29 -52.51
N ALA P 193 -15.83 -32.14 -51.48
CA ALA P 193 -16.17 -33.54 -51.68
C ALA P 193 -16.71 -34.10 -50.38
N ASN P 194 -17.46 -35.20 -50.52
CA ASN P 194 -18.13 -35.87 -49.40
C ASN P 194 -17.49 -37.24 -49.19
N ALA P 195 -16.81 -37.41 -48.05
CA ALA P 195 -16.29 -38.73 -47.71
C ALA P 195 -17.42 -39.69 -47.32
N HIS P 196 -18.55 -39.16 -46.87
CA HIS P 196 -19.67 -39.98 -46.40
C HIS P 196 -20.64 -40.27 -47.55
N LYS P 197 -20.11 -40.79 -48.65
CA LYS P 197 -20.93 -41.13 -49.80
C LYS P 197 -21.62 -42.48 -49.62
N ALA P 198 -20.84 -43.54 -49.39
CA ALA P 198 -21.41 -44.88 -49.30
C ALA P 198 -22.46 -44.94 -48.20
N ALA P 199 -22.17 -44.35 -47.03
CA ALA P 199 -23.07 -44.39 -45.91
C ALA P 199 -22.96 -43.07 -45.16
N GLN P 200 -24.01 -42.74 -44.42
CA GLN P 200 -24.11 -41.45 -43.75
C GLN P 200 -24.42 -41.64 -42.28
N LYS P 201 -23.76 -40.86 -41.43
CA LYS P 201 -24.18 -40.73 -40.05
C LYS P 201 -25.27 -39.66 -39.96
N ASN P 202 -26.25 -39.89 -39.09
CA ASN P 202 -27.41 -39.02 -39.02
C ASN P 202 -27.04 -37.72 -38.35
N SER P 203 -26.53 -36.76 -39.13
CA SER P 203 -26.19 -35.43 -38.68
C SER P 203 -27.24 -34.46 -39.21
N HIS P 204 -28.10 -33.98 -38.32
CA HIS P 204 -29.20 -33.08 -38.68
C HIS P 204 -28.95 -31.70 -38.09
N ILE P 205 -28.92 -30.69 -38.95
CA ILE P 205 -28.61 -29.32 -38.57
C ILE P 205 -29.62 -28.38 -39.20
N VAL P 206 -29.90 -27.29 -38.50
CA VAL P 206 -30.75 -26.22 -39.01
C VAL P 206 -30.09 -24.89 -38.69
N ILE P 207 -29.77 -24.13 -39.72
CA ILE P 207 -29.05 -22.86 -39.58
C ILE P 207 -30.05 -21.72 -39.71
N PHE P 208 -29.95 -20.74 -38.83
CA PHE P 208 -30.81 -19.56 -38.88
C PHE P 208 -29.97 -18.37 -39.34
N ASP P 209 -30.16 -17.97 -40.59
CA ASP P 209 -29.34 -16.97 -41.25
C ASP P 209 -30.15 -15.68 -41.43
N ILE P 210 -29.53 -14.55 -41.09
CA ILE P 210 -30.17 -13.25 -41.25
C ILE P 210 -29.61 -12.55 -42.48
N HIS P 211 -28.37 -12.85 -42.84
CA HIS P 211 -27.70 -12.21 -43.96
C HIS P 211 -27.62 -13.09 -45.19
N ALA P 212 -27.96 -14.37 -45.09
CA ALA P 212 -28.01 -15.25 -46.25
C ALA P 212 -26.62 -15.45 -46.86
N GLU P 213 -25.65 -15.76 -46.01
CA GLU P 213 -24.28 -15.92 -46.44
C GLU P 213 -23.82 -17.36 -46.53
N TYR P 214 -24.54 -18.29 -45.88
CA TYR P 214 -24.04 -19.65 -45.70
C TYR P 214 -24.25 -20.52 -46.93
N ALA P 215 -25.18 -20.15 -47.82
CA ALA P 215 -25.47 -21.01 -48.95
C ALA P 215 -24.22 -21.33 -49.74
N ALA P 216 -23.39 -20.32 -50.00
CA ALA P 216 -22.23 -20.53 -50.86
C ALA P 216 -21.26 -21.53 -50.27
N ALA P 217 -21.17 -21.60 -48.94
CA ALA P 217 -20.16 -22.41 -48.29
C ALA P 217 -20.40 -23.90 -48.52
N PHE P 218 -21.65 -24.34 -48.46
CA PHE P 218 -21.95 -25.76 -48.45
C PHE P 218 -22.35 -26.31 -49.81
N ASN P 219 -22.33 -25.50 -50.86
CA ASN P 219 -22.68 -25.99 -52.18
C ASN P 219 -21.54 -26.86 -52.73
N LEU P 220 -21.91 -27.94 -53.40
CA LEU P 220 -20.96 -28.93 -53.86
C LEU P 220 -21.24 -29.26 -55.32
N GLU P 221 -20.33 -30.06 -55.88
CA GLU P 221 -20.47 -30.52 -57.24
C GLU P 221 -21.64 -31.48 -57.36
N ALA P 222 -22.22 -31.58 -58.56
CA ALA P 222 -23.36 -32.45 -58.78
C ALA P 222 -22.97 -33.92 -58.66
N GLY P 223 -21.76 -34.27 -59.12
CA GLY P 223 -21.36 -35.66 -59.10
C GLY P 223 -21.38 -36.26 -57.71
N GLU P 224 -20.87 -35.53 -56.72
CA GLU P 224 -20.86 -36.06 -55.36
C GLU P 224 -22.25 -36.10 -54.76
N ALA P 225 -23.11 -35.12 -55.09
CA ALA P 225 -24.52 -35.17 -54.75
C ALA P 225 -24.75 -35.29 -53.25
N PHE P 226 -24.41 -34.22 -52.54
CA PHE P 226 -24.69 -34.13 -51.12
C PHE P 226 -26.12 -33.60 -50.90
N THR P 227 -26.67 -33.93 -49.72
CA THR P 227 -28.05 -33.59 -49.41
C THR P 227 -28.14 -32.14 -48.96
N LEU P 228 -28.80 -31.30 -49.77
CA LEU P 228 -29.02 -29.91 -49.44
C LEU P 228 -30.46 -29.54 -49.77
N ASN P 229 -31.14 -28.89 -48.83
CA ASN P 229 -32.54 -28.49 -48.97
C ASN P 229 -32.68 -27.04 -48.56
N LEU P 230 -32.42 -26.14 -49.51
CA LEU P 230 -32.52 -24.71 -49.23
C LEU P 230 -33.98 -24.31 -49.10
N LEU P 231 -34.25 -23.40 -48.16
CA LEU P 231 -35.60 -22.94 -47.87
C LEU P 231 -35.62 -21.42 -47.75
N GLY P 232 -36.59 -20.79 -48.40
CA GLY P 232 -36.69 -19.35 -48.40
C GLY P 232 -38.14 -18.87 -48.41
N VAL P 233 -38.34 -17.58 -48.70
CA VAL P 233 -39.69 -17.02 -48.70
C VAL P 233 -40.59 -17.79 -49.66
N ASP P 234 -40.03 -18.31 -50.74
CA ASP P 234 -40.85 -18.95 -51.77
C ASP P 234 -41.34 -20.31 -51.36
N ASN P 235 -40.55 -21.05 -50.59
CA ASN P 235 -40.76 -22.48 -50.37
C ASN P 235 -41.24 -22.80 -48.97
N LEU P 236 -41.67 -21.81 -48.20
CA LEU P 236 -42.12 -22.02 -46.84
C LEU P 236 -43.58 -22.42 -46.82
N ARG P 237 -43.89 -23.51 -46.13
CA ARG P 237 -45.23 -24.07 -46.07
C ARG P 237 -45.57 -24.43 -44.62
N LEU P 238 -46.07 -23.46 -43.85
CA LEU P 238 -46.61 -23.76 -42.54
C LEU P 238 -47.91 -23.00 -42.35
N PRO P 239 -49.06 -23.69 -42.32
CA PRO P 239 -50.34 -22.97 -42.28
C PRO P 239 -50.53 -22.18 -41.01
N TYR P 240 -51.66 -21.46 -40.96
CA TYR P 240 -51.96 -20.61 -39.82
C TYR P 240 -52.55 -21.38 -38.65
N TRP P 241 -53.15 -22.54 -38.90
CA TRP P 241 -53.75 -23.29 -37.80
C TRP P 241 -52.71 -23.94 -36.89
N LEU P 242 -51.50 -24.19 -37.40
CA LEU P 242 -50.43 -24.62 -36.52
C LEU P 242 -50.21 -23.61 -35.41
N MET P 243 -50.48 -22.35 -35.70
CA MET P 243 -50.42 -21.29 -34.71
C MET P 243 -51.30 -21.63 -33.52
N ASN P 244 -50.80 -21.35 -32.32
CA ASN P 244 -51.59 -21.56 -31.12
C ASN P 244 -52.36 -20.28 -30.77
N ALA P 245 -53.12 -20.36 -29.68
CA ALA P 245 -53.98 -19.26 -29.27
C ALA P 245 -53.18 -17.95 -29.13
N GLN P 246 -52.14 -17.98 -28.31
CA GLN P 246 -51.40 -16.75 -28.07
C GLN P 246 -50.56 -16.37 -29.28
N GLU P 247 -50.15 -17.35 -30.06
CA GLU P 247 -49.53 -17.04 -31.34
C GLU P 247 -50.50 -16.34 -32.28
N LEU P 248 -51.80 -16.54 -32.07
CA LEU P 248 -52.84 -15.93 -32.89
C LEU P 248 -53.17 -14.53 -32.43
N GLU P 249 -53.21 -14.32 -31.11
CA GLU P 249 -53.72 -13.08 -30.56
C GLU P 249 -53.10 -11.87 -31.24
N GLN P 250 -51.77 -11.79 -31.21
CA GLN P 250 -51.10 -10.59 -31.71
C GLN P 250 -51.09 -10.53 -33.22
N ILE P 251 -51.14 -11.69 -33.88
CA ILE P 251 -51.20 -11.68 -35.34
C ILE P 251 -52.48 -11.02 -35.80
N PHE P 252 -53.59 -11.29 -35.12
CA PHE P 252 -54.89 -10.87 -35.62
C PHE P 252 -55.62 -9.90 -34.70
N ILE P 253 -54.95 -9.33 -33.71
CA ILE P 253 -55.54 -8.32 -32.85
C ILE P 253 -54.44 -7.44 -32.27
N GLU P 254 -54.80 -6.21 -31.96
CA GLU P 254 -53.95 -5.25 -31.27
C GLU P 254 -54.62 -4.82 -29.97
N SER P 255 -53.80 -4.31 -29.06
CA SER P 255 -54.28 -3.74 -27.81
C SER P 255 -54.19 -2.22 -27.79
N ASN P 256 -53.89 -1.60 -28.92
CA ASN P 256 -53.87 -0.14 -28.99
C ASN P 256 -55.18 0.48 -28.54
N GLU P 257 -56.29 -0.19 -28.78
CA GLU P 257 -57.61 0.39 -28.62
C GLU P 257 -58.14 0.22 -27.20
N HIS P 258 -58.94 1.21 -26.77
CA HIS P 258 -59.60 1.13 -25.48
C HIS P 258 -60.56 -0.05 -25.41
N ASN P 259 -61.26 -0.32 -26.50
CA ASN P 259 -62.27 -1.36 -26.58
C ASN P 259 -61.75 -2.65 -27.18
N SER P 260 -60.43 -2.78 -27.33
CA SER P 260 -59.84 -3.95 -27.97
C SER P 260 -60.38 -5.25 -27.38
N HIS P 261 -60.64 -5.26 -26.07
CA HIS P 261 -60.96 -6.52 -25.39
C HIS P 261 -62.24 -7.14 -25.94
N ASN P 262 -63.27 -6.34 -26.17
CA ASN P 262 -64.50 -6.91 -26.71
C ASN P 262 -64.31 -7.38 -28.16
N GLN P 263 -63.48 -6.67 -28.93
CA GLN P 263 -63.16 -7.16 -30.27
C GLN P 263 -62.47 -8.50 -30.18
N ILE P 264 -61.52 -8.66 -29.26
CA ILE P 264 -60.91 -9.96 -28.99
C ILE P 264 -62.00 -10.99 -28.70
N SER P 265 -62.94 -10.64 -27.82
CA SER P 265 -63.95 -11.58 -27.38
C SER P 265 -64.74 -12.11 -28.58
N GLN P 266 -65.38 -11.20 -29.31
CA GLN P 266 -66.24 -11.62 -30.41
C GLN P 266 -65.43 -12.26 -31.52
N PHE P 267 -64.25 -11.71 -31.84
CA PHE P 267 -63.38 -12.30 -32.85
C PHE P 267 -63.13 -13.76 -32.54
N ARG P 268 -62.67 -14.06 -31.33
CA ARG P 268 -62.25 -15.43 -31.03
C ARG P 268 -63.44 -16.35 -30.87
N HIS P 269 -64.55 -15.89 -30.28
CA HIS P 269 -65.73 -16.72 -30.28
C HIS P 269 -66.12 -17.09 -31.70
N ALA P 270 -65.96 -16.13 -32.61
CA ALA P 270 -66.29 -16.38 -34.01
C ALA P 270 -65.36 -17.41 -34.61
N VAL P 271 -64.06 -17.27 -34.36
CA VAL P 271 -63.10 -18.18 -34.97
C VAL P 271 -63.25 -19.61 -34.43
N VAL P 272 -63.56 -19.76 -33.14
CA VAL P 272 -63.72 -21.09 -32.58
C VAL P 272 -64.97 -21.75 -33.14
N ARG P 273 -66.09 -21.03 -33.15
CA ARG P 273 -67.27 -21.61 -33.77
C ARG P 273 -67.01 -21.88 -35.26
N ASN P 274 -66.18 -21.05 -35.90
CA ASN P 274 -65.83 -21.27 -37.30
C ASN P 274 -65.14 -22.61 -37.49
N LYS P 275 -64.12 -22.88 -36.69
CA LYS P 275 -63.33 -24.07 -36.94
C LYS P 275 -64.02 -25.33 -36.42
N CYS P 276 -65.00 -25.22 -35.52
CA CYS P 276 -65.87 -26.37 -35.31
C CYS P 276 -66.82 -26.55 -36.47
N LYS P 277 -67.31 -25.44 -37.04
CA LYS P 277 -68.04 -25.47 -38.30
C LYS P 277 -67.27 -26.24 -39.36
N HIS P 278 -65.94 -26.12 -39.35
CA HIS P 278 -65.13 -26.81 -40.35
C HIS P 278 -65.02 -28.29 -40.04
N ASN P 279 -64.59 -28.61 -38.82
CA ASN P 279 -64.29 -29.99 -38.43
C ASN P 279 -65.47 -30.55 -37.65
N PRO P 280 -66.25 -31.47 -38.22
CA PRO P 280 -67.43 -31.97 -37.52
C PRO P 280 -67.17 -33.24 -36.73
N THR P 281 -66.11 -33.97 -37.11
CA THR P 281 -65.93 -35.34 -36.64
C THR P 281 -65.81 -35.40 -35.12
N LEU P 282 -64.74 -34.82 -34.58
CA LEU P 282 -64.40 -35.06 -33.19
C LEU P 282 -65.52 -34.57 -32.28
N THR P 283 -65.79 -35.35 -31.23
CA THR P 283 -66.88 -35.00 -30.31
C THR P 283 -66.60 -33.69 -29.60
N ASN P 284 -65.40 -33.53 -29.06
CA ASN P 284 -65.04 -32.33 -28.32
C ASN P 284 -63.72 -31.77 -28.84
N LEU P 285 -63.70 -30.46 -29.09
CA LEU P 285 -62.53 -29.74 -29.56
C LEU P 285 -62.34 -28.48 -28.73
N SER P 286 -61.09 -28.01 -28.68
CA SER P 286 -60.72 -26.84 -27.92
C SER P 286 -60.29 -25.72 -28.87
N PHE P 287 -60.18 -24.52 -28.31
CA PHE P 287 -59.83 -23.34 -29.09
C PHE P 287 -58.46 -23.49 -29.73
N ASP P 288 -57.42 -23.52 -28.92
CA ASP P 288 -56.07 -23.49 -29.46
C ASP P 288 -55.75 -24.76 -30.23
N THR P 289 -56.37 -25.87 -29.87
CA THR P 289 -56.00 -27.15 -30.46
C THR P 289 -56.06 -27.06 -31.98
N PRO P 290 -55.01 -27.51 -32.69
CA PRO P 290 -54.90 -27.24 -34.12
C PRO P 290 -56.01 -27.91 -34.91
N VAL P 291 -56.81 -27.11 -35.61
CA VAL P 291 -57.80 -27.58 -36.57
C VAL P 291 -58.02 -26.48 -37.61
N TYR P 292 -58.72 -26.82 -38.69
CA TYR P 292 -58.79 -25.98 -39.87
C TYR P 292 -59.74 -24.80 -39.65
N PHE P 293 -59.36 -23.64 -40.18
CA PHE P 293 -60.24 -22.49 -40.28
C PHE P 293 -59.80 -21.64 -41.47
N SER P 294 -60.59 -20.61 -41.78
CA SER P 294 -60.35 -19.81 -42.97
C SER P 294 -60.46 -18.32 -42.65
N ILE P 295 -59.61 -17.53 -43.33
CA ILE P 295 -59.56 -16.09 -43.11
C ILE P 295 -60.87 -15.43 -43.53
N ASP P 296 -61.36 -15.81 -44.72
CA ASP P 296 -62.46 -15.09 -45.33
C ASP P 296 -63.72 -15.19 -44.49
N GLU P 297 -63.90 -16.30 -43.78
CA GLU P 297 -65.11 -16.44 -43.00
C GLU P 297 -65.15 -15.40 -41.87
N VAL P 298 -64.01 -15.21 -41.21
CA VAL P 298 -63.91 -14.21 -40.16
C VAL P 298 -64.09 -12.81 -40.76
N VAL P 299 -63.42 -12.54 -41.88
CA VAL P 299 -63.55 -11.23 -42.52
C VAL P 299 -65.02 -10.91 -42.78
N THR P 300 -65.74 -11.87 -43.36
CA THR P 300 -67.12 -11.63 -43.75
C THR P 300 -68.04 -11.48 -42.54
N TYR P 301 -67.89 -12.32 -41.52
CA TYR P 301 -68.75 -12.15 -40.35
C TYR P 301 -68.50 -10.81 -39.66
N LEU P 302 -67.23 -10.40 -39.59
CA LEU P 302 -66.91 -9.09 -39.03
C LEU P 302 -67.61 -7.98 -39.81
N GLU P 303 -67.48 -8.00 -41.15
CA GLU P 303 -68.15 -7.00 -41.96
C GLU P 303 -69.66 -7.03 -41.74
N ASN P 304 -70.24 -8.23 -41.66
CA ASN P 304 -71.67 -8.34 -41.42
C ASN P 304 -72.08 -7.63 -40.15
N MET P 305 -71.55 -8.07 -39.01
CA MET P 305 -72.03 -7.51 -37.76
C MET P 305 -71.58 -6.06 -37.58
N ASN P 306 -70.62 -5.60 -38.38
CA ASN P 306 -70.31 -4.18 -38.43
C ASN P 306 -71.51 -3.34 -38.88
N ASN P 307 -72.45 -3.94 -39.61
CA ASN P 307 -73.70 -3.29 -40.01
C ASN P 307 -74.91 -3.85 -39.28
N GLU P 308 -74.77 -4.12 -37.98
CA GLU P 308 -75.80 -4.82 -37.24
C GLU P 308 -77.05 -3.95 -37.08
N VAL P 309 -78.22 -4.55 -37.30
CA VAL P 309 -79.52 -3.93 -37.05
C VAL P 309 -80.47 -5.04 -36.62
N ILE P 310 -81.53 -4.68 -35.89
CA ILE P 310 -82.63 -5.61 -35.64
C ILE P 310 -83.96 -4.87 -35.73
N GLY P 311 -85.05 -5.63 -35.72
CA GLY P 311 -86.38 -5.04 -35.63
C GLY P 311 -86.74 -4.77 -34.18
N LYS P 312 -87.46 -3.66 -33.95
CA LYS P 312 -87.73 -3.22 -32.59
C LYS P 312 -89.06 -3.75 -32.06
N LEU P 313 -89.99 -4.14 -32.93
CA LEU P 313 -91.33 -4.50 -32.50
C LEU P 313 -91.31 -5.77 -31.66
N ALA P 314 -92.36 -5.93 -30.84
CA ALA P 314 -92.44 -7.06 -29.93
C ALA P 314 -92.39 -8.37 -30.69
N GLY P 315 -91.51 -9.26 -30.26
CA GLY P 315 -91.30 -10.52 -30.95
C GLY P 315 -90.63 -10.36 -32.29
N GLU P 316 -89.91 -9.27 -32.51
CA GLU P 316 -89.18 -9.02 -33.75
C GLU P 316 -87.70 -8.78 -33.45
N GLY P 317 -87.19 -9.45 -32.42
CA GLY P 317 -85.83 -9.21 -31.95
C GLY P 317 -84.78 -10.06 -32.61
N LYS P 318 -84.62 -9.90 -33.92
CA LYS P 318 -83.57 -10.59 -34.66
C LYS P 318 -83.24 -9.73 -35.86
N PRO P 319 -82.04 -9.88 -36.43
CA PRO P 319 -81.63 -8.98 -37.52
C PRO P 319 -82.49 -9.18 -38.75
N LYS P 320 -83.07 -8.09 -39.24
CA LYS P 320 -84.04 -8.12 -40.33
C LYS P 320 -83.37 -7.71 -41.62
N LEU P 321 -83.58 -8.52 -42.66
CA LEU P 321 -82.94 -8.32 -43.95
C LEU P 321 -83.78 -7.40 -44.83
N ALA P 322 -83.30 -7.18 -46.05
CA ALA P 322 -84.13 -6.55 -47.07
C ALA P 322 -85.29 -7.43 -47.50
N ASN P 323 -85.19 -8.74 -47.28
CA ASN P 323 -86.21 -9.70 -47.67
C ASN P 323 -87.27 -9.92 -46.58
N GLU P 324 -87.23 -9.15 -45.50
CA GLU P 324 -88.14 -9.26 -44.36
C GLU P 324 -87.89 -10.53 -43.54
N THR P 325 -86.94 -11.37 -43.94
CA THR P 325 -86.72 -12.63 -43.24
C THR P 325 -85.85 -12.40 -42.01
N LEU P 326 -86.08 -13.22 -40.99
CA LEU P 326 -85.32 -13.17 -39.76
C LEU P 326 -84.59 -14.50 -39.55
N VAL P 327 -83.42 -14.41 -38.92
CA VAL P 327 -82.44 -15.49 -38.90
C VAL P 327 -82.39 -16.12 -37.53
N SER P 328 -82.36 -17.45 -37.49
CA SER P 328 -82.30 -18.17 -36.22
C SER P 328 -80.93 -18.00 -35.55
N ASP P 329 -79.84 -18.03 -36.32
CA ASP P 329 -78.49 -17.95 -35.76
C ASP P 329 -77.61 -16.99 -36.56
N ARG P 330 -76.88 -16.13 -35.83
CA ARG P 330 -76.05 -15.10 -36.45
C ARG P 330 -75.03 -15.71 -37.41
N ASP P 331 -74.30 -16.72 -36.93
CA ASP P 331 -73.13 -17.19 -37.65
C ASP P 331 -73.49 -17.96 -38.92
N GLU P 332 -74.42 -18.92 -38.82
CA GLU P 332 -74.60 -19.87 -39.91
C GLU P 332 -75.08 -19.23 -41.21
N LEU P 333 -75.61 -18.01 -41.18
CA LEU P 333 -75.92 -17.29 -42.42
C LEU P 333 -74.97 -16.14 -42.71
N TYR P 334 -74.46 -15.46 -41.69
CA TYR P 334 -73.55 -14.33 -41.94
C TYR P 334 -72.22 -14.82 -42.49
N PHE P 335 -71.62 -15.83 -41.86
CA PHE P 335 -70.35 -16.36 -42.36
C PHE P 335 -70.47 -16.84 -43.80
N ASP P 336 -71.67 -17.15 -44.27
CA ASP P 336 -71.86 -17.55 -45.65
C ASP P 336 -71.39 -16.44 -46.59
N ALA P 337 -71.93 -15.24 -46.43
CA ALA P 337 -71.54 -14.10 -47.23
C ALA P 337 -72.20 -12.85 -46.65
N VAL P 338 -71.55 -11.71 -46.87
CA VAL P 338 -72.01 -10.46 -46.28
C VAL P 338 -73.27 -10.00 -47.01
N GLN P 339 -74.23 -9.47 -46.22
CA GLN P 339 -75.54 -9.11 -46.74
C GLN P 339 -75.91 -7.71 -46.26
N SER P 340 -76.68 -7.00 -47.09
CA SER P 340 -77.01 -5.61 -46.85
C SER P 340 -78.43 -5.49 -46.32
N PHE P 341 -78.57 -4.84 -45.15
CA PHE P 341 -79.82 -4.77 -44.42
C PHE P 341 -80.36 -3.35 -44.51
N ILE P 342 -81.66 -3.21 -44.32
CA ILE P 342 -82.31 -1.92 -44.53
C ILE P 342 -81.86 -0.93 -43.46
N VAL P 343 -82.14 0.36 -43.69
CA VAL P 343 -81.79 1.38 -42.72
C VAL P 343 -82.74 1.31 -41.53
N ALA P 344 -82.23 1.64 -40.35
CA ALA P 344 -83.06 1.85 -39.18
C ALA P 344 -83.53 3.30 -39.16
N SER P 345 -84.85 3.50 -39.13
CA SER P 345 -85.44 4.82 -39.06
C SER P 345 -86.60 4.80 -38.09
N GLN P 346 -86.89 5.96 -37.51
CA GLN P 346 -87.91 6.03 -36.46
C GLN P 346 -89.31 5.80 -36.99
N ALA P 347 -89.51 5.91 -38.30
CA ALA P 347 -90.80 5.61 -38.90
C ALA P 347 -91.30 4.25 -38.43
N ALA P 348 -92.60 4.18 -38.11
CA ALA P 348 -93.16 2.99 -37.50
C ALA P 348 -93.03 1.79 -38.42
N ALA P 349 -93.23 1.98 -39.73
CA ALA P 349 -93.22 0.84 -40.63
C ALA P 349 -91.86 0.15 -40.59
N THR P 350 -90.79 0.92 -40.66
CA THR P 350 -89.43 0.40 -40.59
C THR P 350 -88.81 0.59 -39.20
N LYS P 351 -89.61 0.69 -38.14
CA LYS P 351 -89.06 0.76 -36.80
C LYS P 351 -87.99 -0.31 -36.59
N ALA P 352 -86.83 0.11 -36.10
CA ALA P 352 -85.68 -0.77 -36.02
C ALA P 352 -84.81 -0.31 -34.85
N SER P 353 -83.91 -1.20 -34.44
CA SER P 353 -82.98 -0.95 -33.36
C SER P 353 -81.55 -1.04 -33.86
N ASN P 354 -80.74 -0.09 -33.38
CA ASN P 354 -79.31 -0.01 -33.68
C ASN P 354 -78.56 -1.14 -32.99
N GLY P 355 -77.43 -1.52 -33.58
CA GLY P 355 -76.56 -2.50 -32.97
C GLY P 355 -75.78 -1.88 -31.82
N PRO P 356 -75.59 -2.65 -30.73
CA PRO P 356 -74.77 -2.14 -29.62
C PRO P 356 -73.29 -2.18 -29.92
N PHE P 357 -72.86 -3.17 -30.70
CA PHE P 357 -71.46 -3.33 -31.07
C PHE P 357 -71.10 -2.66 -32.39
N ASN P 358 -72.08 -2.14 -33.12
CA ASN P 358 -71.85 -1.62 -34.45
C ASN P 358 -70.97 -0.37 -34.39
N GLY P 359 -70.23 -0.15 -35.49
CA GLY P 359 -69.30 0.96 -35.58
C GLY P 359 -67.94 0.70 -34.96
N GLU P 360 -67.82 -0.32 -34.12
CA GLU P 360 -66.53 -0.65 -33.50
C GLU P 360 -65.62 -1.40 -34.45
N PHE P 361 -66.20 -2.17 -35.39
CA PHE P 361 -65.42 -3.04 -36.25
C PHE P 361 -64.87 -2.33 -37.48
N ASP P 362 -65.37 -1.15 -37.82
CA ASP P 362 -65.01 -0.53 -39.09
C ASP P 362 -63.54 -0.17 -39.14
N ARG P 363 -62.98 0.31 -38.02
CA ARG P 363 -61.58 0.66 -37.98
C ARG P 363 -60.70 -0.58 -38.14
N MET P 364 -61.12 -1.68 -37.53
CA MET P 364 -60.33 -2.92 -37.51
C MET P 364 -60.23 -3.55 -38.90
N ILE P 365 -61.39 -3.69 -39.57
CA ILE P 365 -61.47 -4.60 -40.72
C ILE P 365 -60.63 -4.09 -41.90
N LEU P 366 -60.53 -2.78 -42.07
CA LEU P 366 -59.83 -2.31 -43.27
C LEU P 366 -58.34 -2.60 -43.15
N ARG P 367 -57.80 -2.51 -41.93
CA ARG P 367 -56.41 -2.89 -41.75
C ARG P 367 -56.23 -4.40 -41.72
N LEU P 368 -57.23 -5.13 -41.21
CA LEU P 368 -57.18 -6.58 -41.38
C LEU P 368 -57.11 -6.96 -42.85
N HIS P 369 -57.74 -6.14 -43.71
CA HIS P 369 -57.65 -6.35 -45.15
C HIS P 369 -56.27 -5.99 -45.64
N THR P 370 -55.78 -4.81 -45.26
CA THR P 370 -54.52 -4.33 -45.82
C THR P 370 -53.42 -5.36 -45.61
N ARG P 371 -53.28 -5.88 -44.38
CA ARG P 371 -52.18 -6.81 -44.18
C ARG P 371 -52.37 -8.11 -44.95
N LEU P 372 -53.61 -8.45 -45.31
CA LEU P 372 -53.82 -9.47 -46.34
C LEU P 372 -53.32 -8.99 -47.69
N ALA P 373 -53.54 -7.71 -48.00
CA ALA P 373 -53.12 -7.17 -49.27
C ALA P 373 -51.61 -7.30 -49.46
N ASP P 374 -50.86 -7.37 -48.38
CA ASP P 374 -49.42 -7.53 -48.48
C ASP P 374 -49.13 -8.81 -49.24
N PRO P 375 -48.44 -8.75 -50.39
CA PRO P 375 -48.20 -9.96 -51.18
C PRO P 375 -47.05 -10.81 -50.68
N ARG P 376 -46.23 -10.28 -49.77
CA ARG P 376 -45.05 -11.00 -49.31
C ARG P 376 -45.34 -11.89 -48.11
N LEU P 377 -46.54 -11.84 -47.54
CA LEU P 377 -46.94 -12.72 -46.46
C LEU P 377 -47.98 -13.74 -46.89
N GLN P 378 -48.19 -13.89 -48.19
CA GLN P 378 -49.23 -14.82 -48.65
C GLN P 378 -48.81 -16.26 -48.43
N PHE P 379 -47.51 -16.56 -48.50
CA PHE P 379 -47.05 -17.93 -48.49
C PHE P 379 -47.58 -18.69 -47.27
N LEU P 380 -47.40 -18.14 -46.07
CA LEU P 380 -47.91 -18.82 -44.88
C LEU P 380 -49.43 -18.73 -44.81
N PHE P 381 -50.01 -17.64 -45.30
CA PHE P 381 -51.47 -17.57 -45.42
C PHE P 381 -51.97 -18.52 -46.48
N TYR P 382 -51.28 -18.58 -47.62
CA TYR P 382 -51.64 -19.40 -48.76
C TYR P 382 -50.49 -20.35 -49.07
N PRO P 383 -50.21 -21.29 -48.18
CA PRO P 383 -49.22 -22.32 -48.49
C PRO P 383 -49.90 -23.48 -49.20
N LYS P 384 -49.44 -23.81 -50.40
CA LYS P 384 -50.15 -24.81 -51.19
C LYS P 384 -49.15 -25.52 -52.09
N LYS P 385 -49.52 -26.74 -52.49
CA LYS P 385 -48.67 -27.52 -53.36
C LYS P 385 -48.82 -27.01 -54.79
N GLU P 386 -48.05 -27.59 -55.71
CA GLU P 386 -48.22 -27.20 -57.10
C GLU P 386 -49.61 -27.57 -57.60
N ASP P 387 -50.22 -28.60 -57.02
CA ASP P 387 -51.60 -28.96 -57.34
C ASP P 387 -52.56 -27.82 -57.08
N GLY P 388 -52.29 -26.99 -56.08
CA GLY P 388 -53.13 -25.86 -55.75
C GLY P 388 -54.22 -26.16 -54.73
N GLU P 389 -54.29 -27.38 -54.21
CA GLU P 389 -55.35 -27.75 -53.28
C GLU P 389 -55.13 -27.12 -51.91
N ASP P 390 -56.23 -26.80 -51.24
CA ASP P 390 -56.15 -26.15 -49.94
C ASP P 390 -55.70 -27.12 -48.86
N LEU P 391 -55.17 -26.57 -47.77
CA LEU P 391 -54.68 -27.37 -46.67
C LEU P 391 -55.82 -28.09 -45.96
N ALA P 392 -55.55 -29.33 -45.55
CA ALA P 392 -56.47 -30.13 -44.76
C ALA P 392 -55.74 -30.67 -43.54
N THR P 393 -56.37 -30.54 -42.37
CA THR P 393 -55.76 -31.00 -41.13
C THR P 393 -55.50 -32.50 -41.15
N GLY P 394 -56.19 -33.25 -42.00
CA GLY P 394 -55.99 -34.68 -42.07
C GLY P 394 -54.54 -35.06 -42.22
N ASP P 395 -53.76 -34.24 -42.93
CA ASP P 395 -52.34 -34.49 -43.14
C ASP P 395 -51.55 -33.27 -42.70
N PHE P 396 -50.86 -33.38 -41.57
CA PHE P 396 -49.99 -32.33 -41.06
C PHE P 396 -48.58 -32.87 -40.83
N ALA P 397 -48.18 -33.83 -41.66
CA ALA P 397 -46.86 -34.42 -41.55
C ALA P 397 -45.82 -33.67 -42.35
N ASP P 398 -46.20 -33.17 -43.52
CA ASP P 398 -45.23 -32.57 -44.41
C ASP P 398 -44.52 -31.39 -43.78
N VAL P 399 -45.23 -30.63 -42.94
CA VAL P 399 -44.63 -29.48 -42.29
C VAL P 399 -43.42 -29.92 -41.48
N VAL P 400 -43.48 -31.11 -40.89
CA VAL P 400 -42.32 -31.65 -40.19
C VAL P 400 -41.25 -32.09 -41.17
N ARG P 401 -41.68 -32.80 -42.22
CA ARG P 401 -40.74 -33.47 -43.10
C ARG P 401 -39.60 -32.55 -43.53
N GLN P 402 -39.93 -31.31 -43.85
CA GLN P 402 -38.92 -30.44 -44.44
C GLN P 402 -37.83 -30.09 -43.45
N PHE P 403 -38.20 -29.90 -42.19
CA PHE P 403 -37.21 -29.55 -41.17
C PHE P 403 -36.32 -30.74 -40.85
N VAL P 404 -36.93 -31.88 -40.50
CA VAL P 404 -36.15 -33.07 -40.19
C VAL P 404 -35.38 -33.54 -41.42
N GLY P 405 -36.00 -33.44 -42.60
CA GLY P 405 -35.33 -33.80 -43.82
C GLY P 405 -35.52 -35.24 -44.23
N TYR P 406 -34.90 -36.17 -43.50
CA TYR P 406 -34.92 -37.57 -43.89
C TYR P 406 -34.92 -38.43 -42.63
N MET P 407 -35.14 -39.73 -42.84
CA MET P 407 -35.15 -40.67 -41.71
C MET P 407 -33.72 -41.05 -41.31
N THR P 408 -32.96 -41.61 -42.25
CA THR P 408 -31.57 -41.97 -41.96
C THR P 408 -30.69 -41.56 -43.14
N LYS P 409 -30.27 -40.31 -43.13
CA LYS P 409 -29.11 -39.84 -43.90
C LYS P 409 -28.87 -38.37 -43.59
N SER P 410 -27.60 -37.95 -43.58
CA SER P 410 -27.27 -36.59 -43.18
C SER P 410 -28.05 -35.58 -43.99
N ASN P 411 -28.63 -34.60 -43.30
CA ASN P 411 -29.48 -33.60 -43.95
C ASN P 411 -29.17 -32.22 -43.36
N VAL P 412 -28.31 -31.47 -44.03
CA VAL P 412 -28.18 -30.05 -43.78
C VAL P 412 -29.36 -29.34 -44.44
N SER P 413 -30.02 -28.46 -43.69
CA SER P 413 -31.23 -27.79 -44.17
C SER P 413 -31.17 -26.33 -43.77
N ILE P 414 -30.87 -25.47 -44.72
CA ILE P 414 -30.69 -24.05 -44.45
C ILE P 414 -32.06 -23.36 -44.40
N ILE P 415 -32.10 -22.23 -43.70
CA ILE P 415 -33.28 -21.38 -43.65
C ILE P 415 -32.82 -19.94 -43.65
N ASP P 416 -33.38 -19.14 -44.55
CA ASP P 416 -33.07 -17.72 -44.68
C ASP P 416 -34.26 -16.90 -44.22
N LEU P 417 -33.98 -15.85 -43.45
CA LEU P 417 -35.00 -15.03 -42.83
C LEU P 417 -35.00 -13.61 -43.34
N SER P 418 -34.20 -13.31 -44.36
CA SER P 418 -34.06 -11.93 -44.82
C SER P 418 -35.37 -11.40 -45.41
N GLY P 419 -35.99 -12.18 -46.29
CA GLY P 419 -37.17 -11.69 -46.98
C GLY P 419 -38.32 -11.39 -46.06
N ILE P 420 -38.51 -12.22 -45.04
CA ILE P 420 -39.60 -12.02 -44.08
C ILE P 420 -39.45 -10.62 -43.50
N PRO P 421 -40.52 -9.85 -43.39
CA PRO P 421 -40.39 -8.51 -42.82
C PRO P 421 -39.96 -8.60 -41.37
N PHE P 422 -39.11 -7.69 -40.98
CA PHE P 422 -38.48 -7.72 -39.67
C PHE P 422 -39.46 -7.53 -38.51
N GLU P 423 -40.77 -7.47 -38.77
CA GLU P 423 -41.74 -7.24 -37.72
C GLU P 423 -42.12 -8.52 -36.98
N VAL P 424 -42.31 -9.62 -37.70
CA VAL P 424 -42.94 -10.81 -37.12
C VAL P 424 -42.01 -12.01 -37.20
N LEU P 425 -40.72 -11.77 -37.08
CA LEU P 425 -39.74 -12.84 -37.16
C LEU P 425 -39.85 -13.75 -35.94
N SER P 426 -40.04 -13.14 -34.77
CA SER P 426 -40.04 -13.88 -33.51
C SER P 426 -41.11 -14.98 -33.52
N ILE P 427 -42.30 -14.64 -33.98
CA ILE P 427 -43.40 -15.60 -33.99
C ILE P 427 -43.04 -16.79 -34.86
N VAL P 428 -42.41 -16.52 -35.99
CA VAL P 428 -41.99 -17.58 -36.90
C VAL P 428 -41.05 -18.54 -36.18
N VAL P 429 -39.97 -17.98 -35.65
CA VAL P 429 -38.96 -18.84 -35.04
C VAL P 429 -39.56 -19.63 -33.89
N SER P 430 -40.47 -19.01 -33.15
CA SER P 430 -41.09 -19.68 -32.02
C SER P 430 -41.85 -20.91 -32.48
N LEU P 431 -42.66 -20.76 -33.53
CA LEU P 431 -43.43 -21.89 -34.01
C LEU P 431 -42.53 -23.01 -34.48
N ILE P 432 -41.47 -22.66 -35.20
CA ILE P 432 -40.58 -23.69 -35.73
C ILE P 432 -39.95 -24.49 -34.59
N SER P 433 -39.42 -23.77 -33.61
CA SER P 433 -38.77 -24.45 -32.49
C SER P 433 -39.75 -25.33 -31.74
N ARG P 434 -40.95 -24.82 -31.50
CA ARG P 434 -41.97 -25.63 -30.83
C ARG P 434 -42.16 -26.96 -31.54
N MET P 435 -42.32 -26.91 -32.87
CA MET P 435 -42.59 -28.14 -33.60
C MET P 435 -41.45 -29.13 -33.47
N ILE P 436 -40.22 -28.64 -33.66
CA ILE P 436 -39.09 -29.55 -33.67
C ILE P 436 -38.89 -30.20 -32.31
N PHE P 437 -39.05 -29.41 -31.25
CA PHE P 437 -38.90 -29.95 -29.91
C PHE P 437 -39.95 -31.01 -29.63
N ASP P 438 -41.20 -30.72 -29.98
CA ASP P 438 -42.25 -31.70 -29.75
C ASP P 438 -41.93 -33.02 -30.46
N PHE P 439 -41.49 -32.92 -31.72
CA PHE P 439 -41.13 -34.11 -32.47
C PHE P 439 -40.11 -34.94 -31.71
N GLY P 440 -39.00 -34.29 -31.34
CA GLY P 440 -37.99 -34.98 -30.59
C GLY P 440 -38.54 -35.64 -29.35
N PHE P 441 -39.41 -34.94 -28.63
CA PHE P 441 -39.94 -35.46 -27.38
C PHE P 441 -40.70 -36.75 -27.63
N HIS P 442 -41.49 -36.79 -28.69
CA HIS P 442 -42.35 -37.95 -28.87
C HIS P 442 -41.56 -39.14 -29.39
N TYR P 443 -40.62 -38.90 -30.29
CA TYR P 443 -39.76 -40.00 -30.71
C TYR P 443 -38.99 -40.54 -29.52
N SER P 444 -38.47 -39.65 -28.68
CA SER P 444 -37.73 -40.09 -27.52
C SER P 444 -38.62 -40.80 -26.51
N LYS P 445 -39.93 -40.57 -26.54
CA LYS P 445 -40.82 -41.30 -25.66
C LYS P 445 -41.12 -42.69 -26.21
N ASN P 446 -41.38 -42.78 -27.51
CA ASN P 446 -41.42 -44.09 -28.14
C ASN P 446 -40.15 -44.88 -27.82
N ARG P 447 -39.02 -44.19 -27.68
CA ARG P 447 -37.80 -44.86 -27.24
C ARG P 447 -37.78 -45.11 -25.74
N HIS P 448 -38.39 -44.23 -24.95
CA HIS P 448 -38.57 -44.46 -23.51
C HIS P 448 -39.17 -45.83 -23.29
N VAL P 449 -40.20 -46.16 -24.08
CA VAL P 449 -40.74 -47.50 -24.04
C VAL P 449 -39.86 -48.46 -24.85
N GLY P 450 -39.06 -47.95 -25.77
CA GLY P 450 -38.11 -48.78 -26.50
C GLY P 450 -36.84 -49.07 -25.76
N GLY P 451 -36.57 -48.38 -24.66
CA GLY P 451 -35.38 -48.60 -23.87
C GLY P 451 -34.10 -48.13 -24.54
N ALA P 452 -34.15 -46.99 -25.22
CA ALA P 452 -32.99 -46.47 -25.94
C ALA P 452 -33.07 -44.95 -25.97
N VAL P 453 -31.97 -44.32 -26.36
CA VAL P 453 -31.91 -42.88 -26.55
C VAL P 453 -32.29 -42.58 -27.99
N SER P 454 -32.99 -41.45 -28.18
CA SER P 454 -33.40 -41.06 -29.52
C SER P 454 -32.18 -40.81 -30.39
N ASP P 455 -32.01 -41.63 -31.42
CA ASP P 455 -30.82 -41.62 -32.25
C ASP P 455 -30.89 -40.58 -33.36
N VAL P 456 -32.01 -39.88 -33.48
CA VAL P 456 -32.14 -38.75 -34.39
C VAL P 456 -31.92 -37.44 -33.64
N PRO P 457 -30.70 -36.95 -33.51
CA PRO P 457 -30.46 -35.67 -32.87
C PRO P 457 -30.48 -34.49 -33.83
N ILE P 458 -30.75 -33.32 -33.27
CA ILE P 458 -30.84 -32.10 -34.04
C ILE P 458 -29.98 -31.03 -33.39
N LEU P 459 -29.30 -30.26 -34.24
CA LEU P 459 -28.56 -29.07 -33.82
C LEU P 459 -29.19 -27.85 -34.47
N VAL P 460 -29.32 -26.78 -33.71
CA VAL P 460 -29.92 -25.54 -34.19
C VAL P 460 -28.91 -24.43 -34.00
N VAL P 461 -28.43 -23.88 -35.10
CA VAL P 461 -27.46 -22.79 -35.09
C VAL P 461 -28.20 -21.47 -35.15
N CYS P 462 -27.93 -20.60 -34.18
CA CYS P 462 -28.56 -19.29 -34.06
C CYS P 462 -27.46 -18.24 -34.08
N GLU P 463 -27.33 -17.56 -35.22
CA GLU P 463 -26.41 -16.45 -35.37
C GLU P 463 -27.09 -15.15 -35.02
N GLU P 464 -26.31 -14.24 -34.43
CA GLU P 464 -26.79 -12.95 -33.94
C GLU P 464 -28.16 -13.10 -33.29
N ALA P 465 -28.24 -14.02 -32.34
CA ALA P 465 -29.45 -14.11 -31.52
C ALA P 465 -29.59 -12.87 -30.66
N HIS P 466 -28.48 -12.21 -30.35
CA HIS P 466 -28.52 -11.01 -29.54
C HIS P 466 -29.38 -9.92 -30.17
N ASN P 467 -29.67 -10.03 -31.46
CA ASN P 467 -30.65 -9.15 -32.08
C ASN P 467 -32.05 -9.44 -31.56
N TYR P 468 -32.42 -10.71 -31.54
CA TYR P 468 -33.80 -11.12 -31.28
C TYR P 468 -33.91 -12.07 -30.10
N LEU P 469 -33.16 -11.80 -29.05
CA LEU P 469 -33.27 -12.48 -27.76
C LEU P 469 -32.52 -11.69 -26.71
N PRO P 470 -32.93 -10.47 -26.43
CA PRO P 470 -32.07 -9.54 -25.69
C PRO P 470 -32.15 -9.71 -24.17
N ARG P 471 -31.45 -8.80 -23.48
CA ARG P 471 -31.69 -8.52 -22.08
C ARG P 471 -32.88 -7.60 -21.89
N SER P 472 -33.03 -6.63 -22.79
CA SER P 472 -34.13 -5.67 -22.76
C SER P 472 -35.00 -5.98 -23.96
N GLY P 473 -36.17 -6.57 -23.70
CA GLY P 473 -37.04 -7.01 -24.77
C GLY P 473 -38.48 -6.64 -24.51
N GLY P 474 -39.21 -6.45 -25.59
CA GLY P 474 -40.63 -6.17 -25.49
C GLY P 474 -41.44 -7.45 -25.53
N ALA P 475 -42.74 -7.31 -25.28
CA ALA P 475 -43.62 -8.46 -25.31
C ALA P 475 -43.52 -9.19 -26.64
N ALA P 476 -43.39 -8.45 -27.73
CA ALA P 476 -43.32 -9.07 -29.04
C ALA P 476 -42.14 -10.03 -29.13
N TYR P 477 -41.09 -9.77 -28.36
CA TYR P 477 -39.96 -10.69 -28.29
C TYR P 477 -40.18 -11.79 -27.27
N ASP P 478 -40.86 -11.49 -26.17
CA ASP P 478 -41.05 -12.48 -25.10
C ASP P 478 -41.68 -13.75 -25.65
N ALA P 479 -42.76 -13.62 -26.40
CA ALA P 479 -43.50 -14.76 -26.92
C ALA P 479 -42.63 -15.70 -27.73
N SER P 480 -41.42 -15.30 -28.11
CA SER P 480 -40.46 -16.19 -28.73
C SER P 480 -39.37 -16.63 -27.78
N ARG P 481 -38.85 -15.72 -26.97
CA ARG P 481 -37.79 -16.02 -26.02
C ARG P 481 -38.04 -17.35 -25.31
N LYS P 482 -39.16 -17.40 -24.60
CA LYS P 482 -39.51 -18.59 -23.82
C LYS P 482 -39.28 -19.86 -24.62
N SER P 483 -39.79 -19.90 -25.84
CA SER P 483 -39.62 -21.09 -26.67
C SER P 483 -38.19 -21.58 -26.64
N ILE P 484 -37.27 -20.75 -27.11
CA ILE P 484 -35.87 -21.16 -27.15
C ILE P 484 -35.38 -21.49 -25.75
N GLU P 485 -35.79 -20.70 -24.76
CA GLU P 485 -35.38 -20.98 -23.39
C GLU P 485 -35.63 -22.44 -23.05
N ARG P 486 -36.80 -22.93 -23.44
CA ARG P 486 -37.16 -24.32 -23.17
C ARG P 486 -36.02 -25.23 -23.58
N ILE P 487 -35.60 -25.11 -24.84
CA ILE P 487 -34.67 -26.05 -25.42
C ILE P 487 -33.36 -26.06 -24.68
N ALA P 488 -33.05 -24.99 -23.97
CA ALA P 488 -31.79 -24.92 -23.26
C ALA P 488 -31.82 -25.74 -21.98
N LYS P 489 -32.93 -25.68 -21.26
CA LYS P 489 -32.96 -26.19 -19.90
C LYS P 489 -33.23 -27.67 -19.82
N GLU P 490 -33.92 -28.23 -20.80
CA GLU P 490 -34.28 -29.64 -20.77
C GLU P 490 -33.94 -30.39 -22.05
N GLY P 491 -33.73 -29.72 -23.16
CA GLY P 491 -33.60 -30.41 -24.43
C GLY P 491 -32.51 -31.46 -24.42
N ARG P 492 -31.48 -31.27 -23.62
CA ARG P 492 -30.36 -32.19 -23.62
C ARG P 492 -30.83 -33.63 -23.42
N LYS P 493 -31.95 -33.80 -22.72
CA LYS P 493 -32.40 -35.15 -22.42
C LYS P 493 -32.96 -35.83 -23.66
N TYR P 494 -33.63 -35.07 -24.51
CA TYR P 494 -34.40 -35.62 -25.61
C TYR P 494 -33.69 -35.52 -26.95
N GLY P 495 -32.58 -34.81 -27.04
CA GLY P 495 -31.74 -34.82 -28.21
C GLY P 495 -31.69 -33.58 -29.05
N VAL P 496 -31.95 -32.41 -28.47
CA VAL P 496 -31.93 -31.14 -29.20
C VAL P 496 -30.84 -30.28 -28.59
N THR P 497 -29.96 -29.74 -29.44
CA THR P 497 -28.83 -28.95 -28.98
C THR P 497 -28.81 -27.60 -29.68
N LEU P 498 -28.29 -26.60 -28.97
CA LEU P 498 -28.16 -25.24 -29.47
C LEU P 498 -26.70 -24.91 -29.74
N MET P 499 -26.48 -24.10 -30.76
CA MET P 499 -25.24 -23.36 -30.90
C MET P 499 -25.60 -21.89 -31.06
N VAL P 500 -24.93 -21.04 -30.31
CA VAL P 500 -25.21 -19.61 -30.28
C VAL P 500 -23.96 -18.86 -30.72
N VAL P 501 -24.15 -17.88 -31.59
CA VAL P 501 -23.06 -17.06 -32.08
C VAL P 501 -23.39 -15.60 -31.84
N SER P 502 -22.39 -14.82 -31.42
CA SER P 502 -22.60 -13.43 -31.07
C SER P 502 -21.41 -12.59 -31.46
N GLN P 503 -21.65 -11.29 -31.53
CA GLN P 503 -20.62 -10.28 -31.58
C GLN P 503 -20.62 -9.39 -30.35
N ARG P 504 -21.76 -9.30 -29.66
CA ARG P 504 -21.94 -8.45 -28.49
C ARG P 504 -22.25 -9.36 -27.31
N PRO P 505 -21.23 -9.81 -26.58
CA PRO P 505 -21.45 -10.88 -25.58
C PRO P 505 -22.36 -10.45 -24.43
N SER P 506 -22.04 -9.32 -23.80
CA SER P 506 -22.77 -8.91 -22.60
C SER P 506 -24.22 -8.54 -22.90
N GLU P 507 -24.53 -8.22 -24.16
CA GLU P 507 -25.83 -7.64 -24.47
C GLU P 507 -26.97 -8.62 -24.18
N VAL P 508 -26.72 -9.91 -24.32
CA VAL P 508 -27.81 -10.89 -24.28
C VAL P 508 -28.16 -11.23 -22.84
N SER P 509 -29.35 -11.81 -22.68
CA SER P 509 -29.76 -12.34 -21.39
C SER P 509 -28.76 -13.37 -20.88
N GLU P 510 -28.26 -13.16 -19.67
CA GLU P 510 -27.35 -14.11 -19.06
C GLU P 510 -27.98 -15.49 -18.93
N THR P 511 -29.31 -15.56 -19.01
CA THR P 511 -30.01 -16.81 -18.75
C THR P 511 -29.59 -17.89 -19.74
N ILE P 512 -29.66 -17.59 -21.03
CA ILE P 512 -29.31 -18.57 -22.05
C ILE P 512 -27.82 -18.86 -22.00
N PHE P 513 -27.00 -17.81 -22.00
CA PHE P 513 -25.56 -17.97 -22.05
C PHE P 513 -25.02 -18.72 -20.84
N SER P 514 -25.77 -18.78 -19.75
CA SER P 514 -25.31 -19.49 -18.57
C SER P 514 -25.29 -21.00 -18.76
N GLN P 515 -26.08 -21.52 -19.70
CA GLN P 515 -26.21 -22.96 -19.84
C GLN P 515 -25.07 -23.60 -20.60
N CYS P 516 -24.38 -22.83 -21.44
CA CYS P 516 -23.36 -23.38 -22.29
C CYS P 516 -22.18 -23.89 -21.48
N SER P 517 -21.58 -24.98 -21.95
CA SER P 517 -20.52 -25.67 -21.24
C SER P 517 -19.14 -25.51 -21.86
N ASN P 518 -19.04 -25.51 -23.18
CA ASN P 518 -17.80 -25.27 -23.89
C ASN P 518 -17.82 -23.90 -24.53
N PHE P 519 -16.63 -23.30 -24.68
CA PHE P 519 -16.56 -21.92 -25.11
C PHE P 519 -15.32 -21.66 -25.94
N ILE P 520 -15.45 -20.72 -26.85
CA ILE P 520 -14.44 -20.35 -27.83
C ILE P 520 -14.37 -18.84 -27.89
N SER P 521 -13.17 -18.28 -27.84
CA SER P 521 -12.99 -16.84 -27.81
C SER P 521 -11.94 -16.41 -28.83
N LEU P 522 -12.22 -15.27 -29.47
CA LEU P 522 -11.32 -14.61 -30.40
C LEU P 522 -10.94 -13.25 -29.81
N ARG P 523 -10.30 -12.41 -30.63
CA ARG P 523 -9.84 -11.12 -30.16
C ARG P 523 -10.99 -10.26 -29.65
N LEU P 524 -10.73 -9.57 -28.54
CA LEU P 524 -11.71 -8.65 -27.91
C LEU P 524 -10.99 -7.36 -27.54
N THR P 525 -10.99 -6.39 -28.46
CA THR P 525 -10.41 -5.09 -28.15
C THR P 525 -11.31 -4.28 -27.22
N ASN P 526 -12.63 -4.49 -27.28
CA ASN P 526 -13.55 -3.79 -26.39
C ASN P 526 -13.40 -4.30 -24.96
N ALA P 527 -13.65 -3.40 -24.01
CA ALA P 527 -13.50 -3.70 -22.58
C ALA P 527 -14.84 -3.88 -21.86
N VAL P 528 -15.81 -3.01 -22.14
CA VAL P 528 -17.11 -3.16 -21.52
C VAL P 528 -17.65 -4.56 -21.80
N ASP P 529 -17.37 -5.07 -22.99
CA ASP P 529 -17.72 -6.44 -23.31
C ASP P 529 -16.67 -7.43 -22.80
N GLN P 530 -15.41 -7.02 -22.67
CA GLN P 530 -14.38 -7.93 -22.17
C GLN P 530 -14.79 -8.46 -20.79
N THR P 531 -14.94 -7.56 -19.83
CA THR P 531 -14.88 -7.99 -18.43
C THR P 531 -15.93 -9.05 -18.10
N TYR P 532 -17.01 -9.14 -18.86
CA TYR P 532 -18.06 -10.10 -18.51
C TYR P 532 -17.60 -11.53 -18.73
N VAL P 533 -17.27 -11.87 -19.97
CA VAL P 533 -16.95 -13.25 -20.32
C VAL P 533 -15.93 -13.82 -19.36
N LYS P 534 -15.01 -12.98 -18.89
CA LYS P 534 -14.01 -13.42 -17.93
C LYS P 534 -14.66 -13.99 -16.67
N SER P 535 -15.90 -13.60 -16.41
CA SER P 535 -16.62 -14.09 -15.25
C SER P 535 -17.13 -15.51 -15.44
N LEU P 536 -17.42 -15.89 -16.68
CA LEU P 536 -18.15 -17.13 -16.94
C LEU P 536 -17.23 -18.34 -17.04
N LEU P 537 -16.28 -18.29 -17.96
CA LEU P 537 -15.61 -19.50 -18.40
C LEU P 537 -15.00 -20.22 -17.20
N PRO P 538 -15.05 -21.55 -17.17
CA PRO P 538 -14.80 -22.29 -15.92
C PRO P 538 -13.34 -22.43 -15.51
N ASP P 539 -12.47 -22.81 -16.44
CA ASP P 539 -11.09 -23.17 -16.14
C ASP P 539 -10.14 -21.99 -16.33
N LEU P 540 -10.60 -20.79 -16.00
CA LEU P 540 -9.85 -19.58 -16.28
C LEU P 540 -8.69 -19.38 -15.32
N SER P 541 -7.61 -18.79 -15.85
CA SER P 541 -6.45 -18.40 -15.08
C SER P 541 -6.14 -16.93 -15.35
N ALA P 542 -5.49 -16.28 -14.38
CA ALA P 542 -5.20 -14.86 -14.52
C ALA P 542 -4.25 -14.60 -15.69
N GLY P 543 -3.21 -15.41 -15.82
CA GLY P 543 -2.19 -15.13 -16.83
C GLY P 543 -2.72 -15.25 -18.25
N LEU P 544 -3.44 -16.33 -18.55
CA LEU P 544 -3.91 -16.54 -19.91
C LEU P 544 -5.01 -15.56 -20.29
N GLY P 545 -5.79 -15.09 -19.32
CA GLY P 545 -6.91 -14.22 -19.63
C GLY P 545 -6.47 -12.92 -20.28
N ASP P 546 -5.39 -12.32 -19.78
CA ASP P 546 -4.94 -11.02 -20.27
C ASP P 546 -4.41 -11.06 -21.69
N LEU P 547 -4.36 -12.24 -22.32
CA LEU P 547 -3.93 -12.33 -23.71
C LEU P 547 -5.04 -11.95 -24.69
N LEU P 548 -6.29 -11.95 -24.26
CA LEU P 548 -7.41 -11.67 -25.15
C LEU P 548 -7.27 -10.37 -25.92
N PRO P 549 -7.00 -9.23 -25.29
CA PRO P 549 -7.02 -7.96 -26.04
C PRO P 549 -5.98 -7.88 -27.15
N ASN P 550 -4.80 -8.46 -26.94
CA ASN P 550 -3.68 -8.32 -27.86
C ASN P 550 -3.52 -9.51 -28.80
N LEU P 551 -4.57 -10.29 -29.00
CA LEU P 551 -4.49 -11.40 -29.94
C LEU P 551 -4.37 -10.89 -31.37
N ALA P 552 -3.91 -11.77 -32.25
CA ALA P 552 -3.88 -11.50 -33.68
C ALA P 552 -5.05 -12.21 -34.35
N GLN P 553 -5.44 -11.69 -35.52
CA GLN P 553 -6.58 -12.26 -36.23
C GLN P 553 -6.33 -13.73 -36.56
N GLY P 554 -7.43 -14.47 -36.71
CA GLY P 554 -7.34 -15.90 -36.95
C GLY P 554 -6.81 -16.70 -35.78
N GLU P 555 -7.10 -16.28 -34.55
CA GLU P 555 -6.62 -16.96 -33.36
C GLU P 555 -7.76 -17.16 -32.39
N PHE P 556 -7.75 -18.29 -31.69
CA PHE P 556 -8.82 -18.63 -30.78
C PHE P 556 -8.29 -19.39 -29.58
N LEU P 557 -8.84 -19.10 -28.41
CA LEU P 557 -8.65 -19.92 -27.24
C LEU P 557 -9.92 -20.70 -26.93
N ILE P 558 -9.75 -21.95 -26.54
CA ILE P 558 -10.86 -22.85 -26.31
C ILE P 558 -10.80 -23.36 -24.88
N VAL P 559 -11.95 -23.38 -24.21
CA VAL P 559 -11.98 -23.81 -22.81
C VAL P 559 -13.30 -24.52 -22.52
N GLY P 560 -13.22 -25.55 -21.69
CA GLY P 560 -14.39 -26.25 -21.21
C GLY P 560 -14.10 -27.72 -21.04
N ASP P 561 -15.19 -28.49 -20.93
CA ASP P 561 -15.10 -29.93 -20.67
C ASP P 561 -14.53 -30.69 -21.85
N ALA P 562 -14.72 -30.19 -23.07
CA ALA P 562 -14.35 -30.99 -24.23
C ALA P 562 -12.85 -31.20 -24.33
N PRO P 563 -12.02 -30.16 -24.25
CA PRO P 563 -10.59 -30.35 -24.50
C PRO P 563 -9.88 -30.99 -23.32
N LEU P 564 -8.72 -31.57 -23.65
CA LEU P 564 -7.87 -32.15 -22.61
C LEU P 564 -7.41 -31.09 -21.63
N MET P 565 -7.00 -29.93 -22.13
CA MET P 565 -6.52 -28.84 -21.29
C MET P 565 -6.63 -27.55 -22.10
N PRO P 566 -6.76 -26.41 -21.43
CA PRO P 566 -6.97 -25.15 -22.14
C PRO P 566 -5.86 -24.87 -23.13
N THR P 567 -6.24 -24.39 -24.32
CA THR P 567 -5.27 -24.21 -25.37
C THR P 567 -5.68 -23.09 -26.31
N VAL P 568 -4.65 -22.50 -26.93
CA VAL P 568 -4.79 -21.45 -27.93
C VAL P 568 -4.29 -22.01 -29.25
N GLY P 569 -4.96 -21.64 -30.33
CA GLY P 569 -4.62 -22.14 -31.65
C GLY P 569 -4.98 -21.12 -32.70
N HIS P 570 -4.65 -21.46 -33.96
CA HIS P 570 -4.92 -20.60 -35.09
C HIS P 570 -5.85 -21.30 -36.06
N PHE P 571 -6.66 -20.51 -36.76
CA PHE P 571 -7.54 -21.02 -37.79
C PHE P 571 -6.85 -21.03 -39.16
N ALA P 572 -7.48 -21.71 -40.11
CA ALA P 572 -7.08 -21.69 -41.50
C ALA P 572 -8.29 -21.31 -42.35
N LEU P 573 -8.14 -20.24 -43.12
CA LEU P 573 -9.27 -19.66 -43.86
C LEU P 573 -9.90 -20.72 -44.76
N PRO P 574 -11.24 -20.84 -44.76
CA PRO P 574 -11.88 -21.93 -45.49
C PRO P 574 -12.22 -21.65 -46.94
N VAL P 575 -12.20 -22.72 -47.73
CA VAL P 575 -12.70 -22.72 -49.09
C VAL P 575 -13.83 -23.74 -49.15
N PRO P 576 -15.00 -23.41 -49.72
CA PRO P 576 -15.35 -22.16 -50.38
C PRO P 576 -15.62 -21.06 -49.36
N GLU P 577 -15.20 -19.84 -49.66
CA GLU P 577 -15.38 -18.74 -48.74
C GLU P 577 -16.86 -18.38 -48.65
N PRO P 578 -17.39 -18.09 -47.45
CA PRO P 578 -18.82 -17.79 -47.33
C PRO P 578 -19.11 -16.33 -47.66
N HIS P 579 -20.14 -16.12 -48.47
CA HIS P 579 -20.65 -14.79 -48.75
C HIS P 579 -22.15 -14.84 -49.02
N MET Q 1 8.74 1.42 -45.65
CA MET Q 1 9.00 1.39 -47.08
C MET Q 1 10.13 2.33 -47.44
N PRO Q 2 10.04 3.59 -47.04
CA PRO Q 2 11.08 4.55 -47.39
C PRO Q 2 12.25 4.51 -46.42
N ASP Q 3 13.31 5.20 -46.81
CA ASP Q 3 14.45 5.38 -45.93
C ASP Q 3 14.04 6.17 -44.71
N LEU Q 4 14.44 5.70 -43.53
CA LEU Q 4 13.90 6.19 -42.28
C LEU Q 4 14.84 7.12 -41.53
N GLY Q 5 16.05 7.30 -42.03
CA GLY Q 5 16.96 8.26 -41.42
C GLY Q 5 17.87 7.66 -40.38
N THR Q 6 18.28 8.45 -39.46
CA THR Q 6 19.13 8.00 -38.39
C THR Q 6 18.33 7.73 -37.12
N PRO Q 7 18.76 6.76 -36.34
CA PRO Q 7 18.02 6.38 -35.15
C PRO Q 7 18.33 7.24 -33.95
N ILE Q 8 17.34 7.30 -33.05
CA ILE Q 8 17.46 8.10 -31.84
C ILE Q 8 18.12 7.32 -30.71
N GLY Q 9 17.66 6.10 -30.47
CA GLY Q 9 18.19 5.33 -29.37
C GLY Q 9 17.95 3.84 -29.53
N SER Q 10 18.44 3.11 -28.55
CA SER Q 10 18.37 1.66 -28.50
C SER Q 10 17.51 1.20 -27.35
N VAL Q 11 17.00 -0.01 -27.49
CA VAL Q 11 16.11 -0.60 -26.50
C VAL Q 11 16.89 -1.12 -25.32
N THR Q 12 16.32 -0.97 -24.12
CA THR Q 12 16.94 -1.40 -22.88
C THR Q 12 16.15 -2.48 -22.14
N ASP Q 13 14.83 -2.40 -22.10
CA ASP Q 13 14.02 -3.41 -21.45
C ASP Q 13 12.75 -3.65 -22.25
N SER Q 14 12.36 -4.91 -22.32
CA SER Q 14 11.26 -5.35 -23.17
C SER Q 14 10.34 -6.28 -22.40
N SER Q 15 9.07 -6.23 -22.78
CA SER Q 15 8.04 -7.10 -22.24
C SER Q 15 6.81 -6.98 -23.14
N PRO Q 16 5.89 -7.94 -23.06
CA PRO Q 16 4.73 -7.92 -23.96
C PRO Q 16 3.86 -6.69 -23.80
N SER Q 17 4.00 -5.96 -22.71
CA SER Q 17 3.15 -4.82 -22.44
C SER Q 17 3.89 -3.49 -22.33
N LEU Q 18 5.22 -3.51 -22.30
CA LEU Q 18 5.98 -2.29 -22.15
C LEU Q 18 7.31 -2.42 -22.88
N ILE Q 19 7.77 -1.31 -23.43
CA ILE Q 19 9.09 -1.21 -24.02
C ILE Q 19 9.73 0.07 -23.52
N ARG Q 20 11.03 0.01 -23.29
CA ARG Q 20 11.75 1.14 -22.72
C ARG Q 20 12.93 1.51 -23.60
N ILE Q 21 13.04 2.81 -23.91
CA ILE Q 21 14.06 3.34 -24.79
C ILE Q 21 14.84 4.41 -24.04
N GLU Q 22 16.10 4.58 -24.43
CA GLU Q 22 17.05 5.44 -23.74
C GLU Q 22 17.81 6.31 -24.73
N ILE Q 23 17.98 7.58 -24.37
CA ILE Q 23 18.79 8.52 -25.12
C ILE Q 23 19.85 9.11 -24.20
N SER Q 24 21.04 9.33 -24.77
CA SER Q 24 22.22 9.76 -24.04
C SER Q 24 22.84 11.04 -24.58
N SER Q 25 22.20 11.72 -25.52
CA SER Q 25 22.72 12.95 -26.08
C SER Q 25 21.66 14.02 -26.06
N ALA Q 26 22.02 15.21 -25.56
CA ALA Q 26 21.06 16.30 -25.48
C ALA Q 26 20.76 16.88 -26.84
N GLU Q 27 21.76 16.93 -27.71
CA GLU Q 27 21.56 17.49 -29.04
C GLU Q 27 20.51 16.73 -29.82
N ASP Q 28 20.54 15.39 -29.75
CA ASP Q 28 19.57 14.59 -30.50
C ASP Q 28 18.15 14.81 -29.99
N PHE Q 29 17.98 14.84 -28.66
CA PHE Q 29 16.67 15.06 -28.09
C PHE Q 29 16.17 16.45 -28.43
N GLU Q 30 17.04 17.45 -28.40
CA GLU Q 30 16.63 18.79 -28.79
C GLU Q 30 16.27 18.86 -30.26
N LYS Q 31 16.91 18.03 -31.07
CA LYS Q 31 16.62 18.00 -32.49
C LYS Q 31 15.25 17.40 -32.77
N TYR Q 32 14.87 16.34 -32.05
CA TYR Q 32 13.64 15.62 -32.33
C TYR Q 32 12.55 15.84 -31.29
N LYS Q 33 12.70 16.84 -30.42
CA LYS Q 33 11.74 17.03 -29.34
C LYS Q 33 10.32 17.22 -29.84
N SER Q 34 10.16 17.88 -30.98
CA SER Q 34 8.81 18.16 -31.45
C SER Q 34 8.03 16.90 -31.74
N MET Q 35 8.71 15.80 -32.05
CA MET Q 35 8.07 14.56 -32.45
C MET Q 35 8.07 13.52 -31.36
N LEU Q 36 8.42 13.88 -30.13
CA LEU Q 36 8.44 12.95 -29.01
C LEU Q 36 7.53 13.49 -27.94
N GLY Q 37 6.24 13.17 -28.06
CA GLY Q 37 5.27 13.54 -27.07
C GLY Q 37 4.22 12.47 -26.93
N VAL Q 38 3.42 12.60 -25.88
CA VAL Q 38 2.40 11.60 -25.59
C VAL Q 38 1.34 11.62 -26.69
N GLY Q 39 1.08 10.46 -27.25
CA GLY Q 39 0.16 10.28 -28.33
C GLY Q 39 0.82 9.96 -29.65
N GLN Q 40 2.08 10.30 -29.81
CA GLN Q 40 2.77 10.07 -31.06
C GLN Q 40 3.29 8.65 -31.14
N TYR Q 41 3.90 8.31 -32.27
CA TYR Q 41 4.20 6.93 -32.60
C TYR Q 41 5.67 6.77 -32.97
N LEU Q 42 6.20 5.60 -32.64
CA LEU Q 42 7.58 5.24 -32.93
C LEU Q 42 7.63 3.89 -33.61
N LEU Q 43 8.74 3.63 -34.31
CA LEU Q 43 8.96 2.37 -34.99
C LEU Q 43 10.16 1.66 -34.40
N VAL Q 44 9.95 0.41 -33.99
CA VAL Q 44 11.01 -0.43 -33.41
C VAL Q 44 11.25 -1.60 -34.33
N ALA Q 45 12.47 -2.11 -34.31
CA ALA Q 45 12.89 -3.18 -35.19
C ALA Q 45 12.86 -4.52 -34.47
N SER Q 46 12.26 -5.51 -35.10
CA SER Q 46 12.21 -6.88 -34.60
C SER Q 46 12.65 -7.79 -35.73
N GLY Q 47 13.95 -7.98 -35.85
CA GLY Q 47 14.49 -8.80 -36.89
C GLY Q 47 14.74 -8.01 -38.16
N ASN Q 48 15.06 -8.76 -39.20
CA ASN Q 48 15.27 -8.19 -40.51
C ASN Q 48 13.93 -8.13 -41.24
N ASN Q 49 13.59 -6.95 -41.73
CA ASN Q 49 12.40 -6.75 -42.56
C ASN Q 49 11.10 -6.89 -41.75
N LEU Q 50 11.00 -6.14 -40.67
CA LEU Q 50 9.79 -6.09 -39.86
C LEU Q 50 9.90 -4.96 -38.86
N TYR Q 51 8.76 -4.34 -38.55
CA TYR Q 51 8.71 -3.19 -37.66
C TYR Q 51 7.50 -3.26 -36.76
N LEU Q 52 7.62 -2.63 -35.61
CA LEU Q 52 6.56 -2.52 -34.62
C LEU Q 52 6.25 -1.07 -34.35
N LEU Q 53 4.96 -0.76 -34.19
CA LEU Q 53 4.51 0.56 -33.85
C LEU Q 53 4.26 0.65 -32.37
N ALA Q 54 4.70 1.75 -31.76
CA ALA Q 54 4.51 1.93 -30.34
C ALA Q 54 4.02 3.34 -30.06
N SER Q 55 3.22 3.45 -29.00
CA SER Q 55 2.61 4.69 -28.57
C SER Q 55 3.29 5.18 -27.30
N ILE Q 56 3.77 6.43 -27.34
CA ILE Q 56 4.48 6.97 -26.19
C ILE Q 56 3.53 7.19 -25.03
N THR Q 57 4.02 6.90 -23.83
CA THR Q 57 3.23 6.97 -22.62
C THR Q 57 3.99 7.61 -21.46
N GLY Q 58 5.22 8.06 -21.67
CA GLY Q 58 5.96 8.71 -20.63
C GLY Q 58 7.39 9.06 -20.99
N VAL Q 59 7.80 10.26 -20.59
CA VAL Q 59 9.13 10.80 -20.84
C VAL Q 59 9.75 11.27 -19.52
N ARG Q 60 11.01 10.91 -19.31
CA ARG Q 60 11.74 11.37 -18.14
C ARG Q 60 13.13 11.82 -18.53
N ALA Q 61 13.61 12.84 -17.81
CA ALA Q 61 14.89 13.49 -18.09
C ALA Q 61 15.61 13.75 -16.78
N THR Q 62 16.88 13.35 -16.71
CA THR Q 62 17.65 13.58 -15.49
C THR Q 62 19.10 13.87 -15.82
N HIS Q 63 19.75 14.54 -14.87
CA HIS Q 63 21.16 14.87 -14.92
C HIS Q 63 21.80 14.46 -13.60
N VAL Q 64 22.86 13.66 -13.69
CA VAL Q 64 23.49 13.10 -12.50
C VAL Q 64 24.69 13.93 -12.07
N ASN Q 87 26.33 12.92 -16.46
CA ASN Q 87 25.82 13.14 -17.80
C ASN Q 87 24.30 13.06 -17.82
N PHE Q 88 23.72 13.24 -19.00
CA PHE Q 88 22.29 13.23 -19.19
C PHE Q 88 21.75 11.81 -19.30
N ARG Q 89 20.45 11.68 -19.05
CA ARG Q 89 19.76 10.41 -19.22
C ARG Q 89 18.31 10.69 -19.56
N PHE Q 90 17.85 10.22 -20.72
CA PHE Q 90 16.47 10.36 -21.13
C PHE Q 90 15.84 8.99 -21.32
N GLN Q 91 14.63 8.83 -20.80
CA GLN Q 91 13.90 7.57 -20.82
C GLN Q 91 12.52 7.78 -21.44
N ILE Q 92 12.14 6.87 -22.33
CA ILE Q 92 10.83 6.90 -22.98
C ILE Q 92 10.18 5.53 -22.82
N ASP Q 93 8.96 5.52 -22.31
CA ASP Q 93 8.18 4.30 -22.21
C ASP Q 93 7.15 4.21 -23.34
N THR Q 94 6.85 2.98 -23.75
CA THR Q 94 5.98 2.77 -24.90
C THR Q 94 5.15 1.50 -24.75
N GLN Q 95 4.01 1.47 -25.46
CA GLN Q 95 3.14 0.33 -25.63
C GLN Q 95 3.04 -0.05 -27.11
N PRO Q 96 3.03 -1.33 -27.43
CA PRO Q 96 2.92 -1.73 -28.83
C PRO Q 96 1.51 -1.94 -29.36
N ILE Q 97 1.21 -1.29 -30.47
CA ILE Q 97 -0.10 -1.39 -31.11
C ILE Q 97 -0.14 -2.51 -32.14
N GLY Q 98 0.83 -2.57 -33.02
CA GLY Q 98 0.80 -3.58 -34.05
C GLY Q 98 2.05 -3.58 -34.90
N THR Q 99 1.96 -4.32 -35.99
CA THR Q 99 3.12 -4.67 -36.79
C THR Q 99 2.98 -4.13 -38.21
N LEU Q 100 4.13 -3.75 -38.75
CA LEU Q 100 4.26 -3.29 -40.12
C LEU Q 100 5.43 -4.00 -40.77
N SER Q 101 5.43 -3.98 -42.09
CA SER Q 101 6.39 -4.71 -42.90
C SER Q 101 7.07 -3.76 -43.88
N GLU Q 102 7.91 -4.34 -44.73
CA GLU Q 102 8.62 -3.57 -45.74
C GLU Q 102 7.66 -3.11 -46.84
N ASP Q 103 6.83 -4.03 -47.33
CA ASP Q 103 5.91 -3.72 -48.41
C ASP Q 103 4.87 -2.69 -47.97
N GLY Q 104 4.45 -2.73 -46.72
CA GLY Q 104 3.55 -1.72 -46.18
C GLY Q 104 2.34 -2.29 -45.46
N GLU Q 105 2.24 -3.61 -45.43
CA GLU Q 105 1.07 -4.25 -44.83
C GLU Q 105 1.06 -4.08 -43.33
N PHE Q 106 -0.07 -3.64 -42.80
CA PHE Q 106 -0.24 -3.33 -41.39
C PHE Q 106 -1.19 -4.33 -40.75
N SER Q 107 -0.85 -4.76 -39.54
CA SER Q 107 -1.62 -5.78 -38.85
C SER Q 107 -1.74 -5.45 -37.38
N ARG Q 108 -2.97 -5.43 -36.88
CA ARG Q 108 -3.19 -5.44 -35.45
C ARG Q 108 -2.62 -6.72 -34.86
N GLY Q 109 -2.32 -6.65 -33.57
CA GLY Q 109 -1.81 -7.81 -32.86
C GLY Q 109 -0.31 -7.91 -32.84
N SER Q 110 0.28 -7.73 -31.66
CA SER Q 110 1.73 -7.78 -31.49
C SER Q 110 2.09 -9.02 -30.69
N HIS Q 111 2.76 -9.95 -31.35
CA HIS Q 111 3.29 -11.14 -30.68
C HIS Q 111 4.80 -11.15 -30.59
N SER Q 112 5.48 -10.48 -31.51
CA SER Q 112 6.93 -10.47 -31.50
C SER Q 112 7.46 -9.66 -30.33
N LEU Q 113 8.56 -10.11 -29.76
CA LEU Q 113 9.22 -9.45 -28.65
C LEU Q 113 10.55 -8.90 -29.11
N PRO Q 114 10.80 -7.59 -29.01
CA PRO Q 114 12.09 -7.08 -29.46
C PRO Q 114 13.19 -7.43 -28.48
N VAL Q 115 14.28 -7.95 -29.02
CA VAL Q 115 15.46 -8.28 -28.24
C VAL Q 115 16.23 -6.99 -28.00
N PRO Q 116 16.82 -6.79 -26.84
CA PRO Q 116 17.55 -5.55 -26.59
C PRO Q 116 18.67 -5.32 -27.58
N THR Q 117 19.18 -4.10 -27.52
CA THR Q 117 20.20 -3.55 -28.40
C THR Q 117 19.63 -3.15 -29.74
N GLU Q 118 18.32 -3.21 -29.92
CA GLU Q 118 17.70 -2.85 -31.19
C GLU Q 118 17.40 -1.36 -31.25
N TYR Q 119 17.16 -0.89 -32.46
CA TYR Q 119 17.06 0.52 -32.77
C TYR Q 119 15.62 0.99 -32.77
N ALA Q 120 15.46 2.31 -32.79
CA ALA Q 120 14.16 2.95 -32.82
C ALA Q 120 14.20 4.20 -33.68
N TYR Q 121 13.19 4.36 -34.52
CA TYR Q 121 13.10 5.45 -35.47
C TYR Q 121 11.80 6.23 -35.30
N VAL Q 122 11.81 7.45 -35.83
CA VAL Q 122 10.66 8.35 -35.81
C VAL Q 122 9.82 8.12 -37.04
N THR Q 123 8.52 8.06 -36.85
CA THR Q 123 7.60 7.76 -37.94
C THR Q 123 7.47 8.96 -38.86
N PRO Q 124 7.72 8.81 -40.15
CA PRO Q 124 7.47 9.89 -41.06
C PRO Q 124 6.00 9.96 -41.42
N PRO Q 125 5.50 11.16 -41.75
CA PRO Q 125 4.05 11.31 -41.97
C PRO Q 125 3.51 10.47 -43.11
N ALA Q 126 4.28 10.26 -44.17
CA ALA Q 126 3.77 9.58 -45.34
C ALA Q 126 3.33 8.15 -45.05
N VAL Q 127 4.01 7.46 -44.14
CA VAL Q 127 3.63 6.11 -43.79
C VAL Q 127 2.24 6.09 -43.16
N LEU Q 128 1.95 7.08 -42.32
CA LEU Q 128 0.65 7.16 -41.71
C LEU Q 128 -0.40 7.55 -42.72
N GLU Q 129 -0.05 8.45 -43.64
CA GLU Q 129 -0.99 8.85 -44.66
C GLU Q 129 -1.38 7.66 -45.53
N GLY Q 130 -0.40 6.82 -45.88
CA GLY Q 130 -0.71 5.64 -46.66
C GLY Q 130 -1.58 4.66 -45.91
N ILE Q 131 -1.26 4.41 -44.65
CA ILE Q 131 -2.09 3.53 -43.83
C ILE Q 131 -3.53 4.01 -43.85
N PHE Q 132 -3.74 5.30 -43.61
CA PHE Q 132 -5.09 5.83 -43.61
C PHE Q 132 -5.73 5.71 -44.99
N SER Q 133 -4.93 5.86 -46.04
CA SER Q 133 -5.47 5.78 -47.39
C SER Q 133 -6.01 4.39 -47.71
N HIS Q 134 -5.31 3.35 -47.28
CA HIS Q 134 -5.56 2.02 -47.81
C HIS Q 134 -6.45 1.13 -46.95
N GLN Q 135 -6.80 1.54 -45.73
CA GLN Q 135 -7.36 0.60 -44.78
C GLN Q 135 -8.60 1.11 -44.03
N ILE Q 136 -9.25 2.17 -44.51
CA ILE Q 136 -10.53 2.59 -43.95
C ILE Q 136 -11.53 2.75 -45.07
N LYS Q 137 -12.76 2.30 -44.83
CA LYS Q 137 -13.73 2.07 -45.89
C LYS Q 137 -14.35 3.38 -46.37
N SER Q 138 -15.05 4.07 -45.46
CA SER Q 138 -15.78 5.30 -45.77
C SER Q 138 -15.05 6.49 -45.18
N PRO Q 139 -14.25 7.21 -45.95
CA PRO Q 139 -13.48 8.30 -45.36
C PRO Q 139 -14.39 9.41 -44.84
N PHE Q 140 -13.94 10.04 -43.77
CA PHE Q 140 -14.60 11.21 -43.22
C PHE Q 140 -13.54 12.01 -42.49
N ALA Q 141 -13.24 13.20 -43.01
CA ALA Q 141 -12.20 14.02 -42.41
C ALA Q 141 -12.70 14.63 -41.11
N LEU Q 142 -11.89 14.52 -40.07
CA LEU Q 142 -12.25 15.04 -38.75
C LEU Q 142 -11.23 16.04 -38.24
N GLY Q 143 -10.39 16.56 -39.11
CA GLY Q 143 -9.41 17.53 -38.72
C GLY Q 143 -8.06 17.32 -39.36
N THR Q 144 -7.01 17.69 -38.65
CA THR Q 144 -5.66 17.53 -39.12
C THR Q 144 -4.79 16.98 -38.01
N LEU Q 145 -3.67 16.38 -38.41
CA LEU Q 145 -2.74 15.81 -37.46
C LEU Q 145 -2.04 16.89 -36.67
N GLY Q 146 -1.56 16.51 -35.49
CA GLY Q 146 -0.94 17.49 -34.60
C GLY Q 146 0.39 17.97 -35.10
N ILE Q 147 1.30 17.04 -35.37
CA ILE Q 147 2.67 17.40 -35.71
C ILE Q 147 2.72 18.08 -37.09
N SER Q 148 1.91 17.60 -38.03
CA SER Q 148 1.90 18.13 -39.37
C SER Q 148 0.51 18.63 -39.72
N PRO Q 149 0.36 19.87 -40.15
CA PRO Q 149 -0.98 20.39 -40.44
C PRO Q 149 -1.55 19.90 -41.75
N ASP Q 150 -0.71 19.78 -42.77
CA ASP Q 150 -1.20 19.47 -44.11
C ASP Q 150 -1.92 18.13 -44.16
N ILE Q 151 -1.42 17.14 -43.41
CA ILE Q 151 -2.07 15.83 -43.42
C ILE Q 151 -3.46 15.94 -42.85
N LYS Q 152 -4.34 15.02 -43.25
CA LYS Q 152 -5.73 15.02 -42.87
C LYS Q 152 -6.07 13.72 -42.15
N LEU Q 153 -6.78 13.85 -41.05
CA LEU Q 153 -7.19 12.69 -40.27
C LEU Q 153 -8.54 12.20 -40.77
N LYS Q 154 -8.59 10.91 -41.09
CA LYS Q 154 -9.76 10.27 -41.67
C LYS Q 154 -10.28 9.19 -40.73
N ILE Q 155 -11.58 9.20 -40.50
CA ILE Q 155 -12.25 8.19 -39.71
C ILE Q 155 -13.38 7.61 -40.55
N ASP Q 156 -13.91 6.49 -40.08
CA ASP Q 156 -15.02 5.83 -40.74
C ASP Q 156 -16.33 6.54 -40.40
N GLY Q 157 -17.11 6.86 -41.43
CA GLY Q 157 -18.35 7.59 -41.23
C GLY Q 157 -19.51 6.73 -40.78
N ASP Q 158 -19.67 5.58 -41.42
CA ASP Q 158 -20.83 4.74 -41.14
C ASP Q 158 -20.80 4.20 -39.73
N ARG Q 159 -19.62 3.92 -39.20
CA ARG Q 159 -19.52 3.51 -37.80
C ARG Q 159 -19.72 4.69 -36.88
N PHE Q 160 -19.33 5.87 -37.31
CA PHE Q 160 -19.43 7.06 -36.46
C PHE Q 160 -20.87 7.48 -36.26
N PHE Q 161 -21.55 7.86 -37.34
CA PHE Q 161 -22.87 8.46 -37.22
C PHE Q 161 -23.92 7.43 -36.84
N SER Q 162 -23.73 6.18 -37.25
CA SER Q 162 -24.69 5.13 -36.94
C SER Q 162 -24.95 5.06 -35.45
N LYS Q 163 -23.89 5.09 -34.66
CA LYS Q 163 -23.98 4.95 -33.23
C LYS Q 163 -23.80 6.29 -32.53
N HIS Q 164 -23.87 6.26 -31.21
CA HIS Q 164 -23.87 7.47 -30.39
C HIS Q 164 -22.48 8.10 -30.34
N VAL Q 165 -22.44 9.35 -29.83
CA VAL Q 165 -21.21 10.10 -29.68
C VAL Q 165 -21.27 10.88 -28.37
N ALA Q 166 -20.10 11.27 -27.89
CA ALA Q 166 -19.97 12.08 -26.69
C ALA Q 166 -18.88 13.12 -26.88
N VAL Q 167 -19.13 14.31 -26.33
CA VAL Q 167 -18.18 15.42 -26.40
C VAL Q 167 -18.10 16.05 -25.02
N VAL Q 168 -16.90 16.13 -24.49
CA VAL Q 168 -16.68 16.65 -23.15
C VAL Q 168 -15.50 17.60 -23.15
N GLY Q 169 -15.63 18.66 -22.38
CA GLY Q 169 -14.60 19.66 -22.30
C GLY Q 169 -14.99 20.68 -21.26
N SER Q 170 -14.00 21.45 -20.84
CA SER Q 170 -14.17 22.46 -19.82
C SER Q 170 -14.39 23.83 -20.46
N THR Q 171 -14.67 24.80 -19.61
CA THR Q 171 -14.94 26.15 -20.06
C THR Q 171 -13.76 26.71 -20.83
N GLY Q 172 -14.06 27.43 -21.90
CA GLY Q 172 -13.03 28.13 -22.65
C GLY Q 172 -12.18 27.26 -23.54
N SER Q 173 -12.67 26.10 -23.95
CA SER Q 173 -11.83 25.16 -24.66
C SER Q 173 -12.07 25.12 -26.16
N GLY Q 174 -13.23 25.58 -26.63
CA GLY Q 174 -13.53 25.54 -28.05
C GLY Q 174 -14.54 24.47 -28.40
N LYS Q 175 -15.51 24.28 -27.52
CA LYS Q 175 -16.43 23.15 -27.63
C LYS Q 175 -17.52 23.40 -28.67
N SER Q 176 -18.22 24.52 -28.54
CA SER Q 176 -19.36 24.78 -29.39
C SER Q 176 -18.96 24.88 -30.85
N CYS Q 177 -17.82 25.50 -31.13
CA CYS Q 177 -17.35 25.60 -32.50
C CYS Q 177 -16.94 24.24 -33.07
N ALA Q 178 -16.49 23.35 -32.21
CA ALA Q 178 -16.19 21.99 -32.66
C ALA Q 178 -17.46 21.29 -33.10
N VAL Q 179 -18.48 21.31 -32.25
CA VAL Q 179 -19.77 20.75 -32.64
C VAL Q 179 -20.25 21.39 -33.93
N ALA Q 180 -20.04 22.69 -34.06
CA ALA Q 180 -20.45 23.39 -35.25
C ALA Q 180 -19.83 22.79 -36.49
N LYS Q 181 -18.52 22.64 -36.49
CA LYS Q 181 -17.87 22.14 -37.70
C LYS Q 181 -18.28 20.70 -37.99
N ILE Q 182 -18.37 19.87 -36.96
CA ILE Q 182 -18.82 18.50 -37.18
C ILE Q 182 -20.13 18.49 -37.92
N LEU Q 183 -21.11 19.23 -37.42
CA LEU Q 183 -22.43 19.17 -38.03
C LEU Q 183 -22.44 19.85 -39.39
N GLN Q 184 -21.68 20.92 -39.57
CA GLN Q 184 -21.57 21.54 -40.89
C GLN Q 184 -21.14 20.52 -41.93
N THR Q 185 -20.03 19.83 -41.66
CA THR Q 185 -19.62 18.81 -42.61
C THR Q 185 -20.62 17.67 -42.68
N ALA Q 186 -21.40 17.46 -41.63
CA ALA Q 186 -22.42 16.43 -41.67
C ALA Q 186 -23.49 16.75 -42.72
N VAL Q 187 -23.85 18.02 -42.84
CA VAL Q 187 -24.89 18.43 -43.78
C VAL Q 187 -24.29 19.04 -45.05
N GLY Q 188 -23.01 18.81 -45.31
CA GLY Q 188 -22.42 19.11 -46.59
C GLY Q 188 -22.61 20.52 -47.08
N ILE Q 189 -22.29 21.49 -46.24
CA ILE Q 189 -22.32 22.88 -46.67
C ILE Q 189 -21.12 23.63 -46.09
N ASN Q 202 -29.44 13.84 -46.61
CA ASN Q 202 -30.30 12.68 -46.40
C ASN Q 202 -30.49 12.35 -44.92
N SER Q 203 -30.17 13.31 -44.05
CA SER Q 203 -30.35 13.14 -42.61
C SER Q 203 -30.75 14.48 -42.02
N HIS Q 204 -31.60 14.42 -41.00
CA HIS Q 204 -32.18 15.60 -40.39
C HIS Q 204 -31.68 15.77 -38.97
N ILE Q 205 -31.36 17.02 -38.62
CA ILE Q 205 -30.78 17.39 -37.33
C ILE Q 205 -31.80 18.16 -36.52
N VAL Q 206 -31.94 17.80 -35.26
CA VAL Q 206 -32.72 18.55 -34.28
C VAL Q 206 -31.79 18.95 -33.14
N ILE Q 207 -31.85 20.21 -32.74
CA ILE Q 207 -30.91 20.80 -31.78
C ILE Q 207 -31.69 21.37 -30.62
N PHE Q 208 -31.38 20.89 -29.41
CA PHE Q 208 -31.80 21.61 -28.23
C PHE Q 208 -30.82 22.72 -27.92
N ASP Q 209 -31.34 23.89 -27.58
CA ASP Q 209 -30.52 25.09 -27.43
C ASP Q 209 -31.02 25.90 -26.24
N ILE Q 210 -30.36 25.75 -25.10
CA ILE Q 210 -30.70 26.49 -23.91
C ILE Q 210 -30.18 27.91 -23.91
N HIS Q 211 -29.14 28.21 -24.69
CA HIS Q 211 -28.49 29.50 -24.66
C HIS Q 211 -28.63 30.28 -25.95
N ALA Q 212 -29.24 29.70 -26.98
CA ALA Q 212 -29.48 30.38 -28.25
C ALA Q 212 -28.17 30.89 -28.85
N GLU Q 213 -27.35 29.94 -29.26
CA GLU Q 213 -26.02 30.24 -29.80
C GLU Q 213 -25.74 29.60 -31.15
N TYR Q 214 -26.74 29.04 -31.82
CA TYR Q 214 -26.50 28.23 -32.99
C TYR Q 214 -27.15 28.74 -34.26
N ALA Q 215 -27.98 29.77 -34.20
CA ALA Q 215 -28.62 30.26 -35.41
C ALA Q 215 -27.59 30.81 -36.40
N ALA Q 216 -26.57 31.51 -35.89
CA ALA Q 216 -25.63 32.16 -36.77
C ALA Q 216 -24.82 31.16 -37.56
N ALA Q 217 -24.66 29.93 -37.06
CA ALA Q 217 -23.81 28.97 -37.74
C ALA Q 217 -24.37 28.62 -39.10
N PHE Q 218 -25.68 28.48 -39.20
CA PHE Q 218 -26.31 27.97 -40.40
C PHE Q 218 -27.04 29.03 -41.19
N ASN Q 219 -27.75 29.94 -40.53
CA ASN Q 219 -28.66 30.84 -41.24
C ASN Q 219 -27.91 31.65 -42.29
N LEU Q 220 -26.79 32.24 -41.92
CA LEU Q 220 -25.88 32.78 -42.91
C LEU Q 220 -25.28 31.64 -43.71
N GLU Q 221 -24.88 31.93 -44.93
CA GLU Q 221 -24.44 30.90 -45.88
C GLU Q 221 -25.57 29.91 -46.17
N ALA Q 222 -26.81 30.37 -46.12
CA ALA Q 222 -27.94 29.51 -46.44
C ALA Q 222 -27.96 29.15 -47.92
N GLY Q 223 -28.40 27.93 -48.20
CA GLY Q 223 -28.53 27.46 -49.57
C GLY Q 223 -29.75 26.57 -49.72
N GLU Q 224 -30.12 26.36 -50.99
CA GLU Q 224 -31.29 25.54 -51.30
C GLU Q 224 -31.08 24.07 -50.96
N ALA Q 225 -29.84 23.61 -50.95
CA ALA Q 225 -29.58 22.18 -50.77
C ALA Q 225 -30.21 21.65 -49.48
N PHE Q 226 -30.09 22.41 -48.39
CA PHE Q 226 -30.58 22.00 -47.08
C PHE Q 226 -31.57 23.04 -46.56
N THR Q 227 -32.74 22.57 -46.15
CA THR Q 227 -33.77 23.46 -45.66
C THR Q 227 -33.43 23.95 -44.26
N LEU Q 228 -33.92 25.14 -43.94
CA LEU Q 228 -33.64 25.79 -42.66
C LEU Q 228 -34.94 26.22 -42.01
N ASN Q 229 -35.23 25.64 -40.86
CA ASN Q 229 -36.35 26.00 -40.01
C ASN Q 229 -35.79 26.59 -38.73
N LEU Q 230 -35.99 27.89 -38.53
CA LEU Q 230 -35.55 28.57 -37.32
C LEU Q 230 -36.77 28.79 -36.45
N LEU Q 231 -37.05 27.81 -35.62
CA LEU Q 231 -38.17 27.84 -34.71
C LEU Q 231 -37.93 28.85 -33.59
N GLY Q 232 -38.96 29.03 -32.78
CA GLY Q 232 -38.91 29.96 -31.68
C GLY Q 232 -40.03 29.70 -30.71
N VAL Q 233 -40.13 30.56 -29.70
CA VAL Q 233 -41.21 30.45 -28.73
C VAL Q 233 -42.57 30.74 -29.37
N ASP Q 234 -42.68 31.90 -30.01
CA ASP Q 234 -43.97 32.29 -30.59
C ASP Q 234 -44.39 31.33 -31.69
N ASN Q 235 -43.45 30.92 -32.53
CA ASN Q 235 -43.78 30.04 -33.64
C ASN Q 235 -44.26 28.69 -33.15
N LEU Q 236 -43.86 28.30 -31.95
CA LEU Q 236 -44.04 26.92 -31.52
C LEU Q 236 -45.52 26.59 -31.40
N ARG Q 237 -45.84 25.32 -31.68
CA ARG Q 237 -47.19 24.80 -31.57
C ARG Q 237 -47.11 23.44 -30.90
N LEU Q 238 -47.76 23.28 -29.77
CA LEU Q 238 -47.76 21.99 -29.10
C LEU Q 238 -48.99 21.80 -28.21
N PRO Q 239 -49.94 20.97 -28.62
CA PRO Q 239 -51.11 20.75 -27.78
C PRO Q 239 -50.79 20.08 -26.46
N TYR Q 240 -51.73 20.20 -25.54
CA TYR Q 240 -51.61 19.58 -24.22
C TYR Q 240 -52.09 18.14 -24.24
N TRP Q 241 -53.27 17.91 -24.80
CA TRP Q 241 -53.86 16.57 -24.81
C TRP Q 241 -52.99 15.55 -25.49
N LEU Q 242 -51.92 15.97 -26.17
CA LEU Q 242 -50.99 15.03 -26.73
C LEU Q 242 -50.20 14.34 -25.63
N MET Q 243 -50.18 14.92 -24.45
CA MET Q 243 -49.35 14.43 -23.37
C MET Q 243 -49.76 13.01 -22.96
N ASN Q 244 -48.84 12.38 -22.25
CA ASN Q 244 -49.05 11.04 -21.73
C ASN Q 244 -49.58 11.15 -20.30
N ALA Q 245 -49.53 10.04 -19.58
CA ALA Q 245 -50.15 9.97 -18.28
C ALA Q 245 -49.39 10.79 -17.26
N GLN Q 246 -48.14 10.42 -17.01
CA GLN Q 246 -47.46 10.97 -15.85
C GLN Q 246 -47.28 12.47 -15.96
N GLU Q 247 -47.02 12.97 -17.17
CA GLU Q 247 -46.80 14.41 -17.29
C GLU Q 247 -48.10 15.20 -17.29
N LEU Q 248 -49.14 14.65 -17.92
CA LEU Q 248 -50.45 15.28 -17.85
C LEU Q 248 -50.94 15.36 -16.41
N GLU Q 249 -50.60 14.36 -15.61
CA GLU Q 249 -50.83 14.44 -14.18
C GLU Q 249 -49.88 15.42 -13.51
N GLN Q 250 -48.65 15.51 -14.00
CA GLN Q 250 -47.61 16.28 -13.33
C GLN Q 250 -47.96 17.76 -13.33
N ILE Q 251 -48.34 18.29 -14.49
CA ILE Q 251 -48.38 19.74 -14.65
C ILE Q 251 -49.27 20.37 -13.61
N PHE Q 252 -50.43 19.78 -13.35
CA PHE Q 252 -51.49 20.41 -12.58
C PHE Q 252 -51.62 19.81 -11.19
N ILE Q 253 -51.78 18.50 -11.09
CA ILE Q 253 -51.97 17.88 -9.80
C ILE Q 253 -50.67 17.99 -9.01
N GLU Q 254 -50.80 18.24 -7.72
CA GLU Q 254 -49.66 18.49 -6.86
C GLU Q 254 -49.74 17.64 -5.61
N SER Q 255 -48.56 17.39 -5.01
CA SER Q 255 -48.49 16.53 -3.85
C SER Q 255 -49.05 17.21 -2.61
N ASN Q 256 -48.96 18.55 -2.55
CA ASN Q 256 -49.25 19.22 -1.29
C ASN Q 256 -50.72 19.08 -0.88
N GLU Q 257 -51.66 19.39 -1.78
CA GLU Q 257 -53.06 19.38 -1.38
C GLU Q 257 -53.42 17.96 -0.94
N HIS Q 258 -53.95 17.84 0.28
CA HIS Q 258 -54.32 16.54 0.82
C HIS Q 258 -55.75 16.17 0.47
N ASN Q 259 -56.35 16.89 -0.46
CA ASN Q 259 -57.65 16.56 -1.01
C ASN Q 259 -57.54 15.55 -2.16
N SER Q 260 -56.34 15.02 -2.39
CA SER Q 260 -56.07 14.16 -3.55
C SER Q 260 -56.96 12.92 -3.56
N HIS Q 261 -57.37 12.45 -2.38
CA HIS Q 261 -57.89 11.10 -2.17
C HIS Q 261 -58.79 10.68 -3.32
N ASN Q 262 -59.94 11.31 -3.48
CA ASN Q 262 -60.85 10.93 -4.56
C ASN Q 262 -60.61 11.76 -5.81
N GLN Q 263 -60.11 12.99 -5.65
CA GLN Q 263 -60.10 13.90 -6.77
C GLN Q 263 -59.06 13.53 -7.82
N ILE Q 264 -58.03 12.77 -7.47
CA ILE Q 264 -57.20 12.14 -8.48
C ILE Q 264 -58.09 11.50 -9.52
N SER Q 265 -58.99 10.61 -9.06
CA SER Q 265 -59.88 9.91 -9.97
C SER Q 265 -60.94 10.85 -10.52
N GLN Q 266 -61.39 11.80 -9.70
CA GLN Q 266 -62.36 12.77 -10.19
C GLN Q 266 -61.85 13.40 -11.48
N PHE Q 267 -60.62 13.90 -11.45
CA PHE Q 267 -60.03 14.57 -12.60
C PHE Q 267 -59.81 13.59 -13.74
N ARG Q 268 -59.20 12.44 -13.45
CA ARG Q 268 -58.88 11.50 -14.51
C ARG Q 268 -60.14 11.03 -15.21
N HIS Q 269 -61.17 10.72 -14.43
CA HIS Q 269 -62.44 10.23 -14.97
C HIS Q 269 -63.19 11.34 -15.70
N ALA Q 270 -63.17 12.57 -15.17
CA ALA Q 270 -63.74 13.69 -15.88
C ALA Q 270 -63.14 13.81 -17.27
N VAL Q 271 -61.82 13.75 -17.35
CA VAL Q 271 -61.17 13.88 -18.65
C VAL Q 271 -61.59 12.72 -19.54
N VAL Q 272 -61.67 11.52 -18.97
CA VAL Q 272 -62.06 10.34 -19.74
C VAL Q 272 -63.44 10.57 -20.36
N ARG Q 273 -64.38 10.99 -19.53
CA ARG Q 273 -65.76 11.09 -19.95
C ARG Q 273 -65.96 12.20 -20.96
N ASN Q 274 -65.41 13.38 -20.70
CA ASN Q 274 -65.61 14.44 -21.67
C ASN Q 274 -64.80 14.22 -22.93
N LYS Q 275 -63.77 13.38 -22.86
CA LYS Q 275 -63.15 12.90 -24.08
C LYS Q 275 -64.15 12.09 -24.87
N CYS Q 276 -64.78 11.12 -24.21
CA CYS Q 276 -65.81 10.33 -24.88
C CYS Q 276 -66.79 11.24 -25.59
N LYS Q 277 -67.26 12.30 -24.92
CA LYS Q 277 -68.31 13.12 -25.50
C LYS Q 277 -67.80 14.03 -26.61
N HIS Q 278 -66.63 14.66 -26.42
CA HIS Q 278 -66.22 15.68 -27.38
C HIS Q 278 -65.93 15.10 -28.74
N ASN Q 279 -65.50 13.83 -28.81
CA ASN Q 279 -65.31 13.12 -30.07
C ASN Q 279 -66.31 11.96 -30.10
N PRO Q 280 -67.57 12.23 -30.47
CA PRO Q 280 -68.57 11.16 -30.46
C PRO Q 280 -68.51 10.27 -31.69
N THR Q 281 -67.88 10.73 -32.77
CA THR Q 281 -67.75 9.87 -33.96
C THR Q 281 -66.95 8.63 -33.62
N LEU Q 282 -65.88 8.79 -32.85
CA LEU Q 282 -65.10 7.65 -32.41
C LEU Q 282 -65.95 6.75 -31.52
N THR Q 283 -65.46 5.53 -31.30
CA THR Q 283 -66.17 4.55 -30.49
C THR Q 283 -66.50 5.14 -29.14
N ASN Q 284 -65.45 5.39 -28.36
CA ASN Q 284 -65.56 5.89 -26.99
C ASN Q 284 -64.13 6.09 -26.50
N LEU Q 285 -63.90 7.14 -25.73
CA LEU Q 285 -62.56 7.63 -25.49
C LEU Q 285 -62.13 7.35 -24.05
N SER Q 286 -60.82 7.21 -23.87
CA SER Q 286 -60.25 6.88 -22.57
C SER Q 286 -59.19 7.93 -22.23
N PHE Q 287 -58.36 7.62 -21.24
CA PHE Q 287 -57.38 8.56 -20.73
C PHE Q 287 -56.29 8.85 -21.75
N ASP Q 288 -55.47 7.86 -22.06
CA ASP Q 288 -54.22 8.09 -22.76
C ASP Q 288 -54.41 8.53 -24.20
N THR Q 289 -55.62 8.44 -24.73
CA THR Q 289 -55.82 8.67 -26.16
C THR Q 289 -55.36 10.07 -26.54
N PRO Q 290 -54.52 10.21 -27.56
CA PRO Q 290 -54.21 11.55 -28.09
C PRO Q 290 -55.20 11.99 -29.16
N VAL Q 291 -56.44 12.24 -28.73
CA VAL Q 291 -57.51 12.68 -29.61
C VAL Q 291 -57.97 14.06 -29.15
N TYR Q 292 -58.18 14.96 -30.12
CA TYR Q 292 -58.51 16.34 -29.79
C TYR Q 292 -59.62 16.41 -28.74
N PHE Q 293 -59.57 17.45 -27.93
CA PHE Q 293 -60.44 17.55 -26.76
C PHE Q 293 -60.38 18.97 -26.22
N SER Q 294 -61.39 19.32 -25.42
CA SER Q 294 -61.45 20.58 -24.70
C SER Q 294 -61.62 20.29 -23.20
N ILE Q 295 -60.67 20.77 -22.40
CA ILE Q 295 -60.65 20.47 -20.97
C ILE Q 295 -61.25 21.61 -20.15
N ASP Q 296 -61.20 22.83 -20.67
CA ASP Q 296 -61.75 23.96 -19.92
C ASP Q 296 -63.21 23.73 -19.59
N GLU Q 297 -63.95 23.12 -20.50
CA GLU Q 297 -65.33 22.81 -20.19
C GLU Q 297 -65.42 21.71 -19.15
N VAL Q 298 -64.40 20.86 -19.02
CA VAL Q 298 -64.36 19.97 -17.86
C VAL Q 298 -64.16 20.78 -16.58
N VAL Q 299 -63.41 21.87 -16.66
CA VAL Q 299 -63.27 22.74 -15.50
C VAL Q 299 -64.63 23.31 -15.11
N THR Q 300 -65.34 23.85 -16.10
CA THR Q 300 -66.68 24.37 -15.86
C THR Q 300 -67.60 23.28 -15.32
N TYR Q 301 -67.45 22.06 -15.84
CA TYR Q 301 -68.26 20.93 -15.38
C TYR Q 301 -67.97 20.63 -13.93
N LEU Q 302 -66.70 20.68 -13.54
CA LEU Q 302 -66.31 20.55 -12.14
C LEU Q 302 -67.00 21.62 -11.31
N GLU Q 303 -66.97 22.86 -11.79
CA GLU Q 303 -67.65 23.94 -11.08
C GLU Q 303 -69.13 23.60 -10.84
N ASN Q 304 -69.82 23.16 -11.89
CA ASN Q 304 -71.25 22.95 -11.79
C ASN Q 304 -71.56 21.78 -10.86
N MET Q 305 -70.89 20.64 -11.07
CA MET Q 305 -71.10 19.49 -10.20
C MET Q 305 -70.63 19.76 -8.76
N ASN Q 306 -69.81 20.80 -8.55
CA ASN Q 306 -69.62 21.34 -7.22
C ASN Q 306 -70.85 22.14 -6.78
N ASN Q 307 -71.56 22.72 -7.73
CA ASN Q 307 -72.72 23.56 -7.48
C ASN Q 307 -74.02 22.78 -7.35
N GLU Q 308 -74.06 21.53 -7.81
CA GLU Q 308 -75.34 20.84 -7.95
C GLU Q 308 -76.01 20.58 -6.61
N VAL Q 309 -77.34 20.54 -6.64
CA VAL Q 309 -78.18 20.38 -5.46
C VAL Q 309 -79.30 19.42 -5.84
N ILE Q 310 -79.55 18.41 -5.02
CA ILE Q 310 -80.59 17.42 -5.29
C ILE Q 310 -81.60 17.46 -4.14
N GLY Q 311 -82.88 17.45 -4.48
CA GLY Q 311 -83.89 17.40 -3.45
C GLY Q 311 -84.13 15.98 -2.96
N LYS Q 312 -84.43 15.88 -1.68
CA LYS Q 312 -84.49 14.58 -1.00
C LYS Q 312 -85.90 14.02 -0.92
N LEU Q 313 -86.92 14.84 -1.15
CA LEU Q 313 -88.28 14.33 -1.08
C LEU Q 313 -88.46 13.20 -2.09
N ALA Q 314 -89.39 12.30 -1.79
CA ALA Q 314 -89.46 11.04 -2.51
C ALA Q 314 -89.52 11.28 -4.01
N GLY Q 315 -88.72 10.51 -4.76
CA GLY Q 315 -88.78 10.53 -6.20
C GLY Q 315 -88.13 11.71 -6.86
N GLU Q 316 -87.29 12.46 -6.15
CA GLU Q 316 -86.74 13.71 -6.69
C GLU Q 316 -85.27 13.85 -6.31
N GLY Q 317 -84.53 12.74 -6.34
CA GLY Q 317 -83.19 12.68 -5.81
C GLY Q 317 -82.09 12.94 -6.83
N LYS Q 318 -82.14 14.06 -7.53
CA LYS Q 318 -81.14 14.38 -8.53
C LYS Q 318 -81.17 15.88 -8.80
N PRO Q 319 -80.13 16.42 -9.48
CA PRO Q 319 -79.86 17.86 -9.36
C PRO Q 319 -81.10 18.73 -9.46
N LYS Q 320 -81.17 19.74 -8.62
CA LYS Q 320 -82.38 20.53 -8.42
C LYS Q 320 -82.18 21.92 -9.02
N LEU Q 321 -82.71 22.09 -10.24
CA LEU Q 321 -82.65 23.35 -10.96
C LEU Q 321 -83.67 24.32 -10.38
N ALA Q 322 -83.60 25.58 -10.85
CA ALA Q 322 -84.57 26.59 -10.43
C ALA Q 322 -85.99 26.23 -10.88
N ASN Q 323 -86.15 25.83 -12.13
CA ASN Q 323 -87.42 25.29 -12.61
C ASN Q 323 -87.70 23.88 -12.10
N GLU Q 324 -86.72 23.20 -11.52
CA GLU Q 324 -86.87 21.92 -10.84
C GLU Q 324 -86.88 20.74 -11.82
N THR Q 325 -86.68 20.96 -13.11
CA THR Q 325 -86.58 19.85 -14.04
C THR Q 325 -85.35 19.01 -13.71
N LEU Q 326 -85.45 17.72 -13.97
CA LEU Q 326 -84.41 16.75 -13.63
C LEU Q 326 -83.94 16.07 -14.90
N VAL Q 327 -82.63 16.06 -15.12
CA VAL Q 327 -81.98 15.27 -16.15
C VAL Q 327 -81.24 14.13 -15.46
N SER Q 328 -81.45 12.90 -15.94
CA SER Q 328 -80.93 11.74 -15.22
C SER Q 328 -79.42 11.82 -15.10
N ASP Q 329 -78.72 11.96 -16.22
CA ASP Q 329 -77.27 11.92 -16.24
C ASP Q 329 -76.71 13.33 -16.37
N ARG Q 330 -75.59 13.58 -15.67
CA ARG Q 330 -75.08 14.93 -15.56
C ARG Q 330 -74.47 15.42 -16.86
N ASP Q 331 -73.94 14.50 -17.68
CA ASP Q 331 -73.24 14.91 -18.90
C ASP Q 331 -74.15 15.69 -19.84
N GLU Q 332 -75.45 15.45 -19.79
CA GLU Q 332 -76.38 16.07 -20.75
C GLU Q 332 -76.48 17.58 -20.53
N LEU Q 333 -76.41 18.02 -19.27
CA LEU Q 333 -76.88 19.34 -18.89
C LEU Q 333 -75.74 20.33 -18.67
N TYR Q 334 -74.78 19.98 -17.80
CA TYR Q 334 -73.71 20.92 -17.47
C TYR Q 334 -72.77 21.13 -18.66
N PHE Q 335 -72.50 20.07 -19.44
CA PHE Q 335 -71.77 20.26 -20.70
C PHE Q 335 -72.42 21.33 -21.56
N ASP Q 336 -73.74 21.44 -21.52
CA ASP Q 336 -74.42 22.48 -22.28
C ASP Q 336 -73.99 23.87 -21.83
N ALA Q 337 -74.16 24.18 -20.55
CA ALA Q 337 -73.72 25.46 -19.99
C ALA Q 337 -73.87 25.43 -18.47
N VAL Q 338 -73.17 26.35 -17.81
CA VAL Q 338 -73.23 26.43 -16.34
C VAL Q 338 -74.52 27.12 -15.92
N GLN Q 339 -75.21 26.53 -14.95
CA GLN Q 339 -76.55 26.95 -14.58
C GLN Q 339 -76.65 27.10 -13.06
N SER Q 340 -77.81 27.62 -12.62
CA SER Q 340 -78.03 28.04 -11.24
C SER Q 340 -78.95 27.04 -10.53
N PHE Q 341 -78.67 26.85 -9.24
CA PHE Q 341 -79.33 25.84 -8.42
C PHE Q 341 -79.60 26.40 -7.03
N ILE Q 342 -80.67 25.91 -6.40
CA ILE Q 342 -81.19 26.52 -5.19
C ILE Q 342 -80.42 26.00 -3.98
N VAL Q 343 -80.47 26.78 -2.89
CA VAL Q 343 -79.82 26.42 -1.64
C VAL Q 343 -80.69 25.43 -0.89
N ALA Q 344 -80.06 24.55 -0.12
CA ALA Q 344 -80.79 23.68 0.79
C ALA Q 344 -81.27 24.47 2.00
N SER Q 345 -82.55 24.30 2.36
CA SER Q 345 -83.20 25.12 3.36
C SER Q 345 -83.98 24.21 4.32
N GLN Q 346 -84.65 24.82 5.29
CA GLN Q 346 -85.28 24.05 6.37
C GLN Q 346 -86.60 23.44 5.93
N ALA Q 347 -87.48 24.23 5.31
CA ALA Q 347 -88.84 23.78 5.09
C ALA Q 347 -88.86 22.53 4.19
N ALA Q 348 -89.87 21.70 4.41
CA ALA Q 348 -90.03 20.49 3.60
C ALA Q 348 -90.35 20.84 2.16
N ALA Q 349 -91.12 21.90 1.93
CA ALA Q 349 -91.49 22.25 0.56
C ALA Q 349 -90.25 22.57 -0.28
N THR Q 350 -89.30 23.32 0.27
CA THR Q 350 -88.06 23.64 -0.43
C THR Q 350 -86.85 22.85 0.10
N LYS Q 351 -87.08 21.66 0.66
CA LYS Q 351 -85.97 20.80 1.06
C LYS Q 351 -85.02 20.54 -0.10
N ALA Q 352 -83.75 20.38 0.26
CA ALA Q 352 -82.67 20.16 -0.70
C ALA Q 352 -81.50 19.57 0.06
N SER Q 353 -80.57 18.99 -0.71
CA SER Q 353 -79.31 18.48 -0.20
C SER Q 353 -78.22 18.90 -1.16
N ASN Q 354 -77.22 19.61 -0.63
CA ASN Q 354 -76.06 19.98 -1.42
C ASN Q 354 -75.09 18.82 -1.52
N GLY Q 355 -74.39 18.75 -2.64
CA GLY Q 355 -73.62 17.59 -3.00
C GLY Q 355 -72.42 17.40 -2.10
N PRO Q 356 -71.95 16.15 -1.99
CA PRO Q 356 -70.66 15.94 -1.30
C PRO Q 356 -69.51 16.63 -1.99
N PHE Q 357 -69.67 17.03 -3.25
CA PHE Q 357 -68.63 17.77 -3.97
C PHE Q 357 -68.26 19.06 -3.27
N ASN Q 358 -69.13 19.60 -2.43
CA ASN Q 358 -69.00 20.97 -1.97
C ASN Q 358 -67.70 21.17 -1.20
N GLY Q 359 -66.86 22.07 -1.71
CA GLY Q 359 -65.84 22.71 -0.90
C GLY Q 359 -64.59 21.92 -0.64
N GLU Q 360 -64.39 20.77 -1.31
CA GLU Q 360 -63.19 19.97 -1.07
C GLU Q 360 -62.03 20.39 -1.96
N PHE Q 361 -62.25 20.38 -3.27
CA PHE Q 361 -61.20 20.74 -4.24
C PHE Q 361 -61.29 22.20 -4.67
N ASP Q 362 -61.66 23.11 -3.77
CA ASP Q 362 -61.72 24.52 -4.11
C ASP Q 362 -60.33 25.06 -4.47
N ARG Q 363 -59.32 24.67 -3.69
CA ARG Q 363 -57.97 25.17 -3.90
C ARG Q 363 -57.44 24.77 -5.27
N MET Q 364 -57.76 23.56 -5.71
CA MET Q 364 -57.40 23.17 -7.07
C MET Q 364 -58.08 24.07 -8.09
N ILE Q 365 -59.36 24.37 -7.87
CA ILE Q 365 -60.09 25.26 -8.78
C ILE Q 365 -59.38 26.60 -8.87
N LEU Q 366 -58.95 27.13 -7.73
CA LEU Q 366 -58.32 28.44 -7.71
C LEU Q 366 -56.98 28.39 -8.44
N ARG Q 367 -56.19 27.36 -8.15
CA ARG Q 367 -54.89 27.23 -8.80
C ARG Q 367 -55.05 27.12 -10.31
N LEU Q 368 -56.03 26.35 -10.77
CA LEU Q 368 -56.25 26.17 -12.18
C LEU Q 368 -56.69 27.45 -12.85
N HIS Q 369 -57.55 28.21 -12.15
CA HIS Q 369 -57.93 29.52 -12.66
C HIS Q 369 -56.71 30.40 -12.81
N THR Q 370 -55.79 30.33 -11.86
CA THR Q 370 -54.53 31.06 -12.01
C THR Q 370 -53.78 30.59 -13.25
N ARG Q 371 -53.66 29.28 -13.42
CA ARG Q 371 -52.88 28.73 -14.52
C ARG Q 371 -53.37 29.25 -15.86
N LEU Q 372 -54.68 29.20 -16.09
CA LEU Q 372 -55.19 29.54 -17.40
C LEU Q 372 -54.86 30.99 -17.79
N ALA Q 373 -54.74 31.88 -16.81
CA ALA Q 373 -54.47 33.27 -17.12
C ALA Q 373 -53.04 33.51 -17.56
N ASP Q 374 -52.12 32.60 -17.24
CA ASP Q 374 -50.70 32.80 -17.51
C ASP Q 374 -50.48 33.13 -18.98
N PRO Q 375 -50.11 34.37 -19.31
CA PRO Q 375 -50.00 34.73 -20.73
C PRO Q 375 -48.95 33.94 -21.48
N ARG Q 376 -47.74 33.82 -20.93
CA ARG Q 376 -46.67 33.19 -21.69
C ARG Q 376 -46.97 31.73 -21.98
N LEU Q 377 -47.51 31.03 -21.00
CA LEU Q 377 -47.88 29.64 -21.21
C LEU Q 377 -49.06 29.48 -22.15
N GLN Q 378 -49.65 30.58 -22.60
CA GLN Q 378 -50.84 30.51 -23.43
C GLN Q 378 -50.60 29.60 -24.63
N PHE Q 379 -49.47 29.76 -25.31
CA PHE Q 379 -49.23 29.01 -26.52
C PHE Q 379 -49.44 27.52 -26.31
N LEU Q 380 -49.31 27.03 -25.08
CA LEU Q 380 -49.46 25.61 -24.85
C LEU Q 380 -50.92 25.21 -24.86
N PHE Q 381 -51.74 25.98 -24.17
CA PHE Q 381 -53.13 25.60 -23.93
C PHE Q 381 -53.99 25.81 -25.15
N TYR Q 382 -53.96 27.01 -25.74
CA TYR Q 382 -54.84 27.31 -26.85
C TYR Q 382 -54.03 27.92 -27.98
N PRO Q 383 -53.46 27.09 -28.85
CA PRO Q 383 -52.85 27.58 -30.08
C PRO Q 383 -53.82 27.69 -31.24
N LYS Q 384 -53.52 28.66 -32.12
CA LYS Q 384 -54.31 28.89 -33.33
C LYS Q 384 -53.37 29.21 -34.49
N LYS Q 385 -53.74 28.76 -35.68
CA LYS Q 385 -52.81 28.64 -36.80
C LYS Q 385 -52.56 30.00 -37.46
N GLU Q 386 -51.84 29.97 -38.58
CA GLU Q 386 -51.67 31.17 -39.39
C GLU Q 386 -53.01 31.74 -39.80
N ASP Q 387 -54.01 30.88 -40.03
CA ASP Q 387 -55.31 31.34 -40.47
C ASP Q 387 -56.01 32.17 -39.40
N GLY Q 388 -55.78 31.85 -38.13
CA GLY Q 388 -56.62 32.31 -37.05
C GLY Q 388 -57.65 31.30 -36.61
N GLU Q 389 -57.72 30.16 -37.27
CA GLU Q 389 -58.64 29.09 -36.90
C GLU Q 389 -57.98 28.18 -35.86
N ASP Q 390 -58.83 27.49 -35.11
CA ASP Q 390 -58.35 26.57 -34.09
C ASP Q 390 -57.65 25.38 -34.72
N LEU Q 391 -56.65 24.86 -34.02
CA LEU Q 391 -55.97 23.66 -34.48
C LEU Q 391 -56.95 22.49 -34.49
N ALA Q 392 -56.78 21.60 -35.46
CA ALA Q 392 -57.64 20.44 -35.61
C ALA Q 392 -56.78 19.19 -35.65
N THR Q 393 -57.44 18.06 -35.40
CA THR Q 393 -56.72 16.79 -35.37
C THR Q 393 -56.00 16.55 -36.68
N GLY Q 394 -56.57 17.01 -37.79
CA GLY Q 394 -55.98 16.71 -39.09
C GLY Q 394 -54.56 17.21 -39.23
N ASP Q 395 -54.29 18.43 -38.77
CA ASP Q 395 -52.95 19.00 -38.87
C ASP Q 395 -51.99 18.44 -37.81
N PHE Q 396 -52.40 17.41 -37.08
CA PHE Q 396 -51.49 16.68 -36.21
C PHE Q 396 -50.16 16.43 -36.90
N ALA Q 397 -50.20 15.65 -37.99
CA ALA Q 397 -48.98 15.39 -38.74
C ALA Q 397 -48.28 16.69 -39.10
N ASP Q 398 -49.05 17.70 -39.48
CA ASP Q 398 -48.44 18.96 -39.91
C ASP Q 398 -47.58 19.54 -38.81
N VAL Q 399 -48.06 19.50 -37.57
CA VAL Q 399 -47.30 20.11 -36.48
C VAL Q 399 -46.15 19.23 -36.02
N VAL Q 400 -46.10 17.98 -36.48
CA VAL Q 400 -44.87 17.20 -36.42
C VAL Q 400 -44.11 17.28 -37.72
N ARG Q 401 -44.78 17.57 -38.83
CA ARG Q 401 -44.10 17.80 -40.09
C ARG Q 401 -43.13 18.96 -39.99
N GLN Q 402 -43.32 19.84 -39.01
CA GLN Q 402 -42.37 20.92 -38.80
C GLN Q 402 -41.02 20.40 -38.35
N PHE Q 403 -40.99 19.26 -37.67
CA PHE Q 403 -39.72 18.63 -37.32
C PHE Q 403 -39.11 17.92 -38.52
N VAL Q 404 -39.86 16.98 -39.09
CA VAL Q 404 -39.38 16.23 -40.24
C VAL Q 404 -39.13 17.16 -41.41
N GLY Q 405 -40.08 18.04 -41.69
CA GLY Q 405 -39.98 18.92 -42.82
C GLY Q 405 -40.29 18.22 -44.13
N TYR Q 406 -39.42 17.30 -44.52
CA TYR Q 406 -39.58 16.56 -45.78
C TYR Q 406 -38.76 15.29 -45.69
N MET Q 407 -38.99 14.41 -46.66
CA MET Q 407 -38.16 13.22 -46.83
C MET Q 407 -37.10 13.44 -47.90
N THR Q 408 -36.99 14.66 -48.43
CA THR Q 408 -35.90 15.05 -49.30
C THR Q 408 -35.50 16.47 -48.97
N LYS Q 409 -34.30 16.85 -49.40
CA LYS Q 409 -33.74 18.17 -49.09
C LYS Q 409 -33.68 18.37 -47.57
N SER Q 410 -32.84 17.56 -46.95
CA SER Q 410 -32.79 17.41 -45.49
C SER Q 410 -32.84 18.73 -44.73
N ASN Q 411 -33.44 18.70 -43.56
CA ASN Q 411 -33.81 19.86 -42.77
C ASN Q 411 -33.03 19.92 -41.46
N VAL Q 412 -32.90 21.13 -40.93
CA VAL Q 412 -32.29 21.39 -39.63
C VAL Q 412 -33.25 22.24 -38.80
N SER Q 413 -33.57 21.77 -37.61
CA SER Q 413 -34.49 22.45 -36.69
C SER Q 413 -33.76 22.94 -35.45
N ILE Q 414 -34.17 24.10 -34.96
CA ILE Q 414 -33.57 24.75 -33.79
C ILE Q 414 -34.66 25.14 -32.80
N ILE Q 415 -34.81 24.35 -31.74
CA ILE Q 415 -35.63 24.75 -30.61
C ILE Q 415 -34.85 25.75 -29.76
N ASP Q 416 -35.49 26.87 -29.41
CA ASP Q 416 -34.92 27.85 -28.49
C ASP Q 416 -35.58 27.73 -27.12
N LEU Q 417 -35.07 26.79 -26.32
CA LEU Q 417 -35.69 26.45 -25.05
C LEU Q 417 -35.62 27.55 -24.03
N SER Q 418 -34.97 28.67 -24.34
CA SER Q 418 -34.66 29.65 -23.30
C SER Q 418 -35.92 30.31 -22.75
N GLY Q 419 -36.76 30.84 -23.63
CA GLY Q 419 -37.91 31.60 -23.16
C GLY Q 419 -38.92 30.76 -22.41
N ILE Q 420 -38.97 29.46 -22.69
CA ILE Q 420 -39.93 28.62 -21.98
C ILE Q 420 -39.64 28.67 -20.49
N PRO Q 421 -40.64 28.80 -19.63
CA PRO Q 421 -40.40 28.78 -18.19
C PRO Q 421 -39.68 27.51 -17.77
N PHE Q 422 -39.01 27.63 -16.64
CA PHE Q 422 -38.13 26.57 -16.17
C PHE Q 422 -38.88 25.45 -15.47
N GLU Q 423 -40.14 25.66 -15.12
CA GLU Q 423 -40.94 24.62 -14.50
C GLU Q 423 -41.63 23.70 -15.49
N VAL Q 424 -41.63 24.04 -16.79
CA VAL Q 424 -42.23 23.21 -17.83
C VAL Q 424 -41.21 22.67 -18.80
N LEU Q 425 -39.93 22.94 -18.57
CA LEU Q 425 -38.90 22.59 -19.54
C LEU Q 425 -38.75 21.08 -19.67
N SER Q 426 -38.72 20.39 -18.54
CA SER Q 426 -38.61 18.94 -18.54
C SER Q 426 -39.75 18.31 -19.31
N ILE Q 427 -40.97 18.82 -19.13
CA ILE Q 427 -42.13 18.24 -19.78
C ILE Q 427 -42.05 18.45 -21.28
N VAL Q 428 -41.74 19.67 -21.69
CA VAL Q 428 -41.57 19.95 -23.11
C VAL Q 428 -40.61 18.95 -23.72
N VAL Q 429 -39.47 18.76 -23.05
CA VAL Q 429 -38.42 17.94 -23.62
C VAL Q 429 -38.87 16.50 -23.74
N SER Q 430 -39.47 15.96 -22.68
CA SER Q 430 -39.85 14.55 -22.70
C SER Q 430 -40.91 14.29 -23.76
N LEU Q 431 -41.86 15.21 -23.90
CA LEU Q 431 -42.88 15.05 -24.91
C LEU Q 431 -42.27 15.01 -26.30
N ILE Q 432 -41.49 16.04 -26.64
CA ILE Q 432 -40.86 16.06 -27.95
C ILE Q 432 -40.05 14.80 -28.16
N SER Q 433 -39.44 14.30 -27.09
CA SER Q 433 -38.52 13.18 -27.23
C SER Q 433 -39.26 11.92 -27.62
N ARG Q 434 -40.24 11.52 -26.83
CA ARG Q 434 -40.93 10.28 -27.15
C ARG Q 434 -41.71 10.41 -28.44
N MET Q 435 -42.24 11.60 -28.73
CA MET Q 435 -42.93 11.79 -30.00
C MET Q 435 -42.00 11.54 -31.18
N ILE Q 436 -40.87 12.24 -31.22
CA ILE Q 436 -39.96 12.09 -32.36
C ILE Q 436 -39.42 10.68 -32.43
N PHE Q 437 -39.19 10.06 -31.27
CA PHE Q 437 -38.71 8.69 -31.27
C PHE Q 437 -39.71 7.75 -31.91
N ASP Q 438 -40.97 7.85 -31.51
CA ASP Q 438 -41.97 6.94 -32.04
C ASP Q 438 -42.18 7.16 -33.53
N PHE Q 439 -42.19 8.42 -33.97
CA PHE Q 439 -42.45 8.72 -35.37
C PHE Q 439 -41.66 7.81 -36.30
N GLY Q 440 -40.45 7.42 -35.89
CA GLY Q 440 -39.60 6.64 -36.75
C GLY Q 440 -39.90 5.16 -36.74
N PHE Q 441 -40.52 4.68 -35.66
CA PHE Q 441 -40.93 3.29 -35.60
C PHE Q 441 -41.82 2.95 -36.78
N HIS Q 442 -42.81 3.81 -37.05
CA HIS Q 442 -43.75 3.54 -38.10
C HIS Q 442 -43.07 3.45 -39.45
N TYR Q 443 -42.13 4.35 -39.73
CA TYR Q 443 -41.49 4.33 -41.04
C TYR Q 443 -40.53 3.15 -41.15
N SER Q 444 -39.78 2.86 -40.08
CA SER Q 444 -38.82 1.77 -40.14
C SER Q 444 -39.51 0.43 -40.30
N LYS Q 445 -40.64 0.25 -39.64
CA LYS Q 445 -41.40 -0.98 -39.77
C LYS Q 445 -41.79 -1.23 -41.22
N SER Q 454 -33.28 2.38 -41.94
CA SER Q 454 -34.01 3.60 -42.26
C SER Q 454 -33.40 4.27 -43.48
N ASP Q 455 -34.25 4.88 -44.30
CA ASP Q 455 -33.75 5.57 -45.48
C ASP Q 455 -33.11 6.90 -45.13
N VAL Q 456 -33.67 7.60 -44.15
CA VAL Q 456 -33.08 8.85 -43.66
C VAL Q 456 -33.11 8.86 -42.14
N PRO Q 457 -31.95 8.96 -41.48
CA PRO Q 457 -31.93 8.95 -40.02
C PRO Q 457 -31.94 10.35 -39.46
N ILE Q 458 -32.48 10.47 -38.26
CA ILE Q 458 -32.57 11.74 -37.56
C ILE Q 458 -31.63 11.72 -36.36
N LEU Q 459 -30.96 12.86 -36.15
CA LEU Q 459 -29.97 13.01 -35.11
C LEU Q 459 -30.37 14.18 -34.23
N VAL Q 460 -30.43 13.95 -32.93
CA VAL Q 460 -30.79 14.96 -31.95
C VAL Q 460 -29.57 15.29 -31.12
N VAL Q 461 -29.38 16.58 -30.84
CA VAL Q 461 -28.19 17.08 -30.15
C VAL Q 461 -28.63 17.76 -28.87
N CYS Q 462 -28.23 17.19 -27.74
CA CYS Q 462 -28.52 17.70 -26.41
C CYS Q 462 -27.31 18.49 -25.91
N GLU Q 463 -27.41 19.81 -26.03
CA GLU Q 463 -26.53 20.74 -25.36
C GLU Q 463 -27.01 20.98 -23.93
N GLU Q 464 -26.14 21.60 -23.14
CA GLU Q 464 -26.42 21.89 -21.75
C GLU Q 464 -27.05 20.68 -21.09
N ALA Q 465 -26.37 19.54 -21.20
CA ALA Q 465 -26.96 18.27 -20.83
C ALA Q 465 -27.19 18.20 -19.33
N HIS Q 466 -26.21 18.62 -18.54
CA HIS Q 466 -26.27 18.37 -17.11
C HIS Q 466 -27.41 19.12 -16.45
N ASN Q 467 -27.98 20.11 -17.11
CA ASN Q 467 -29.08 20.85 -16.51
C ASN Q 467 -30.30 19.96 -16.32
N TYR Q 468 -30.59 19.09 -17.28
CA TYR Q 468 -31.83 18.36 -17.30
C TYR Q 468 -31.62 16.87 -17.44
N LEU Q 469 -30.62 16.34 -16.76
CA LEU Q 469 -30.42 14.92 -16.66
C LEU Q 469 -29.54 14.62 -15.46
N PRO Q 470 -29.90 15.08 -14.27
CA PRO Q 470 -28.99 14.99 -13.13
C PRO Q 470 -28.71 13.56 -12.72
N ARG Q 471 -27.61 13.42 -11.96
CA ARG Q 471 -27.24 12.11 -11.43
C ARG Q 471 -28.31 11.58 -10.50
N SER Q 472 -28.69 12.38 -9.50
CA SER Q 472 -29.78 12.05 -8.59
C SER Q 472 -30.64 13.29 -8.44
N GLY Q 473 -31.92 13.15 -8.75
CA GLY Q 473 -32.83 14.28 -8.67
C GLY Q 473 -34.25 13.81 -8.42
N GLY Q 474 -35.09 14.76 -8.03
CA GLY Q 474 -36.48 14.48 -7.76
C GLY Q 474 -37.30 14.39 -9.02
N ALA Q 475 -38.61 14.50 -8.84
CA ALA Q 475 -39.52 14.41 -9.97
C ALA Q 475 -39.27 15.52 -10.98
N ALA Q 476 -38.81 16.67 -10.50
CA ALA Q 476 -38.77 17.87 -11.33
C ALA Q 476 -38.20 17.57 -12.70
N TYR Q 477 -37.10 16.84 -12.73
CA TYR Q 477 -36.44 16.48 -13.98
C TYR Q 477 -36.62 15.01 -14.34
N ASP Q 478 -37.08 14.18 -13.40
CA ASP Q 478 -37.21 12.76 -13.68
C ASP Q 478 -38.06 12.52 -14.91
N ALA Q 479 -39.06 13.37 -15.12
CA ALA Q 479 -39.98 13.18 -16.24
C ALA Q 479 -39.22 13.03 -17.55
N SER Q 480 -38.07 13.68 -17.66
CA SER Q 480 -37.29 13.60 -18.89
C SER Q 480 -36.37 12.40 -18.89
N ARG Q 481 -35.78 12.07 -17.75
CA ARG Q 481 -34.85 10.96 -17.69
C ARG Q 481 -35.39 9.74 -18.39
N LYS Q 482 -36.69 9.53 -18.30
CA LYS Q 482 -37.31 8.34 -18.88
C LYS Q 482 -37.12 8.29 -20.39
N SER Q 483 -37.45 9.39 -21.07
CA SER Q 483 -37.39 9.38 -22.53
C SER Q 483 -35.99 9.12 -23.02
N ILE Q 484 -35.06 10.02 -22.70
CA ILE Q 484 -33.72 9.94 -23.27
C ILE Q 484 -33.10 8.59 -22.98
N GLU Q 485 -33.13 8.16 -21.72
CA GLU Q 485 -32.46 6.91 -21.38
C GLU Q 485 -33.01 5.76 -22.19
N ARG Q 486 -34.28 5.81 -22.56
CA ARG Q 486 -34.84 4.76 -23.39
C ARG Q 486 -34.09 4.67 -24.71
N ILE Q 487 -33.91 5.80 -25.38
CA ILE Q 487 -33.15 5.81 -26.61
C ILE Q 487 -31.75 5.30 -26.38
N ALA Q 488 -31.21 5.50 -25.18
CA ALA Q 488 -29.86 5.03 -24.92
C ALA Q 488 -29.80 3.52 -25.00
N LYS Q 489 -30.84 2.84 -24.49
CA LYS Q 489 -30.82 1.38 -24.50
C LYS Q 489 -30.97 0.85 -25.91
N GLU Q 490 -32.06 1.20 -26.59
CA GLU Q 490 -32.27 0.69 -27.94
C GLU Q 490 -33.12 1.64 -28.76
N GLY Q 491 -32.48 2.33 -29.71
CA GLY Q 491 -33.15 3.14 -30.69
C GLY Q 491 -32.44 3.12 -32.02
N ARG Q 492 -31.38 2.33 -32.11
CA ARG Q 492 -30.58 2.34 -33.32
C ARG Q 492 -31.43 1.89 -34.48
N LYS Q 493 -32.27 0.89 -34.25
CA LYS Q 493 -33.00 0.27 -35.33
C LYS Q 493 -33.79 1.30 -36.11
N TYR Q 494 -34.21 2.38 -35.45
CA TYR Q 494 -35.17 3.29 -36.04
C TYR Q 494 -34.54 4.52 -36.69
N GLY Q 495 -33.22 4.65 -36.69
CA GLY Q 495 -32.58 5.76 -37.36
C GLY Q 495 -32.42 7.00 -36.52
N VAL Q 496 -32.90 6.97 -35.30
CA VAL Q 496 -32.77 8.07 -34.37
C VAL Q 496 -31.50 7.88 -33.58
N THR Q 497 -30.70 8.94 -33.46
CA THR Q 497 -29.52 8.84 -32.62
C THR Q 497 -29.26 10.15 -31.90
N LEU Q 498 -28.55 10.02 -30.78
CA LEU Q 498 -28.34 11.07 -29.80
C LEU Q 498 -26.93 11.63 -29.89
N MET Q 499 -26.77 12.85 -29.38
CA MET Q 499 -25.47 13.44 -29.14
C MET Q 499 -25.53 14.22 -27.84
N VAL Q 500 -24.46 14.17 -27.08
CA VAL Q 500 -24.40 14.75 -25.74
C VAL Q 500 -23.27 15.76 -25.68
N VAL Q 501 -23.53 16.89 -25.04
CA VAL Q 501 -22.49 17.88 -24.79
C VAL Q 501 -22.59 18.34 -23.35
N SER Q 502 -21.47 18.32 -22.65
CA SER Q 502 -21.47 18.59 -21.23
C SER Q 502 -20.17 19.27 -20.83
N GLN Q 503 -20.30 20.19 -19.88
CA GLN Q 503 -19.17 20.88 -19.29
C GLN Q 503 -18.70 20.25 -18.00
N ARG Q 504 -19.55 19.44 -17.35
CA ARG Q 504 -19.24 18.80 -16.08
C ARG Q 504 -19.65 17.34 -16.19
N PRO Q 505 -18.81 16.50 -16.79
CA PRO Q 505 -19.19 15.10 -16.99
C PRO Q 505 -19.55 14.37 -15.72
N SER Q 506 -18.98 14.75 -14.57
CA SER Q 506 -19.19 13.96 -13.37
C SER Q 506 -20.60 14.08 -12.85
N GLU Q 507 -21.27 15.20 -13.13
CA GLU Q 507 -22.60 15.43 -12.62
C GLU Q 507 -23.69 14.82 -13.49
N VAL Q 508 -23.37 14.39 -14.69
CA VAL Q 508 -24.35 13.81 -15.60
C VAL Q 508 -24.53 12.33 -15.25
N SER Q 509 -25.73 11.82 -15.49
CA SER Q 509 -26.14 10.56 -14.91
C SER Q 509 -25.36 9.40 -15.52
N GLU Q 510 -25.54 8.22 -14.90
CA GLU Q 510 -24.71 7.06 -15.17
C GLU Q 510 -25.09 6.38 -16.48
N THR Q 511 -26.37 6.06 -16.65
CA THR Q 511 -26.77 5.12 -17.70
C THR Q 511 -26.53 5.68 -19.09
N ILE Q 512 -26.53 7.00 -19.24
CA ILE Q 512 -26.50 7.59 -20.57
C ILE Q 512 -25.13 7.38 -21.19
N PHE Q 513 -24.06 7.61 -20.43
CA PHE Q 513 -22.72 7.59 -21.00
C PHE Q 513 -22.34 6.20 -21.49
N SER Q 514 -22.48 5.20 -20.63
CA SER Q 514 -21.90 3.89 -20.87
C SER Q 514 -22.27 3.35 -22.25
N GLN Q 515 -23.41 3.77 -22.78
CA GLN Q 515 -23.84 3.29 -24.07
C GLN Q 515 -23.05 3.93 -25.22
N CYS Q 516 -22.60 5.16 -25.03
CA CYS Q 516 -21.85 5.84 -26.08
C CYS Q 516 -20.59 5.06 -26.42
N SER Q 517 -20.23 5.06 -27.70
CA SER Q 517 -19.14 4.24 -28.21
C SER Q 517 -17.84 5.03 -28.32
N ASN Q 518 -17.85 6.07 -29.15
CA ASN Q 518 -16.69 6.90 -29.39
C ASN Q 518 -16.74 8.15 -28.54
N PHE Q 519 -15.56 8.65 -28.17
CA PHE Q 519 -15.45 9.80 -27.30
C PHE Q 519 -14.45 10.79 -27.88
N ILE Q 520 -14.77 12.06 -27.73
CA ILE Q 520 -13.91 13.18 -28.08
C ILE Q 520 -13.74 14.04 -26.86
N SER Q 521 -12.50 14.40 -26.54
CA SER Q 521 -12.20 15.12 -25.32
C SER Q 521 -11.25 16.26 -25.60
N LEU Q 522 -11.60 17.43 -25.09
CA LEU Q 522 -10.79 18.62 -25.09
C LEU Q 522 -10.22 18.85 -23.69
N ARG Q 523 -9.64 20.03 -23.49
CA ARG Q 523 -9.00 20.36 -22.23
C ARG Q 523 -9.96 20.21 -21.06
N LEU Q 524 -9.56 19.38 -20.11
CA LEU Q 524 -10.30 19.18 -18.87
C LEU Q 524 -9.35 19.44 -17.72
N THR Q 525 -9.71 20.38 -16.85
CA THR Q 525 -8.82 20.84 -15.79
C THR Q 525 -9.20 20.31 -14.42
N ASN Q 526 -10.45 20.46 -14.03
CA ASN Q 526 -10.90 20.01 -12.72
C ASN Q 526 -10.48 18.57 -12.48
N ALA Q 527 -10.01 18.30 -11.26
CA ALA Q 527 -9.39 17.02 -10.96
C ALA Q 527 -10.43 15.90 -10.88
N VAL Q 528 -11.60 16.19 -10.34
CA VAL Q 528 -12.60 15.15 -10.15
C VAL Q 528 -13.05 14.60 -11.49
N ASP Q 529 -13.41 15.50 -12.41
CA ASP Q 529 -13.80 15.08 -13.75
C ASP Q 529 -12.67 14.37 -14.46
N GLN Q 530 -11.43 14.82 -14.21
CA GLN Q 530 -10.27 14.21 -14.83
C GLN Q 530 -10.14 12.75 -14.43
N THR Q 531 -10.28 12.47 -13.14
CA THR Q 531 -10.19 11.09 -12.67
C THR Q 531 -11.39 10.28 -13.14
N TYR Q 532 -12.58 10.90 -13.13
CA TYR Q 532 -13.79 10.17 -13.47
C TYR Q 532 -13.76 9.70 -14.92
N VAL Q 533 -13.43 10.60 -15.86
CA VAL Q 533 -13.48 10.25 -17.26
C VAL Q 533 -12.49 9.15 -17.58
N LYS Q 534 -11.44 9.00 -16.78
CA LYS Q 534 -10.42 8.00 -17.06
C LYS Q 534 -11.00 6.60 -17.07
N SER Q 535 -11.97 6.34 -16.20
CA SER Q 535 -12.51 4.99 -16.07
C SER Q 535 -13.34 4.62 -17.30
N LEU Q 536 -14.24 5.49 -17.71
CA LEU Q 536 -15.18 5.14 -18.76
C LEU Q 536 -14.48 4.69 -20.02
N LEU Q 537 -13.32 5.26 -20.31
CA LEU Q 537 -12.57 4.93 -21.52
C LEU Q 537 -11.33 4.13 -21.13
N PRO Q 538 -11.36 2.79 -21.25
CA PRO Q 538 -10.20 1.99 -20.85
C PRO Q 538 -9.16 1.82 -21.94
N ASP Q 539 -9.46 2.21 -23.18
CA ASP Q 539 -8.51 2.07 -24.26
C ASP Q 539 -7.25 2.86 -23.98
N LEU Q 540 -7.37 3.96 -23.23
CA LEU Q 540 -6.24 4.81 -22.91
C LEU Q 540 -5.74 4.49 -21.50
N SER Q 541 -4.42 4.51 -21.34
CA SER Q 541 -3.79 4.16 -20.10
C SER Q 541 -3.88 5.32 -19.11
N ALA Q 542 -3.22 5.14 -17.96
CA ALA Q 542 -3.07 6.24 -17.03
C ALA Q 542 -2.11 7.29 -17.58
N GLY Q 543 -1.19 6.88 -18.45
CA GLY Q 543 -0.21 7.82 -18.98
C GLY Q 543 -0.81 8.82 -19.93
N LEU Q 544 -1.78 8.40 -20.74
CA LEU Q 544 -2.39 9.31 -21.69
C LEU Q 544 -3.24 10.36 -21.01
N GLY Q 545 -3.65 10.12 -19.75
CA GLY Q 545 -4.37 11.11 -18.98
C GLY Q 545 -3.54 12.30 -18.56
N ASP Q 546 -2.23 12.13 -18.48
CA ASP Q 546 -1.34 13.27 -18.26
C ASP Q 546 -1.51 14.32 -19.36
N LEU Q 547 -1.96 13.89 -20.53
CA LEU Q 547 -2.08 14.79 -21.68
C LEU Q 547 -3.24 15.75 -21.54
N LEU Q 548 -4.23 15.44 -20.71
CA LEU Q 548 -5.50 16.17 -20.77
C LEU Q 548 -5.36 17.62 -20.36
N PRO Q 549 -4.76 17.96 -19.22
CA PRO Q 549 -4.72 19.37 -18.80
C PRO Q 549 -3.76 20.23 -19.59
N ASN Q 550 -2.93 19.64 -20.43
CA ASN Q 550 -1.98 20.40 -21.21
C ASN Q 550 -2.46 20.64 -22.62
N LEU Q 551 -3.66 20.19 -22.95
CA LEU Q 551 -4.18 20.37 -24.30
C LEU Q 551 -4.36 21.85 -24.59
N ALA Q 552 -3.95 22.24 -25.78
CA ALA Q 552 -3.98 23.63 -26.19
C ALA Q 552 -5.32 23.98 -26.81
N GLN Q 553 -5.42 25.19 -27.33
CA GLN Q 553 -6.63 25.65 -27.98
C GLN Q 553 -6.86 24.84 -29.25
N GLY Q 554 -8.01 24.17 -29.31
CA GLY Q 554 -8.35 23.38 -30.47
C GLY Q 554 -7.45 22.18 -30.67
N GLU Q 555 -7.42 21.31 -29.67
CA GLU Q 555 -6.71 20.05 -29.78
C GLU Q 555 -7.49 19.01 -29.00
N PHE Q 556 -7.70 17.85 -29.60
CA PHE Q 556 -8.63 16.88 -29.07
C PHE Q 556 -8.06 15.47 -29.14
N LEU Q 557 -8.68 14.62 -28.33
CA LEU Q 557 -8.37 13.19 -28.26
C LEU Q 557 -9.63 12.40 -28.57
N ILE Q 558 -9.59 11.62 -29.64
CA ILE Q 558 -10.71 10.78 -30.07
C ILE Q 558 -10.32 9.33 -29.87
N VAL Q 559 -11.18 8.59 -29.19
CA VAL Q 559 -10.95 7.17 -28.96
C VAL Q 559 -12.26 6.42 -29.06
N GLY Q 560 -12.23 5.29 -29.75
CA GLY Q 560 -13.41 4.46 -29.91
C GLY Q 560 -13.24 3.50 -31.08
N ASP Q 561 -14.39 3.08 -31.61
CA ASP Q 561 -14.41 2.14 -32.72
C ASP Q 561 -14.10 2.78 -34.06
N ALA Q 562 -14.42 4.06 -34.22
CA ALA Q 562 -14.28 4.69 -35.52
C ALA Q 562 -12.85 4.73 -36.03
N PRO Q 563 -11.86 5.13 -35.24
CA PRO Q 563 -10.51 5.29 -35.77
C PRO Q 563 -9.68 4.02 -35.74
N LEU Q 564 -8.72 3.99 -36.66
CA LEU Q 564 -7.82 2.85 -36.77
C LEU Q 564 -6.97 2.68 -35.53
N MET Q 565 -6.44 3.79 -35.02
CA MET Q 565 -5.59 3.79 -33.84
C MET Q 565 -5.79 5.11 -33.12
N PRO Q 566 -5.73 5.12 -31.78
CA PRO Q 566 -5.91 6.36 -31.05
C PRO Q 566 -4.99 7.46 -31.54
N THR Q 567 -5.52 8.67 -31.60
CA THR Q 567 -4.86 9.76 -32.28
C THR Q 567 -5.15 11.07 -31.56
N VAL Q 568 -4.26 12.02 -31.74
CA VAL Q 568 -4.40 13.39 -31.25
C VAL Q 568 -4.55 14.30 -32.44
N GLY Q 569 -5.47 15.26 -32.35
CA GLY Q 569 -5.86 16.00 -33.52
C GLY Q 569 -6.16 17.46 -33.23
N HIS Q 570 -6.37 18.20 -34.31
CA HIS Q 570 -6.47 19.64 -34.29
C HIS Q 570 -7.69 20.10 -35.09
N PHE Q 571 -8.30 21.18 -34.64
CA PHE Q 571 -9.44 21.79 -35.30
C PHE Q 571 -9.06 23.15 -35.87
N ALA Q 572 -9.56 23.44 -37.05
CA ALA Q 572 -9.56 24.79 -37.59
C ALA Q 572 -10.87 25.48 -37.20
N LEU Q 573 -10.81 26.81 -37.10
CA LEU Q 573 -11.97 27.54 -36.65
C LEU Q 573 -13.04 27.60 -37.74
N PRO Q 574 -14.30 27.75 -37.37
CA PRO Q 574 -15.38 27.67 -38.34
C PRO Q 574 -15.82 29.01 -38.90
N VAL Q 575 -16.36 28.95 -40.12
CA VAL Q 575 -16.96 30.11 -40.77
C VAL Q 575 -18.39 29.74 -41.17
N PRO Q 576 -19.42 30.37 -40.58
CA PRO Q 576 -19.43 31.39 -39.53
C PRO Q 576 -19.29 30.81 -38.12
N GLU Q 577 -18.91 31.65 -37.18
CA GLU Q 577 -18.79 31.24 -35.79
C GLU Q 577 -20.14 31.30 -35.08
N PRO Q 578 -20.33 30.49 -34.05
CA PRO Q 578 -21.57 30.58 -33.27
C PRO Q 578 -21.55 31.77 -32.32
N HIS Q 579 -22.71 32.42 -32.21
CA HIS Q 579 -22.83 33.61 -31.36
C HIS Q 579 -24.24 33.73 -30.79
N ASP Q 597 -39.42 57.41 -21.54
CA ASP Q 597 -40.84 57.25 -21.30
C ASP Q 597 -41.06 56.11 -20.31
N PHE Q 598 -40.54 56.30 -19.10
CA PHE Q 598 -40.67 55.29 -18.06
C PHE Q 598 -42.12 54.90 -17.84
N ASP Q 599 -43.04 55.86 -17.94
CA ASP Q 599 -44.44 55.57 -17.65
C ASP Q 599 -45.09 54.72 -18.71
N SER Q 600 -44.50 54.63 -19.90
CA SER Q 600 -45.17 54.01 -21.03
C SER Q 600 -45.16 52.50 -20.96
N VAL Q 601 -44.12 51.90 -20.40
CA VAL Q 601 -43.95 50.45 -20.46
C VAL Q 601 -45.09 49.76 -19.72
N ILE Q 602 -45.52 50.34 -18.60
CA ILE Q 602 -46.60 49.76 -17.83
C ILE Q 602 -47.92 49.79 -18.60
N ASP Q 603 -47.97 50.51 -19.72
CA ASP Q 603 -49.20 50.64 -20.48
C ASP Q 603 -49.78 49.28 -20.82
N ARG Q 604 -49.04 48.49 -21.59
CA ARG Q 604 -49.54 47.18 -22.00
C ARG Q 604 -49.58 46.20 -20.84
N TRP Q 605 -48.92 46.52 -19.74
CA TRP Q 605 -48.94 45.69 -18.55
C TRP Q 605 -49.65 46.42 -17.41
N MET R 1 9.87 39.77 -21.40
CA MET R 1 10.38 40.79 -22.31
C MET R 1 11.42 41.66 -21.63
N PRO R 2 11.06 42.36 -20.57
CA PRO R 2 12.04 43.16 -19.84
C PRO R 2 13.05 42.29 -19.11
N ASP R 3 14.16 42.93 -18.73
CA ASP R 3 15.21 42.21 -18.05
C ASP R 3 14.68 41.61 -16.76
N LEU R 4 15.00 40.33 -16.55
CA LEU R 4 14.49 39.61 -15.39
C LEU R 4 15.46 39.60 -14.22
N GLY R 5 16.73 39.83 -14.47
CA GLY R 5 17.71 39.80 -13.41
C GLY R 5 18.36 38.44 -13.25
N THR R 6 18.94 38.26 -12.11
CA THR R 6 19.66 37.04 -11.80
C THR R 6 18.68 35.93 -11.42
N PRO R 7 19.01 34.68 -11.75
CA PRO R 7 18.14 33.56 -11.43
C PRO R 7 18.34 32.97 -10.05
N ILE R 8 17.29 32.31 -9.58
CA ILE R 8 17.36 31.63 -8.30
C ILE R 8 18.09 30.31 -8.41
N GLY R 9 17.78 29.52 -9.42
CA GLY R 9 18.32 28.19 -9.47
C GLY R 9 18.17 27.53 -10.82
N SER R 10 18.57 26.27 -10.86
CA SER R 10 18.60 25.47 -12.07
C SER R 10 17.65 24.28 -11.92
N VAL R 11 17.32 23.70 -13.06
CA VAL R 11 16.46 22.53 -13.12
C VAL R 11 17.26 21.26 -12.87
N THR R 12 16.61 20.28 -12.26
CA THR R 12 17.26 19.02 -11.91
C THR R 12 16.41 17.80 -12.26
N ASP R 13 15.28 17.98 -12.92
CA ASP R 13 14.39 16.89 -13.28
C ASP R 13 13.21 17.47 -14.04
N SER R 14 12.58 16.68 -14.88
CA SER R 14 11.51 17.22 -15.69
C SER R 14 10.58 16.10 -16.13
N SER R 15 9.40 16.50 -16.54
CA SER R 15 8.37 15.62 -17.03
C SER R 15 7.24 16.46 -17.58
N PRO R 16 6.29 15.87 -18.28
CA PRO R 16 5.16 16.64 -18.79
C PRO R 16 4.33 17.29 -17.70
N SER R 17 4.35 16.74 -16.49
CA SER R 17 3.57 17.25 -15.38
C SER R 17 4.38 17.99 -14.33
N LEU R 18 5.51 17.44 -13.90
CA LEU R 18 6.24 17.93 -12.75
C LEU R 18 7.56 18.56 -13.16
N ILE R 19 7.94 19.62 -12.46
CA ILE R 19 9.25 20.25 -12.64
C ILE R 19 9.83 20.57 -11.28
N ARG R 20 11.11 20.30 -11.11
CA ARG R 20 11.79 20.42 -9.84
C ARG R 20 13.00 21.34 -9.94
N ILE R 21 13.07 22.31 -9.03
CA ILE R 21 14.11 23.32 -9.02
C ILE R 21 14.88 23.21 -7.72
N GLU R 22 16.15 23.59 -7.79
CA GLU R 22 17.10 23.39 -6.70
C GLU R 22 17.82 24.70 -6.41
N ILE R 23 17.77 25.13 -5.15
CA ILE R 23 18.54 26.27 -4.68
C ILE R 23 19.57 25.79 -3.65
N SER R 24 20.67 26.55 -3.59
CA SER R 24 21.86 26.13 -2.86
C SER R 24 22.42 27.17 -1.89
N SER R 25 21.85 28.37 -1.82
CA SER R 25 22.39 29.40 -0.95
C SER R 25 21.31 29.94 -0.03
N ALA R 26 21.70 30.19 1.22
CA ALA R 26 20.76 30.68 2.21
C ALA R 26 20.43 32.16 2.02
N GLU R 27 21.42 32.96 1.61
CA GLU R 27 21.20 34.39 1.43
C GLU R 27 20.14 34.64 0.38
N ASP R 28 20.23 33.94 -0.74
CA ASP R 28 19.29 34.13 -1.83
C ASP R 28 17.86 33.79 -1.41
N PHE R 29 17.70 32.64 -0.76
CA PHE R 29 16.37 32.23 -0.30
C PHE R 29 15.81 33.22 0.70
N GLU R 30 16.64 33.67 1.64
CA GLU R 30 16.17 34.64 2.61
C GLU R 30 15.83 35.96 1.94
N LYS R 31 16.47 36.26 0.82
CA LYS R 31 16.18 37.48 0.09
C LYS R 31 14.87 37.39 -0.67
N TYR R 32 14.52 36.22 -1.18
CA TYR R 32 13.36 36.06 -2.05
C TYR R 32 12.22 35.27 -1.39
N LYS R 33 12.27 35.07 -0.09
CA LYS R 33 11.25 34.30 0.61
C LYS R 33 9.86 34.88 0.42
N SER R 34 9.75 36.18 0.17
CA SER R 34 8.44 36.79 -0.01
C SER R 34 7.78 36.36 -1.30
N MET R 35 8.52 35.78 -2.23
CA MET R 35 8.04 35.48 -3.56
C MET R 35 7.99 33.99 -3.87
N LEU R 36 8.32 33.13 -2.92
CA LEU R 36 8.46 31.70 -3.17
C LEU R 36 7.46 30.89 -2.36
N GLY R 37 6.30 31.45 -2.14
CA GLY R 37 5.23 30.74 -1.48
C GLY R 37 4.32 30.03 -2.44
N VAL R 38 3.48 29.16 -1.88
CA VAL R 38 2.55 28.38 -2.68
C VAL R 38 1.51 29.30 -3.31
N GLY R 39 1.16 29.00 -4.55
CA GLY R 39 0.21 29.77 -5.30
C GLY R 39 0.81 30.86 -6.16
N GLN R 40 2.10 31.08 -6.06
CA GLN R 40 2.78 32.11 -6.82
C GLN R 40 3.44 31.49 -8.05
N TYR R 41 4.05 32.33 -8.88
CA TYR R 41 4.41 31.95 -10.23
C TYR R 41 5.90 32.13 -10.49
N LEU R 42 6.42 31.29 -11.38
CA LEU R 42 7.82 31.30 -11.76
C LEU R 42 7.95 31.17 -13.26
N LEU R 43 9.08 31.65 -13.79
CA LEU R 43 9.39 31.56 -15.21
C LEU R 43 10.57 30.62 -15.44
N VAL R 44 10.43 29.73 -16.40
CA VAL R 44 11.46 28.76 -16.75
C VAL R 44 11.73 28.86 -18.24
N ALA R 45 12.99 28.68 -18.61
CA ALA R 45 13.40 28.83 -19.98
C ALA R 45 13.28 27.54 -20.76
N SER R 46 13.10 27.70 -22.07
CA SER R 46 13.00 26.60 -23.00
C SER R 46 13.51 27.12 -24.33
N GLY R 47 14.68 26.67 -24.73
CA GLY R 47 15.29 27.19 -25.92
C GLY R 47 15.66 28.65 -25.77
N ASN R 48 15.59 29.35 -26.89
CA ASN R 48 15.84 30.78 -26.96
C ASN R 48 14.54 31.49 -27.31
N ASN R 49 14.26 32.57 -26.58
CA ASN R 49 13.11 33.44 -26.87
C ASN R 49 11.78 32.75 -26.60
N LEU R 50 11.68 32.03 -25.49
CA LEU R 50 10.45 31.37 -25.10
C LEU R 50 10.51 31.07 -23.62
N TYR R 51 9.44 31.39 -22.90
CA TYR R 51 9.38 31.16 -21.47
C TYR R 51 8.13 30.39 -21.11
N LEU R 52 8.19 29.75 -19.95
CA LEU R 52 7.16 28.89 -19.44
C LEU R 52 6.78 29.34 -18.03
N LEU R 53 5.49 29.49 -17.79
CA LEU R 53 5.00 29.84 -16.47
C LEU R 53 4.61 28.61 -15.68
N ALA R 54 4.99 28.60 -14.41
CA ALA R 54 4.71 27.47 -13.55
C ALA R 54 4.24 27.97 -12.18
N SER R 55 3.44 27.14 -11.53
CA SER R 55 2.90 27.43 -10.22
C SER R 55 3.45 26.45 -9.20
N ILE R 56 3.78 26.97 -8.04
CA ILE R 56 4.46 26.20 -7.02
C ILE R 56 3.48 25.33 -6.26
N THR R 57 3.92 24.12 -5.94
CA THR R 57 3.10 23.15 -5.25
C THR R 57 3.81 22.53 -4.05
N GLY R 58 5.06 22.85 -3.82
CA GLY R 58 5.75 22.30 -2.68
C GLY R 58 7.16 22.83 -2.47
N VAL R 59 7.57 22.86 -1.21
CA VAL R 59 8.84 23.40 -0.79
C VAL R 59 9.42 22.53 0.32
N ARG R 60 10.75 22.37 0.32
CA ARG R 60 11.40 21.61 1.36
C ARG R 60 12.82 22.10 1.53
N ALA R 61 13.26 22.14 2.78
CA ALA R 61 14.56 22.67 3.16
C ALA R 61 15.26 21.68 4.07
N THR R 62 16.52 21.38 3.77
CA THR R 62 17.27 20.46 4.60
C THR R 62 18.71 20.90 4.73
N HIS R 63 19.33 20.47 5.83
CA HIS R 63 20.74 20.69 6.13
C HIS R 63 21.33 19.37 6.57
N VAL R 64 22.34 18.90 5.84
CA VAL R 64 23.03 17.68 6.18
C VAL R 64 24.27 17.53 5.32
N ASN R 87 25.80 20.77 3.91
CA ASN R 87 25.48 22.06 3.35
C ASN R 87 23.98 22.11 3.08
N PHE R 88 23.47 23.27 2.66
CA PHE R 88 22.04 23.47 2.54
C PHE R 88 21.50 22.92 1.23
N ARG R 89 20.22 22.58 1.24
CA ARG R 89 19.54 22.12 0.04
C ARG R 89 18.09 22.56 0.10
N PHE R 90 17.67 23.37 -0.88
CA PHE R 90 16.29 23.82 -1.00
C PHE R 90 15.68 23.27 -2.28
N GLN R 91 14.50 22.68 -2.17
CA GLN R 91 13.81 22.03 -3.26
C GLN R 91 12.43 22.61 -3.46
N ILE R 92 12.10 22.94 -4.72
CA ILE R 92 10.80 23.48 -5.10
C ILE R 92 10.20 22.62 -6.20
N ASP R 93 8.88 22.46 -6.17
CA ASP R 93 8.15 21.69 -7.15
C ASP R 93 7.07 22.53 -7.82
N THR R 94 6.84 22.28 -9.11
CA THR R 94 5.98 23.13 -9.93
C THR R 94 5.26 22.32 -10.98
N GLN R 95 4.16 22.90 -11.48
CA GLN R 95 3.35 22.44 -12.60
C GLN R 95 3.29 23.51 -13.68
N PRO R 96 3.30 23.11 -14.96
CA PRO R 96 3.12 24.09 -16.03
C PRO R 96 1.69 24.57 -16.16
N ILE R 97 1.54 25.80 -16.63
CA ILE R 97 0.25 26.43 -16.80
C ILE R 97 0.12 27.14 -18.13
N GLY R 98 1.22 27.33 -18.84
CA GLY R 98 1.13 27.95 -20.15
C GLY R 98 2.48 28.32 -20.71
N THR R 99 2.45 29.20 -21.69
CA THR R 99 3.65 29.66 -22.37
C THR R 99 3.55 31.16 -22.62
N LEU R 100 4.72 31.78 -22.65
CA LEU R 100 4.88 33.20 -22.91
C LEU R 100 6.07 33.38 -23.84
N SER R 101 6.05 34.47 -24.58
CA SER R 101 7.06 34.74 -25.59
C SER R 101 7.75 36.07 -25.33
N GLU R 102 8.72 36.38 -26.18
CA GLU R 102 9.47 37.62 -26.03
C GLU R 102 8.63 38.82 -26.43
N ASP R 103 7.86 38.69 -27.51
CA ASP R 103 6.98 39.77 -27.91
C ASP R 103 5.98 40.11 -26.82
N GLY R 104 5.40 39.10 -26.19
CA GLY R 104 4.55 39.32 -25.03
C GLY R 104 3.31 38.46 -24.98
N GLU R 105 3.05 37.70 -26.03
CA GLU R 105 1.82 36.93 -26.10
C GLU R 105 1.83 35.79 -25.10
N PHE R 106 0.67 35.50 -24.55
CA PHE R 106 0.49 34.44 -23.58
C PHE R 106 -0.49 33.42 -24.14
N SER R 107 -0.06 32.16 -24.19
CA SER R 107 -0.88 31.10 -24.72
C SER R 107 -0.96 29.98 -23.71
N ARG R 108 -2.17 29.68 -23.28
CA ARG R 108 -2.40 28.56 -22.39
C ARG R 108 -2.20 27.25 -23.12
N GLY R 109 -1.79 26.24 -22.37
CA GLY R 109 -1.46 24.97 -22.94
C GLY R 109 -0.04 24.93 -23.44
N SER R 110 0.72 23.94 -23.00
CA SER R 110 2.12 23.82 -23.37
C SER R 110 2.44 22.38 -23.73
N HIS R 111 3.39 22.22 -24.65
CA HIS R 111 3.83 20.91 -25.09
C HIS R 111 5.34 20.69 -24.96
N SER R 112 6.11 21.72 -24.62
CA SER R 112 7.55 21.59 -24.53
C SER R 112 7.96 20.99 -23.19
N LEU R 113 9.19 20.48 -23.15
CA LEU R 113 9.79 19.96 -21.93
C LEU R 113 11.11 20.70 -21.75
N PRO R 114 11.33 21.40 -20.65
CA PRO R 114 12.61 22.07 -20.43
C PRO R 114 13.69 21.10 -20.00
N VAL R 115 14.82 21.15 -20.70
CA VAL R 115 15.93 20.26 -20.41
C VAL R 115 16.65 20.72 -19.15
N PRO R 116 17.32 19.83 -18.44
CA PRO R 116 18.04 20.23 -17.25
C PRO R 116 19.13 21.23 -17.56
N THR R 117 19.63 21.85 -16.49
CA THR R 117 20.66 22.87 -16.57
C THR R 117 20.13 24.15 -17.21
N GLU R 118 18.88 24.49 -16.91
CA GLU R 118 18.26 25.73 -17.32
C GLU R 118 17.75 26.50 -16.12
N TYR R 119 17.72 27.81 -16.26
CA TYR R 119 17.50 28.72 -15.16
C TYR R 119 16.03 28.97 -14.92
N ALA R 120 15.74 29.50 -13.72
CA ALA R 120 14.41 29.86 -13.30
C ALA R 120 14.42 31.23 -12.65
N TYR R 121 13.42 32.03 -12.97
CA TYR R 121 13.36 33.42 -12.57
C TYR R 121 12.07 33.73 -11.84
N VAL R 122 12.15 34.73 -10.98
CA VAL R 122 10.99 35.29 -10.29
C VAL R 122 10.22 36.17 -11.25
N THR R 123 8.91 36.26 -11.00
CA THR R 123 8.02 37.00 -11.86
C THR R 123 7.95 38.44 -11.41
N PRO R 124 8.55 39.39 -12.13
CA PRO R 124 8.52 40.77 -11.69
C PRO R 124 7.17 41.38 -11.98
N PRO R 125 6.71 42.29 -11.12
CA PRO R 125 5.39 42.87 -11.32
C PRO R 125 5.16 43.41 -12.72
N ALA R 126 6.17 44.04 -13.33
CA ALA R 126 5.98 44.67 -14.62
C ALA R 126 5.51 43.69 -15.69
N VAL R 127 6.02 42.46 -15.65
CA VAL R 127 5.62 41.48 -16.66
C VAL R 127 4.13 41.19 -16.54
N LEU R 128 3.65 41.02 -15.32
CA LEU R 128 2.22 40.82 -15.14
C LEU R 128 1.44 42.08 -15.48
N GLU R 129 2.02 43.25 -15.23
CA GLU R 129 1.39 44.49 -15.65
C GLU R 129 1.09 44.44 -17.13
N GLY R 130 2.09 44.11 -17.93
CA GLY R 130 1.90 44.05 -19.37
C GLY R 130 0.92 42.97 -19.77
N ILE R 131 1.05 41.79 -19.16
CA ILE R 131 0.15 40.69 -19.49
C ILE R 131 -1.28 41.11 -19.28
N PHE R 132 -1.54 41.78 -18.16
CA PHE R 132 -2.89 42.19 -17.82
C PHE R 132 -3.36 43.34 -18.69
N SER R 133 -2.44 44.23 -19.09
CA SER R 133 -2.83 45.38 -19.90
C SER R 133 -3.25 44.95 -21.29
N HIS R 134 -2.41 44.17 -21.96
CA HIS R 134 -2.63 43.93 -23.39
C HIS R 134 -3.71 42.89 -23.65
N GLN R 135 -3.83 41.88 -22.79
CA GLN R 135 -4.74 40.77 -23.03
C GLN R 135 -6.11 40.97 -22.44
N ILE R 136 -6.33 42.01 -21.64
CA ILE R 136 -7.58 42.23 -20.93
C ILE R 136 -8.33 43.35 -21.63
N LYS R 137 -9.63 43.14 -21.85
CA LYS R 137 -10.43 44.08 -22.62
C LYS R 137 -10.91 45.25 -21.77
N SER R 138 -11.77 44.96 -20.80
CA SER R 138 -12.39 45.97 -19.94
C SER R 138 -11.81 45.87 -18.53
N PRO R 139 -10.81 46.66 -18.19
CA PRO R 139 -10.13 46.46 -16.91
C PRO R 139 -11.04 46.75 -15.73
N PHE R 140 -10.83 45.99 -14.66
CA PHE R 140 -11.50 46.22 -13.38
C PHE R 140 -10.54 45.83 -12.28
N ALA R 141 -10.26 46.77 -11.39
CA ALA R 141 -9.32 46.55 -10.30
C ALA R 141 -10.00 45.82 -9.15
N LEU R 142 -9.36 44.77 -8.65
CA LEU R 142 -9.95 43.96 -7.59
C LEU R 142 -8.92 43.55 -6.56
N GLY R 143 -8.12 44.52 -6.10
CA GLY R 143 -7.30 44.29 -4.93
C GLY R 143 -5.87 44.63 -5.18
N THR R 144 -5.00 44.04 -4.37
CA THR R 144 -3.58 44.32 -4.40
C THR R 144 -2.80 43.02 -4.45
N LEU R 145 -1.66 43.06 -5.12
CA LEU R 145 -0.83 41.87 -5.28
C LEU R 145 -0.47 41.27 -3.93
N GLY R 146 -0.40 39.95 -3.90
CA GLY R 146 -0.07 39.24 -2.67
C GLY R 146 1.29 39.59 -2.13
N ASP R 150 1.94 48.92 -4.78
CA ASP R 150 1.78 49.86 -5.89
C ASP R 150 0.86 49.26 -6.94
N ILE R 151 1.25 48.11 -7.48
CA ILE R 151 0.50 47.46 -8.55
C ILE R 151 -0.71 46.74 -7.97
N LYS R 152 -1.78 46.71 -8.74
CA LYS R 152 -3.05 46.16 -8.30
C LYS R 152 -3.55 45.11 -9.29
N LEU R 153 -4.11 44.05 -8.74
CA LEU R 153 -4.62 42.97 -9.57
C LEU R 153 -5.85 43.41 -10.34
N LYS R 154 -5.98 42.89 -11.55
CA LYS R 154 -6.99 43.32 -12.50
C LYS R 154 -7.69 42.12 -13.09
N ILE R 155 -8.90 42.37 -13.60
CA ILE R 155 -9.69 41.34 -14.25
C ILE R 155 -10.56 42.00 -15.29
N ASP R 156 -11.30 41.21 -16.04
CA ASP R 156 -12.20 41.73 -17.08
C ASP R 156 -13.59 41.76 -16.47
N GLY R 157 -14.02 42.95 -16.05
CA GLY R 157 -15.27 43.06 -15.31
C GLY R 157 -16.47 42.67 -16.14
N ASP R 158 -16.37 42.78 -17.46
CA ASP R 158 -17.50 42.53 -18.33
C ASP R 158 -18.10 41.16 -18.05
N ARG R 159 -17.25 40.15 -18.00
CA ARG R 159 -17.68 38.79 -17.74
C ARG R 159 -17.87 38.53 -16.26
N PHE R 160 -17.24 39.34 -15.41
CA PHE R 160 -17.35 39.18 -13.96
C PHE R 160 -18.75 39.54 -13.47
N PHE R 161 -19.23 40.72 -13.85
CA PHE R 161 -20.50 41.20 -13.34
C PHE R 161 -21.69 40.56 -14.02
N SER R 162 -21.62 40.36 -15.34
CA SER R 162 -22.75 39.82 -16.09
C SER R 162 -23.30 38.56 -15.44
N LYS R 163 -22.44 37.60 -15.18
CA LYS R 163 -22.83 36.37 -14.54
C LYS R 163 -22.82 36.52 -13.03
N HIS R 164 -23.22 35.47 -12.33
CA HIS R 164 -23.40 35.51 -10.90
C HIS R 164 -22.10 35.31 -10.15
N VAL R 165 -21.99 35.99 -9.00
CA VAL R 165 -20.77 36.09 -8.22
C VAL R 165 -21.05 35.65 -6.80
N ALA R 166 -20.07 35.00 -6.18
CA ALA R 166 -20.21 34.45 -4.84
C ALA R 166 -18.99 34.80 -3.99
N VAL R 167 -19.24 35.25 -2.77
CA VAL R 167 -18.20 35.62 -1.83
C VAL R 167 -18.41 34.84 -0.54
N VAL R 168 -17.43 34.03 -0.17
CA VAL R 168 -17.54 33.11 0.95
C VAL R 168 -16.31 33.22 1.83
N GLY R 169 -16.53 33.39 3.12
CA GLY R 169 -15.43 33.43 4.07
C GLY R 169 -15.97 33.26 5.47
N SER R 170 -15.12 32.70 6.35
CA SER R 170 -15.53 32.46 7.72
C SER R 170 -15.58 33.76 8.51
N THR R 171 -16.56 33.87 9.40
CA THR R 171 -16.74 35.10 10.16
C THR R 171 -15.47 35.42 10.95
N GLY R 172 -15.28 36.71 11.21
CA GLY R 172 -14.02 37.18 11.74
C GLY R 172 -12.95 37.37 10.70
N SER R 173 -13.29 37.23 9.42
CA SER R 173 -12.34 37.36 8.33
C SER R 173 -12.46 38.69 7.58
N GLY R 174 -13.37 39.56 8.00
CA GLY R 174 -13.49 40.87 7.38
C GLY R 174 -14.12 40.87 6.00
N LYS R 175 -15.10 40.00 5.76
CA LYS R 175 -15.69 39.92 4.43
C LYS R 175 -16.65 41.07 4.17
N SER R 176 -17.30 41.60 5.20
CA SER R 176 -18.18 42.74 5.01
C SER R 176 -17.42 43.92 4.41
N CYS R 177 -16.21 44.17 4.92
CA CYS R 177 -15.37 45.22 4.37
C CYS R 177 -14.99 44.93 2.91
N ALA R 178 -14.83 43.66 2.56
CA ALA R 178 -14.50 43.31 1.19
C ALA R 178 -15.64 43.63 0.25
N VAL R 179 -16.87 43.28 0.66
CA VAL R 179 -18.03 43.65 -0.14
C VAL R 179 -18.12 45.16 -0.27
N ALA R 180 -17.84 45.86 0.83
CA ALA R 180 -17.85 47.30 0.81
C ALA R 180 -16.90 47.83 -0.27
N LYS R 181 -15.68 47.32 -0.28
CA LYS R 181 -14.69 47.80 -1.23
C LYS R 181 -15.09 47.49 -2.66
N ILE R 182 -15.61 46.29 -2.91
CA ILE R 182 -16.01 45.94 -4.26
C ILE R 182 -17.05 46.92 -4.78
N LEU R 183 -18.13 47.09 -4.02
CA LEU R 183 -19.18 48.00 -4.49
C LEU R 183 -18.67 49.43 -4.56
N GLN R 184 -17.83 49.82 -3.60
CA GLN R 184 -17.25 51.16 -3.57
C GLN R 184 -16.54 51.47 -4.87
N THR R 185 -15.63 50.59 -5.30
CA THR R 185 -14.93 50.82 -6.56
C THR R 185 -15.87 50.68 -7.75
N ALA R 186 -16.92 49.87 -7.62
CA ALA R 186 -17.81 49.65 -8.75
C ALA R 186 -18.60 50.90 -9.08
N VAL R 187 -19.14 51.58 -8.07
CA VAL R 187 -20.00 52.72 -8.32
C VAL R 187 -19.23 53.98 -8.66
N GLY R 188 -17.90 53.95 -8.54
CA GLY R 188 -17.07 55.06 -8.96
C GLY R 188 -16.53 55.92 -7.85
N ILE R 189 -16.71 55.54 -6.60
CA ILE R 189 -16.23 56.34 -5.48
C ILE R 189 -14.75 56.06 -5.27
N GLU R 190 -14.01 57.09 -4.91
CA GLU R 190 -12.61 56.94 -4.53
C GLU R 190 -12.13 58.17 -3.76
N ASN R 202 -23.41 54.62 -14.43
CA ASN R 202 -24.76 54.08 -14.55
C ASN R 202 -24.83 52.68 -13.96
N SER R 203 -24.88 52.60 -12.63
CA SER R 203 -24.90 51.32 -11.94
C SER R 203 -26.02 51.32 -10.92
N HIS R 204 -26.97 50.40 -11.09
CA HIS R 204 -28.12 50.27 -10.21
C HIS R 204 -27.90 49.08 -9.28
N ILE R 205 -27.93 49.34 -7.98
CA ILE R 205 -27.68 48.33 -6.96
C ILE R 205 -28.78 48.38 -5.92
N VAL R 206 -29.09 47.22 -5.36
CA VAL R 206 -30.02 47.13 -4.25
C VAL R 206 -29.46 46.19 -3.20
N ILE R 207 -28.96 46.75 -2.12
CA ILE R 207 -28.41 45.97 -1.01
C ILE R 207 -29.53 45.48 -0.11
N PHE R 208 -29.38 44.27 0.41
CA PHE R 208 -30.28 43.71 1.41
C PHE R 208 -29.49 43.55 2.71
N ASP R 209 -29.69 44.49 3.64
CA ASP R 209 -28.92 44.55 4.87
C ASP R 209 -29.77 44.10 6.05
N ILE R 210 -29.19 43.26 6.89
CA ILE R 210 -29.89 42.72 8.06
C ILE R 210 -29.45 43.46 9.31
N HIS R 211 -28.19 43.88 9.33
CA HIS R 211 -27.62 44.57 10.48
C HIS R 211 -27.47 46.07 10.29
N ALA R 212 -27.80 46.58 9.10
CA ALA R 212 -27.80 48.02 8.83
C ALA R 212 -26.40 48.62 9.05
N GLU R 213 -25.43 48.04 8.35
CA GLU R 213 -24.03 48.42 8.51
C GLU R 213 -23.48 49.21 7.34
N TYR R 214 -24.19 49.30 6.23
CA TYR R 214 -23.64 49.85 5.00
C TYR R 214 -23.88 51.34 4.85
N ALA R 215 -24.52 51.98 5.82
CA ALA R 215 -24.81 53.40 5.69
C ALA R 215 -23.54 54.23 5.64
N ALA R 216 -22.51 53.80 6.38
CA ALA R 216 -21.29 54.59 6.45
C ALA R 216 -20.49 54.50 5.16
N ALA R 217 -20.55 53.36 4.47
CA ALA R 217 -19.69 53.14 3.33
C ALA R 217 -19.93 54.18 2.23
N PHE R 218 -21.19 54.49 1.95
CA PHE R 218 -21.55 55.38 0.87
C PHE R 218 -21.87 56.79 1.36
N ASN R 219 -21.48 57.12 2.59
CA ASN R 219 -21.70 58.45 3.16
C ASN R 219 -20.53 59.34 2.80
N LEU R 220 -20.63 59.99 1.65
CA LEU R 220 -19.58 60.84 1.12
C LEU R 220 -19.84 62.29 1.45
N GLU R 221 -18.89 63.15 1.09
CA GLU R 221 -18.97 64.56 1.38
C GLU R 221 -20.17 65.17 0.67
N ALA R 222 -20.59 66.34 1.15
CA ALA R 222 -21.69 67.05 0.50
C ALA R 222 -21.22 67.70 -0.80
N GLY R 223 -19.94 68.04 -0.88
CA GLY R 223 -19.42 68.73 -2.05
C GLY R 223 -19.62 67.95 -3.34
N GLU R 224 -19.15 66.70 -3.37
CA GLU R 224 -19.34 65.86 -4.54
C GLU R 224 -20.81 65.51 -4.74
N ALA R 225 -21.54 65.29 -3.65
CA ALA R 225 -23.00 65.22 -3.68
C ALA R 225 -23.50 64.01 -4.46
N PHE R 226 -23.01 62.84 -4.08
CA PHE R 226 -23.54 61.60 -4.65
C PHE R 226 -24.92 61.31 -4.08
N THR R 227 -25.71 60.55 -4.86
CA THR R 227 -27.12 60.32 -4.57
C THR R 227 -27.25 58.98 -3.86
N LEU R 228 -28.01 58.97 -2.76
CA LEU R 228 -28.50 57.72 -2.19
C LEU R 228 -29.89 57.93 -1.64
N ASN R 229 -30.82 57.07 -2.04
CA ASN R 229 -32.18 57.10 -1.52
C ASN R 229 -32.29 56.04 -0.43
N LEU R 230 -31.81 56.40 0.76
CA LEU R 230 -31.80 55.48 1.88
C LEU R 230 -33.23 55.34 2.39
N LEU R 231 -34.00 54.53 1.69
CA LEU R 231 -35.36 54.26 2.10
C LEU R 231 -35.37 53.42 3.38
N GLY R 232 -36.08 53.92 4.40
CA GLY R 232 -36.17 53.24 5.68
C GLY R 232 -37.60 53.26 6.19
N VAL R 233 -37.80 52.65 7.35
CA VAL R 233 -39.14 52.36 7.85
C VAL R 233 -40.03 53.60 7.79
N ASP R 234 -39.44 54.78 7.96
CA ASP R 234 -40.23 56.00 7.94
C ASP R 234 -40.84 56.26 6.57
N ASN R 235 -40.21 55.77 5.50
CA ASN R 235 -40.61 56.13 4.14
C ASN R 235 -40.76 54.92 3.22
N LEU R 236 -40.93 53.73 3.77
CA LEU R 236 -41.11 52.53 2.94
C LEU R 236 -42.58 52.49 2.52
N ARG R 237 -42.87 53.07 1.36
CA ARG R 237 -44.23 53.11 0.84
C ARG R 237 -44.37 52.06 -0.25
N LEU R 238 -44.46 50.80 0.19
CA LEU R 238 -44.79 49.70 -0.72
C LEU R 238 -46.16 49.18 -0.33
N PRO R 239 -47.22 49.54 -1.03
CA PRO R 239 -48.56 49.17 -0.59
C PRO R 239 -48.68 47.67 -0.40
N TYR R 240 -49.54 47.29 0.54
CA TYR R 240 -49.74 45.88 0.83
C TYR R 240 -50.38 45.17 -0.34
N TRP R 241 -51.27 45.85 -1.05
CA TRP R 241 -52.11 45.19 -2.05
C TRP R 241 -51.34 44.65 -3.24
N LEU R 242 -50.10 45.12 -3.46
CA LEU R 242 -49.37 44.63 -4.62
C LEU R 242 -49.09 43.14 -4.49
N MET R 243 -49.17 42.62 -3.28
CA MET R 243 -48.86 41.22 -3.05
C MET R 243 -49.76 40.32 -3.88
N ASN R 244 -49.16 39.28 -4.44
CA ASN R 244 -49.92 38.33 -5.23
C ASN R 244 -50.85 37.53 -4.34
N ALA R 245 -51.70 36.74 -4.97
CA ALA R 245 -52.78 36.06 -4.26
C ALA R 245 -52.26 35.28 -3.06
N GLN R 246 -51.35 34.34 -3.30
CA GLN R 246 -50.97 33.39 -2.26
C GLN R 246 -50.33 34.08 -1.06
N GLU R 247 -49.42 35.01 -1.30
CA GLU R 247 -48.68 35.58 -0.18
C GLU R 247 -49.52 36.58 0.61
N LEU R 248 -50.28 37.42 -0.08
CA LEU R 248 -51.20 38.30 0.64
C LEU R 248 -52.20 37.46 1.42
N GLU R 249 -52.64 36.35 0.83
CA GLU R 249 -53.56 35.47 1.53
C GLU R 249 -52.93 35.01 2.82
N GLN R 250 -51.64 34.69 2.78
CA GLN R 250 -51.05 34.05 3.94
C GLN R 250 -50.76 35.07 5.02
N ILE R 251 -50.43 36.31 4.64
CA ILE R 251 -50.25 37.34 5.65
C ILE R 251 -51.57 37.62 6.34
N PHE R 252 -52.63 37.82 5.57
CA PHE R 252 -53.88 38.21 6.21
C PHE R 252 -54.50 37.04 6.95
N ILE R 253 -54.37 35.83 6.44
CA ILE R 253 -55.00 34.64 7.01
C ILE R 253 -53.92 33.64 7.40
N GLU R 254 -53.96 33.23 8.67
CA GLU R 254 -53.19 32.10 9.17
C GLU R 254 -53.94 30.80 8.94
N SER R 255 -53.22 29.69 9.07
CA SER R 255 -53.74 28.37 8.73
C SER R 255 -54.18 27.56 9.94
N ASN R 256 -54.18 28.15 11.14
CA ASN R 256 -54.65 27.41 12.31
C ASN R 256 -56.12 26.98 12.18
N GLU R 257 -56.89 27.68 11.35
CA GLU R 257 -58.32 27.38 11.13
C GLU R 257 -58.50 26.02 10.47
N HIS R 258 -59.70 25.48 10.69
CA HIS R 258 -60.08 24.19 10.14
C HIS R 258 -61.08 24.29 9.00
N ASN R 259 -61.86 25.36 8.93
CA ASN R 259 -62.85 25.56 7.88
C ASN R 259 -62.46 26.73 6.97
N SER R 260 -61.16 26.84 6.65
CA SER R 260 -60.72 27.80 5.64
C SER R 260 -61.57 27.69 4.38
N HIS R 261 -62.10 26.49 4.12
CA HIS R 261 -63.02 26.17 3.03
C HIS R 261 -63.94 27.34 2.76
N ASN R 262 -64.50 27.90 3.82
CA ASN R 262 -65.39 29.06 3.75
C ASN R 262 -64.63 30.35 3.96
N GLN R 263 -63.62 30.33 4.82
CA GLN R 263 -63.02 31.57 5.33
C GLN R 263 -62.25 32.30 4.24
N ILE R 264 -61.27 31.64 3.62
CA ILE R 264 -60.46 32.39 2.66
C ILE R 264 -61.25 32.60 1.37
N SER R 265 -62.19 31.72 1.05
CA SER R 265 -63.15 32.02 0.00
C SER R 265 -63.87 33.33 0.30
N GLN R 266 -64.39 33.46 1.52
CA GLN R 266 -65.04 34.69 1.94
C GLN R 266 -64.13 35.90 1.75
N PHE R 267 -62.86 35.75 2.11
CA PHE R 267 -61.97 36.92 2.08
C PHE R 267 -61.69 37.32 0.63
N ARG R 268 -61.30 36.34 -0.19
CA ARG R 268 -61.13 36.58 -1.62
C ARG R 268 -62.37 37.19 -2.26
N HIS R 269 -63.54 36.62 -1.96
CA HIS R 269 -64.78 37.12 -2.54
C HIS R 269 -65.08 38.55 -2.08
N ALA R 270 -64.80 38.84 -0.81
CA ALA R 270 -65.08 40.16 -0.25
C ALA R 270 -64.20 41.21 -0.89
N VAL R 271 -62.89 40.94 -0.94
CA VAL R 271 -62.00 41.92 -1.58
C VAL R 271 -62.36 42.04 -3.05
N VAL R 272 -62.82 40.95 -3.67
CA VAL R 272 -63.30 41.01 -5.05
C VAL R 272 -64.37 42.08 -5.17
N ARG R 273 -65.44 41.94 -4.41
CA ARG R 273 -66.53 42.91 -4.52
C ARG R 273 -66.04 44.31 -4.20
N ASN R 274 -65.13 44.44 -3.23
CA ASN R 274 -64.62 45.76 -2.89
C ASN R 274 -63.97 46.39 -4.12
N LYS R 275 -63.20 45.61 -4.87
CA LYS R 275 -62.57 46.12 -6.07
C LYS R 275 -63.59 46.33 -7.19
N CYS R 276 -64.61 45.47 -7.22
CA CYS R 276 -65.66 45.60 -8.22
C CYS R 276 -66.33 46.96 -8.16
N LYS R 277 -66.70 47.40 -6.95
CA LYS R 277 -67.37 48.70 -6.88
C LYS R 277 -66.40 49.87 -6.73
N HIS R 278 -65.28 49.69 -6.03
CA HIS R 278 -64.28 50.74 -5.97
C HIS R 278 -63.78 51.14 -7.34
N ASN R 279 -63.95 50.27 -8.34
CA ASN R 279 -63.42 50.45 -9.68
C ASN R 279 -64.59 50.46 -10.64
N PRO R 280 -65.21 51.62 -10.87
CA PRO R 280 -66.41 51.63 -11.73
C PRO R 280 -66.06 51.51 -13.20
N THR R 281 -65.04 52.24 -13.65
CA THR R 281 -64.66 52.16 -15.06
C THR R 281 -64.14 50.77 -15.40
N LEU R 282 -63.56 50.07 -14.43
CA LEU R 282 -63.05 48.72 -14.65
C LEU R 282 -64.19 47.75 -14.92
N THR R 283 -63.82 46.60 -15.49
CA THR R 283 -64.73 45.47 -15.60
C THR R 283 -63.91 44.20 -15.63
N ASN R 284 -64.58 43.07 -15.38
CA ASN R 284 -63.93 41.77 -15.27
C ASN R 284 -62.85 41.80 -14.19
N LEU R 285 -63.20 42.35 -13.03
CA LEU R 285 -62.25 42.44 -11.93
C LEU R 285 -61.88 41.03 -11.45
N SER R 286 -60.75 40.95 -10.76
CA SER R 286 -60.29 39.68 -10.21
C SER R 286 -59.42 39.95 -8.98
N PHE R 287 -59.18 38.88 -8.22
CA PHE R 287 -58.38 39.01 -7.00
C PHE R 287 -56.92 39.32 -7.31
N ASP R 288 -56.38 38.69 -8.35
CA ASP R 288 -54.99 38.91 -8.70
C ASP R 288 -54.74 40.35 -9.15
N THR R 289 -55.43 40.79 -10.18
CA THR R 289 -55.13 42.04 -10.84
C THR R 289 -55.12 43.20 -9.83
N PRO R 290 -54.01 43.94 -9.71
CA PRO R 290 -53.87 44.93 -8.63
C PRO R 290 -54.45 46.30 -8.95
N VAL R 291 -55.24 46.87 -8.03
CA VAL R 291 -55.71 48.24 -8.15
C VAL R 291 -55.88 48.83 -6.76
N TYR R 292 -55.81 50.17 -6.66
CA TYR R 292 -55.80 50.82 -5.36
C TYR R 292 -57.06 50.47 -4.60
N PHE R 293 -56.90 50.27 -3.29
CA PHE R 293 -57.93 49.96 -2.31
C PHE R 293 -57.33 49.75 -0.91
N SER R 294 -58.20 49.88 0.09
CA SER R 294 -57.94 49.61 1.49
C SER R 294 -58.97 48.61 2.01
N ILE R 295 -58.50 47.60 2.72
CA ILE R 295 -59.40 46.53 3.18
C ILE R 295 -60.24 46.89 4.40
N ASP R 296 -59.92 47.98 5.11
CA ASP R 296 -60.83 48.45 6.16
C ASP R 296 -62.25 48.59 5.64
N GLU R 297 -62.42 48.82 4.35
CA GLU R 297 -63.73 48.69 3.73
C GLU R 297 -64.29 47.30 3.95
N VAL R 298 -63.46 46.27 3.81
CA VAL R 298 -63.94 44.90 3.76
C VAL R 298 -64.09 44.31 5.16
N VAL R 299 -63.30 44.78 6.13
CA VAL R 299 -63.18 44.08 7.40
C VAL R 299 -64.54 44.01 8.10
N THR R 300 -65.27 45.13 8.12
CA THR R 300 -66.51 45.20 8.86
C THR R 300 -67.70 44.59 8.13
N TYR R 301 -67.58 44.33 6.82
CA TYR R 301 -68.54 43.45 6.16
C TYR R 301 -68.60 42.11 6.88
N LEU R 302 -67.45 41.68 7.43
CA LEU R 302 -67.40 40.45 8.21
C LEU R 302 -68.42 40.49 9.34
N GLU R 303 -68.40 41.54 10.16
CA GLU R 303 -69.32 41.59 11.28
C GLU R 303 -70.75 41.92 10.83
N ASN R 304 -70.89 42.67 9.75
CA ASN R 304 -72.20 42.86 9.12
C ASN R 304 -72.87 41.52 8.87
N MET R 305 -72.13 40.59 8.27
CA MET R 305 -72.69 39.28 7.98
C MET R 305 -72.72 38.38 9.21
N ASN R 306 -71.85 38.62 10.19
CA ASN R 306 -72.05 38.01 11.50
C ASN R 306 -73.45 38.30 12.01
N ASN R 307 -73.88 39.55 11.88
CA ASN R 307 -75.23 39.96 12.26
C ASN R 307 -76.32 39.47 11.30
N GLU R 308 -75.94 38.79 10.22
CA GLU R 308 -76.89 38.28 9.25
C GLU R 308 -78.06 37.58 9.94
N VAL R 309 -79.27 37.75 9.41
CA VAL R 309 -80.45 37.06 9.91
C VAL R 309 -81.32 36.65 8.73
N ILE R 310 -82.16 35.65 8.94
CA ILE R 310 -83.05 35.12 7.91
C ILE R 310 -84.47 35.21 8.44
N GLY R 311 -85.36 35.80 7.64
CA GLY R 311 -86.76 35.86 7.99
C GLY R 311 -87.46 34.55 7.67
N LYS R 312 -88.30 34.10 8.61
CA LYS R 312 -89.01 32.85 8.47
C LYS R 312 -90.40 33.01 7.85
N LEU R 313 -90.92 34.23 7.80
CA LEU R 313 -92.24 34.43 7.20
C LEU R 313 -92.18 34.26 5.70
N ALA R 314 -93.30 33.86 5.11
CA ALA R 314 -93.37 33.64 3.68
C ALA R 314 -93.07 34.95 2.94
N GLY R 315 -92.10 34.89 2.03
CA GLY R 315 -91.65 36.08 1.35
C GLY R 315 -90.76 36.99 2.17
N GLU R 316 -90.23 36.50 3.30
CA GLU R 316 -89.33 37.27 4.15
C GLU R 316 -87.91 36.72 4.10
N GLY R 317 -87.54 36.08 3.00
CA GLY R 317 -86.18 35.64 2.81
C GLY R 317 -85.32 36.81 2.35
N LYS R 318 -85.03 37.73 3.25
CA LYS R 318 -84.43 39.00 2.88
C LYS R 318 -83.39 39.40 3.91
N PRO R 319 -82.50 40.32 3.56
CA PRO R 319 -81.75 41.05 4.60
C PRO R 319 -82.63 42.14 5.19
N LYS R 320 -82.76 42.13 6.52
CA LYS R 320 -83.63 43.07 7.22
C LYS R 320 -82.81 43.79 8.28
N LEU R 321 -83.00 45.10 8.37
CA LEU R 321 -82.25 45.96 9.25
C LEU R 321 -83.15 46.51 10.36
N ALA R 322 -82.74 47.63 10.97
CA ALA R 322 -83.35 48.12 12.20
C ALA R 322 -84.87 48.16 12.12
N ASN R 323 -85.40 49.01 11.25
CA ASN R 323 -86.85 49.12 11.04
C ASN R 323 -87.27 48.46 9.73
N GLU R 324 -86.51 47.46 9.28
CA GLU R 324 -86.91 46.58 8.19
C GLU R 324 -86.82 47.27 6.84
N THR R 325 -85.85 48.16 6.65
CA THR R 325 -85.58 48.72 5.33
C THR R 325 -84.87 47.70 4.47
N LEU R 326 -85.30 47.59 3.21
CA LEU R 326 -84.82 46.57 2.30
C LEU R 326 -83.93 47.17 1.22
N VAL R 327 -82.82 46.50 0.94
CA VAL R 327 -81.91 46.88 -0.13
C VAL R 327 -81.69 45.68 -1.04
N SER R 328 -81.61 45.93 -2.35
CA SER R 328 -81.55 44.84 -3.32
C SER R 328 -80.29 44.00 -3.14
N ASP R 329 -79.13 44.64 -3.13
CA ASP R 329 -77.85 43.95 -3.05
C ASP R 329 -77.15 44.28 -1.74
N ARG R 330 -76.21 43.40 -1.37
CA ARG R 330 -75.69 43.38 -0.01
C ARG R 330 -74.75 44.55 0.24
N ASP R 331 -73.70 44.66 -0.58
CA ASP R 331 -72.50 45.39 -0.18
C ASP R 331 -72.70 46.90 -0.18
N GLU R 332 -73.49 47.42 -1.12
CA GLU R 332 -73.40 48.84 -1.46
C GLU R 332 -73.38 49.74 -0.23
N LEU R 333 -74.27 49.48 0.74
CA LEU R 333 -74.28 50.22 2.00
C LEU R 333 -73.66 49.48 3.16
N TYR R 334 -73.58 48.15 3.11
CA TYR R 334 -72.88 47.41 4.14
C TYR R 334 -71.44 47.91 4.29
N PHE R 335 -70.76 48.15 3.17
CA PHE R 335 -69.37 48.56 3.21
C PHE R 335 -69.20 49.91 3.91
N ASP R 336 -69.93 50.92 3.44
CA ASP R 336 -69.72 52.28 3.93
C ASP R 336 -69.88 52.38 5.45
N ALA R 337 -70.87 51.68 6.01
CA ALA R 337 -71.09 51.72 7.44
C ALA R 337 -71.85 50.48 7.88
N VAL R 338 -71.51 50.00 9.08
CA VAL R 338 -72.19 48.84 9.65
C VAL R 338 -73.57 49.26 10.16
N GLN R 339 -74.53 48.34 10.09
CA GLN R 339 -75.92 48.61 10.41
C GLN R 339 -76.47 47.59 11.38
N SER R 340 -77.49 48.00 12.13
CA SER R 340 -78.07 47.17 13.18
C SER R 340 -78.98 46.09 12.59
N PHE R 341 -79.13 45.00 13.34
CA PHE R 341 -80.01 43.90 12.98
C PHE R 341 -80.98 43.67 14.12
N ILE R 342 -82.24 43.40 13.78
CA ILE R 342 -83.24 43.11 14.80
C ILE R 342 -83.13 41.64 15.19
N VAL R 343 -83.47 41.34 16.45
CA VAL R 343 -83.26 40.02 16.99
C VAL R 343 -84.24 39.03 16.38
N ALA R 344 -83.81 37.78 16.25
CA ALA R 344 -84.71 36.71 15.89
C ALA R 344 -85.70 36.45 17.03
N SER R 345 -86.88 35.98 16.67
CA SER R 345 -87.98 35.81 17.62
C SER R 345 -88.57 34.41 17.49
N GLN R 346 -88.98 33.86 18.63
CA GLN R 346 -89.74 32.61 18.62
C GLN R 346 -91.17 32.86 18.16
N ALA R 347 -91.72 34.03 18.47
CA ALA R 347 -93.09 34.35 18.11
C ALA R 347 -93.25 34.46 16.60
N ALA R 348 -94.48 34.23 16.14
CA ALA R 348 -94.76 34.29 14.71
C ALA R 348 -94.67 35.71 14.17
N ALA R 349 -94.87 36.72 15.02
CA ALA R 349 -94.89 38.09 14.56
C ALA R 349 -93.56 38.48 13.92
N THR R 350 -92.44 38.11 14.56
CA THR R 350 -91.11 38.46 14.10
C THR R 350 -90.26 37.20 13.90
N LYS R 351 -90.89 36.14 13.40
CA LYS R 351 -90.22 34.87 13.23
C LYS R 351 -88.95 35.04 12.39
N ALA R 352 -87.85 34.45 12.86
CA ALA R 352 -86.57 34.58 12.16
C ALA R 352 -85.57 33.62 12.81
N SER R 353 -84.48 33.37 12.09
CA SER R 353 -83.38 32.56 12.58
C SER R 353 -82.06 33.11 12.05
N ASN R 354 -81.03 33.11 12.90
CA ASN R 354 -79.77 33.74 12.54
C ASN R 354 -79.04 32.91 11.49
N GLY R 355 -78.10 33.57 10.79
CA GLY R 355 -77.44 32.97 9.67
C GLY R 355 -76.57 31.77 10.02
N PRO R 356 -76.27 30.93 9.02
CA PRO R 356 -75.54 29.68 9.31
C PRO R 356 -74.07 29.87 9.61
N PHE R 357 -73.34 30.52 8.70
CA PHE R 357 -71.88 30.52 8.78
C PHE R 357 -71.36 31.38 9.92
N ASN R 358 -72.13 32.35 10.40
CA ASN R 358 -71.74 33.08 11.60
C ASN R 358 -71.59 32.13 12.77
N GLY R 359 -70.67 32.47 13.68
CA GLY R 359 -70.40 31.65 14.85
C GLY R 359 -69.03 31.00 14.86
N GLU R 360 -68.42 30.79 13.70
CA GLU R 360 -67.07 30.24 13.62
C GLU R 360 -66.07 31.18 12.98
N PHE R 361 -66.45 32.41 12.67
CA PHE R 361 -65.53 33.42 12.15
C PHE R 361 -65.06 34.40 13.22
N ASP R 362 -65.36 34.15 14.49
CA ASP R 362 -65.02 35.08 15.55
C ASP R 362 -63.51 35.19 15.75
N ARG R 363 -62.83 34.05 15.88
CA ARG R 363 -61.40 34.09 16.18
C ARG R 363 -60.64 34.77 15.04
N MET R 364 -61.08 34.56 13.81
CA MET R 364 -60.58 35.34 12.69
C MET R 364 -60.63 36.82 13.00
N ILE R 365 -61.81 37.30 13.40
CA ILE R 365 -62.00 38.71 13.71
C ILE R 365 -60.99 39.16 14.75
N LEU R 366 -60.86 38.40 15.85
CA LEU R 366 -60.08 38.91 16.97
C LEU R 366 -58.60 38.96 16.63
N ARG R 367 -58.07 37.98 15.89
CA ARG R 367 -56.65 38.05 15.55
C ARG R 367 -56.37 38.99 14.39
N LEU R 368 -57.32 39.19 13.47
CA LEU R 368 -57.16 40.25 12.49
C LEU R 368 -57.05 41.60 13.16
N HIS R 369 -57.98 41.90 14.07
CA HIS R 369 -57.92 43.17 14.81
C HIS R 369 -56.69 43.23 15.70
N THR R 370 -56.23 42.08 16.19
CA THR R 370 -55.02 42.04 16.99
C THR R 370 -53.87 42.58 16.14
N ARG R 371 -53.49 41.83 15.11
CA ARG R 371 -52.26 42.20 14.40
C ARG R 371 -52.40 43.49 13.62
N LEU R 372 -53.62 43.82 13.17
CA LEU R 372 -53.83 45.15 12.59
C LEU R 372 -53.47 46.24 13.58
N ALA R 373 -53.64 45.97 14.87
CA ALA R 373 -53.36 46.99 15.87
C ALA R 373 -51.86 47.26 15.95
N ASP R 374 -51.04 46.27 15.67
CA ASP R 374 -49.61 46.43 15.80
C ASP R 374 -49.18 47.68 15.02
N PRO R 375 -48.49 48.63 15.63
CA PRO R 375 -48.14 49.85 14.91
C PRO R 375 -47.09 49.65 13.84
N ARG R 376 -46.17 48.71 14.05
CA ARG R 376 -45.00 48.62 13.21
C ARG R 376 -45.36 48.40 11.74
N LEU R 377 -46.46 47.69 11.47
CA LEU R 377 -46.83 47.39 10.10
C LEU R 377 -47.76 48.45 9.50
N GLN R 378 -48.30 49.36 10.32
CA GLN R 378 -49.41 50.21 9.90
C GLN R 378 -49.15 50.91 8.58
N PHE R 379 -47.97 51.51 8.43
CA PHE R 379 -47.74 52.30 7.24
C PHE R 379 -47.63 51.43 6.00
N LEU R 380 -47.12 50.21 6.13
CA LEU R 380 -47.23 49.27 5.02
C LEU R 380 -48.68 48.96 4.71
N PHE R 381 -49.51 48.85 5.76
CA PHE R 381 -50.95 48.75 5.56
C PHE R 381 -51.52 50.05 5.04
N TYR R 382 -50.94 51.18 5.43
CA TYR R 382 -51.45 52.51 5.08
C TYR R 382 -50.32 53.35 4.52
N PRO R 383 -50.24 53.51 3.20
CA PRO R 383 -49.20 54.37 2.62
C PRO R 383 -49.69 55.80 2.42
N LYS R 384 -48.80 56.74 2.70
CA LYS R 384 -49.14 58.14 2.48
C LYS R 384 -47.89 58.93 2.14
N LYS R 385 -48.06 60.01 1.39
CA LYS R 385 -46.97 60.88 1.00
C LYS R 385 -46.55 61.74 2.21
N GLU R 386 -45.39 62.38 2.08
CA GLU R 386 -44.91 63.30 3.11
C GLU R 386 -45.94 64.36 3.45
N ASP R 387 -46.53 64.98 2.43
CA ASP R 387 -47.45 66.08 2.67
C ASP R 387 -48.72 65.64 3.38
N GLY R 388 -49.18 64.41 3.11
CA GLY R 388 -50.41 63.92 3.67
C GLY R 388 -51.51 63.74 2.66
N GLU R 389 -51.22 63.98 1.37
CA GLU R 389 -52.21 63.81 0.31
C GLU R 389 -52.36 62.33 -0.02
N ASP R 390 -53.62 61.90 -0.18
CA ASP R 390 -53.90 60.49 -0.42
C ASP R 390 -53.61 60.14 -1.87
N LEU R 391 -53.27 58.89 -2.11
CA LEU R 391 -52.82 58.43 -3.42
C LEU R 391 -53.89 57.54 -4.06
N ALA R 392 -53.59 57.04 -5.25
CA ALA R 392 -54.54 56.22 -5.99
C ALA R 392 -53.78 55.17 -6.79
N THR R 393 -54.51 54.44 -7.63
CA THR R 393 -53.91 53.36 -8.41
C THR R 393 -52.82 53.88 -9.34
N GLY R 394 -53.00 55.08 -9.89
CA GLY R 394 -52.06 55.58 -10.87
C GLY R 394 -50.63 55.61 -10.37
N ASP R 395 -50.44 56.08 -9.13
CA ASP R 395 -49.10 56.19 -8.60
C ASP R 395 -48.38 54.86 -8.51
N PHE R 396 -49.09 53.75 -8.74
CA PHE R 396 -48.42 52.46 -8.87
C PHE R 396 -47.34 52.52 -9.94
N ALA R 397 -47.69 53.04 -11.11
CA ALA R 397 -46.71 53.19 -12.18
C ALA R 397 -45.45 53.87 -11.69
N ASP R 398 -45.53 54.64 -10.61
CA ASP R 398 -44.39 55.35 -10.06
C ASP R 398 -43.90 54.76 -8.75
N VAL R 399 -44.73 53.98 -8.06
CA VAL R 399 -44.28 53.31 -6.84
C VAL R 399 -43.07 52.43 -7.14
N VAL R 400 -42.94 51.97 -8.38
CA VAL R 400 -41.78 51.18 -8.78
C VAL R 400 -40.51 52.01 -8.74
N ARG R 401 -40.61 53.26 -9.19
CA ARG R 401 -39.41 54.06 -9.42
C ARG R 401 -38.55 54.13 -8.18
N GLN R 402 -39.16 54.14 -7.00
CA GLN R 402 -38.41 54.36 -5.78
C GLN R 402 -37.35 53.27 -5.58
N PHE R 403 -37.61 52.07 -6.09
CA PHE R 403 -36.59 51.03 -6.06
C PHE R 403 -35.53 51.25 -7.14
N VAL R 404 -35.97 51.57 -8.35
CA VAL R 404 -35.02 51.81 -9.44
C VAL R 404 -34.28 53.12 -9.25
N GLY R 405 -34.94 54.14 -8.71
CA GLY R 405 -34.29 55.40 -8.43
C GLY R 405 -34.41 56.42 -9.54
N TYR R 406 -33.79 56.14 -10.69
CA TYR R 406 -33.57 57.18 -11.68
C TYR R 406 -33.14 56.49 -12.97
N MET R 407 -33.24 57.22 -14.08
CA MET R 407 -33.02 56.60 -15.39
C MET R 407 -31.53 56.44 -15.69
N THR R 408 -30.75 57.52 -15.54
CA THR R 408 -29.36 57.56 -15.95
C THR R 408 -28.53 58.18 -14.82
N LYS R 409 -27.23 57.88 -14.83
CA LYS R 409 -26.35 58.24 -13.73
C LYS R 409 -26.90 57.64 -12.43
N SER R 410 -26.93 56.31 -12.42
CA SER R 410 -27.81 55.55 -11.55
C SER R 410 -27.57 55.85 -10.08
N ASN R 411 -28.59 55.57 -9.27
CA ASN R 411 -28.52 55.69 -7.83
C ASN R 411 -28.00 54.39 -7.24
N VAL R 412 -27.86 54.37 -5.91
CA VAL R 412 -27.52 53.16 -5.17
C VAL R 412 -28.49 53.10 -4.00
N SER R 413 -29.63 52.47 -4.20
CA SER R 413 -30.65 52.37 -3.16
C SER R 413 -30.28 51.29 -2.16
N ILE R 414 -30.56 51.56 -0.89
CA ILE R 414 -30.33 50.62 0.19
C ILE R 414 -31.65 50.30 0.87
N ILE R 415 -31.71 49.12 1.46
CA ILE R 415 -32.86 48.65 2.22
C ILE R 415 -32.39 48.29 3.61
N ASP R 416 -33.04 48.83 4.62
CA ASP R 416 -32.74 48.53 6.02
C ASP R 416 -33.83 47.61 6.56
N LEU R 417 -33.41 46.45 7.06
CA LEU R 417 -34.33 45.43 7.52
C LEU R 417 -34.22 45.15 9.02
N SER R 418 -33.41 45.92 9.74
CA SER R 418 -33.27 45.70 11.17
C SER R 418 -34.55 46.03 11.91
N GLY R 419 -35.18 47.17 11.58
CA GLY R 419 -36.39 47.56 12.25
C GLY R 419 -37.56 46.65 11.96
N ILE R 420 -37.62 46.09 10.76
CA ILE R 420 -38.76 45.29 10.34
C ILE R 420 -38.91 44.11 11.31
N PRO R 421 -40.13 43.65 11.57
CA PRO R 421 -40.26 42.38 12.29
C PRO R 421 -39.51 41.27 11.57
N PHE R 422 -38.79 40.49 12.35
CA PHE R 422 -37.85 39.53 11.80
C PHE R 422 -38.52 38.30 11.20
N GLU R 423 -39.81 38.10 11.46
CA GLU R 423 -40.44 36.85 11.06
C GLU R 423 -41.14 36.95 9.71
N VAL R 424 -41.70 38.10 9.36
CA VAL R 424 -42.46 38.26 8.11
C VAL R 424 -41.63 38.85 6.97
N LEU R 425 -40.36 39.17 7.22
CA LEU R 425 -39.58 39.78 6.15
C LEU R 425 -39.31 38.79 5.02
N SER R 426 -39.36 37.49 5.30
CA SER R 426 -39.30 36.51 4.23
C SER R 426 -40.38 36.81 3.19
N ILE R 427 -41.61 36.94 3.65
CA ILE R 427 -42.70 37.30 2.75
C ILE R 427 -42.47 38.68 2.16
N VAL R 428 -41.81 39.55 2.90
CA VAL R 428 -41.60 40.91 2.43
C VAL R 428 -40.78 40.92 1.14
N VAL R 429 -39.72 40.12 1.11
CA VAL R 429 -38.72 40.26 0.04
C VAL R 429 -39.33 39.93 -1.32
N SER R 430 -40.16 38.89 -1.37
CA SER R 430 -40.62 38.36 -2.65
C SER R 430 -41.26 39.42 -3.51
N LEU R 431 -42.04 40.31 -2.90
CA LEU R 431 -42.72 41.34 -3.68
C LEU R 431 -41.71 42.23 -4.40
N ILE R 432 -40.65 42.62 -3.69
CA ILE R 432 -39.66 43.51 -4.26
C ILE R 432 -38.94 42.82 -5.41
N SER R 433 -38.51 41.59 -5.17
CA SER R 433 -37.81 40.85 -6.20
C SER R 433 -38.67 40.70 -7.45
N ARG R 434 -39.93 40.33 -7.25
CA ARG R 434 -40.85 40.14 -8.35
C ARG R 434 -40.99 41.41 -9.17
N MET R 435 -41.16 42.55 -8.49
CA MET R 435 -41.39 43.79 -9.22
C MET R 435 -40.16 44.16 -10.06
N ILE R 436 -38.98 44.05 -9.47
CA ILE R 436 -37.79 44.45 -10.22
C ILE R 436 -37.57 43.54 -11.42
N PHE R 437 -37.83 42.24 -11.25
CA PHE R 437 -37.68 41.31 -12.35
C PHE R 437 -38.64 41.64 -13.47
N ASP R 438 -39.91 41.82 -13.12
CA ASP R 438 -40.91 42.16 -14.12
C ASP R 438 -40.55 43.42 -14.89
N PHE R 439 -40.04 44.42 -14.18
CA PHE R 439 -39.68 45.67 -14.84
C PHE R 439 -38.59 45.45 -15.87
N GLY R 440 -37.53 44.76 -15.47
CA GLY R 440 -36.48 44.46 -16.43
C GLY R 440 -37.03 43.72 -17.64
N PHE R 441 -37.89 42.72 -17.38
CA PHE R 441 -38.52 41.97 -18.45
C PHE R 441 -39.15 42.90 -19.45
N HIS R 442 -39.96 43.83 -18.95
CA HIS R 442 -40.79 44.61 -19.86
C HIS R 442 -39.98 45.67 -20.59
N TYR R 443 -38.98 46.26 -19.94
CA TYR R 443 -38.14 47.22 -20.64
C TYR R 443 -37.41 46.53 -21.77
N SER R 444 -36.77 45.39 -21.49
CA SER R 444 -36.11 44.66 -22.56
C SER R 444 -37.10 44.28 -23.64
N LYS R 445 -38.31 43.89 -23.25
CA LYS R 445 -39.29 43.44 -24.22
C LYS R 445 -39.70 44.57 -25.16
N ASN R 446 -39.79 45.79 -24.62
CA ASN R 446 -40.11 46.92 -25.48
C ASN R 446 -38.93 47.26 -26.37
N ARG R 447 -37.73 47.37 -25.81
CA ARG R 447 -36.58 47.66 -26.66
C ARG R 447 -36.27 46.55 -27.65
N HIS R 448 -36.89 45.37 -27.50
CA HIS R 448 -36.75 44.30 -28.49
C HIS R 448 -36.99 44.82 -29.90
N VAL R 449 -38.14 45.43 -30.13
CA VAL R 449 -38.45 45.92 -31.47
C VAL R 449 -37.51 47.05 -31.82
N GLY R 450 -37.02 47.77 -30.81
CA GLY R 450 -36.05 48.82 -31.06
C GLY R 450 -34.76 48.27 -31.63
N GLY R 451 -34.38 47.06 -31.23
CA GLY R 451 -33.19 46.41 -31.73
C GLY R 451 -31.98 46.54 -30.83
N ALA R 452 -32.09 47.25 -29.71
CA ALA R 452 -31.02 47.41 -28.74
C ALA R 452 -31.44 46.77 -27.43
N VAL R 453 -30.58 45.91 -26.89
CA VAL R 453 -30.91 45.23 -25.63
C VAL R 453 -30.84 46.23 -24.48
N SER R 454 -31.58 45.92 -23.42
CA SER R 454 -31.74 46.86 -22.33
C SER R 454 -30.38 47.18 -21.70
N ASP R 455 -30.18 48.45 -21.39
CA ASP R 455 -28.98 48.94 -20.72
C ASP R 455 -29.32 49.50 -19.35
N VAL R 456 -30.29 48.89 -18.69
CA VAL R 456 -30.66 49.25 -17.32
C VAL R 456 -30.40 48.04 -16.42
N PRO R 457 -29.14 47.72 -16.16
CA PRO R 457 -28.81 46.55 -15.34
C PRO R 457 -29.00 46.80 -13.85
N ILE R 458 -29.53 45.79 -13.17
CA ILE R 458 -29.82 45.84 -11.75
C ILE R 458 -29.09 44.71 -11.05
N LEU R 459 -28.25 45.07 -10.08
CA LEU R 459 -27.52 44.11 -9.26
C LEU R 459 -28.16 44.07 -7.88
N VAL R 460 -28.88 43.00 -7.61
CA VAL R 460 -29.35 42.72 -6.27
C VAL R 460 -28.25 42.07 -5.45
N VAL R 461 -28.11 42.49 -4.20
CA VAL R 461 -27.04 42.03 -3.32
C VAL R 461 -27.66 41.45 -2.06
N CYS R 462 -27.28 40.21 -1.74
CA CYS R 462 -27.82 39.48 -0.61
C CYS R 462 -26.71 39.10 0.34
N GLU R 463 -26.85 39.50 1.60
CA GLU R 463 -25.94 39.13 2.67
C GLU R 463 -26.69 38.26 3.67
N GLU R 464 -25.99 37.29 4.25
CA GLU R 464 -26.63 36.33 5.17
C GLU R 464 -27.82 35.67 4.50
N ALA R 465 -27.57 35.08 3.33
CA ALA R 465 -28.65 34.55 2.52
C ALA R 465 -29.26 33.31 3.16
N HIS R 466 -28.46 32.52 3.88
CA HIS R 466 -28.97 31.30 4.48
C HIS R 466 -30.15 31.57 5.41
N ASN R 467 -30.31 32.81 5.86
CA ASN R 467 -31.42 33.13 6.75
C ASN R 467 -32.76 33.01 6.03
N TYR R 468 -32.86 33.60 4.83
CA TYR R 468 -34.07 33.55 4.05
C TYR R 468 -33.94 32.70 2.79
N LEU R 469 -33.02 31.76 2.79
CA LEU R 469 -32.83 30.85 1.69
C LEU R 469 -32.16 29.57 2.21
N PRO R 470 -32.84 28.82 3.06
CA PRO R 470 -32.20 27.72 3.77
C PRO R 470 -32.01 26.47 2.92
N ARG R 471 -31.41 25.45 3.55
CA ARG R 471 -31.41 24.12 2.98
C ARG R 471 -32.78 23.48 3.12
N SER R 472 -33.32 23.48 4.34
CA SER R 472 -34.62 22.94 4.65
C SER R 472 -35.40 23.99 5.43
N GLY R 473 -36.55 24.39 4.92
CA GLY R 473 -37.29 25.49 5.49
C GLY R 473 -38.78 25.21 5.52
N GLY R 474 -39.46 25.91 6.41
CA GLY R 474 -40.89 25.78 6.50
C GLY R 474 -41.59 26.35 5.29
N ALA R 475 -42.86 25.95 5.13
CA ALA R 475 -43.63 26.38 3.97
C ALA R 475 -43.53 27.88 3.76
N ALA R 476 -43.49 28.65 4.84
CA ALA R 476 -43.43 30.10 4.72
C ALA R 476 -42.25 30.51 3.85
N TYR R 477 -41.07 29.97 4.15
CA TYR R 477 -39.90 30.28 3.34
C TYR R 477 -40.13 29.91 1.88
N ASP R 478 -40.76 28.76 1.64
CA ASP R 478 -41.01 28.30 0.28
C ASP R 478 -41.84 29.31 -0.51
N ALA R 479 -42.46 30.28 0.16
CA ALA R 479 -43.25 31.28 -0.53
C ALA R 479 -42.37 32.34 -1.17
N SER R 480 -41.23 32.66 -0.57
CA SER R 480 -40.35 33.69 -1.07
C SER R 480 -38.99 33.18 -1.51
N ARG R 481 -38.61 31.96 -1.16
CA ARG R 481 -37.35 31.37 -1.62
C ARG R 481 -37.49 30.66 -2.95
N LYS R 482 -38.55 30.95 -3.69
CA LYS R 482 -38.71 30.57 -5.08
C LYS R 482 -38.72 31.79 -5.98
N SER R 483 -39.49 32.81 -5.63
CA SER R 483 -39.54 34.02 -6.42
C SER R 483 -38.15 34.57 -6.68
N ILE R 484 -37.21 34.29 -5.78
CA ILE R 484 -35.85 34.77 -5.96
C ILE R 484 -35.05 33.87 -6.89
N GLU R 485 -35.18 32.55 -6.72
CA GLU R 485 -34.31 31.67 -7.49
C GLU R 485 -34.61 31.76 -8.97
N ARG R 486 -35.84 32.08 -9.32
CA ARG R 486 -36.17 32.36 -10.71
C ARG R 486 -35.18 33.34 -11.30
N ILE R 487 -34.95 34.44 -10.60
CA ILE R 487 -34.09 35.50 -11.09
C ILE R 487 -32.71 34.95 -11.44
N ALA R 488 -32.29 33.91 -10.75
CA ALA R 488 -30.98 33.33 -11.01
C ALA R 488 -30.96 32.58 -12.32
N LYS R 489 -31.97 31.76 -12.56
CA LYS R 489 -31.91 30.80 -13.65
C LYS R 489 -32.05 31.49 -15.00
N GLU R 490 -32.99 32.40 -15.12
CA GLU R 490 -33.31 33.03 -16.38
C GLU R 490 -32.95 34.50 -16.44
N GLY R 491 -32.49 35.06 -15.33
CA GLY R 491 -32.41 36.51 -15.24
C GLY R 491 -31.36 37.12 -16.12
N ARG R 492 -30.27 36.40 -16.36
CA ARG R 492 -29.13 37.00 -17.05
C ARG R 492 -29.54 37.56 -18.40
N LYS R 493 -30.51 36.93 -19.04
CA LYS R 493 -30.93 37.37 -20.36
C LYS R 493 -31.60 38.72 -20.31
N TYR R 494 -32.34 38.99 -19.24
CA TYR R 494 -33.14 40.19 -19.12
C TYR R 494 -32.47 41.28 -18.31
N GLY R 495 -31.23 41.08 -17.91
CA GLY R 495 -30.43 42.15 -17.36
C GLY R 495 -30.50 42.34 -15.87
N VAL R 496 -30.79 41.30 -15.10
CA VAL R 496 -30.89 41.40 -13.66
C VAL R 496 -30.05 40.30 -13.04
N THR R 497 -29.13 40.69 -12.15
CA THR R 497 -28.15 39.77 -11.62
C THR R 497 -28.17 39.76 -10.10
N LEU R 498 -27.61 38.70 -9.54
CA LEU R 498 -27.59 38.44 -8.12
C LEU R 498 -26.17 38.33 -7.62
N MET R 499 -25.97 38.77 -6.37
CA MET R 499 -24.71 38.60 -5.65
C MET R 499 -25.00 38.02 -4.28
N VAL R 500 -24.17 37.07 -3.87
CA VAL R 500 -24.36 36.33 -2.63
C VAL R 500 -23.12 36.48 -1.76
N VAL R 501 -23.34 36.78 -0.48
CA VAL R 501 -22.27 36.81 0.51
C VAL R 501 -22.68 35.92 1.66
N SER R 502 -21.77 35.05 2.10
CA SER R 502 -22.09 34.07 3.11
C SER R 502 -20.96 33.93 4.12
N GLN R 503 -21.34 33.50 5.31
CA GLN R 503 -20.43 33.05 6.34
C GLN R 503 -20.38 31.54 6.44
N ARG R 504 -21.33 30.83 5.82
CA ARG R 504 -21.40 29.38 5.89
C ARG R 504 -22.13 28.89 4.65
N PRO R 505 -21.38 28.45 3.63
CA PRO R 505 -22.03 28.14 2.33
C PRO R 505 -22.97 26.96 2.36
N SER R 506 -22.66 25.92 3.14
CA SER R 506 -23.46 24.70 3.11
C SER R 506 -24.87 24.88 3.68
N GLU R 507 -25.26 26.10 4.05
CA GLU R 507 -26.56 26.35 4.66
C GLU R 507 -27.59 26.89 3.68
N VAL R 508 -27.19 27.29 2.48
CA VAL R 508 -28.13 27.71 1.46
C VAL R 508 -28.30 26.57 0.48
N SER R 509 -29.46 26.53 -0.17
CA SER R 509 -29.73 25.52 -1.18
C SER R 509 -28.67 25.54 -2.26
N GLU R 510 -28.12 24.36 -2.56
CA GLU R 510 -27.03 24.27 -3.52
C GLU R 510 -27.47 24.74 -4.90
N THR R 511 -28.77 24.69 -5.19
CA THR R 511 -29.26 25.15 -6.48
C THR R 511 -28.85 26.59 -6.75
N ILE R 512 -28.78 27.41 -5.70
CA ILE R 512 -28.43 28.81 -5.88
C ILE R 512 -26.95 28.96 -6.16
N PHE R 513 -26.11 28.20 -5.45
CA PHE R 513 -24.68 28.31 -5.67
C PHE R 513 -24.28 27.78 -7.04
N SER R 514 -24.93 26.70 -7.48
CA SER R 514 -24.50 26.03 -8.70
C SER R 514 -24.43 26.96 -9.89
N GLN R 515 -25.19 28.05 -9.86
CA GLN R 515 -25.31 28.92 -11.02
C GLN R 515 -24.20 29.95 -11.13
N CYS R 516 -23.45 30.19 -10.06
CA CYS R 516 -22.46 31.24 -10.05
C CYS R 516 -21.23 30.82 -10.83
N SER R 517 -20.61 31.80 -11.48
CA SER R 517 -19.51 31.54 -12.40
C SER R 517 -18.14 31.91 -11.83
N ASN R 518 -18.07 32.90 -10.97
CA ASN R 518 -16.83 33.36 -10.38
C ASN R 518 -16.89 33.19 -8.87
N PHE R 519 -15.74 32.95 -8.26
CA PHE R 519 -15.69 32.65 -6.84
C PHE R 519 -14.49 33.31 -6.19
N ILE R 520 -14.72 33.76 -4.96
CA ILE R 520 -13.73 34.42 -4.14
C ILE R 520 -13.76 33.76 -2.77
N SER R 521 -12.59 33.56 -2.18
CA SER R 521 -12.53 32.84 -0.93
C SER R 521 -11.58 33.51 0.02
N LEU R 522 -11.87 33.37 1.31
CA LEU R 522 -11.05 33.77 2.44
C LEU R 522 -10.76 32.55 3.33
N ARG R 523 -10.17 32.80 4.48
CA ARG R 523 -9.78 31.72 5.37
C ARG R 523 -10.97 30.84 5.75
N LEU R 524 -10.73 29.53 5.74
CA LEU R 524 -11.72 28.53 6.14
C LEU R 524 -11.04 27.50 7.02
N THR R 525 -11.60 27.26 8.20
CA THR R 525 -11.07 26.26 9.13
C THR R 525 -11.99 25.06 9.28
N ASN R 526 -13.29 25.30 9.45
CA ASN R 526 -14.26 24.20 9.54
C ASN R 526 -14.19 23.33 8.29
N ALA R 527 -14.53 22.06 8.46
CA ALA R 527 -14.35 21.05 7.42
C ALA R 527 -15.59 20.80 6.57
N VAL R 528 -16.77 20.69 7.20
CA VAL R 528 -17.97 20.32 6.46
C VAL R 528 -18.32 21.40 5.45
N ASP R 529 -17.95 22.65 5.73
CA ASP R 529 -18.04 23.70 4.72
C ASP R 529 -16.83 23.70 3.79
N GLN R 530 -15.66 23.31 4.32
CA GLN R 530 -14.43 23.32 3.53
C GLN R 530 -14.56 22.45 2.29
N THR R 531 -14.79 21.15 2.51
CA THR R 531 -14.76 20.23 1.38
C THR R 531 -15.84 20.59 0.36
N TYR R 532 -17.00 21.04 0.81
CA TYR R 532 -18.05 21.39 -0.14
C TYR R 532 -17.65 22.62 -0.94
N VAL R 533 -17.09 23.63 -0.27
CA VAL R 533 -16.56 24.78 -0.99
C VAL R 533 -15.59 24.33 -2.07
N LYS R 534 -14.66 23.45 -1.71
CA LYS R 534 -13.66 23.02 -2.68
C LYS R 534 -14.31 22.25 -3.82
N SER R 535 -15.45 21.62 -3.54
CA SER R 535 -16.08 20.76 -4.53
C SER R 535 -16.56 21.57 -5.72
N LEU R 536 -17.09 22.77 -5.47
CA LEU R 536 -17.79 23.50 -6.49
C LEU R 536 -16.83 24.20 -7.44
N LEU R 537 -15.88 24.92 -6.90
CA LEU R 537 -15.04 25.82 -7.68
C LEU R 537 -14.31 25.04 -8.78
N PRO R 538 -14.44 25.43 -10.04
CA PRO R 538 -14.06 24.52 -11.13
C PRO R 538 -12.55 24.35 -11.29
N ASP R 539 -11.81 25.45 -11.29
CA ASP R 539 -10.42 25.41 -11.71
C ASP R 539 -9.46 25.04 -10.57
N LEU R 540 -9.68 25.56 -9.36
CA LEU R 540 -8.72 25.35 -8.29
C LEU R 540 -8.45 23.86 -8.12
N SER R 541 -7.23 23.55 -7.71
CA SER R 541 -6.75 22.18 -7.64
C SER R 541 -6.48 21.81 -6.18
N ALA R 542 -6.08 20.55 -5.98
CA ALA R 542 -5.75 20.08 -4.64
C ALA R 542 -4.59 20.86 -4.04
N GLY R 543 -3.58 21.18 -4.85
CA GLY R 543 -2.40 21.84 -4.32
C GLY R 543 -2.70 23.19 -3.71
N LEU R 544 -3.35 24.06 -4.49
CA LEU R 544 -3.67 25.40 -3.98
C LEU R 544 -4.79 25.36 -2.97
N GLY R 545 -5.72 24.41 -3.10
CA GLY R 545 -6.75 24.25 -2.08
C GLY R 545 -6.18 23.87 -0.73
N ASP R 546 -5.08 23.13 -0.73
CA ASP R 546 -4.44 22.77 0.54
C ASP R 546 -4.08 23.99 1.35
N LEU R 547 -3.80 25.12 0.69
CA LEU R 547 -3.36 26.32 1.39
C LEU R 547 -4.52 27.10 2.02
N LEU R 548 -5.76 26.78 1.68
CA LEU R 548 -6.89 27.58 2.15
C LEU R 548 -6.90 27.75 3.67
N PRO R 549 -6.80 26.71 4.48
CA PRO R 549 -6.95 26.89 5.92
C PRO R 549 -5.90 27.79 6.54
N ASN R 550 -4.70 27.87 5.97
CA ASN R 550 -3.59 28.61 6.57
C ASN R 550 -3.50 30.05 6.11
N LEU R 551 -4.52 30.56 5.41
CA LEU R 551 -4.47 31.95 4.95
C LEU R 551 -4.51 32.92 6.13
N ALA R 552 -3.90 34.08 5.93
CA ALA R 552 -3.95 35.16 6.90
C ALA R 552 -5.19 36.02 6.68
N GLN R 553 -5.44 36.92 7.63
CA GLN R 553 -6.58 37.82 7.53
C GLN R 553 -6.43 38.73 6.31
N GLY R 554 -7.55 39.00 5.65
CA GLY R 554 -7.54 39.80 4.45
C GLY R 554 -6.80 39.17 3.28
N GLU R 555 -6.75 37.84 3.25
CA GLU R 555 -6.14 37.11 2.15
C GLU R 555 -7.24 36.41 1.38
N PHE R 556 -7.18 36.44 0.06
CA PHE R 556 -8.24 35.87 -0.75
C PHE R 556 -7.65 35.15 -1.95
N LEU R 557 -8.39 34.16 -2.44
CA LEU R 557 -8.09 33.52 -3.71
C LEU R 557 -9.27 33.68 -4.66
N ILE R 558 -8.99 34.24 -5.83
CA ILE R 558 -9.97 34.46 -6.89
C ILE R 558 -9.80 33.39 -7.96
N VAL R 559 -10.91 32.70 -8.29
CA VAL R 559 -10.91 31.69 -9.33
C VAL R 559 -12.23 31.74 -10.10
N GLY R 560 -12.13 31.66 -11.42
CA GLY R 560 -13.30 31.65 -12.26
C GLY R 560 -12.99 32.12 -13.66
N ASP R 561 -14.06 32.38 -14.41
CA ASP R 561 -13.93 32.83 -15.78
C ASP R 561 -13.37 34.25 -15.85
N ALA R 562 -13.65 35.07 -14.84
CA ALA R 562 -13.20 36.45 -14.88
C ALA R 562 -11.69 36.57 -14.88
N PRO R 563 -10.96 35.94 -13.97
CA PRO R 563 -9.51 36.13 -13.94
C PRO R 563 -8.81 35.50 -15.13
N LEU R 564 -7.69 36.12 -15.51
CA LEU R 564 -6.81 35.54 -16.51
C LEU R 564 -6.36 34.15 -16.09
N MET R 565 -6.02 33.99 -14.82
CA MET R 565 -5.62 32.71 -14.24
C MET R 565 -5.93 32.75 -12.75
N PRO R 566 -5.97 31.60 -12.10
CA PRO R 566 -6.24 31.57 -10.65
C PRO R 566 -5.20 32.36 -9.88
N THR R 567 -5.65 33.21 -8.97
CA THR R 567 -4.69 34.06 -8.26
C THR R 567 -5.03 34.19 -6.79
N VAL R 568 -4.03 34.66 -6.04
CA VAL R 568 -4.15 34.95 -4.62
C VAL R 568 -3.71 36.40 -4.41
N GLY R 569 -4.39 37.08 -3.49
CA GLY R 569 -4.10 38.47 -3.22
C GLY R 569 -4.44 38.85 -1.79
N HIS R 570 -4.07 40.08 -1.43
CA HIS R 570 -4.27 40.61 -0.10
C HIS R 570 -5.08 41.89 -0.18
N PHE R 571 -6.14 41.98 0.62
CA PHE R 571 -6.98 43.16 0.62
C PHE R 571 -6.31 44.33 1.34
N ALA R 572 -6.90 45.50 1.16
CA ALA R 572 -6.59 46.69 1.94
C ALA R 572 -7.90 47.21 2.54
N LEU R 573 -7.85 47.59 3.81
CA LEU R 573 -9.08 47.96 4.51
C LEU R 573 -9.71 49.20 3.86
N PRO R 574 -11.04 49.29 3.82
CA PRO R 574 -11.70 50.41 3.16
C PRO R 574 -11.83 51.64 4.06
N VAL R 575 -12.15 52.76 3.43
CA VAL R 575 -12.39 54.02 4.13
C VAL R 575 -13.66 54.63 3.55
N PRO R 576 -14.67 54.98 4.36
CA PRO R 576 -14.77 54.78 5.81
C PRO R 576 -15.09 53.34 6.19
N GLU R 577 -14.68 52.93 7.39
CA GLU R 577 -14.93 51.56 7.84
C GLU R 577 -16.43 51.35 8.01
N PRO R 578 -16.98 50.24 7.52
CA PRO R 578 -18.42 50.01 7.66
C PRO R 578 -18.76 49.48 9.06
N HIS R 579 -19.82 50.05 9.63
CA HIS R 579 -20.29 49.64 10.95
C HIS R 579 -21.77 49.95 11.12
#